data_8HEV
#
_entry.id   8HEV
#
loop_
_entity.id
_entity.type
_entity.pdbx_description
1 polymer 'Portal protein'
2 polymer 'Unknown peptide'
#
loop_
_entity_poly.entity_id
_entity_poly.type
_entity_poly.pdbx_seq_one_letter_code
_entity_poly.pdbx_strand_id
1 'polypeptide(L)'
;MERNHWNEKSSGAKRSRERDLTLSTIRSILAADERLRIKASSYLGVGRGVDDEAVIDIFPTGQTMSFLRLLHGFLGTCRG
QSMHQVLRDPCVLRKQLLYGVCKTLFDTITVRRVAEEWKLHAALFPYRALDEEDLEQYLLVWSASLRQSVQTGVLGALRD
ILYQYADNDDYGLYVDWCVTVGLVPLLDVKTKPSEAAERAQFVRAAVQRATETHPLAQDLLQANLALLLQVAERLGAVRV
ANAPEVRVFKKVRSERLEAQLRGKHIRLYVAAEPLAYERDKLLFTTPVAHLHEEILRYDGLCRHQKICQLLNTFPVKVVT
ASRHELNCKKLVEMMEQHDRGSDAKKSIMKFLLNVSDSKSRIGIEDSVESFLQDLTPSLVDQNRLLPARGPGGPGVVGPG
GAVVGGPAGHVGLLPPPPGPAAPERDIRDLFKKQVIKCLEEQIQSQVDEIQDLRTLNQTWENRVRELRDLLTRYASRRED
SMSLGARDAELYHLPVLEAVRKARDAAPFRPLAVEDNRLVANSFFSQFVPGTESLERFLTQLWENEYFRTFRLRRLVTHQ
GAEEAIVYSNYTVERVTLPYLCHILALGTLDPVPEAYLQLSFGEIVAAAYDDSKFCRYVELICSREKARRRQMSREAAGG
VPERGTASSGGPGTLERSAPRRLITADEERRGPERVGRFRNGGPDDPRRAGGPYGFH
;
H,A,B,C,U,G,J,L,V,I,K,M
2 'polypeptide(L)' (UNK)(UNK)(UNK)(UNK)(UNK)(UNK)(UNK)(UNK)(UNK)(UNK)(UNK)(UNK)(UNK)(UNK)(UNK) R,D,E,F,W,N,P,S,X,O,Q,T
#
# COMPACT_ATOMS: atom_id res chain seq x y z
N ASP A 52 -19.69 -73.50 14.01
CA ASP A 52 -19.03 -72.21 14.12
C ASP A 52 -18.62 -71.70 12.75
N GLU A 53 -19.10 -70.52 12.39
CA GLU A 53 -18.84 -69.94 11.08
C GLU A 53 -17.74 -68.89 11.21
N ALA A 54 -16.78 -68.93 10.29
CA ALA A 54 -15.72 -67.93 10.23
C ALA A 54 -16.30 -66.64 9.67
N VAL A 55 -16.43 -65.62 10.51
CA VAL A 55 -17.11 -64.39 10.15
C VAL A 55 -16.15 -63.23 10.41
N ILE A 56 -15.92 -62.40 9.40
CA ILE A 56 -15.04 -61.25 9.59
C ILE A 56 -15.78 -60.18 10.38
N ASP A 57 -15.07 -59.58 11.33
CA ASP A 57 -15.62 -58.68 12.32
C ASP A 57 -15.09 -57.28 12.12
N ILE A 58 -15.94 -56.29 12.35
CA ILE A 58 -15.51 -54.92 12.10
C ILE A 58 -15.57 -54.02 13.33
N PHE A 59 -16.48 -54.30 14.27
CA PHE A 59 -16.68 -53.23 15.25
C PHE A 59 -15.63 -53.17 16.36
N PRO A 60 -15.47 -54.17 17.29
CA PRO A 60 -14.60 -53.94 18.44
C PRO A 60 -13.17 -54.39 18.21
N THR A 61 -12.63 -54.06 17.04
CA THR A 61 -11.20 -54.18 16.82
C THR A 61 -10.54 -52.90 17.25
N GLY A 62 -9.21 -52.86 17.15
CA GLY A 62 -8.50 -51.63 17.40
C GLY A 62 -8.83 -50.55 16.39
N GLN A 63 -9.02 -50.95 15.13
CA GLN A 63 -9.20 -50.02 14.03
C GLN A 63 -10.50 -49.22 14.11
N THR A 64 -11.45 -49.65 14.91
CA THR A 64 -12.66 -48.88 15.10
C THR A 64 -12.93 -48.49 16.55
N MET A 65 -12.40 -49.22 17.52
CA MET A 65 -12.54 -48.76 18.89
C MET A 65 -11.62 -47.57 19.15
N SER A 66 -10.48 -47.53 18.45
CA SER A 66 -9.64 -46.34 18.51
C SER A 66 -10.28 -45.15 17.82
N PHE A 67 -11.18 -45.40 16.86
CA PHE A 67 -11.84 -44.32 16.13
C PHE A 67 -12.71 -43.49 17.04
N LEU A 68 -13.45 -44.13 17.93
CA LEU A 68 -14.31 -43.41 18.85
C LEU A 68 -13.51 -42.62 19.87
N ARG A 69 -12.32 -43.12 20.22
CA ARG A 69 -11.50 -42.41 21.18
C ARG A 69 -10.84 -41.19 20.56
N LEU A 70 -10.39 -41.33 19.30
CA LEU A 70 -9.82 -40.17 18.64
C LEU A 70 -10.88 -39.18 18.22
N LEU A 71 -12.13 -39.63 18.05
CA LEU A 71 -13.14 -38.72 17.58
C LEU A 71 -13.58 -37.78 18.70
N HIS A 72 -13.60 -38.26 19.93
CA HIS A 72 -13.86 -37.40 21.07
C HIS A 72 -12.61 -37.13 21.87
N GLY A 73 -11.44 -37.39 21.30
CA GLY A 73 -10.22 -36.76 21.77
C GLY A 73 -9.55 -37.40 22.96
N PHE A 74 -9.70 -38.70 23.15
CA PHE A 74 -8.83 -39.37 24.11
C PHE A 74 -7.40 -39.41 23.61
N LEU A 75 -7.23 -39.59 22.31
CA LEU A 75 -5.93 -39.89 21.74
C LEU A 75 -5.42 -38.77 20.85
N GLY A 76 -6.18 -38.39 19.84
CA GLY A 76 -5.75 -37.31 18.97
C GLY A 76 -6.33 -35.98 19.40
N THR A 77 -5.67 -34.90 18.99
CA THR A 77 -6.15 -33.55 19.24
C THR A 77 -5.62 -32.62 18.17
N CYS A 78 -6.42 -31.62 17.83
CA CYS A 78 -6.14 -30.66 16.77
C CYS A 78 -7.20 -29.58 16.85
N ARG A 79 -7.01 -28.50 16.09
CA ARG A 79 -8.06 -27.51 15.95
C ARG A 79 -9.18 -27.98 15.04
N GLY A 80 -9.00 -29.07 14.31
CA GLY A 80 -10.07 -29.60 13.49
C GLY A 80 -11.06 -30.45 14.25
N GLN A 81 -10.70 -30.86 15.47
CA GLN A 81 -11.56 -31.71 16.29
C GLN A 81 -12.91 -31.05 16.58
N SER A 82 -12.96 -29.73 16.58
CA SER A 82 -14.21 -29.02 16.81
C SER A 82 -15.16 -29.12 15.64
N MET A 83 -14.68 -29.48 14.46
CA MET A 83 -15.55 -29.53 13.30
C MET A 83 -16.41 -30.77 13.30
N HIS A 84 -16.13 -31.72 14.19
CA HIS A 84 -17.09 -32.78 14.45
C HIS A 84 -18.09 -32.35 15.52
N GLN A 85 -17.65 -31.56 16.49
CA GLN A 85 -18.53 -31.16 17.57
C GLN A 85 -19.58 -30.17 17.09
N VAL A 86 -19.28 -29.41 16.03
CA VAL A 86 -20.35 -28.64 15.40
C VAL A 86 -21.32 -29.55 14.65
N LEU A 87 -20.88 -30.71 14.20
CA LEU A 87 -21.71 -31.57 13.38
C LEU A 87 -22.72 -32.37 14.19
N ARG A 88 -22.63 -32.36 15.51
CA ARG A 88 -23.51 -33.16 16.33
C ARG A 88 -24.23 -32.29 17.35
N ASP A 89 -24.74 -31.15 16.91
CA ASP A 89 -25.60 -30.38 17.79
C ASP A 89 -26.95 -31.05 17.86
N PRO A 90 -27.37 -31.60 18.99
CA PRO A 90 -28.64 -32.32 19.05
C PRO A 90 -29.86 -31.41 19.03
N CYS A 91 -29.66 -30.10 19.16
CA CYS A 91 -30.78 -29.17 19.07
C CYS A 91 -31.25 -28.99 17.63
N VAL A 92 -30.37 -29.17 16.65
CA VAL A 92 -30.78 -28.94 15.27
C VAL A 92 -31.71 -30.06 14.78
N LEU A 93 -31.61 -31.24 15.39
CA LEU A 93 -32.53 -32.32 15.04
C LEU A 93 -33.93 -32.00 15.52
N ARG A 94 -34.05 -31.50 16.75
CA ARG A 94 -35.36 -31.12 17.24
C ARG A 94 -35.87 -29.87 16.54
N LYS A 95 -34.96 -29.03 16.03
CA LYS A 95 -35.35 -27.90 15.21
C LYS A 95 -36.03 -28.37 13.92
N GLN A 96 -35.37 -29.27 13.20
CA GLN A 96 -35.93 -29.78 11.94
C GLN A 96 -37.19 -30.59 12.19
N LEU A 97 -37.23 -31.30 13.32
CA LEU A 97 -38.40 -32.08 13.68
C LEU A 97 -39.61 -31.18 13.92
N LEU A 98 -39.41 -30.08 14.67
CA LEU A 98 -40.54 -29.21 14.93
C LEU A 98 -40.93 -28.44 13.69
N TYR A 99 -39.95 -28.11 12.82
CA TYR A 99 -40.28 -27.46 11.56
C TYR A 99 -41.14 -28.36 10.70
N GLY A 100 -40.81 -29.65 10.66
CA GLY A 100 -41.59 -30.57 9.86
C GLY A 100 -43.00 -30.76 10.39
N VAL A 101 -43.15 -30.89 11.70
CA VAL A 101 -44.49 -31.13 12.22
C VAL A 101 -45.33 -29.85 12.16
N CYS A 102 -44.72 -28.68 12.34
CA CYS A 102 -45.50 -27.46 12.20
C CYS A 102 -45.85 -27.17 10.75
N LYS A 103 -44.99 -27.54 9.81
CA LYS A 103 -45.33 -27.39 8.40
C LYS A 103 -46.46 -28.32 8.00
N THR A 104 -46.47 -29.54 8.55
CA THR A 104 -47.58 -30.44 8.27
C THR A 104 -48.86 -29.97 8.96
N LEU A 105 -48.74 -29.27 10.08
CA LEU A 105 -49.92 -28.72 10.72
C LEU A 105 -50.49 -27.52 9.97
N PHE A 106 -49.62 -26.64 9.47
CA PHE A 106 -50.08 -25.31 9.10
C PHE A 106 -50.50 -25.21 7.64
N ASP A 107 -50.82 -26.32 6.99
CA ASP A 107 -51.44 -26.25 5.67
C ASP A 107 -52.78 -26.96 5.60
N THR A 108 -53.37 -27.32 6.74
CA THR A 108 -54.54 -28.19 6.70
C THR A 108 -55.84 -27.45 6.45
N ILE A 109 -56.25 -26.59 7.38
CA ILE A 109 -57.61 -26.04 7.33
C ILE A 109 -57.48 -24.52 7.15
N THR A 110 -56.41 -24.12 6.49
CA THR A 110 -56.04 -22.71 6.41
C THR A 110 -56.96 -21.90 5.50
N VAL A 111 -57.78 -22.56 4.67
CA VAL A 111 -58.62 -21.81 3.74
C VAL A 111 -60.04 -21.63 4.29
N ARG A 112 -60.59 -22.66 4.93
CA ARG A 112 -62.00 -22.60 5.31
C ARG A 112 -62.19 -21.97 6.69
N ARG A 113 -61.38 -22.38 7.66
CA ARG A 113 -61.63 -22.02 9.04
C ARG A 113 -61.28 -20.57 9.32
N VAL A 114 -60.40 -19.97 8.53
CA VAL A 114 -60.05 -18.56 8.71
C VAL A 114 -61.25 -17.68 8.39
N ALA A 115 -62.11 -18.11 7.49
CA ALA A 115 -63.36 -17.41 7.23
C ALA A 115 -64.34 -17.59 8.37
N GLU A 116 -64.35 -18.78 8.97
CA GLU A 116 -65.35 -19.10 9.99
C GLU A 116 -65.06 -18.35 11.29
N GLU A 117 -63.81 -18.36 11.73
CA GLU A 117 -63.48 -17.63 12.95
C GLU A 117 -63.47 -16.12 12.76
N TRP A 118 -63.19 -15.63 11.54
CA TRP A 118 -63.38 -14.21 11.31
C TRP A 118 -64.86 -13.84 11.31
N LYS A 119 -65.71 -14.73 10.78
CA LYS A 119 -67.15 -14.53 10.91
C LYS A 119 -67.58 -14.53 12.37
N LEU A 120 -66.97 -15.38 13.20
CA LEU A 120 -67.32 -15.45 14.61
C LEU A 120 -66.92 -14.18 15.35
N HIS A 121 -65.67 -13.74 15.18
CA HIS A 121 -65.22 -12.51 15.81
C HIS A 121 -65.83 -11.27 15.19
N ALA A 122 -66.38 -11.37 13.98
CA ALA A 122 -67.08 -10.24 13.38
C ALA A 122 -68.51 -10.15 13.91
N ALA A 123 -69.22 -11.27 13.96
CA ALA A 123 -70.59 -11.24 14.46
C ALA A 123 -70.63 -11.02 15.96
N LEU A 124 -69.56 -11.39 16.67
CA LEU A 124 -69.49 -11.09 18.08
C LEU A 124 -69.27 -9.60 18.33
N PHE A 125 -68.49 -8.94 17.48
CA PHE A 125 -68.13 -7.53 17.65
C PHE A 125 -68.01 -6.87 16.29
N PRO A 126 -69.13 -6.42 15.72
CA PRO A 126 -69.09 -5.79 14.40
C PRO A 126 -68.86 -4.29 14.45
N TYR A 127 -68.32 -3.78 15.56
CA TYR A 127 -68.18 -2.34 15.79
C TYR A 127 -67.25 -1.71 14.76
N ARG A 128 -67.66 -0.55 14.25
CA ARG A 128 -66.97 0.11 13.14
C ARG A 128 -67.35 1.57 13.12
N ALA A 129 -66.35 2.45 13.15
CA ALA A 129 -66.61 3.88 13.07
C ALA A 129 -66.48 4.39 11.64
N LEU A 130 -65.31 4.20 11.03
CA LEU A 130 -65.08 4.68 9.67
C LEU A 130 -64.27 3.64 8.91
N ASP A 131 -64.43 3.64 7.60
CA ASP A 131 -63.76 2.69 6.73
C ASP A 131 -62.63 3.31 5.93
N GLU A 132 -61.98 4.36 6.44
CA GLU A 132 -60.98 5.06 5.66
C GLU A 132 -59.57 4.72 6.12
N GLU A 133 -59.27 4.94 7.40
CA GLU A 133 -57.95 4.65 7.95
C GLU A 133 -57.95 3.45 8.88
N ASP A 134 -58.96 3.34 9.75
CA ASP A 134 -58.92 2.37 10.84
C ASP A 134 -59.15 0.94 10.37
N LEU A 135 -59.68 0.75 9.15
CA LEU A 135 -60.03 -0.59 8.70
C LEU A 135 -58.78 -1.44 8.47
N GLU A 136 -57.76 -0.85 7.86
CA GLU A 136 -56.51 -1.58 7.66
C GLU A 136 -55.77 -1.78 8.97
N GLN A 137 -55.97 -0.88 9.93
CA GLN A 137 -55.31 -1.01 11.22
C GLN A 137 -55.92 -2.16 12.03
N TYR A 138 -57.26 -2.21 12.08
CA TYR A 138 -57.94 -3.36 12.68
C TYR A 138 -57.60 -4.65 11.95
N LEU A 139 -57.47 -4.57 10.63
CA LEU A 139 -57.08 -5.72 9.81
C LEU A 139 -55.70 -6.24 10.18
N LEU A 140 -54.72 -5.34 10.29
CA LEU A 140 -53.35 -5.78 10.53
C LEU A 140 -53.16 -6.25 11.96
N VAL A 141 -53.78 -5.57 12.93
CA VAL A 141 -53.69 -6.06 14.30
C VAL A 141 -54.50 -7.33 14.48
N TRP A 142 -55.51 -7.54 13.63
CA TRP A 142 -56.27 -8.78 13.63
C TRP A 142 -55.40 -9.93 13.17
N SER A 143 -54.73 -9.76 12.03
CA SER A 143 -53.86 -10.80 11.49
C SER A 143 -52.70 -11.10 12.43
N ALA A 144 -52.14 -10.04 13.05
CA ALA A 144 -51.04 -10.23 13.98
C ALA A 144 -51.49 -10.98 15.23
N SER A 145 -52.70 -10.67 15.73
CA SER A 145 -53.19 -11.34 16.91
C SER A 145 -53.49 -12.81 16.65
N LEU A 146 -54.07 -13.12 15.48
CA LEU A 146 -54.30 -14.52 15.13
C LEU A 146 -52.99 -15.29 15.00
N ARG A 147 -52.03 -14.73 14.27
CA ARG A 147 -50.80 -15.46 14.03
C ARG A 147 -49.98 -15.63 15.30
N GLN A 148 -49.99 -14.64 16.21
CA GLN A 148 -49.25 -14.82 17.45
C GLN A 148 -49.99 -15.76 18.39
N SER A 149 -51.33 -15.82 18.34
CA SER A 149 -52.05 -16.70 19.24
C SER A 149 -51.86 -18.15 18.86
N VAL A 150 -52.00 -18.47 17.57
CA VAL A 150 -51.74 -19.85 17.16
C VAL A 150 -50.24 -20.14 17.26
N GLN A 151 -49.40 -19.12 17.12
CA GLN A 151 -47.97 -19.27 17.27
C GLN A 151 -47.60 -19.72 18.67
N THR A 152 -48.04 -18.97 19.68
CA THR A 152 -47.71 -19.35 21.04
C THR A 152 -48.46 -20.59 21.50
N GLY A 153 -49.61 -20.91 20.88
CA GLY A 153 -50.31 -22.13 21.21
C GLY A 153 -49.55 -23.36 20.77
N VAL A 154 -49.23 -23.44 19.47
CA VAL A 154 -48.47 -24.58 19.00
C VAL A 154 -47.03 -24.52 19.48
N LEU A 155 -46.53 -23.35 19.85
CA LEU A 155 -45.19 -23.25 20.40
C LEU A 155 -45.14 -23.87 21.79
N GLY A 156 -46.15 -23.58 22.62
CA GLY A 156 -46.22 -24.24 23.91
C GLY A 156 -46.46 -25.73 23.80
N ALA A 157 -47.29 -26.14 22.83
CA ALA A 157 -47.57 -27.56 22.65
C ALA A 157 -46.32 -28.32 22.20
N LEU A 158 -45.68 -27.84 21.12
CA LEU A 158 -44.48 -28.49 20.62
C LEU A 158 -43.33 -28.38 21.61
N ARG A 159 -43.25 -27.27 22.35
CA ARG A 159 -42.19 -27.09 23.32
C ARG A 159 -42.34 -28.08 24.46
N ASP A 160 -43.57 -28.31 24.93
CA ASP A 160 -43.76 -29.25 26.02
C ASP A 160 -43.52 -30.69 25.57
N ILE A 161 -44.10 -31.08 24.42
CA ILE A 161 -43.93 -32.46 23.97
C ILE A 161 -42.53 -32.73 23.43
N LEU A 162 -41.75 -31.68 23.15
CA LEU A 162 -40.37 -31.85 22.75
C LEU A 162 -39.44 -31.88 23.95
N TYR A 163 -39.59 -30.92 24.87
CA TYR A 163 -38.74 -30.89 26.04
C TYR A 163 -39.01 -32.04 26.99
N GLN A 164 -40.16 -32.71 26.87
CA GLN A 164 -40.37 -33.85 27.73
C GLN A 164 -39.59 -35.07 27.25
N TYR A 165 -39.77 -35.48 26.00
CA TYR A 165 -39.31 -36.81 25.64
C TYR A 165 -38.61 -36.86 24.29
N ALA A 166 -38.00 -35.76 23.86
CA ALA A 166 -37.16 -35.83 22.67
C ALA A 166 -35.69 -35.85 23.01
N ASP A 167 -35.33 -35.76 24.29
CA ASP A 167 -33.92 -35.71 24.66
C ASP A 167 -33.36 -37.11 24.88
N ASN A 168 -33.54 -37.97 23.88
CA ASN A 168 -32.79 -39.20 23.79
C ASN A 168 -31.35 -38.93 23.36
N ASP A 169 -31.11 -37.78 22.73
CA ASP A 169 -29.80 -37.24 22.30
C ASP A 169 -28.93 -38.25 21.55
N ASP A 170 -29.58 -39.16 20.82
CA ASP A 170 -28.90 -40.20 20.08
C ASP A 170 -28.25 -39.69 18.80
N TYR A 171 -28.60 -38.47 18.39
CA TYR A 171 -28.06 -37.87 17.17
C TYR A 171 -26.55 -37.73 17.25
N GLY A 172 -26.05 -37.38 18.43
CA GLY A 172 -24.64 -37.12 18.61
C GLY A 172 -23.77 -38.35 18.58
N LEU A 173 -24.39 -39.53 18.65
CA LEU A 173 -23.70 -40.79 18.40
C LEU A 173 -24.03 -41.32 17.03
N TYR A 174 -25.20 -40.94 16.51
CA TYR A 174 -25.57 -41.32 15.16
C TYR A 174 -24.61 -40.74 14.15
N VAL A 175 -24.18 -39.50 14.36
CA VAL A 175 -23.26 -38.94 13.39
C VAL A 175 -21.88 -39.58 13.55
N ASP A 176 -21.58 -40.12 14.74
CA ASP A 176 -20.31 -40.82 14.90
C ASP A 176 -20.32 -42.14 14.14
N TRP A 177 -21.41 -42.89 14.24
CA TRP A 177 -21.43 -44.12 13.47
C TRP A 177 -21.67 -43.88 11.99
N CYS A 178 -22.20 -42.72 11.60
CA CYS A 178 -22.32 -42.42 10.19
C CYS A 178 -21.04 -41.81 9.63
N VAL A 179 -20.14 -41.34 10.49
CA VAL A 179 -18.88 -40.77 10.03
C VAL A 179 -17.72 -41.73 10.20
N THR A 180 -17.86 -42.77 11.02
CA THR A 180 -16.73 -43.64 11.32
C THR A 180 -16.82 -45.02 10.70
N VAL A 181 -18.02 -45.56 10.53
CA VAL A 181 -18.17 -46.89 9.93
C VAL A 181 -19.26 -46.83 8.86
N GLY A 182 -20.04 -45.76 8.86
CA GLY A 182 -21.06 -45.60 7.85
C GLY A 182 -22.28 -46.45 8.05
N LEU A 183 -22.46 -47.03 9.24
CA LEU A 183 -23.63 -47.85 9.50
C LEU A 183 -23.88 -47.87 11.01
N VAL A 184 -25.14 -47.82 11.39
CA VAL A 184 -25.52 -47.52 12.76
C VAL A 184 -26.08 -48.78 13.41
N PRO A 185 -25.54 -49.21 14.55
CA PRO A 185 -26.23 -50.20 15.37
C PRO A 185 -27.30 -49.50 16.19
N LEU A 186 -28.43 -50.18 16.35
CA LEU A 186 -29.57 -49.60 17.03
C LEU A 186 -30.50 -50.72 17.48
N LEU A 187 -31.01 -50.61 18.69
CA LEU A 187 -31.86 -51.64 19.29
C LEU A 187 -33.24 -51.06 19.49
N ASP A 188 -34.23 -51.68 18.87
CA ASP A 188 -35.60 -51.17 18.86
C ASP A 188 -36.20 -51.46 20.23
N VAL A 189 -36.12 -50.48 21.12
CA VAL A 189 -36.63 -50.67 22.47
C VAL A 189 -38.15 -50.56 22.45
N LYS A 190 -38.80 -51.58 23.00
CA LYS A 190 -40.26 -51.62 23.10
C LYS A 190 -40.64 -51.92 24.53
N THR A 191 -41.86 -51.51 24.89
CA THR A 191 -42.38 -51.64 26.24
C THR A 191 -43.78 -52.24 26.18
N LYS A 192 -44.46 -52.23 27.32
CA LYS A 192 -45.83 -52.70 27.37
C LYS A 192 -46.74 -51.73 26.64
N PRO A 193 -47.85 -52.20 26.06
CA PRO A 193 -48.70 -51.29 25.26
C PRO A 193 -49.48 -50.28 26.09
N SER A 194 -49.44 -50.36 27.42
CA SER A 194 -50.08 -49.36 28.26
C SER A 194 -49.36 -48.02 28.16
N GLU A 195 -48.05 -48.06 27.96
CA GLU A 195 -47.25 -46.85 27.90
C GLU A 195 -47.60 -46.00 26.68
N ALA A 196 -48.13 -46.61 25.62
CA ALA A 196 -48.75 -45.85 24.54
C ALA A 196 -49.93 -45.04 25.04
N ALA A 197 -50.72 -45.60 25.96
CA ALA A 197 -51.83 -44.84 26.51
C ALA A 197 -51.35 -43.77 27.48
N GLU A 198 -50.22 -43.99 28.17
CA GLU A 198 -49.66 -42.91 28.97
C GLU A 198 -49.14 -41.77 28.09
N ARG A 199 -48.55 -42.08 26.93
CA ARG A 199 -48.16 -41.03 26.02
C ARG A 199 -49.37 -40.32 25.41
N ALA A 200 -50.43 -41.09 25.15
CA ALA A 200 -51.68 -40.49 24.71
C ALA A 200 -52.23 -39.55 25.77
N GLN A 201 -52.12 -39.95 27.04
CA GLN A 201 -52.52 -39.10 28.16
C GLN A 201 -51.68 -37.84 28.22
N PHE A 202 -50.37 -37.95 28.00
CA PHE A 202 -49.51 -36.78 28.07
C PHE A 202 -49.79 -35.80 26.95
N VAL A 203 -49.96 -36.30 25.72
CA VAL A 203 -50.24 -35.38 24.62
C VAL A 203 -51.66 -34.84 24.71
N ARG A 204 -52.57 -35.58 25.36
CA ARG A 204 -53.89 -35.02 25.63
C ARG A 204 -53.81 -33.93 26.69
N ALA A 205 -52.90 -34.05 27.65
CA ALA A 205 -52.72 -32.98 28.61
C ALA A 205 -52.11 -31.75 27.95
N ALA A 206 -51.16 -31.97 27.04
CA ALA A 206 -50.57 -30.87 26.28
C ALA A 206 -51.60 -30.18 25.40
N VAL A 207 -52.53 -30.93 24.82
CA VAL A 207 -53.56 -30.26 24.04
C VAL A 207 -54.64 -29.67 24.95
N GLN A 208 -54.70 -30.06 26.23
CA GLN A 208 -55.52 -29.28 27.15
C GLN A 208 -54.89 -27.93 27.46
N ARG A 209 -53.56 -27.88 27.55
CA ARG A 209 -52.90 -26.57 27.64
C ARG A 209 -53.13 -25.76 26.36
N ALA A 210 -53.11 -26.43 25.21
CA ALA A 210 -53.47 -25.76 23.96
C ALA A 210 -54.93 -25.34 23.95
N THR A 211 -55.80 -26.08 24.64
CA THR A 211 -57.23 -25.78 24.69
C THR A 211 -57.48 -24.52 25.49
N GLU A 212 -56.83 -24.39 26.64
CA GLU A 212 -56.92 -23.13 27.37
C GLU A 212 -56.09 -22.02 26.73
N THR A 213 -55.23 -22.35 25.75
CA THR A 213 -54.53 -21.30 25.01
C THR A 213 -55.44 -20.64 23.99
N HIS A 214 -55.91 -21.41 22.99
CA HIS A 214 -56.59 -20.82 21.85
C HIS A 214 -57.41 -21.87 21.11
N PRO A 215 -58.60 -21.54 20.62
CA PRO A 215 -59.44 -22.56 19.97
C PRO A 215 -58.95 -23.03 18.61
N LEU A 216 -58.37 -22.16 17.79
CA LEU A 216 -57.95 -22.62 16.47
C LEU A 216 -56.74 -23.55 16.55
N ALA A 217 -55.83 -23.26 17.47
CA ALA A 217 -54.70 -24.16 17.69
C ALA A 217 -55.18 -25.50 18.22
N GLN A 218 -56.17 -25.49 19.11
CA GLN A 218 -56.68 -26.76 19.62
C GLN A 218 -57.45 -27.52 18.54
N ASP A 219 -58.01 -26.81 17.56
CA ASP A 219 -58.62 -27.51 16.44
C ASP A 219 -57.57 -28.16 15.54
N LEU A 220 -56.46 -27.46 15.28
CA LEU A 220 -55.40 -28.04 14.48
C LEU A 220 -54.78 -29.26 15.16
N LEU A 221 -54.56 -29.17 16.47
CA LEU A 221 -54.00 -30.33 17.16
C LEU A 221 -55.02 -31.44 17.34
N GLN A 222 -56.30 -31.12 17.50
CA GLN A 222 -57.30 -32.17 17.54
C GLN A 222 -57.54 -32.79 16.17
N ALA A 223 -57.11 -32.11 15.11
CA ALA A 223 -57.10 -32.72 13.80
C ALA A 223 -55.92 -33.67 13.62
N ASN A 224 -54.72 -33.24 14.02
CA ASN A 224 -53.51 -33.98 13.66
C ASN A 224 -52.86 -34.69 14.85
N LEU A 225 -53.61 -34.92 15.94
CA LEU A 225 -53.06 -35.61 17.09
C LEU A 225 -52.65 -37.04 16.79
N ALA A 226 -53.26 -37.66 15.78
CA ALA A 226 -52.92 -39.03 15.41
C ALA A 226 -51.47 -39.13 14.93
N LEU A 227 -51.10 -38.28 13.97
CA LEU A 227 -49.72 -38.30 13.52
C LEU A 227 -48.79 -37.67 14.55
N LEU A 228 -49.32 -36.80 15.43
CA LEU A 228 -48.52 -36.30 16.54
C LEU A 228 -48.10 -37.41 17.49
N LEU A 229 -49.04 -38.25 17.91
CA LEU A 229 -48.67 -39.37 18.77
C LEU A 229 -47.88 -40.42 18.00
N GLN A 230 -48.06 -40.48 16.68
CA GLN A 230 -47.25 -41.40 15.87
C GLN A 230 -45.78 -41.00 15.91
N VAL A 231 -45.48 -39.72 15.66
CA VAL A 231 -44.08 -39.29 15.72
C VAL A 231 -43.59 -39.22 17.16
N ALA A 232 -44.49 -39.12 18.13
CA ALA A 232 -44.09 -39.20 19.53
C ALA A 232 -43.59 -40.59 19.87
N GLU A 233 -44.31 -41.62 19.44
CA GLU A 233 -43.89 -42.98 19.77
C GLU A 233 -42.72 -43.41 18.90
N ARG A 234 -42.64 -42.89 17.67
CA ARG A 234 -41.48 -43.19 16.85
C ARG A 234 -40.25 -42.44 17.36
N LEU A 235 -40.45 -41.36 18.11
CA LEU A 235 -39.31 -40.65 18.69
C LEU A 235 -38.76 -41.40 19.89
N GLY A 236 -39.62 -42.04 20.67
CA GLY A 236 -39.12 -42.91 21.71
C GLY A 236 -38.94 -44.35 21.30
N ALA A 237 -38.82 -44.61 19.99
CA ALA A 237 -38.87 -45.98 19.52
C ALA A 237 -37.54 -46.70 19.67
N VAL A 238 -36.43 -45.99 19.45
CA VAL A 238 -35.14 -46.66 19.34
C VAL A 238 -34.09 -45.84 20.07
N ARG A 239 -33.01 -46.51 20.43
CA ARG A 239 -31.80 -45.86 20.89
C ARG A 239 -30.75 -46.03 19.80
N VAL A 240 -29.52 -45.61 20.11
CA VAL A 240 -28.42 -45.64 19.18
C VAL A 240 -27.46 -46.79 19.47
N ALA A 241 -27.91 -47.76 20.29
CA ALA A 241 -27.13 -48.89 20.79
C ALA A 241 -25.88 -48.43 21.53
N ASN A 242 -26.07 -47.51 22.46
CA ASN A 242 -24.97 -47.06 23.31
C ASN A 242 -24.93 -47.94 24.55
N ALA A 243 -24.36 -49.12 24.38
CA ALA A 243 -24.23 -50.11 25.45
C ALA A 243 -22.96 -50.91 25.21
N PRO A 244 -22.34 -51.42 26.28
CA PRO A 244 -21.18 -52.30 26.09
C PRO A 244 -21.59 -53.64 25.52
N GLU A 245 -20.57 -54.37 25.05
CA GLU A 245 -20.71 -55.70 24.45
C GLU A 245 -21.66 -55.69 23.25
N VAL A 246 -21.51 -54.69 22.40
CA VAL A 246 -22.20 -54.65 21.12
C VAL A 246 -21.18 -54.92 20.04
N ARG A 247 -21.60 -55.66 19.01
CA ARG A 247 -20.67 -56.11 17.99
C ARG A 247 -21.41 -56.22 16.66
N VAL A 248 -20.73 -55.83 15.59
CA VAL A 248 -21.24 -56.01 14.24
C VAL A 248 -20.16 -56.70 13.42
N PHE A 249 -20.59 -57.57 12.51
CA PHE A 249 -19.71 -58.41 11.73
C PHE A 249 -20.33 -58.65 10.37
N LYS A 250 -19.51 -59.08 9.42
CA LYS A 250 -19.92 -59.33 8.06
C LYS A 250 -19.75 -60.81 7.76
N LYS A 251 -20.86 -61.50 7.49
CA LYS A 251 -20.80 -62.92 7.18
C LYS A 251 -20.19 -63.13 5.80
N VAL A 252 -19.12 -63.92 5.75
CA VAL A 252 -18.37 -64.06 4.51
C VAL A 252 -19.10 -64.95 3.51
N ARG A 253 -20.03 -65.79 3.95
CA ARG A 253 -20.72 -66.67 3.02
C ARG A 253 -21.81 -65.91 2.26
N SER A 254 -22.60 -65.12 2.98
CA SER A 254 -23.53 -64.20 2.37
C SER A 254 -23.32 -62.84 3.01
N GLU A 255 -22.93 -61.85 2.22
CA GLU A 255 -22.55 -60.53 2.72
C GLU A 255 -23.80 -59.80 3.18
N ARG A 256 -24.28 -60.20 4.36
CA ARG A 256 -25.51 -59.73 4.95
C ARG A 256 -25.23 -59.25 6.36
N LEU A 257 -24.23 -58.38 6.46
CA LEU A 257 -23.64 -57.90 7.70
C LEU A 257 -24.68 -57.34 8.66
N GLU A 258 -24.70 -57.90 9.87
CA GLU A 258 -25.75 -57.64 10.84
C GLU A 258 -25.15 -57.68 12.23
N ALA A 259 -25.69 -56.85 13.12
CA ALA A 259 -25.14 -56.70 14.45
C ALA A 259 -25.87 -57.58 15.45
N GLN A 260 -25.21 -57.89 16.55
CA GLN A 260 -25.85 -58.50 17.70
C GLN A 260 -25.50 -57.72 18.95
N LEU A 261 -26.41 -57.72 19.91
CA LEU A 261 -26.16 -57.16 21.23
C LEU A 261 -26.18 -58.31 22.23
N ARG A 262 -24.98 -58.75 22.64
CA ARG A 262 -24.78 -59.75 23.68
C ARG A 262 -25.47 -61.07 23.33
N GLY A 263 -25.40 -61.45 22.06
CA GLY A 263 -26.05 -62.65 21.57
C GLY A 263 -27.42 -62.44 20.99
N LYS A 264 -28.07 -61.32 21.26
CA LYS A 264 -29.39 -61.02 20.71
C LYS A 264 -29.20 -60.24 19.42
N HIS A 265 -29.76 -60.74 18.33
CA HIS A 265 -29.65 -60.08 17.05
C HIS A 265 -30.41 -58.77 17.04
N ILE A 266 -29.79 -57.72 16.50
CA ILE A 266 -30.41 -56.43 16.37
C ILE A 266 -30.26 -55.97 14.92
N ARG A 267 -31.22 -55.16 14.48
CA ARG A 267 -31.18 -54.62 13.13
C ARG A 267 -30.21 -53.46 13.06
N LEU A 268 -29.90 -53.04 11.83
CA LEU A 268 -28.94 -51.98 11.62
C LEU A 268 -29.23 -51.32 10.28
N TYR A 269 -28.93 -50.03 10.20
CA TYR A 269 -29.09 -49.27 8.97
C TYR A 269 -27.72 -48.99 8.38
N VAL A 270 -27.46 -49.57 7.23
CA VAL A 270 -26.19 -49.38 6.55
C VAL A 270 -26.33 -48.25 5.55
N ALA A 271 -25.55 -47.19 5.76
CA ALA A 271 -25.55 -46.09 4.81
C ALA A 271 -24.45 -46.24 3.77
N ALA A 272 -23.35 -46.91 4.13
CA ALA A 272 -22.25 -47.12 3.21
C ALA A 272 -21.55 -48.41 3.58
N GLU A 273 -21.81 -49.47 2.82
CA GLU A 273 -21.16 -50.74 3.09
C GLU A 273 -19.68 -50.65 2.67
N PRO A 274 -18.77 -51.10 3.52
CA PRO A 274 -17.35 -51.01 3.17
C PRO A 274 -17.00 -51.98 2.06
N LEU A 275 -15.92 -51.67 1.37
CA LEU A 275 -15.45 -52.51 0.29
C LEU A 275 -14.71 -53.71 0.86
N ALA A 276 -15.01 -54.90 0.33
CA ALA A 276 -14.51 -56.15 0.89
C ALA A 276 -13.89 -56.99 -0.21
N TYR A 277 -12.67 -57.47 0.02
CA TYR A 277 -11.92 -58.23 -0.97
C TYR A 277 -11.22 -59.39 -0.26
N GLU A 278 -10.24 -60.00 -0.95
CA GLU A 278 -9.48 -61.09 -0.36
C GLU A 278 -8.57 -60.57 0.76
N ARG A 279 -8.30 -59.27 0.77
CA ARG A 279 -7.90 -58.61 2.00
C ARG A 279 -9.00 -58.86 3.03
N ASP A 280 -8.70 -59.70 4.02
CA ASP A 280 -9.70 -60.11 4.99
C ASP A 280 -10.14 -58.92 5.84
N LYS A 281 -9.18 -58.15 6.34
CA LYS A 281 -9.51 -56.82 6.81
C LYS A 281 -9.97 -56.00 5.63
N LEU A 282 -10.99 -55.18 5.83
CA LEU A 282 -11.64 -54.50 4.75
C LEU A 282 -11.68 -53.01 5.02
N LEU A 283 -11.58 -52.24 3.94
CA LEU A 283 -11.41 -50.80 4.01
C LEU A 283 -12.78 -50.12 3.96
N PHE A 284 -12.94 -49.08 4.77
CA PHE A 284 -14.16 -48.30 4.81
C PHE A 284 -14.03 -47.08 3.92
N THR A 285 -15.15 -46.64 3.37
CA THR A 285 -15.19 -45.44 2.55
C THR A 285 -15.63 -44.22 3.34
N THR A 286 -15.48 -44.24 4.64
CA THR A 286 -15.99 -43.19 5.48
C THR A 286 -14.93 -42.10 5.65
N PRO A 287 -15.34 -40.86 5.97
CA PRO A 287 -14.34 -39.78 6.01
C PRO A 287 -13.33 -39.88 7.15
N VAL A 288 -13.70 -40.43 8.30
CA VAL A 288 -12.72 -40.53 9.38
C VAL A 288 -11.64 -41.54 9.05
N ALA A 289 -12.00 -42.62 8.36
CA ALA A 289 -10.99 -43.57 7.94
C ALA A 289 -10.11 -43.03 6.81
N HIS A 290 -10.49 -41.90 6.21
CA HIS A 290 -9.64 -41.31 5.20
C HIS A 290 -8.41 -40.63 5.82
N LEU A 291 -8.50 -40.26 7.10
CA LEU A 291 -7.40 -39.51 7.70
C LEU A 291 -6.88 -40.14 8.99
N HIS A 292 -7.14 -41.43 9.18
CA HIS A 292 -6.76 -42.06 10.45
C HIS A 292 -5.24 -42.20 10.58
N GLU A 293 -4.58 -42.58 9.49
CA GLU A 293 -3.13 -42.76 9.50
C GLU A 293 -2.41 -41.45 9.83
N GLU A 294 -2.91 -40.34 9.31
CA GLU A 294 -2.21 -39.07 9.50
C GLU A 294 -2.32 -38.59 10.93
N ILE A 295 -3.47 -38.76 11.57
CA ILE A 295 -3.54 -38.34 12.96
C ILE A 295 -2.85 -39.33 13.87
N LEU A 296 -2.68 -40.59 13.45
CA LEU A 296 -1.82 -41.48 14.21
C LEU A 296 -0.37 -41.05 14.12
N ARG A 297 0.04 -40.56 12.95
CA ARG A 297 1.35 -39.96 12.78
C ARG A 297 1.52 -38.74 13.67
N TYR A 298 0.46 -37.95 13.81
CA TYR A 298 0.52 -36.79 14.68
C TYR A 298 0.69 -37.20 16.14
N ASP A 299 -0.05 -38.21 16.59
CA ASP A 299 0.06 -38.62 17.98
C ASP A 299 1.41 -39.25 18.26
N GLY A 300 1.94 -40.01 17.29
CA GLY A 300 3.29 -40.54 17.44
C GLY A 300 4.32 -39.44 17.50
N LEU A 301 4.11 -38.36 16.76
CA LEU A 301 5.01 -37.23 16.85
C LEU A 301 4.87 -36.51 18.19
N CYS A 302 3.67 -36.48 18.76
CA CYS A 302 3.50 -35.86 20.06
C CYS A 302 4.22 -36.64 21.15
N ARG A 303 4.10 -37.97 21.11
CA ARG A 303 4.83 -38.82 22.04
C ARG A 303 6.32 -38.70 21.84
N HIS A 304 6.76 -38.61 20.59
CA HIS A 304 8.16 -38.48 20.28
C HIS A 304 8.73 -37.17 20.78
N GLN A 305 7.96 -36.09 20.62
CA GLN A 305 8.40 -34.79 21.08
C GLN A 305 8.46 -34.73 22.59
N LYS A 306 7.50 -35.37 23.26
CA LYS A 306 7.56 -35.41 24.72
C LYS A 306 8.76 -36.22 25.21
N ILE A 307 9.04 -37.34 24.56
CA ILE A 307 10.10 -38.19 25.07
C ILE A 307 11.47 -37.66 24.67
N CYS A 308 11.56 -36.86 23.60
CA CYS A 308 12.81 -36.17 23.31
C CYS A 308 12.93 -34.86 24.05
N GLN A 309 11.86 -34.40 24.67
CA GLN A 309 11.98 -33.30 25.60
C GLN A 309 12.46 -33.80 26.95
N LEU A 310 11.90 -34.92 27.41
CA LEU A 310 12.22 -35.48 28.72
C LEU A 310 13.59 -36.16 28.77
N LEU A 311 14.32 -36.20 27.67
CA LEU A 311 15.61 -36.86 27.64
C LEU A 311 16.73 -35.86 27.39
N ASN A 312 16.42 -34.57 27.33
CA ASN A 312 17.40 -33.51 27.13
C ASN A 312 17.40 -32.50 28.27
N THR A 313 16.83 -32.87 29.42
CA THR A 313 16.57 -31.89 30.47
C THR A 313 17.84 -31.46 31.17
N PHE A 314 18.79 -32.35 31.30
CA PHE A 314 20.02 -31.98 31.98
C PHE A 314 20.89 -31.11 31.07
N PRO A 315 21.71 -30.22 31.65
CA PRO A 315 22.61 -29.42 30.83
C PRO A 315 23.71 -30.23 30.15
N VAL A 316 24.47 -31.00 30.92
CA VAL A 316 25.61 -31.70 30.37
C VAL A 316 25.28 -33.18 30.24
N LYS A 317 26.01 -33.84 29.36
CA LYS A 317 25.91 -35.28 29.19
C LYS A 317 27.32 -35.85 29.19
N VAL A 318 27.52 -36.91 29.97
CA VAL A 318 28.82 -37.55 30.10
C VAL A 318 28.70 -38.98 29.61
N VAL A 319 29.83 -39.61 29.35
CA VAL A 319 29.92 -41.03 29.05
C VAL A 319 30.91 -41.64 30.02
N THR A 320 30.79 -42.93 30.28
CA THR A 320 31.77 -43.66 31.07
C THR A 320 31.72 -45.15 30.81
N ASP A 488 1.75 -30.39 41.09
CA ASP A 488 3.12 -30.21 41.56
C ASP A 488 3.60 -28.80 41.27
N ALA A 489 3.07 -27.85 42.03
CA ALA A 489 3.43 -26.44 41.88
C ALA A 489 4.44 -26.00 42.94
N GLU A 490 5.28 -26.92 43.41
CA GLU A 490 6.15 -26.63 44.54
C GLU A 490 7.32 -25.74 44.15
N LEU A 491 7.57 -25.59 42.85
CA LEU A 491 8.65 -24.71 42.42
C LEU A 491 8.25 -23.24 42.51
N TYR A 492 6.95 -22.95 42.46
CA TYR A 492 6.52 -21.57 42.35
C TYR A 492 6.54 -20.84 43.68
N HIS A 493 5.78 -21.35 44.66
CA HIS A 493 5.60 -20.64 45.93
C HIS A 493 6.91 -20.56 46.70
N LEU A 494 7.69 -21.63 46.69
CA LEU A 494 8.88 -21.70 47.51
C LEU A 494 9.99 -20.84 46.90
N PRO A 495 10.75 -20.12 47.73
CA PRO A 495 11.71 -19.15 47.18
C PRO A 495 12.93 -19.82 46.58
N VAL A 496 13.80 -18.99 45.99
CA VAL A 496 14.85 -19.46 45.11
C VAL A 496 15.99 -20.16 45.83
N LEU A 497 16.27 -19.79 47.08
CA LEU A 497 17.36 -20.39 47.84
C LEU A 497 17.15 -21.87 48.10
N GLU A 498 15.91 -22.30 48.29
CA GLU A 498 15.62 -23.73 48.38
C GLU A 498 15.24 -24.31 47.03
N ALA A 499 14.81 -23.47 46.08
CA ALA A 499 14.43 -23.95 44.75
C ALA A 499 15.64 -24.44 43.98
N VAL A 500 16.77 -23.74 44.09
CA VAL A 500 17.97 -24.18 43.39
C VAL A 500 18.53 -25.44 44.04
N ARG A 501 18.18 -25.68 45.30
CA ARG A 501 18.55 -26.93 45.96
C ARG A 501 17.67 -28.07 45.52
N LYS A 502 16.36 -27.82 45.44
CA LYS A 502 15.41 -28.86 45.08
C LYS A 502 15.52 -29.23 43.61
N ALA A 503 15.94 -28.31 42.77
CA ALA A 503 16.10 -28.60 41.36
C ALA A 503 17.23 -29.58 41.08
N ARG A 504 18.30 -29.52 41.88
CA ARG A 504 19.46 -30.37 41.62
C ARG A 504 19.19 -31.82 41.96
N ASP A 505 18.43 -32.07 43.02
CA ASP A 505 18.00 -33.42 43.31
C ASP A 505 16.73 -33.81 42.58
N ALA A 506 16.04 -32.84 41.98
CA ALA A 506 14.86 -33.15 41.18
C ALA A 506 15.26 -33.78 39.85
N ALA A 507 16.47 -33.53 39.38
CA ALA A 507 17.01 -34.16 38.18
C ALA A 507 18.42 -34.61 38.52
N PRO A 508 18.59 -35.84 39.00
CA PRO A 508 19.92 -36.31 39.36
C PRO A 508 20.79 -36.53 38.13
N PHE A 509 22.05 -36.10 38.27
CA PHE A 509 23.06 -36.29 37.24
C PHE A 509 23.36 -37.78 37.14
N ARG A 510 23.16 -38.35 35.97
CA ARG A 510 23.42 -39.77 35.80
C ARG A 510 24.34 -40.03 34.63
N PRO A 511 25.42 -40.78 34.82
CA PRO A 511 26.27 -41.17 33.69
C PRO A 511 25.75 -42.39 32.95
N LEU A 512 26.55 -42.92 32.03
CA LEU A 512 26.15 -44.06 31.23
C LEU A 512 27.40 -44.82 30.78
N ALA A 513 27.36 -46.15 30.85
CA ALA A 513 28.58 -46.94 30.79
C ALA A 513 28.32 -48.32 30.20
N VAL A 514 29.24 -48.75 29.34
CA VAL A 514 29.34 -50.12 28.84
C VAL A 514 30.83 -50.45 28.78
N GLU A 515 31.21 -51.65 29.26
CA GLU A 515 32.60 -52.09 29.22
C GLU A 515 33.07 -52.28 27.79
N ASP A 516 34.31 -51.86 27.52
CA ASP A 516 35.03 -52.18 26.30
C ASP A 516 36.53 -52.19 26.60
N ASN A 517 37.25 -53.09 25.95
CA ASN A 517 38.67 -53.30 26.21
C ASN A 517 39.51 -52.58 25.17
N ARG A 518 40.48 -51.78 25.66
CA ARG A 518 41.50 -51.07 24.88
C ARG A 518 40.93 -50.14 23.82
N LEU A 519 39.68 -49.70 23.97
CA LEU A 519 38.95 -49.04 22.89
C LEU A 519 37.75 -48.31 23.47
N VAL A 520 37.73 -46.99 23.31
CA VAL A 520 36.70 -46.12 23.88
C VAL A 520 36.07 -45.39 22.69
N ALA A 521 35.16 -44.47 22.97
CA ALA A 521 34.36 -43.87 21.91
C ALA A 521 35.01 -42.62 21.31
N ASN A 522 34.70 -42.39 20.04
CA ASN A 522 34.84 -41.07 19.43
C ASN A 522 33.44 -40.59 19.08
N SER A 523 32.83 -39.81 19.97
CA SER A 523 31.39 -39.68 20.03
C SER A 523 30.90 -38.44 19.32
N PHE A 524 29.58 -38.37 19.14
CA PHE A 524 28.92 -37.21 18.56
C PHE A 524 27.63 -36.96 19.32
N PHE A 525 27.18 -35.71 19.26
CA PHE A 525 26.04 -35.26 20.03
C PHE A 525 24.98 -34.68 19.11
N SER A 526 23.71 -34.94 19.43
CA SER A 526 22.59 -34.49 18.62
C SER A 526 21.58 -33.83 19.53
N GLN A 527 21.17 -32.62 19.18
CA GLN A 527 20.16 -31.88 19.93
C GLN A 527 19.11 -31.41 18.95
N PHE A 528 17.95 -32.05 18.98
CA PHE A 528 16.83 -31.56 18.19
C PHE A 528 15.54 -31.91 18.91
N VAL A 529 14.49 -31.22 18.51
CA VAL A 529 13.11 -31.49 18.94
C VAL A 529 12.28 -31.41 17.67
N PRO A 530 11.37 -32.36 17.41
CA PRO A 530 10.53 -32.28 16.21
C PRO A 530 9.54 -31.14 16.26
N GLY A 531 9.41 -30.46 15.13
CA GLY A 531 8.49 -29.35 15.04
C GLY A 531 7.05 -29.80 14.91
N THR A 532 6.17 -29.32 15.78
CA THR A 532 4.79 -29.75 15.75
C THR A 532 3.95 -28.85 14.86
N GLU A 533 4.40 -27.61 14.62
CA GLU A 533 3.51 -26.62 14.06
C GLU A 533 3.27 -26.84 12.57
N SER A 534 4.22 -27.46 11.87
CA SER A 534 4.06 -27.65 10.44
C SER A 534 2.98 -28.67 10.14
N LEU A 535 3.10 -29.87 10.69
CA LEU A 535 2.04 -30.84 10.47
C LEU A 535 0.81 -30.53 11.31
N GLU A 536 0.91 -29.67 12.32
CA GLU A 536 -0.29 -29.23 13.01
C GLU A 536 -1.14 -28.36 12.11
N ARG A 537 -0.51 -27.41 11.42
CA ARG A 537 -1.19 -26.61 10.42
C ARG A 537 -1.69 -27.49 9.28
N PHE A 538 -0.90 -28.48 8.89
CA PHE A 538 -1.28 -29.36 7.79
C PHE A 538 -2.47 -30.23 8.17
N LEU A 539 -2.48 -30.77 9.39
CA LEU A 539 -3.57 -31.62 9.82
C LEU A 539 -4.84 -30.83 10.07
N THR A 540 -4.73 -29.61 10.60
CA THR A 540 -5.93 -28.82 10.79
C THR A 540 -6.51 -28.37 9.46
N GLN A 541 -5.65 -28.05 8.49
CA GLN A 541 -6.14 -27.73 7.15
C GLN A 541 -6.78 -28.96 6.51
N LEU A 542 -6.22 -30.14 6.77
CA LEU A 542 -6.75 -31.38 6.23
C LEU A 542 -8.11 -31.69 6.82
N TRP A 543 -8.24 -31.51 8.13
CA TRP A 543 -9.52 -31.70 8.78
C TRP A 543 -10.55 -30.68 8.30
N GLU A 544 -10.09 -29.46 8.07
CA GLU A 544 -10.96 -28.37 7.64
C GLU A 544 -11.54 -28.62 6.26
N ASN A 545 -10.68 -28.84 5.27
CA ASN A 545 -11.24 -29.09 3.96
C ASN A 545 -11.85 -30.48 3.85
N GLU A 546 -11.54 -31.38 4.78
CA GLU A 546 -12.24 -32.66 4.82
C GLU A 546 -13.71 -32.48 5.16
N TYR A 547 -13.99 -31.84 6.29
CA TYR A 547 -15.40 -31.64 6.65
C TYR A 547 -16.03 -30.49 5.89
N PHE A 548 -15.29 -29.83 5.00
CA PHE A 548 -15.97 -28.88 4.13
C PHE A 548 -16.29 -29.49 2.77
N ARG A 549 -15.49 -30.47 2.31
CA ARG A 549 -15.95 -31.16 1.11
C ARG A 549 -17.04 -32.14 1.43
N THR A 550 -16.81 -33.08 2.36
CA THR A 550 -17.72 -34.21 2.44
C THR A 550 -19.04 -33.85 3.13
N PHE A 551 -19.12 -32.69 3.75
CA PHE A 551 -20.40 -32.05 4.02
C PHE A 551 -20.17 -30.58 3.73
N ARG A 552 -21.10 -29.93 3.07
CA ARG A 552 -20.85 -28.56 2.62
C ARG A 552 -21.25 -27.57 3.72
N LEU A 553 -20.50 -27.61 4.81
CA LEU A 553 -20.73 -26.69 5.92
C LEU A 553 -20.42 -25.27 5.47
N ARG A 554 -21.39 -24.38 5.60
CA ARG A 554 -21.18 -23.02 5.16
C ARG A 554 -20.32 -22.26 6.17
N ARG A 555 -19.69 -21.19 5.69
CA ARG A 555 -18.91 -20.30 6.54
C ARG A 555 -19.48 -18.91 6.37
N LEU A 556 -20.54 -18.60 7.10
CA LEU A 556 -21.10 -17.25 7.03
C LEU A 556 -20.21 -16.30 7.81
N VAL A 557 -19.76 -15.23 7.15
CA VAL A 557 -18.95 -14.20 7.80
C VAL A 557 -19.40 -12.83 7.32
N THR A 558 -19.10 -11.82 8.14
CA THR A 558 -19.20 -10.44 7.70
C THR A 558 -17.89 -10.03 7.04
N HIS A 559 -17.86 -8.80 6.53
CA HIS A 559 -16.69 -8.32 5.79
C HIS A 559 -15.50 -8.16 6.71
N GLN A 560 -14.32 -8.56 6.20
CA GLN A 560 -13.08 -8.89 6.92
C GLN A 560 -13.35 -9.60 8.24
N GLY A 561 -14.28 -10.56 8.22
CA GLY A 561 -14.65 -11.29 9.41
C GLY A 561 -14.18 -12.72 9.31
N ALA A 562 -13.66 -13.24 10.41
CA ALA A 562 -13.00 -14.54 10.42
C ALA A 562 -13.86 -15.55 11.16
N GLU A 563 -14.41 -16.51 10.38
CA GLU A 563 -15.22 -17.67 10.83
C GLU A 563 -16.24 -17.31 11.90
N GLU A 564 -17.21 -16.48 11.48
CA GLU A 564 -18.28 -16.09 12.39
C GLU A 564 -19.14 -17.28 12.79
N ALA A 565 -19.40 -18.17 11.85
CA ALA A 565 -20.18 -19.37 12.16
C ALA A 565 -19.90 -20.43 11.11
N ILE A 566 -19.88 -21.67 11.56
CA ILE A 566 -19.91 -22.84 10.69
C ILE A 566 -21.21 -23.55 10.97
N VAL A 567 -22.04 -23.72 9.94
CA VAL A 567 -23.41 -24.16 10.15
C VAL A 567 -23.83 -25.06 9.00
N TYR A 568 -24.89 -25.83 9.25
CA TYR A 568 -25.41 -26.78 8.26
C TYR A 568 -25.95 -26.05 7.05
N SER A 569 -25.78 -26.66 5.88
CA SER A 569 -26.35 -26.16 4.64
C SER A 569 -27.28 -27.20 4.05
N ASN A 570 -27.70 -26.95 2.80
CA ASN A 570 -28.72 -27.78 2.16
C ASN A 570 -28.24 -29.20 1.94
N TYR A 571 -26.95 -29.37 1.61
CA TYR A 571 -26.47 -30.72 1.38
C TYR A 571 -26.30 -31.48 2.68
N THR A 572 -25.99 -30.78 3.77
CA THR A 572 -25.69 -31.47 5.03
C THR A 572 -26.93 -32.10 5.63
N VAL A 573 -28.04 -31.36 5.64
CA VAL A 573 -29.27 -31.91 6.19
C VAL A 573 -29.77 -33.06 5.33
N GLU A 574 -29.63 -32.94 4.00
CA GLU A 574 -29.95 -34.03 3.09
C GLU A 574 -29.05 -35.24 3.32
N ARG A 575 -27.83 -35.02 3.77
CA ARG A 575 -26.94 -36.16 3.92
C ARG A 575 -27.13 -36.87 5.26
N VAL A 576 -27.39 -36.15 6.35
CA VAL A 576 -27.40 -36.77 7.67
C VAL A 576 -28.79 -36.77 8.31
N THR A 577 -29.58 -35.71 8.18
CA THR A 577 -30.79 -35.68 8.99
C THR A 577 -31.91 -36.44 8.31
N LEU A 578 -32.09 -36.20 7.01
CA LEU A 578 -33.11 -36.92 6.28
C LEU A 578 -32.90 -38.43 6.20
N PRO A 579 -31.67 -38.98 6.07
CA PRO A 579 -31.57 -40.44 6.20
C PRO A 579 -31.78 -40.93 7.63
N TYR A 580 -31.47 -40.09 8.61
CA TYR A 580 -31.78 -40.43 9.99
C TYR A 580 -33.28 -40.60 10.18
N LEU A 581 -34.06 -39.64 9.69
CA LEU A 581 -35.50 -39.78 9.75
C LEU A 581 -36.03 -40.80 8.75
N CYS A 582 -35.22 -41.19 7.78
CA CYS A 582 -35.60 -42.30 6.91
C CYS A 582 -35.56 -43.62 7.66
N HIS A 583 -34.61 -43.78 8.59
CA HIS A 583 -34.63 -45.02 9.35
C HIS A 583 -35.34 -44.90 10.69
N ILE A 584 -35.74 -43.69 11.12
CA ILE A 584 -36.72 -43.59 12.20
C ILE A 584 -38.14 -43.65 11.63
N LEU A 585 -38.28 -43.49 10.31
CA LEU A 585 -39.54 -43.57 9.58
C LEU A 585 -40.54 -42.51 10.03
N ALA A 586 -40.05 -41.40 10.55
CA ALA A 586 -40.89 -40.24 10.69
C ALA A 586 -40.95 -39.43 9.41
N LEU A 587 -40.17 -39.80 8.40
CA LEU A 587 -39.99 -39.01 7.19
C LEU A 587 -41.21 -39.01 6.29
N GLY A 588 -42.15 -39.93 6.49
CA GLY A 588 -43.35 -40.00 5.67
C GLY A 588 -44.30 -38.84 5.84
N THR A 589 -44.08 -38.00 6.87
CA THR A 589 -44.87 -36.81 7.08
C THR A 589 -44.07 -35.52 7.04
N LEU A 590 -42.74 -35.58 7.04
CA LEU A 590 -41.90 -34.42 7.28
C LEU A 590 -41.20 -33.98 6.00
N ASP A 591 -40.34 -32.97 6.15
CA ASP A 591 -39.70 -32.29 5.04
C ASP A 591 -38.45 -31.58 5.56
N PRO A 592 -37.47 -31.31 4.70
CA PRO A 592 -36.28 -30.59 5.17
C PRO A 592 -36.59 -29.14 5.49
N VAL A 593 -35.81 -28.59 6.42
CA VAL A 593 -35.86 -27.17 6.70
C VAL A 593 -34.82 -26.51 5.80
N PRO A 594 -35.10 -25.33 5.25
CA PRO A 594 -34.03 -24.57 4.59
C PRO A 594 -33.01 -24.13 5.61
N GLU A 595 -31.77 -24.05 5.14
CA GLU A 595 -30.64 -23.85 6.04
C GLU A 595 -30.62 -22.44 6.61
N ALA A 596 -31.14 -21.46 5.85
CA ALA A 596 -31.29 -20.12 6.39
C ALA A 596 -32.29 -20.06 7.51
N TYR A 597 -33.29 -20.94 7.50
CA TYR A 597 -34.27 -20.99 8.57
C TYR A 597 -33.69 -21.63 9.82
N LEU A 598 -32.67 -22.46 9.65
CA LEU A 598 -32.16 -23.27 10.75
C LEU A 598 -31.46 -22.41 11.79
N GLN A 599 -30.82 -21.32 11.35
CA GLN A 599 -30.07 -20.50 12.27
C GLN A 599 -30.96 -19.69 13.20
N LEU A 600 -32.25 -19.56 12.88
CA LEU A 600 -33.17 -18.79 13.69
C LEU A 600 -33.49 -19.52 15.00
N SER A 601 -34.33 -18.89 15.82
CA SER A 601 -34.54 -19.35 17.19
C SER A 601 -35.39 -20.60 17.25
N PHE A 602 -35.60 -21.07 18.48
CA PHE A 602 -36.53 -22.16 18.74
C PHE A 602 -37.96 -21.71 18.54
N GLY A 603 -38.22 -20.41 18.72
CA GLY A 603 -39.57 -19.89 18.62
C GLY A 603 -39.78 -18.98 17.44
N GLU A 604 -38.70 -18.37 16.95
CA GLU A 604 -38.78 -17.54 15.75
C GLU A 604 -38.96 -18.39 14.50
N ILE A 605 -38.61 -19.66 14.55
CA ILE A 605 -38.63 -20.52 13.37
C ILE A 605 -40.06 -20.74 12.87
N VAL A 606 -41.04 -20.82 13.77
CA VAL A 606 -42.40 -21.08 13.32
C VAL A 606 -43.01 -19.82 12.71
N ALA A 607 -42.54 -18.65 13.14
CA ALA A 607 -43.10 -17.40 12.64
C ALA A 607 -42.76 -17.18 11.18
N ALA A 608 -41.63 -17.71 10.73
CA ALA A 608 -41.36 -17.74 9.32
C ALA A 608 -41.81 -19.04 8.67
N ALA A 609 -42.04 -20.09 9.46
CA ALA A 609 -42.41 -21.38 8.90
C ALA A 609 -43.83 -21.36 8.38
N TYR A 610 -44.79 -20.92 9.19
CA TYR A 610 -46.11 -20.79 8.60
C TYR A 610 -46.25 -19.54 7.75
N ASP A 611 -45.29 -18.62 7.80
CA ASP A 611 -45.25 -17.57 6.80
C ASP A 611 -44.86 -18.14 5.44
N ASP A 612 -44.05 -19.21 5.44
CA ASP A 612 -43.73 -19.88 4.20
C ASP A 612 -44.94 -20.60 3.62
N SER A 613 -45.87 -21.02 4.47
CA SER A 613 -47.12 -21.58 3.99
C SER A 613 -48.07 -20.46 3.55
N LYS A 614 -49.28 -20.84 3.15
CA LYS A 614 -50.27 -19.90 2.68
C LYS A 614 -51.15 -19.37 3.80
N PHE A 615 -50.77 -19.62 5.06
CA PHE A 615 -51.57 -19.14 6.18
C PHE A 615 -51.52 -17.62 6.27
N CYS A 616 -50.32 -17.05 6.19
CA CYS A 616 -50.21 -15.60 6.10
C CYS A 616 -50.42 -15.08 4.69
N ARG A 617 -50.58 -15.98 3.72
CA ARG A 617 -50.87 -15.54 2.36
C ARG A 617 -52.35 -15.59 2.03
N TYR A 618 -53.12 -16.40 2.75
CA TYR A 618 -54.57 -16.29 2.66
C TYR A 618 -55.07 -15.06 3.40
N VAL A 619 -54.27 -14.55 4.35
CA VAL A 619 -54.56 -13.29 5.02
C VAL A 619 -54.62 -12.14 4.04
N GLU A 620 -53.75 -12.13 3.04
CA GLU A 620 -53.76 -11.04 2.06
C GLU A 620 -54.99 -11.12 1.15
N LEU A 621 -55.45 -12.33 0.85
CA LEU A 621 -56.63 -12.43 -0.01
C LEU A 621 -57.91 -12.12 0.76
N ILE A 622 -58.00 -12.53 2.03
CA ILE A 622 -59.15 -12.10 2.80
C ILE A 622 -59.05 -10.62 3.18
N CYS A 623 -57.83 -10.07 3.21
CA CYS A 623 -57.63 -8.63 3.29
C CYS A 623 -58.22 -7.90 2.09
N SER A 624 -57.92 -8.38 0.88
CA SER A 624 -58.48 -7.77 -0.31
C SER A 624 -59.99 -7.99 -0.38
N ARG A 625 -60.47 -9.12 0.14
CA ARG A 625 -61.90 -9.39 0.14
C ARG A 625 -62.62 -8.48 1.13
N GLU A 626 -62.02 -8.21 2.28
CA GLU A 626 -62.63 -7.31 3.26
C GLU A 626 -62.55 -5.86 2.78
N LYS A 627 -61.43 -5.49 2.13
CA LYS A 627 -61.33 -4.13 1.61
C LYS A 627 -62.29 -3.91 0.45
N ALA A 628 -62.61 -4.95 -0.32
CA ALA A 628 -63.67 -4.83 -1.31
C ALA A 628 -65.04 -4.81 -0.64
N ARG A 629 -65.21 -5.61 0.42
CA ARG A 629 -66.51 -5.76 1.08
C ARG A 629 -66.95 -4.47 1.74
N ARG A 630 -66.01 -3.71 2.30
CA ARG A 630 -66.36 -2.40 2.84
C ARG A 630 -66.00 -1.25 1.90
N ARG A 631 -65.30 -1.51 0.79
CA ARG A 631 -65.08 -0.47 -0.19
C ARG A 631 -66.32 -0.26 -1.06
N GLN A 632 -67.05 -1.34 -1.35
CA GLN A 632 -68.35 -1.20 -1.99
C GLN A 632 -69.39 -0.65 -1.02
N MET A 633 -69.13 -0.71 0.29
CA MET A 633 -69.95 0.00 1.26
C MET A 633 -69.61 1.49 1.28
N SER A 634 -68.32 1.83 1.19
CA SER A 634 -67.91 3.22 1.18
C SER A 634 -68.11 3.87 -0.18
N ARG A 635 -67.75 3.16 -1.24
CA ARG A 635 -67.76 3.73 -2.58
C ARG A 635 -68.53 2.85 -3.57
N UNK B 1 -66.14 -3.63 21.57
CA UNK B 1 -64.74 -3.19 21.62
C UNK B 1 -63.86 -4.24 22.26
N UNK B 2 -63.41 -5.21 21.46
CA UNK B 2 -62.61 -6.32 21.98
C UNK B 2 -61.59 -6.75 20.92
N UNK B 3 -60.71 -7.67 21.31
CA UNK B 3 -59.61 -8.09 20.45
C UNK B 3 -60.12 -9.00 19.33
N UNK B 4 -59.20 -9.38 18.45
CA UNK B 4 -59.57 -10.22 17.32
C UNK B 4 -59.22 -11.68 17.52
N UNK B 5 -58.24 -11.96 18.36
CA UNK B 5 -57.93 -13.33 18.75
C UNK B 5 -57.85 -13.49 20.26
N UNK B 6 -57.35 -12.49 20.97
CA UNK B 6 -57.23 -12.58 22.42
C UNK B 6 -58.56 -12.37 23.12
N UNK B 7 -59.57 -11.85 22.43
CA UNK B 7 -60.89 -11.69 23.05
C UNK B 7 -61.54 -13.04 23.26
N UNK B 8 -61.39 -13.95 22.31
CA UNK B 8 -61.82 -15.33 22.54
C UNK B 8 -60.89 -16.05 23.52
N UNK B 9 -59.66 -15.56 23.67
CA UNK B 9 -58.76 -16.15 24.66
C UNK B 9 -59.08 -15.68 26.08
N UNK B 10 -59.74 -14.53 26.21
CA UNK B 10 -60.20 -14.06 27.51
C UNK B 10 -61.65 -14.45 27.76
N UNK B 11 -62.54 -14.07 26.85
CA UNK B 11 -63.95 -14.45 26.92
C UNK B 11 -64.17 -15.50 25.84
N UNK B 12 -64.21 -16.77 26.27
CA UNK B 12 -64.25 -17.89 25.33
C UNK B 12 -65.57 -17.92 24.58
N UNK B 13 -65.48 -17.92 23.25
CA UNK B 13 -66.65 -17.85 22.37
C UNK B 13 -67.31 -19.22 22.32
N UNK B 14 -68.08 -19.51 23.38
CA UNK B 14 -68.86 -20.75 23.41
C UNK B 14 -70.31 -20.50 23.05
N UNK B 15 -70.86 -19.35 23.45
CA UNK B 15 -72.24 -19.02 23.17
C UNK B 15 -72.41 -18.57 21.72
N ASP C 52 4.18 4.00 77.18
CA ASP C 52 4.60 3.92 75.77
C ASP C 52 3.75 2.89 75.04
N GLU C 53 3.05 3.34 74.00
CA GLU C 53 2.18 2.48 73.22
C GLU C 53 2.90 2.03 71.96
N ALA C 54 2.82 0.73 71.66
CA ALA C 54 3.38 0.21 70.42
C ALA C 54 2.48 0.61 69.26
N VAL C 55 2.96 1.52 68.42
CA VAL C 55 2.16 2.11 67.36
C VAL C 55 2.90 1.89 66.04
N ILE C 56 2.22 1.29 65.07
CA ILE C 56 2.83 1.13 63.76
C ILE C 56 2.72 2.44 62.99
N ASP C 57 3.84 2.85 62.41
CA ASP C 57 3.93 4.10 61.68
C ASP C 57 3.93 3.83 60.19
N ILE C 58 3.67 4.87 59.41
CA ILE C 58 3.66 4.70 57.97
C ILE C 58 4.57 5.69 57.26
N PHE C 59 4.76 6.88 57.84
CA PHE C 59 5.43 7.88 57.03
C PHE C 59 6.94 7.70 56.91
N PRO C 60 7.77 7.85 57.98
CA PRO C 60 9.20 8.07 57.76
C PRO C 60 9.99 6.76 57.72
N THR C 61 9.46 5.77 57.04
CA THR C 61 10.21 4.57 56.75
C THR C 61 10.85 4.70 55.38
N GLY C 62 11.62 3.68 55.01
CA GLY C 62 12.16 3.66 53.67
C GLY C 62 11.08 3.53 52.61
N GLN C 63 10.02 2.78 52.92
CA GLN C 63 8.97 2.45 51.96
C GLN C 63 8.16 3.67 51.53
N THR C 64 8.21 4.76 52.27
CA THR C 64 7.53 5.97 51.84
C THR C 64 8.43 7.17 51.70
N MET C 65 9.58 7.20 52.38
CA MET C 65 10.53 8.28 52.12
C MET C 65 11.20 8.09 50.77
N SER C 66 11.39 6.82 50.36
CA SER C 66 11.88 6.56 49.02
C SER C 66 10.85 6.90 47.95
N PHE C 67 9.56 6.87 48.32
CA PHE C 67 8.50 7.18 47.37
C PHE C 67 8.58 8.60 46.87
N LEU C 68 8.83 9.53 47.78
CA LEU C 68 8.94 10.94 47.39
C LEU C 68 10.18 11.18 46.55
N ARG C 69 11.24 10.41 46.76
CA ARG C 69 12.45 10.58 45.98
C ARG C 69 12.28 10.02 44.58
N LEU C 70 11.63 8.87 44.46
CA LEU C 70 11.39 8.33 43.13
C LEU C 70 10.34 9.12 42.38
N LEU C 71 9.42 9.77 43.09
CA LEU C 71 8.35 10.44 42.38
C LEU C 71 8.84 11.75 41.78
N HIS C 72 9.79 12.41 42.42
CA HIS C 72 10.44 13.55 41.83
C HIS C 72 11.84 13.22 41.34
N GLY C 73 12.13 11.94 41.16
CA GLY C 73 13.24 11.53 40.31
C GLY C 73 14.62 11.59 40.92
N PHE C 74 14.75 11.39 42.23
CA PHE C 74 16.09 11.20 42.74
C PHE C 74 16.64 9.85 42.32
N LEU C 75 15.80 8.83 42.30
CA LEU C 75 16.24 7.47 42.04
C LEU C 75 15.68 6.95 40.72
N GLY C 76 14.36 6.89 40.59
CA GLY C 76 13.78 6.35 39.38
C GLY C 76 13.73 7.39 38.28
N THR C 77 13.77 6.90 37.04
CA THR C 77 13.66 7.75 35.87
C THR C 77 13.08 6.95 34.71
N CYS C 78 12.24 7.60 33.93
CA CYS C 78 11.50 6.97 32.83
C CYS C 78 10.81 8.08 32.07
N ARG C 79 10.24 7.74 30.92
CA ARG C 79 9.39 8.69 30.22
C ARG C 79 8.01 8.82 30.87
N GLY C 80 7.66 7.93 31.79
CA GLY C 80 6.40 8.05 32.50
C GLY C 80 6.44 9.04 33.63
N GLN C 81 7.63 9.46 34.06
CA GLN C 81 7.78 10.38 35.18
C GLN C 81 7.11 11.72 34.93
N SER C 82 6.97 12.10 33.66
CA SER C 82 6.31 13.35 33.32
C SER C 82 4.81 13.29 33.53
N MET C 83 4.23 12.09 33.62
CA MET C 83 2.78 11.99 33.75
C MET C 83 2.33 12.30 35.17
N HIS C 84 3.27 12.36 36.11
CA HIS C 84 2.96 12.96 37.40
C HIS C 84 3.10 14.46 37.36
N GLN C 85 4.06 14.97 36.59
CA GLN C 85 4.30 16.40 36.60
C GLN C 85 3.22 17.14 35.83
N VAL C 86 2.53 16.46 34.91
CA VAL C 86 1.32 17.06 34.36
C VAL C 86 0.19 17.06 35.37
N LEU C 87 0.22 16.15 36.34
CA LEU C 87 -0.88 16.03 37.29
C LEU C 87 -0.83 17.08 38.39
N ARG C 88 0.25 17.84 38.50
CA ARG C 88 0.39 18.81 39.56
C ARG C 88 0.66 20.19 39.00
N ASP C 89 -0.09 20.59 38.01
CA ASP C 89 -0.02 21.96 37.56
C ASP C 89 -0.77 22.83 38.56
N PRO C 90 -0.11 23.70 39.32
CA PRO C 90 -0.82 24.48 40.34
C PRO C 90 -1.66 25.60 39.76
N CYS C 91 -1.54 25.89 38.47
CA CYS C 91 -2.39 26.89 37.86
C CYS C 91 -3.81 26.39 37.65
N VAL C 92 -4.00 25.07 37.51
CA VAL C 92 -5.35 24.58 37.24
C VAL C 92 -6.22 24.66 38.49
N LEU C 93 -5.61 24.66 39.67
CA LEU C 93 -6.37 24.82 40.89
C LEU C 93 -6.91 26.25 40.99
N ARG C 94 -6.07 27.23 40.67
CA ARG C 94 -6.53 28.60 40.69
C ARG C 94 -7.50 28.86 39.56
N LYS C 95 -7.38 28.10 38.46
CA LYS C 95 -8.35 28.18 37.38
C LYS C 95 -9.74 27.74 37.86
N GLN C 96 -9.81 26.57 38.48
CA GLN C 96 -11.09 26.06 38.96
C GLN C 96 -11.64 26.92 40.08
N LEU C 97 -10.75 27.47 40.92
CA LEU C 97 -11.17 28.33 42.01
C LEU C 97 -11.79 29.63 41.47
N LEU C 98 -11.16 30.22 40.45
CA LEU C 98 -11.72 31.45 39.92
C LEU C 98 -12.99 31.17 39.14
N TYR C 99 -13.07 30.01 38.49
CA TYR C 99 -14.30 29.64 37.80
C TYR C 99 -15.44 29.50 38.80
N GLY C 100 -15.17 28.90 39.94
CA GLY C 100 -16.21 28.72 40.94
C GLY C 100 -16.68 30.04 41.53
N VAL C 101 -15.73 30.94 41.84
CA VAL C 101 -16.16 32.18 42.47
C VAL C 101 -16.83 33.10 41.45
N CYS C 102 -16.42 33.06 40.18
CA CYS C 102 -17.11 33.88 39.19
C CYS C 102 -18.48 33.30 38.84
N LYS C 103 -18.63 31.97 38.88
CA LYS C 103 -19.94 31.38 38.66
C LYS C 103 -20.89 31.71 39.81
N THR C 104 -20.37 31.75 41.04
CA THR C 104 -21.21 32.16 42.16
C THR C 104 -21.54 33.64 42.10
N LEU C 105 -20.65 34.44 41.52
CA LEU C 105 -20.93 35.87 41.38
C LEU C 105 -21.97 36.14 40.31
N PHE C 106 -21.88 35.45 39.18
CA PHE C 106 -22.56 35.93 37.99
C PHE C 106 -23.99 35.45 37.85
N ASP C 107 -24.59 34.94 38.92
CA ASP C 107 -26.01 34.62 38.86
C ASP C 107 -26.83 35.33 39.94
N THR C 108 -26.29 36.35 40.59
CA THR C 108 -26.98 36.92 41.75
C THR C 108 -28.03 37.94 41.36
N ILE C 109 -27.65 39.04 40.71
CA ILE C 109 -28.59 40.14 40.49
C ILE C 109 -28.76 40.24 38.97
N THR C 110 -28.69 39.09 38.33
CA THR C 110 -28.62 39.01 36.87
C THR C 110 -29.94 39.42 36.21
N VAL C 111 -31.06 39.29 36.92
CA VAL C 111 -32.36 39.53 36.29
C VAL C 111 -32.78 41.00 36.44
N ARG C 112 -32.56 41.58 37.62
CA ARG C 112 -33.17 42.88 37.92
C ARG C 112 -32.28 44.03 37.47
N ARG C 113 -30.99 43.97 37.79
CA ARG C 113 -30.12 45.13 37.67
C ARG C 113 -29.79 45.44 36.21
N VAL C 114 -29.90 44.44 35.32
CA VAL C 114 -29.64 44.68 33.90
C VAL C 114 -30.70 45.59 33.32
N ALA C 115 -31.92 45.54 33.85
CA ALA C 115 -32.94 46.49 33.45
C ALA C 115 -32.66 47.88 34.01
N GLU C 116 -32.14 47.95 35.23
CA GLU C 116 -31.96 49.23 35.90
C GLU C 116 -30.83 50.04 35.27
N GLU C 117 -29.70 49.40 35.01
CA GLU C 117 -28.61 50.12 34.35
C GLU C 117 -28.87 50.39 32.87
N TRP C 118 -29.66 49.55 32.21
CA TRP C 118 -30.08 49.91 30.85
C TRP C 118 -31.04 51.10 30.87
N LYS C 119 -31.92 51.17 31.88
CA LYS C 119 -32.73 52.36 32.07
C LYS C 119 -31.87 53.59 32.33
N LEU C 120 -30.79 53.42 33.08
CA LEU C 120 -29.91 54.55 33.38
C LEU C 120 -29.19 55.05 32.13
N HIS C 121 -28.57 54.13 31.38
CA HIS C 121 -27.89 54.52 30.16
C HIS C 121 -28.86 54.89 29.04
N ALA C 122 -30.13 54.53 29.16
CA ALA C 122 -31.11 54.97 28.18
C ALA C 122 -31.62 56.37 28.50
N ALA C 123 -31.94 56.64 29.76
CA ALA C 123 -32.42 57.96 30.14
C ALA C 123 -31.29 58.99 30.09
N LEU C 124 -30.05 58.54 30.26
CA LEU C 124 -28.93 59.46 30.10
C LEU C 124 -28.71 59.84 28.65
N PHE C 125 -28.94 58.90 27.72
CA PHE C 125 -28.69 59.12 26.30
C PHE C 125 -29.73 58.35 25.48
N PRO C 126 -30.91 58.94 25.27
CA PRO C 126 -31.95 58.26 24.51
C PRO C 126 -31.89 58.51 23.01
N TYR C 127 -30.72 58.92 22.51
CA TYR C 127 -30.57 59.33 21.12
C TYR C 127 -30.84 58.17 20.16
N ARG C 128 -31.58 58.45 19.10
CA ARG C 128 -32.05 57.43 18.18
C ARG C 128 -32.42 58.08 16.86
N ALA C 129 -31.85 57.58 15.77
CA ALA C 129 -32.18 58.10 14.45
C ALA C 129 -33.25 57.24 13.77
N LEU C 130 -32.98 55.96 13.59
CA LEU C 130 -33.91 55.06 12.92
C LEU C 130 -33.91 53.74 13.64
N ASP C 131 -35.02 53.02 13.54
CA ASP C 131 -35.20 51.73 14.19
C ASP C 131 -35.15 50.57 13.22
N GLU C 132 -34.45 50.69 12.10
CA GLU C 132 -34.47 49.64 11.09
C GLU C 132 -33.20 48.80 11.11
N GLU C 133 -32.04 49.43 10.97
CA GLU C 133 -30.77 48.73 10.98
C GLU C 133 -29.94 49.00 12.23
N ASP C 134 -29.90 50.25 12.68
CA ASP C 134 -28.96 50.65 13.73
C ASP C 134 -29.36 50.16 15.10
N LEU C 135 -30.61 49.72 15.28
CA LEU C 135 -31.08 49.34 16.61
C LEU C 135 -30.40 48.05 17.08
N GLU C 136 -30.27 47.07 16.19
CA GLU C 136 -29.59 45.84 16.56
C GLU C 136 -28.09 46.07 16.70
N GLN C 137 -27.55 47.07 15.98
CA GLN C 137 -26.13 47.35 16.09
C GLN C 137 -25.80 48.00 17.44
N TYR C 138 -26.61 48.99 17.84
CA TYR C 138 -26.48 49.57 19.17
C TYR C 138 -26.73 48.54 20.26
N LEU C 139 -27.67 47.62 20.00
CA LEU C 139 -27.96 46.51 20.91
C LEU C 139 -26.74 45.61 21.11
N LEU C 140 -26.10 45.22 20.01
CA LEU C 140 -25.01 44.26 20.11
C LEU C 140 -23.76 44.90 20.68
N VAL C 141 -23.46 46.15 20.30
CA VAL C 141 -22.30 46.81 20.89
C VAL C 141 -22.59 47.16 22.35
N TRP C 142 -23.85 47.34 22.71
CA TRP C 142 -24.24 47.55 24.10
C TRP C 142 -23.97 46.32 24.93
N SER C 143 -24.43 45.15 24.45
CA SER C 143 -24.22 43.90 25.17
C SER C 143 -22.74 43.57 25.28
N ALA C 144 -21.98 43.82 24.20
CA ALA C 144 -20.55 43.54 24.21
C ALA C 144 -19.81 44.46 25.17
N SER C 145 -20.22 45.73 25.22
CA SER C 145 -19.56 46.67 26.12
C SER C 145 -19.83 46.33 27.59
N LEU C 146 -21.09 45.96 27.91
CA LEU C 146 -21.38 45.54 29.28
C LEU C 146 -20.60 44.30 29.67
N ARG C 147 -20.60 43.27 28.80
CA ARG C 147 -19.96 42.03 29.16
C ARG C 147 -18.44 42.18 29.27
N GLN C 148 -17.83 43.01 28.41
CA GLN C 148 -16.40 43.21 28.54
C GLN C 148 -16.05 44.10 29.73
N SER C 149 -16.94 45.02 30.12
CA SER C 149 -16.62 45.90 31.24
C SER C 149 -16.67 45.13 32.55
N VAL C 150 -17.74 44.35 32.75
CA VAL C 150 -17.79 43.53 33.97
C VAL C 150 -16.75 42.42 33.89
N GLN C 151 -16.39 41.99 32.67
CA GLN C 151 -15.37 40.99 32.47
C GLN C 151 -14.02 41.48 32.96
N THR C 152 -13.58 42.62 32.46
CA THR C 152 -12.29 43.12 32.88
C THR C 152 -12.31 43.65 34.32
N GLY C 153 -13.48 44.03 34.84
CA GLY C 153 -13.57 44.43 36.23
C GLY C 153 -13.33 43.28 37.18
N VAL C 154 -14.14 42.21 37.04
CA VAL C 154 -13.93 41.06 37.90
C VAL C 154 -12.65 40.32 37.52
N LEU C 155 -12.14 40.49 36.30
CA LEU C 155 -10.88 39.88 35.94
C LEU C 155 -9.73 40.54 36.67
N GLY C 156 -9.74 41.88 36.74
CA GLY C 156 -8.75 42.58 37.52
C GLY C 156 -8.86 42.28 39.01
N ALA C 157 -10.09 42.19 39.50
CA ALA C 157 -10.31 41.90 40.92
C ALA C 157 -9.81 40.51 41.30
N LEU C 158 -10.28 39.50 40.57
CA LEU C 158 -9.86 38.12 40.82
C LEU C 158 -8.38 37.92 40.54
N ARG C 159 -7.85 38.60 39.52
CA ARG C 159 -6.44 38.50 39.20
C ARG C 159 -5.57 39.06 40.30
N ASP C 160 -5.97 40.19 40.88
CA ASP C 160 -5.17 40.77 41.96
C ASP C 160 -5.26 39.93 43.23
N ILE C 161 -6.47 39.53 43.63
CA ILE C 161 -6.61 38.76 44.86
C ILE C 161 -6.13 37.33 44.70
N LEU C 162 -5.93 36.87 43.46
CA LEU C 162 -5.35 35.56 43.22
C LEU C 162 -3.83 35.63 43.17
N TYR C 163 -3.29 36.56 42.39
CA TYR C 163 -1.85 36.66 42.27
C TYR C 163 -1.20 37.17 43.54
N GLN C 164 -1.96 37.76 44.46
CA GLN C 164 -1.33 38.15 45.72
C GLN C 164 -1.12 36.96 46.64
N TYR C 165 -2.18 36.20 46.94
CA TYR C 165 -2.06 35.31 48.08
C TYR C 165 -2.66 33.93 47.81
N ALA C 166 -2.71 33.50 46.55
CA ALA C 166 -3.09 32.13 46.27
C ALA C 166 -1.91 31.24 45.96
N ASP C 167 -0.70 31.80 45.89
CA ASP C 167 0.47 31.01 45.54
C ASP C 167 1.11 30.36 46.77
N ASN C 168 0.29 29.66 47.53
CA ASN C 168 0.80 28.71 48.52
C ASN C 168 1.32 27.45 47.87
N ASP C 169 0.90 27.19 46.61
CA ASP C 169 1.34 26.09 45.73
C ASP C 169 1.36 24.72 46.41
N ASP C 170 0.47 24.51 47.38
CA ASP C 170 0.40 23.29 48.14
C ASP C 170 -0.25 22.16 47.37
N TYR C 171 -0.92 22.47 46.25
CA TYR C 171 -1.54 21.46 45.40
C TYR C 171 -0.50 20.49 44.88
N GLY C 172 0.67 21.01 44.53
CA GLY C 172 1.72 20.21 43.92
C GLY C 172 2.39 19.25 44.87
N LEU C 173 2.12 19.37 46.17
CA LEU C 173 2.50 18.38 47.16
C LEU C 173 1.31 17.56 47.60
N TYR C 174 0.12 18.16 47.50
CA TYR C 174 -1.11 17.46 47.82
C TYR C 174 -1.29 16.27 46.90
N VAL C 175 -0.91 16.41 45.63
CA VAL C 175 -1.11 15.28 44.74
C VAL C 175 -0.11 14.18 45.06
N ASP C 176 1.05 14.50 45.64
CA ASP C 176 1.96 13.43 46.03
C ASP C 176 1.41 12.68 47.23
N TRP C 177 0.87 13.40 48.20
CA TRP C 177 0.33 12.65 49.33
C TRP C 177 -0.99 11.97 49.00
N CYS C 178 -1.68 12.40 47.94
CA CYS C 178 -2.87 11.67 47.52
C CYS C 178 -2.54 10.53 46.58
N VAL C 179 -1.34 10.52 46.00
CA VAL C 179 -0.97 9.46 45.07
C VAL C 179 -0.02 8.45 45.71
N THR C 180 0.60 8.77 46.84
CA THR C 180 1.60 7.89 47.43
C THR C 180 1.17 7.23 48.71
N VAL C 181 0.33 7.87 49.51
CA VAL C 181 -0.12 7.29 50.76
C VAL C 181 -1.64 7.44 50.86
N GLY C 182 -2.20 8.30 50.02
CA GLY C 182 -3.63 8.48 50.02
C GLY C 182 -4.19 9.27 51.17
N LEU C 183 -3.34 9.98 51.90
CA LEU C 183 -3.80 10.78 53.02
C LEU C 183 -2.79 11.89 53.27
N VAL C 184 -3.30 13.07 53.59
CA VAL C 184 -2.50 14.28 53.54
C VAL C 184 -2.24 14.79 54.95
N PRO C 185 -0.99 15.00 55.34
CA PRO C 185 -0.72 15.77 56.55
C PRO C 185 -0.80 17.25 56.24
N LEU C 186 -1.33 18.00 57.20
CA LEU C 186 -1.57 19.43 57.01
C LEU C 186 -1.72 20.09 58.36
N LEU C 187 -1.11 21.25 58.52
CA LEU C 187 -1.10 21.98 59.78
C LEU C 187 -1.86 23.29 59.58
N ASP C 188 -2.92 23.47 60.36
CA ASP C 188 -3.81 24.61 60.21
C ASP C 188 -3.11 25.84 60.81
N VAL C 189 -2.43 26.58 59.94
CA VAL C 189 -1.70 27.75 60.40
C VAL C 189 -2.68 28.89 60.68
N LYS C 190 -2.60 29.45 61.88
CA LYS C 190 -3.44 30.57 62.27
C LYS C 190 -2.56 31.69 62.81
N THR C 191 -3.08 32.90 62.72
CA THR C 191 -2.36 34.09 63.12
C THR C 191 -3.23 34.91 64.06
N LYS C 192 -2.78 36.13 64.34
CA LYS C 192 -3.57 37.05 65.15
C LYS C 192 -4.78 37.52 64.35
N PRO C 193 -5.89 37.84 65.02
CA PRO C 193 -7.10 38.22 64.29
C PRO C 193 -7.03 39.59 63.61
N SER C 194 -5.97 40.36 63.84
CA SER C 194 -5.79 41.62 63.11
C SER C 194 -5.52 41.37 61.63
N GLU C 195 -4.88 40.24 61.31
CA GLU C 195 -4.54 39.93 59.94
C GLU C 195 -5.77 39.65 59.08
N ALA C 196 -6.87 39.22 59.70
CA ALA C 196 -8.15 39.19 59.00
C ALA C 196 -8.59 40.59 58.60
N ALA C 197 -8.32 41.59 59.44
CA ALA C 197 -8.63 42.96 59.06
C ALA C 197 -7.66 43.47 58.00
N GLU C 198 -6.41 42.98 57.98
CA GLU C 198 -5.51 43.34 56.89
C GLU C 198 -5.96 42.74 55.57
N ARG C 199 -6.47 41.50 55.58
CA ARG C 199 -7.02 40.92 54.36
C ARG C 199 -8.28 41.64 53.93
N ALA C 200 -9.10 42.06 54.90
CA ALA C 200 -10.27 42.89 54.59
C ALA C 200 -9.85 44.19 53.95
N GLN C 201 -8.75 44.78 54.44
CA GLN C 201 -8.20 45.99 53.85
C GLN C 201 -7.73 45.75 52.42
N PHE C 202 -7.07 44.62 52.18
CA PHE C 202 -6.58 44.32 50.85
C PHE C 202 -7.70 44.11 49.85
N VAL C 203 -8.72 43.34 50.24
CA VAL C 203 -9.82 43.11 49.31
C VAL C 203 -10.67 44.37 49.17
N ARG C 204 -10.68 45.25 50.18
CA ARG C 204 -11.34 46.52 50.00
C ARG C 204 -10.57 47.42 49.04
N ALA C 205 -9.24 47.32 49.04
CA ALA C 205 -8.48 48.08 48.05
C ALA C 205 -8.72 47.53 46.65
N ALA C 206 -8.80 46.20 46.53
CA ALA C 206 -9.09 45.57 45.25
C ALA C 206 -10.48 45.95 44.74
N VAL C 207 -11.46 46.07 45.64
CA VAL C 207 -12.77 46.49 45.17
C VAL C 207 -12.80 48.01 44.98
N GLN C 208 -11.83 48.76 45.49
CA GLN C 208 -11.70 50.15 45.03
C GLN C 208 -11.18 50.22 43.60
N ARG C 209 -10.27 49.31 43.23
CA ARG C 209 -9.90 49.19 41.82
C ARG C 209 -11.10 48.78 40.98
N ALA C 210 -11.91 47.86 41.49
CA ALA C 210 -13.16 47.51 40.81
C ALA C 210 -14.13 48.68 40.77
N THR C 211 -14.08 49.57 41.77
CA THR C 211 -14.95 50.73 41.83
C THR C 211 -14.60 51.74 40.76
N GLU C 212 -13.31 52.02 40.59
CA GLU C 212 -12.92 52.87 39.48
C GLU C 212 -12.98 52.14 38.14
N THR C 213 -13.16 50.83 38.13
CA THR C 213 -13.37 50.12 36.87
C THR C 213 -14.80 50.31 36.36
N HIS C 214 -15.79 49.83 37.12
CA HIS C 214 -17.17 49.77 36.60
C HIS C 214 -18.16 49.64 37.75
N PRO C 215 -19.33 50.28 37.66
CA PRO C 215 -20.27 50.23 38.80
C PRO C 215 -20.98 48.89 39.00
N LEU C 216 -21.32 48.17 37.94
CA LEU C 216 -22.03 46.91 38.13
C LEU C 216 -21.12 45.85 38.74
N ALA C 217 -19.86 45.85 38.34
CA ALA C 217 -18.90 44.94 38.94
C ALA C 217 -18.67 45.27 40.41
N GLN C 218 -18.62 46.56 40.75
CA GLN C 218 -18.44 46.93 42.15
C GLN C 218 -19.69 46.63 42.96
N ASP C 219 -20.86 46.61 42.32
CA ASP C 219 -22.06 46.17 43.02
C ASP C 219 -22.03 44.68 43.28
N LEU C 220 -21.55 43.90 42.31
CA LEU C 220 -21.46 42.45 42.48
C LEU C 220 -20.47 42.09 43.59
N LEU C 221 -19.32 42.76 43.61
CA LEU C 221 -18.37 42.46 44.67
C LEU C 221 -18.78 43.04 46.01
N GLN C 222 -19.49 44.17 46.02
CA GLN C 222 -20.01 44.66 47.28
C GLN C 222 -21.18 43.82 47.78
N ALA C 223 -21.77 43.02 46.91
CA ALA C 223 -22.74 42.02 47.34
C ALA C 223 -22.04 40.80 47.95
N ASN C 224 -21.01 40.29 47.29
CA ASN C 224 -20.46 39.00 47.66
C ASN C 224 -19.07 39.06 48.31
N LEU C 225 -18.69 40.23 48.84
CA LEU C 225 -17.40 40.37 49.51
C LEU C 225 -17.27 39.51 50.76
N ALA C 226 -18.40 39.17 51.39
CA ALA C 226 -18.37 38.32 52.56
C ALA C 226 -17.82 36.94 52.24
N LEU C 227 -18.40 36.28 51.24
CA LEU C 227 -17.89 34.97 50.86
C LEU C 227 -16.55 35.09 50.12
N LEU C 228 -16.28 36.24 49.51
CA LEU C 228 -14.92 36.46 48.96
C LEU C 228 -13.88 36.46 50.07
N LEU C 229 -14.16 37.14 51.18
CA LEU C 229 -13.23 37.10 52.31
C LEU C 229 -13.20 35.73 52.95
N GLN C 230 -14.30 34.99 52.88
CA GLN C 230 -14.33 33.64 53.42
C GLN C 230 -13.37 32.73 52.65
N VAL C 231 -13.46 32.74 51.31
CA VAL C 231 -12.55 31.90 50.53
C VAL C 231 -11.14 32.47 50.52
N ALA C 232 -10.96 33.77 50.79
CA ALA C 232 -9.63 34.33 50.92
C ALA C 232 -8.94 33.82 52.17
N GLU C 233 -9.66 33.81 53.29
CA GLU C 233 -9.03 33.35 54.52
C GLU C 233 -8.93 31.84 54.56
N ARG C 234 -9.84 31.14 53.91
CA ARG C 234 -9.70 29.69 53.81
C ARG C 234 -8.60 29.31 52.83
N LEU C 235 -8.24 30.22 51.94
CA LEU C 235 -7.13 29.94 51.02
C LEU C 235 -5.79 30.10 51.71
N GLY C 236 -5.68 31.05 52.63
CA GLY C 236 -4.49 31.13 53.44
C GLY C 236 -4.58 30.36 54.74
N ALA C 237 -5.48 29.39 54.83
CA ALA C 237 -5.77 28.77 56.11
C ALA C 237 -4.75 27.71 56.47
N VAL C 238 -4.30 26.90 55.51
CA VAL C 238 -3.54 25.71 55.82
C VAL C 238 -2.38 25.60 54.85
N ARG C 239 -1.36 24.87 55.25
CA ARG C 239 -0.30 24.43 54.39
C ARG C 239 -0.45 22.93 54.17
N VAL C 240 0.52 22.34 53.50
CA VAL C 240 0.48 20.93 53.14
C VAL C 240 1.42 20.10 54.03
N ALA C 241 1.84 20.68 55.16
CA ALA C 241 2.83 20.11 56.09
C ALA C 241 4.14 19.78 55.40
N ASN C 242 4.68 20.77 54.68
CA ASN C 242 5.99 20.61 54.06
C ASN C 242 7.04 21.13 55.03
N ALA C 243 7.36 20.29 56.02
CA ALA C 243 8.35 20.61 57.04
C ALA C 243 9.03 19.32 57.46
N PRO C 244 10.28 19.39 57.90
CA PRO C 244 10.92 18.19 58.43
C PRO C 244 10.34 17.79 59.77
N GLU C 245 10.69 16.56 60.18
CA GLU C 245 10.26 15.94 61.44
C GLU C 245 8.74 15.86 61.54
N VAL C 246 8.10 15.44 60.45
CA VAL C 246 6.67 15.17 60.45
C VAL C 246 6.48 13.68 60.34
N ARG C 247 5.50 13.16 61.08
CA ARG C 247 5.31 11.73 61.20
C ARG C 247 3.83 11.43 61.32
N VAL C 248 3.39 10.38 60.64
CA VAL C 248 2.03 9.89 60.79
C VAL C 248 2.11 8.38 61.09
N PHE C 249 1.22 7.93 61.96
CA PHE C 249 1.23 6.57 62.47
C PHE C 249 -0.19 6.10 62.68
N LYS C 250 -0.36 4.79 62.77
CA LYS C 250 -1.65 4.15 62.96
C LYS C 250 -1.65 3.43 64.30
N LYS C 251 -2.51 3.88 65.22
CA LYS C 251 -2.59 3.27 66.53
C LYS C 251 -3.24 1.89 66.43
N VAL C 252 -2.55 0.88 66.92
CA VAL C 252 -3.02 -0.49 66.75
C VAL C 252 -4.20 -0.81 67.67
N ARG C 253 -4.37 -0.06 68.77
CA ARG C 253 -5.47 -0.36 69.69
C ARG C 253 -6.79 0.15 69.15
N SER C 254 -6.81 1.38 68.65
CA SER C 254 -7.95 1.89 67.91
C SER C 254 -7.41 2.52 66.64
N GLU C 255 -7.88 2.02 65.50
CA GLU C 255 -7.36 2.43 64.19
C GLU C 255 -7.86 3.85 63.88
N ARG C 256 -7.23 4.81 64.52
CA ARG C 256 -7.57 6.21 64.46
C ARG C 256 -6.34 7.00 64.09
N LEU C 257 -5.69 6.57 63.01
CA LEU C 257 -4.40 7.04 62.54
C LEU C 257 -4.36 8.56 62.36
N GLU C 258 -3.38 9.17 63.02
CA GLU C 258 -3.31 10.62 63.13
C GLU C 258 -1.85 11.04 63.14
N ALA C 259 -1.57 12.20 62.58
CA ALA C 259 -0.21 12.68 62.42
C ALA C 259 0.17 13.61 63.55
N GLN C 260 1.46 13.75 63.79
CA GLN C 260 1.99 14.79 64.66
C GLN C 260 3.14 15.51 63.97
N LEU C 261 3.30 16.79 64.29
CA LEU C 261 4.44 17.56 63.84
C LEU C 261 5.28 17.89 65.07
N ARG C 262 6.38 17.15 65.24
CA ARG C 262 7.40 17.39 66.27
C ARG C 262 6.80 17.33 67.68
N GLY C 263 5.89 16.39 67.88
CA GLY C 263 5.21 16.24 69.15
C GLY C 263 3.87 16.94 69.25
N LYS C 264 3.59 17.88 68.36
CA LYS C 264 2.31 18.59 68.34
C LYS C 264 1.37 17.84 67.41
N HIS C 265 0.22 17.44 67.93
CA HIS C 265 -0.76 16.72 67.12
C HIS C 265 -1.35 17.61 66.05
N ILE C 266 -1.45 17.09 64.84
CA ILE C 266 -2.06 17.80 63.72
C ILE C 266 -3.11 16.91 63.09
N ARG C 267 -4.12 17.53 62.49
CA ARG C 267 -5.18 16.79 61.83
C ARG C 267 -4.71 16.34 60.45
N LEU C 268 -5.50 15.46 59.85
CA LEU C 268 -5.15 14.90 58.54
C LEU C 268 -6.42 14.45 57.85
N TYR C 269 -6.41 14.52 56.53
CA TYR C 269 -7.53 14.08 55.72
C TYR C 269 -7.14 12.77 55.04
N VAL C 270 -7.83 11.70 55.39
CA VAL C 270 -7.56 10.39 54.82
C VAL C 270 -8.52 10.18 53.66
N ALA C 271 -7.97 10.00 52.47
CA ALA C 271 -8.79 9.69 51.31
C ALA C 271 -8.89 8.20 51.07
N ALA C 272 -7.86 7.44 51.45
CA ALA C 272 -7.86 6.00 51.27
C ALA C 272 -7.02 5.38 52.38
N GLU C 273 -7.68 4.82 53.38
CA GLU C 273 -6.97 4.18 54.47
C GLU C 273 -6.37 2.87 53.99
N PRO C 274 -5.09 2.62 54.25
CA PRO C 274 -4.48 1.37 53.79
C PRO C 274 -5.03 0.16 54.52
N LEU C 275 -4.90 -0.97 53.87
CA LEU C 275 -5.37 -2.22 54.44
C LEU C 275 -4.36 -2.71 55.47
N ALA C 276 -4.87 -3.15 56.63
CA ALA C 276 -4.02 -3.49 57.77
C ALA C 276 -4.41 -4.86 58.30
N TYR C 277 -3.41 -5.72 58.51
CA TYR C 277 -3.63 -7.09 58.95
C TYR C 277 -2.57 -7.45 59.99
N GLU C 278 -2.45 -8.77 60.27
CA GLU C 278 -1.43 -9.24 61.20
C GLU C 278 -0.02 -9.04 60.62
N ARG C 279 0.08 -8.91 59.30
CA ARG C 279 1.22 -8.24 58.70
C ARG C 279 1.33 -6.86 59.33
N ASP C 280 2.37 -6.68 60.16
CA ASP C 280 2.53 -5.43 60.89
C ASP C 280 2.81 -4.28 59.94
N LYS C 281 3.69 -4.49 58.97
CA LYS C 281 3.73 -3.61 57.82
C LYS C 281 2.45 -3.79 57.03
N LEU C 282 1.91 -2.71 56.52
CA LEU C 282 0.60 -2.73 55.91
C LEU C 282 0.67 -2.15 54.50
N LEU C 283 -0.16 -2.71 53.63
CA LEU C 283 -0.10 -2.42 52.21
C LEU C 283 -1.06 -1.27 51.89
N PHE C 284 -0.61 -0.38 51.00
CA PHE C 284 -1.41 0.74 50.55
C PHE C 284 -2.10 0.40 49.25
N THR C 285 -3.28 0.99 49.06
CA THR C 285 -4.04 0.81 47.84
C THR C 285 -3.82 1.93 46.85
N THR C 286 -2.71 2.64 46.97
CA THR C 286 -2.47 3.83 46.18
C THR C 286 -1.75 3.45 44.89
N PRO C 287 -1.87 4.26 43.83
CA PRO C 287 -1.29 3.85 42.54
C PRO C 287 0.23 3.81 42.50
N VAL C 288 0.93 4.65 43.26
CA VAL C 288 2.39 4.58 43.19
C VAL C 288 2.90 3.32 43.87
N ALA C 289 2.23 2.87 44.93
CA ALA C 289 2.63 1.61 45.54
C ALA C 289 2.27 0.41 44.69
N HIS C 290 1.47 0.59 43.64
CA HIS C 290 1.19 -0.51 42.73
C HIS C 290 2.39 -0.84 41.85
N LEU C 291 3.29 0.12 41.65
CA LEU C 291 4.39 -0.11 40.72
C LEU C 291 5.76 0.15 41.34
N HIS C 292 5.86 0.13 42.67
CA HIS C 292 7.11 0.48 43.32
C HIS C 292 8.19 -0.58 43.08
N GLU C 293 7.79 -1.86 43.16
CA GLU C 293 8.73 -2.96 42.97
C GLU C 293 9.34 -2.95 41.57
N GLU C 294 8.54 -2.61 40.57
CA GLU C 294 9.01 -2.67 39.19
C GLU C 294 10.02 -1.57 38.91
N ILE C 295 9.80 -0.38 39.43
CA ILE C 295 10.78 0.67 39.19
C ILE C 295 12.01 0.48 40.07
N LEU C 296 11.88 -0.23 41.19
CA LEU C 296 13.08 -0.61 41.93
C LEU C 296 13.90 -1.63 41.14
N ARG C 297 13.21 -2.54 40.45
CA ARG C 297 13.87 -3.45 39.53
C ARG C 297 14.57 -2.69 38.41
N TYR C 298 13.95 -1.63 37.91
CA TYR C 298 14.56 -0.83 36.87
C TYR C 298 15.82 -0.14 37.37
N ASP C 299 15.77 0.42 38.58
CA ASP C 299 16.95 1.13 39.08
C ASP C 299 18.07 0.15 39.41
N GLY C 300 17.72 -1.04 39.91
CA GLY C 300 18.72 -2.07 40.11
C GLY C 300 19.35 -2.51 38.80
N LEU C 301 18.55 -2.54 37.73
CA LEU C 301 19.10 -2.87 36.43
C LEU C 301 19.99 -1.75 35.90
N CYS C 302 19.66 -0.51 36.22
CA CYS C 302 20.52 0.60 35.79
C CYS C 302 21.87 0.55 36.49
N ARG C 303 21.86 0.29 37.79
CA ARG C 303 23.11 0.13 38.54
C ARG C 303 23.89 -1.08 38.03
N HIS C 304 23.18 -2.15 37.70
CA HIS C 304 23.82 -3.36 37.20
C HIS C 304 24.45 -3.13 35.84
N GLN C 305 23.77 -2.38 34.97
CA GLN C 305 24.30 -2.09 33.65
C GLN C 305 25.51 -1.18 33.74
N LYS C 306 25.48 -0.21 34.65
CA LYS C 306 26.65 0.65 34.83
C LYS C 306 27.83 -0.14 35.37
N ILE C 307 27.59 -1.04 36.32
CA ILE C 307 28.72 -1.73 36.92
C ILE C 307 29.23 -2.85 36.02
N CYS C 308 28.40 -3.37 35.12
CA CYS C 308 28.89 -4.30 34.12
C CYS C 308 29.44 -3.59 32.90
N GLN C 309 29.21 -2.29 32.79
CA GLN C 309 29.93 -1.53 31.80
C GLN C 309 31.32 -1.16 32.30
N LEU C 310 31.42 -0.75 33.55
CA LEU C 310 32.67 -0.31 34.16
C LEU C 310 33.62 -1.45 34.47
N LEU C 311 33.24 -2.69 34.22
CA LEU C 311 34.08 -3.83 34.52
C LEU C 311 34.52 -4.55 33.25
N ASN C 312 34.16 -4.02 32.08
CA ASN C 312 34.53 -4.59 30.80
C ASN C 312 35.33 -3.61 29.94
N THR C 313 35.89 -2.56 30.56
CA THR C 313 36.46 -1.46 29.79
C THR C 313 37.78 -1.84 29.13
N PHE C 314 38.54 -2.70 29.77
CA PHE C 314 39.81 -3.08 29.18
C PHE C 314 39.59 -4.07 28.03
N PRO C 315 40.48 -4.07 27.03
CA PRO C 315 40.34 -5.04 25.94
C PRO C 315 40.58 -6.48 26.34
N VAL C 316 41.69 -6.75 27.03
CA VAL C 316 42.07 -8.11 27.33
C VAL C 316 41.90 -8.36 28.82
N LYS C 317 41.75 -9.64 29.17
CA LYS C 317 41.68 -10.06 30.55
C LYS C 317 42.62 -11.23 30.75
N VAL C 318 43.39 -11.19 31.84
CA VAL C 318 44.37 -12.22 32.13
C VAL C 318 44.03 -12.82 33.48
N VAL C 319 44.58 -14.00 33.76
CA VAL C 319 44.53 -14.61 35.08
C VAL C 319 45.96 -14.88 35.51
N THR C 320 46.18 -14.96 36.82
CA THR C 320 47.49 -15.34 37.33
C THR C 320 47.39 -15.87 38.76
N ASP C 488 35.22 16.45 33.22
CA ASP C 488 36.43 15.78 32.75
C ASP C 488 36.41 15.64 31.24
N ALA C 489 36.56 16.76 30.54
CA ALA C 489 36.58 16.77 29.08
C ALA C 489 37.99 16.83 28.53
N GLU C 490 38.96 16.28 29.26
CA GLU C 490 40.37 16.44 28.90
C GLU C 490 40.75 15.57 27.72
N LEU C 491 39.92 14.58 27.39
CA LEU C 491 40.22 13.74 26.23
C LEU C 491 39.89 14.44 24.93
N TYR C 492 38.99 15.41 24.96
CA TYR C 492 38.52 16.00 23.71
C TYR C 492 39.51 17.00 23.14
N HIS C 493 39.83 18.05 23.90
CA HIS C 493 40.63 19.16 23.40
C HIS C 493 42.04 18.72 23.08
N LEU C 494 42.61 17.85 23.89
CA LEU C 494 44.00 17.47 23.75
C LEU C 494 44.16 16.51 22.59
N PRO C 495 45.22 16.65 21.78
CA PRO C 495 45.33 15.85 20.56
C PRO C 495 45.68 14.40 20.82
N VAL C 496 45.71 13.62 19.75
CA VAL C 496 45.72 12.17 19.84
C VAL C 496 47.05 11.60 20.31
N LEU C 497 48.16 12.28 20.02
CA LEU C 497 49.49 11.80 20.41
C LEU C 497 49.66 11.72 21.91
N GLU C 498 49.06 12.63 22.67
CA GLU C 498 49.06 12.53 24.12
C GLU C 498 47.81 11.82 24.63
N ALA C 499 46.75 11.76 23.82
CA ALA C 499 45.53 11.07 24.22
C ALA C 499 45.73 9.58 24.32
N VAL C 500 46.48 9.00 23.36
CA VAL C 500 46.74 7.57 23.42
C VAL C 500 47.69 7.24 24.56
N ARG C 501 48.45 8.22 25.03
CA ARG C 501 49.29 8.05 26.19
C ARG C 501 48.49 8.13 27.48
N LYS C 502 47.57 9.10 27.56
CA LYS C 502 46.78 9.29 28.75
C LYS C 502 45.74 8.19 28.92
N ALA C 503 45.29 7.59 27.82
CA ALA C 503 44.31 6.51 27.92
C ALA C 503 44.91 5.27 28.56
N ARG C 504 46.19 4.98 28.30
CA ARG C 504 46.79 3.75 28.80
C ARG C 504 46.99 3.80 30.30
N ASP C 505 47.32 4.95 30.84
CA ASP C 505 47.41 5.11 32.29
C ASP C 505 46.07 5.48 32.91
N ALA C 506 45.09 5.86 32.08
CA ALA C 506 43.75 6.12 32.59
C ALA C 506 43.04 4.84 32.97
N ALA C 507 43.42 3.72 32.37
CA ALA C 507 42.89 2.41 32.72
C ALA C 507 44.08 1.47 32.84
N PRO C 508 44.65 1.32 34.03
CA PRO C 508 45.80 0.45 34.20
C PRO C 508 45.43 -1.01 34.05
N PHE C 509 46.30 -1.73 33.35
CA PHE C 509 46.17 -3.16 33.14
C PHE C 509 46.39 -3.85 34.48
N ARG C 510 45.40 -4.59 34.94
CA ARG C 510 45.54 -5.26 36.23
C ARG C 510 45.22 -6.74 36.12
N PRO C 511 46.09 -7.60 36.60
CA PRO C 511 45.79 -9.03 36.63
C PRO C 511 44.98 -9.44 37.86
N LEU C 512 44.81 -10.74 38.06
CA LEU C 512 44.04 -11.26 39.18
C LEU C 512 44.53 -12.66 39.53
N ALA C 513 44.65 -12.94 40.83
CA ALA C 513 45.42 -14.09 41.27
C ALA C 513 44.89 -14.65 42.58
N VAL C 514 44.94 -15.97 42.69
CA VAL C 514 44.69 -16.72 43.93
C VAL C 514 45.61 -17.92 43.91
N GLU C 515 46.30 -18.20 45.02
CA GLU C 515 47.19 -19.35 45.12
C GLU C 515 46.41 -20.65 45.02
N ASP C 516 46.96 -21.61 44.28
CA ASP C 516 46.50 -22.99 44.25
C ASP C 516 47.67 -23.90 43.92
N ASN C 517 47.68 -25.08 44.52
CA ASN C 517 48.80 -26.02 44.41
C ASN C 517 48.47 -27.09 43.38
N ARG C 518 49.39 -27.28 42.41
CA ARG C 518 49.37 -28.33 41.40
C ARG C 518 48.12 -28.33 40.53
N LEU C 519 47.40 -27.21 40.45
CA LEU C 519 46.05 -27.18 39.89
C LEU C 519 45.70 -25.75 39.54
N VAL C 520 45.47 -25.50 38.24
CA VAL C 520 45.21 -24.17 37.72
C VAL C 520 43.84 -24.23 37.05
N ALA C 521 43.42 -23.15 36.42
CA ALA C 521 42.06 -23.03 35.93
C ALA C 521 41.87 -23.58 34.52
N ASN C 522 40.66 -24.05 34.26
CA ASN C 522 40.16 -24.22 32.89
C ASN C 522 38.98 -23.29 32.71
N SER C 523 39.24 -22.09 32.20
CA SER C 523 38.38 -20.94 32.43
C SER C 523 37.43 -20.70 31.28
N PHE C 524 36.44 -19.84 31.52
CA PHE C 524 35.49 -19.42 30.52
C PHE C 524 35.25 -17.93 30.68
N PHE C 525 34.81 -17.30 29.59
CA PHE C 525 34.66 -15.85 29.53
C PHE C 525 33.24 -15.52 29.14
N SER C 526 32.70 -14.45 29.75
CA SER C 526 31.33 -14.01 29.53
C SER C 526 31.36 -12.52 29.22
N GLN C 527 30.69 -12.13 28.16
CA GLN C 527 30.59 -10.72 27.78
C GLN C 527 29.12 -10.44 27.48
N PHE C 528 28.47 -9.73 28.40
CA PHE C 528 27.12 -9.27 28.12
C PHE C 528 26.89 -7.96 28.84
N VAL C 529 25.87 -7.25 28.39
CA VAL C 529 25.36 -6.05 29.03
C VAL C 529 23.85 -6.20 29.03
N PRO C 530 23.15 -5.95 30.15
CA PRO C 530 21.69 -6.06 30.16
C PRO C 530 21.01 -5.00 29.31
N GLY C 531 20.01 -5.43 28.56
CA GLY C 531 19.27 -4.52 27.70
C GLY C 531 18.29 -3.68 28.50
N THR C 532 18.38 -2.35 28.36
CA THR C 532 17.51 -1.47 29.12
C THR C 532 16.22 -1.17 28.37
N GLU C 533 16.23 -1.34 27.05
CA GLU C 533 15.14 -0.78 26.25
C GLU C 533 13.87 -1.60 26.37
N SER C 534 13.98 -2.90 26.67
CA SER C 534 12.80 -3.74 26.75
C SER C 534 11.96 -3.39 27.97
N LEU C 535 12.56 -3.45 29.15
CA LEU C 535 11.81 -3.04 30.33
C LEU C 535 11.65 -1.54 30.42
N GLU C 536 12.42 -0.75 29.66
CA GLU C 536 12.17 0.68 29.60
C GLU C 536 10.85 0.96 28.89
N ARG C 537 10.65 0.30 27.74
CA ARG C 537 9.37 0.39 27.05
C ARG C 537 8.25 -0.19 27.90
N PHE C 538 8.54 -1.28 28.62
CA PHE C 538 7.53 -1.90 29.45
C PHE C 538 7.13 -1.01 30.63
N LEU C 539 8.10 -0.39 31.27
CA LEU C 539 7.83 0.47 32.40
C LEU C 539 7.16 1.77 31.99
N THR C 540 7.53 2.33 30.84
CA THR C 540 6.86 3.53 30.40
C THR C 540 5.43 3.25 29.97
N GLN C 541 5.20 2.09 29.34
CA GLN C 541 3.83 1.70 29.03
C GLN C 541 3.03 1.44 30.29
N LEU C 542 3.68 0.88 31.31
CA LEU C 542 3.01 0.61 32.57
C LEU C 542 2.65 1.91 33.28
N TRP C 543 3.55 2.88 33.27
CA TRP C 543 3.27 4.18 33.85
C TRP C 543 2.18 4.90 33.07
N GLU C 544 2.19 4.73 31.75
CA GLU C 544 1.22 5.39 30.88
C GLU C 544 -0.19 4.89 31.13
N ASN C 545 -0.40 3.58 31.01
CA ASN C 545 -1.75 3.11 31.25
C ASN C 545 -2.10 3.13 32.72
N GLU C 546 -1.12 3.24 33.62
CA GLU C 546 -1.43 3.44 35.03
C GLU C 546 -2.10 4.78 35.26
N TYR C 547 -1.45 5.87 34.84
CA TYR C 547 -2.07 7.16 35.05
C TYR C 547 -3.14 7.47 34.02
N PHE C 548 -3.43 6.53 33.11
CA PHE C 548 -4.61 6.74 32.28
C PHE C 548 -5.81 5.98 32.81
N ARG C 549 -5.60 4.84 33.48
CA ARG C 549 -6.75 4.24 34.12
C ARG C 549 -7.11 4.98 35.39
N THR C 550 -6.17 5.15 36.33
CA THR C 550 -6.60 5.58 37.65
C THR C 550 -6.90 7.07 37.72
N PHE C 551 -6.56 7.83 36.69
CA PHE C 551 -7.21 9.10 36.42
C PHE C 551 -7.39 9.15 34.92
N ARG C 552 -8.57 9.55 34.46
CA ARG C 552 -8.85 9.44 33.02
C ARG C 552 -8.35 10.70 32.31
N LEU C 553 -7.03 10.82 32.25
CA LEU C 553 -6.42 11.93 31.54
C LEU C 553 -6.69 11.78 30.05
N ARG C 554 -7.24 12.83 29.45
CA ARG C 554 -7.56 12.74 28.03
C ARG C 554 -6.29 12.94 27.21
N ARG C 555 -6.35 12.47 25.96
CA ARG C 555 -5.27 12.66 25.00
C ARG C 555 -5.88 13.34 23.78
N LEU C 556 -6.01 14.66 23.84
CA LEU C 556 -6.53 15.39 22.69
C LEU C 556 -5.43 15.48 21.63
N VAL C 557 -5.74 15.00 20.42
CA VAL C 557 -4.81 15.07 19.30
C VAL C 557 -5.56 15.45 18.04
N THR C 558 -4.83 16.02 17.09
CA THR C 558 -5.34 16.17 15.74
C THR C 558 -5.04 14.90 14.94
N HIS C 559 -5.52 14.87 13.70
CA HIS C 559 -5.40 13.66 12.89
C HIS C 559 -3.94 13.41 12.51
N GLN C 560 -3.55 12.13 12.55
CA GLN C 560 -2.18 11.60 12.63
C GLN C 560 -1.28 12.44 13.53
N GLY C 561 -1.81 12.85 14.68
CA GLY C 561 -1.08 13.69 15.61
C GLY C 561 -0.74 12.91 16.86
N ALA C 562 0.48 13.08 17.33
CA ALA C 562 1.00 12.26 18.41
C ALA C 562 1.11 13.08 19.69
N GLU C 563 0.24 12.76 20.65
CA GLU C 563 0.16 13.32 22.02
C GLU C 563 0.31 14.84 22.06
N GLU C 564 -0.67 15.50 21.44
CA GLU C 564 -0.69 16.96 21.43
C GLU C 564 -0.82 17.53 22.83
N ALA C 565 -1.65 16.91 23.67
CA ALA C 565 -1.79 17.36 25.04
C ALA C 565 -2.34 16.21 25.88
N ILE C 566 -1.88 16.15 27.12
CA ILE C 566 -2.48 15.32 28.16
C ILE C 566 -3.03 16.27 29.20
N VAL C 567 -4.34 16.20 29.44
CA VAL C 567 -5.00 17.21 30.24
C VAL C 567 -6.09 16.56 31.08
N TYR C 568 -6.53 17.28 32.11
CA TYR C 568 -7.54 16.80 33.03
C TYR C 568 -8.87 16.63 32.34
N SER C 569 -9.61 15.61 32.74
CA SER C 569 -10.96 15.38 32.27
C SER C 569 -11.91 15.40 33.45
N ASN C 570 -13.16 14.99 33.19
CA ASN C 570 -14.23 15.12 34.19
C ASN C 570 -13.99 14.26 35.41
N TYR C 571 -13.43 13.08 35.22
CA TYR C 571 -13.19 12.22 36.37
C TYR C 571 -12.02 12.72 37.21
N THR C 572 -11.04 13.36 36.57
CA THR C 572 -9.82 13.75 37.28
C THR C 572 -10.10 14.87 38.27
N VAL C 573 -10.86 15.88 37.84
CA VAL C 573 -11.17 16.99 38.73
C VAL C 573 -12.05 16.52 39.88
N GLU C 574 -12.99 15.62 39.60
CA GLU C 574 -13.80 14.99 40.63
C GLU C 574 -12.95 14.17 41.59
N ARG C 575 -11.85 13.60 41.11
CA ARG C 575 -11.10 12.75 42.00
C ARG C 575 -10.12 13.53 42.87
N VAL C 576 -9.51 14.60 42.37
CA VAL C 576 -8.45 15.28 43.09
C VAL C 576 -8.83 16.70 43.52
N THR C 577 -9.50 17.48 42.67
CA THR C 577 -9.64 18.89 43.04
C THR C 577 -10.82 19.09 43.98
N LEU C 578 -11.95 18.48 43.66
CA LEU C 578 -13.10 18.58 44.53
C LEU C 578 -12.90 17.99 45.93
N PRO C 579 -12.19 16.87 46.15
CA PRO C 579 -11.91 16.49 47.54
C PRO C 579 -10.91 17.40 48.21
N TYR C 580 -10.02 18.01 47.43
CA TYR C 580 -9.12 19.02 47.98
C TYR C 580 -9.91 20.18 48.53
N LEU C 581 -10.86 20.69 47.76
CA LEU C 581 -11.70 21.76 48.27
C LEU C 581 -12.73 21.25 49.27
N CYS C 582 -12.94 19.95 49.35
CA CYS C 582 -13.77 19.40 50.41
C CYS C 582 -13.06 19.50 51.75
N HIS C 583 -11.73 19.34 51.76
CA HIS C 583 -11.05 19.51 53.05
C HIS C 583 -10.48 20.92 53.24
N ILE C 584 -10.50 21.78 52.23
CA ILE C 584 -10.29 23.21 52.48
C ILE C 584 -11.61 23.88 52.83
N LEU C 585 -12.73 23.18 52.59
CA LEU C 585 -14.09 23.63 52.90
C LEU C 585 -14.46 24.92 52.17
N ALA C 586 -13.83 25.17 51.03
CA ALA C 586 -14.35 26.19 50.13
C ALA C 586 -15.44 25.64 49.24
N LEU C 587 -15.70 24.33 49.30
CA LEU C 587 -16.58 23.65 48.37
C LEU C 587 -18.05 23.97 48.59
N GLY C 588 -18.41 24.56 49.74
CA GLY C 588 -19.79 24.90 50.02
C GLY C 588 -20.34 26.01 49.15
N THR C 589 -19.49 26.72 48.41
CA THR C 589 -19.92 27.75 47.49
C THR C 589 -19.54 27.46 46.04
N LEU C 590 -18.71 26.47 45.76
CA LEU C 590 -18.09 26.31 44.46
C LEU C 590 -18.67 25.11 43.72
N ASP C 591 -18.08 24.83 42.56
CA ASP C 591 -18.60 23.84 41.62
C ASP C 591 -17.47 23.44 40.68
N PRO C 592 -17.53 22.26 40.08
CA PRO C 592 -16.47 21.87 39.13
C PRO C 592 -16.53 22.68 37.86
N VAL C 593 -15.38 22.81 37.23
CA VAL C 593 -15.31 23.40 35.90
C VAL C 593 -15.41 22.25 34.90
N PRO C 594 -16.10 22.42 33.78
CA PRO C 594 -16.00 21.42 32.71
C PRO C 594 -14.59 21.42 32.14
N GLU C 595 -14.18 20.24 31.70
CA GLU C 595 -12.78 20.03 31.33
C GLU C 595 -12.44 20.73 30.03
N ALA C 596 -13.41 20.89 29.14
CA ALA C 596 -13.20 21.67 27.94
C ALA C 596 -12.97 23.14 28.25
N TYR C 597 -13.53 23.63 29.35
CA TYR C 597 -13.33 25.02 29.75
C TYR C 597 -11.96 25.21 30.36
N LEU C 598 -11.38 24.14 30.89
CA LEU C 598 -10.14 24.25 31.64
C LEU C 598 -8.97 24.60 30.75
N GLN C 599 -8.98 24.15 29.51
CA GLN C 599 -7.87 24.39 28.61
C GLN C 599 -7.78 25.84 28.15
N LEU C 600 -8.85 26.61 28.33
CA LEU C 600 -8.86 28.01 27.91
C LEU C 600 -7.99 28.87 28.82
N SER C 601 -7.93 30.16 28.52
CA SER C 601 -6.97 31.05 29.16
C SER C 601 -7.37 31.39 30.59
N PHE C 602 -6.51 32.19 31.21
CA PHE C 602 -6.80 32.74 32.52
C PHE C 602 -7.90 33.79 32.43
N GLY C 603 -8.03 34.43 31.27
CA GLY C 603 -8.99 35.50 31.10
C GLY C 603 -10.11 35.15 30.15
N GLU C 604 -9.87 34.21 29.24
CA GLU C 604 -10.90 33.73 28.35
C GLU C 604 -11.92 32.87 29.06
N ILE C 605 -11.55 32.31 30.22
CA ILE C 605 -12.41 31.36 30.92
C ILE C 605 -13.68 32.04 31.42
N VAL C 606 -13.59 33.31 31.85
CA VAL C 606 -14.78 33.95 32.39
C VAL C 606 -15.73 34.35 31.28
N ALA C 607 -15.20 34.58 30.07
CA ALA C 607 -16.03 35.01 28.95
C ALA C 607 -16.97 33.90 28.51
N ALA C 608 -16.55 32.65 28.69
CA ALA C 608 -17.48 31.56 28.50
C ALA C 608 -18.16 31.14 29.79
N ALA C 609 -17.60 31.53 30.94
CA ALA C 609 -18.18 31.11 32.21
C ALA C 609 -19.48 31.84 32.49
N TYR C 610 -19.50 33.17 32.39
CA TYR C 610 -20.80 33.80 32.53
C TYR C 610 -21.63 33.70 31.28
N ASP C 611 -21.05 33.26 30.16
CA ASP C 611 -21.89 32.88 29.03
C ASP C 611 -22.64 31.59 29.33
N ASP C 612 -22.06 30.72 30.16
CA ASP C 612 -22.77 29.53 30.59
C ASP C 612 -23.92 29.86 31.52
N SER C 613 -23.81 30.96 32.26
CA SER C 613 -24.92 31.45 33.05
C SER C 613 -25.92 32.20 32.18
N LYS C 614 -26.93 32.77 32.81
CA LYS C 614 -27.98 33.48 32.09
C LYS C 614 -27.68 34.95 31.90
N PHE C 615 -26.43 35.37 32.12
CA PHE C 615 -26.08 36.77 31.94
C PHE C 615 -26.13 37.17 30.47
N CYS C 616 -25.52 36.36 29.61
CA CYS C 616 -25.65 36.57 28.18
C CYS C 616 -26.94 35.98 27.62
N ARG C 617 -27.72 35.29 28.45
CA ARG C 617 -29.01 34.76 28.01
C ARG C 617 -30.18 35.65 28.40
N TYR C 618 -30.03 36.46 29.45
CA TYR C 618 -31.03 37.49 29.70
C TYR C 618 -30.88 38.64 28.72
N VAL C 619 -29.69 38.79 28.13
CA VAL C 619 -29.45 39.76 27.06
C VAL C 619 -30.34 39.49 25.86
N GLU C 620 -30.56 38.20 25.53
CA GLU C 620 -31.41 37.89 24.39
C GLU C 620 -32.88 38.20 24.67
N LEU C 621 -33.32 38.04 25.92
CA LEU C 621 -34.70 38.35 26.22
C LEU C 621 -34.95 39.84 26.32
N ILE C 622 -33.99 40.59 26.88
CA ILE C 622 -34.15 42.04 26.85
C ILE C 622 -33.91 42.59 25.45
N CYS C 623 -33.17 41.87 24.60
CA CYS C 623 -33.08 42.14 23.18
C CYS C 623 -34.43 42.01 22.50
N SER C 624 -35.15 40.91 22.75
CA SER C 624 -36.47 40.74 22.18
C SER C 624 -37.46 41.74 22.75
N ARG C 625 -37.28 42.11 24.02
CA ARG C 625 -38.16 43.10 24.64
C ARG C 625 -37.92 44.48 24.06
N GLU C 626 -36.67 44.84 23.78
CA GLU C 626 -36.38 46.13 23.16
C GLU C 626 -36.80 46.15 21.70
N LYS C 627 -36.64 45.02 21.00
CA LYS C 627 -37.07 44.97 19.60
C LYS C 627 -38.60 45.01 19.51
N ALA C 628 -39.31 44.49 20.51
CA ALA C 628 -40.75 44.69 20.56
C ALA C 628 -41.11 46.11 20.95
N ARG C 629 -40.34 46.70 21.88
CA ARG C 629 -40.62 48.02 22.42
C ARG C 629 -40.49 49.10 21.36
N ARG C 630 -39.54 48.96 20.44
CA ARG C 630 -39.44 49.88 19.34
C ARG C 630 -40.03 49.34 18.04
N ARG C 631 -40.43 48.07 18.00
CA ARG C 631 -41.13 47.56 16.83
C ARG C 631 -42.59 47.98 16.86
N GLN C 632 -43.20 48.05 18.04
CA GLN C 632 -44.52 48.64 18.16
C GLN C 632 -44.48 50.16 18.00
N MET C 633 -43.29 50.76 18.14
CA MET C 633 -43.12 52.17 17.76
C MET C 633 -43.01 52.30 16.25
N SER C 634 -42.29 51.40 15.59
CA SER C 634 -42.14 51.46 14.14
C SER C 634 -43.38 50.92 13.43
N ARG C 635 -43.91 49.80 13.90
CA ARG C 635 -45.00 49.12 13.21
C ARG C 635 -46.17 48.83 14.15
N UNK D 1 -24.73 61.08 22.41
CA UNK D 1 -23.85 60.18 21.66
C UNK D 1 -22.71 59.67 22.53
N UNK D 2 -22.96 58.58 23.27
CA UNK D 2 -21.98 58.03 24.20
C UNK D 2 -22.10 56.52 24.23
N UNK D 3 -21.16 55.89 24.94
CA UNK D 3 -21.09 54.43 24.99
C UNK D 3 -22.20 53.87 25.88
N UNK D 4 -22.27 52.54 25.94
CA UNK D 4 -23.31 51.90 26.72
C UNK D 4 -22.81 51.40 28.06
N UNK D 5 -21.52 51.14 28.18
CA UNK D 5 -20.91 50.80 29.45
C UNK D 5 -19.68 51.64 29.74
N UNK D 6 -18.91 51.98 28.72
CA UNK D 6 -17.71 52.79 28.91
C UNK D 6 -18.03 54.26 29.12
N UNK D 7 -19.26 54.70 28.80
CA UNK D 7 -19.62 56.09 29.05
C UNK D 7 -19.77 56.35 30.54
N UNK D 8 -20.33 55.40 31.28
CA UNK D 8 -20.32 55.50 32.73
C UNK D 8 -18.93 55.26 33.30
N UNK D 9 -18.06 54.58 32.54
CA UNK D 9 -16.69 54.39 32.99
C UNK D 9 -15.85 55.64 32.77
N UNK D 10 -16.27 56.50 31.84
CA UNK D 10 -15.60 57.78 31.62
C UNK D 10 -16.28 58.90 32.38
N UNK D 11 -17.58 59.09 32.14
CA UNK D 11 -18.39 60.05 32.87
C UNK D 11 -19.27 59.27 33.84
N UNK D 12 -18.86 59.23 35.10
CA UNK D 12 -19.51 58.39 36.10
C UNK D 12 -20.93 58.86 36.39
N UNK D 13 -21.89 57.96 36.22
CA UNK D 13 -23.31 58.29 36.36
C UNK D 13 -23.64 58.39 37.84
N UNK D 14 -23.30 59.54 38.42
CA UNK D 14 -23.66 59.82 39.80
C UNK D 14 -24.90 60.72 39.90
N UNK D 15 -25.03 61.66 38.97
CA UNK D 15 -26.16 62.58 38.97
C UNK D 15 -27.40 61.91 38.43
N ASP E 52 61.93 46.26 3.46
CA ASP E 52 61.11 45.07 3.26
C ASP E 52 60.08 44.95 4.39
N GLU E 53 58.81 44.91 4.01
CA GLU E 53 57.72 44.86 4.98
C GLU E 53 57.22 43.42 5.11
N ALA E 54 57.04 42.97 6.34
CA ALA E 54 56.46 41.65 6.60
C ALA E 54 54.97 41.69 6.31
N VAL E 55 54.55 41.02 5.23
CA VAL E 55 53.19 41.11 4.75
C VAL E 55 52.63 39.70 4.65
N ILE E 56 51.49 39.45 5.29
CA ILE E 56 50.88 38.13 5.21
C ILE E 56 50.23 37.96 3.85
N ASP E 57 50.41 36.78 3.27
CA ASP E 57 50.06 36.48 1.90
C ASP E 57 48.95 35.43 1.87
N ILE E 58 48.04 35.58 0.91
CA ILE E 58 46.91 34.67 0.87
C ILE E 58 46.82 33.86 -0.42
N PHE E 59 47.28 34.43 -1.55
CA PHE E 59 46.87 33.75 -2.77
C PHE E 59 47.69 32.50 -3.12
N PRO E 60 49.01 32.53 -3.43
CA PRO E 60 49.65 31.33 -3.97
C PRO E 60 50.27 30.46 -2.89
N THR E 61 49.54 30.25 -1.80
CA THR E 61 49.89 29.23 -0.84
C THR E 61 49.24 27.92 -1.26
N GLY E 62 49.52 26.87 -0.50
CA GLY E 62 48.82 25.62 -0.74
C GLY E 62 47.34 25.72 -0.47
N GLN E 63 46.95 26.49 0.54
CA GLN E 63 45.57 26.56 1.00
C GLN E 63 44.63 27.21 0.00
N THR E 64 45.16 27.91 -1.00
CA THR E 64 44.30 28.46 -2.04
C THR E 64 44.67 28.02 -3.44
N MET E 65 45.92 27.60 -3.67
CA MET E 65 46.22 27.03 -4.98
C MET E 65 45.62 25.64 -5.10
N SER E 66 45.53 24.92 -3.98
CA SER E 66 44.81 23.65 -3.98
C SER E 66 43.31 23.84 -4.17
N PHE E 67 42.79 25.01 -3.80
CA PHE E 67 41.36 25.28 -3.93
C PHE E 67 40.93 25.29 -5.38
N LEU E 68 41.72 25.90 -6.24
CA LEU E 68 41.38 25.94 -7.65
C LEU E 68 41.48 24.57 -8.29
N ARG E 69 42.37 23.73 -7.79
CA ARG E 69 42.50 22.39 -8.36
C ARG E 69 41.37 21.49 -7.92
N LEU E 70 40.94 21.60 -6.66
CA LEU E 70 39.81 20.81 -6.22
C LEU E 70 38.51 21.35 -6.79
N LEU E 71 38.46 22.63 -7.14
CA LEU E 71 37.21 23.19 -7.61
C LEU E 71 36.93 22.75 -9.04
N HIS E 72 37.97 22.61 -9.85
CA HIS E 72 37.82 22.06 -11.19
C HIS E 72 38.34 20.64 -11.29
N GLY E 73 38.49 19.97 -10.15
CA GLY E 73 38.53 18.53 -10.14
C GLY E 73 39.85 17.88 -10.47
N PHE E 74 40.97 18.55 -10.22
CA PHE E 74 42.23 17.83 -10.31
C PHE E 74 42.37 16.85 -9.16
N LEU E 75 41.89 17.23 -7.98
CA LEU E 75 42.17 16.50 -6.76
C LEU E 75 40.93 15.85 -6.18
N GLY E 76 39.90 16.63 -5.89
CA GLY E 76 38.68 16.08 -5.35
C GLY E 76 37.69 15.74 -6.44
N THR E 77 36.78 14.82 -6.13
CA THR E 77 35.70 14.44 -7.04
C THR E 77 34.51 13.93 -6.25
N CYS E 78 33.32 14.22 -6.75
CA CYS E 78 32.06 13.90 -6.09
C CYS E 78 30.95 14.23 -7.07
N ARG E 79 29.73 13.84 -6.72
CA ARG E 79 28.57 14.29 -7.49
C ARG E 79 28.19 15.74 -7.18
N GLY E 80 28.76 16.34 -6.14
CA GLY E 80 28.49 17.73 -5.86
C GLY E 80 29.31 18.70 -6.69
N GLN E 81 30.34 18.20 -7.35
CA GLN E 81 31.22 19.03 -8.17
C GLN E 81 30.48 19.71 -9.31
N SER E 82 29.37 19.11 -9.76
CA SER E 82 28.59 19.70 -10.83
C SER E 82 27.82 20.93 -10.40
N MET E 83 27.61 21.10 -9.10
CA MET E 83 26.80 22.23 -8.63
C MET E 83 27.61 23.52 -8.65
N HIS E 84 28.91 23.43 -8.84
CA HIS E 84 29.68 24.62 -9.17
C HIS E 84 29.65 24.91 -10.66
N GLN E 85 29.63 23.86 -11.48
CA GLN E 85 29.67 24.09 -12.91
C GLN E 85 28.33 24.57 -13.43
N VAL E 86 27.25 24.31 -12.70
CA VAL E 86 26.00 25.00 -13.03
C VAL E 86 26.06 26.47 -12.62
N LEU E 87 26.91 26.82 -11.66
CA LEU E 87 26.98 28.19 -11.17
C LEU E 87 27.78 29.11 -12.07
N ARG E 88 28.48 28.58 -13.07
CA ARG E 88 29.33 29.39 -13.92
C ARG E 88 28.95 29.21 -15.38
N ASP E 89 27.68 29.25 -15.67
CA ASP E 89 27.26 29.28 -17.06
C ASP E 89 27.49 30.68 -17.61
N PRO E 90 28.43 30.88 -18.53
CA PRO E 90 28.71 32.24 -18.99
C PRO E 90 27.64 32.80 -19.91
N CYS E 91 26.70 31.97 -20.36
CA CYS E 91 25.62 32.49 -21.19
C CYS E 91 24.60 33.26 -20.37
N VAL E 92 24.47 32.98 -19.07
CA VAL E 92 23.45 33.68 -18.29
C VAL E 92 23.88 35.11 -18.02
N LEU E 93 25.17 35.40 -18.05
CA LEU E 93 25.62 36.77 -17.89
C LEU E 93 25.25 37.59 -19.10
N ARG E 94 25.46 37.04 -20.30
CA ARG E 94 25.07 37.76 -21.49
C ARG E 94 23.55 37.82 -21.63
N LYS E 95 22.84 36.85 -21.03
CA LYS E 95 21.38 36.91 -20.98
C LYS E 95 20.92 38.10 -20.16
N GLN E 96 21.46 38.25 -18.94
CA GLN E 96 21.06 39.37 -18.09
C GLN E 96 21.52 40.69 -18.67
N LEU E 97 22.68 40.68 -19.33
CA LEU E 97 23.19 41.89 -19.96
C LEU E 97 22.27 42.36 -21.09
N LEU E 98 21.83 41.43 -21.93
CA LEU E 98 20.96 41.84 -23.02
C LEU E 98 19.58 42.20 -22.50
N TYR E 99 19.13 41.55 -21.44
CA TYR E 99 17.85 41.93 -20.83
C TYR E 99 17.91 43.34 -20.30
N GLY E 100 19.03 43.71 -19.67
CA GLY E 100 19.16 45.05 -19.13
C GLY E 100 19.21 46.10 -20.21
N VAL E 101 19.97 45.84 -21.29
CA VAL E 101 20.09 46.87 -22.31
C VAL E 101 18.80 46.97 -23.13
N CYS E 102 18.09 45.86 -23.34
CA CYS E 102 16.83 45.95 -24.06
C CYS E 102 15.74 46.58 -23.20
N LYS E 103 15.78 46.37 -21.88
CA LYS E 103 14.84 47.05 -21.00
C LYS E 103 15.09 48.55 -20.96
N THR E 104 16.36 48.96 -20.99
CA THR E 104 16.67 50.38 -21.05
C THR E 104 16.30 50.97 -22.41
N LEU E 105 16.34 50.16 -23.46
CA LEU E 105 15.91 50.64 -24.78
C LEU E 105 14.41 50.79 -24.86
N PHE E 106 13.67 49.83 -24.32
CA PHE E 106 12.26 49.69 -24.71
C PHE E 106 11.31 50.48 -23.83
N ASP E 107 11.80 51.48 -23.11
CA ASP E 107 10.89 52.39 -22.43
C ASP E 107 11.10 53.85 -22.83
N THR E 108 11.82 54.12 -23.91
CA THR E 108 12.20 55.50 -24.18
C THR E 108 11.12 56.28 -24.92
N ILE E 109 10.80 55.91 -26.15
CA ILE E 109 9.97 56.77 -26.99
C ILE E 109 8.68 56.01 -27.31
N THR E 110 8.29 55.15 -26.36
CA THR E 110 7.19 54.21 -26.59
C THR E 110 5.83 54.89 -26.62
N VAL E 111 5.73 56.15 -26.16
CA VAL E 111 4.42 56.81 -26.12
C VAL E 111 4.20 57.67 -27.36
N ARG E 112 5.23 58.37 -27.82
CA ARG E 112 5.02 59.36 -28.88
C ARG E 112 5.20 58.74 -30.26
N ARG E 113 6.26 57.96 -30.44
CA ARG E 113 6.63 57.46 -31.76
C ARG E 113 5.66 56.42 -32.29
N VAL E 114 4.96 55.72 -31.40
CA VAL E 114 3.99 54.73 -31.85
C VAL E 114 2.81 55.42 -32.53
N ALA E 115 2.49 56.64 -32.10
CA ALA E 115 1.47 57.41 -32.78
C ALA E 115 1.95 57.91 -34.13
N GLU E 116 3.22 58.33 -34.21
CA GLU E 116 3.75 58.93 -35.43
C GLU E 116 3.90 57.90 -36.53
N GLU E 117 4.46 56.74 -36.22
CA GLU E 117 4.62 55.71 -37.24
C GLU E 117 3.30 55.05 -37.61
N TRP E 118 2.33 54.96 -36.69
CA TRP E 118 1.01 54.51 -37.10
C TRP E 118 0.33 55.54 -37.98
N LYS E 119 0.53 56.83 -37.71
CA LYS E 119 0.06 57.87 -38.62
C LYS E 119 0.69 57.73 -39.99
N LEU E 120 1.97 57.37 -40.04
CA LEU E 120 2.67 57.21 -41.31
C LEU E 120 2.12 56.02 -42.10
N HIS E 121 2.00 54.86 -41.45
CA HIS E 121 1.46 53.69 -42.12
C HIS E 121 -0.03 53.79 -42.37
N ALA E 122 -0.72 54.68 -41.68
CA ALA E 122 -2.14 54.89 -41.95
C ALA E 122 -2.35 55.83 -43.12
N ALA E 123 -1.61 56.93 -43.16
CA ALA E 123 -1.74 57.86 -44.28
C ALA E 123 -1.14 57.29 -45.55
N LEU E 124 -0.18 56.38 -45.43
CA LEU E 124 0.36 55.72 -46.61
C LEU E 124 -0.63 54.73 -47.20
N PHE E 125 -1.45 54.09 -46.37
CA PHE E 125 -2.40 53.07 -46.80
C PHE E 125 -3.63 53.12 -45.91
N PRO E 126 -4.58 54.01 -46.21
CA PRO E 126 -5.78 54.13 -45.37
C PRO E 126 -6.92 53.20 -45.79
N TYR E 127 -6.60 52.14 -46.53
CA TYR E 127 -7.61 51.25 -47.10
C TYR E 127 -8.42 50.55 -46.02
N ARG E 128 -9.74 50.51 -46.23
CA ARG E 128 -10.66 50.00 -45.22
C ARG E 128 -11.96 49.61 -45.90
N ALA E 129 -12.41 48.38 -45.67
CA ALA E 129 -13.67 47.93 -46.24
C ALA E 129 -14.81 48.06 -45.22
N LEU E 130 -14.68 47.40 -44.08
CA LEU E 130 -15.71 47.44 -43.05
C LEU E 130 -15.06 47.53 -41.69
N ASP E 131 -15.79 48.10 -40.74
CA ASP E 131 -15.28 48.30 -39.39
C ASP E 131 -15.92 47.35 -38.38
N GLU E 132 -16.34 46.16 -38.80
CA GLU E 132 -17.06 45.27 -37.89
C GLU E 132 -16.19 44.13 -37.40
N GLU E 133 -15.62 43.35 -38.32
CA GLU E 133 -14.75 42.25 -37.97
C GLU E 133 -13.29 42.50 -38.30
N ASP E 134 -13.01 43.08 -39.46
CA ASP E 134 -11.64 43.14 -39.97
C ASP E 134 -10.79 44.17 -39.24
N LEU E 135 -11.40 45.09 -38.50
CA LEU E 135 -10.64 46.16 -37.87
C LEU E 135 -9.75 45.62 -36.75
N GLU E 136 -10.28 44.72 -35.93
CA GLU E 136 -9.47 44.12 -34.88
C GLU E 136 -8.44 43.17 -35.46
N GLN E 137 -8.72 42.59 -36.63
CA GLN E 137 -7.76 41.68 -37.26
C GLN E 137 -6.57 42.45 -37.81
N TYR E 138 -6.84 43.56 -38.53
CA TYR E 138 -5.78 44.46 -38.97
C TYR E 138 -5.02 45.04 -37.79
N LEU E 139 -5.73 45.32 -36.70
CA LEU E 139 -5.13 45.81 -35.46
C LEU E 139 -4.14 44.81 -34.87
N LEU E 140 -4.56 43.55 -34.77
CA LEU E 140 -3.71 42.57 -34.12
C LEU E 140 -2.54 42.17 -34.99
N VAL E 141 -2.74 42.05 -36.30
CA VAL E 141 -1.60 41.74 -37.17
C VAL E 141 -0.68 42.94 -37.27
N TRP E 142 -1.23 44.16 -37.08
CA TRP E 142 -0.41 45.37 -37.04
C TRP E 142 0.51 45.36 -35.82
N SER E 143 -0.07 45.10 -34.64
CA SER E 143 0.72 45.06 -33.41
C SER E 143 1.76 43.94 -33.45
N ALA E 144 1.38 42.79 -34.01
CA ALA E 144 2.31 41.66 -34.10
C ALA E 144 3.45 41.96 -35.07
N SER E 145 3.14 42.64 -36.17
CA SER E 145 4.17 42.96 -37.15
C SER E 145 5.16 43.98 -36.60
N LEU E 146 4.65 45.00 -35.89
CA LEU E 146 5.55 45.97 -35.27
C LEU E 146 6.44 45.33 -34.23
N ARG E 147 5.84 44.51 -33.34
CA ARG E 147 6.64 43.94 -32.25
C ARG E 147 7.65 42.92 -32.78
N GLN E 148 7.32 42.17 -33.82
CA GLN E 148 8.30 41.24 -34.36
C GLN E 148 9.37 41.96 -35.17
N SER E 149 9.04 43.10 -35.79
CA SER E 149 10.04 43.79 -36.60
C SER E 149 11.07 44.46 -35.71
N VAL E 150 10.62 45.17 -34.66
CA VAL E 150 11.60 45.74 -33.73
C VAL E 150 12.28 44.64 -32.94
N GLN E 151 11.59 43.50 -32.74
CA GLN E 151 12.17 42.36 -32.06
C GLN E 151 13.35 41.81 -32.82
N THR E 152 13.15 41.47 -34.09
CA THR E 152 14.26 40.92 -34.85
C THR E 152 15.31 41.97 -35.20
N GLY E 153 14.94 43.26 -35.20
CA GLY E 153 15.94 44.30 -35.40
C GLY E 153 16.90 44.41 -34.25
N VAL E 154 16.37 44.63 -33.05
CA VAL E 154 17.26 44.71 -31.89
C VAL E 154 17.83 43.34 -31.54
N LEU E 155 17.19 42.26 -31.97
CA LEU E 155 17.76 40.94 -31.74
C LEU E 155 18.99 40.74 -32.59
N GLY E 156 18.93 41.14 -33.86
CA GLY E 156 20.11 41.09 -34.71
C GLY E 156 21.21 42.02 -34.23
N ALA E 157 20.82 43.22 -33.77
CA ALA E 157 21.80 44.18 -33.29
C ALA E 157 22.52 43.69 -32.04
N LEU E 158 21.74 43.30 -31.01
CA LEU E 158 22.31 42.78 -29.78
C LEU E 158 23.04 41.47 -30.00
N ARG E 159 22.54 40.63 -30.90
CA ARG E 159 23.18 39.35 -31.18
C ARG E 159 24.54 39.56 -31.83
N ASP E 160 24.64 40.52 -32.75
CA ASP E 160 25.93 40.76 -33.39
C ASP E 160 26.92 41.39 -32.42
N ILE E 161 26.50 42.43 -31.69
CA ILE E 161 27.42 43.10 -30.78
C ILE E 161 27.73 42.27 -29.54
N LEU E 162 26.93 41.24 -29.27
CA LEU E 162 27.22 40.33 -28.18
C LEU E 162 28.11 39.19 -28.62
N TYR E 163 27.77 38.55 -29.74
CA TYR E 163 28.58 37.44 -30.23
C TYR E 163 29.94 37.89 -30.74
N GLN E 164 30.12 39.18 -31.02
CA GLN E 164 31.44 39.61 -31.42
C GLN E 164 32.39 39.71 -30.22
N TYR E 165 32.02 40.47 -29.20
CA TYR E 165 33.04 40.86 -28.23
C TYR E 165 32.56 40.76 -26.79
N ALA E 166 31.59 39.89 -26.51
CA ALA E 166 31.25 39.64 -25.12
C ALA E 166 31.83 38.34 -24.60
N ASP E 167 32.50 37.57 -25.46
CA ASP E 167 33.04 36.27 -25.04
C ASP E 167 34.43 36.40 -24.45
N ASN E 168 34.56 37.30 -23.48
CA ASN E 168 35.71 37.30 -22.60
C ASN E 168 35.65 36.17 -21.59
N ASP E 169 34.43 35.62 -21.36
CA ASP E 169 34.12 34.45 -20.51
C ASP E 169 34.76 34.51 -19.12
N ASP E 170 34.95 35.71 -18.61
CA ASP E 170 35.59 35.91 -17.32
C ASP E 170 34.67 35.62 -16.15
N TYR E 171 33.37 35.47 -16.42
CA TYR E 171 32.41 35.14 -15.38
C TYR E 171 32.72 33.80 -14.74
N GLY E 172 33.16 32.85 -15.55
CA GLY E 172 33.41 31.50 -15.08
C GLY E 172 34.63 31.38 -14.20
N LEU E 173 35.47 32.40 -14.15
CA LEU E 173 36.55 32.51 -13.19
C LEU E 173 36.20 33.46 -12.07
N TYR E 174 35.33 34.42 -12.37
CA TYR E 174 34.83 35.33 -11.36
C TYR E 174 34.11 34.59 -10.27
N VAL E 175 33.36 33.55 -10.64
CA VAL E 175 32.64 32.84 -9.60
C VAL E 175 33.59 32.00 -8.77
N ASP E 176 34.76 31.61 -9.32
CA ASP E 176 35.72 30.89 -8.48
C ASP E 176 36.35 31.83 -7.48
N TRP E 177 36.71 33.04 -7.92
CA TRP E 177 37.30 33.93 -6.93
C TRP E 177 36.26 34.52 -5.98
N CYS E 178 34.98 34.48 -6.34
CA CYS E 178 33.96 34.90 -5.38
C CYS E 178 33.53 33.76 -4.48
N VAL E 179 33.84 32.51 -4.85
CA VAL E 179 33.46 31.37 -4.02
C VAL E 179 34.62 30.81 -3.21
N THR E 180 35.86 31.15 -3.57
CA THR E 180 37.02 30.55 -2.92
C THR E 180 37.79 31.49 -2.03
N VAL E 181 37.81 32.78 -2.33
CA VAL E 181 38.55 33.74 -1.52
C VAL E 181 37.66 34.96 -1.26
N GLY E 182 36.58 35.08 -2.03
CA GLY E 182 35.67 36.17 -1.81
C GLY E 182 36.15 37.51 -2.32
N LEU E 183 37.18 37.53 -3.16
CA LEU E 183 37.69 38.78 -3.70
C LEU E 183 38.42 38.48 -4.99
N VAL E 184 38.26 39.36 -5.97
CA VAL E 184 38.63 39.07 -7.34
C VAL E 184 39.85 39.90 -7.72
N PRO E 185 40.92 39.27 -8.19
CA PRO E 185 41.96 40.03 -8.87
C PRO E 185 41.56 40.30 -10.30
N LEU E 186 41.90 41.48 -10.78
CA LEU E 186 41.49 41.90 -12.11
C LEU E 186 42.39 43.04 -12.57
N LEU E 187 42.80 43.00 -13.82
CA LEU E 187 43.72 43.96 -14.39
C LEU E 187 43.00 44.76 -15.46
N ASP E 188 42.92 46.07 -15.27
CA ASP E 188 42.15 46.94 -16.16
C ASP E 188 42.94 47.11 -17.44
N VAL E 189 42.62 46.28 -18.43
CA VAL E 189 43.35 46.33 -19.69
C VAL E 189 42.87 47.52 -20.52
N LYS E 190 43.80 48.36 -20.93
CA LYS E 190 43.50 49.52 -21.75
C LYS E 190 44.40 49.49 -22.98
N THR E 191 43.93 50.17 -24.03
CA THR E 191 44.60 50.19 -25.31
C THR E 191 44.71 51.64 -25.80
N LYS E 192 45.10 51.81 -27.05
CA LYS E 192 45.17 53.13 -27.65
C LYS E 192 43.75 53.65 -27.87
N PRO E 193 43.54 54.97 -27.84
CA PRO E 193 42.17 55.50 -27.96
C PRO E 193 41.57 55.38 -29.36
N SER E 194 42.35 54.93 -30.35
CA SER E 194 41.80 54.70 -31.68
C SER E 194 40.85 53.50 -31.68
N GLU E 195 41.12 52.53 -30.82
CA GLU E 195 40.30 51.32 -30.77
C GLU E 195 38.90 51.60 -30.28
N ALA E 196 38.70 52.69 -29.51
CA ALA E 196 37.36 53.19 -29.24
C ALA E 196 36.65 53.60 -30.53
N ALA E 197 37.39 54.20 -31.47
CA ALA E 197 36.77 54.56 -32.74
C ALA E 197 36.53 53.33 -33.61
N GLU E 198 37.35 52.29 -33.48
CA GLU E 198 37.03 51.05 -34.19
C GLU E 198 35.79 50.38 -33.61
N ARG E 199 35.59 50.44 -32.29
CA ARG E 199 34.36 49.93 -31.72
C ARG E 199 33.16 50.77 -32.10
N ALA E 200 33.37 52.09 -32.20
CA ALA E 200 32.32 52.97 -32.71
C ALA E 200 31.96 52.61 -34.14
N GLN E 201 32.99 52.28 -34.95
CA GLN E 201 32.78 51.83 -36.32
C GLN E 201 31.99 50.54 -36.36
N PHE E 202 32.31 49.60 -35.46
CA PHE E 202 31.62 48.31 -35.46
C PHE E 202 30.16 48.46 -35.06
N VAL E 203 29.89 49.24 -34.02
CA VAL E 203 28.51 49.40 -33.60
C VAL E 203 27.74 50.27 -34.59
N ARG E 204 28.43 51.15 -35.32
CA ARG E 204 27.79 51.85 -36.41
C ARG E 204 27.46 50.91 -37.57
N ALA E 205 28.30 49.92 -37.81
CA ALA E 205 27.98 48.94 -38.84
C ALA E 205 26.78 48.08 -38.41
N ALA E 206 26.75 47.71 -37.13
CA ALA E 206 25.61 46.96 -36.59
C ALA E 206 24.32 47.76 -36.68
N VAL E 207 24.38 49.08 -36.44
CA VAL E 207 23.17 49.85 -36.59
C VAL E 207 22.88 50.15 -38.06
N GLN E 208 23.85 49.95 -38.96
CA GLN E 208 23.48 49.95 -40.39
C GLN E 208 22.69 48.69 -40.75
N ARG E 209 23.05 47.55 -40.15
CA ARG E 209 22.20 46.36 -40.30
C ARG E 209 20.83 46.60 -39.70
N ALA E 210 20.78 47.29 -38.56
CA ALA E 210 19.50 47.68 -37.99
C ALA E 210 18.76 48.68 -38.87
N THR E 211 19.50 49.50 -39.62
CA THR E 211 18.91 50.50 -40.51
C THR E 211 18.23 49.84 -41.69
N GLU E 212 18.89 48.86 -42.30
CA GLU E 212 18.21 48.10 -43.33
C GLU E 212 17.19 47.11 -42.76
N THR E 213 17.17 46.90 -41.44
CA THR E 213 16.12 46.07 -40.85
C THR E 213 14.81 46.85 -40.73
N HIS E 214 14.81 47.93 -39.93
CA HIS E 214 13.55 48.59 -39.59
C HIS E 214 13.81 50.01 -39.09
N PRO E 215 12.95 50.98 -39.43
CA PRO E 215 13.23 52.37 -39.03
C PRO E 215 13.03 52.67 -37.55
N LEU E 216 12.04 52.08 -36.89
CA LEU E 216 11.84 52.39 -35.48
C LEU E 216 12.95 51.82 -34.61
N ALA E 217 13.45 50.64 -34.97
CA ALA E 217 14.59 50.06 -34.27
C ALA E 217 15.84 50.91 -34.48
N GLN E 218 16.04 51.44 -35.69
CA GLN E 218 17.19 52.28 -35.92
C GLN E 218 17.05 53.63 -35.23
N ASP E 219 15.81 54.08 -35.00
CA ASP E 219 15.61 55.28 -34.20
C ASP E 219 15.95 55.03 -32.74
N LEU E 220 15.58 53.85 -32.22
CA LEU E 220 15.90 53.51 -30.83
C LEU E 220 17.39 53.38 -30.63
N LEU E 221 18.08 52.73 -31.56
CA LEU E 221 19.53 52.59 -31.39
C LEU E 221 20.26 53.90 -31.70
N GLN E 222 19.74 54.72 -32.60
CA GLN E 222 20.35 56.03 -32.80
C GLN E 222 20.06 56.97 -31.64
N ALA E 223 19.07 56.65 -30.81
CA ALA E 223 18.89 57.37 -29.55
C ALA E 223 19.89 56.91 -28.51
N ASN E 224 20.05 55.60 -28.34
CA ASN E 224 20.78 55.09 -27.18
C ASN E 224 22.16 54.50 -27.52
N LEU E 225 22.71 54.85 -28.69
CA LEU E 225 24.02 54.33 -29.08
C LEU E 225 25.13 54.78 -28.15
N ALA E 226 24.96 55.92 -27.47
CA ALA E 226 25.97 56.41 -26.54
C ALA E 226 26.17 55.44 -25.39
N LEU E 227 25.08 55.06 -24.72
CA LEU E 227 25.22 54.10 -23.64
C LEU E 227 25.49 52.70 -24.18
N LEU E 228 25.10 52.42 -25.43
CA LEU E 228 25.48 51.15 -26.05
C LEU E 228 26.99 51.02 -26.20
N LEU E 229 27.65 52.05 -26.74
CA LEU E 229 29.10 51.98 -26.85
C LEU E 229 29.76 52.10 -25.49
N GLN E 230 29.07 52.73 -24.52
CA GLN E 230 29.61 52.77 -23.16
C GLN E 230 29.69 51.38 -22.56
N VAL E 231 28.60 50.61 -22.63
CA VAL E 231 28.64 49.24 -22.10
C VAL E 231 29.47 48.32 -23.00
N ALA E 232 29.65 48.68 -24.26
CA ALA E 232 30.55 47.92 -25.12
C ALA E 232 31.99 48.06 -24.66
N GLU E 233 32.41 49.30 -24.36
CA GLU E 233 33.79 49.48 -23.94
C GLU E 233 34.00 49.03 -22.51
N ARG E 234 32.96 49.13 -21.67
CA ARG E 234 33.09 48.60 -20.32
C ARG E 234 33.05 47.08 -20.33
N LEU E 235 32.52 46.47 -21.39
CA LEU E 235 32.54 45.02 -21.49
C LEU E 235 33.92 44.51 -21.89
N GLY E 236 34.62 45.25 -22.74
CA GLY E 236 36.00 44.91 -23.00
C GLY E 236 37.00 45.59 -22.10
N ALA E 237 36.56 46.05 -20.93
CA ALA E 237 37.41 46.92 -20.13
C ALA E 237 38.42 46.13 -19.32
N VAL E 238 38.02 44.96 -18.79
CA VAL E 238 38.84 44.27 -17.81
C VAL E 238 38.84 42.78 -18.12
N ARG E 239 39.85 42.11 -17.62
CA ARG E 239 39.88 40.67 -17.56
C ARG E 239 39.73 40.25 -16.10
N VAL E 240 39.88 38.95 -15.85
CA VAL E 240 39.69 38.38 -14.53
C VAL E 240 41.03 38.05 -13.88
N ALA E 241 42.12 38.60 -14.41
CA ALA E 241 43.50 38.32 -14.01
C ALA E 241 43.84 36.83 -14.10
N ASN E 242 43.53 36.24 -15.25
CA ASN E 242 43.89 34.85 -15.50
C ASN E 242 45.26 34.82 -16.16
N ALA E 243 46.28 34.98 -15.33
CA ALA E 243 47.67 34.97 -15.77
C ALA E 243 48.53 34.41 -14.65
N PRO E 244 49.66 33.79 -14.99
CA PRO E 244 50.58 33.32 -13.94
C PRO E 244 51.27 34.48 -13.26
N GLU E 245 51.89 34.16 -12.11
CA GLU E 245 52.62 35.12 -11.27
C GLU E 245 51.74 36.28 -10.83
N VAL E 246 50.53 35.96 -10.41
CA VAL E 246 49.65 36.95 -9.79
C VAL E 246 49.57 36.61 -8.31
N ARG E 247 49.53 37.64 -7.48
CA ARG E 247 49.60 37.45 -6.04
C ARG E 247 48.81 38.54 -5.35
N VAL E 248 48.11 38.17 -4.28
CA VAL E 248 47.43 39.12 -3.43
C VAL E 248 47.83 38.84 -1.99
N PHE E 249 47.96 39.91 -1.21
CA PHE E 249 48.46 39.86 0.14
C PHE E 249 47.77 40.94 0.97
N LYS E 250 47.86 40.79 2.29
CA LYS E 250 47.24 41.70 3.24
C LYS E 250 48.33 42.37 4.05
N LYS E 251 48.47 43.69 3.91
CA LYS E 251 49.47 44.42 4.66
C LYS E 251 49.09 44.48 6.13
N VAL E 252 49.99 44.00 7.00
CA VAL E 252 49.65 43.88 8.40
C VAL E 252 49.66 45.23 9.11
N ARG E 253 50.33 46.24 8.56
CA ARG E 253 50.38 47.54 9.23
C ARG E 253 49.09 48.30 9.00
N SER E 254 48.61 48.34 7.77
CA SER E 254 47.30 48.86 7.45
C SER E 254 46.59 47.83 6.60
N GLU E 255 45.47 47.31 7.09
CA GLU E 255 44.76 46.20 6.45
C GLU E 255 44.07 46.72 5.19
N ARG E 256 44.89 46.91 4.15
CA ARG E 256 44.49 47.48 2.89
C ARG E 256 44.92 46.55 1.77
N LEU E 257 44.51 45.29 1.91
CA LEU E 257 44.92 44.16 1.09
C LEU E 257 44.70 44.42 -0.40
N GLU E 258 45.78 44.30 -1.17
CA GLU E 258 45.80 44.70 -2.56
C GLU E 258 46.71 43.76 -3.32
N ALA E 259 46.37 43.52 -4.59
CA ALA E 259 47.09 42.54 -5.40
C ALA E 259 48.13 43.23 -6.27
N GLN E 260 49.13 42.47 -6.67
CA GLN E 260 50.04 42.89 -7.71
C GLN E 260 50.17 41.81 -8.77
N LEU E 261 50.40 42.23 -10.00
CA LEU E 261 50.70 41.31 -11.09
C LEU E 261 52.15 41.54 -11.50
N ARG E 262 53.03 40.64 -11.04
CA ARG E 262 54.45 40.60 -11.42
C ARG E 262 55.16 41.91 -11.05
N GLY E 263 54.82 42.45 -9.89
CA GLY E 263 55.37 43.71 -9.45
C GLY E 263 54.55 44.94 -9.78
N LYS E 264 53.61 44.84 -10.70
CA LYS E 264 52.74 45.95 -11.07
C LYS E 264 51.48 45.85 -10.22
N HIS E 265 51.18 46.93 -9.49
CA HIS E 265 50.00 46.95 -8.64
C HIS E 265 48.73 46.95 -9.48
N ILE E 266 47.76 46.13 -9.08
CA ILE E 266 46.48 46.06 -9.73
C ILE E 266 45.39 46.20 -8.68
N ARG E 267 44.25 46.75 -9.10
CA ARG E 267 43.14 46.91 -8.19
C ARG E 267 42.39 45.59 -8.02
N LEU E 268 41.51 45.55 -7.04
CA LEU E 268 40.77 44.35 -6.74
C LEU E 268 39.46 44.72 -6.05
N TYR E 269 38.45 43.88 -6.26
CA TYR E 269 37.15 44.07 -5.64
C TYR E 269 36.98 43.03 -4.56
N VAL E 270 36.91 43.47 -3.32
CA VAL E 270 36.74 42.57 -2.19
C VAL E 270 35.27 42.48 -1.86
N ALA E 271 34.72 41.28 -1.97
CA ALA E 271 33.32 41.07 -1.60
C ALA E 271 33.19 40.59 -0.16
N ALA E 272 34.21 39.90 0.35
CA ALA E 272 34.19 39.41 1.73
C ALA E 272 35.62 39.33 2.23
N GLU E 273 36.01 40.30 3.05
CA GLU E 273 37.36 40.29 3.60
C GLU E 273 37.45 39.19 4.66
N PRO E 274 38.48 38.37 4.62
CA PRO E 274 38.60 37.29 5.62
C PRO E 274 38.91 37.84 6.99
N LEU E 275 38.57 37.05 7.99
CA LEU E 275 38.82 37.44 9.36
C LEU E 275 40.29 37.22 9.70
N ALA E 276 40.90 38.19 10.36
CA ALA E 276 42.34 38.20 10.61
C ALA E 276 42.61 38.47 12.08
N TYR E 277 43.43 37.62 12.69
CA TYR E 277 43.73 37.71 14.11
C TYR E 277 45.22 37.45 14.32
N GLU E 278 45.61 37.18 15.56
CA GLU E 278 47.02 36.87 15.86
C GLU E 278 47.41 35.51 15.28
N ARG E 279 46.43 34.67 14.98
CA ARG E 279 46.64 33.62 13.99
C ARG E 279 47.09 34.29 12.70
N ASP E 280 48.37 34.11 12.36
CA ASP E 280 48.93 34.79 11.21
C ASP E 280 48.30 34.30 9.92
N LYS E 281 48.19 32.99 9.77
CA LYS E 281 47.26 32.47 8.78
C LYS E 281 45.86 32.84 9.20
N LEU E 282 45.04 33.21 8.23
CA LEU E 282 43.74 33.77 8.52
C LEU E 282 42.66 33.01 7.79
N LEU E 283 41.50 32.93 8.42
CA LEU E 283 40.41 32.08 7.97
C LEU E 283 39.48 32.89 7.07
N PHE E 284 39.01 32.26 5.99
CA PHE E 284 38.08 32.86 5.07
C PHE E 284 36.67 32.48 5.44
N THR E 285 35.73 33.38 5.13
CA THR E 285 34.32 33.13 5.35
C THR E 285 33.62 32.64 4.10
N THR E 286 34.36 32.06 3.17
CA THR E 286 33.81 31.70 1.88
C THR E 286 33.29 30.26 1.93
N PRO E 287 32.35 29.90 1.05
CA PRO E 287 31.74 28.56 1.17
C PRO E 287 32.66 27.41 0.83
N VAL E 288 33.63 27.59 -0.08
CA VAL E 288 34.52 26.46 -0.38
C VAL E 288 35.44 26.18 0.78
N ALA E 289 35.87 27.20 1.50
CA ALA E 289 36.68 26.98 2.69
C ALA E 289 35.88 26.37 3.83
N HIS E 290 34.56 26.34 3.73
CA HIS E 290 33.76 25.68 4.76
C HIS E 290 33.87 24.17 4.67
N LEU E 291 34.20 23.64 3.49
CA LEU E 291 34.20 22.19 3.33
C LEU E 291 35.52 21.64 2.81
N HIS E 292 36.60 22.41 2.97
CA HIS E 292 37.88 21.98 2.39
C HIS E 292 38.45 20.78 3.13
N GLU E 293 38.36 20.78 4.45
CA GLU E 293 38.89 19.68 5.25
C GLU E 293 38.19 18.37 4.95
N GLU E 294 36.88 18.41 4.71
CA GLU E 294 36.13 17.19 4.51
C GLU E 294 36.45 16.56 3.17
N ILE E 295 36.63 17.36 2.12
CA ILE E 295 37.00 16.74 0.86
C ILE E 295 38.45 16.35 0.83
N LEU E 296 39.30 16.96 1.67
CA LEU E 296 40.65 16.43 1.83
C LEU E 296 40.63 15.07 2.50
N ARG E 297 39.73 14.91 3.47
CA ARG E 297 39.49 13.61 4.09
C ARG E 297 39.02 12.59 3.07
N TYR E 298 38.16 13.03 2.14
CA TYR E 298 37.69 12.14 1.10
C TYR E 298 38.83 11.70 0.18
N ASP E 299 39.69 12.64 -0.22
CA ASP E 299 40.78 12.27 -1.11
C ASP E 299 41.79 11.38 -0.41
N GLY E 300 42.04 11.64 0.87
CA GLY E 300 42.89 10.74 1.64
C GLY E 300 42.30 9.36 1.75
N LEU E 301 40.98 9.27 1.86
CA LEU E 301 40.34 7.96 1.88
C LEU E 301 40.42 7.29 0.52
N CYS E 302 40.38 8.05 -0.56
CA CYS E 302 40.51 7.46 -1.89
C CYS E 302 41.90 6.89 -2.10
N ARG E 303 42.93 7.64 -1.68
CA ARG E 303 44.29 7.14 -1.77
C ARG E 303 44.49 5.93 -0.86
N HIS E 304 43.87 5.95 0.31
CA HIS E 304 43.98 4.84 1.24
C HIS E 304 43.31 3.60 0.71
N GLN E 305 42.15 3.76 0.08
CA GLN E 305 41.44 2.62 -0.50
C GLN E 305 42.20 2.04 -1.67
N LYS E 306 42.82 2.90 -2.49
CA LYS E 306 43.63 2.39 -3.58
C LYS E 306 44.86 1.64 -3.06
N ILE E 307 45.50 2.16 -2.03
CA ILE E 307 46.74 1.53 -1.60
C ILE E 307 46.45 0.29 -0.75
N CYS E 308 45.26 0.20 -0.14
CA CYS E 308 44.90 -1.05 0.52
C CYS E 308 44.23 -2.02 -0.43
N GLN E 309 43.89 -1.57 -1.63
CA GLN E 309 43.51 -2.52 -2.67
C GLN E 309 44.76 -3.12 -3.31
N LEU E 310 45.75 -2.29 -3.60
CA LEU E 310 46.98 -2.72 -4.25
C LEU E 310 47.90 -3.54 -3.37
N LEU E 311 47.58 -3.71 -2.10
CA LEU E 311 48.42 -4.44 -1.18
C LEU E 311 47.79 -5.75 -0.74
N ASN E 312 46.63 -6.09 -1.30
CA ASN E 312 45.91 -7.31 -0.99
C ASN E 312 45.68 -8.18 -2.23
N THR E 313 46.44 -7.94 -3.30
CA THR E 313 46.11 -8.55 -4.59
C THR E 313 46.46 -10.04 -4.62
N PHE E 314 47.50 -10.43 -3.93
CA PHE E 314 47.87 -11.83 -3.95
C PHE E 314 46.92 -12.65 -3.06
N PRO E 315 46.70 -13.92 -3.39
CA PRO E 315 45.84 -14.76 -2.54
C PRO E 315 46.43 -15.04 -1.17
N VAL E 316 47.67 -15.53 -1.11
CA VAL E 316 48.25 -15.94 0.15
C VAL E 316 49.29 -14.93 0.58
N LYS E 317 49.57 -14.92 1.87
CA LYS E 317 50.62 -14.10 2.44
C LYS E 317 51.46 -14.97 3.36
N VAL E 318 52.77 -14.88 3.21
CA VAL E 318 53.71 -15.68 4.00
C VAL E 318 54.58 -14.73 4.80
N VAL E 319 55.26 -15.28 5.81
CA VAL E 319 56.30 -14.59 6.54
C VAL E 319 57.55 -15.44 6.47
N THR E 320 58.71 -14.81 6.66
CA THR E 320 59.96 -15.54 6.75
C THR E 320 61.04 -14.72 7.44
N ASP E 488 46.57 -0.78 -21.14
CA ASP E 488 47.02 -2.14 -20.85
C ASP E 488 45.85 -3.10 -20.85
N ALA E 489 45.32 -3.37 -22.04
CA ALA E 489 44.19 -4.29 -22.21
C ALA E 489 44.65 -5.68 -22.67
N GLU E 490 45.86 -6.07 -22.29
CA GLU E 490 46.44 -7.30 -22.82
C GLU E 490 45.83 -8.54 -22.20
N LEU E 491 45.09 -8.39 -21.11
CA LEU E 491 44.43 -9.53 -20.50
C LEU E 491 43.18 -9.93 -21.28
N TYR E 492 42.57 -9.01 -22.00
CA TYR E 492 41.28 -9.27 -22.60
C TYR E 492 41.40 -10.09 -23.88
N HIS E 493 42.12 -9.56 -24.87
CA HIS E 493 42.16 -10.17 -26.20
C HIS E 493 42.84 -11.53 -26.16
N LEU E 494 43.89 -11.65 -25.38
CA LEU E 494 44.70 -12.86 -25.38
C LEU E 494 43.97 -13.97 -24.61
N PRO E 495 44.01 -15.20 -25.11
CA PRO E 495 43.19 -16.27 -24.51
C PRO E 495 43.73 -16.73 -23.16
N VAL E 496 42.98 -17.64 -22.54
CA VAL E 496 43.17 -17.97 -21.14
C VAL E 496 44.41 -18.81 -20.87
N LEU E 497 44.84 -19.63 -21.84
CA LEU E 497 46.00 -20.49 -21.67
C LEU E 497 47.29 -19.70 -21.48
N GLU E 498 47.42 -18.55 -22.13
CA GLU E 498 48.56 -17.67 -21.87
C GLU E 498 48.22 -16.62 -20.81
N ALA E 499 46.93 -16.36 -20.58
CA ALA E 499 46.54 -15.38 -19.57
C ALA E 499 46.85 -15.87 -18.17
N VAL E 500 46.63 -17.16 -17.90
CA VAL E 500 46.94 -17.69 -16.58
C VAL E 500 48.44 -17.77 -16.38
N ARG E 501 49.21 -17.78 -17.46
CA ARG E 501 50.66 -17.72 -17.38
C ARG E 501 51.13 -16.30 -17.12
N LYS E 502 50.55 -15.34 -17.81
CA LYS E 502 50.95 -13.94 -17.67
C LYS E 502 50.52 -13.35 -16.34
N ALA E 503 49.44 -13.87 -15.76
CA ALA E 503 48.98 -13.37 -14.47
C ALA E 503 49.93 -13.74 -13.35
N ARG E 504 50.57 -14.92 -13.44
CA ARG E 504 51.42 -15.37 -12.34
C ARG E 504 52.71 -14.57 -12.26
N ASP E 505 53.27 -14.19 -13.40
CA ASP E 505 54.41 -13.30 -13.41
C ASP E 505 54.00 -11.84 -13.35
N ALA E 506 52.72 -11.54 -13.56
CA ALA E 506 52.25 -10.18 -13.42
C ALA E 506 52.19 -9.75 -11.97
N ALA E 507 52.07 -10.70 -11.05
CA ALA E 507 52.11 -10.43 -9.61
C ALA E 507 53.04 -11.46 -8.99
N PRO E 508 54.33 -11.15 -8.88
CA PRO E 508 55.27 -12.11 -8.30
C PRO E 508 55.04 -12.29 -6.81
N PHE E 509 55.13 -13.55 -6.40
CA PHE E 509 54.99 -13.93 -5.00
C PHE E 509 56.22 -13.44 -4.25
N ARG E 510 56.02 -12.50 -3.34
CA ARG E 510 57.14 -11.92 -2.60
C ARG E 510 56.97 -12.16 -1.12
N PRO E 511 57.89 -12.87 -0.48
CA PRO E 511 57.84 -13.02 0.98
C PRO E 511 58.36 -11.79 1.72
N LEU E 512 58.50 -11.90 3.04
CA LEU E 512 58.91 -10.78 3.87
C LEU E 512 59.59 -11.29 5.13
N ALA E 513 60.71 -10.65 5.51
CA ALA E 513 61.63 -11.27 6.45
C ALA E 513 62.39 -10.22 7.25
N VAL E 514 62.52 -10.47 8.54
CA VAL E 514 63.40 -9.74 9.45
C VAL E 514 64.03 -10.76 10.40
N GLU E 515 65.35 -10.66 10.61
CA GLU E 515 66.05 -11.56 11.52
C GLU E 515 65.58 -11.37 12.96
N ASP E 516 65.43 -12.49 13.67
CA ASP E 516 65.25 -12.52 15.11
C ASP E 516 65.81 -13.82 15.66
N ASN E 517 66.37 -13.76 16.86
CA ASN E 517 67.05 -14.89 17.47
C ASN E 517 66.14 -15.58 18.48
N ARG E 518 65.99 -16.91 18.33
CA ARG E 518 65.27 -17.81 19.24
C ARG E 518 63.82 -17.43 19.46
N LEU E 519 63.21 -16.67 18.54
CA LEU E 519 61.93 -16.03 18.80
C LEU E 519 61.32 -15.60 17.47
N VAL E 520 60.15 -16.15 17.14
CA VAL E 520 59.48 -15.91 15.88
C VAL E 520 58.11 -15.35 16.24
N ALA E 521 57.25 -15.17 15.24
CA ALA E 521 56.01 -14.44 15.44
C ALA E 521 54.85 -15.34 15.85
N ASN E 522 53.92 -14.75 16.61
CA ASN E 522 52.57 -15.26 16.74
C ASN E 522 51.63 -14.25 16.09
N SER E 523 51.30 -14.46 14.83
CA SER E 523 50.86 -13.38 13.97
C SER E 523 49.35 -13.35 13.83
N PHE E 524 48.85 -12.24 13.28
CA PHE E 524 47.45 -12.06 12.99
C PHE E 524 47.31 -11.40 11.63
N PHE E 525 46.13 -11.57 11.04
CA PHE E 525 45.87 -11.13 9.68
C PHE E 525 44.65 -10.23 9.64
N SER E 526 44.70 -9.18 8.84
CA SER E 526 43.63 -8.20 8.73
C SER E 526 43.30 -8.03 7.25
N GLN E 527 42.01 -8.12 6.91
CA GLN E 527 41.55 -7.91 5.54
C GLN E 527 40.38 -6.96 5.61
N PHE E 528 40.61 -5.72 5.20
CA PHE E 528 39.51 -4.78 5.05
C PHE E 528 39.83 -3.81 3.94
N VAL E 529 38.78 -3.14 3.48
CA VAL E 529 38.87 -2.04 2.52
C VAL E 529 37.93 -0.98 3.06
N PRO E 530 38.33 0.30 3.12
CA PRO E 530 37.43 1.34 3.60
C PRO E 530 36.26 1.60 2.66
N GLY E 531 35.09 1.76 3.25
CA GLY E 531 33.89 2.00 2.47
C GLY E 531 33.82 3.44 1.98
N THR E 532 33.66 3.62 0.67
CA THR E 532 33.62 4.97 0.12
C THR E 532 32.21 5.52 0.07
N GLU E 533 31.21 4.64 0.08
CA GLU E 533 29.86 5.08 -0.27
C GLU E 533 29.21 5.87 0.84
N SER E 534 29.61 5.64 2.10
CA SER E 534 28.97 6.34 3.21
C SER E 534 29.36 7.80 3.21
N LEU E 535 30.66 8.09 3.26
CA LEU E 535 31.06 9.49 3.20
C LEU E 535 30.91 10.06 1.80
N GLU E 536 30.78 9.23 0.77
CA GLU E 536 30.46 9.76 -0.55
C GLU E 536 29.06 10.34 -0.57
N ARG E 537 28.10 9.60 -0.03
CA ARG E 537 26.74 10.13 0.13
C ARG E 537 26.75 11.33 1.05
N PHE E 538 27.55 11.28 2.12
CA PHE E 538 27.59 12.38 3.07
C PHE E 538 28.19 13.64 2.45
N LEU E 539 29.25 13.49 1.65
CA LEU E 539 29.89 14.64 1.03
C LEU E 539 29.04 15.21 -0.09
N THR E 540 28.35 14.37 -0.86
CA THR E 540 27.49 14.89 -1.89
C THR E 540 26.28 15.61 -1.30
N GLN E 541 25.75 15.08 -0.19
CA GLN E 541 24.69 15.80 0.51
C GLN E 541 25.20 17.11 1.08
N LEU E 542 26.46 17.11 1.55
CA LEU E 542 27.08 18.33 2.06
C LEU E 542 27.22 19.37 0.97
N TRP E 543 27.69 18.96 -0.20
CA TRP E 543 27.84 19.87 -1.31
C TRP E 543 26.48 20.38 -1.78
N GLU E 544 25.48 19.50 -1.75
CA GLU E 544 24.14 19.84 -2.21
C GLU E 544 23.49 20.89 -1.32
N ASN E 545 23.39 20.62 -0.02
CA ASN E 545 22.77 21.62 0.83
C ASN E 545 23.67 22.82 1.03
N GLU E 546 24.97 22.70 0.77
CA GLU E 546 25.84 23.85 0.81
C GLU E 546 25.49 24.85 -0.29
N TYR E 547 25.48 24.38 -1.54
CA TYR E 547 25.15 25.30 -2.62
C TYR E 547 23.66 25.53 -2.74
N PHE E 548 22.85 24.95 -1.87
CA PHE E 548 21.45 25.35 -1.85
C PHE E 548 21.17 26.36 -0.75
N ARG E 549 21.92 26.32 0.36
CA ARG E 549 21.74 27.42 1.30
C ARG E 549 22.44 28.68 0.81
N THR E 550 23.74 28.60 0.50
CA THR E 550 24.46 29.85 0.34
C THR E 550 24.21 30.51 -1.01
N PHE E 551 23.56 29.82 -1.94
CA PHE E 551 22.85 30.47 -3.02
C PHE E 551 21.57 29.67 -3.18
N ARG E 552 20.44 30.35 -3.35
CA ARG E 552 19.16 29.64 -3.32
C ARG E 552 18.83 29.14 -4.72
N LEU E 553 19.61 28.17 -5.18
CA LEU E 553 19.37 27.56 -6.48
C LEU E 553 18.06 26.80 -6.44
N ARG E 554 17.16 27.10 -7.37
CA ARG E 554 15.88 26.42 -7.35
C ARG E 554 16.02 25.02 -7.95
N ARG E 555 15.06 24.17 -7.61
CA ARG E 555 14.97 22.82 -8.16
C ARG E 555 13.59 22.68 -8.79
N LEU E 556 13.45 23.14 -10.02
CA LEU E 556 12.19 23.00 -10.71
C LEU E 556 12.04 21.55 -11.18
N VAL E 557 10.95 20.89 -10.79
CA VAL E 557 10.66 19.53 -11.22
C VAL E 557 9.19 19.41 -11.55
N THR E 558 8.86 18.42 -12.37
CA THR E 558 7.50 17.99 -12.54
C THR E 558 7.15 16.94 -11.48
N HIS E 559 5.89 16.50 -11.48
CA HIS E 559 5.43 15.58 -10.44
C HIS E 559 6.09 14.22 -10.60
N GLN E 560 6.46 13.63 -9.45
CA GLN E 560 7.42 12.54 -9.26
C GLN E 560 8.61 12.65 -10.20
N GLY E 561 9.14 13.86 -10.34
CA GLY E 561 10.26 14.12 -11.23
C GLY E 561 11.49 14.45 -10.42
N ALA E 562 12.63 13.93 -10.84
CA ALA E 562 13.86 13.99 -10.06
C ALA E 562 14.84 14.93 -10.75
N GLU E 563 15.08 16.09 -10.12
CA GLU E 563 16.05 17.13 -10.49
C GLU E 563 16.04 17.45 -11.99
N GLU E 564 14.90 17.97 -12.44
CA GLU E 564 14.77 18.35 -13.84
C GLU E 564 15.72 19.48 -14.21
N ALA E 565 15.90 20.44 -13.31
CA ALA E 565 16.82 21.53 -13.55
C ALA E 565 17.22 22.16 -12.23
N ILE E 566 18.47 22.58 -12.15
CA ILE E 566 18.96 23.45 -11.09
C ILE E 566 19.35 24.75 -11.75
N VAL E 567 18.72 25.85 -11.34
CA VAL E 567 18.83 27.10 -12.06
C VAL E 567 18.85 28.26 -11.07
N TYR E 568 19.33 29.41 -11.54
CA TYR E 568 19.44 30.61 -10.71
C TYR E 568 18.07 31.11 -10.30
N SER E 569 18.00 31.64 -9.08
CA SER E 569 16.80 32.28 -8.57
C SER E 569 17.10 33.73 -8.22
N ASN E 570 16.15 34.37 -7.56
CA ASN E 570 16.22 35.81 -7.31
C ASN E 570 17.39 36.18 -6.42
N TYR E 571 17.70 35.33 -5.43
CA TYR E 571 18.80 35.65 -4.54
C TYR E 571 20.14 35.45 -5.22
N THR E 572 20.23 34.49 -6.15
CA THR E 572 21.52 34.15 -6.75
C THR E 572 22.02 35.27 -7.66
N VAL E 573 21.14 35.81 -8.49
CA VAL E 573 21.54 36.89 -9.38
C VAL E 573 21.90 38.13 -8.58
N GLU E 574 21.14 38.41 -7.51
CA GLU E 574 21.48 39.49 -6.58
C GLU E 574 22.82 39.26 -5.89
N ARG E 575 23.19 38.00 -5.68
CA ARG E 575 24.42 37.78 -4.96
C ARG E 575 25.65 37.81 -5.86
N VAL E 576 25.56 37.33 -7.10
CA VAL E 576 26.75 37.19 -7.94
C VAL E 576 26.73 38.09 -9.16
N THR E 577 25.59 38.26 -9.84
CA THR E 577 25.67 38.97 -11.10
C THR E 577 25.64 40.47 -10.90
N LEU E 578 24.73 40.94 -10.07
CA LEU E 578 24.68 42.37 -9.78
C LEU E 578 25.91 42.93 -9.10
N PRO E 579 26.61 42.25 -8.18
CA PRO E 579 27.90 42.82 -7.73
C PRO E 579 28.97 42.74 -8.79
N TYR E 580 28.88 41.75 -9.68
CA TYR E 580 29.80 41.70 -10.82
C TYR E 580 29.64 42.93 -11.69
N LEU E 581 28.41 43.28 -12.03
CA LEU E 581 28.19 44.50 -12.78
C LEU E 581 28.35 45.74 -11.93
N CYS E 582 28.38 45.60 -10.61
CA CYS E 582 28.72 46.73 -9.76
C CYS E 582 30.19 47.07 -9.90
N HIS E 583 31.05 46.07 -10.06
CA HIS E 583 32.45 46.42 -10.25
C HIS E 583 32.86 46.49 -11.72
N ILE E 584 32.00 46.10 -12.66
CA ILE E 584 32.22 46.48 -14.06
C ILE E 584 31.61 47.85 -14.33
N LEU E 585 30.76 48.34 -13.42
CA LEU E 585 30.10 49.66 -13.46
C LEU E 585 29.22 49.81 -14.69
N ALA E 586 28.72 48.70 -15.23
CA ALA E 586 27.63 48.79 -16.17
C ALA E 586 26.29 48.88 -15.47
N LEU E 587 26.27 48.76 -14.14
CA LEU E 587 25.04 48.64 -13.36
C LEU E 587 24.26 49.94 -13.29
N GLY E 588 24.87 51.07 -13.63
CA GLY E 588 24.18 52.35 -13.58
C GLY E 588 23.09 52.51 -14.60
N THR E 589 22.99 51.61 -15.58
CA THR E 589 21.92 51.60 -16.56
C THR E 589 21.05 50.35 -16.53
N LEU E 590 21.46 49.31 -15.83
CA LEU E 590 20.86 47.99 -15.98
C LEU E 590 20.01 47.64 -14.75
N ASP E 591 19.51 46.41 -14.75
CA ASP E 591 18.53 45.94 -13.78
C ASP E 591 18.56 44.42 -13.78
N PRO E 592 18.14 43.78 -12.68
CA PRO E 592 18.11 42.31 -12.67
C PRO E 592 17.02 41.76 -13.57
N VAL E 593 17.26 40.56 -14.08
CA VAL E 593 16.23 39.83 -14.80
C VAL E 593 15.49 38.98 -13.78
N PRO E 594 14.18 38.83 -13.89
CA PRO E 594 13.50 37.82 -13.07
C PRO E 594 13.94 36.43 -13.49
N GLU E 595 13.95 35.54 -12.50
CA GLU E 595 14.55 34.22 -12.68
C GLU E 595 13.71 33.34 -13.60
N ALA E 596 12.38 33.55 -13.60
CA ALA E 596 11.53 32.86 -14.55
C ALA E 596 11.81 33.27 -15.97
N TYR E 597 12.26 34.50 -16.19
CA TYR E 597 12.59 34.96 -17.53
C TYR E 597 13.92 34.38 -17.98
N LEU E 598 14.77 34.00 -17.04
CA LEU E 598 16.13 33.60 -17.37
C LEU E 598 16.16 32.27 -18.10
N GLN E 599 15.22 31.39 -17.79
CA GLN E 599 15.22 30.07 -18.41
C GLN E 599 14.81 30.10 -19.87
N LEU E 600 14.21 31.20 -20.33
CA LEU E 600 13.77 31.31 -21.71
C LEU E 600 14.95 31.47 -22.65
N SER E 601 14.65 31.58 -23.95
CA SER E 601 15.68 31.50 -24.98
C SER E 601 16.51 32.78 -25.05
N PHE E 602 17.48 32.75 -25.97
CA PHE E 602 18.25 33.94 -26.29
C PHE E 602 17.41 34.95 -27.04
N GLY E 603 16.38 34.49 -27.74
CA GLY E 603 15.55 35.36 -28.54
C GLY E 603 14.14 35.50 -28.02
N GLU E 604 13.67 34.52 -27.29
CA GLU E 604 12.36 34.58 -26.66
C GLU E 604 12.34 35.55 -25.48
N ILE E 605 13.51 35.86 -24.93
CA ILE E 605 13.58 36.67 -23.72
C ILE E 605 13.12 38.11 -24.00
N VAL E 606 13.41 38.64 -25.19
CA VAL E 606 13.03 40.02 -25.45
C VAL E 606 11.54 40.13 -25.71
N ALA E 607 10.93 39.05 -26.20
CA ALA E 607 9.50 39.07 -26.52
C ALA E 607 8.65 39.18 -25.27
N ALA E 608 9.15 38.66 -24.15
CA ALA E 608 8.50 38.93 -22.89
C ALA E 608 9.11 40.13 -22.18
N ALA E 609 10.32 40.55 -22.56
CA ALA E 609 10.97 41.65 -21.89
C ALA E 609 10.30 42.98 -22.23
N TYR E 610 10.12 43.27 -23.51
CA TYR E 610 9.37 44.49 -23.78
C TYR E 610 7.86 44.30 -23.61
N ASP E 611 7.40 43.05 -23.46
CA ASP E 611 6.04 42.86 -23.01
C ASP E 611 5.90 43.27 -21.55
N ASP E 612 6.96 43.12 -20.77
CA ASP E 612 6.94 43.60 -19.38
C ASP E 612 6.92 45.11 -19.32
N SER E 613 7.46 45.79 -20.33
CA SER E 613 7.33 47.24 -20.42
C SER E 613 5.96 47.61 -20.96
N LYS E 614 5.75 48.91 -21.14
CA LYS E 614 4.47 49.42 -21.61
C LYS E 614 4.40 49.52 -23.12
N PHE E 615 5.35 48.91 -23.82
CA PHE E 615 5.32 48.95 -25.28
C PHE E 615 4.15 48.15 -25.83
N CYS E 616 3.96 46.94 -25.34
CA CYS E 616 2.77 46.18 -25.69
C CYS E 616 1.56 46.59 -24.87
N ARG E 617 1.73 47.47 -23.88
CA ARG E 617 0.60 47.95 -23.11
C ARG E 617 0.09 49.29 -23.61
N TYR E 618 0.94 50.07 -24.30
CA TYR E 618 0.42 51.23 -25.02
C TYR E 618 -0.32 50.80 -26.28
N VAL E 619 -0.02 49.59 -26.78
CA VAL E 619 -0.74 49.02 -27.91
C VAL E 619 -2.21 48.82 -27.56
N GLU E 620 -2.52 48.42 -26.33
CA GLU E 620 -3.92 48.25 -25.94
C GLU E 620 -4.64 49.59 -25.82
N LEU E 621 -3.93 50.65 -25.43
CA LEU E 621 -4.58 51.95 -25.32
C LEU E 621 -4.79 52.57 -26.69
N ILE E 622 -3.82 52.42 -27.60
CA ILE E 622 -4.08 52.90 -28.96
C ILE E 622 -5.06 51.99 -29.69
N CYS E 623 -5.18 50.73 -29.27
CA CYS E 623 -6.25 49.85 -29.70
C CYS E 623 -7.62 50.37 -29.31
N SER E 624 -7.78 50.76 -28.03
CA SER E 624 -9.04 51.33 -27.59
C SER E 624 -9.30 52.67 -28.26
N ARG E 625 -8.24 53.44 -28.53
CA ARG E 625 -8.41 54.73 -29.19
C ARG E 625 -8.82 54.55 -30.64
N GLU E 626 -8.27 53.54 -31.32
CA GLU E 626 -8.65 53.30 -32.71
C GLU E 626 -10.05 52.70 -32.80
N LYS E 627 -10.40 51.82 -31.85
CA LYS E 627 -11.76 51.26 -31.87
C LYS E 627 -12.79 52.32 -31.52
N ALA E 628 -12.43 53.31 -30.70
CA ALA E 628 -13.33 54.45 -30.49
C ALA E 628 -13.36 55.35 -31.72
N ARG E 629 -12.21 55.53 -32.38
CA ARG E 629 -12.07 56.44 -33.50
C ARG E 629 -12.90 55.97 -34.70
N ARG E 630 -12.98 54.66 -34.92
CA ARG E 630 -13.85 54.14 -35.96
C ARG E 630 -15.18 53.63 -35.44
N ARG E 631 -15.37 53.54 -34.12
CA ARG E 631 -16.67 53.18 -33.58
C ARG E 631 -17.61 54.38 -33.62
N GLN E 632 -17.06 55.58 -33.41
CA GLN E 632 -17.85 56.79 -33.62
C GLN E 632 -18.07 57.07 -35.11
N MET E 633 -17.28 56.43 -35.98
CA MET E 633 -17.57 56.45 -37.41
C MET E 633 -18.68 55.46 -37.75
N SER E 634 -18.67 54.28 -37.13
CA SER E 634 -19.70 53.28 -37.38
C SER E 634 -20.99 53.61 -36.62
N ARG E 635 -20.87 54.00 -35.36
CA ARG E 635 -22.03 54.19 -34.51
C ARG E 635 -22.02 55.56 -33.83
N UNK F 1 -3.08 48.23 -50.09
CA UNK F 1 -3.05 46.88 -49.55
C UNK F 1 -1.62 46.44 -49.25
N UNK F 2 -1.12 46.80 -48.06
CA UNK F 2 0.25 46.50 -47.69
C UNK F 2 0.32 46.23 -46.20
N UNK F 3 1.51 45.81 -45.74
CA UNK F 3 1.70 45.41 -44.35
C UNK F 3 1.73 46.64 -43.44
N UNK F 4 1.84 46.37 -42.14
CA UNK F 4 1.85 47.47 -41.17
C UNK F 4 3.23 47.81 -40.66
N UNK F 5 4.15 46.87 -40.73
CA UNK F 5 5.56 47.12 -40.42
C UNK F 5 6.48 46.63 -41.51
N UNK F 6 6.15 45.50 -42.14
CA UNK F 6 7.00 44.96 -43.19
C UNK F 6 6.84 45.71 -44.51
N UNK F 7 5.78 46.52 -44.66
CA UNK F 7 5.64 47.31 -45.87
C UNK F 7 6.68 48.41 -45.93
N UNK F 8 6.97 49.03 -44.79
CA UNK F 8 8.10 49.95 -44.74
C UNK F 8 9.43 49.22 -44.81
N UNK F 9 9.44 47.94 -44.44
CA UNK F 9 10.67 47.15 -44.56
C UNK F 9 10.92 46.72 -46.00
N UNK F 10 9.88 46.69 -46.83
CA UNK F 10 10.03 46.39 -48.25
C UNK F 10 10.10 47.67 -49.07
N UNK F 11 9.10 48.52 -48.95
CA UNK F 11 9.06 49.83 -49.60
C UNK F 11 9.31 50.87 -48.51
N UNK F 12 10.57 51.35 -48.44
CA UNK F 12 11.00 52.23 -47.36
C UNK F 12 10.28 53.58 -47.43
N UNK F 13 9.62 53.94 -46.33
CA UNK F 13 8.82 55.16 -46.27
C UNK F 13 9.74 56.35 -46.13
N UNK F 14 10.31 56.77 -47.26
CA UNK F 14 11.14 57.96 -47.29
C UNK F 14 10.37 59.16 -47.84
N UNK F 15 9.49 58.92 -48.81
CA UNK F 15 8.71 60.00 -49.42
C UNK F 15 7.56 60.40 -48.51
N ASP G 52 38.06 -31.19 -59.72
CA ASP G 52 37.49 -31.02 -58.39
C ASP G 52 37.72 -29.59 -57.89
N GLU G 53 36.63 -28.91 -57.57
CA GLU G 53 36.70 -27.52 -57.14
C GLU G 53 36.60 -27.44 -55.62
N ALA G 54 37.46 -26.65 -55.01
CA ALA G 54 37.41 -26.42 -53.57
C ALA G 54 36.24 -25.49 -53.26
N VAL G 55 35.19 -26.03 -52.63
CA VAL G 55 33.94 -25.31 -52.42
C VAL G 55 33.64 -25.33 -50.93
N ILE G 56 33.43 -24.15 -50.34
CA ILE G 56 33.10 -24.11 -48.92
C ILE G 56 31.64 -24.53 -48.74
N ASP G 57 31.41 -25.34 -47.72
CA ASP G 57 30.14 -26.02 -47.48
C ASP G 57 29.51 -25.49 -46.20
N ILE G 58 28.19 -25.38 -46.22
CA ILE G 58 27.52 -24.82 -45.06
C ILE G 58 26.52 -25.77 -44.40
N PHE G 59 25.90 -26.67 -45.19
CA PHE G 59 24.74 -27.32 -44.56
C PHE G 59 25.10 -28.46 -43.60
N PRO G 60 25.68 -29.62 -44.00
CA PRO G 60 25.77 -30.74 -43.06
C PRO G 60 27.06 -30.75 -42.26
N THR G 61 27.46 -29.58 -41.76
CA THR G 61 28.50 -29.50 -40.76
C THR G 61 27.86 -29.64 -39.39
N GLY G 62 28.71 -29.63 -38.37
CA GLY G 62 28.18 -29.61 -37.01
C GLY G 62 27.44 -28.33 -36.70
N GLN G 63 27.93 -27.20 -37.24
CA GLN G 63 27.41 -25.89 -36.91
C GLN G 63 25.98 -25.66 -37.40
N THR G 64 25.50 -26.46 -38.32
CA THR G 64 24.11 -26.35 -38.75
C THR G 64 23.29 -27.61 -38.56
N MET G 65 23.92 -28.79 -38.50
CA MET G 65 23.16 -29.97 -38.17
C MET G 65 22.80 -29.98 -36.69
N SER G 66 23.65 -29.39 -35.86
CA SER G 66 23.30 -29.20 -34.46
C SER G 66 22.19 -28.18 -34.29
N PHE G 67 22.06 -27.25 -35.24
CA PHE G 67 21.04 -26.20 -35.16
C PHE G 67 19.64 -26.79 -35.21
N LEU G 68 19.42 -27.76 -36.10
CA LEU G 68 18.12 -28.39 -36.21
C LEU G 68 17.79 -29.22 -34.98
N ARG G 69 18.81 -29.78 -34.33
CA ARG G 69 18.58 -30.58 -33.15
C ARG G 69 18.25 -29.71 -31.95
N LEU G 70 18.95 -28.58 -31.81
CA LEU G 70 18.62 -27.68 -30.71
C LEU G 70 17.32 -26.95 -30.97
N LEU G 71 16.94 -26.77 -32.23
CA LEU G 71 15.74 -26.01 -32.50
C LEU G 71 14.50 -26.82 -32.15
N HIS G 72 14.54 -28.12 -32.38
CA HIS G 72 13.46 -28.99 -31.95
C HIS G 72 13.84 -29.81 -30.73
N GLY G 73 14.88 -29.39 -30.01
CA GLY G 73 15.05 -29.80 -28.63
C GLY G 73 15.67 -31.15 -28.40
N PHE G 74 16.56 -31.60 -29.29
CA PHE G 74 17.35 -32.77 -28.93
C PHE G 74 18.35 -32.44 -27.85
N LEU G 75 18.96 -31.26 -27.92
CA LEU G 75 20.03 -30.87 -27.03
C LEU G 75 19.63 -29.72 -26.11
N GLY G 76 19.26 -28.58 -26.68
CA GLY G 76 18.92 -27.44 -25.85
C GLY G 76 17.47 -27.50 -25.39
N THR G 77 17.23 -26.90 -24.23
CA THR G 77 15.88 -26.79 -23.69
C THR G 77 15.80 -25.56 -22.79
N CYS G 78 14.64 -24.91 -22.81
CA CYS G 78 14.38 -23.67 -22.11
C CYS G 78 12.91 -23.37 -22.25
N ARG G 79 12.43 -22.38 -21.51
CA ARG G 79 11.08 -21.91 -21.72
C ARG G 79 10.93 -21.07 -22.99
N GLY G 80 12.04 -20.66 -23.60
CA GLY G 80 11.97 -19.92 -24.85
C GLY G 80 11.79 -20.79 -26.07
N GLN G 81 12.01 -22.10 -25.92
CA GLN G 81 11.91 -23.03 -27.04
C GLN G 81 10.51 -23.04 -27.65
N SER G 82 9.50 -22.71 -26.87
CA SER G 82 8.13 -22.67 -27.38
C SER G 82 7.89 -21.49 -28.30
N MET G 83 8.75 -20.46 -28.25
CA MET G 83 8.51 -19.29 -29.08
C MET G 83 8.90 -19.54 -30.53
N HIS G 84 9.57 -20.65 -30.80
CA HIS G 84 9.69 -21.10 -32.17
C HIS G 84 8.49 -21.92 -32.59
N GLN G 85 7.92 -22.70 -31.67
CA GLN G 85 6.80 -23.55 -32.03
C GLN G 85 5.53 -22.74 -32.23
N VAL G 86 5.45 -21.57 -31.63
CA VAL G 86 4.36 -20.66 -32.01
C VAL G 86 4.59 -20.07 -33.39
N LEU G 87 5.84 -20.01 -33.85
CA LEU G 87 6.16 -19.40 -35.12
C LEU G 87 5.89 -20.32 -36.31
N ARG G 88 5.60 -21.58 -36.08
CA ARG G 88 5.42 -22.53 -37.15
C ARG G 88 4.08 -23.23 -37.05
N ASP G 89 3.03 -22.47 -36.79
CA ASP G 89 1.70 -23.05 -36.86
C ASP G 89 1.32 -23.19 -38.33
N PRO G 90 1.18 -24.40 -38.86
CA PRO G 90 0.89 -24.55 -40.29
C PRO G 90 -0.54 -24.19 -40.66
N CYS G 91 -1.41 -23.98 -39.68
CA CYS G 91 -2.77 -23.57 -39.98
C CYS G 91 -2.84 -22.11 -40.38
N VAL G 92 -1.91 -21.27 -39.93
CA VAL G 92 -1.99 -19.85 -40.25
C VAL G 92 -1.64 -19.61 -41.71
N LEU G 93 -0.85 -20.51 -42.32
CA LEU G 93 -0.55 -20.38 -43.74
C LEU G 93 -1.79 -20.65 -44.57
N ARG G 94 -2.53 -21.70 -44.22
CA ARG G 94 -3.76 -21.97 -44.94
C ARG G 94 -4.83 -20.92 -44.62
N LYS G 95 -4.74 -20.29 -43.45
CA LYS G 95 -5.62 -19.17 -43.14
C LYS G 95 -5.37 -18.00 -44.08
N GLN G 96 -4.11 -17.59 -44.22
CA GLN G 96 -3.78 -16.47 -45.11
C GLN G 96 -4.05 -16.83 -46.56
N LEU G 97 -3.83 -18.09 -46.92
CA LEU G 97 -4.09 -18.55 -48.27
C LEU G 97 -5.57 -18.45 -48.61
N LEU G 98 -6.44 -18.90 -47.69
CA LEU G 98 -7.85 -18.83 -47.99
C LEU G 98 -8.36 -17.41 -47.94
N TYR G 99 -7.76 -16.56 -47.08
CA TYR G 99 -8.13 -15.16 -47.05
C TYR G 99 -7.80 -14.50 -48.38
N GLY G 100 -6.63 -14.82 -48.93
CA GLY G 100 -6.25 -14.24 -50.20
C GLY G 100 -7.13 -14.68 -51.35
N VAL G 101 -7.46 -15.98 -51.40
CA VAL G 101 -8.26 -16.42 -52.54
C VAL G 101 -9.71 -15.97 -52.39
N CYS G 102 -10.24 -15.88 -51.16
CA CYS G 102 -11.58 -15.37 -51.02
C CYS G 102 -11.66 -13.87 -51.26
N LYS G 103 -10.60 -13.12 -50.93
CA LYS G 103 -10.57 -11.71 -51.24
C LYS G 103 -10.50 -11.48 -52.75
N THR G 104 -9.75 -12.32 -53.46
CA THR G 104 -9.72 -12.21 -54.91
C THR G 104 -11.04 -12.64 -55.54
N LEU G 105 -11.77 -13.54 -54.87
CA LEU G 105 -13.08 -13.93 -55.38
C LEU G 105 -14.12 -12.84 -55.15
N PHE G 106 -14.09 -12.20 -53.98
CA PHE G 106 -15.27 -11.46 -53.55
C PHE G 106 -15.23 -9.99 -53.96
N ASP G 107 -14.45 -9.63 -54.96
CA ASP G 107 -14.56 -8.29 -55.53
C ASP G 107 -14.86 -8.30 -57.03
N THR G 108 -15.24 -9.44 -57.60
CA THR G 108 -15.33 -9.52 -59.04
C THR G 108 -16.65 -9.00 -59.59
N ILE G 109 -17.77 -9.62 -59.24
CA ILE G 109 -19.02 -9.34 -59.95
C ILE G 109 -20.01 -8.75 -58.94
N THR G 110 -19.45 -8.06 -57.94
CA THR G 110 -20.24 -7.65 -56.79
C THR G 110 -21.19 -6.49 -57.10
N VAL G 111 -21.03 -5.83 -58.24
CA VAL G 111 -21.90 -4.69 -58.54
C VAL G 111 -23.06 -5.08 -59.46
N ARG G 112 -22.81 -5.93 -60.45
CA ARG G 112 -23.82 -6.18 -61.47
C ARG G 112 -24.76 -7.32 -61.07
N ARG G 113 -24.19 -8.43 -60.58
CA ARG G 113 -24.97 -9.64 -60.41
C ARG G 113 -25.88 -9.56 -59.19
N VAL G 114 -25.56 -8.70 -58.23
CA VAL G 114 -26.42 -8.52 -57.06
C VAL G 114 -27.73 -7.89 -57.46
N ALA G 115 -27.73 -7.07 -58.51
CA ALA G 115 -28.97 -6.54 -59.05
C ALA G 115 -29.73 -7.62 -59.80
N GLU G 116 -29.03 -8.50 -60.51
CA GLU G 116 -29.68 -9.49 -61.36
C GLU G 116 -30.37 -10.57 -60.53
N GLU G 117 -29.70 -11.09 -59.52
CA GLU G 117 -30.34 -12.09 -58.67
C GLU G 117 -31.39 -11.52 -57.75
N TRP G 118 -31.26 -10.25 -57.35
CA TRP G 118 -32.36 -9.63 -56.62
C TRP G 118 -33.56 -9.42 -57.54
N LYS G 119 -33.33 -9.07 -58.81
CA LYS G 119 -34.40 -9.03 -59.78
C LYS G 119 -35.05 -10.39 -59.96
N LEU G 120 -34.24 -11.47 -59.93
CA LEU G 120 -34.77 -12.82 -60.09
C LEU G 120 -35.64 -13.22 -58.91
N HIS G 121 -35.13 -13.03 -57.69
CA HIS G 121 -35.92 -13.36 -56.50
C HIS G 121 -37.06 -12.39 -56.28
N ALA G 122 -37.02 -11.21 -56.88
CA ALA G 122 -38.14 -10.28 -56.79
C ALA G 122 -39.24 -10.65 -57.77
N ALA G 123 -38.88 -10.95 -59.03
CA ALA G 123 -39.88 -11.32 -60.01
C ALA G 123 -40.45 -12.70 -59.73
N LEU G 124 -39.68 -13.55 -59.07
CA LEU G 124 -40.22 -14.85 -58.67
C LEU G 124 -41.22 -14.71 -57.54
N PHE G 125 -41.00 -13.78 -56.62
CA PHE G 125 -41.85 -13.60 -55.44
C PHE G 125 -41.93 -12.13 -55.08
N PRO G 126 -42.82 -11.37 -55.72
CA PRO G 126 -42.92 -9.94 -55.43
C PRO G 126 -43.89 -9.61 -54.31
N TYR G 127 -44.21 -10.59 -53.46
CA TYR G 127 -45.23 -10.44 -52.43
C TYR G 127 -44.84 -9.36 -51.42
N ARG G 128 -45.83 -8.53 -51.07
CA ARG G 128 -45.60 -7.35 -50.24
C ARG G 128 -46.91 -6.92 -49.62
N ALA G 129 -46.92 -6.78 -48.30
CA ALA G 129 -48.12 -6.32 -47.61
C ALA G 129 -48.06 -4.81 -47.34
N LEU G 130 -47.03 -4.37 -46.63
CA LEU G 130 -46.89 -2.95 -46.30
C LEU G 130 -45.42 -2.57 -46.41
N ASP G 131 -45.19 -1.29 -46.68
CA ASP G 131 -43.85 -0.76 -46.85
C ASP G 131 -43.39 0.09 -45.67
N GLU G 132 -43.89 -0.18 -44.45
CA GLU G 132 -43.57 0.68 -43.32
C GLU G 132 -42.54 0.03 -42.39
N GLU G 133 -42.85 -1.16 -41.89
CA GLU G 133 -41.94 -1.87 -41.00
C GLU G 133 -41.30 -3.08 -41.64
N ASP G 134 -42.06 -3.87 -42.40
CA ASP G 134 -41.60 -5.17 -42.86
C ASP G 134 -40.58 -5.08 -43.99
N LEU G 135 -40.47 -3.92 -44.64
CA LEU G 135 -39.59 -3.80 -45.80
C LEU G 135 -38.12 -3.90 -45.39
N GLU G 136 -37.75 -3.24 -44.29
CA GLU G 136 -36.38 -3.34 -43.82
C GLU G 136 -36.10 -4.71 -43.23
N GLN G 137 -37.14 -5.39 -42.72
CA GLN G 137 -36.94 -6.71 -42.15
C GLN G 137 -36.69 -7.74 -43.24
N TYR G 138 -37.50 -7.70 -44.31
CA TYR G 138 -37.25 -8.52 -45.49
C TYR G 138 -35.91 -8.20 -46.12
N LEU G 139 -35.54 -6.91 -46.11
CA LEU G 139 -34.25 -6.46 -46.62
C LEU G 139 -33.09 -7.04 -45.83
N LEU G 140 -33.16 -7.00 -44.50
CA LEU G 140 -32.04 -7.44 -43.70
C LEU G 140 -31.92 -8.96 -43.69
N VAL G 141 -33.06 -9.67 -43.64
CA VAL G 141 -32.99 -11.13 -43.72
C VAL G 141 -32.60 -11.56 -45.13
N TRP G 142 -32.88 -10.73 -46.13
CA TRP G 142 -32.44 -10.99 -47.50
C TRP G 142 -30.93 -10.91 -47.59
N SER G 143 -30.35 -9.82 -47.09
CA SER G 143 -28.90 -9.64 -47.13
C SER G 143 -28.19 -10.72 -46.31
N ALA G 144 -28.77 -11.08 -45.16
CA ALA G 144 -28.16 -12.11 -44.33
C ALA G 144 -28.22 -13.47 -45.01
N SER G 145 -29.33 -13.78 -45.69
CA SER G 145 -29.45 -15.06 -46.37
C SER G 145 -28.49 -15.16 -47.54
N LEU G 146 -28.34 -14.08 -48.31
CA LEU G 146 -27.36 -14.08 -49.40
C LEU G 146 -25.94 -14.26 -48.89
N ARG G 147 -25.56 -13.49 -47.86
CA ARG G 147 -24.19 -13.55 -47.40
C ARG G 147 -23.88 -14.88 -46.74
N GLN G 148 -24.83 -15.49 -46.03
CA GLN G 148 -24.55 -16.80 -45.44
C GLN G 148 -24.56 -17.90 -46.50
N SER G 149 -25.34 -17.75 -47.57
CA SER G 149 -25.39 -18.80 -48.58
C SER G 149 -24.10 -18.82 -49.39
N VAL G 150 -23.63 -17.66 -49.84
CA VAL G 150 -22.35 -17.64 -50.53
C VAL G 150 -21.22 -17.93 -49.56
N GLN G 151 -21.41 -17.60 -48.28
CA GLN G 151 -20.42 -17.90 -47.25
C GLN G 151 -20.22 -19.38 -47.10
N THR G 152 -21.30 -20.13 -46.87
CA THR G 152 -21.16 -21.56 -46.70
C THR G 152 -20.84 -22.27 -48.01
N GLY G 153 -21.17 -21.67 -49.16
CA GLY G 153 -20.79 -22.24 -50.43
C GLY G 153 -19.30 -22.21 -50.66
N VAL G 154 -18.71 -21.01 -50.61
CA VAL G 154 -17.28 -20.92 -50.78
C VAL G 154 -16.54 -21.47 -49.58
N LEU G 155 -17.18 -21.56 -48.41
CA LEU G 155 -16.54 -22.18 -47.26
C LEU G 155 -16.41 -23.67 -47.47
N GLY G 156 -17.45 -24.32 -47.97
CA GLY G 156 -17.35 -25.72 -48.30
C GLY G 156 -16.38 -25.99 -49.43
N ALA G 157 -16.36 -25.10 -50.43
CA ALA G 157 -15.44 -25.27 -51.55
C ALA G 157 -13.98 -25.14 -51.12
N LEU G 158 -13.66 -24.03 -50.44
CA LEU G 158 -12.30 -23.81 -49.97
C LEU G 158 -11.91 -24.82 -48.91
N ARG G 159 -12.86 -25.25 -48.07
CA ARG G 159 -12.57 -26.22 -47.04
C ARG G 159 -12.22 -27.57 -47.65
N ASP G 160 -12.94 -27.98 -48.69
CA ASP G 160 -12.65 -29.26 -49.32
C ASP G 160 -11.33 -29.22 -50.08
N ILE G 161 -11.11 -28.18 -50.89
CA ILE G 161 -9.88 -28.11 -51.67
C ILE G 161 -8.67 -27.77 -50.82
N LEU G 162 -8.87 -27.29 -49.59
CA LEU G 162 -7.78 -27.06 -48.67
C LEU G 162 -7.47 -28.29 -47.85
N TYR G 163 -8.50 -28.91 -47.26
CA TYR G 163 -8.29 -30.10 -46.46
C TYR G 163 -7.85 -31.30 -47.28
N GLN G 164 -8.05 -31.26 -48.60
CA GLN G 164 -7.57 -32.38 -49.39
C GLN G 164 -6.06 -32.30 -49.60
N TYR G 165 -5.56 -31.19 -50.13
CA TYR G 165 -4.20 -31.22 -50.65
C TYR G 165 -3.38 -29.99 -50.28
N ALA G 166 -3.69 -29.34 -49.17
CA ALA G 166 -2.82 -28.28 -48.69
C ALA G 166 -1.96 -28.73 -47.53
N ASP G 167 -2.12 -29.96 -47.06
CA ASP G 167 -1.36 -30.42 -45.89
C ASP G 167 -0.03 -31.05 -46.31
N ASN G 168 0.73 -30.29 -47.10
CA ASN G 168 2.13 -30.59 -47.30
C ASN G 168 2.96 -30.21 -46.07
N ASP G 169 2.41 -29.32 -45.23
CA ASP G 169 2.95 -28.88 -43.93
C ASP G 169 4.42 -28.48 -43.97
N ASP G 170 4.87 -27.97 -45.10
CA ASP G 170 6.26 -27.58 -45.30
C ASP G 170 6.61 -26.27 -44.64
N TYR G 171 5.60 -25.53 -44.18
CA TYR G 171 5.81 -24.24 -43.52
C TYR G 171 6.64 -24.40 -42.25
N GLY G 172 6.39 -25.48 -41.52
CA GLY G 172 7.05 -25.70 -40.25
C GLY G 172 8.51 -26.07 -40.36
N LEU G 173 8.97 -26.39 -41.56
CA LEU G 173 10.39 -26.54 -41.86
C LEU G 173 10.92 -25.33 -42.59
N TYR G 174 10.03 -24.64 -43.31
CA TYR G 174 10.41 -23.41 -43.99
C TYR G 174 10.86 -22.36 -42.99
N VAL G 175 10.16 -22.27 -41.86
CA VAL G 175 10.57 -21.27 -40.90
C VAL G 175 11.86 -21.70 -40.22
N ASP G 176 12.16 -22.99 -40.19
CA ASP G 176 13.43 -23.44 -39.63
C ASP G 176 14.58 -23.06 -40.54
N TRP G 177 14.43 -23.25 -41.85
CA TRP G 177 15.50 -22.85 -42.72
C TRP G 177 15.55 -21.33 -42.91
N CYS G 178 14.46 -20.62 -42.64
CA CYS G 178 14.53 -19.17 -42.69
C CYS G 178 15.04 -18.57 -41.39
N VAL G 179 15.03 -19.35 -40.31
CA VAL G 179 15.52 -18.85 -39.03
C VAL G 179 16.92 -19.37 -38.70
N THR G 180 17.39 -20.42 -39.38
CA THR G 180 18.65 -21.02 -39.02
C THR G 180 19.77 -20.79 -40.02
N VAL G 181 19.45 -20.66 -41.30
CA VAL G 181 20.48 -20.42 -42.32
C VAL G 181 20.02 -19.29 -43.24
N GLY G 182 18.74 -18.95 -43.17
CA GLY G 182 18.24 -17.85 -43.97
C GLY G 182 18.04 -18.17 -45.43
N LEU G 183 18.05 -19.45 -45.79
CA LEU G 183 17.85 -19.83 -47.19
C LEU G 183 17.34 -21.27 -47.22
N VAL G 184 16.41 -21.52 -48.12
CA VAL G 184 15.60 -22.73 -48.08
C VAL G 184 16.02 -23.64 -49.23
N PRO G 185 16.39 -24.89 -48.96
CA PRO G 185 16.46 -25.88 -50.03
C PRO G 185 15.07 -26.41 -50.33
N LEU G 186 14.82 -26.65 -51.61
CA LEU G 186 13.50 -27.07 -52.05
C LEU G 186 13.62 -27.71 -53.42
N LEU G 187 12.92 -28.82 -53.62
CA LEU G 187 12.99 -29.59 -54.85
C LEU G 187 11.64 -29.53 -55.54
N ASP G 188 11.63 -29.01 -56.76
CA ASP G 188 10.40 -28.76 -57.50
C ASP G 188 9.89 -30.11 -58.00
N VAL G 189 8.99 -30.71 -57.23
CA VAL G 189 8.47 -32.02 -57.59
C VAL G 189 7.44 -31.86 -58.70
N LYS G 190 7.64 -32.59 -59.79
CA LYS G 190 6.72 -32.58 -60.92
C LYS G 190 6.34 -34.02 -61.25
N THR G 191 5.19 -34.15 -61.90
CA THR G 191 4.61 -35.44 -62.23
C THR G 191 4.19 -35.43 -63.69
N LYS G 192 3.46 -36.47 -64.09
CA LYS G 192 2.94 -36.55 -65.44
C LYS G 192 1.83 -35.51 -65.61
N PRO G 193 1.62 -34.99 -66.83
CA PRO G 193 0.61 -33.92 -67.00
C PRO G 193 -0.83 -34.39 -66.89
N SER G 194 -1.08 -35.69 -66.77
CA SER G 194 -2.42 -36.19 -66.54
C SER G 194 -2.92 -35.80 -65.15
N GLU G 195 -2.02 -35.71 -64.19
CA GLU G 195 -2.40 -35.40 -62.82
C GLU G 195 -2.93 -33.99 -62.69
N ALA G 196 -2.55 -33.08 -63.60
CA ALA G 196 -3.22 -31.79 -63.71
C ALA G 196 -4.69 -31.97 -64.07
N ALA G 197 -5.00 -32.95 -64.93
CA ALA G 197 -6.41 -33.19 -65.25
C ALA G 197 -7.14 -33.88 -64.11
N GLU G 198 -6.43 -34.68 -63.30
CA GLU G 198 -7.08 -35.21 -62.10
C GLU G 198 -7.36 -34.10 -61.08
N ARG G 199 -6.47 -33.13 -60.95
CA ARG G 199 -6.77 -32.00 -60.08
C ARG G 199 -7.89 -31.14 -60.64
N ALA G 200 -7.94 -31.00 -61.97
CA ALA G 200 -9.06 -30.33 -62.60
C ALA G 200 -10.36 -31.05 -62.33
N GLN G 201 -10.32 -32.39 -62.35
CA GLN G 201 -11.47 -33.22 -62.01
C GLN G 201 -11.90 -33.00 -60.57
N PHE G 202 -10.92 -32.92 -59.65
CA PHE G 202 -11.26 -32.75 -58.24
C PHE G 202 -11.88 -31.40 -57.97
N VAL G 203 -11.31 -30.33 -58.54
CA VAL G 203 -11.87 -29.02 -58.30
C VAL G 203 -13.19 -28.85 -59.05
N ARG G 204 -13.38 -29.58 -60.15
CA ARG G 204 -14.69 -29.60 -60.79
C ARG G 204 -15.71 -30.34 -59.93
N ALA G 205 -15.29 -31.36 -59.20
CA ALA G 205 -16.21 -32.03 -58.29
C ALA G 205 -16.57 -31.11 -57.12
N ALA G 206 -15.58 -30.37 -56.62
CA ALA G 206 -15.82 -29.40 -55.56
C ALA G 206 -16.76 -28.29 -56.01
N VAL G 207 -16.64 -27.85 -57.26
CA VAL G 207 -17.58 -26.85 -57.71
C VAL G 207 -18.91 -27.48 -58.09
N GLN G 208 -19.00 -28.80 -58.24
CA GLN G 208 -20.32 -29.43 -58.30
C GLN G 208 -20.99 -29.41 -56.93
N ARG G 209 -20.22 -29.60 -55.86
CA ARG G 209 -20.78 -29.38 -54.51
C ARG G 209 -21.20 -27.94 -54.33
N ALA G 210 -20.41 -27.00 -54.85
CA ALA G 210 -20.81 -25.59 -54.84
C ALA G 210 -22.04 -25.35 -55.72
N THR G 211 -22.21 -26.14 -56.78
CA THR G 211 -23.33 -26.01 -57.69
C THR G 211 -24.64 -26.43 -57.01
N GLU G 212 -24.61 -27.55 -56.30
CA GLU G 212 -25.77 -27.90 -55.50
C GLU G 212 -25.89 -27.07 -54.24
N THR G 213 -24.87 -26.28 -53.89
CA THR G 213 -25.02 -25.35 -52.77
C THR G 213 -25.82 -24.11 -53.17
N HIS G 214 -25.29 -23.32 -54.11
CA HIS G 214 -25.87 -22.02 -54.39
C HIS G 214 -25.43 -21.52 -55.76
N PRO G 215 -26.29 -20.85 -56.52
CA PRO G 215 -25.91 -20.43 -57.89
C PRO G 215 -24.92 -19.29 -57.95
N LEU G 216 -24.98 -18.31 -57.04
CA LEU G 216 -24.05 -17.20 -57.14
C LEU G 216 -22.63 -17.62 -56.79
N ALA G 217 -22.49 -18.51 -55.80
CA ALA G 217 -21.18 -19.05 -55.47
C ALA G 217 -20.63 -19.88 -56.62
N GLN G 218 -21.49 -20.66 -57.29
CA GLN G 218 -21.01 -21.44 -58.43
C GLN G 218 -20.67 -20.55 -59.61
N ASP G 219 -21.29 -19.37 -59.70
CA ASP G 219 -20.88 -18.42 -60.73
C ASP G 219 -19.52 -17.82 -60.43
N LEU G 220 -19.27 -17.49 -59.15
CA LEU G 220 -17.97 -16.95 -58.77
C LEU G 220 -16.86 -17.96 -58.99
N LEU G 221 -17.09 -19.22 -58.64
CA LEU G 221 -16.06 -20.22 -58.85
C LEU G 221 -15.94 -20.60 -60.32
N GLN G 222 -17.03 -20.57 -61.08
CA GLN G 222 -16.90 -20.81 -62.51
C GLN G 222 -16.26 -19.63 -63.23
N ALA G 223 -16.22 -18.46 -62.58
CA ALA G 223 -15.44 -17.36 -63.10
C ALA G 223 -13.95 -17.54 -62.81
N ASN G 224 -13.61 -17.90 -61.56
CA ASN G 224 -12.21 -17.85 -61.13
C ASN G 224 -11.57 -19.22 -60.95
N LEU G 225 -12.15 -20.26 -61.55
CA LEU G 225 -11.59 -21.61 -61.43
C LEU G 225 -10.20 -21.73 -62.05
N ALA G 226 -9.88 -20.87 -63.02
CA ALA G 226 -8.57 -20.90 -63.65
C ALA G 226 -7.46 -20.58 -62.65
N LEU G 227 -7.61 -19.46 -61.93
CA LEU G 227 -6.61 -19.14 -60.93
C LEU G 227 -6.75 -20.04 -59.71
N LEU G 228 -7.94 -20.62 -59.47
CA LEU G 228 -8.08 -21.62 -58.42
C LEU G 228 -7.24 -22.85 -58.69
N LEU G 229 -7.32 -23.40 -59.90
CA LEU G 229 -6.48 -24.55 -60.22
C LEU G 229 -5.03 -24.15 -60.35
N GLN G 230 -4.75 -22.88 -60.67
CA GLN G 230 -3.38 -22.41 -60.70
C GLN G 230 -2.75 -22.46 -59.32
N VAL G 231 -3.43 -21.90 -58.31
CA VAL G 231 -2.89 -21.96 -56.95
C VAL G 231 -2.99 -23.37 -56.37
N ALA G 232 -3.87 -24.20 -56.91
CA ALA G 232 -3.91 -25.60 -56.49
C ALA G 232 -2.66 -26.33 -56.94
N GLU G 233 -2.26 -26.13 -58.19
CA GLU G 233 -1.08 -26.84 -58.67
C GLU G 233 0.19 -26.21 -58.14
N ARG G 234 0.18 -24.89 -57.88
CA ARG G 234 1.34 -24.28 -57.26
C ARG G 234 1.43 -24.65 -55.78
N LEU G 235 0.32 -25.09 -55.19
CA LEU G 235 0.37 -25.55 -53.80
C LEU G 235 0.97 -26.95 -53.71
N GLY G 236 0.71 -27.79 -54.69
CA GLY G 236 1.39 -29.06 -54.74
C GLY G 236 2.66 -29.06 -55.55
N ALA G 237 3.25 -27.88 -55.75
CA ALA G 237 4.35 -27.78 -56.70
C ALA G 237 5.68 -28.22 -56.10
N VAL G 238 5.92 -27.90 -54.84
CA VAL G 238 7.25 -28.08 -54.27
C VAL G 238 7.13 -28.64 -52.86
N ARG G 239 8.21 -29.25 -52.41
CA ARG G 239 8.38 -29.62 -51.02
C ARG G 239 9.44 -28.71 -50.42
N VAL G 240 9.83 -28.99 -49.19
CA VAL G 240 10.78 -28.17 -48.45
C VAL G 240 12.16 -28.84 -48.41
N ALA G 241 12.37 -29.84 -49.27
CA ALA G 241 13.58 -30.68 -49.32
C ALA G 241 13.84 -31.37 -47.99
N ASN G 242 12.81 -32.01 -47.46
CA ASN G 242 12.96 -32.80 -46.24
C ASN G 242 13.31 -34.23 -46.62
N ALA G 243 14.58 -34.42 -46.95
CA ALA G 243 15.12 -35.72 -47.34
C ALA G 243 16.57 -35.80 -46.89
N PRO G 244 17.06 -37.00 -46.61
CA PRO G 244 18.49 -37.14 -46.29
C PRO G 244 19.36 -36.91 -47.50
N GLU G 245 20.66 -36.73 -47.23
CA GLU G 245 21.70 -36.49 -48.24
C GLU G 245 21.40 -35.27 -49.09
N VAL G 246 20.98 -34.19 -48.43
CA VAL G 246 20.83 -32.91 -49.09
C VAL G 246 21.94 -32.01 -48.59
N ARG G 247 22.48 -31.18 -49.48
CA ARG G 247 23.65 -30.39 -49.15
C ARG G 247 23.60 -29.09 -49.94
N VAL G 248 24.02 -28.01 -49.28
CA VAL G 248 24.16 -26.72 -49.94
C VAL G 248 25.56 -26.19 -49.62
N PHE G 249 26.15 -25.52 -50.60
CA PHE G 249 27.52 -25.05 -50.53
C PHE G 249 27.65 -23.75 -51.30
N LYS G 250 28.72 -23.02 -51.03
CA LYS G 250 28.99 -21.74 -51.66
C LYS G 250 30.26 -21.85 -52.48
N LYS G 251 30.13 -21.69 -53.80
CA LYS G 251 31.29 -21.77 -54.68
C LYS G 251 32.17 -20.55 -54.49
N VAL G 252 33.44 -20.79 -54.16
CA VAL G 252 34.33 -19.70 -53.80
C VAL G 252 34.78 -18.91 -55.03
N ARG G 253 34.70 -19.48 -56.23
CA ARG G 253 35.13 -18.76 -57.42
C ARG G 253 34.09 -17.75 -57.85
N SER G 254 32.83 -18.16 -57.90
CA SER G 254 31.71 -17.26 -58.11
C SER G 254 30.70 -17.54 -57.02
N GLU G 255 30.42 -16.55 -56.18
CA GLU G 255 29.56 -16.72 -55.02
C GLU G 255 28.11 -16.87 -55.47
N ARG G 256 27.81 -18.07 -55.97
CA ARG G 256 26.54 -18.42 -56.56
C ARG G 256 26.01 -19.68 -55.90
N LEU G 257 25.97 -19.62 -54.56
CA LEU G 257 25.68 -20.73 -53.67
C LEU G 257 24.37 -21.43 -54.02
N GLU G 258 24.47 -22.74 -54.26
CA GLU G 258 23.37 -23.52 -54.80
C GLU G 258 23.43 -24.91 -54.21
N ALA G 259 22.26 -25.51 -54.02
CA ALA G 259 22.16 -26.79 -53.35
C ALA G 259 22.09 -27.92 -54.36
N GLN G 260 22.46 -29.12 -53.93
CA GLN G 260 22.22 -30.33 -54.68
C GLN G 260 21.55 -31.36 -53.78
N LEU G 261 20.73 -32.21 -54.39
CA LEU G 261 20.15 -33.36 -53.70
C LEU G 261 20.74 -34.61 -54.33
N ARG G 262 21.70 -35.22 -53.63
CA ARG G 262 22.30 -36.50 -54.00
C ARG G 262 22.93 -36.46 -55.39
N GLY G 263 23.57 -35.34 -55.71
CA GLY G 263 24.16 -35.14 -57.01
C GLY G 263 23.29 -34.41 -58.01
N LYS G 264 21.99 -34.32 -57.78
CA LYS G 264 21.08 -33.61 -58.66
C LYS G 264 20.95 -32.18 -58.17
N HIS G 265 21.24 -31.22 -59.04
CA HIS G 265 21.15 -29.82 -58.67
C HIS G 265 19.70 -29.41 -58.45
N ILE G 266 19.46 -28.67 -57.37
CA ILE G 266 18.15 -28.15 -57.05
C ILE G 266 18.27 -26.65 -56.80
N ARG G 267 17.19 -25.94 -57.09
CA ARG G 267 17.17 -24.50 -56.87
C ARG G 267 16.94 -24.20 -55.39
N LEU G 268 17.14 -22.94 -55.03
CA LEU G 268 17.00 -22.53 -53.64
C LEU G 268 16.68 -21.05 -53.59
N TYR G 269 15.94 -20.65 -52.56
CA TYR G 269 15.59 -19.26 -52.35
C TYR G 269 16.40 -18.73 -51.18
N VAL G 270 17.28 -17.79 -51.46
CA VAL G 270 18.11 -17.19 -50.43
C VAL G 270 17.45 -15.93 -49.94
N ALA G 271 17.10 -15.91 -48.66
CA ALA G 271 16.54 -14.71 -48.06
C ALA G 271 17.60 -13.84 -47.42
N ALA G 272 18.70 -14.44 -46.96
CA ALA G 272 19.78 -13.69 -46.34
C ALA G 272 21.07 -14.45 -46.56
N GLU G 273 21.88 -13.98 -47.51
CA GLU G 273 23.16 -14.62 -47.77
C GLU G 273 24.12 -14.31 -46.62
N PRO G 274 24.81 -15.31 -46.09
CA PRO G 274 25.73 -15.06 -44.99
C PRO G 274 26.94 -14.28 -45.45
N LEU G 275 27.57 -13.61 -44.49
CA LEU G 275 28.76 -12.83 -44.77
C LEU G 275 29.96 -13.76 -44.89
N ALA G 276 30.78 -13.54 -45.92
CA ALA G 276 31.87 -14.43 -46.25
C ALA G 276 33.15 -13.65 -46.42
N TYR G 277 34.22 -14.09 -45.74
CA TYR G 277 35.50 -13.40 -45.75
C TYR G 277 36.62 -14.44 -45.86
N GLU G 278 37.85 -14.01 -45.56
CA GLU G 278 38.99 -14.93 -45.59
C GLU G 278 38.90 -15.95 -44.45
N ARG G 279 38.11 -15.64 -43.42
CA ARG G 279 37.56 -16.68 -42.58
C ARG G 279 36.79 -17.64 -43.47
N ASP G 280 37.34 -18.84 -43.66
CA ASP G 280 36.77 -19.80 -44.58
C ASP G 280 35.41 -20.27 -44.09
N LYS G 281 35.33 -20.63 -42.81
CA LYS G 281 34.02 -20.70 -42.18
C LYS G 281 33.42 -19.31 -42.13
N LEU G 282 32.13 -19.22 -42.39
CA LEU G 282 31.50 -17.94 -42.58
C LEU G 282 30.31 -17.80 -41.65
N LEU G 283 30.07 -16.57 -41.21
CA LEU G 283 29.10 -16.28 -40.17
C LEU G 283 27.76 -15.95 -40.82
N PHE G 284 26.68 -16.44 -40.20
CA PHE G 284 25.33 -16.17 -40.66
C PHE G 284 24.75 -15.00 -39.88
N THR G 285 23.85 -14.28 -40.55
CA THR G 285 23.16 -13.17 -39.93
C THR G 285 21.77 -13.57 -39.41
N THR G 286 21.58 -14.84 -39.15
CA THR G 286 20.25 -15.33 -38.80
C THR G 286 20.09 -15.31 -37.27
N PRO G 287 18.85 -15.24 -36.78
CA PRO G 287 18.67 -15.08 -35.32
C PRO G 287 19.07 -16.28 -34.49
N VAL G 288 18.96 -17.50 -35.00
CA VAL G 288 19.37 -18.65 -34.18
C VAL G 288 20.88 -18.68 -34.02
N ALA G 289 21.62 -18.26 -35.05
CA ALA G 289 23.06 -18.19 -34.91
C ALA G 289 23.51 -17.04 -34.01
N HIS G 290 22.60 -16.13 -33.65
CA HIS G 290 22.95 -15.08 -32.71
C HIS G 290 23.07 -15.61 -31.30
N LEU G 291 22.42 -16.72 -30.99
CA LEU G 291 22.41 -17.20 -29.61
C LEU G 291 22.88 -18.64 -29.47
N HIS G 292 23.61 -19.15 -30.45
CA HIS G 292 24.01 -20.55 -30.43
C HIS G 292 25.03 -20.84 -29.34
N GLU G 293 26.00 -19.93 -29.16
CA GLU G 293 27.04 -20.11 -28.16
C GLU G 293 26.45 -20.14 -26.75
N GLU G 294 25.45 -19.30 -26.50
CA GLU G 294 24.91 -19.21 -25.14
C GLU G 294 24.13 -20.46 -24.76
N ILE G 295 23.37 -21.02 -25.70
CA ILE G 295 22.66 -22.24 -25.34
C ILE G 295 23.58 -23.44 -25.33
N LEU G 296 24.72 -23.38 -26.04
CA LEU G 296 25.73 -24.42 -25.86
C LEU G 296 26.35 -24.33 -24.48
N ARG G 297 26.54 -23.11 -23.99
CA ARG G 297 26.98 -22.89 -22.60
C ARG G 297 25.96 -23.45 -21.63
N TYR G 298 24.68 -23.29 -21.92
CA TYR G 298 23.64 -23.83 -21.06
C TYR G 298 23.68 -25.35 -21.04
N ASP G 299 23.84 -25.99 -22.19
CA ASP G 299 23.84 -27.44 -22.21
C ASP G 299 25.09 -28.00 -21.55
N GLY G 300 26.23 -27.32 -21.73
CA GLY G 300 27.43 -27.70 -21.01
C GLY G 300 27.26 -27.55 -19.51
N LEU G 301 26.52 -26.54 -19.08
CA LEU G 301 26.25 -26.39 -17.65
C LEU G 301 25.30 -27.47 -17.16
N CYS G 302 24.37 -27.91 -18.00
CA CYS G 302 23.47 -28.99 -17.60
C CYS G 302 24.23 -30.30 -17.42
N ARG G 303 25.13 -30.60 -18.36
CA ARG G 303 25.97 -31.78 -18.23
C ARG G 303 26.89 -31.68 -17.02
N HIS G 304 27.41 -30.48 -16.77
CA HIS G 304 28.29 -30.26 -15.63
C HIS G 304 27.55 -30.43 -14.31
N GLN G 305 26.32 -29.93 -14.25
CA GLN G 305 25.53 -30.06 -13.03
C GLN G 305 25.14 -31.51 -12.79
N LYS G 306 24.84 -32.26 -13.85
CA LYS G 306 24.54 -33.67 -13.67
C LYS G 306 25.77 -34.44 -13.20
N ILE G 307 26.94 -34.13 -13.77
CA ILE G 307 28.10 -34.93 -13.41
C ILE G 307 28.67 -34.51 -12.06
N CYS G 308 28.41 -33.27 -11.62
CA CYS G 308 28.78 -32.91 -10.26
C CYS G 308 27.72 -33.28 -9.26
N GLN G 309 26.54 -33.67 -9.72
CA GLN G 309 25.57 -34.28 -8.83
C GLN G 309 25.90 -35.76 -8.63
N LEU G 310 26.24 -36.45 -9.70
CA LEU G 310 26.53 -37.88 -9.68
C LEU G 310 27.87 -38.21 -9.02
N LEU G 311 28.66 -37.22 -8.64
CA LEU G 311 29.95 -37.47 -8.05
C LEU G 311 29.99 -37.06 -6.59
N ASN G 312 28.85 -36.65 -6.03
CA ASN G 312 28.74 -36.26 -4.63
C ASN G 312 27.70 -37.10 -3.88
N THR G 313 27.33 -38.27 -4.41
CA THR G 313 26.19 -39.00 -3.88
C THR G 313 26.50 -39.66 -2.55
N PHE G 314 27.72 -40.08 -2.35
CA PHE G 314 28.05 -40.73 -1.10
C PHE G 314 28.19 -39.70 0.01
N PRO G 315 27.90 -40.08 1.26
CA PRO G 315 28.09 -39.15 2.38
C PRO G 315 29.54 -38.78 2.65
N VAL G 316 30.40 -39.78 2.81
CA VAL G 316 31.78 -39.53 3.20
C VAL G 316 32.69 -39.77 2.01
N LYS G 317 33.86 -39.16 2.07
CA LYS G 317 34.90 -39.35 1.08
C LYS G 317 36.20 -39.62 1.80
N VAL G 318 36.92 -40.65 1.37
CA VAL G 318 38.17 -41.05 1.99
C VAL G 318 39.27 -40.95 0.95
N VAL G 319 40.52 -40.97 1.41
CA VAL G 319 41.69 -41.08 0.56
C VAL G 319 42.50 -42.28 1.04
N THR G 320 43.31 -42.85 0.16
CA THR G 320 44.23 -43.91 0.56
C THR G 320 45.37 -44.05 -0.42
N ASP G 488 13.09 -47.64 -13.25
CA ASP G 488 13.69 -48.14 -12.03
C ASP G 488 13.03 -47.53 -10.81
N ALA G 489 11.80 -47.97 -10.54
CA ALA G 489 11.04 -47.49 -9.39
C ALA G 489 11.08 -48.47 -8.22
N GLU G 490 12.17 -49.22 -8.11
CA GLU G 490 12.21 -50.30 -7.13
C GLU G 490 12.40 -49.79 -5.71
N LEU G 491 12.77 -48.53 -5.55
CA LEU G 491 12.91 -47.96 -4.22
C LEU G 491 11.56 -47.63 -3.60
N TYR G 492 10.55 -47.41 -4.43
CA TYR G 492 9.29 -46.90 -3.91
C TYR G 492 8.43 -47.99 -3.29
N HIS G 493 8.08 -49.01 -4.08
CA HIS G 493 7.14 -50.03 -3.65
C HIS G 493 7.70 -50.86 -2.51
N LEU G 494 8.98 -51.17 -2.57
CA LEU G 494 9.57 -52.08 -1.62
C LEU G 494 9.80 -51.37 -0.28
N PRO G 495 9.54 -52.03 0.84
CA PRO G 495 9.57 -51.33 2.13
C PRO G 495 10.98 -51.02 2.59
N VAL G 496 11.07 -50.31 3.72
CA VAL G 496 12.30 -49.66 4.14
C VAL G 496 13.34 -50.63 4.66
N LEU G 497 12.93 -51.76 5.24
CA LEU G 497 13.87 -52.72 5.79
C LEU G 497 14.76 -53.35 4.73
N GLU G 498 14.25 -53.55 3.52
CA GLU G 498 15.09 -53.99 2.41
C GLU G 498 15.62 -52.81 1.61
N ALA G 499 14.97 -51.64 1.70
CA ALA G 499 15.42 -50.46 0.97
C ALA G 499 16.74 -49.94 1.51
N VAL G 500 16.90 -49.95 2.84
CA VAL G 500 18.16 -49.49 3.41
C VAL G 500 19.27 -50.49 3.13
N ARG G 501 18.91 -51.74 2.83
CA ARG G 501 19.89 -52.73 2.42
C ARG G 501 20.29 -52.54 0.97
N LYS G 502 19.31 -52.29 0.11
CA LYS G 502 19.56 -52.14 -1.31
C LYS G 502 20.27 -50.83 -1.62
N ALA G 503 20.06 -49.80 -0.80
CA ALA G 503 20.73 -48.53 -1.02
C ALA G 503 22.24 -48.63 -0.79
N ARG G 504 22.67 -49.46 0.16
CA ARG G 504 24.09 -49.52 0.50
C ARG G 504 24.89 -50.20 -0.59
N ASP G 505 24.35 -51.25 -1.20
CA ASP G 505 24.99 -51.86 -2.35
C ASP G 505 24.66 -51.14 -3.65
N ALA G 506 23.66 -50.25 -3.62
CA ALA G 506 23.35 -49.45 -4.80
C ALA G 506 24.41 -48.39 -5.05
N ALA G 507 25.12 -47.97 -4.00
CA ALA G 507 26.23 -47.03 -4.12
C ALA G 507 27.39 -47.59 -3.30
N PRO G 508 28.26 -48.39 -3.91
CA PRO G 508 29.37 -48.97 -3.16
C PRO G 508 30.40 -47.91 -2.77
N PHE G 509 30.86 -48.05 -1.54
CA PHE G 509 31.89 -47.17 -0.99
C PHE G 509 33.20 -47.47 -1.69
N ARG G 510 33.71 -46.51 -2.45
CA ARG G 510 34.93 -46.71 -3.21
C ARG G 510 35.99 -45.72 -2.76
N PRO G 511 37.12 -46.18 -2.25
CA PRO G 511 38.23 -45.27 -1.94
C PRO G 511 39.04 -44.87 -3.17
N LEU G 512 40.14 -44.16 -2.95
CA LEU G 512 40.94 -43.64 -4.04
C LEU G 512 42.40 -43.49 -3.59
N ALA G 513 43.34 -43.88 -4.45
CA ALA G 513 44.70 -44.13 -3.99
C ALA G 513 45.70 -43.86 -5.10
N VAL G 514 46.84 -43.29 -4.70
CA VAL G 514 48.03 -43.15 -5.55
C VAL G 514 49.25 -43.32 -4.64
N GLU G 515 50.23 -44.11 -5.08
CA GLU G 515 51.45 -44.31 -4.30
C GLU G 515 52.26 -43.03 -4.20
N ASP G 516 52.80 -42.77 -3.01
CA ASP G 516 53.80 -41.73 -2.77
C ASP G 516 54.67 -42.15 -1.60
N ASN G 517 55.95 -41.80 -1.67
CA ASN G 517 56.93 -42.23 -0.68
C ASN G 517 57.18 -41.11 0.32
N ARG G 518 57.09 -41.44 1.62
CA ARG G 518 57.40 -40.58 2.76
C ARG G 518 56.62 -39.28 2.79
N LEU G 519 55.47 -39.20 2.11
CA LEU G 519 54.80 -37.93 1.85
C LEU G 519 53.37 -38.21 1.45
N VAL G 520 52.42 -37.70 2.24
CA VAL G 520 50.99 -37.93 2.05
C VAL G 520 50.37 -36.55 1.90
N ALA G 521 49.05 -36.48 1.79
CA ALA G 521 48.37 -35.25 1.44
C ALA G 521 48.01 -34.41 2.66
N ASN G 522 47.98 -33.09 2.44
CA ASN G 522 47.23 -32.18 3.29
C ASN G 522 46.08 -31.62 2.47
N SER G 523 44.91 -32.20 2.60
CA SER G 523 43.89 -32.12 1.57
C SER G 523 42.83 -31.10 1.90
N PHE G 524 42.01 -30.79 0.89
CA PHE G 524 40.88 -29.88 1.05
C PHE G 524 39.69 -30.46 0.31
N PHE G 525 38.51 -30.01 0.71
CA PHE G 525 37.26 -30.55 0.20
C PHE G 525 36.40 -29.43 -0.36
N SER G 526 35.72 -29.70 -1.46
CA SER G 526 34.88 -28.71 -2.14
C SER G 526 33.51 -29.35 -2.40
N GLN G 527 32.46 -28.66 -2.00
CA GLN G 527 31.10 -29.12 -2.24
C GLN G 527 30.33 -27.96 -2.86
N PHE G 528 30.07 -28.07 -4.16
CA PHE G 528 29.18 -27.11 -4.79
C PHE G 528 28.44 -27.79 -5.93
N VAL G 529 27.39 -27.13 -6.37
CA VAL G 529 26.61 -27.51 -7.55
C VAL G 529 26.35 -26.20 -8.28
N PRO G 530 26.55 -26.13 -9.60
CA PRO G 530 26.26 -24.89 -10.33
C PRO G 530 24.78 -24.56 -10.37
N GLY G 531 24.48 -23.28 -10.16
CA GLY G 531 23.11 -22.84 -10.19
C GLY G 531 22.58 -22.71 -11.60
N THR G 532 21.45 -23.37 -11.89
CA THR G 532 20.90 -23.32 -13.24
C THR G 532 19.93 -22.18 -13.41
N GLU G 533 19.37 -21.66 -12.32
CA GLU G 533 18.22 -20.78 -12.44
C GLU G 533 18.61 -19.40 -12.92
N SER G 534 19.84 -18.96 -12.65
CA SER G 534 20.25 -17.61 -13.04
C SER G 534 20.39 -17.51 -14.56
N LEU G 535 21.21 -18.37 -15.15
CA LEU G 535 21.31 -18.34 -16.61
C LEU G 535 20.08 -18.96 -17.27
N GLU G 536 19.26 -19.70 -16.54
CA GLU G 536 18.00 -20.17 -17.12
C GLU G 536 17.06 -18.99 -17.33
N ARG G 537 16.93 -18.14 -16.32
CA ARG G 537 16.17 -16.91 -16.46
C ARG G 537 16.78 -16.01 -17.52
N PHE G 538 18.12 -15.95 -17.56
CA PHE G 538 18.80 -15.10 -18.53
C PHE G 538 18.59 -15.60 -19.95
N LEU G 539 18.67 -16.91 -20.16
CA LEU G 539 18.50 -17.46 -21.50
C LEU G 539 17.05 -17.40 -21.95
N THR G 540 16.10 -17.59 -21.05
CA THR G 540 14.71 -17.47 -21.46
C THR G 540 14.35 -16.04 -21.77
N GLN G 541 14.89 -15.08 -21.00
CA GLN G 541 14.69 -13.67 -21.33
C GLN G 541 15.36 -13.32 -22.65
N LEU G 542 16.50 -13.93 -22.93
CA LEU G 542 17.22 -13.68 -24.17
C LEU G 542 16.44 -14.24 -25.36
N TRP G 543 15.89 -15.44 -25.20
CA TRP G 543 15.07 -16.02 -26.25
C TRP G 543 13.79 -15.20 -26.46
N GLU G 544 13.24 -14.69 -25.36
CA GLU G 544 11.99 -13.93 -25.40
C GLU G 544 12.16 -12.63 -26.15
N ASN G 545 13.12 -11.79 -25.73
CA ASN G 545 13.28 -10.54 -26.46
C ASN G 545 13.94 -10.77 -27.81
N GLU G 546 14.57 -11.92 -28.03
CA GLU G 546 15.05 -12.24 -29.37
C GLU G 546 13.91 -12.39 -30.35
N TYR G 547 12.96 -13.30 -30.06
CA TYR G 547 11.85 -13.47 -30.98
C TYR G 547 10.80 -12.38 -30.83
N PHE G 548 11.01 -11.43 -29.93
CA PHE G 548 10.11 -10.28 -29.95
C PHE G 548 10.70 -9.11 -30.72
N ARG G 549 12.03 -8.98 -30.77
CA ARG G 549 12.55 -7.97 -31.68
C ARG G 549 12.50 -8.46 -33.12
N THR G 550 13.11 -9.61 -33.42
CA THR G 550 13.33 -9.92 -34.83
C THR G 550 12.08 -10.39 -35.54
N PHE G 551 11.01 -10.68 -34.80
CA PHE G 551 9.67 -10.68 -35.36
C PHE G 551 8.81 -10.01 -34.31
N ARG G 552 7.90 -9.13 -34.71
CA ARG G 552 7.17 -8.35 -33.72
C ARG G 552 5.93 -9.12 -33.27
N LEU G 553 6.18 -10.23 -32.59
CA LEU G 553 5.12 -11.07 -32.07
C LEU G 553 4.37 -10.33 -30.98
N ARG G 554 3.07 -10.15 -31.18
CA ARG G 554 2.31 -9.38 -30.22
C ARG G 554 2.02 -10.21 -28.97
N ARG G 555 1.74 -9.51 -27.87
CA ARG G 555 1.35 -10.14 -26.62
C ARG G 555 0.01 -9.56 -26.20
N LEU G 556 -1.07 -10.11 -26.74
CA LEU G 556 -2.39 -9.63 -26.35
C LEU G 556 -2.73 -10.20 -24.97
N VAL G 557 -3.07 -9.33 -24.03
CA VAL G 557 -3.48 -9.74 -22.69
C VAL G 557 -4.65 -8.89 -22.24
N THR G 558 -5.40 -9.43 -21.29
CA THR G 558 -6.36 -8.64 -20.54
C THR G 558 -5.68 -8.00 -19.34
N HIS G 559 -6.44 -7.19 -18.60
CA HIS G 559 -5.86 -6.43 -17.48
C HIS G 559 -5.46 -7.38 -16.36
N GLN G 560 -4.30 -7.09 -15.75
CA GLN G 560 -3.46 -7.97 -14.93
C GLN G 560 -3.44 -9.39 -15.43
N GLY G 561 -3.32 -9.56 -16.75
CA GLY G 561 -3.31 -10.86 -17.37
C GLY G 561 -1.94 -11.17 -17.92
N ALA G 562 -1.51 -12.42 -17.72
CA ALA G 562 -0.14 -12.81 -18.02
C ALA G 562 -0.12 -13.72 -19.25
N GLU G 563 0.43 -13.19 -20.35
CA GLU G 563 0.67 -13.86 -21.65
C GLU G 563 -0.53 -14.71 -22.11
N GLU G 564 -1.64 -14.02 -22.38
CA GLU G 564 -2.83 -14.70 -22.86
C GLU G 564 -2.60 -15.33 -24.22
N ALA G 565 -1.87 -14.65 -25.10
CA ALA G 565 -1.55 -15.21 -26.40
C ALA G 565 -0.33 -14.50 -26.97
N ILE G 566 0.48 -15.25 -27.69
CA ILE G 566 1.53 -14.71 -28.54
C ILE G 566 1.16 -15.05 -29.96
N VAL G 567 1.00 -14.04 -30.81
CA VAL G 567 0.40 -14.24 -32.12
C VAL G 567 1.10 -13.35 -33.14
N TYR G 568 0.94 -13.70 -34.42
CA TYR G 568 1.56 -12.96 -35.51
C TYR G 568 0.99 -11.56 -35.60
N SER G 569 1.84 -10.61 -35.97
CA SER G 569 1.44 -9.25 -36.22
C SER G 569 1.75 -8.88 -37.66
N ASN G 570 1.63 -7.58 -37.96
CA ASN G 570 1.75 -7.10 -39.33
C ASN G 570 3.16 -7.30 -39.88
N TYR G 571 4.17 -7.13 -39.04
CA TYR G 571 5.52 -7.30 -39.54
C TYR G 571 5.87 -8.76 -39.74
N THR G 572 5.28 -9.66 -38.95
CA THR G 572 5.66 -11.07 -39.01
C THR G 572 5.18 -11.71 -40.29
N VAL G 573 3.94 -11.44 -40.69
CA VAL G 573 3.43 -12.02 -41.92
C VAL G 573 4.17 -11.45 -43.12
N GLU G 574 4.51 -10.17 -43.09
CA GLU G 574 5.34 -9.54 -44.10
C GLU G 574 6.74 -10.16 -44.14
N ARG G 575 7.24 -10.63 -43.01
CA ARG G 575 8.59 -11.14 -43.01
C ARG G 575 8.66 -12.60 -43.46
N VAL G 576 7.69 -13.43 -43.10
CA VAL G 576 7.80 -14.86 -43.36
C VAL G 576 6.77 -15.38 -44.36
N THR G 577 5.52 -14.92 -44.32
CA THR G 577 4.54 -15.58 -45.15
C THR G 577 4.56 -15.04 -46.56
N LEU G 578 4.60 -13.72 -46.69
CA LEU G 578 4.68 -13.12 -48.02
C LEU G 578 5.94 -13.46 -48.80
N PRO G 579 7.14 -13.58 -48.21
CA PRO G 579 8.25 -14.10 -49.03
C PRO G 579 8.12 -15.58 -49.35
N TYR G 580 7.45 -16.33 -48.48
CA TYR G 580 7.15 -17.72 -48.77
C TYR G 580 6.28 -17.83 -50.01
N LEU G 581 5.22 -17.04 -50.08
CA LEU G 581 4.39 -17.04 -51.27
C LEU G 581 5.06 -16.29 -52.42
N CYS G 582 6.11 -15.52 -52.15
CA CYS G 582 6.89 -14.95 -53.23
C CYS G 582 7.68 -16.03 -53.94
N HIS G 583 8.18 -17.02 -53.21
CA HIS G 583 8.89 -18.09 -53.92
C HIS G 583 8.00 -19.28 -54.25
N ILE G 584 6.77 -19.34 -53.76
CA ILE G 584 5.79 -20.27 -54.34
C ILE G 584 5.09 -19.64 -55.53
N LEU G 585 5.23 -18.31 -55.68
CA LEU G 585 4.67 -17.52 -56.78
C LEU G 585 3.14 -17.60 -56.84
N ALA G 586 2.51 -17.85 -55.71
CA ALA G 586 1.08 -17.62 -55.61
C ALA G 586 0.77 -16.18 -55.29
N LEU G 587 1.80 -15.37 -55.02
CA LEU G 587 1.63 -14.01 -54.52
C LEU G 587 1.09 -13.04 -55.56
N GLY G 588 1.13 -13.40 -56.84
CA GLY G 588 0.63 -12.53 -57.89
C GLY G 588 -0.86 -12.33 -57.89
N THR G 589 -1.60 -13.11 -57.09
CA THR G 589 -3.03 -12.94 -56.94
C THR G 589 -3.47 -12.62 -55.51
N LEU G 590 -2.58 -12.74 -54.53
CA LEU G 590 -2.96 -12.73 -53.12
C LEU G 590 -2.52 -11.44 -52.44
N ASP G 591 -2.75 -11.39 -51.13
CA ASP G 591 -2.57 -10.19 -50.33
C ASP G 591 -2.44 -10.61 -48.87
N PRO G 592 -1.81 -9.79 -48.03
CA PRO G 592 -1.70 -10.14 -46.61
C PRO G 592 -3.04 -10.05 -45.91
N VAL G 593 -3.19 -10.86 -44.86
CA VAL G 593 -4.34 -10.75 -43.98
C VAL G 593 -3.95 -9.79 -42.87
N PRO G 594 -4.85 -8.93 -42.41
CA PRO G 594 -4.56 -8.19 -41.17
C PRO G 594 -4.50 -9.13 -40.00
N GLU G 595 -3.67 -8.75 -39.04
CA GLU G 595 -3.32 -9.65 -37.95
C GLU G 595 -4.48 -9.83 -36.98
N ALA G 596 -5.34 -8.81 -36.85
CA ALA G 596 -6.55 -8.95 -36.07
C ALA G 596 -7.51 -9.95 -36.69
N TYR G 597 -7.49 -10.09 -38.01
CA TYR G 597 -8.35 -11.05 -38.69
C TYR G 597 -7.83 -12.47 -38.50
N LEU G 598 -6.53 -12.61 -38.25
CA LEU G 598 -5.90 -13.92 -38.24
C LEU G 598 -6.34 -14.74 -37.05
N GLN G 599 -6.62 -14.09 -35.93
CA GLN G 599 -6.99 -14.83 -34.72
C GLN G 599 -8.39 -15.42 -34.82
N LEU G 600 -9.20 -14.98 -35.77
CA LEU G 600 -10.56 -15.48 -35.92
C LEU G 600 -10.54 -16.91 -36.48
N SER G 601 -11.75 -17.47 -36.64
CA SER G 601 -11.88 -18.89 -36.93
C SER G 601 -11.52 -19.21 -38.38
N PHE G 602 -11.61 -20.50 -38.69
CA PHE G 602 -11.47 -20.96 -40.06
C PHE G 602 -12.66 -20.53 -40.91
N GLY G 603 -13.82 -20.34 -40.28
CA GLY G 603 -15.03 -20.02 -40.99
C GLY G 603 -15.52 -18.62 -40.72
N GLU G 604 -15.17 -18.06 -39.57
CA GLU G 604 -15.52 -16.69 -39.24
C GLU G 604 -14.69 -15.69 -40.03
N ILE G 605 -13.55 -16.12 -40.56
CA ILE G 605 -12.64 -15.21 -41.24
C ILE G 605 -13.26 -14.67 -42.54
N VAL G 606 -14.04 -15.48 -43.24
CA VAL G 606 -14.59 -15.00 -44.51
C VAL G 606 -15.74 -14.04 -44.26
N ALA G 607 -16.42 -14.18 -43.11
CA ALA G 607 -17.57 -13.33 -42.82
C ALA G 607 -17.15 -11.89 -42.57
N ALA G 608 -15.94 -11.70 -42.09
CA ALA G 608 -15.37 -10.35 -42.05
C ALA G 608 -14.55 -10.04 -43.28
N ALA G 609 -14.11 -11.07 -44.02
CA ALA G 609 -13.27 -10.83 -45.18
C ALA G 609 -14.06 -10.21 -46.32
N TYR G 610 -15.18 -10.80 -46.70
CA TYR G 610 -15.96 -10.10 -47.71
C TYR G 610 -16.76 -8.95 -47.13
N ASP G 611 -16.84 -8.84 -45.80
CA ASP G 611 -17.34 -7.60 -45.22
C ASP G 611 -16.33 -6.48 -45.42
N ASP G 612 -15.04 -6.81 -45.47
CA ASP G 612 -14.02 -5.81 -45.78
C ASP G 612 -14.11 -5.34 -47.22
N SER G 613 -14.61 -6.20 -48.11
CA SER G 613 -14.87 -5.78 -49.48
C SER G 613 -16.18 -5.01 -49.56
N LYS G 614 -16.55 -4.62 -50.77
CA LYS G 614 -17.76 -3.84 -50.99
C LYS G 614 -18.98 -4.72 -51.22
N PHE G 615 -18.88 -6.01 -50.96
CA PHE G 615 -20.02 -6.90 -51.14
C PHE G 615 -21.13 -6.59 -50.14
N CYS G 616 -20.77 -6.47 -48.87
CA CYS G 616 -21.73 -6.01 -47.88
C CYS G 616 -21.88 -4.50 -47.86
N ARG G 617 -21.09 -3.78 -48.66
CA ARG G 617 -21.23 -2.33 -48.76
C ARG G 617 -22.04 -1.92 -49.97
N TYR G 618 -22.12 -2.76 -50.99
CA TYR G 618 -23.09 -2.52 -52.05
C TYR G 618 -24.49 -2.88 -51.60
N VAL G 619 -24.60 -3.72 -50.57
CA VAL G 619 -25.88 -4.05 -49.96
C VAL G 619 -26.53 -2.81 -49.37
N GLU G 620 -25.74 -1.91 -48.77
CA GLU G 620 -26.32 -0.70 -48.20
C GLU G 620 -26.78 0.27 -49.29
N LEU G 621 -26.12 0.27 -50.45
CA LEU G 621 -26.55 1.16 -51.52
C LEU G 621 -27.79 0.62 -52.22
N ILE G 622 -27.86 -0.70 -52.43
CA ILE G 622 -29.10 -1.23 -52.96
C ILE G 622 -30.21 -1.22 -51.92
N CYS G 623 -29.87 -1.19 -50.63
CA CYS G 623 -30.81 -0.91 -49.56
C CYS G 623 -31.42 0.47 -49.68
N SER G 624 -30.57 1.49 -49.86
CA SER G 624 -31.07 2.85 -50.06
C SER G 624 -31.84 2.98 -51.36
N ARG G 625 -31.43 2.23 -52.39
CA ARG G 625 -32.15 2.27 -53.66
C ARG G 625 -33.52 1.61 -53.54
N GLU G 626 -33.62 0.53 -52.79
CA GLU G 626 -34.92 -0.12 -52.60
C GLU G 626 -35.81 0.70 -51.67
N LYS G 627 -35.23 1.34 -50.66
CA LYS G 627 -36.02 2.19 -49.78
C LYS G 627 -36.50 3.43 -50.50
N ALA G 628 -35.73 3.93 -51.48
CA ALA G 628 -36.25 4.99 -52.33
C ALA G 628 -37.30 4.47 -53.32
N ARG G 629 -37.08 3.26 -53.84
CA ARG G 629 -37.94 2.68 -54.85
C ARG G 629 -39.35 2.41 -54.32
N ARG G 630 -39.45 2.01 -53.06
CA ARG G 630 -40.77 1.87 -52.46
C ARG G 630 -41.16 3.03 -51.56
N ARG G 631 -40.25 3.98 -51.30
CA ARG G 631 -40.63 5.17 -50.58
C ARG G 631 -41.34 6.15 -51.50
N GLN G 632 -40.94 6.21 -52.77
CA GLN G 632 -41.70 6.97 -53.75
C GLN G 632 -43.00 6.26 -54.12
N MET G 633 -43.12 4.97 -53.80
CA MET G 633 -44.41 4.29 -53.89
C MET G 633 -45.30 4.63 -52.70
N SER G 634 -44.71 4.71 -51.50
CA SER G 634 -45.47 5.04 -50.30
C SER G 634 -45.73 6.54 -50.21
N ARG G 635 -44.71 7.35 -50.49
CA ARG G 635 -44.80 8.78 -50.28
C ARG G 635 -44.39 9.56 -51.53
N UNK H 1 -44.45 -16.50 -51.04
CA UNK H 1 -43.91 -16.54 -49.69
C UNK H 1 -42.73 -17.51 -49.59
N UNK H 2 -41.54 -17.03 -49.93
CA UNK H 2 -40.35 -17.87 -49.97
C UNK H 2 -39.14 -17.05 -49.55
N UNK H 3 -38.00 -17.73 -49.41
CA UNK H 3 -36.78 -17.10 -48.92
C UNK H 3 -36.16 -16.22 -50.00
N UNK H 4 -35.07 -15.55 -49.62
CA UNK H 4 -34.41 -14.64 -50.55
C UNK H 4 -33.17 -15.24 -51.17
N UNK H 5 -32.56 -16.20 -50.51
CA UNK H 5 -31.45 -16.96 -51.08
C UNK H 5 -31.65 -18.47 -50.96
N UNK H 6 -32.26 -18.92 -49.86
CA UNK H 6 -32.48 -20.35 -49.67
C UNK H 6 -33.65 -20.87 -50.48
N UNK H 7 -34.50 -19.99 -51.02
CA UNK H 7 -35.59 -20.45 -51.87
C UNK H 7 -35.07 -20.96 -53.20
N UNK H 8 -34.06 -20.30 -53.75
CA UNK H 8 -33.38 -20.84 -54.91
C UNK H 8 -32.52 -22.04 -54.53
N UNK H 9 -32.13 -22.15 -53.27
CA UNK H 9 -31.37 -23.33 -52.83
C UNK H 9 -32.28 -24.54 -52.64
N UNK H 10 -33.57 -24.32 -52.42
CA UNK H 10 -34.54 -25.40 -52.33
C UNK H 10 -35.22 -25.64 -53.67
N UNK H 11 -35.84 -24.61 -54.22
CA UNK H 11 -36.47 -24.65 -55.54
C UNK H 11 -35.57 -23.88 -56.49
N UNK H 12 -34.76 -24.61 -57.26
CA UNK H 12 -33.72 -24.00 -58.10
C UNK H 12 -34.34 -23.18 -59.22
N UNK H 13 -33.96 -21.90 -59.29
CA UNK H 13 -34.53 -20.96 -60.24
C UNK H 13 -33.92 -21.23 -61.62
N UNK H 14 -34.46 -22.25 -62.28
CA UNK H 14 -34.04 -22.55 -63.64
C UNK H 14 -35.05 -22.02 -64.66
N UNK H 15 -36.33 -22.07 -64.31
CA UNK H 15 -37.38 -21.60 -65.22
C UNK H 15 -37.45 -20.08 -65.24
N ASP I 52 -5.54 -74.27 -20.94
CA ASP I 52 -5.32 -73.07 -20.15
C ASP I 52 -4.79 -71.96 -21.05
N GLU I 53 -5.49 -70.83 -21.07
CA GLU I 53 -5.12 -69.71 -21.92
C GLU I 53 -4.31 -68.71 -21.09
N ALA I 54 -3.18 -68.29 -21.65
CA ALA I 54 -2.36 -67.24 -21.02
C ALA I 54 -3.05 -65.90 -21.21
N VAL I 55 -3.53 -65.32 -20.11
CA VAL I 55 -4.35 -64.12 -20.15
C VAL I 55 -3.72 -63.10 -19.21
N ILE I 56 -3.45 -61.90 -19.71
CA ILE I 56 -2.90 -60.86 -18.84
C ILE I 56 -4.01 -60.32 -17.96
N ASP I 57 -3.73 -60.29 -16.66
CA ASP I 57 -4.67 -59.95 -15.62
C ASP I 57 -4.38 -58.57 -15.06
N ILE I 58 -5.43 -57.83 -14.71
CA ILE I 58 -5.23 -56.44 -14.32
C ILE I 58 -5.79 -56.08 -12.95
N PHE I 59 -6.86 -56.74 -12.50
CA PHE I 59 -7.50 -56.16 -11.33
C PHE I 59 -6.82 -56.47 -10.00
N PRO I 60 -6.73 -57.73 -9.49
CA PRO I 60 -6.27 -57.93 -8.11
C PRO I 60 -4.76 -58.12 -8.02
N THR I 61 -4.01 -57.28 -8.72
CA THR I 61 -2.56 -57.25 -8.61
C THR I 61 -2.18 -56.32 -7.48
N GLY I 62 -0.89 -56.03 -7.38
CA GLY I 62 -0.47 -54.96 -6.50
C GLY I 62 -0.89 -53.61 -7.02
N GLN I 63 -0.74 -53.39 -8.34
CA GLN I 63 -0.84 -52.06 -8.94
C GLN I 63 -2.25 -51.49 -8.89
N THR I 64 -3.28 -52.32 -8.81
CA THR I 64 -4.62 -51.77 -8.77
C THR I 64 -5.38 -52.08 -7.50
N MET I 65 -5.01 -53.13 -6.77
CA MET I 65 -5.57 -53.25 -5.42
C MET I 65 -4.98 -52.21 -4.50
N SER I 66 -3.73 -51.80 -4.75
CA SER I 66 -3.17 -50.68 -4.00
C SER I 66 -3.85 -49.36 -4.33
N PHE I 67 -4.46 -49.26 -5.51
CA PHE I 67 -5.14 -48.03 -5.90
C PHE I 67 -6.35 -47.74 -5.04
N LEU I 68 -7.12 -48.77 -4.71
CA LEU I 68 -8.28 -48.54 -3.87
C LEU I 68 -7.89 -48.24 -2.43
N ARG I 69 -6.75 -48.75 -1.99
CA ARG I 69 -6.30 -48.45 -0.64
C ARG I 69 -5.77 -47.04 -0.54
N LEU I 70 -5.05 -46.58 -1.55
CA LEU I 70 -4.60 -45.19 -1.52
C LEU I 70 -5.74 -44.23 -1.76
N LEU I 71 -6.77 -44.66 -2.50
CA LEU I 71 -7.82 -43.73 -2.86
C LEU I 71 -8.73 -43.43 -1.66
N HIS I 72 -9.02 -44.43 -0.85
CA HIS I 72 -9.69 -44.18 0.42
C HIS I 72 -8.69 -44.08 1.57
N GLY I 73 -7.42 -43.89 1.26
CA GLY I 73 -6.48 -43.39 2.24
C GLY I 73 -5.93 -44.38 3.23
N PHE I 74 -5.81 -45.64 2.86
CA PHE I 74 -5.11 -46.57 3.74
C PHE I 74 -3.62 -46.26 3.79
N LEU I 75 -3.05 -45.84 2.67
CA LEU I 75 -1.63 -45.59 2.57
C LEU I 75 -1.32 -44.12 2.34
N GLY I 76 -1.82 -43.54 1.28
CA GLY I 76 -1.51 -42.17 0.97
C GLY I 76 -2.43 -41.21 1.70
N THR I 77 -1.95 -39.98 1.89
CA THR I 77 -2.75 -38.92 2.47
C THR I 77 -2.24 -37.59 1.95
N CYS I 78 -3.14 -36.61 1.87
CA CYS I 78 -2.87 -35.29 1.32
C CYS I 78 -4.06 -34.43 1.66
N ARG I 79 -3.93 -33.12 1.42
CA ARG I 79 -5.11 -32.27 1.46
C ARG I 79 -5.95 -32.38 0.21
N GLY I 80 -5.48 -33.09 -0.82
CA GLY I 80 -6.27 -33.31 -2.00
C GLY I 80 -7.16 -34.53 -1.95
N GLN I 81 -6.94 -35.40 -0.97
CA GLN I 81 -7.72 -36.63 -0.83
C GLN I 81 -9.21 -36.35 -0.68
N SER I 82 -9.56 -35.19 -0.13
CA SER I 82 -10.93 -34.75 -0.08
C SER I 82 -11.53 -34.46 -1.45
N MET I 83 -10.71 -34.19 -2.46
CA MET I 83 -11.26 -33.83 -3.76
C MET I 83 -11.72 -35.06 -4.54
N HIS I 84 -11.43 -36.25 -4.03
CA HIS I 84 -12.13 -37.43 -4.53
C HIS I 84 -13.45 -37.63 -3.80
N GLN I 85 -13.47 -37.31 -2.52
CA GLN I 85 -14.67 -37.60 -1.74
C GLN I 85 -15.76 -36.59 -2.03
N VAL I 86 -15.39 -35.43 -2.58
CA VAL I 86 -16.42 -34.53 -3.10
C VAL I 86 -17.02 -35.07 -4.38
N LEU I 87 -16.31 -35.94 -5.08
CA LEU I 87 -16.78 -36.47 -6.36
C LEU I 87 -17.72 -37.65 -6.21
N ARG I 88 -17.89 -38.17 -5.01
CA ARG I 88 -18.77 -39.30 -4.80
C ARG I 88 -19.84 -38.97 -3.78
N ASP I 89 -20.44 -37.81 -3.92
CA ASP I 89 -21.63 -37.52 -3.14
C ASP I 89 -22.78 -38.32 -3.72
N PRO I 90 -23.30 -39.34 -3.01
CA PRO I 90 -24.36 -40.17 -3.60
C PRO I 90 -25.71 -39.47 -3.64
N CYS I 91 -25.85 -38.32 -2.99
CA CYS I 91 -27.10 -37.59 -3.06
C CYS I 91 -27.28 -36.88 -4.39
N VAL I 92 -26.19 -36.55 -5.10
CA VAL I 92 -26.35 -35.82 -6.34
C VAL I 92 -26.89 -36.72 -7.44
N LEU I 93 -26.70 -38.04 -7.31
CA LEU I 93 -27.27 -38.95 -8.29
C LEU I 93 -28.78 -39.01 -8.14
N ARG I 94 -29.27 -39.09 -6.90
CA ARG I 94 -30.71 -39.09 -6.70
C ARG I 94 -31.29 -37.71 -7.02
N LYS I 95 -30.49 -36.66 -6.90
CA LYS I 95 -30.92 -35.33 -7.32
C LYS I 95 -31.17 -35.30 -8.82
N GLN I 96 -30.18 -35.74 -9.61
CA GLN I 96 -30.34 -35.74 -11.06
C GLN I 96 -31.42 -36.72 -11.50
N LEU I 97 -31.56 -37.82 -10.78
CA LEU I 97 -32.58 -38.80 -11.09
C LEU I 97 -33.98 -38.23 -10.89
N LEU I 98 -34.21 -37.55 -9.76
CA LEU I 98 -35.52 -36.98 -9.54
C LEU I 98 -35.78 -35.81 -10.48
N TYR I 99 -34.72 -35.07 -10.85
CA TYR I 99 -34.87 -34.00 -11.83
C TYR I 99 -35.30 -34.56 -13.17
N GLY I 100 -34.69 -35.68 -13.57
CA GLY I 100 -35.05 -36.27 -14.85
C GLY I 100 -36.46 -36.81 -14.86
N VAL I 101 -36.87 -37.48 -13.79
CA VAL I 101 -38.22 -38.03 -13.81
C VAL I 101 -39.27 -36.95 -13.62
N CYS I 102 -38.95 -35.87 -12.91
CA CYS I 102 -39.93 -34.79 -12.79
C CYS I 102 -40.01 -33.97 -14.06
N LYS I 103 -38.90 -33.79 -14.77
CA LYS I 103 -38.95 -33.12 -16.06
C LYS I 103 -39.70 -33.93 -17.09
N THR I 104 -39.55 -35.26 -17.06
CA THR I 104 -40.29 -36.10 -17.98
C THR I 104 -41.77 -36.14 -17.62
N LEU I 105 -42.10 -36.04 -16.34
CA LEU I 105 -43.49 -35.97 -15.93
C LEU I 105 -44.13 -34.65 -16.33
N PHE I 106 -43.49 -33.54 -16.00
CA PHE I 106 -44.21 -32.28 -15.88
C PHE I 106 -44.46 -31.61 -17.21
N ASP I 107 -43.82 -32.04 -18.28
CA ASP I 107 -44.07 -31.40 -19.56
C ASP I 107 -45.17 -32.07 -20.36
N THR I 108 -45.87 -33.07 -19.80
CA THR I 108 -46.72 -33.90 -20.61
C THR I 108 -48.07 -33.27 -20.90
N ILE I 109 -48.83 -32.89 -19.87
CA ILE I 109 -50.24 -32.54 -20.08
C ILE I 109 -50.47 -31.10 -19.63
N THR I 110 -49.46 -30.26 -19.86
CA THR I 110 -49.51 -28.85 -19.46
C THR I 110 -50.58 -28.06 -20.20
N VAL I 111 -51.06 -28.55 -21.35
CA VAL I 111 -51.91 -27.73 -22.20
C VAL I 111 -53.39 -27.94 -21.88
N ARG I 112 -53.80 -29.18 -21.59
CA ARG I 112 -55.23 -29.46 -21.54
C ARG I 112 -55.79 -29.31 -20.13
N ARG I 113 -55.22 -30.03 -19.16
CA ARG I 113 -55.84 -30.15 -17.85
C ARG I 113 -55.76 -28.86 -17.04
N VAL I 114 -54.86 -27.95 -17.40
CA VAL I 114 -54.84 -26.67 -16.71
C VAL I 114 -56.10 -25.88 -17.04
N ALA I 115 -56.68 -26.09 -18.22
CA ALA I 115 -57.97 -25.52 -18.55
C ALA I 115 -59.11 -26.29 -17.92
N GLU I 116 -59.01 -27.63 -17.88
CA GLU I 116 -60.13 -28.45 -17.46
C GLU I 116 -60.35 -28.39 -15.95
N GLU I 117 -59.27 -28.49 -15.18
CA GLU I 117 -59.39 -28.38 -13.74
C GLU I 117 -59.69 -26.96 -13.29
N TRP I 118 -59.26 -25.94 -14.04
CA TRP I 118 -59.70 -24.59 -13.74
C TRP I 118 -61.18 -24.41 -14.06
N LYS I 119 -61.67 -25.05 -15.13
CA LYS I 119 -63.11 -25.08 -15.39
C LYS I 119 -63.85 -25.75 -14.23
N LEU I 120 -63.28 -26.81 -13.67
CA LEU I 120 -63.92 -27.50 -12.54
C LEU I 120 -63.96 -26.60 -11.30
N HIS I 121 -62.83 -26.01 -10.94
CA HIS I 121 -62.79 -25.13 -9.77
C HIS I 121 -63.51 -23.81 -10.00
N ALA I 122 -63.74 -23.44 -11.26
CA ALA I 122 -64.49 -22.23 -11.55
C ALA I 122 -65.99 -22.50 -11.49
N ALA I 123 -66.45 -23.61 -12.07
CA ALA I 123 -67.86 -23.94 -12.01
C ALA I 123 -68.27 -24.36 -10.60
N LEU I 124 -67.33 -24.86 -9.81
CA LEU I 124 -67.63 -25.16 -8.42
C LEU I 124 -67.79 -23.88 -7.61
N PHE I 125 -66.98 -22.85 -7.89
CA PHE I 125 -66.98 -21.61 -7.12
C PHE I 125 -66.68 -20.44 -8.04
N PRO I 126 -67.70 -19.91 -8.72
CA PRO I 126 -67.48 -18.78 -9.62
C PRO I 126 -67.61 -17.42 -8.96
N TYR I 127 -67.48 -17.38 -7.62
CA TYR I 127 -67.74 -16.18 -6.85
C TYR I 127 -66.77 -15.06 -7.21
N ARG I 128 -67.31 -13.86 -7.39
CA ARG I 128 -66.54 -12.73 -7.90
C ARG I 128 -67.23 -11.44 -7.50
N ALA I 129 -66.50 -10.57 -6.80
CA ALA I 129 -67.06 -9.28 -6.42
C ALA I 129 -66.75 -8.21 -7.46
N LEU I 130 -65.46 -8.01 -7.76
CA LEU I 130 -65.04 -6.98 -8.69
C LEU I 130 -63.90 -7.50 -9.53
N ASP I 131 -63.74 -6.91 -10.71
CA ASP I 131 -62.73 -7.34 -11.68
C ASP I 131 -61.60 -6.34 -11.84
N GLU I 132 -61.30 -5.55 -10.81
CA GLU I 132 -60.29 -4.50 -10.96
C GLU I 132 -58.99 -4.86 -10.26
N GLU I 133 -59.06 -5.15 -8.96
CA GLU I 133 -57.88 -5.53 -8.18
C GLU I 133 -57.83 -7.00 -7.82
N ASP I 134 -58.96 -7.57 -7.37
CA ASP I 134 -58.97 -8.88 -6.76
C ASP I 134 -58.79 -10.01 -7.77
N LEU I 135 -58.99 -9.74 -9.06
CA LEU I 135 -58.89 -10.80 -10.06
C LEU I 135 -57.46 -11.29 -10.21
N GLU I 136 -56.49 -10.36 -10.21
CA GLU I 136 -55.10 -10.77 -10.28
C GLU I 136 -54.63 -11.40 -8.99
N GLN I 137 -55.23 -11.01 -7.85
CA GLN I 137 -54.83 -11.59 -6.58
C GLN I 137 -55.31 -13.03 -6.47
N TYR I 138 -56.58 -13.27 -6.85
CA TYR I 138 -57.11 -14.63 -6.94
C TYR I 138 -56.33 -15.45 -7.97
N LEU I 139 -55.91 -14.81 -9.06
CA LEU I 139 -55.11 -15.45 -10.09
C LEU I 139 -53.76 -15.91 -9.56
N LEU I 140 -53.07 -15.04 -8.82
CA LEU I 140 -51.74 -15.39 -8.35
C LEU I 140 -51.79 -16.40 -7.22
N VAL I 141 -52.77 -16.29 -6.32
CA VAL I 141 -52.86 -17.30 -5.27
C VAL I 141 -53.37 -18.62 -5.85
N TRP I 142 -54.10 -18.55 -6.96
CA TRP I 142 -54.53 -19.75 -7.68
C TRP I 142 -53.32 -20.47 -8.25
N SER I 143 -52.46 -19.74 -8.97
CA SER I 143 -51.27 -20.34 -9.57
C SER I 143 -50.33 -20.91 -8.51
N ALA I 144 -50.16 -20.17 -7.40
CA ALA I 144 -49.29 -20.63 -6.34
C ALA I 144 -49.85 -21.87 -5.66
N SER I 145 -51.18 -21.94 -5.48
CA SER I 145 -51.77 -23.10 -4.84
C SER I 145 -51.68 -24.33 -5.72
N LEU I 146 -51.91 -24.18 -7.03
CA LEU I 146 -51.74 -25.30 -7.95
C LEU I 146 -50.31 -25.82 -7.94
N ARG I 147 -49.34 -24.90 -8.07
CA ARG I 147 -47.95 -25.35 -8.18
C ARG I 147 -47.45 -25.96 -6.88
N GLN I 148 -47.88 -25.43 -5.71
CA GLN I 148 -47.43 -26.05 -4.48
C GLN I 148 -48.14 -27.37 -4.21
N SER I 149 -49.38 -27.53 -4.68
CA SER I 149 -50.10 -28.77 -4.44
C SER I 149 -49.50 -29.91 -5.25
N VAL I 150 -49.26 -29.67 -6.55
CA VAL I 150 -48.62 -30.71 -7.34
C VAL I 150 -47.17 -30.88 -6.92
N GLN I 151 -46.56 -29.80 -6.39
CA GLN I 151 -45.20 -29.86 -5.90
C GLN I 151 -45.08 -30.81 -4.73
N THR I 152 -45.91 -30.63 -3.69
CA THR I 152 -45.82 -31.50 -2.54
C THR I 152 -46.37 -32.89 -2.84
N GLY I 153 -47.25 -33.04 -3.83
CA GLY I 153 -47.71 -34.35 -4.22
C GLY I 153 -46.62 -35.18 -4.83
N VAL I 154 -46.01 -34.68 -5.90
CA VAL I 154 -44.93 -35.43 -6.51
C VAL I 154 -43.68 -35.43 -5.63
N LEU I 155 -43.55 -34.47 -4.71
CA LEU I 155 -42.41 -34.49 -3.81
C LEU I 155 -42.54 -35.61 -2.80
N GLY I 156 -43.74 -35.81 -2.26
CA GLY I 156 -43.98 -36.95 -1.40
C GLY I 156 -43.85 -38.26 -2.14
N ALA I 157 -44.31 -38.30 -3.40
CA ALA I 157 -44.22 -39.51 -4.20
C ALA I 157 -42.77 -39.89 -4.47
N LEU I 158 -41.99 -38.95 -5.01
CA LEU I 158 -40.59 -39.20 -5.31
C LEU I 158 -39.78 -39.41 -4.04
N ARG I 159 -40.14 -38.72 -2.96
CA ARG I 159 -39.44 -38.89 -1.69
C ARG I 159 -39.63 -40.29 -1.14
N ASP I 160 -40.85 -40.82 -1.21
CA ASP I 160 -41.09 -42.17 -0.72
C ASP I 160 -40.40 -43.21 -1.60
N ILE I 161 -40.62 -43.14 -2.92
CA ILE I 161 -40.05 -44.14 -3.81
C ILE I 161 -38.54 -44.01 -3.97
N LEU I 162 -37.97 -42.90 -3.56
CA LEU I 162 -36.52 -42.75 -3.57
C LEU I 162 -35.92 -43.21 -2.25
N TYR I 163 -36.46 -42.73 -1.12
CA TYR I 163 -35.90 -43.09 0.17
C TYR I 163 -36.13 -44.55 0.52
N GLN I 164 -37.06 -45.23 -0.14
CA GLN I 164 -37.18 -46.65 0.12
C GLN I 164 -36.05 -47.44 -0.54
N TYR I 165 -35.82 -47.22 -1.84
CA TYR I 165 -34.97 -48.17 -2.55
C TYR I 165 -34.02 -47.50 -3.53
N ALA I 166 -33.54 -46.31 -3.23
CA ALA I 166 -32.45 -45.76 -4.03
C ALA I 166 -31.12 -45.77 -3.29
N ASP I 167 -31.09 -46.23 -2.05
CA ASP I 167 -29.82 -46.27 -1.31
C ASP I 167 -29.07 -47.58 -1.55
N ASN I 168 -28.86 -47.89 -2.82
CA ASN I 168 -27.85 -48.86 -3.19
C ASN I 168 -26.45 -48.26 -3.07
N ASP I 169 -26.35 -46.93 -3.10
CA ASP I 169 -25.13 -46.11 -2.94
C ASP I 169 -23.93 -46.59 -3.75
N ASP I 170 -24.21 -47.16 -4.92
CA ASP I 170 -23.18 -47.71 -5.78
C ASP I 170 -22.44 -46.64 -6.56
N TYR I 171 -22.95 -45.41 -6.55
CA TYR I 171 -22.27 -44.29 -7.21
C TYR I 171 -20.91 -44.04 -6.60
N GLY I 172 -20.82 -44.19 -5.28
CA GLY I 172 -19.59 -43.93 -4.56
C GLY I 172 -18.51 -44.95 -4.81
N LEU I 173 -18.85 -46.07 -5.43
CA LEU I 173 -17.86 -47.03 -5.91
C LEU I 173 -17.68 -46.97 -7.41
N TYR I 174 -18.74 -46.57 -8.11
CA TYR I 174 -18.67 -46.40 -9.55
C TYR I 174 -17.67 -45.32 -9.90
N VAL I 175 -17.60 -44.27 -9.08
CA VAL I 175 -16.63 -43.23 -9.40
C VAL I 175 -15.21 -43.72 -9.13
N ASP I 176 -15.03 -44.72 -8.24
CA ASP I 176 -13.68 -45.24 -8.08
C ASP I 176 -13.28 -46.06 -9.29
N TRP I 177 -14.13 -46.98 -9.74
CA TRP I 177 -13.72 -47.73 -10.92
C TRP I 177 -13.77 -46.90 -12.20
N CYS I 178 -14.39 -45.74 -12.19
CA CYS I 178 -14.28 -44.85 -13.34
C CYS I 178 -13.08 -43.93 -13.24
N VAL I 179 -12.53 -43.74 -12.04
CA VAL I 179 -11.37 -42.87 -11.90
C VAL I 179 -10.05 -43.65 -11.83
N THR I 180 -10.08 -44.94 -11.51
CA THR I 180 -8.81 -45.63 -11.30
C THR I 180 -8.49 -46.71 -12.32
N VAL I 181 -9.49 -47.26 -13.02
CA VAL I 181 -9.24 -48.27 -14.03
C VAL I 181 -10.03 -47.94 -15.28
N GLY I 182 -10.99 -47.03 -15.14
CA GLY I 182 -11.75 -46.59 -16.28
C GLY I 182 -12.81 -47.57 -16.75
N LEU I 183 -13.15 -48.57 -15.93
CA LEU I 183 -14.15 -49.55 -16.32
C LEU I 183 -14.72 -50.20 -15.08
N VAL I 184 -16.02 -50.48 -15.11
CA VAL I 184 -16.76 -50.89 -13.93
C VAL I 184 -17.15 -52.36 -14.06
N PRO I 185 -16.75 -53.20 -13.12
CA PRO I 185 -17.39 -54.52 -13.00
C PRO I 185 -18.72 -54.36 -12.29
N LEU I 186 -19.68 -55.18 -12.68
CA LEU I 186 -21.03 -55.08 -12.13
C LEU I 186 -21.75 -56.39 -12.39
N LEU I 187 -22.53 -56.83 -11.42
CA LEU I 187 -23.25 -58.10 -11.49
C LEU I 187 -24.74 -57.80 -11.54
N ASP I 188 -25.38 -58.21 -12.63
CA ASP I 188 -26.79 -57.90 -12.87
C ASP I 188 -27.62 -58.79 -11.95
N VAL I 189 -27.95 -58.24 -10.78
CA VAL I 189 -28.70 -59.01 -9.80
C VAL I 189 -30.17 -59.07 -10.21
N LYS I 190 -30.67 -60.29 -10.39
CA LYS I 190 -32.05 -60.53 -10.73
C LYS I 190 -32.67 -61.45 -9.69
N THR I 191 -33.99 -61.37 -9.58
CA THR I 191 -34.74 -62.14 -8.60
C THR I 191 -35.93 -62.81 -9.28
N LYS I 192 -36.83 -63.35 -8.46
CA LYS I 192 -38.05 -63.93 -8.97
C LYS I 192 -38.95 -62.84 -9.53
N PRO I 193 -39.81 -63.15 -10.51
CA PRO I 193 -40.67 -62.11 -11.10
C PRO I 193 -41.79 -61.63 -10.18
N SER I 194 -41.96 -62.23 -8.99
CA SER I 194 -42.94 -61.74 -8.04
C SER I 194 -42.57 -60.38 -7.49
N GLU I 195 -41.27 -60.14 -7.28
CA GLU I 195 -40.80 -58.92 -6.66
C GLU I 195 -41.04 -57.70 -7.53
N ALA I 196 -41.21 -57.89 -8.84
CA ALA I 196 -41.74 -56.83 -9.69
C ALA I 196 -43.16 -56.46 -9.28
N ALA I 197 -43.98 -57.44 -8.91
CA ALA I 197 -45.31 -57.12 -8.44
C ALA I 197 -45.28 -56.52 -7.04
N GLU I 198 -44.27 -56.86 -6.24
CA GLU I 198 -44.08 -56.14 -4.97
C GLU I 198 -43.70 -54.68 -5.21
N ARG I 199 -42.86 -54.40 -6.21
CA ARG I 199 -42.53 -53.01 -6.50
C ARG I 199 -43.73 -52.28 -7.10
N ALA I 200 -44.55 -53.00 -7.87
CA ALA I 200 -45.82 -52.44 -8.33
C ALA I 200 -46.72 -52.11 -7.15
N GLN I 201 -46.76 -52.99 -6.15
CA GLN I 201 -47.51 -52.75 -4.93
C GLN I 201 -47.01 -51.50 -4.20
N PHE I 202 -45.68 -51.34 -4.13
CA PHE I 202 -45.13 -50.20 -3.42
C PHE I 202 -45.42 -48.89 -4.14
N VAL I 203 -45.29 -48.87 -5.47
CA VAL I 203 -45.57 -47.63 -6.17
C VAL I 203 -47.06 -47.37 -6.24
N ARG I 204 -47.89 -48.43 -6.14
CA ARG I 204 -49.32 -48.20 -6.04
C ARG I 204 -49.68 -47.63 -4.67
N ALA I 205 -48.96 -48.03 -3.62
CA ALA I 205 -49.18 -47.40 -2.33
C ALA I 205 -48.74 -45.95 -2.33
N ALA I 206 -47.62 -45.66 -3.01
CA ALA I 206 -47.16 -44.28 -3.14
C ALA I 206 -48.14 -43.42 -3.93
N VAL I 207 -48.75 -43.98 -4.98
CA VAL I 207 -49.74 -43.20 -5.70
C VAL I 207 -51.07 -43.19 -4.95
N GLN I 208 -51.27 -44.05 -3.96
CA GLN I 208 -52.40 -43.86 -3.07
C GLN I 208 -52.15 -42.69 -2.12
N ARG I 209 -50.89 -42.49 -1.71
CA ARG I 209 -50.55 -41.27 -1.00
C ARG I 209 -50.75 -40.04 -1.88
N ALA I 210 -50.40 -40.16 -3.16
CA ALA I 210 -50.71 -39.10 -4.11
C ALA I 210 -52.21 -38.92 -4.31
N THR I 211 -52.97 -40.01 -4.20
CA THR I 211 -54.44 -39.97 -4.31
C THR I 211 -55.05 -39.16 -3.19
N GLU I 212 -54.61 -39.40 -1.96
CA GLU I 212 -55.09 -38.55 -0.88
C GLU I 212 -54.41 -37.19 -0.86
N THR I 213 -53.38 -36.97 -1.68
CA THR I 213 -52.78 -35.64 -1.77
C THR I 213 -53.57 -34.74 -2.72
N HIS I 214 -53.60 -35.09 -4.01
CA HIS I 214 -54.11 -34.16 -5.01
C HIS I 214 -54.46 -34.89 -6.29
N PRO I 215 -55.54 -34.51 -6.99
CA PRO I 215 -55.95 -35.27 -8.19
C PRO I 215 -55.12 -34.99 -9.44
N LEU I 216 -54.59 -33.78 -9.63
CA LEU I 216 -53.81 -33.56 -10.84
C LEU I 216 -52.47 -34.30 -10.76
N ALA I 217 -51.89 -34.35 -9.57
CA ALA I 217 -50.68 -35.14 -9.37
C ALA I 217 -50.96 -36.63 -9.55
N GLN I 218 -52.14 -37.09 -9.10
CA GLN I 218 -52.48 -38.50 -9.28
C GLN I 218 -52.74 -38.79 -10.75
N ASP I 219 -53.17 -37.80 -11.52
CA ASP I 219 -53.32 -37.99 -12.96
C ASP I 219 -51.96 -38.09 -13.64
N LEU I 220 -50.99 -37.27 -13.19
CA LEU I 220 -49.64 -37.35 -13.74
C LEU I 220 -48.99 -38.70 -13.43
N LEU I 221 -49.13 -39.18 -12.20
CA LEU I 221 -48.52 -40.46 -11.87
C LEU I 221 -49.29 -41.63 -12.46
N GLN I 222 -50.61 -41.52 -12.62
CA GLN I 222 -51.33 -42.57 -13.32
C GLN I 222 -51.08 -42.53 -14.82
N ALA I 223 -50.53 -41.42 -15.32
CA ALA I 223 -50.09 -41.38 -16.72
C ALA I 223 -48.73 -42.05 -16.88
N ASN I 224 -47.79 -41.77 -15.98
CA ASN I 224 -46.41 -42.20 -16.20
C ASN I 224 -45.91 -43.23 -15.19
N LEU I 225 -46.81 -43.98 -14.55
CA LEU I 225 -46.37 -45.02 -13.63
C LEU I 225 -45.67 -46.16 -14.35
N ALA I 226 -45.92 -46.33 -15.65
CA ALA I 226 -45.24 -47.39 -16.41
C ALA I 226 -43.74 -47.14 -16.48
N LEU I 227 -43.34 -45.94 -16.93
CA LEU I 227 -41.92 -45.65 -16.96
C LEU I 227 -41.37 -45.42 -15.56
N LEU I 228 -42.22 -45.08 -14.59
CA LEU I 228 -41.76 -45.05 -13.20
C LEU I 228 -41.42 -46.44 -12.70
N LEU I 229 -42.21 -47.45 -13.06
CA LEU I 229 -41.84 -48.82 -12.76
C LEU I 229 -40.60 -49.24 -13.51
N GLN I 230 -40.40 -48.72 -14.72
CA GLN I 230 -39.21 -49.04 -15.49
C GLN I 230 -37.95 -48.52 -14.80
N VAL I 231 -37.98 -47.26 -14.35
CA VAL I 231 -36.80 -46.70 -13.70
C VAL I 231 -36.64 -47.26 -12.28
N ALA I 232 -37.74 -47.65 -11.62
CA ALA I 232 -37.63 -48.28 -10.31
C ALA I 232 -37.02 -49.67 -10.42
N GLU I 233 -37.34 -50.39 -11.50
CA GLU I 233 -36.72 -51.69 -11.71
C GLU I 233 -35.27 -51.54 -12.10
N ARG I 234 -34.95 -50.61 -13.01
CA ARG I 234 -33.57 -50.44 -13.46
C ARG I 234 -32.69 -49.88 -12.36
N LEU I 235 -33.28 -49.24 -11.35
CA LEU I 235 -32.48 -48.73 -10.24
C LEU I 235 -32.04 -49.87 -9.32
N GLY I 236 -32.94 -50.80 -9.04
CA GLY I 236 -32.53 -51.97 -8.29
C GLY I 236 -32.03 -53.11 -9.14
N ALA I 237 -31.60 -52.83 -10.36
CA ALA I 237 -31.28 -53.89 -11.30
C ALA I 237 -29.89 -54.45 -11.08
N VAL I 238 -28.96 -53.64 -10.59
CA VAL I 238 -27.56 -54.02 -10.57
C VAL I 238 -26.89 -53.48 -9.32
N ARG I 239 -25.78 -54.08 -8.97
CA ARG I 239 -24.86 -53.54 -8.00
C ARG I 239 -23.59 -53.11 -8.72
N VAL I 240 -22.58 -52.73 -7.95
CA VAL I 240 -21.33 -52.20 -8.47
C VAL I 240 -20.21 -53.25 -8.39
N ALA I 241 -20.59 -54.52 -8.19
CA ALA I 241 -19.67 -55.64 -7.92
C ALA I 241 -18.78 -55.36 -6.73
N ASN I 242 -19.39 -54.97 -5.62
CA ASN I 242 -18.67 -54.80 -4.36
C ASN I 242 -18.69 -56.12 -3.61
N ALA I 243 -17.82 -57.03 -4.06
CA ALA I 243 -17.75 -58.36 -3.50
C ALA I 243 -16.32 -58.85 -3.58
N PRO I 244 -15.88 -59.68 -2.63
CA PRO I 244 -14.55 -60.28 -2.74
C PRO I 244 -14.48 -61.29 -3.87
N GLU I 245 -13.24 -61.71 -4.15
CA GLU I 245 -12.84 -62.64 -5.23
C GLU I 245 -13.49 -62.30 -6.58
N VAL I 246 -13.45 -61.03 -6.92
CA VAL I 246 -13.85 -60.57 -8.25
C VAL I 246 -12.58 -60.25 -9.02
N ARG I 247 -12.63 -60.41 -10.34
CA ARG I 247 -11.42 -60.31 -11.13
C ARG I 247 -11.77 -59.93 -12.56
N VAL I 248 -10.93 -59.08 -13.16
CA VAL I 248 -11.05 -58.74 -14.56
C VAL I 248 -9.70 -58.91 -15.22
N PHE I 249 -9.71 -59.28 -16.49
CA PHE I 249 -8.51 -59.60 -17.25
C PHE I 249 -8.76 -59.30 -18.72
N LYS I 250 -7.67 -59.26 -19.48
CA LYS I 250 -7.71 -58.99 -20.91
C LYS I 250 -7.13 -60.17 -21.64
N LYS I 251 -7.94 -60.85 -22.43
CA LYS I 251 -7.47 -62.01 -23.18
C LYS I 251 -6.60 -61.55 -24.35
N VAL I 252 -5.37 -62.05 -24.41
CA VAL I 252 -4.41 -61.54 -25.37
C VAL I 252 -4.72 -61.98 -26.79
N ARG I 253 -5.45 -63.09 -26.96
CA ARG I 253 -5.70 -63.59 -28.32
C ARG I 253 -6.78 -62.77 -29.01
N SER I 254 -7.79 -62.32 -28.27
CA SER I 254 -8.77 -61.38 -28.79
C SER I 254 -9.09 -60.41 -27.67
N GLU I 255 -8.81 -59.13 -27.89
CA GLU I 255 -8.92 -58.12 -26.85
C GLU I 255 -10.38 -57.79 -26.60
N ARG I 256 -11.04 -58.69 -25.87
CA ARG I 256 -12.43 -58.57 -25.48
C ARG I 256 -12.54 -58.77 -23.98
N LEU I 257 -11.76 -57.98 -23.26
CA LEU I 257 -11.57 -58.05 -21.81
C LEU I 257 -12.89 -58.09 -21.05
N GLU I 258 -13.01 -59.06 -20.15
CA GLU I 258 -14.25 -59.34 -19.46
C GLU I 258 -13.95 -59.80 -18.05
N ALA I 259 -14.91 -59.60 -17.16
CA ALA I 259 -14.73 -59.91 -15.74
C ALA I 259 -15.45 -61.19 -15.38
N GLN I 260 -14.92 -61.91 -14.40
CA GLN I 260 -15.62 -63.02 -13.78
C GLN I 260 -15.71 -62.79 -12.28
N LEU I 261 -16.81 -63.24 -11.70
CA LEU I 261 -16.98 -63.24 -10.24
C LEU I 261 -16.99 -64.69 -9.80
N ARG I 262 -15.86 -65.14 -9.23
CA ARG I 262 -15.72 -66.47 -8.63
C ARG I 262 -16.00 -67.58 -9.64
N GLY I 263 -15.57 -67.38 -10.88
CA GLY I 263 -15.82 -68.33 -11.94
C GLY I 263 -17.05 -68.08 -12.76
N LYS I 264 -17.93 -67.17 -12.33
CA LYS I 264 -19.13 -66.84 -13.07
C LYS I 264 -18.87 -65.59 -13.90
N HIS I 265 -19.09 -65.69 -15.21
CA HIS I 265 -18.87 -64.55 -16.09
C HIS I 265 -19.90 -63.46 -15.83
N ILE I 266 -19.42 -62.23 -15.75
CA ILE I 266 -20.27 -61.07 -15.59
C ILE I 266 -19.91 -60.04 -16.64
N ARG I 267 -20.90 -59.27 -17.06
CA ARG I 267 -20.66 -58.21 -18.02
C ARG I 267 -20.01 -57.02 -17.33
N LEU I 268 -19.47 -56.11 -18.13
CA LEU I 268 -18.83 -54.93 -17.59
C LEU I 268 -18.88 -53.82 -18.61
N TYR I 269 -18.91 -52.59 -18.11
CA TYR I 269 -18.92 -51.40 -18.96
C TYR I 269 -17.52 -50.80 -18.97
N VAL I 270 -16.88 -50.82 -20.13
CA VAL I 270 -15.57 -50.21 -20.31
C VAL I 270 -15.77 -48.78 -20.80
N ALA I 271 -15.15 -47.82 -20.11
CA ALA I 271 -15.19 -46.45 -20.57
C ALA I 271 -13.87 -46.04 -21.21
N ALA I 272 -12.78 -46.70 -20.84
CA ALA I 272 -11.47 -46.35 -21.37
C ALA I 272 -10.64 -47.62 -21.49
N GLU I 273 -10.46 -48.09 -22.73
CA GLU I 273 -9.58 -49.22 -22.97
C GLU I 273 -8.14 -48.81 -22.70
N PRO I 274 -7.45 -49.48 -21.79
CA PRO I 274 -6.05 -49.13 -21.53
C PRO I 274 -5.17 -49.51 -22.71
N LEU I 275 -4.03 -48.85 -22.79
CA LEU I 275 -3.10 -49.12 -23.87
C LEU I 275 -2.34 -50.40 -23.57
N ALA I 276 -2.25 -51.29 -24.55
CA ALA I 276 -1.68 -52.62 -24.38
C ALA I 276 -0.65 -52.86 -25.47
N TYR I 277 0.54 -53.29 -25.09
CA TYR I 277 1.66 -53.42 -26.02
C TYR I 277 2.43 -54.70 -25.70
N GLU I 278 3.64 -54.81 -26.25
CA GLU I 278 4.50 -55.95 -25.94
C GLU I 278 4.99 -55.89 -24.50
N ARG I 279 4.97 -54.70 -23.90
CA ARG I 279 4.92 -54.59 -22.45
C ARG I 279 3.69 -55.36 -21.99
N ASP I 280 3.92 -56.49 -21.33
CA ASP I 280 2.82 -57.36 -20.93
C ASP I 280 1.92 -56.68 -19.92
N LYS I 281 2.52 -56.01 -18.94
CA LYS I 281 1.74 -55.09 -18.13
C LYS I 281 1.30 -53.93 -18.99
N LEU I 282 0.10 -53.45 -18.75
CA LEU I 282 -0.50 -52.43 -19.59
C LEU I 282 -0.72 -51.17 -18.76
N LEU I 283 -0.57 -50.03 -19.41
CA LEU I 283 -0.70 -48.73 -18.76
C LEU I 283 -2.10 -48.20 -18.98
N PHE I 284 -2.68 -47.61 -17.94
CA PHE I 284 -4.00 -47.01 -18.02
C PHE I 284 -3.88 -45.53 -18.34
N THR I 285 -4.97 -44.98 -18.88
CA THR I 285 -5.05 -43.56 -19.16
C THR I 285 -5.90 -42.82 -18.13
N THR I 286 -6.09 -43.42 -16.98
CA THR I 286 -7.02 -42.91 -16.00
C THR I 286 -6.34 -41.81 -15.18
N PRO I 287 -7.10 -40.98 -14.47
CA PRO I 287 -6.47 -39.94 -13.63
C PRO I 287 -5.59 -40.46 -12.51
N VAL I 288 -6.04 -41.45 -11.74
CA VAL I 288 -5.30 -41.81 -10.53
C VAL I 288 -3.99 -42.49 -10.87
N ALA I 289 -3.95 -43.25 -11.96
CA ALA I 289 -2.70 -43.86 -12.36
C ALA I 289 -1.72 -42.85 -12.95
N HIS I 290 -2.18 -41.65 -13.28
CA HIS I 290 -1.27 -40.63 -13.76
C HIS I 290 -0.42 -40.07 -12.63
N LEU I 291 -0.85 -40.24 -11.38
CA LEU I 291 -0.08 -39.70 -10.26
C LEU I 291 0.24 -40.74 -9.20
N HIS I 292 0.28 -42.02 -9.57
CA HIS I 292 0.50 -43.06 -8.58
C HIS I 292 1.93 -43.04 -8.04
N GLU I 293 2.91 -42.84 -8.93
CA GLU I 293 4.32 -42.86 -8.55
C GLU I 293 4.64 -41.74 -7.57
N GLU I 294 4.04 -40.58 -7.76
CA GLU I 294 4.38 -39.43 -6.93
C GLU I 294 3.87 -39.60 -5.51
N ILE I 295 2.66 -40.13 -5.35
CA ILE I 295 2.19 -40.35 -3.99
C ILE I 295 2.84 -41.56 -3.35
N LEU I 296 3.36 -42.49 -4.16
CA LEU I 296 4.19 -43.54 -3.57
C LEU I 296 5.50 -42.96 -3.05
N ARG I 297 6.05 -41.99 -3.78
CA ARG I 297 7.21 -41.23 -3.29
C ARG I 297 6.89 -40.50 -2.00
N TYR I 298 5.66 -39.97 -1.91
CA TYR I 298 5.25 -39.30 -0.68
C TYR I 298 5.20 -40.26 0.49
N ASP I 299 4.63 -41.45 0.30
CA ASP I 299 4.55 -42.39 1.40
C ASP I 299 5.91 -42.93 1.77
N GLY I 300 6.79 -43.10 0.79
CA GLY I 300 8.17 -43.47 1.07
C GLY I 300 8.88 -42.40 1.88
N LEU I 301 8.58 -41.13 1.60
CA LEU I 301 9.16 -40.06 2.40
C LEU I 301 8.57 -40.04 3.80
N CYS I 302 7.29 -40.42 3.94
CA CYS I 302 6.70 -40.49 5.27
C CYS I 302 7.36 -41.55 6.12
N ARG I 303 7.60 -42.73 5.54
CA ARG I 303 8.30 -43.79 6.26
C ARG I 303 9.74 -43.39 6.56
N HIS I 304 10.38 -42.73 5.60
CA HIS I 304 11.77 -42.32 5.77
C HIS I 304 11.90 -41.28 6.87
N GLN I 305 10.97 -40.33 6.93
CA GLN I 305 10.97 -39.32 7.97
C GLN I 305 10.64 -39.93 9.32
N LYS I 306 9.77 -40.94 9.35
CA LYS I 306 9.46 -41.59 10.61
C LYS I 306 10.67 -42.34 11.15
N ILE I 307 11.44 -42.98 10.27
CA ILE I 307 12.63 -43.67 10.75
C ILE I 307 13.71 -42.69 11.17
N CYS I 308 14.03 -41.70 10.34
CA CYS I 308 15.06 -40.73 10.69
C CYS I 308 14.65 -39.78 11.79
N GLN I 309 13.39 -39.80 12.21
CA GLN I 309 13.05 -39.21 13.49
C GLN I 309 13.25 -40.22 14.61
N LEU I 310 12.83 -41.46 14.40
CA LEU I 310 12.90 -42.52 15.41
C LEU I 310 14.31 -43.04 15.67
N LEU I 311 15.31 -42.57 14.93
CA LEU I 311 16.66 -43.06 15.10
C LEU I 311 17.59 -41.98 15.64
N ASN I 312 17.08 -40.76 15.82
CA ASN I 312 17.85 -39.65 16.36
C ASN I 312 17.35 -39.24 17.75
N THR I 313 16.66 -40.13 18.46
CA THR I 313 15.94 -39.73 19.67
C THR I 313 16.89 -39.50 20.83
N PHE I 314 17.95 -40.26 20.92
CA PHE I 314 18.88 -40.07 22.02
C PHE I 314 19.74 -38.83 21.76
N PRO I 315 20.19 -38.15 22.82
CA PRO I 315 21.04 -36.97 22.62
C PRO I 315 22.43 -37.29 22.07
N VAL I 316 23.11 -38.26 22.66
CA VAL I 316 24.47 -38.57 22.26
C VAL I 316 24.49 -39.88 21.51
N LYS I 317 25.53 -40.04 20.69
CA LYS I 317 25.81 -41.30 20.01
C LYS I 317 27.28 -41.61 20.23
N VAL I 318 27.57 -42.87 20.54
CA VAL I 318 28.93 -43.31 20.77
C VAL I 318 29.25 -44.40 19.76
N VAL I 319 30.54 -44.66 19.57
CA VAL I 319 31.02 -45.77 18.76
C VAL I 319 31.90 -46.64 19.65
N THR I 320 31.95 -47.93 19.34
CA THR I 320 32.89 -48.82 20.02
C THR I 320 33.16 -50.07 19.19
N ASP I 488 -0.54 -44.41 25.09
CA ASP I 488 0.53 -44.29 26.06
C ASP I 488 0.69 -42.85 26.52
N ALA I 489 -0.23 -42.38 27.35
CA ALA I 489 -0.19 -41.03 27.87
C ALA I 489 0.39 -40.98 29.27
N GLU I 490 1.28 -41.92 29.60
CA GLU I 490 1.75 -42.06 30.99
C GLU I 490 2.79 -41.01 31.33
N LEU I 491 3.29 -40.28 30.34
CA LEU I 491 4.24 -39.22 30.63
C LEU I 491 3.55 -37.97 31.18
N TYR I 492 2.32 -37.71 30.76
CA TYR I 492 1.66 -36.44 31.03
C TYR I 492 1.26 -36.31 32.49
N HIS I 493 0.50 -37.28 33.00
CA HIS I 493 -0.07 -37.19 34.35
C HIS I 493 1.03 -37.24 35.41
N LEU I 494 2.12 -37.95 35.12
CA LEU I 494 3.12 -38.20 36.13
C LEU I 494 3.96 -36.94 36.34
N PRO I 495 4.20 -36.55 37.59
CA PRO I 495 5.12 -35.42 37.86
C PRO I 495 6.55 -35.74 37.44
N VAL I 496 7.36 -34.69 37.33
CA VAL I 496 8.61 -34.76 36.57
C VAL I 496 9.68 -35.59 37.27
N LEU I 497 9.56 -35.79 38.59
CA LEU I 497 10.57 -36.53 39.34
C LEU I 497 10.65 -37.99 38.94
N GLU I 498 9.51 -38.66 38.74
CA GLU I 498 9.51 -40.01 38.21
C GLU I 498 9.44 -40.02 36.69
N ALA I 499 9.02 -38.91 36.08
CA ALA I 499 8.99 -38.82 34.62
C ALA I 499 10.39 -38.86 34.03
N VAL I 500 11.34 -38.15 34.65
CA VAL I 500 12.71 -38.20 34.15
C VAL I 500 13.34 -39.55 34.43
N ARG I 501 12.81 -40.28 35.42
CA ARG I 501 13.27 -41.62 35.70
C ARG I 501 12.80 -42.60 34.64
N LYS I 502 11.52 -42.53 34.30
CA LYS I 502 10.98 -43.41 33.27
C LYS I 502 11.50 -43.05 31.89
N ALA I 503 11.88 -41.79 31.68
CA ALA I 503 12.37 -41.37 30.37
C ALA I 503 13.71 -41.99 30.04
N ARG I 504 14.61 -42.14 31.01
CA ARG I 504 15.95 -42.64 30.72
C ARG I 504 15.94 -44.13 30.43
N ASP I 505 15.07 -44.89 31.09
CA ASP I 505 14.92 -46.29 30.76
C ASP I 505 13.97 -46.52 29.60
N ALA I 506 13.18 -45.51 29.24
CA ALA I 506 12.32 -45.62 28.08
C ALA I 506 13.10 -45.55 26.78
N ALA I 507 14.29 -44.97 26.82
CA ALA I 507 15.20 -44.93 25.68
C ALA I 507 16.59 -45.27 26.19
N PRO I 508 16.95 -46.55 26.20
CA PRO I 508 18.25 -46.93 26.76
C PRO I 508 19.40 -46.49 25.87
N PHE I 509 20.48 -46.07 26.53
CA PHE I 509 21.72 -45.69 25.86
C PHE I 509 22.31 -46.95 25.25
N ARG I 510 22.53 -46.93 23.96
CA ARG I 510 23.09 -48.11 23.31
C ARG I 510 24.34 -47.76 22.52
N PRO I 511 25.43 -48.48 22.72
CA PRO I 511 26.61 -48.31 21.86
C PRO I 511 26.52 -49.14 20.58
N LEU I 512 27.60 -49.16 19.81
CA LEU I 512 27.62 -49.91 18.56
C LEU I 512 29.05 -50.28 18.21
N ALA I 513 29.26 -51.54 17.80
CA ALA I 513 30.60 -52.11 17.82
C ALA I 513 30.79 -53.13 16.72
N VAL I 514 31.96 -53.07 16.08
CA VAL I 514 32.44 -54.09 15.14
C VAL I 514 33.94 -54.23 15.38
N GLU I 515 34.43 -55.48 15.45
CA GLU I 515 35.85 -55.74 15.66
C GLU I 515 36.68 -55.25 14.48
N ASP I 516 37.84 -54.65 14.79
CA ASP I 516 38.87 -54.34 13.82
C ASP I 516 40.22 -54.35 14.51
N ASN I 517 41.26 -54.74 13.78
CA ASN I 517 42.60 -54.90 14.33
C ASN I 517 43.46 -53.71 13.90
N ARG I 518 44.13 -53.08 14.89
CA ARG I 518 45.11 -52.02 14.72
C ARG I 518 44.57 -50.77 14.01
N LEU I 519 43.25 -50.60 13.93
CA LEU I 519 42.66 -49.62 13.03
C LEU I 519 41.24 -49.33 13.50
N VAL I 520 40.96 -48.07 13.81
CA VAL I 520 39.69 -47.63 14.38
C VAL I 520 39.19 -46.54 13.44
N ALA I 521 38.09 -45.88 13.82
CA ALA I 521 37.39 -45.01 12.90
C ALA I 521 37.92 -43.58 12.90
N ASN I 522 37.68 -42.90 11.78
CA ASN I 522 37.72 -41.45 11.72
C ASN I 522 36.35 -40.97 11.26
N SER I 523 35.45 -40.79 12.20
CA SER I 523 34.02 -40.85 11.93
C SER I 523 33.44 -39.47 11.60
N PHE I 524 32.19 -39.49 11.16
CA PHE I 524 31.45 -38.28 10.83
C PHE I 524 30.00 -38.47 11.24
N PHE I 525 29.32 -37.36 11.44
CA PHE I 525 27.97 -37.37 11.98
C PHE I 525 27.04 -36.56 11.09
N SER I 526 25.83 -37.06 10.90
CA SER I 526 24.82 -36.43 10.06
C SER I 526 23.54 -36.29 10.88
N GLN I 527 22.88 -35.15 10.77
CA GLN I 527 21.64 -34.89 11.47
C GLN I 527 20.71 -34.18 10.51
N PHE I 528 19.70 -34.89 10.03
CA PHE I 528 18.65 -34.27 9.24
C PHE I 528 17.40 -35.14 9.30
N VAL I 529 16.28 -34.52 8.95
CA VAL I 529 15.06 -35.24 8.62
C VAL I 529 14.60 -34.66 7.29
N PRO I 530 13.89 -35.40 6.44
CA PRO I 530 13.45 -34.81 5.17
C PRO I 530 12.27 -33.86 5.35
N GLY I 531 12.26 -32.84 4.52
CA GLY I 531 11.18 -31.86 4.58
C GLY I 531 9.93 -32.37 3.90
N THR I 532 8.84 -32.48 4.64
CA THR I 532 7.61 -33.03 4.05
C THR I 532 6.76 -31.95 3.42
N GLU I 533 6.92 -30.70 3.85
CA GLU I 533 5.97 -29.67 3.43
C GLU I 533 6.18 -29.25 1.99
N SER I 534 7.38 -29.46 1.45
CA SER I 534 7.65 -29.05 0.08
C SER I 534 6.89 -29.92 -0.91
N LEU I 535 7.14 -31.22 -0.89
CA LEU I 535 6.35 -32.09 -1.76
C LEU I 535 4.93 -32.26 -1.25
N GLU I 536 4.63 -31.89 -0.02
CA GLU I 536 3.23 -31.90 0.42
C GLU I 536 2.43 -30.82 -0.29
N ARG I 537 2.98 -29.61 -0.34
CA ARG I 537 2.38 -28.55 -1.14
C ARG I 537 2.37 -28.92 -2.61
N PHE I 538 3.44 -29.56 -3.08
CA PHE I 538 3.50 -29.96 -4.49
C PHE I 538 2.47 -31.03 -4.83
N LEU I 539 2.29 -32.00 -3.94
CA LEU I 539 1.33 -33.06 -4.21
C LEU I 539 -0.10 -32.59 -4.08
N THR I 540 -0.38 -31.69 -3.14
CA THR I 540 -1.73 -31.16 -3.04
C THR I 540 -2.05 -30.28 -4.24
N GLN I 541 -1.07 -29.51 -4.72
CA GLN I 541 -1.28 -28.72 -5.92
C GLN I 541 -1.48 -29.61 -7.14
N LEU I 542 -0.72 -30.71 -7.21
CA LEU I 542 -0.85 -31.66 -8.30
C LEU I 542 -2.21 -32.33 -8.29
N TRP I 543 -2.63 -32.79 -7.13
CA TRP I 543 -3.93 -33.42 -6.98
C TRP I 543 -5.04 -32.43 -7.31
N GLU I 544 -4.88 -31.18 -6.88
CA GLU I 544 -5.89 -30.15 -7.06
C GLU I 544 -6.08 -29.80 -8.52
N ASN I 545 -5.00 -29.41 -9.20
CA ASN I 545 -5.18 -29.04 -10.59
C ASN I 545 -5.44 -30.26 -11.47
N GLU I 546 -5.05 -31.45 -11.03
CA GLU I 546 -5.39 -32.65 -11.77
C GLU I 546 -6.90 -32.87 -11.76
N TYR I 547 -7.50 -32.88 -10.57
CA TYR I 547 -8.95 -33.07 -10.49
C TYR I 547 -9.73 -31.88 -10.99
N PHE I 548 -9.09 -30.73 -11.18
CA PHE I 548 -9.81 -29.64 -11.81
C PHE I 548 -9.77 -29.74 -13.33
N ARG I 549 -8.67 -30.23 -13.90
CA ARG I 549 -8.69 -30.38 -15.35
C ARG I 549 -9.54 -31.56 -15.79
N THR I 550 -9.36 -32.73 -15.19
CA THR I 550 -10.03 -33.90 -15.77
C THR I 550 -11.52 -33.94 -15.48
N PHE I 551 -11.98 -33.19 -14.49
CA PHE I 551 -13.40 -32.88 -14.34
C PHE I 551 -13.45 -31.41 -13.96
N ARG I 552 -14.18 -30.61 -14.72
CA ARG I 552 -14.12 -29.16 -14.54
C ARG I 552 -14.94 -28.75 -13.32
N LEU I 553 -14.41 -29.09 -12.15
CA LEU I 553 -15.07 -28.78 -10.88
C LEU I 553 -15.04 -27.28 -10.66
N ARG I 554 -16.20 -26.68 -10.44
CA ARG I 554 -16.21 -25.25 -10.23
C ARG I 554 -15.79 -24.90 -8.81
N ARG I 555 -15.33 -23.67 -8.63
CA ARG I 555 -14.99 -23.12 -7.32
C ARG I 555 -15.79 -21.85 -7.12
N LEU I 556 -17.03 -21.97 -6.69
CA LEU I 556 -17.84 -20.79 -6.46
C LEU I 556 -17.39 -20.14 -5.14
N VAL I 557 -17.07 -18.85 -5.20
CA VAL I 557 -16.61 -18.10 -4.04
C VAL I 557 -17.21 -16.70 -4.05
N THR I 558 -17.29 -16.11 -2.87
CA THR I 558 -17.61 -14.69 -2.77
C THR I 558 -16.31 -13.88 -2.83
N HIS I 559 -16.46 -12.56 -2.79
CA HIS I 559 -15.31 -11.66 -2.89
C HIS I 559 -14.42 -11.79 -1.67
N GLN I 560 -13.10 -11.85 -1.93
CA GLN I 560 -12.02 -12.31 -1.04
C GLN I 560 -12.41 -13.53 -0.22
N GLY I 561 -13.14 -14.46 -0.84
CA GLY I 561 -13.63 -15.64 -0.17
C GLY I 561 -12.82 -16.85 -0.60
N ALA I 562 -12.43 -17.66 0.38
CA ALA I 562 -11.49 -18.75 0.14
C ALA I 562 -12.23 -20.08 0.09
N GLU I 563 -12.29 -20.65 -1.12
CA GLU I 563 -12.83 -21.98 -1.47
C GLU I 563 -14.15 -22.30 -0.75
N GLU I 564 -15.17 -21.51 -1.10
CA GLU I 564 -16.47 -21.66 -0.45
C GLU I 564 -17.13 -22.98 -0.81
N ALA I 565 -17.02 -23.41 -2.06
CA ALA I 565 -17.61 -24.67 -2.46
C ALA I 565 -16.90 -25.20 -3.69
N ILE I 566 -16.71 -26.51 -3.74
CA ILE I 566 -16.28 -27.23 -4.92
C ILE I 566 -17.41 -28.15 -5.30
N VAL I 567 -17.96 -27.98 -6.51
CA VAL I 567 -19.21 -28.63 -6.85
C VAL I 567 -19.20 -28.99 -8.33
N TYR I 568 -20.09 -29.92 -8.70
CA TYR I 568 -20.19 -30.40 -10.06
C TYR I 568 -20.60 -29.30 -11.03
N SER I 569 -19.91 -29.22 -12.16
CA SER I 569 -20.25 -28.30 -13.22
C SER I 569 -20.72 -29.10 -14.43
N ASN I 570 -20.90 -28.39 -15.55
CA ASN I 570 -21.57 -28.96 -16.73
C ASN I 570 -20.82 -30.14 -17.31
N TYR I 571 -19.49 -30.09 -17.33
CA TYR I 571 -18.75 -31.19 -17.92
C TYR I 571 -18.72 -32.40 -17.01
N THR I 572 -18.80 -32.19 -15.69
CA THR I 572 -18.65 -33.29 -14.74
C THR I 572 -19.84 -34.24 -14.81
N VAL I 573 -21.04 -33.69 -14.87
CA VAL I 573 -22.23 -34.53 -14.96
C VAL I 573 -22.25 -35.27 -16.29
N GLU I 574 -21.83 -34.61 -17.37
CA GLU I 574 -21.69 -35.26 -18.67
C GLU I 574 -20.65 -36.37 -18.64
N ARG I 575 -19.63 -36.24 -17.80
CA ARG I 575 -18.59 -37.26 -17.85
C ARG I 575 -18.89 -38.45 -16.94
N VAL I 576 -19.55 -38.25 -15.80
CA VAL I 576 -19.72 -39.34 -14.85
C VAL I 576 -21.19 -39.74 -14.69
N THR I 577 -22.13 -38.80 -14.65
CA THR I 577 -23.48 -39.21 -14.30
C THR I 577 -24.22 -39.75 -15.51
N LEU I 578 -24.17 -39.02 -16.62
CA LEU I 578 -24.82 -39.49 -17.83
C LEU I 578 -24.27 -40.80 -18.40
N PRO I 579 -22.98 -41.12 -18.36
CA PRO I 579 -22.60 -42.48 -18.77
C PRO I 579 -23.01 -43.53 -17.76
N TYR I 580 -23.12 -43.15 -16.49
CA TYR I 580 -23.64 -44.07 -15.48
C TYR I 580 -25.08 -44.44 -15.80
N LEU I 581 -25.91 -43.44 -16.06
CA LEU I 581 -27.29 -43.74 -16.43
C LEU I 581 -27.39 -44.29 -17.85
N CYS I 582 -26.34 -44.15 -18.65
CA CYS I 582 -26.32 -44.81 -19.95
C CYS I 582 -26.16 -46.30 -19.79
N HIS I 583 -25.32 -46.74 -18.86
CA HIS I 583 -25.18 -48.18 -18.67
C HIS I 583 -26.19 -48.75 -17.67
N ILE I 584 -26.89 -47.90 -16.91
CA ILE I 584 -28.10 -48.34 -16.22
C ILE I 584 -29.28 -48.32 -17.17
N LEU I 585 -29.13 -47.64 -18.32
CA LEU I 585 -30.12 -47.55 -19.39
C LEU I 585 -31.41 -46.89 -18.93
N ALA I 586 -31.32 -46.02 -17.92
CA ALA I 586 -32.42 -45.13 -17.64
C ALA I 586 -32.39 -43.89 -18.52
N LEU I 587 -31.33 -43.71 -19.31
CA LEU I 587 -31.08 -42.49 -20.06
C LEU I 587 -32.07 -42.26 -21.19
N GLY I 588 -32.82 -43.28 -21.61
CA GLY I 588 -33.80 -43.12 -22.66
C GLY I 588 -34.96 -42.23 -22.32
N THR I 589 -35.16 -41.92 -21.04
CA THR I 589 -36.21 -41.02 -20.59
C THR I 589 -35.70 -39.75 -19.91
N LEU I 590 -34.40 -39.65 -19.62
CA LEU I 590 -33.89 -38.64 -18.71
C LEU I 590 -33.03 -37.62 -19.46
N ASP I 591 -32.43 -36.71 -18.68
CA ASP I 591 -31.70 -35.58 -19.21
C ASP I 591 -30.76 -35.05 -18.12
N PRO I 592 -29.71 -34.33 -18.49
CA PRO I 592 -28.85 -33.72 -17.47
C PRO I 592 -29.54 -32.58 -16.76
N VAL I 593 -29.35 -32.53 -15.44
CA VAL I 593 -29.72 -31.33 -14.70
C VAL I 593 -28.65 -30.29 -15.02
N PRO I 594 -29.02 -29.03 -15.25
CA PRO I 594 -28.00 -27.99 -15.33
C PRO I 594 -27.35 -27.82 -13.97
N GLU I 595 -26.07 -27.44 -14.01
CA GLU I 595 -25.23 -27.56 -12.84
C GLU I 595 -25.58 -26.53 -11.77
N ALA I 596 -26.18 -25.41 -12.18
CA ALA I 596 -26.60 -24.41 -11.21
C ALA I 596 -27.75 -24.91 -10.34
N TYR I 597 -28.54 -25.86 -10.85
CA TYR I 597 -29.66 -26.36 -10.07
C TYR I 597 -29.22 -27.36 -9.03
N LEU I 598 -28.09 -28.03 -9.26
CA LEU I 598 -27.72 -29.15 -8.40
C LEU I 598 -27.31 -28.69 -7.01
N GLN I 599 -26.89 -27.43 -6.90
CA GLN I 599 -26.58 -26.91 -5.58
C GLN I 599 -27.83 -26.64 -4.75
N LEU I 600 -29.00 -26.56 -5.39
CA LEU I 600 -30.22 -26.28 -4.66
C LEU I 600 -30.69 -27.52 -3.89
N SER I 601 -31.86 -27.41 -3.27
CA SER I 601 -32.30 -28.40 -2.29
C SER I 601 -32.76 -29.69 -2.95
N PHE I 602 -33.06 -30.67 -2.10
CA PHE I 602 -33.72 -31.88 -2.55
C PHE I 602 -35.19 -31.61 -2.87
N GLY I 603 -35.78 -30.64 -2.18
CA GLY I 603 -37.20 -30.38 -2.35
C GLY I 603 -37.51 -29.11 -3.09
N GLU I 604 -36.62 -28.13 -3.03
CA GLU I 604 -36.84 -26.88 -3.72
C GLU I 604 -36.50 -26.98 -5.20
N ILE I 605 -35.76 -28.01 -5.60
CA ILE I 605 -35.30 -28.18 -6.98
C ILE I 605 -36.47 -28.32 -7.94
N VAL I 606 -37.57 -28.94 -7.52
CA VAL I 606 -38.67 -29.16 -8.44
C VAL I 606 -39.43 -27.88 -8.70
N ALA I 607 -39.38 -26.94 -7.74
CA ALA I 607 -40.05 -25.65 -7.89
C ALA I 607 -39.43 -24.83 -9.00
N ALA I 608 -38.14 -25.03 -9.24
CA ALA I 608 -37.53 -24.45 -10.42
C ALA I 608 -37.57 -25.41 -11.62
N ALA I 609 -37.74 -26.70 -11.37
CA ALA I 609 -37.65 -27.67 -12.45
C ALA I 609 -38.88 -27.63 -13.34
N TYR I 610 -40.07 -27.69 -12.74
CA TYR I 610 -41.22 -27.50 -13.63
C TYR I 610 -41.45 -26.04 -13.96
N ASP I 611 -40.78 -25.10 -13.28
CA ASP I 611 -40.77 -23.74 -13.76
C ASP I 611 -39.96 -23.62 -15.04
N ASP I 612 -38.94 -24.47 -15.21
CA ASP I 612 -38.21 -24.50 -16.47
C ASP I 612 -39.07 -25.03 -17.60
N SER I 613 -40.04 -25.87 -17.29
CA SER I 613 -40.98 -26.33 -18.30
C SER I 613 -42.05 -25.27 -18.54
N LYS I 614 -43.01 -25.61 -19.40
CA LYS I 614 -44.10 -24.72 -19.74
C LYS I 614 -45.29 -24.86 -18.82
N PHE I 615 -45.13 -25.55 -17.69
CA PHE I 615 -46.23 -25.69 -16.76
C PHE I 615 -46.56 -24.37 -16.10
N CYS I 616 -45.53 -23.63 -15.68
CA CYS I 616 -45.73 -22.28 -15.18
C CYS I 616 -45.75 -21.25 -16.30
N ARG I 617 -45.23 -21.58 -17.49
CA ARG I 617 -45.32 -20.65 -18.60
C ARG I 617 -46.70 -20.62 -19.22
N TYR I 618 -47.48 -21.70 -19.09
CA TYR I 618 -48.84 -21.67 -19.61
C TYR I 618 -49.76 -20.91 -18.69
N VAL I 619 -49.35 -20.71 -17.43
CA VAL I 619 -50.12 -19.90 -16.50
C VAL I 619 -50.17 -18.46 -16.94
N GLU I 620 -49.11 -17.97 -17.59
CA GLU I 620 -49.13 -16.60 -18.09
C GLU I 620 -50.09 -16.44 -19.27
N LEU I 621 -50.21 -17.48 -20.10
CA LEU I 621 -51.14 -17.39 -21.22
C LEU I 621 -52.59 -17.54 -20.76
N ILE I 622 -52.84 -18.43 -19.79
CA ILE I 622 -54.20 -18.47 -19.25
C ILE I 622 -54.48 -17.27 -18.35
N CYS I 623 -53.43 -16.62 -17.82
CA CYS I 623 -53.56 -15.33 -17.17
C CYS I 623 -54.05 -14.25 -18.12
N SER I 624 -53.42 -14.16 -19.29
CA SER I 624 -53.87 -13.21 -20.30
C SER I 624 -55.25 -13.58 -20.83
N ARG I 625 -55.56 -14.88 -20.90
CA ARG I 625 -56.86 -15.31 -21.38
C ARG I 625 -57.95 -14.98 -20.39
N GLU I 626 -57.69 -15.14 -19.09
CA GLU I 626 -58.67 -14.77 -18.08
C GLU I 626 -58.80 -13.27 -17.96
N LYS I 627 -57.68 -12.54 -18.12
CA LYS I 627 -57.74 -11.08 -18.06
C LYS I 627 -58.49 -10.52 -19.27
N ALA I 628 -58.43 -11.20 -20.42
CA ALA I 628 -59.26 -10.80 -21.55
C ALA I 628 -60.71 -11.22 -21.33
N ARG I 629 -60.92 -12.40 -20.74
CA ARG I 629 -62.25 -12.97 -20.56
C ARG I 629 -63.09 -12.13 -19.60
N ARG I 630 -62.46 -11.53 -18.60
CA ARG I 630 -63.19 -10.62 -17.73
C ARG I 630 -62.93 -9.15 -18.05
N ARG I 631 -61.95 -8.83 -18.90
CA ARG I 631 -61.75 -7.45 -19.31
C ARG I 631 -62.77 -7.05 -20.36
N GLN I 632 -63.15 -7.98 -21.24
CA GLN I 632 -64.27 -7.74 -22.14
C GLN I 632 -65.60 -7.80 -21.40
N MET I 633 -65.62 -8.35 -20.18
CA MET I 633 -66.79 -8.25 -19.33
C MET I 633 -66.88 -6.88 -18.66
N SER I 634 -65.75 -6.36 -18.18
CA SER I 634 -65.76 -5.07 -17.52
C SER I 634 -65.70 -3.93 -18.52
N ARG I 635 -64.89 -4.06 -19.56
CA ARG I 635 -64.67 -2.99 -20.52
C ARG I 635 -65.03 -3.43 -21.94
N UNK J 1 -66.80 -19.76 -1.45
CA UNK J 1 -65.59 -19.17 -0.86
C UNK J 1 -64.59 -20.25 -0.44
N UNK J 2 -63.83 -20.78 -1.39
CA UNK J 2 -62.90 -21.86 -1.12
C UNK J 2 -61.64 -21.67 -1.96
N UNK J 3 -60.66 -22.56 -1.75
CA UNK J 3 -59.36 -22.44 -2.39
C UNK J 3 -59.45 -22.78 -3.87
N UNK J 4 -58.34 -22.55 -4.58
CA UNK J 4 -58.30 -22.84 -6.01
C UNK J 4 -57.68 -24.19 -6.31
N UNK J 5 -56.87 -24.71 -5.41
CA UNK J 5 -56.33 -26.06 -5.51
C UNK J 5 -56.55 -26.86 -4.24
N UNK J 6 -56.48 -26.24 -3.07
CA UNK J 6 -56.64 -26.96 -1.83
C UNK J 6 -58.10 -27.25 -1.50
N UNK J 7 -59.04 -26.65 -2.22
CA UNK J 7 -60.45 -26.93 -1.97
C UNK J 7 -60.80 -28.34 -2.44
N UNK J 8 -60.25 -28.75 -3.58
CA UNK J 8 -60.39 -30.14 -3.98
C UNK J 8 -59.54 -31.06 -3.11
N UNK J 9 -58.50 -30.52 -2.46
CA UNK J 9 -57.71 -31.32 -1.54
C UNK J 9 -58.42 -31.51 -0.21
N UNK J 10 -59.35 -30.61 0.12
CA UNK J 10 -60.15 -30.74 1.34
C UNK J 10 -61.50 -31.38 1.04
N UNK J 11 -62.24 -30.81 0.10
CA UNK J 11 -63.52 -31.36 -0.36
C UNK J 11 -63.28 -31.89 -1.78
N UNK J 12 -63.13 -33.22 -1.88
CA UNK J 12 -62.72 -33.84 -3.14
C UNK J 12 -63.80 -33.68 -4.21
N UNK J 13 -63.42 -33.05 -5.32
CA UNK J 13 -64.37 -32.72 -6.39
C UNK J 13 -64.68 -33.98 -7.18
N UNK J 14 -65.57 -34.80 -6.62
CA UNK J 14 -66.03 -35.99 -7.31
C UNK J 14 -67.42 -35.78 -7.90
N UNK J 15 -68.28 -35.06 -7.18
CA UNK J 15 -69.64 -34.78 -7.65
C UNK J 15 -69.64 -33.76 -8.77
N ASP K 52 -13.80 -28.50 70.57
CA ASP K 52 -13.14 -27.85 69.45
C ASP K 52 -13.58 -28.50 68.14
N GLU K 53 -14.16 -27.71 67.25
CA GLU K 53 -14.66 -28.22 65.98
C GLU K 53 -13.61 -28.04 64.90
N ALA K 54 -13.34 -29.11 64.15
CA ALA K 54 -12.43 -29.04 63.02
C ALA K 54 -13.10 -28.30 61.87
N VAL K 55 -12.61 -27.11 61.56
CA VAL K 55 -13.26 -26.22 60.60
C VAL K 55 -12.23 -25.83 59.56
N ILE K 56 -12.52 -26.05 58.28
CA ILE K 56 -11.60 -25.62 57.23
C ILE K 56 -11.68 -24.12 57.09
N ASP K 57 -10.52 -23.48 57.12
CA ASP K 57 -10.34 -22.04 57.15
C ASP K 57 -9.87 -21.55 55.80
N ILE K 58 -10.28 -20.34 55.42
CA ILE K 58 -9.95 -19.89 54.08
C ILE K 58 -9.24 -18.54 54.02
N PHE K 59 -9.49 -17.65 54.98
CA PHE K 59 -9.03 -16.28 54.71
C PHE K 59 -7.55 -16.04 54.95
N PRO K 60 -6.97 -16.12 56.18
CA PRO K 60 -5.60 -15.65 56.38
C PRO K 60 -4.57 -16.74 56.18
N THR K 61 -4.72 -17.51 55.12
CA THR K 61 -3.72 -18.50 54.74
C THR K 61 -2.69 -17.85 53.86
N GLY K 62 -1.83 -18.67 53.27
CA GLY K 62 -0.98 -18.16 52.22
C GLY K 62 -1.77 -17.81 50.97
N GLN K 63 -2.70 -18.68 50.59
CA GLN K 63 -3.34 -18.62 49.29
C GLN K 63 -4.23 -17.41 49.11
N THR K 64 -4.75 -16.83 50.17
CA THR K 64 -5.61 -15.67 50.00
C THR K 64 -5.09 -14.40 50.63
N MET K 65 -4.22 -14.48 51.62
CA MET K 65 -3.52 -13.26 52.03
C MET K 65 -2.51 -12.85 50.99
N SER K 66 -1.95 -13.82 50.24
CA SER K 66 -1.11 -13.46 49.12
C SER K 66 -1.90 -12.83 47.99
N PHE K 67 -3.20 -13.09 47.91
CA PHE K 67 -4.02 -12.52 46.85
C PHE K 67 -4.13 -11.00 46.98
N LEU K 68 -4.29 -10.50 48.20
CA LEU K 68 -4.39 -9.06 48.35
C LEU K 68 -3.06 -8.37 48.12
N ARG K 69 -1.96 -9.07 48.37
CA ARG K 69 -0.66 -8.47 48.13
C ARG K 69 -0.35 -8.42 46.64
N LEU K 70 -0.72 -9.48 45.90
CA LEU K 70 -0.50 -9.43 44.46
C LEU K 70 -1.49 -8.49 43.80
N LEU K 71 -2.67 -8.31 44.38
CA LEU K 71 -3.68 -7.51 43.72
C LEU K 71 -3.35 -6.02 43.79
N HIS K 72 -2.82 -5.56 44.92
CA HIS K 72 -2.28 -4.21 44.98
C HIS K 72 -0.78 -4.19 44.77
N GLY K 73 -0.23 -5.27 44.21
CA GLY K 73 1.08 -5.21 43.60
C GLY K 73 2.27 -5.26 44.52
N PHE K 74 2.15 -5.91 45.68
CA PHE K 74 3.34 -6.13 46.49
C PHE K 74 4.28 -7.11 45.82
N LEU K 75 3.75 -8.12 45.15
CA LEU K 75 4.55 -9.16 44.54
C LEU K 75 4.45 -9.14 43.02
N GLY K 76 3.24 -9.28 42.48
CA GLY K 76 3.10 -9.33 41.05
C GLY K 76 3.01 -7.95 40.43
N THR K 77 3.38 -7.86 39.15
CA THR K 77 3.24 -6.63 38.39
C THR K 77 3.06 -6.99 36.93
N CYS K 78 2.35 -6.13 36.21
CA CYS K 78 1.99 -6.33 34.82
C CYS K 78 1.42 -5.01 34.32
N ARG K 79 1.21 -4.93 33.00
CA ARG K 79 0.43 -3.81 32.49
C ARG K 79 -1.06 -4.01 32.68
N GLY K 80 -1.49 -5.20 33.12
CA GLY K 80 -2.89 -5.42 33.40
C GLY K 80 -3.31 -5.04 34.80
N GLN K 81 -2.34 -4.81 35.70
CA GLN K 81 -2.62 -4.46 37.09
C GLN K 81 -3.47 -3.21 37.21
N SER K 82 -3.36 -2.31 36.23
CA SER K 82 -4.21 -1.14 36.16
C SER K 82 -5.68 -1.49 35.91
N MET K 83 -5.97 -2.65 35.32
CA MET K 83 -7.35 -2.95 34.98
C MET K 83 -8.14 -3.41 36.19
N HIS K 84 -7.47 -3.64 37.31
CA HIS K 84 -8.21 -3.74 38.57
C HIS K 84 -8.45 -2.37 39.16
N GLN K 85 -7.50 -1.46 39.01
CA GLN K 85 -7.64 -0.17 39.68
C GLN K 85 -8.63 0.71 38.95
N VAL K 86 -8.90 0.42 37.67
CA VAL K 86 -10.02 1.09 37.01
C VAL K 86 -11.35 0.59 37.55
N LEU K 87 -11.38 -0.61 38.12
CA LEU K 87 -12.62 -1.21 38.60
C LEU K 87 -12.99 -0.74 39.99
N ARG K 88 -12.13 -0.01 40.67
CA ARG K 88 -12.43 0.46 42.00
C ARG K 88 -12.36 1.97 42.07
N ASP K 89 -12.95 2.63 41.09
CA ASP K 89 -13.12 4.07 41.19
C ASP K 89 -14.22 4.34 42.20
N PRO K 90 -13.92 4.90 43.38
CA PRO K 90 -14.97 5.10 44.38
C PRO K 90 -15.90 6.24 44.05
N CYS K 91 -15.58 7.05 43.04
CA CYS K 91 -16.47 8.12 42.65
C CYS K 91 -17.68 7.61 41.87
N VAL K 92 -17.57 6.45 41.20
CA VAL K 92 -18.69 5.98 40.40
C VAL K 92 -19.80 5.47 41.29
N LEU K 93 -19.49 5.06 42.51
CA LEU K 93 -20.53 4.63 43.43
C LEU K 93 -21.36 5.81 43.89
N ARG K 94 -20.70 6.93 44.22
CA ARG K 94 -21.46 8.11 44.60
C ARG K 94 -22.18 8.70 43.39
N LYS K 95 -21.65 8.46 42.18
CA LYS K 95 -22.36 8.86 40.97
C LYS K 95 -23.68 8.11 40.85
N GLN K 96 -23.63 6.78 40.94
CA GLN K 96 -24.85 5.99 40.81
C GLN K 96 -25.80 6.24 41.98
N LEU K 97 -25.24 6.51 43.16
CA LEU K 97 -26.05 6.81 44.32
C LEU K 97 -26.82 8.12 44.15
N LEU K 98 -26.15 9.17 43.68
CA LEU K 98 -26.85 10.42 43.49
C LEU K 98 -27.83 10.33 42.31
N TYR K 99 -27.51 9.51 41.30
CA TYR K 99 -28.44 9.29 40.21
C TYR K 99 -29.70 8.62 40.70
N GLY K 100 -29.54 7.63 41.59
CA GLY K 100 -30.71 6.94 42.11
C GLY K 100 -31.57 7.83 42.97
N VAL K 101 -30.95 8.62 43.84
CA VAL K 101 -31.76 9.45 44.72
C VAL K 101 -32.36 10.63 43.95
N CYS K 102 -31.70 11.12 42.91
CA CYS K 102 -32.31 12.20 42.13
C CYS K 102 -33.41 11.68 41.23
N LYS K 103 -33.27 10.46 40.70
CA LYS K 103 -34.35 9.87 39.93
C LYS K 103 -35.56 9.57 40.80
N THR K 104 -35.32 9.13 42.04
CA THR K 104 -36.44 8.87 42.93
C THR K 104 -37.09 10.17 43.39
N LEU K 105 -36.31 11.24 43.52
CA LEU K 105 -36.88 12.54 43.84
C LEU K 105 -37.70 13.10 42.69
N PHE K 106 -37.13 13.13 41.49
CA PHE K 106 -37.60 14.06 40.47
C PHE K 106 -38.84 13.59 39.75
N ASP K 107 -39.21 12.32 39.88
CA ASP K 107 -40.41 11.87 39.19
C ASP K 107 -41.67 12.00 40.03
N THR K 108 -41.59 12.60 41.22
CA THR K 108 -42.70 12.51 42.16
C THR K 108 -43.82 13.49 41.85
N ILE K 109 -43.52 14.79 41.79
CA ILE K 109 -44.58 15.79 41.79
C ILE K 109 -44.48 16.62 40.51
N THR K 110 -44.12 15.94 39.42
CA THR K 110 -43.94 16.60 38.12
C THR K 110 -45.24 17.16 37.55
N VAL K 111 -46.40 16.70 38.04
CA VAL K 111 -47.65 17.03 37.37
C VAL K 111 -48.31 18.26 38.00
N ARG K 112 -48.28 18.38 39.33
CA ARG K 112 -49.12 19.39 39.96
C ARG K 112 -48.41 20.72 40.12
N ARG K 113 -47.23 20.71 40.76
CA ARG K 113 -46.60 21.97 41.17
C ARG K 113 -46.03 22.74 39.99
N VAL K 114 -45.82 22.09 38.85
CA VAL K 114 -45.36 22.84 37.68
C VAL K 114 -46.48 23.76 37.19
N ALA K 115 -47.74 23.38 37.42
CA ALA K 115 -48.85 24.27 37.14
C ALA K 115 -49.04 25.29 38.24
N GLU K 116 -48.84 24.90 39.50
CA GLU K 116 -49.17 25.78 40.63
C GLU K 116 -48.15 26.90 40.77
N GLU K 117 -46.87 26.57 40.69
CA GLU K 117 -45.84 27.60 40.75
C GLU K 117 -45.80 28.48 39.51
N TRP K 118 -46.19 27.94 38.34
CA TRP K 118 -46.35 28.80 37.18
C TRP K 118 -47.55 29.73 37.34
N LYS K 119 -48.63 29.25 37.95
CA LYS K 119 -49.74 30.13 38.32
C LYS K 119 -49.28 31.24 39.26
N LEU K 120 -48.40 30.90 40.21
CA LEU K 120 -47.87 31.88 41.15
C LEU K 120 -47.02 32.93 40.43
N HIS K 121 -46.10 32.49 39.57
CA HIS K 121 -45.28 33.42 38.81
C HIS K 121 -46.07 34.20 37.77
N ALA K 122 -47.18 33.64 37.29
CA ALA K 122 -48.00 34.35 36.32
C ALA K 122 -48.84 35.42 37.01
N ALA K 123 -49.46 35.08 38.14
CA ALA K 123 -50.25 36.07 38.87
C ALA K 123 -49.37 37.12 39.51
N LEU K 124 -48.11 36.78 39.81
CA LEU K 124 -47.18 37.79 40.30
C LEU K 124 -46.76 38.75 39.20
N PHE K 125 -46.56 38.25 37.98
CA PHE K 125 -46.06 39.05 36.87
C PHE K 125 -46.68 38.57 35.57
N PRO K 126 -47.87 39.04 35.23
CA PRO K 126 -48.52 38.62 33.99
C PRO K 126 -48.17 39.47 32.79
N TYR K 127 -47.06 40.21 32.87
CA TYR K 127 -46.72 41.22 31.86
C TYR K 127 -46.47 40.57 30.50
N ARG K 128 -47.04 41.17 29.46
CA ARG K 128 -47.03 40.59 28.13
C ARG K 128 -47.26 41.68 27.11
N ALA K 129 -46.33 41.81 26.16
CA ALA K 129 -46.49 42.80 25.09
C ALA K 129 -47.18 42.17 23.88
N LEU K 130 -46.61 41.10 23.34
CA LEU K 130 -47.16 40.49 22.13
C LEU K 130 -47.03 38.99 22.25
N ASP K 131 -47.91 38.28 21.54
CA ASP K 131 -47.99 36.83 21.60
C ASP K 131 -47.47 36.16 20.34
N GLU K 132 -46.54 36.78 19.61
CA GLU K 132 -46.11 36.23 18.33
C GLU K 132 -44.72 35.62 18.42
N GLU K 133 -43.74 36.41 18.86
CA GLU K 133 -42.37 35.94 19.01
C GLU K 133 -41.95 35.75 20.45
N ASP K 134 -42.27 36.71 21.32
CA ASP K 134 -41.69 36.76 22.65
C ASP K 134 -42.27 35.70 23.59
N LEU K 135 -43.41 35.11 23.24
CA LEU K 135 -44.04 34.14 24.14
C LEU K 135 -43.21 32.87 24.23
N GLU K 136 -42.69 32.39 23.09
CA GLU K 136 -41.83 31.22 23.13
C GLU K 136 -40.49 31.52 23.76
N GLN K 137 -40.02 32.76 23.64
CA GLN K 137 -38.72 33.11 24.24
C GLN K 137 -38.83 33.18 25.75
N TYR K 138 -39.88 33.82 26.26
CA TYR K 138 -40.17 33.82 27.69
C TYR K 138 -40.41 32.40 28.19
N LEU K 139 -41.06 31.57 27.38
CA LEU K 139 -41.31 30.18 27.71
C LEU K 139 -40.03 29.37 27.85
N LEU K 140 -39.11 29.54 26.90
CA LEU K 140 -37.88 28.75 26.93
C LEU K 140 -36.94 29.23 28.03
N VAL K 141 -36.86 30.54 28.26
CA VAL K 141 -36.01 31.00 29.36
C VAL K 141 -36.66 30.67 30.70
N TRP K 142 -37.99 30.54 30.72
CA TRP K 142 -38.70 30.10 31.91
C TRP K 142 -38.35 28.65 32.23
N SER K 143 -38.43 27.77 31.23
CA SER K 143 -38.11 26.36 31.44
C SER K 143 -36.65 26.16 31.84
N ALA K 144 -35.74 26.91 31.22
CA ALA K 144 -34.34 26.81 31.54
C ALA K 144 -34.05 27.31 32.95
N SER K 145 -34.73 28.38 33.38
CA SER K 145 -34.52 28.91 34.71
C SER K 145 -35.07 27.98 35.78
N LEU K 146 -36.24 27.38 35.53
CA LEU K 146 -36.79 26.35 36.43
C LEU K 146 -35.82 25.19 36.59
N ARG K 147 -35.36 24.63 35.47
CA ARG K 147 -34.54 23.43 35.55
C ARG K 147 -33.17 23.71 36.15
N GLN K 148 -32.58 24.89 35.88
CA GLN K 148 -31.30 25.18 36.49
C GLN K 148 -31.44 25.53 37.97
N SER K 149 -32.58 26.10 38.37
CA SER K 149 -32.76 26.46 39.77
C SER K 149 -32.92 25.21 40.63
N VAL K 150 -33.79 24.29 40.21
CA VAL K 150 -33.92 23.04 40.96
C VAL K 150 -32.65 22.20 40.80
N GLN K 151 -31.94 22.37 39.68
CA GLN K 151 -30.69 21.67 39.45
C GLN K 151 -29.64 22.07 40.47
N THR K 152 -29.39 23.37 40.61
CA THR K 152 -28.38 23.81 41.56
C THR K 152 -28.84 23.66 42.99
N GLY K 153 -30.16 23.65 43.24
CA GLY K 153 -30.65 23.40 44.58
C GLY K 153 -30.36 22.00 45.05
N VAL K 154 -30.84 21.00 44.29
CA VAL K 154 -30.56 19.63 44.68
C VAL K 154 -29.10 19.28 44.46
N LEU K 155 -28.38 20.00 43.60
CA LEU K 155 -26.97 19.72 43.44
C LEU K 155 -26.18 20.16 44.66
N GLY K 156 -26.50 21.34 45.20
CA GLY K 156 -25.90 21.74 46.46
C GLY K 156 -26.29 20.85 47.61
N ALA K 157 -27.55 20.39 47.62
CA ALA K 157 -28.00 19.49 48.67
C ALA K 157 -27.27 18.15 48.65
N LEU K 158 -27.28 17.49 47.49
CA LEU K 158 -26.60 16.21 47.35
C LEU K 158 -25.10 16.35 47.48
N ARG K 159 -24.54 17.47 47.02
CA ARG K 159 -23.12 17.72 47.15
C ARG K 159 -22.70 17.83 48.60
N ASP K 160 -23.48 18.55 49.41
CA ASP K 160 -23.13 18.67 50.82
C ASP K 160 -23.30 17.34 51.56
N ILE K 161 -24.46 16.69 51.39
CA ILE K 161 -24.71 15.46 52.13
C ILE K 161 -23.88 14.28 51.60
N LEU K 162 -23.30 14.41 50.42
CA LEU K 162 -22.41 13.38 49.91
C LEU K 162 -20.98 13.64 50.36
N TYR K 163 -20.49 14.87 50.15
CA TYR K 163 -19.11 15.19 50.50
C TYR K 163 -18.87 15.18 51.99
N GLN K 164 -19.91 15.27 52.81
CA GLN K 164 -19.67 15.15 54.24
C GLN K 164 -19.42 13.70 54.64
N TYR K 165 -20.29 12.77 54.23
CA TYR K 165 -20.22 11.46 54.86
C TYR K 165 -20.43 10.32 53.88
N ALA K 166 -19.99 10.47 52.63
CA ALA K 166 -19.97 9.31 51.74
C ALA K 166 -18.56 8.79 51.49
N ASP K 167 -17.53 9.42 52.05
CA ASP K 167 -16.17 8.94 51.85
C ASP K 167 -15.77 7.90 52.89
N ASN K 168 -16.60 6.86 53.01
CA ASN K 168 -16.17 5.64 53.64
C ASN K 168 -15.25 4.83 52.74
N ASP K 169 -15.30 5.10 51.42
CA ASP K 169 -14.44 4.52 50.35
C ASP K 169 -14.29 3.00 50.43
N ASP K 170 -15.32 2.33 50.92
CA ASP K 170 -15.29 0.89 51.11
C ASP K 170 -15.53 0.14 49.82
N TYR K 171 -15.93 0.83 48.76
CA TYR K 171 -16.11 0.23 47.45
C TYR K 171 -14.81 -0.35 46.93
N GLY K 172 -13.71 0.36 47.19
CA GLY K 172 -12.40 -0.03 46.71
C GLY K 172 -11.85 -1.26 47.38
N LEU K 173 -12.44 -1.68 48.49
CA LEU K 173 -12.11 -2.95 49.12
C LEU K 173 -13.16 -4.00 48.84
N TYR K 174 -14.40 -3.55 48.66
CA TYR K 174 -15.48 -4.45 48.31
C TYR K 174 -15.21 -5.12 46.98
N VAL K 175 -14.62 -4.38 46.05
CA VAL K 175 -14.35 -5.00 44.76
C VAL K 175 -13.22 -6.02 44.89
N ASP K 176 -12.34 -5.86 45.89
CA ASP K 176 -11.32 -6.89 46.06
C ASP K 176 -11.93 -8.15 46.63
N TRP K 177 -12.75 -8.02 47.67
CA TRP K 177 -13.35 -9.23 48.21
C TRP K 177 -14.43 -9.81 47.30
N CYS K 178 -14.90 -9.07 46.30
CA CYS K 178 -15.78 -9.66 45.31
C CYS K 178 -15.01 -10.22 44.12
N VAL K 179 -13.75 -9.82 43.93
CA VAL K 179 -12.99 -10.36 42.81
C VAL K 179 -12.06 -11.48 43.24
N THR K 180 -11.71 -11.60 44.51
CA THR K 180 -10.69 -12.57 44.87
C THR K 180 -11.19 -13.72 45.73
N VAL K 181 -12.32 -13.58 46.41
CA VAL K 181 -12.87 -14.66 47.22
C VAL K 181 -14.36 -14.77 46.95
N GLY K 182 -14.92 -13.74 46.34
CA GLY K 182 -16.32 -13.76 46.00
C GLY K 182 -17.27 -13.55 47.15
N LEU K 183 -16.77 -13.06 48.29
CA LEU K 183 -17.63 -12.83 49.45
C LEU K 183 -16.97 -11.80 50.34
N VAL K 184 -17.79 -10.96 50.95
CA VAL K 184 -17.32 -9.77 51.66
C VAL K 184 -17.54 -9.95 53.16
N PRO K 185 -16.50 -9.86 53.98
CA PRO K 185 -16.71 -9.65 55.40
C PRO K 185 -17.02 -8.19 55.67
N LEU K 186 -17.87 -7.95 56.66
CA LEU K 186 -18.30 -6.60 56.96
C LEU K 186 -18.86 -6.57 58.38
N LEU K 187 -18.55 -5.49 59.10
CA LEU K 187 -18.95 -5.34 60.49
C LEU K 187 -19.96 -4.20 60.58
N ASP K 188 -21.17 -4.53 61.01
CA ASP K 188 -22.26 -3.56 61.05
C ASP K 188 -22.01 -2.61 62.20
N VAL K 189 -21.36 -1.49 61.90
CA VAL K 189 -21.01 -0.52 62.93
C VAL K 189 -22.25 0.29 63.31
N LYS K 190 -22.60 0.23 64.58
CA LYS K 190 -23.72 0.98 65.12
C LYS K 190 -23.25 1.83 66.28
N THR K 191 -24.00 2.90 66.55
CA THR K 191 -23.65 3.86 67.58
C THR K 191 -24.87 4.13 68.45
N LYS K 192 -24.76 5.16 69.28
CA LYS K 192 -25.89 5.59 70.09
C LYS K 192 -26.98 6.19 69.20
N PRO K 193 -28.25 6.13 69.61
CA PRO K 193 -29.32 6.66 68.76
C PRO K 193 -29.35 8.19 68.69
N SER K 194 -28.50 8.89 69.43
CA SER K 194 -28.43 10.34 69.32
C SER K 194 -27.87 10.76 67.97
N GLU K 195 -26.91 9.99 67.44
CA GLU K 195 -26.22 10.35 66.20
C GLU K 195 -27.15 10.31 65.00
N ALA K 196 -28.25 9.56 65.09
CA ALA K 196 -29.32 9.70 64.11
C ALA K 196 -29.93 11.09 64.15
N ALA K 197 -30.09 11.66 65.35
CA ALA K 197 -30.59 13.03 65.43
C ALA K 197 -29.53 14.04 64.99
N GLU K 198 -28.24 13.72 65.15
CA GLU K 198 -27.22 14.56 64.54
C GLU K 198 -27.27 14.51 63.02
N ARG K 199 -27.53 13.34 62.44
CA ARG K 199 -27.67 13.28 60.99
C ARG K 199 -28.94 13.98 60.52
N ALA K 200 -29.99 13.91 61.34
CA ALA K 200 -31.19 14.71 61.06
C ALA K 200 -30.88 16.19 61.10
N GLN K 201 -30.06 16.61 62.06
CA GLN K 201 -29.61 18.00 62.15
C GLN K 201 -28.83 18.41 60.91
N PHE K 202 -27.96 17.51 60.42
CA PHE K 202 -27.15 17.85 59.25
C PHE K 202 -27.99 17.96 58.00
N VAL K 203 -28.92 17.04 57.80
CA VAL K 203 -29.74 17.12 56.59
C VAL K 203 -30.76 18.25 56.73
N ARG K 204 -31.12 18.64 57.95
CA ARG K 204 -31.95 19.82 58.10
C ARG K 204 -31.18 21.09 57.80
N ALA K 205 -29.88 21.12 58.11
CA ALA K 205 -29.06 22.25 57.70
C ALA K 205 -28.91 22.30 56.19
N ALA K 206 -28.74 21.14 55.56
CA ALA K 206 -28.66 21.07 54.10
C ALA K 206 -29.96 21.52 53.44
N VAL K 207 -31.11 21.17 54.02
CA VAL K 207 -32.35 21.64 53.44
C VAL K 207 -32.62 23.08 53.83
N GLN K 208 -31.91 23.63 54.84
CA GLN K 208 -31.94 25.07 55.03
C GLN K 208 -31.15 25.79 53.94
N ARG K 209 -30.05 25.17 53.48
CA ARG K 209 -29.38 25.69 52.29
C ARG K 209 -30.28 25.60 51.07
N ALA K 210 -31.03 24.52 50.96
CA ALA K 210 -32.03 24.42 49.90
C ALA K 210 -33.16 25.44 50.08
N THR K 211 -33.48 25.79 51.33
CA THR K 211 -34.51 26.78 51.62
C THR K 211 -34.10 28.16 51.14
N GLU K 212 -32.86 28.55 51.41
CA GLU K 212 -32.38 29.79 50.84
C GLU K 212 -32.04 29.67 49.36
N THR K 213 -32.02 28.46 48.80
CA THR K 213 -31.81 28.32 47.37
C THR K 213 -33.11 28.54 46.59
N HIS K 214 -34.10 27.67 46.79
CA HIS K 214 -35.28 27.66 45.92
C HIS K 214 -36.43 26.92 46.58
N PRO K 215 -37.67 27.38 46.41
CA PRO K 215 -38.80 26.73 47.11
C PRO K 215 -39.26 25.41 46.52
N LEU K 216 -39.17 25.21 45.20
CA LEU K 216 -39.62 23.93 44.66
C LEU K 216 -38.67 22.80 45.05
N ALA K 217 -37.37 23.09 45.05
CA ALA K 217 -36.40 22.13 45.56
C ALA K 217 -36.60 21.86 47.03
N GLN K 218 -36.97 22.89 47.80
CA GLN K 218 -37.21 22.69 49.22
C GLN K 218 -38.48 21.87 49.43
N ASP K 219 -39.42 21.94 48.49
CA ASP K 219 -40.60 21.09 48.56
C ASP K 219 -40.26 19.65 48.25
N LEU K 220 -39.39 19.42 47.26
CA LEU K 220 -38.96 18.07 46.94
C LEU K 220 -38.21 17.43 48.10
N LEU K 221 -37.30 18.18 48.72
CA LEU K 221 -36.56 17.59 49.84
C LEU K 221 -37.41 17.49 51.10
N GLN K 222 -38.37 18.40 51.30
CA GLN K 222 -39.28 18.21 52.42
C GLN K 222 -40.29 17.10 52.15
N ALA K 223 -40.42 16.66 50.90
CA ALA K 223 -41.22 15.48 50.61
C ALA K 223 -40.44 14.21 50.89
N ASN K 224 -39.17 14.15 50.47
CA ASN K 224 -38.44 12.89 50.51
C ASN K 224 -37.26 12.88 51.48
N LEU K 225 -37.28 13.75 52.50
CA LEU K 225 -36.21 13.72 53.49
C LEU K 225 -36.24 12.46 54.33
N ALA K 226 -37.38 11.78 54.42
CA ALA K 226 -37.46 10.55 55.18
C ALA K 226 -36.59 9.46 54.57
N LEU K 227 -36.78 9.20 53.28
CA LEU K 227 -35.93 8.21 52.64
C LEU K 227 -34.52 8.74 52.41
N LEU K 228 -34.34 10.07 52.41
CA LEU K 228 -32.98 10.60 52.42
C LEU K 228 -32.25 10.29 53.72
N LEU K 229 -32.96 10.39 54.85
CA LEU K 229 -32.38 9.95 56.11
C LEU K 229 -32.14 8.45 56.12
N GLN K 230 -33.01 7.69 55.44
CA GLN K 230 -32.82 6.25 55.38
C GLN K 230 -31.54 5.90 54.63
N VAL K 231 -31.31 6.52 53.47
CA VAL K 231 -30.10 6.21 52.71
C VAL K 231 -28.86 6.84 53.36
N ALA K 232 -29.01 7.95 54.07
CA ALA K 232 -27.89 8.53 54.80
C ALA K 232 -27.48 7.65 55.96
N GLU K 233 -28.45 7.02 56.63
CA GLU K 233 -28.13 6.09 57.70
C GLU K 233 -27.52 4.82 57.14
N ARG K 234 -28.10 4.26 56.07
CA ARG K 234 -27.59 3.02 55.51
C ARG K 234 -26.22 3.20 54.87
N LEU K 235 -25.86 4.44 54.51
CA LEU K 235 -24.55 4.68 53.94
C LEU K 235 -23.48 4.64 55.02
N GLY K 236 -23.74 5.22 56.17
CA GLY K 236 -22.82 5.08 57.27
C GLY K 236 -23.07 3.88 58.15
N ALA K 237 -23.76 2.86 57.62
CA ALA K 237 -24.20 1.76 58.47
C ALA K 237 -23.10 0.73 58.69
N VAL K 238 -22.20 0.59 57.73
CA VAL K 238 -21.27 -0.54 57.76
C VAL K 238 -19.93 -0.10 57.19
N ARG K 239 -18.91 -0.86 57.53
CA ARG K 239 -17.63 -0.79 56.89
C ARG K 239 -17.42 -2.07 56.08
N VAL K 240 -16.22 -2.23 55.54
CA VAL K 240 -15.88 -3.34 54.67
C VAL K 240 -15.05 -4.39 55.39
N ALA K 241 -15.01 -4.32 56.73
CA ALA K 241 -14.16 -5.12 57.61
C ALA K 241 -12.68 -4.96 57.25
N ASN K 242 -12.24 -3.71 57.13
CA ASN K 242 -10.82 -3.42 56.95
C ASN K 242 -10.17 -3.28 58.31
N ALA K 243 -9.90 -4.42 58.92
CA ALA K 243 -9.32 -4.46 60.25
C ALA K 243 -8.40 -5.68 60.36
N PRO K 244 -7.33 -5.59 61.14
CA PRO K 244 -6.51 -6.77 61.38
C PRO K 244 -7.23 -7.79 62.24
N GLU K 245 -6.71 -9.02 62.19
CA GLU K 245 -7.23 -10.18 62.92
C GLU K 245 -8.69 -10.46 62.61
N VAL K 246 -9.01 -10.46 61.31
CA VAL K 246 -10.32 -10.88 60.85
C VAL K 246 -10.14 -12.21 60.15
N ARG K 247 -11.18 -13.03 60.16
CA ARG K 247 -11.04 -14.39 59.66
C ARG K 247 -12.40 -14.92 59.24
N VAL K 248 -12.41 -15.68 58.16
CA VAL K 248 -13.61 -16.36 57.70
C VAL K 248 -13.25 -17.83 57.44
N PHE K 249 -14.20 -18.71 57.71
CA PHE K 249 -14.01 -20.14 57.62
C PHE K 249 -15.33 -20.80 57.23
N LYS K 250 -15.23 -22.06 56.82
CA LYS K 250 -16.38 -22.85 56.42
C LYS K 250 -16.47 -24.06 57.33
N LYS K 251 -17.55 -24.15 58.10
CA LYS K 251 -17.73 -25.29 59.00
C LYS K 251 -18.10 -26.53 58.20
N VAL K 252 -17.34 -27.60 58.41
CA VAL K 252 -17.52 -28.79 57.58
C VAL K 252 -18.79 -29.55 57.93
N ARG K 253 -19.30 -29.42 59.15
CA ARG K 253 -20.48 -30.18 59.55
C ARG K 253 -21.75 -29.60 58.96
N SER K 254 -21.83 -28.28 58.86
CA SER K 254 -22.89 -27.61 58.13
C SER K 254 -22.28 -26.46 57.37
N GLU K 255 -22.38 -26.49 56.05
CA GLU K 255 -21.73 -25.49 55.19
C GLU K 255 -22.49 -24.18 55.29
N ARG K 256 -22.26 -23.50 56.41
CA ARG K 256 -22.87 -22.22 56.74
C ARG K 256 -21.79 -21.24 57.11
N LEU K 257 -20.81 -21.12 56.21
CA LEU K 257 -19.58 -20.37 56.38
C LEU K 257 -19.82 -18.93 56.84
N GLU K 258 -19.12 -18.55 57.91
CA GLU K 258 -19.37 -17.28 58.57
C GLU K 258 -18.04 -16.73 59.08
N ALA K 259 -17.97 -15.41 59.23
CA ALA K 259 -16.74 -14.76 59.61
C ALA K 259 -16.81 -14.33 61.07
N GLN K 260 -15.66 -14.29 61.73
CA GLN K 260 -15.54 -13.68 63.04
C GLN K 260 -14.45 -12.61 62.99
N LEU K 261 -14.66 -11.55 63.76
CA LEU K 261 -13.66 -10.51 63.94
C LEU K 261 -13.18 -10.60 65.38
N ARG K 262 -12.00 -11.20 65.55
CA ARG K 262 -11.29 -11.26 66.84
C ARG K 262 -12.13 -11.96 67.91
N GLY K 263 -12.85 -13.00 67.51
CA GLY K 263 -13.73 -13.70 68.40
C GLY K 263 -15.17 -13.26 68.41
N LYS K 264 -15.49 -12.14 67.76
CA LYS K 264 -16.87 -11.64 67.68
C LYS K 264 -17.44 -12.04 66.33
N HIS K 265 -18.57 -12.73 66.35
CA HIS K 265 -19.22 -13.13 65.11
C HIS K 265 -19.75 -11.93 64.35
N ILE K 266 -19.49 -11.91 63.04
CA ILE K 266 -20.00 -10.88 62.17
C ILE K 266 -20.68 -11.54 60.97
N ARG K 267 -21.68 -10.88 60.43
CA ARG K 267 -22.37 -11.37 59.26
C ARG K 267 -21.52 -11.11 58.02
N LEU K 268 -21.88 -11.76 56.92
CA LEU K 268 -21.14 -11.58 55.68
C LEU K 268 -22.06 -11.90 54.51
N TYR K 269 -21.79 -11.25 53.39
CA TYR K 269 -22.54 -11.47 52.17
C TYR K 269 -21.70 -12.34 51.24
N VAL K 270 -22.19 -13.54 50.97
CA VAL K 270 -21.55 -14.43 50.03
C VAL K 270 -22.17 -14.22 48.66
N ALA K 271 -21.33 -13.99 47.65
CA ALA K 271 -21.82 -13.90 46.28
C ALA K 271 -21.52 -15.16 45.49
N ALA K 272 -20.48 -15.90 45.88
CA ALA K 272 -20.09 -17.10 45.17
C ALA K 272 -19.57 -18.12 46.16
N GLU K 273 -20.38 -19.14 46.45
CA GLU K 273 -19.92 -20.24 47.28
C GLU K 273 -18.83 -21.02 46.55
N PRO K 274 -17.64 -21.14 47.11
CA PRO K 274 -16.60 -21.92 46.45
C PRO K 274 -16.92 -23.40 46.48
N LEU K 275 -16.31 -24.12 45.55
CA LEU K 275 -16.53 -25.55 45.47
C LEU K 275 -15.72 -26.26 46.54
N ALA K 276 -16.36 -27.16 47.27
CA ALA K 276 -15.76 -27.83 48.41
C ALA K 276 -15.94 -29.32 48.27
N TYR K 277 -14.86 -30.08 48.42
CA TYR K 277 -14.87 -31.51 48.17
C TYR K 277 -14.04 -32.21 49.24
N GLU K 278 -13.69 -33.48 48.99
CA GLU K 278 -12.81 -34.21 49.90
C GLU K 278 -11.40 -33.66 49.87
N ARG K 279 -11.04 -32.95 48.80
CA ARG K 279 -9.97 -31.98 48.88
C ARG K 279 -10.33 -30.99 49.97
N ASP K 280 -9.58 -31.04 51.08
CA ASP K 280 -9.88 -30.20 52.23
C ASP K 280 -9.71 -28.74 51.91
N LYS K 281 -8.64 -28.40 51.20
CA LYS K 281 -8.57 -27.08 50.60
C LYS K 281 -9.60 -26.99 49.49
N LEU K 282 -10.19 -25.82 49.34
CA LEU K 282 -11.29 -25.64 48.41
C LEU K 282 -10.91 -24.62 47.35
N LEU K 283 -11.40 -24.85 46.15
CA LEU K 283 -11.08 -24.00 45.00
C LEU K 283 -12.19 -22.96 44.84
N PHE K 284 -11.80 -21.74 44.53
CA PHE K 284 -12.74 -20.66 44.28
C PHE K 284 -13.03 -20.54 42.80
N THR K 285 -14.18 -19.96 42.49
CA THR K 285 -14.56 -19.70 41.12
C THR K 285 -14.34 -18.26 40.72
N THR K 286 -13.50 -17.55 41.45
CA THR K 286 -13.37 -16.12 41.30
C THR K 286 -12.38 -15.80 40.17
N PRO K 287 -12.39 -14.57 39.63
CA PRO K 287 -11.44 -14.26 38.55
C PRO K 287 -9.98 -14.29 38.94
N VAL K 288 -9.61 -13.80 40.13
CA VAL K 288 -8.19 -13.70 40.43
C VAL K 288 -7.58 -15.08 40.67
N ALA K 289 -8.35 -16.01 41.24
CA ALA K 289 -7.82 -17.35 41.43
C ALA K 289 -7.77 -18.12 40.13
N HIS K 290 -8.37 -17.61 39.05
CA HIS K 290 -8.23 -18.26 37.76
C HIS K 290 -6.84 -18.05 37.19
N LEU K 291 -6.12 -17.02 37.64
CA LEU K 291 -4.81 -16.74 37.06
C LEU K 291 -3.72 -16.60 38.11
N HIS K 292 -3.90 -17.20 39.29
CA HIS K 292 -2.91 -17.03 40.35
C HIS K 292 -1.60 -17.75 40.04
N GLU K 293 -1.70 -18.97 39.51
CA GLU K 293 -0.52 -19.76 39.21
C GLU K 293 0.36 -19.09 38.16
N GLU K 294 -0.25 -18.45 37.17
CA GLU K 294 0.51 -17.89 36.07
C GLU K 294 1.30 -16.66 36.51
N ILE K 295 0.69 -15.82 37.35
CA ILE K 295 1.47 -14.69 37.82
C ILE K 295 2.47 -15.08 38.89
N LEU K 296 2.25 -16.22 39.57
CA LEU K 296 3.31 -16.73 40.44
C LEU K 296 4.49 -17.21 39.61
N ARG K 297 4.20 -17.82 38.45
CA ARG K 297 5.24 -18.17 37.48
C ARG K 297 5.98 -16.93 37.00
N TYR K 298 5.24 -15.84 36.81
CA TYR K 298 5.87 -14.59 36.40
C TYR K 298 6.82 -14.07 37.46
N ASP K 299 6.41 -14.09 38.73
CA ASP K 299 7.28 -13.58 39.77
C ASP K 299 8.48 -14.50 39.99
N GLY K 300 8.28 -15.80 39.83
CA GLY K 300 9.40 -16.72 39.87
C GLY K 300 10.38 -16.46 38.75
N LEU K 301 9.89 -16.09 37.57
CA LEU K 301 10.78 -15.72 36.49
C LEU K 301 11.48 -14.41 36.77
N CYS K 302 10.81 -13.49 37.47
CA CYS K 302 11.48 -12.23 37.82
C CYS K 302 12.63 -12.47 38.77
N ARG K 303 12.43 -13.31 39.78
CA ARG K 303 13.51 -13.66 40.69
C ARG K 303 14.62 -14.43 39.99
N HIS K 304 14.23 -15.32 39.08
CA HIS K 304 15.20 -16.13 38.35
C HIS K 304 16.06 -15.27 37.44
N GLN K 305 15.44 -14.30 36.77
CA GLN K 305 16.16 -13.38 35.91
C GLN K 305 17.05 -12.45 36.73
N LYS K 306 16.60 -12.06 37.92
CA LYS K 306 17.43 -11.21 38.75
C LYS K 306 18.66 -11.96 39.23
N ILE K 307 18.52 -13.24 39.56
CA ILE K 307 19.70 -14.00 39.98
C ILE K 307 20.63 -14.26 38.81
N CYS K 308 20.11 -14.76 37.69
CA CYS K 308 20.97 -15.05 36.54
C CYS K 308 21.48 -13.81 35.84
N GLN K 309 21.00 -12.62 36.22
CA GLN K 309 21.73 -11.41 35.88
C GLN K 309 22.80 -11.13 36.92
N LEU K 310 22.47 -11.27 38.20
CA LEU K 310 23.38 -10.97 39.30
C LEU K 310 24.50 -11.98 39.48
N LEU K 311 24.53 -13.05 38.70
CA LEU K 311 25.55 -14.07 38.85
C LEU K 311 26.47 -14.13 37.63
N ASN K 312 26.19 -13.33 36.60
CA ASN K 312 27.00 -13.27 35.41
C ASN K 312 27.74 -11.93 35.27
N THR K 313 27.90 -11.20 36.38
CA THR K 313 28.36 -9.82 36.30
C THR K 313 29.84 -9.72 35.98
N PHE K 314 30.63 -10.65 36.46
CA PHE K 314 32.05 -10.60 36.16
C PHE K 314 32.30 -11.06 34.73
N PRO K 315 33.36 -10.55 34.08
CA PRO K 315 33.66 -11.00 32.71
C PRO K 315 34.12 -12.44 32.63
N VAL K 316 35.09 -12.82 33.44
CA VAL K 316 35.66 -14.15 33.34
C VAL K 316 35.20 -14.99 34.52
N LYS K 317 35.23 -16.30 34.33
CA LYS K 317 34.98 -17.26 35.37
C LYS K 317 36.09 -18.29 35.34
N VAL K 318 36.62 -18.64 36.50
CA VAL K 318 37.68 -19.62 36.61
C VAL K 318 37.19 -20.77 37.47
N VAL K 319 37.87 -21.90 37.37
CA VAL K 319 37.65 -23.04 38.25
C VAL K 319 38.95 -23.36 38.95
N THR K 320 38.86 -23.93 40.15
CA THR K 320 40.04 -24.42 40.85
C THR K 320 39.67 -25.44 41.90
N ASP K 488 22.50 4.46 45.54
CA ASP K 488 23.92 4.32 45.27
C ASP K 488 24.25 4.86 43.88
N ALA K 489 24.28 6.18 43.76
CA ALA K 489 24.59 6.84 42.49
C ALA K 489 26.05 7.30 42.44
N GLU K 490 26.93 6.63 43.18
CA GLU K 490 28.29 7.11 43.35
C GLU K 490 29.15 6.85 42.11
N LEU K 491 28.66 6.03 41.18
CA LEU K 491 29.40 5.79 39.95
C LEU K 491 29.31 6.96 38.99
N TYR K 492 28.18 7.67 38.99
CA TYR K 492 27.90 8.64 37.96
C TYR K 492 28.75 9.90 38.09
N HIS K 493 28.74 10.52 39.27
CA HIS K 493 29.42 11.80 39.48
C HIS K 493 30.93 11.65 39.37
N LEU K 494 31.45 10.49 39.74
CA LEU K 494 32.88 10.31 39.83
C LEU K 494 33.48 10.15 38.44
N PRO K 495 34.56 10.87 38.13
CA PRO K 495 35.25 10.65 36.85
C PRO K 495 35.86 9.26 36.75
N VAL K 496 36.20 8.87 35.52
CA VAL K 496 36.42 7.47 35.19
C VAL K 496 37.69 6.89 35.80
N LEU K 497 38.64 7.75 36.17
CA LEU K 497 39.92 7.29 36.70
C LEU K 497 39.78 6.60 38.05
N GLU K 498 38.96 7.14 38.95
CA GLU K 498 38.66 6.46 40.20
C GLU K 498 37.45 5.55 40.07
N ALA K 499 36.63 5.77 39.04
CA ALA K 499 35.48 4.91 38.80
C ALA K 499 35.90 3.49 38.43
N VAL K 500 36.93 3.36 37.57
CA VAL K 500 37.40 2.03 37.22
C VAL K 500 38.14 1.40 38.39
N ARG K 501 38.62 2.22 39.32
CA ARG K 501 39.24 1.69 40.53
C ARG K 501 38.21 1.14 41.49
N LYS K 502 37.12 1.87 41.69
CA LYS K 502 36.07 1.39 42.57
C LYS K 502 35.28 0.25 41.94
N ALA K 503 35.26 0.16 40.62
CA ALA K 503 34.52 -0.90 39.95
C ALA K 503 35.15 -2.27 40.20
N ARG K 504 36.48 -2.35 40.19
CA ARG K 504 37.13 -3.66 40.30
C ARG K 504 37.03 -4.23 41.70
N ASP K 505 37.05 -3.37 42.72
CA ASP K 505 36.80 -3.83 44.07
C ASP K 505 35.31 -3.90 44.40
N ALA K 506 34.47 -3.28 43.58
CA ALA K 506 33.03 -3.39 43.76
C ALA K 506 32.52 -4.76 43.37
N ALA K 507 33.25 -5.48 42.52
CA ALA K 507 32.94 -6.85 42.15
C ALA K 507 34.24 -7.63 42.17
N PRO K 508 34.59 -8.23 43.31
CA PRO K 508 35.88 -8.93 43.40
C PRO K 508 35.87 -10.21 42.60
N PHE K 509 37.02 -10.48 41.99
CA PHE K 509 37.25 -11.73 41.26
C PHE K 509 37.26 -12.86 42.26
N ARG K 510 36.40 -13.85 42.06
CA ARG K 510 36.36 -14.96 43.00
C ARG K 510 36.51 -16.28 42.26
N PRO K 511 37.42 -17.14 42.68
CA PRO K 511 37.48 -18.50 42.13
C PRO K 511 36.50 -19.44 42.80
N LEU K 512 36.57 -20.72 42.47
CA LEU K 512 35.67 -21.71 43.04
C LEU K 512 36.33 -23.09 43.01
N ALA K 513 36.23 -23.83 44.12
CA ALA K 513 37.13 -24.94 44.33
C ALA K 513 36.47 -26.05 45.14
N VAL K 514 36.73 -27.28 44.73
CA VAL K 514 36.38 -28.50 45.47
C VAL K 514 37.53 -29.49 45.27
N GLU K 515 37.97 -30.13 46.36
CA GLU K 515 39.05 -31.11 46.27
C GLU K 515 38.64 -32.34 45.46
N ASP K 516 39.57 -32.83 44.64
CA ASP K 516 39.45 -34.11 43.97
C ASP K 516 40.85 -34.67 43.72
N ASN K 517 40.97 -35.98 43.75
CA ASN K 517 42.25 -36.67 43.61
C ASN K 517 42.36 -37.28 42.22
N ARG K 518 43.49 -37.00 41.55
CA ARG K 518 43.89 -37.56 40.25
C ARG K 518 42.91 -37.29 39.13
N LEU K 519 41.99 -36.33 39.28
CA LEU K 519 40.85 -36.18 38.38
C LEU K 519 40.30 -34.77 38.51
N VAL K 520 40.27 -34.05 37.40
CA VAL K 520 39.88 -32.64 37.36
C VAL K 520 38.74 -32.57 36.34
N ALA K 521 38.29 -31.36 36.02
CA ALA K 521 37.07 -31.18 35.26
C ALA K 521 37.29 -31.21 33.76
N ASN K 522 36.23 -31.56 33.04
CA ASN K 522 36.08 -31.25 31.63
C ASN K 522 34.83 -30.40 31.46
N SER K 523 34.98 -29.10 31.62
CA SER K 523 33.86 -28.24 32.00
C SER K 523 33.15 -27.66 30.79
N PHE K 524 32.01 -27.02 31.07
CA PHE K 524 31.20 -26.37 30.06
C PHE K 524 30.62 -25.09 30.66
N PHE K 525 30.25 -24.17 29.78
CA PHE K 525 29.82 -22.84 30.19
C PHE K 525 28.48 -22.52 29.55
N SER K 526 27.61 -21.87 30.31
CA SER K 526 26.28 -21.48 29.87
C SER K 526 26.10 -20.00 30.14
N GLN K 527 25.50 -19.28 29.20
CA GLN K 527 25.25 -17.85 29.34
C GLN K 527 23.86 -17.59 28.79
N PHE K 528 22.90 -17.35 29.68
CA PHE K 528 21.59 -16.90 29.26
C PHE K 528 20.91 -16.17 30.41
N VAL K 529 19.89 -15.41 30.06
CA VAL K 529 18.92 -14.91 31.03
C VAL K 529 17.56 -15.25 30.44
N PRO K 530 16.52 -15.47 31.24
CA PRO K 530 15.21 -15.78 30.66
C PRO K 530 14.53 -14.56 30.06
N GLY K 531 13.80 -14.79 28.98
CA GLY K 531 13.09 -13.70 28.32
C GLY K 531 11.81 -13.35 29.04
N THR K 532 11.70 -12.11 29.51
CA THR K 532 10.54 -11.72 30.29
C THR K 532 9.41 -11.20 29.39
N GLU K 533 9.75 -10.72 28.19
CA GLU K 533 8.75 -10.02 27.40
C GLU K 533 7.73 -10.97 26.79
N SER K 534 8.09 -12.25 26.63
CA SER K 534 7.18 -13.20 26.02
C SER K 534 6.00 -13.48 26.94
N LEU K 535 6.27 -13.99 28.13
CA LEU K 535 5.17 -14.18 29.07
C LEU K 535 4.68 -12.87 29.65
N GLU K 536 5.41 -11.77 29.50
CA GLU K 536 4.88 -10.48 29.91
C GLU K 536 3.74 -10.06 29.00
N ARG K 537 3.94 -10.17 27.69
CA ARG K 537 2.87 -9.94 26.74
C ARG K 537 1.75 -10.95 26.94
N PHE K 538 2.10 -12.20 27.23
CA PHE K 538 1.09 -13.23 27.44
C PHE K 538 0.26 -12.97 28.69
N LEU K 539 0.91 -12.54 29.78
CA LEU K 539 0.19 -12.28 31.01
C LEU K 539 -0.65 -11.03 30.93
N THR K 540 -0.17 -9.99 30.23
CA THR K 540 -0.99 -8.81 30.08
C THR K 540 -2.19 -9.09 29.18
N GLN K 541 -2.01 -9.90 28.14
CA GLN K 541 -3.14 -10.30 27.31
C GLN K 541 -4.13 -11.15 28.10
N LEU K 542 -3.61 -12.03 28.96
CA LEU K 542 -4.45 -12.87 29.80
C LEU K 542 -5.24 -12.04 30.78
N TRP K 543 -4.57 -11.10 31.45
CA TRP K 543 -5.24 -10.23 32.38
C TRP K 543 -6.27 -9.37 31.68
N GLU K 544 -5.94 -8.90 30.48
CA GLU K 544 -6.81 -8.00 29.72
C GLU K 544 -8.08 -8.69 29.29
N ASN K 545 -7.96 -9.82 28.59
CA ASN K 545 -9.18 -10.48 28.16
C ASN K 545 -9.90 -11.14 29.32
N GLU K 546 -9.22 -11.42 30.43
CA GLU K 546 -9.91 -11.88 31.62
C GLU K 546 -10.86 -10.82 32.17
N TYR K 547 -10.33 -9.62 32.43
CA TYR K 547 -11.18 -8.55 32.95
C TYR K 547 -12.12 -8.00 31.90
N PHE K 548 -11.96 -8.36 30.64
CA PHE K 548 -12.95 -7.96 29.66
C PHE K 548 -14.08 -8.96 29.58
N ARG K 549 -13.80 -10.26 29.74
CA ARG K 549 -14.92 -11.19 29.72
C ARG K 549 -15.72 -11.13 31.01
N THR K 550 -15.07 -11.21 32.18
CA THR K 550 -15.86 -11.40 33.39
C THR K 550 -16.57 -10.14 33.84
N PHE K 551 -16.16 -8.98 33.36
CA PHE K 551 -16.97 -7.78 33.41
C PHE K 551 -16.81 -7.11 32.07
N ARG K 552 -17.92 -6.79 31.41
CA ARG K 552 -17.85 -6.34 30.03
C ARG K 552 -17.44 -4.87 29.97
N LEU K 553 -16.18 -4.63 30.31
CA LEU K 553 -15.63 -3.28 30.31
C LEU K 553 -15.53 -2.77 28.89
N ARG K 554 -16.18 -1.64 28.60
CA ARG K 554 -16.13 -1.12 27.25
C ARG K 554 -14.80 -0.44 26.98
N ARG K 555 -14.47 -0.33 25.70
CA ARG K 555 -13.29 0.38 25.23
C ARG K 555 -13.75 1.42 24.22
N LEU K 556 -14.18 2.58 24.71
CA LEU K 556 -14.60 3.63 23.79
C LEU K 556 -13.36 4.30 23.20
N VAL K 557 -13.30 4.36 21.87
CA VAL K 557 -12.17 4.94 21.15
C VAL K 557 -12.66 5.73 19.96
N THR K 558 -11.86 6.68 19.53
CA THR K 558 -12.08 7.35 18.25
C THR K 558 -11.37 6.58 17.15
N HIS K 559 -11.54 7.06 15.91
CA HIS K 559 -10.97 6.38 14.74
C HIS K 559 -9.45 6.45 14.79
N GLN K 560 -8.81 5.31 14.49
CA GLN K 560 -7.41 4.95 14.75
C GLN K 560 -6.93 5.42 16.12
N GLY K 561 -7.80 5.33 17.13
CA GLY K 561 -7.50 5.80 18.46
C GLY K 561 -7.23 4.62 19.37
N ALA K 562 -6.16 4.73 20.14
CA ALA K 562 -5.65 3.61 20.93
C ALA K 562 -6.06 3.77 22.38
N GLU K 563 -7.00 2.92 22.83
CA GLU K 563 -7.50 2.74 24.21
C GLU K 563 -7.75 4.08 24.91
N GLU K 564 -8.73 4.83 24.39
CA GLU K 564 -9.02 6.15 24.92
C GLU K 564 -9.61 6.06 26.32
N ALA K 565 -10.47 5.07 26.57
CA ALA K 565 -11.05 4.92 27.89
C ALA K 565 -11.51 3.49 28.09
N ILE K 566 -11.32 2.98 29.30
CA ILE K 566 -11.91 1.73 29.75
C ILE K 566 -12.85 2.08 30.89
N VAL K 567 -14.12 1.77 30.73
CA VAL K 567 -15.13 2.31 31.64
C VAL K 567 -16.23 1.28 31.83
N TYR K 568 -17.00 1.46 32.91
CA TYR K 568 -18.08 0.55 33.25
C TYR K 568 -19.16 0.54 32.19
N SER K 569 -19.64 -0.66 31.86
CA SER K 569 -20.76 -0.81 30.94
C SER K 569 -21.92 -1.46 31.69
N ASN K 570 -22.94 -1.86 30.93
CA ASN K 570 -24.23 -2.24 31.50
C ASN K 570 -24.13 -3.48 32.39
N TYR K 571 -23.32 -4.45 32.00
CA TYR K 571 -23.21 -5.64 32.80
C TYR K 571 -22.38 -5.40 34.06
N THR K 572 -21.43 -4.46 34.00
CA THR K 572 -20.52 -4.26 35.12
C THR K 572 -21.25 -3.68 36.32
N VAL K 573 -22.10 -2.69 36.10
CA VAL K 573 -22.85 -2.10 37.20
C VAL K 573 -23.82 -3.11 37.78
N GLU K 574 -24.46 -3.92 36.91
CA GLU K 574 -25.32 -5.01 37.37
C GLU K 574 -24.55 -6.04 38.17
N ARG K 575 -23.27 -6.24 37.89
CA ARG K 575 -22.58 -7.29 38.59
C ARG K 575 -21.97 -6.82 39.92
N VAL K 576 -21.51 -5.57 40.01
CA VAL K 576 -20.79 -5.12 41.20
C VAL K 576 -21.55 -4.05 41.98
N THR K 577 -22.20 -3.10 41.31
CA THR K 577 -22.75 -1.99 42.08
C THR K 577 -24.11 -2.35 42.66
N LEU K 578 -24.99 -2.88 41.82
CA LEU K 578 -26.30 -3.28 42.30
C LEU K 578 -26.30 -4.37 43.37
N PRO K 579 -25.43 -5.39 43.35
CA PRO K 579 -25.40 -6.28 44.52
C PRO K 579 -24.81 -5.63 45.74
N TYR K 580 -23.90 -4.66 45.55
CA TYR K 580 -23.39 -3.89 46.67
C TYR K 580 -24.51 -3.12 47.35
N LEU K 581 -25.32 -2.41 46.57
CA LEU K 581 -26.45 -1.72 47.17
C LEU K 581 -27.56 -2.67 47.57
N CYS K 582 -27.53 -3.90 47.08
CA CYS K 582 -28.47 -4.90 47.56
C CYS K 582 -28.13 -5.31 49.00
N HIS K 583 -26.84 -5.47 49.30
CA HIS K 583 -26.50 -5.82 50.67
C HIS K 583 -26.31 -4.61 51.57
N ILE K 584 -26.24 -3.39 51.02
CA ILE K 584 -26.44 -2.19 51.82
C ILE K 584 -27.91 -1.91 51.99
N LEU K 585 -28.76 -2.57 51.18
CA LEU K 585 -30.22 -2.49 51.23
C LEU K 585 -30.73 -1.08 50.96
N ALA K 586 -29.97 -0.30 50.21
CA ALA K 586 -30.51 0.93 49.67
C ALA K 586 -31.28 0.69 48.38
N LEU K 587 -31.23 -0.54 47.85
CA LEU K 587 -31.75 -0.87 46.53
C LEU K 587 -33.27 -0.79 46.43
N GLY K 588 -33.98 -0.77 47.56
CA GLY K 588 -35.42 -0.67 47.54
C GLY K 588 -35.96 0.65 47.02
N THR K 589 -35.11 1.66 46.91
CA THR K 589 -35.50 2.94 46.35
C THR K 589 -34.75 3.34 45.09
N LEU K 590 -33.73 2.59 44.68
CA LEU K 590 -32.78 3.05 43.68
C LEU K 590 -32.89 2.22 42.40
N ASP K 591 -31.99 2.51 41.47
CA ASP K 591 -32.02 1.94 40.13
C ASP K 591 -30.63 2.06 39.52
N PRO K 592 -30.31 1.25 38.51
CA PRO K 592 -29.02 1.42 37.82
C PRO K 592 -28.99 2.68 36.98
N VAL K 593 -27.86 3.35 37.00
CA VAL K 593 -27.61 4.41 36.03
C VAL K 593 -27.27 3.69 34.72
N PRO K 594 -27.77 4.15 33.58
CA PRO K 594 -27.27 3.63 32.31
C PRO K 594 -25.82 4.04 32.13
N GLU K 595 -25.08 3.19 31.43
CA GLU K 595 -23.63 3.29 31.44
C GLU K 595 -23.12 4.49 30.66
N ALA K 596 -23.90 4.97 29.69
CA ALA K 596 -23.53 6.14 28.95
C ALA K 596 -23.53 7.40 29.82
N TYR K 597 -24.33 7.41 30.88
CA TYR K 597 -24.41 8.58 31.74
C TYR K 597 -23.24 8.64 32.70
N LEU K 598 -22.66 7.49 33.03
CA LEU K 598 -21.67 7.45 34.11
C LEU K 598 -20.38 8.15 33.70
N GLN K 599 -20.12 8.24 32.41
CA GLN K 599 -18.95 8.97 31.97
C GLN K 599 -19.12 10.48 32.11
N LEU K 600 -20.35 10.97 32.26
CA LEU K 600 -20.58 12.40 32.39
C LEU K 600 -20.19 12.90 33.78
N SER K 601 -20.45 14.18 34.03
CA SER K 601 -19.89 14.85 35.20
C SER K 601 -20.61 14.44 36.48
N PHE K 602 -20.05 14.93 37.59
CA PHE K 602 -20.73 14.81 38.88
C PHE K 602 -21.91 15.76 38.95
N GLY K 603 -21.84 16.88 38.24
CA GLY K 603 -22.87 17.89 38.34
C GLY K 603 -23.75 17.98 37.10
N GLU K 604 -23.21 17.61 35.96
CA GLU K 604 -23.98 17.67 34.72
C GLU K 604 -24.91 16.48 34.57
N ILE K 605 -24.66 15.41 35.34
CA ILE K 605 -25.43 14.17 35.23
C ILE K 605 -26.91 14.38 35.56
N VAL K 606 -27.22 15.30 36.47
CA VAL K 606 -28.60 15.47 36.86
C VAL K 606 -29.38 16.20 35.78
N ALA K 607 -28.68 17.02 34.98
CA ALA K 607 -29.33 17.75 33.89
C ALA K 607 -29.85 16.81 32.82
N ALA K 608 -29.21 15.66 32.67
CA ALA K 608 -29.79 14.62 31.84
C ALA K 608 -30.65 13.66 32.63
N ALA K 609 -30.47 13.60 33.96
CA ALA K 609 -31.17 12.60 34.75
C ALA K 609 -32.64 12.97 34.92
N TYR K 610 -32.93 14.20 35.34
CA TYR K 610 -34.34 14.53 35.36
C TYR K 610 -34.87 14.87 33.97
N ASP K 611 -33.98 15.05 32.97
CA ASP K 611 -34.46 15.09 31.61
C ASP K 611 -34.95 13.73 31.16
N ASP K 612 -34.36 12.66 31.69
CA ASP K 612 -34.87 11.32 31.41
C ASP K 612 -36.24 11.11 32.02
N SER K 613 -36.56 11.80 33.10
CA SER K 613 -37.90 11.75 33.66
C SER K 613 -38.83 12.65 32.88
N LYS K 614 -40.07 12.73 33.36
CA LYS K 614 -41.09 13.56 32.73
C LYS K 614 -41.12 14.97 33.28
N PHE K 615 -40.09 15.37 34.02
CA PHE K 615 -40.06 16.73 34.54
C PHE K 615 -39.84 17.73 33.41
N CYS K 616 -38.95 17.40 32.48
CA CYS K 616 -38.80 18.21 31.28
C CYS K 616 -39.75 17.81 30.17
N ARG K 617 -40.32 16.60 30.25
CA ARG K 617 -41.32 16.21 29.26
C ARG K 617 -42.67 16.86 29.50
N TYR K 618 -42.97 17.23 30.75
CA TYR K 618 -44.22 17.92 31.01
C TYR K 618 -44.15 19.37 30.60
N VAL K 619 -42.94 19.91 30.46
CA VAL K 619 -42.76 21.26 29.96
C VAL K 619 -43.25 21.40 28.54
N GLU K 620 -43.13 20.34 27.73
CA GLU K 620 -43.63 20.41 26.36
C GLU K 620 -45.15 20.41 26.33
N LEU K 621 -45.79 19.71 27.27
CA LEU K 621 -47.25 19.72 27.29
C LEU K 621 -47.79 21.02 27.85
N ILE K 622 -47.14 21.59 28.87
CA ILE K 622 -47.57 22.90 29.31
C ILE K 622 -47.16 23.99 28.33
N CYS K 623 -46.14 23.73 27.50
CA CYS K 623 -45.82 24.57 26.36
C CYS K 623 -46.95 24.61 25.35
N SER K 624 -47.46 23.44 24.98
CA SER K 624 -48.59 23.39 24.07
C SER K 624 -49.84 23.97 24.71
N ARG K 625 -49.99 23.81 26.03
CA ARG K 625 -51.15 24.36 26.72
C ARG K 625 -51.09 25.88 26.78
N GLU K 626 -49.91 26.44 27.01
CA GLU K 626 -49.78 27.89 27.01
C GLU K 626 -49.89 28.46 25.60
N LYS K 627 -49.36 27.74 24.61
CA LYS K 627 -49.48 28.20 23.23
C LYS K 627 -50.92 28.13 22.74
N ALA K 628 -51.72 27.19 23.27
CA ALA K 628 -53.14 27.20 22.97
C ALA K 628 -53.86 28.29 23.75
N ARG K 629 -53.44 28.49 25.01
CA ARG K 629 -54.10 29.45 25.90
C ARG K 629 -53.95 30.88 25.41
N ARG K 630 -52.82 31.20 24.78
CA ARG K 630 -52.68 32.51 24.18
C ARG K 630 -52.88 32.51 22.67
N ARG K 631 -52.95 31.34 22.02
CA ARG K 631 -53.24 31.30 20.60
C ARG K 631 -54.73 31.50 20.36
N GLN K 632 -55.57 30.98 21.26
CA GLN K 632 -56.99 31.32 21.21
C GLN K 632 -57.25 32.74 21.70
N MET K 633 -56.28 33.36 22.35
CA MET K 633 -56.36 34.79 22.65
C MET K 633 -56.02 35.62 21.42
N SER K 634 -54.98 35.23 20.69
CA SER K 634 -54.58 35.99 19.51
C SER K 634 -55.40 35.61 18.28
N ARG K 635 -55.71 34.34 18.12
CA ARG K 635 -56.40 33.86 16.93
C ARG K 635 -57.67 33.10 17.29
N UNK L 1 -42.16 43.11 35.83
CA UNK L 1 -41.06 42.83 34.92
C UNK L 1 -39.93 42.10 35.63
N UNK L 2 -40.06 40.78 35.76
CA UNK L 2 -39.08 39.96 36.46
C UNK L 2 -39.02 38.58 35.84
N UNK L 3 -38.20 37.71 36.43
CA UNK L 3 -37.98 36.37 35.89
C UNK L 3 -39.19 35.48 36.11
N UNK L 4 -39.12 34.26 35.55
CA UNK L 4 -40.21 33.31 35.68
C UNK L 4 -39.88 32.16 36.61
N UNK L 5 -38.62 32.01 36.99
CA UNK L 5 -38.23 31.16 38.10
C UNK L 5 -37.31 31.86 39.08
N UNK L 6 -36.41 32.70 38.58
CA UNK L 6 -35.44 33.35 39.45
C UNK L 6 -36.03 34.54 40.19
N UNK L 7 -37.23 34.98 39.82
CA UNK L 7 -37.86 36.08 40.56
C UNK L 7 -38.28 35.62 41.94
N UNK L 8 -38.78 34.39 42.06
CA UNK L 8 -39.02 33.82 43.38
C UNK L 8 -37.71 33.49 44.08
N UNK L 9 -36.64 33.24 43.32
CA UNK L 9 -35.34 32.99 43.92
C UNK L 9 -34.73 34.26 44.50
N UNK L 10 -35.07 35.41 43.93
CA UNK L 10 -34.60 36.69 44.44
C UNK L 10 -35.59 37.30 45.42
N UNK L 11 -36.84 37.44 45.00
CA UNK L 11 -37.92 37.93 45.86
C UNK L 11 -38.82 36.75 46.16
N UNK L 12 -38.67 36.18 47.36
CA UNK L 12 -39.35 34.95 47.74
C UNK L 12 -40.85 35.18 47.83
N UNK L 13 -41.59 34.49 46.95
CA UNK L 13 -43.04 34.67 46.83
C UNK L 13 -43.72 33.98 48.00
N UNK L 14 -43.73 34.68 49.14
CA UNK L 14 -44.46 34.19 50.31
C UNK L 14 -45.80 34.89 50.46
N UNK L 15 -45.86 36.16 50.08
CA UNK L 15 -47.09 36.94 50.19
C UNK L 15 -48.10 36.52 49.11
N ASP M 52 47.96 46.85 38.52
CA ASP M 52 47.48 45.81 37.62
C ASP M 52 46.26 45.12 38.23
N GLU M 53 45.15 45.14 37.51
CA GLU M 53 43.90 44.56 37.99
C GLU M 53 43.73 43.17 37.41
N ALA M 54 43.39 42.21 38.27
CA ALA M 54 43.09 40.85 37.83
C ALA M 54 41.73 40.83 37.17
N VAL M 55 41.72 40.64 35.85
CA VAL M 55 40.51 40.77 35.06
C VAL M 55 40.31 39.47 34.29
N ILE M 56 39.13 38.85 34.44
CA ILE M 56 38.88 37.63 33.70
C ILE M 56 38.57 37.98 32.24
N ASP M 57 39.25 37.28 31.34
CA ASP M 57 39.27 37.56 29.92
C ASP M 57 38.51 36.49 29.17
N ILE M 58 37.84 36.90 28.08
CA ILE M 58 36.98 35.95 27.38
C ILE M 58 37.33 35.75 25.90
N PHE M 59 37.82 36.79 25.22
CA PHE M 59 37.83 36.62 23.77
C PHE M 59 38.97 35.75 23.21
N PRO M 60 40.28 36.12 23.29
CA PRO M 60 41.29 35.36 22.54
C PRO M 60 41.87 34.20 23.31
N THR M 61 41.01 33.43 23.97
CA THR M 61 41.41 32.21 24.62
C THR M 61 41.33 31.06 23.63
N GLY M 62 41.49 29.85 24.13
CA GLY M 62 41.17 28.70 23.31
C GLY M 62 39.68 28.58 23.05
N GLN M 63 38.87 28.79 24.09
CA GLN M 63 37.46 28.45 24.05
C GLN M 63 36.65 29.30 23.09
N THR M 64 37.10 30.50 22.77
CA THR M 64 36.33 31.32 21.86
C THR M 64 37.04 31.66 20.57
N MET M 65 38.37 31.61 20.53
CA MET M 65 39.03 31.68 19.23
C MET M 65 38.82 30.38 18.46
N SER M 66 38.67 29.26 19.17
CA SER M 66 38.31 28.02 18.50
C SER M 66 36.88 28.06 17.96
N PHE M 67 36.01 28.90 18.53
CA PHE M 67 34.64 28.99 18.07
C PHE M 67 34.54 29.55 16.67
N LEU M 68 35.35 30.56 16.36
CA LEU M 68 35.29 31.11 15.01
C LEU M 68 35.90 30.16 13.99
N ARG M 69 36.85 29.33 14.40
CA ARG M 69 37.43 28.38 13.47
C ARG M 69 36.48 27.24 13.20
N LEU M 70 35.75 26.77 14.22
CA LEU M 70 34.77 25.73 13.97
C LEU M 70 33.56 26.28 13.23
N LEU M 71 33.26 27.57 13.42
CA LEU M 71 32.04 28.11 12.83
C LEU M 71 32.18 28.28 11.32
N HIS M 72 33.34 28.73 10.85
CA HIS M 72 33.62 28.70 9.43
C HIS M 72 34.40 27.46 9.02
N GLY M 73 34.42 26.45 9.88
CA GLY M 73 34.77 25.11 9.45
C GLY M 73 36.24 24.81 9.28
N PHE M 74 37.11 25.45 10.06
CA PHE M 74 38.50 25.03 10.04
C PHE M 74 38.67 23.66 10.69
N LEU M 75 37.89 23.37 11.72
CA LEU M 75 38.01 22.12 12.46
C LEU M 75 36.77 21.25 12.29
N GLY M 76 35.60 21.76 12.67
CA GLY M 76 34.41 20.96 12.61
C GLY M 76 33.77 21.00 11.24
N THR M 77 33.01 19.95 10.93
CA THR M 77 32.22 19.91 9.71
C THR M 77 31.00 19.04 9.94
N CYS M 78 29.93 19.35 9.23
CA CYS M 78 28.64 18.69 9.37
C CYS M 78 27.78 19.16 8.21
N ARG M 79 26.63 18.53 8.05
CA ARG M 79 25.63 19.09 7.15
C ARG M 79 24.85 20.23 7.77
N GLY M 80 25.03 20.48 9.07
CA GLY M 80 24.39 21.62 9.69
C GLY M 80 25.16 22.91 9.57
N GLN M 81 26.43 22.83 9.17
CA GLN M 81 27.29 23.98 9.01
C GLN M 81 26.73 24.99 8.01
N SER M 82 25.96 24.51 7.04
CA SER M 82 25.30 25.37 6.09
C SER M 82 24.22 26.25 6.72
N MET M 83 23.67 25.85 7.87
CA MET M 83 22.58 26.63 8.45
C MET M 83 23.08 27.87 9.15
N HIS M 84 24.39 27.98 9.34
CA HIS M 84 24.94 29.27 9.76
C HIS M 84 25.16 30.17 8.56
N GLN M 85 25.53 29.60 7.42
CA GLN M 85 25.84 30.43 6.28
C GLN M 85 24.55 30.91 5.63
N VAL M 86 23.44 30.22 5.87
CA VAL M 86 22.16 30.79 5.46
C VAL M 86 21.75 31.94 6.37
N LEU M 87 22.33 32.05 7.56
CA LEU M 87 21.99 33.09 8.50
C LEU M 87 22.77 34.38 8.28
N ARG M 88 23.78 34.36 7.44
CA ARG M 88 24.58 35.55 7.21
C ARG M 88 24.56 35.93 5.76
N ASP M 89 23.39 35.91 5.15
CA ASP M 89 23.24 36.47 3.82
C ASP M 89 23.29 37.99 3.92
N PRO M 90 24.35 38.65 3.45
CA PRO M 90 24.44 40.11 3.63
C PRO M 90 23.50 40.89 2.73
N CYS M 91 22.86 40.23 1.76
CA CYS M 91 21.91 40.91 0.92
C CYS M 91 20.59 41.17 1.64
N VAL M 92 20.24 40.37 2.65
CA VAL M 92 18.95 40.57 3.29
C VAL M 92 18.98 41.82 4.17
N LEU M 93 20.16 42.24 4.62
CA LEU M 93 20.24 43.47 5.39
C LEU M 93 19.98 44.67 4.50
N ARG M 94 20.56 44.69 3.31
CA ARG M 94 20.30 45.78 2.40
C ARG M 94 18.86 45.73 1.88
N LYS M 95 18.28 44.52 1.84
CA LYS M 95 16.87 44.39 1.51
C LYS M 95 16.00 45.08 2.54
N GLN M 96 16.20 44.76 3.83
CA GLN M 96 15.41 45.38 4.88
C GLN M 96 15.69 46.87 5.00
N LEU M 97 16.93 47.27 4.73
CA LEU M 97 17.30 48.67 4.77
C LEU M 97 16.58 49.47 3.69
N LEU M 98 16.54 48.94 2.46
CA LEU M 98 15.85 49.67 1.41
C LEU M 98 14.35 49.63 1.63
N TYR M 99 13.83 48.55 2.22
CA TYR M 99 12.41 48.49 2.55
C TYR M 99 12.05 49.55 3.57
N GLY M 100 12.90 49.73 4.57
CA GLY M 100 12.63 50.72 5.59
C GLY M 100 12.69 52.14 5.04
N VAL M 101 13.70 52.43 4.22
CA VAL M 101 13.79 53.80 3.72
C VAL M 101 12.73 54.07 2.66
N CYS M 102 12.30 53.05 1.90
CA CYS M 102 11.23 53.31 0.94
C CYS M 102 9.89 53.41 1.61
N LYS M 103 9.66 52.66 2.69
CA LYS M 103 8.42 52.80 3.45
C LYS M 103 8.36 54.15 4.14
N THR M 104 9.50 54.64 4.63
CA THR M 104 9.51 55.97 5.26
C THR M 104 9.34 57.07 4.23
N LEU M 105 9.84 56.85 3.01
CA LEU M 105 9.64 57.82 1.94
C LEU M 105 8.19 57.85 1.47
N PHE M 106 7.63 56.68 1.18
CA PHE M 106 6.47 56.64 0.30
C PHE M 106 5.17 56.97 0.99
N ASP M 107 5.13 57.00 2.32
CA ASP M 107 3.89 57.32 2.98
C ASP M 107 3.73 58.81 3.25
N THR M 108 4.65 59.65 2.78
CA THR M 108 4.67 61.02 3.25
C THR M 108 3.66 61.92 2.56
N ILE M 109 3.70 62.01 1.23
CA ILE M 109 2.94 63.04 0.54
C ILE M 109 1.96 62.38 -0.42
N THR M 110 1.40 61.25 0.01
CA THR M 110 0.45 60.48 -0.80
C THR M 110 -0.84 61.23 -1.08
N VAL M 111 -1.17 62.26 -0.29
CA VAL M 111 -2.50 62.85 -0.37
C VAL M 111 -2.52 64.05 -1.31
N ARG M 112 -1.49 64.89 -1.29
CA ARG M 112 -1.61 66.17 -1.98
C ARG M 112 -1.14 66.09 -3.42
N ARG M 113 0.10 65.63 -3.64
CA ARG M 113 0.71 65.73 -4.96
C ARG M 113 0.09 64.79 -5.98
N VAL M 114 -0.61 63.75 -5.53
CA VAL M 114 -1.30 62.89 -6.48
C VAL M 114 -2.45 63.66 -7.14
N ALA M 115 -3.02 64.63 -6.43
CA ALA M 115 -4.00 65.52 -7.04
C ALA M 115 -3.33 66.60 -7.87
N GLU M 116 -2.21 67.14 -7.40
CA GLU M 116 -1.61 68.32 -8.03
C GLU M 116 -0.94 67.94 -9.35
N GLU M 117 -0.17 66.86 -9.36
CA GLU M 117 0.46 66.42 -10.59
C GLU M 117 -0.54 65.84 -11.59
N TRP M 118 -1.64 65.26 -11.11
CA TRP M 118 -2.71 64.86 -12.04
C TRP M 118 -3.41 66.09 -12.61
N LYS M 119 -3.57 67.14 -11.81
CA LYS M 119 -4.05 68.42 -12.35
C LYS M 119 -3.12 68.95 -13.42
N LEU M 120 -1.81 68.81 -13.20
CA LEU M 120 -0.82 69.27 -14.18
C LEU M 120 -0.92 68.48 -15.48
N HIS M 121 -0.91 67.14 -15.39
CA HIS M 121 -1.02 66.31 -16.58
C HIS M 121 -2.40 66.38 -17.21
N ALA M 122 -3.43 66.79 -16.47
CA ALA M 122 -4.75 66.94 -17.04
C ALA M 122 -4.88 68.26 -17.78
N ALA M 123 -4.39 69.35 -17.18
CA ALA M 123 -4.45 70.65 -17.85
C ALA M 123 -3.48 70.70 -19.02
N LEU M 124 -2.41 69.90 -18.98
CA LEU M 124 -1.54 69.82 -20.13
C LEU M 124 -2.19 69.07 -21.28
N PHE M 125 -2.96 68.02 -20.98
CA PHE M 125 -3.57 67.17 -22.00
C PHE M 125 -4.92 66.67 -21.52
N PRO M 126 -5.97 67.47 -21.71
CA PRO M 126 -7.31 67.06 -21.26
C PRO M 126 -8.09 66.28 -22.31
N TYR M 127 -7.38 65.71 -23.29
CA TYR M 127 -8.02 65.09 -24.45
C TYR M 127 -8.86 63.88 -24.05
N ARG M 128 -10.07 63.81 -24.59
CA ARG M 128 -11.06 62.83 -24.16
C ARG M 128 -12.08 62.64 -25.27
N ALA M 129 -12.25 61.39 -25.71
CA ALA M 129 -13.25 61.10 -26.73
C ALA M 129 -14.57 60.68 -26.10
N LEU M 130 -14.56 59.63 -25.27
CA LEU M 130 -15.78 59.13 -24.68
C LEU M 130 -15.49 58.70 -23.25
N ASP M 131 -16.52 58.75 -22.41
CA ASP M 131 -16.41 58.43 -21.00
C ASP M 131 -17.01 57.10 -20.63
N GLU M 132 -17.04 56.13 -21.54
CA GLU M 132 -17.72 54.87 -21.27
C GLU M 132 -16.73 53.74 -21.02
N GLU M 133 -15.83 53.49 -21.97
CA GLU M 133 -14.82 52.45 -21.84
C GLU M 133 -13.42 52.98 -21.63
N ASP M 134 -13.03 54.01 -22.39
CA ASP M 134 -11.64 54.43 -22.44
C ASP M 134 -11.20 55.16 -21.19
N LEU M 135 -12.13 55.64 -20.37
CA LEU M 135 -11.76 56.42 -19.19
C LEU M 135 -11.08 55.54 -18.15
N GLU M 136 -11.60 54.33 -17.94
CA GLU M 136 -10.95 53.41 -17.02
C GLU M 136 -9.64 52.90 -17.58
N GLN M 137 -9.52 52.81 -18.90
CA GLN M 137 -8.27 52.32 -19.49
C GLN M 137 -7.16 53.37 -19.36
N TYR M 138 -7.50 54.63 -19.63
CA TYR M 138 -6.57 55.73 -19.38
C TYR M 138 -6.25 55.84 -17.90
N LEU M 139 -7.23 55.56 -17.03
CA LEU M 139 -7.03 55.56 -15.59
C LEU M 139 -6.02 54.49 -15.15
N LEU M 140 -6.17 53.27 -15.68
CA LEU M 140 -5.30 52.20 -15.23
C LEU M 140 -3.90 52.35 -15.81
N VAL M 141 -3.77 52.79 -17.06
CA VAL M 141 -2.43 53.00 -17.59
C VAL M 141 -1.79 54.23 -16.94
N TRP M 142 -2.62 55.17 -16.47
CA TRP M 142 -2.14 56.31 -15.71
C TRP M 142 -1.54 55.86 -14.40
N SER M 143 -2.27 55.04 -13.64
CA SER M 143 -1.79 54.54 -12.35
C SER M 143 -0.54 53.71 -12.51
N ALA M 144 -0.51 52.86 -13.55
CA ALA M 144 0.66 52.02 -13.78
C ALA M 144 1.87 52.84 -14.18
N SER M 145 1.66 53.89 -14.99
CA SER M 145 2.79 54.72 -15.41
C SER M 145 3.35 55.52 -14.24
N LEU M 146 2.48 56.07 -13.38
CA LEU M 146 2.96 56.77 -12.19
C LEU M 146 3.76 55.84 -11.29
N ARG M 147 3.22 54.65 -11.01
CA ARG M 147 3.88 53.77 -10.05
C ARG M 147 5.18 53.22 -10.61
N GLN M 148 5.26 52.94 -11.92
CA GLN M 148 6.53 52.46 -12.45
C GLN M 148 7.55 53.58 -12.58
N SER M 149 7.10 54.82 -12.80
CA SER M 149 8.04 55.92 -12.94
C SER M 149 8.69 56.24 -11.60
N VAL M 150 7.88 56.37 -10.54
CA VAL M 150 8.49 56.60 -9.23
C VAL M 150 9.22 55.35 -8.75
N GLN M 151 8.78 54.18 -9.21
CA GLN M 151 9.43 52.92 -8.88
C GLN M 151 10.85 52.89 -9.41
N THR M 152 11.02 53.12 -10.71
CA THR M 152 12.36 53.07 -11.27
C THR M 152 13.19 54.28 -10.87
N GLY M 153 12.55 55.40 -10.50
CA GLY M 153 13.30 56.54 -10.00
C GLY M 153 13.95 56.26 -8.66
N VAL M 154 13.14 55.88 -7.68
CA VAL M 154 13.72 55.56 -6.38
C VAL M 154 14.49 54.26 -6.42
N LEU M 155 14.23 53.38 -7.40
CA LEU M 155 15.00 52.16 -7.51
C LEU M 155 16.42 52.46 -7.99
N GLY M 156 16.54 53.36 -8.97
CA GLY M 156 17.86 53.81 -9.39
C GLY M 156 18.57 54.58 -8.30
N ALA M 157 17.83 55.39 -7.54
CA ALA M 157 18.42 56.16 -6.46
C ALA M 157 18.97 55.26 -5.36
N LEU M 158 18.12 54.37 -4.84
CA LEU M 158 18.54 53.44 -3.80
C LEU M 158 19.57 52.45 -4.29
N ARG M 159 19.49 52.06 -5.57
CA ARG M 159 20.46 51.14 -6.13
C ARG M 159 21.84 51.78 -6.19
N ASP M 160 21.92 53.04 -6.60
CA ASP M 160 23.22 53.71 -6.66
C ASP M 160 23.78 53.95 -5.26
N ILE M 161 22.97 54.52 -4.36
CA ILE M 161 23.47 54.85 -3.03
C ILE M 161 23.68 53.61 -2.16
N LEU M 162 23.13 52.47 -2.55
CA LEU M 162 23.38 51.22 -1.85
C LEU M 162 24.60 50.52 -2.40
N TYR M 163 24.66 50.35 -3.72
CA TYR M 163 25.78 49.64 -4.33
C TYR M 163 27.08 50.41 -4.22
N GLN M 164 27.04 51.72 -3.94
CA GLN M 164 28.30 52.39 -3.71
C GLN M 164 28.87 52.08 -2.34
N TYR M 165 28.07 52.20 -1.28
CA TYR M 165 28.67 52.21 0.04
C TYR M 165 27.86 51.45 1.08
N ALA M 166 27.18 50.38 0.70
CA ALA M 166 26.61 49.49 1.70
C ALA M 166 27.38 48.21 1.84
N ASP M 167 28.41 47.99 1.03
CA ASP M 167 29.18 46.75 1.10
C ASP M 167 30.32 46.85 2.10
N ASN M 168 29.97 47.23 3.32
CA ASN M 168 30.83 46.97 4.46
C ASN M 168 30.78 45.51 4.87
N ASP M 169 29.69 44.81 4.48
CA ASP M 169 29.43 43.36 4.70
C ASP M 169 29.71 42.89 6.12
N ASP M 170 29.49 43.77 7.10
CA ASP M 170 29.76 43.47 8.49
C ASP M 170 28.67 42.62 9.12
N TYR M 171 27.55 42.45 8.43
CA TYR M 171 26.47 41.60 8.93
C TYR M 171 26.94 40.17 9.08
N GLY M 172 27.77 39.71 8.14
CA GLY M 172 28.26 38.35 8.13
C GLY M 172 29.22 38.04 9.24
N LEU M 173 29.73 39.05 9.92
CA LEU M 173 30.52 38.87 11.13
C LEU M 173 29.72 39.19 12.38
N TYR M 174 28.77 40.10 12.24
CA TYR M 174 27.88 40.44 13.35
C TYR M 174 27.09 39.23 13.78
N VAL M 175 26.68 38.39 12.83
CA VAL M 175 25.91 37.23 13.23
C VAL M 175 26.83 36.22 13.92
N ASP M 176 28.14 36.25 13.66
CA ASP M 176 29.01 35.35 14.40
C ASP M 176 29.14 35.80 15.84
N TRP M 177 29.44 37.09 16.06
CA TRP M 177 29.54 37.52 17.46
C TRP M 177 28.19 37.59 18.16
N CYS M 178 27.09 37.53 17.43
CA CYS M 178 25.80 37.42 18.09
C CYS M 178 25.40 35.97 18.32
N VAL M 179 26.03 35.02 17.61
CA VAL M 179 25.70 33.62 17.82
C VAL M 179 26.70 32.90 18.70
N THR M 180 27.92 33.43 18.88
CA THR M 180 28.91 32.65 19.60
C THR M 180 29.34 33.26 20.93
N VAL M 181 29.16 34.55 21.14
CA VAL M 181 29.53 35.16 22.41
C VAL M 181 28.40 36.07 22.87
N GLY M 182 27.49 36.37 21.96
CA GLY M 182 26.33 37.18 22.30
C GLY M 182 26.61 38.66 22.44
N LEU M 183 27.76 39.13 21.97
CA LEU M 183 28.10 40.54 22.09
C LEU M 183 29.14 40.90 21.04
N VAL M 184 29.00 42.09 20.48
CA VAL M 184 29.75 42.50 19.30
C VAL M 184 30.78 43.56 19.69
N PRO M 185 32.06 43.32 19.44
CA PRO M 185 33.02 44.43 19.46
C PRO M 185 32.92 45.19 18.15
N LEU M 186 33.14 46.50 18.24
CA LEU M 186 32.99 47.36 17.08
C LEU M 186 33.73 48.67 17.34
N LEU M 187 34.38 49.19 16.31
CA LEU M 187 35.19 50.39 16.42
C LEU M 187 34.54 51.48 15.59
N ASP M 188 34.13 52.56 16.24
CA ASP M 188 33.40 53.64 15.59
C ASP M 188 34.38 54.42 14.74
N VAL M 189 34.47 54.05 13.47
CA VAL M 189 35.41 54.70 12.56
C VAL M 189 34.86 56.06 12.14
N LYS M 190 35.63 57.11 12.43
CA LYS M 190 35.27 58.46 12.05
C LYS M 190 36.39 59.06 11.22
N THR M 191 36.05 60.06 10.42
CA THR M 191 36.98 60.71 9.51
C THR M 191 36.84 62.22 9.64
N LYS M 192 37.47 62.92 8.71
CA LYS M 192 37.36 64.37 8.66
C LYS M 192 35.96 64.75 8.20
N PRO M 193 35.45 65.91 8.62
CA PRO M 193 34.09 66.32 8.21
C PRO M 193 33.96 66.70 6.74
N SER M 194 35.06 66.74 5.98
CA SER M 194 34.97 66.94 4.53
C SER M 194 34.27 65.76 3.86
N GLU M 195 34.47 64.55 4.38
CA GLU M 195 33.92 63.37 3.75
C GLU M 195 32.41 63.30 3.90
N ALA M 196 31.85 63.95 4.92
CA ALA M 196 30.40 64.11 4.99
C ALA M 196 29.90 64.99 3.84
N ALA M 197 30.66 66.02 3.48
CA ALA M 197 30.31 66.81 2.31
C ALA M 197 30.52 66.01 1.02
N GLU M 198 31.45 65.06 1.03
CA GLU M 198 31.60 64.20 -0.14
C GLU M 198 30.42 63.26 -0.30
N ARG M 199 29.90 62.74 0.81
CA ARG M 199 28.71 61.90 0.73
C ARG M 199 27.49 62.73 0.36
N ALA M 200 27.45 63.99 0.80
CA ALA M 200 26.41 64.91 0.36
C ALA M 200 26.50 65.14 -1.15
N GLN M 201 27.73 65.27 -1.66
CA GLN M 201 27.96 65.37 -3.10
C GLN M 201 27.46 64.14 -3.83
N PHE M 202 27.71 62.95 -3.26
CA PHE M 202 27.30 61.72 -3.93
C PHE M 202 25.78 61.58 -3.97
N VAL M 203 25.12 61.86 -2.85
CA VAL M 203 23.66 61.74 -2.85
C VAL M 203 23.04 62.87 -3.65
N ARG M 204 23.71 64.00 -3.78
CA ARG M 204 23.21 65.04 -4.68
C ARG M 204 23.36 64.63 -6.13
N ALA M 205 24.42 63.89 -6.47
CA ALA M 205 24.52 63.36 -7.83
C ALA M 205 23.45 62.32 -8.10
N ALA M 206 23.17 61.47 -7.10
CA ALA M 206 22.09 60.50 -7.22
C ALA M 206 20.73 61.18 -7.38
N VAL M 207 20.50 62.30 -6.69
CA VAL M 207 19.22 62.96 -6.87
C VAL M 207 19.23 63.80 -8.17
N GLN M 208 20.40 64.06 -8.76
CA GLN M 208 20.38 64.58 -10.13
C GLN M 208 19.97 63.49 -11.12
N ARG M 209 20.38 62.25 -10.87
CA ARG M 209 19.83 61.14 -11.66
C ARG M 209 18.33 61.00 -11.46
N ALA M 210 17.86 61.22 -10.23
CA ALA M 210 16.43 61.26 -9.98
C ALA M 210 15.75 62.45 -10.67
N THR M 211 16.47 63.58 -10.80
CA THR M 211 15.97 64.76 -11.49
C THR M 211 15.74 64.48 -12.96
N GLU M 212 16.72 63.84 -13.61
CA GLU M 212 16.48 63.46 -15.00
C GLU M 212 15.58 62.24 -15.13
N THR M 213 15.26 61.57 -14.03
CA THR M 213 14.29 60.47 -14.09
C THR M 213 12.86 60.99 -14.08
N HIS M 214 12.45 61.64 -12.97
CA HIS M 214 11.04 61.95 -12.76
C HIS M 214 10.89 63.04 -11.73
N PRO M 215 9.92 63.96 -11.88
CA PRO M 215 9.80 65.07 -10.92
C PRO M 215 9.21 64.69 -9.57
N LEU M 216 8.25 63.77 -9.52
CA LEU M 216 7.65 63.43 -8.23
C LEU M 216 8.63 62.67 -7.36
N ALA M 217 9.44 61.81 -7.97
CA ALA M 217 10.43 61.06 -7.22
C ALA M 217 11.51 61.97 -6.67
N GLN M 218 11.96 62.94 -7.46
CA GLN M 218 12.94 63.89 -6.94
C GLN M 218 12.31 64.85 -5.93
N ASP M 219 11.00 65.05 -5.99
CA ASP M 219 10.33 65.76 -4.90
C ASP M 219 10.38 64.96 -3.61
N LEU M 220 10.17 63.64 -3.69
CA LEU M 220 10.29 62.78 -2.52
C LEU M 220 11.71 62.78 -1.95
N LEU M 221 12.71 62.72 -2.83
CA LEU M 221 14.08 62.69 -2.33
C LEU M 221 14.53 64.07 -1.86
N GLN M 222 14.02 65.14 -2.46
CA GLN M 222 14.33 66.46 -1.93
C GLN M 222 13.55 66.74 -0.65
N ALA M 223 12.52 65.94 -0.36
CA ALA M 223 11.87 66.02 0.94
C ALA M 223 12.69 65.29 2.01
N ASN M 224 13.19 64.10 1.69
CA ASN M 224 13.78 63.25 2.73
C ASN M 224 15.28 63.01 2.55
N LEU M 225 15.98 63.89 1.84
CA LEU M 225 17.43 63.73 1.70
C LEU M 225 18.16 63.91 3.02
N ALA M 226 17.56 64.63 3.97
CA ALA M 226 18.20 64.83 5.27
C ALA M 226 18.35 63.52 6.02
N LEU M 227 17.25 62.78 6.18
CA LEU M 227 17.36 61.49 6.84
C LEU M 227 18.03 60.45 5.94
N LEU M 228 18.04 60.67 4.61
CA LEU M 228 18.85 59.82 3.76
C LEU M 228 20.34 60.02 4.01
N LEU M 229 20.77 61.27 4.23
CA LEU M 229 22.14 61.53 4.65
C LEU M 229 22.42 60.95 6.03
N GLN M 230 21.41 60.95 6.90
CA GLN M 230 21.60 60.38 8.23
C GLN M 230 21.85 58.88 8.15
N VAL M 231 21.03 58.16 7.38
CA VAL M 231 21.23 56.71 7.28
C VAL M 231 22.46 56.38 6.42
N ALA M 232 22.83 57.24 5.48
CA ALA M 232 24.04 57.02 4.71
C ALA M 232 25.28 57.20 5.57
N GLU M 233 25.26 58.18 6.48
CA GLU M 233 26.37 58.34 7.39
C GLU M 233 26.42 57.21 8.42
N ARG M 234 25.27 56.80 8.95
CA ARG M 234 25.28 55.73 9.94
C ARG M 234 25.60 54.39 9.32
N LEU M 235 25.46 54.26 8.00
CA LEU M 235 25.85 53.04 7.32
C LEU M 235 27.36 52.92 7.21
N GLY M 236 28.04 54.01 6.93
CA GLY M 236 29.49 53.99 6.97
C GLY M 236 30.08 54.37 8.30
N ALA M 237 29.31 54.26 9.38
CA ALA M 237 29.75 54.80 10.66
C ALA M 237 30.70 53.88 11.38
N VAL M 238 30.54 52.56 11.22
CA VAL M 238 31.24 51.62 12.09
C VAL M 238 31.61 50.39 11.26
N ARG M 239 32.58 49.66 11.79
CA ARG M 239 32.89 48.32 11.32
C ARG M 239 32.49 47.34 12.40
N VAL M 240 32.85 46.07 12.19
CA VAL M 240 32.48 44.99 13.08
C VAL M 240 33.66 44.56 13.95
N ALA M 241 34.69 45.40 14.04
CA ALA M 241 35.99 45.11 14.67
C ALA M 241 36.62 43.84 14.11
N ASN M 242 36.72 43.79 12.78
CA ASN M 242 37.43 42.71 12.11
C ASN M 242 38.89 43.11 11.96
N ALA M 243 39.62 42.96 13.05
CA ALA M 243 41.02 43.34 13.10
C ALA M 243 41.75 42.44 14.08
N PRO M 244 43.02 42.17 13.86
CA PRO M 244 43.81 41.41 14.83
C PRO M 244 44.05 42.22 16.09
N GLU M 245 44.57 41.52 17.11
CA GLU M 245 44.87 42.01 18.47
C GLU M 245 43.71 42.81 19.08
N VAL M 246 42.51 42.29 18.92
CA VAL M 246 41.34 42.85 19.60
C VAL M 246 41.03 41.93 20.76
N ARG M 247 40.47 42.50 21.83
CA ARG M 247 40.29 41.73 23.06
C ARG M 247 39.14 42.31 23.86
N VAL M 248 38.36 41.44 24.47
CA VAL M 248 37.31 41.84 25.39
C VAL M 248 37.43 41.02 26.67
N PHE M 249 37.08 41.64 27.79
CA PHE M 249 37.26 41.06 29.11
C PHE M 249 36.18 41.61 30.04
N LYS M 250 36.04 40.97 31.18
CA LYS M 250 35.07 41.35 32.20
C LYS M 250 35.82 41.67 33.48
N LYS M 251 35.76 42.92 33.92
CA LYS M 251 36.42 43.32 35.15
C LYS M 251 35.66 42.78 36.34
N VAL M 252 36.36 42.05 37.22
CA VAL M 252 35.70 41.35 38.30
C VAL M 252 35.21 42.30 39.39
N ARG M 253 35.79 43.50 39.50
CA ARG M 253 35.41 44.40 40.58
C ARG M 253 34.09 45.09 40.29
N SER M 254 33.87 45.45 39.03
CA SER M 254 32.58 45.96 38.59
C SER M 254 32.30 45.34 37.24
N GLU M 255 31.22 44.57 37.14
CA GLU M 255 30.90 43.83 35.94
C GLU M 255 30.39 44.80 34.87
N ARG M 256 31.34 45.50 34.27
CA ARG M 256 31.10 46.50 33.24
C ARG M 256 32.01 46.19 32.07
N LEU M 257 31.95 44.94 31.63
CA LEU M 257 32.82 44.34 30.61
C LEU M 257 32.90 45.20 29.35
N GLU M 258 34.12 45.41 28.88
CA GLU M 258 34.38 46.35 27.80
C GLU M 258 35.57 45.85 27.00
N ALA M 259 35.62 46.22 25.73
CA ALA M 259 36.66 45.75 24.82
C ALA M 259 37.70 46.83 24.60
N GLN M 260 38.93 46.40 24.34
CA GLN M 260 39.97 47.30 23.86
C GLN M 260 40.57 46.75 22.58
N LEU M 261 40.95 47.66 21.69
CA LEU M 261 41.66 47.31 20.47
C LEU M 261 43.06 47.87 20.59
N ARG M 262 44.03 46.98 20.89
CA ARG M 262 45.46 47.30 20.94
C ARG M 262 45.76 48.40 21.96
N GLY M 263 45.06 48.37 23.08
CA GLY M 263 45.22 49.38 24.10
C GLY M 263 44.28 50.56 23.99
N LYS M 264 43.48 50.65 22.94
CA LYS M 264 42.52 51.72 22.77
C LYS M 264 41.14 51.21 23.13
N HIS M 265 40.48 51.88 24.07
CA HIS M 265 39.16 51.46 24.49
C HIS M 265 38.14 51.67 23.38
N ILE M 266 37.31 50.67 23.16
CA ILE M 266 36.22 50.74 22.19
C ILE M 266 34.94 50.32 22.87
N ARG M 267 33.83 50.90 22.42
CA ARG M 267 32.53 50.53 22.94
C ARG M 267 32.09 49.20 22.33
N LEU M 268 31.08 48.60 22.94
CA LEU M 268 30.58 47.33 22.44
C LEU M 268 29.12 47.17 22.86
N TYR M 269 28.37 46.44 22.04
CA TYR M 269 26.97 46.18 22.30
C TYR M 269 26.84 44.76 22.84
N VAL M 270 26.42 44.64 24.09
CA VAL M 270 26.19 43.34 24.71
C VAL M 270 24.72 42.99 24.54
N ALA M 271 24.46 41.80 24.01
CA ALA M 271 23.09 41.33 23.92
C ALA M 271 22.79 40.25 24.95
N ALA M 272 23.81 39.54 25.42
CA ALA M 272 23.62 38.46 26.37
C ALA M 272 24.81 38.42 27.31
N GLU M 273 24.62 38.91 28.53
CA GLU M 273 25.68 38.81 29.54
C GLU M 273 25.85 37.36 29.94
N PRO M 274 27.04 36.80 29.84
CA PRO M 274 27.24 35.42 30.28
C PRO M 274 27.16 35.31 31.78
N LEU M 275 26.81 34.12 32.23
CA LEU M 275 26.67 33.87 33.66
C LEU M 275 28.06 33.74 34.28
N ALA M 276 28.28 34.49 35.36
CA ALA M 276 29.60 34.60 35.98
C ALA M 276 29.49 34.23 37.46
N TYR M 277 30.34 33.32 37.90
CA TYR M 277 30.27 32.78 39.26
C TYR M 277 31.69 32.65 39.81
N GLU M 278 31.83 31.89 40.90
CA GLU M 278 33.15 31.63 41.48
C GLU M 278 33.99 30.75 40.57
N ARG M 279 33.33 30.00 39.67
CA ARG M 279 34.00 29.53 38.46
C ARG M 279 34.55 30.75 37.74
N ASP M 280 35.87 30.87 37.72
CA ASP M 280 36.51 32.03 37.10
C ASP M 280 36.26 32.06 35.61
N LYS M 281 36.45 30.92 34.94
CA LYS M 281 35.89 30.77 33.61
C LYS M 281 34.37 30.81 33.72
N LEU M 282 33.73 31.41 32.73
CA LEU M 282 32.31 31.67 32.82
C LEU M 282 31.62 31.17 31.56
N LEU M 283 30.39 30.73 31.74
CA LEU M 283 29.66 30.02 30.70
C LEU M 283 28.73 31.00 29.98
N PHE M 284 28.66 30.86 28.66
CA PHE M 284 27.79 31.67 27.83
C PHE M 284 26.45 30.98 27.63
N THR M 285 25.44 31.78 27.34
CA THR M 285 24.11 31.26 27.02
C THR M 285 23.84 31.24 25.53
N THR M 286 24.87 31.31 24.72
CA THR M 286 24.71 31.48 23.30
C THR M 286 24.43 30.12 22.65
N PRO M 287 23.92 30.12 21.41
CA PRO M 287 23.69 28.82 20.74
C PRO M 287 24.92 27.98 20.48
N VAL M 288 26.00 28.56 19.97
CA VAL M 288 27.12 27.73 19.53
C VAL M 288 27.84 27.09 20.71
N ALA M 289 27.90 27.78 21.85
CA ALA M 289 28.52 27.18 23.02
C ALA M 289 27.64 26.11 23.64
N HIS M 290 26.37 26.03 23.25
CA HIS M 290 25.54 24.96 23.77
C HIS M 290 25.88 23.63 23.12
N LEU M 291 26.56 23.64 21.97
CA LEU M 291 26.90 22.40 21.28
C LEU M 291 28.40 22.26 21.00
N HIS M 292 29.24 22.97 21.75
CA HIS M 292 30.68 22.94 21.43
C HIS M 292 31.31 21.59 21.76
N GLU M 293 30.93 21.01 22.90
CA GLU M 293 31.51 19.75 23.34
C GLU M 293 31.20 18.62 22.36
N GLU M 294 29.99 18.62 21.80
CA GLU M 294 29.59 17.51 20.95
C GLU M 294 30.33 17.53 19.62
N ILE M 295 30.54 18.72 19.05
CA ILE M 295 31.30 18.74 17.81
C ILE M 295 32.79 18.58 18.07
N LEU M 296 33.26 18.87 19.28
CA LEU M 296 34.64 18.49 19.60
C LEU M 296 34.78 16.98 19.68
N ARG M 297 33.75 16.31 20.21
CA ARG M 297 33.70 14.85 20.18
C ARG M 297 33.69 14.33 18.76
N TYR M 298 32.98 15.03 17.87
CA TYR M 298 32.98 14.65 16.46
C TYR M 298 34.36 14.75 15.84
N ASP M 299 35.07 15.85 16.11
CA ASP M 299 36.39 16.01 15.50
C ASP M 299 37.38 15.01 16.10
N GLY M 300 37.25 14.72 17.39
CA GLY M 300 38.07 13.68 18.00
C GLY M 300 37.80 12.32 17.39
N LEU M 301 36.54 12.05 17.04
CA LEU M 301 36.23 10.80 16.37
C LEU M 301 36.78 10.80 14.95
N CYS M 302 36.82 11.96 14.30
CA CYS M 302 37.40 12.02 12.96
C CYS M 302 38.88 11.71 13.00
N ARG M 303 39.60 12.26 13.96
CA ARG M 303 41.03 11.95 14.11
C ARG M 303 41.24 10.50 14.50
N HIS M 304 40.38 9.97 15.36
CA HIS M 304 40.49 8.59 15.81
C HIS M 304 40.25 7.62 14.67
N GLN M 305 39.25 7.92 13.83
CA GLN M 305 38.98 7.09 12.66
C GLN M 305 40.08 7.20 11.64
N LYS M 306 40.69 8.38 11.50
CA LYS M 306 41.80 8.51 10.56
C LYS M 306 43.01 7.70 11.01
N ILE M 307 43.26 7.67 12.32
CA ILE M 307 44.38 6.87 12.79
C ILE M 307 44.08 5.38 12.68
N CYS M 308 42.93 4.93 13.17
CA CYS M 308 42.61 3.51 13.10
C CYS M 308 42.30 3.02 11.70
N GLN M 309 42.18 3.92 10.73
CA GLN M 309 42.29 3.50 9.34
C GLN M 309 43.75 3.44 8.92
N LEU M 310 44.53 4.45 9.28
CA LEU M 310 45.93 4.57 8.88
C LEU M 310 46.87 3.60 9.59
N LEU M 311 46.37 2.79 10.51
CA LEU M 311 47.23 1.88 11.23
C LEU M 311 46.89 0.42 10.94
N ASN M 312 45.82 0.17 10.18
CA ASN M 312 45.44 -1.17 9.77
C ASN M 312 45.68 -1.41 8.28
N THR M 313 46.60 -0.66 7.66
CA THR M 313 46.73 -0.67 6.21
C THR M 313 47.37 -1.95 5.71
N PHE M 314 48.32 -2.49 6.45
CA PHE M 314 48.97 -3.70 6.01
C PHE M 314 48.05 -4.90 6.23
N PRO M 315 48.17 -5.95 5.41
CA PRO M 315 47.32 -7.13 5.62
C PRO M 315 47.66 -7.91 6.87
N VAL M 316 48.93 -8.21 7.09
CA VAL M 316 49.32 -9.04 8.22
C VAL M 316 50.01 -8.19 9.26
N LYS M 317 49.98 -8.67 10.49
CA LYS M 317 50.73 -8.08 11.58
C LYS M 317 51.48 -9.18 12.29
N VAL M 318 52.73 -8.93 12.64
CA VAL M 318 53.57 -9.90 13.31
C VAL M 318 54.01 -9.31 14.64
N VAL M 319 54.47 -10.18 15.54
CA VAL M 319 55.09 -9.76 16.79
C VAL M 319 56.49 -10.36 16.83
N THR M 320 57.40 -9.69 17.52
CA THR M 320 58.73 -10.25 17.77
C THR M 320 59.39 -9.59 18.96
N ASP M 488 49.01 13.13 -5.05
CA ASP M 488 49.70 11.89 -5.31
C ASP M 488 48.80 10.91 -6.06
N ALA M 489 48.60 11.17 -7.35
CA ALA M 489 47.78 10.32 -8.20
C ALA M 489 48.62 9.34 -9.01
N GLU M 490 49.80 8.98 -8.50
CA GLU M 490 50.75 8.23 -9.30
C GLU M 490 50.38 6.75 -9.39
N LEU M 491 49.40 6.31 -8.60
CA LEU M 491 48.95 4.93 -8.69
C LEU M 491 48.05 4.71 -9.90
N TYR M 492 47.30 5.73 -10.30
CA TYR M 492 46.24 5.55 -11.29
C TYR M 492 46.79 5.34 -12.69
N HIS M 493 47.65 6.26 -13.16
CA HIS M 493 48.14 6.23 -14.53
C HIS M 493 49.03 5.02 -14.77
N LEU M 494 49.73 4.57 -13.75
CA LEU M 494 50.73 3.53 -13.92
C LEU M 494 50.03 2.19 -14.07
N PRO M 495 50.42 1.38 -15.07
CA PRO M 495 49.87 0.02 -15.17
C PRO M 495 50.31 -0.86 -14.01
N VAL M 496 49.62 -2.00 -13.88
CA VAL M 496 49.63 -2.75 -12.62
C VAL M 496 50.95 -3.45 -12.36
N LEU M 497 51.75 -3.70 -13.39
CA LEU M 497 53.01 -4.41 -13.23
C LEU M 497 54.03 -3.65 -12.39
N GLU M 498 54.10 -2.33 -12.54
CA GLU M 498 54.94 -1.51 -11.68
C GLU M 498 54.13 -0.93 -10.52
N ALA M 499 52.81 -0.90 -10.63
CA ALA M 499 51.96 -0.42 -9.55
C ALA M 499 52.05 -1.35 -8.33
N VAL M 500 52.01 -2.67 -8.57
CA VAL M 500 52.14 -3.58 -7.43
C VAL M 500 53.55 -3.59 -6.90
N ARG M 501 54.53 -3.16 -7.72
CA ARG M 501 55.90 -3.04 -7.24
C ARG M 501 56.06 -1.84 -6.34
N LYS M 502 55.50 -0.70 -6.73
CA LYS M 502 55.55 0.49 -5.90
C LYS M 502 54.65 0.37 -4.68
N ALA M 503 53.64 -0.48 -4.74
CA ALA M 503 52.75 -0.66 -3.59
C ALA M 503 53.46 -1.33 -2.43
N ARG M 504 54.34 -2.30 -2.69
CA ARG M 504 54.99 -3.03 -1.61
C ARG M 504 56.01 -2.17 -0.87
N ASP M 505 56.78 -1.38 -1.60
CA ASP M 505 57.68 -0.43 -0.96
C ASP M 505 56.96 0.79 -0.44
N ALA M 506 55.74 1.05 -0.90
CA ALA M 506 54.96 2.18 -0.43
C ALA M 506 54.42 1.93 0.98
N ALA M 507 54.30 0.67 1.37
CA ALA M 507 53.89 0.29 2.72
C ALA M 507 54.84 -0.79 3.20
N PRO M 508 55.95 -0.41 3.83
CA PRO M 508 56.93 -1.42 4.26
C PRO M 508 56.41 -2.24 5.42
N PHE M 509 56.67 -3.54 5.31
CA PHE M 509 56.34 -4.49 6.37
C PHE M 509 57.26 -4.21 7.56
N ARG M 510 56.68 -3.87 8.70
CA ARG M 510 57.48 -3.60 9.87
C ARG M 510 57.03 -4.48 11.03
N PRO M 511 57.95 -5.20 11.66
CA PRO M 511 57.61 -5.94 12.88
C PRO M 511 57.60 -5.07 14.11
N LEU M 512 57.44 -5.68 15.29
CA LEU M 512 57.40 -4.94 16.54
C LEU M 512 57.90 -5.81 17.66
N ALA M 513 58.76 -5.25 18.52
CA ALA M 513 59.58 -6.07 19.40
C ALA M 513 59.85 -5.36 20.72
N VAL M 514 59.82 -6.14 21.80
CA VAL M 514 60.26 -5.74 23.13
C VAL M 514 60.92 -6.95 23.77
N GLU M 515 62.09 -6.77 24.39
CA GLU M 515 62.80 -7.87 25.04
C GLU M 515 62.01 -8.39 26.24
N ASP M 516 62.01 -9.71 26.40
CA ASP M 516 61.53 -10.39 27.60
C ASP M 516 62.25 -11.72 27.74
N ASN M 517 62.45 -12.14 28.98
CA ASN M 517 63.18 -13.36 29.30
C ASN M 517 62.22 -14.47 29.71
N ARG M 518 62.36 -15.64 29.08
CA ARG M 518 61.64 -16.87 29.37
C ARG M 518 60.12 -16.75 29.28
N LEU M 519 59.60 -15.74 28.58
CA LEU M 519 58.19 -15.40 28.63
C LEU M 519 57.84 -14.56 27.42
N VAL M 520 56.92 -15.05 26.60
CA VAL M 520 56.53 -14.44 25.34
C VAL M 520 55.02 -14.24 25.42
N ALA M 521 54.41 -13.80 24.34
CA ALA M 521 53.03 -13.33 24.38
C ALA M 521 52.02 -14.44 24.15
N ASN M 522 50.83 -14.25 24.72
CA ASN M 522 49.62 -14.93 24.27
C ASN M 522 48.64 -13.88 23.80
N SER M 523 48.73 -13.53 22.52
CA SER M 523 48.26 -12.24 22.04
C SER M 523 46.83 -12.31 21.53
N PHE M 524 46.28 -11.13 21.24
CA PHE M 524 44.95 -10.99 20.70
C PHE M 524 44.94 -9.88 19.68
N PHE M 525 43.96 -9.92 18.79
CA PHE M 525 43.90 -8.99 17.67
C PHE M 525 42.53 -8.33 17.63
N SER M 526 42.53 -7.03 17.31
CA SER M 526 41.30 -6.23 17.25
C SER M 526 41.29 -5.53 15.89
N GLN M 527 40.13 -5.52 15.25
CA GLN M 527 39.96 -4.85 13.96
C GLN M 527 38.64 -4.11 13.99
N PHE M 528 38.71 -2.80 14.10
CA PHE M 528 37.52 -1.97 13.95
C PHE M 528 37.93 -0.57 13.55
N VAL M 529 36.95 0.17 13.05
CA VAL M 529 37.06 1.63 12.91
C VAL M 529 35.77 2.16 13.51
N PRO M 530 35.75 3.38 14.07
CA PRO M 530 34.50 3.89 14.64
C PRO M 530 33.53 4.34 13.58
N GLY M 531 32.25 4.16 13.87
CA GLY M 531 31.21 4.54 12.94
C GLY M 531 30.95 6.03 12.95
N THR M 532 31.11 6.68 11.80
CA THR M 532 30.96 8.14 11.76
C THR M 532 29.51 8.52 11.52
N GLU M 533 28.73 7.66 10.87
CA GLU M 533 27.44 8.10 10.37
C GLU M 533 26.41 8.22 11.49
N SER M 534 26.62 7.51 12.60
CA SER M 534 25.65 7.55 13.69
C SER M 534 25.64 8.92 14.35
N LEU M 535 26.78 9.33 14.91
CA LEU M 535 26.83 10.67 15.47
C LEU M 535 26.87 11.74 14.40
N GLU M 536 27.13 11.40 13.13
CA GLU M 536 27.00 12.37 12.07
C GLU M 536 25.54 12.75 11.86
N ARG M 537 24.66 11.75 11.78
CA ARG M 537 23.24 12.01 11.72
C ARG M 537 22.76 12.69 13.00
N PHE M 538 23.32 12.29 14.14
CA PHE M 538 22.92 12.89 15.40
C PHE M 538 23.34 14.35 15.50
N LEU M 539 24.56 14.66 15.04
CA LEU M 539 25.04 16.03 15.10
C LEU M 539 24.34 16.93 14.10
N THR M 540 24.03 16.41 12.92
CA THR M 540 23.30 17.23 11.96
C THR M 540 21.88 17.48 12.43
N GLN M 541 21.25 16.47 13.05
CA GLN M 541 19.93 16.69 13.63
C GLN M 541 19.99 17.68 14.77
N LEU M 542 21.05 17.61 15.58
CA LEU M 542 21.24 18.55 16.68
C LEU M 542 21.41 19.97 16.17
N TRP M 543 22.28 20.14 15.17
CA TRP M 543 22.52 21.46 14.60
C TRP M 543 21.26 22.00 13.95
N GLU M 544 20.51 21.12 13.26
CA GLU M 544 19.31 21.54 12.54
C GLU M 544 18.22 21.99 13.50
N ASN M 545 17.84 21.15 14.46
CA ASN M 545 16.76 21.57 15.32
C ASN M 545 17.20 22.65 16.28
N GLU M 546 18.50 22.75 16.60
CA GLU M 546 18.98 23.84 17.43
C GLU M 546 18.81 25.17 16.74
N TYR M 547 19.29 25.28 15.48
CA TYR M 547 19.13 26.52 14.75
C TYR M 547 17.69 26.78 14.35
N PHE M 548 16.84 25.76 14.38
CA PHE M 548 15.44 26.04 14.11
C PHE M 548 14.72 26.57 15.35
N ARG M 549 15.09 26.10 16.53
CA ARG M 549 14.43 26.66 17.71
C ARG M 549 14.94 28.06 18.01
N THR M 550 16.25 28.27 18.03
CA THR M 550 16.72 29.57 18.53
C THR M 550 16.50 30.70 17.53
N PHE M 551 16.31 30.38 16.25
CA PHE M 551 15.77 31.34 15.31
C PHE M 551 14.78 30.57 14.46
N ARG M 552 13.52 31.02 14.41
CA ARG M 552 12.46 30.21 13.82
C ARG M 552 12.55 30.26 12.29
N LEU M 553 13.58 29.61 11.77
CA LEU M 553 13.81 29.59 10.34
C LEU M 553 12.74 28.76 9.67
N ARG M 554 12.03 29.35 8.71
CA ARG M 554 10.97 28.60 8.06
C ARG M 554 11.55 27.63 7.05
N ARG M 555 10.76 26.60 6.74
CA ARG M 555 11.08 25.63 5.69
C ARG M 555 9.94 25.61 4.70
N LEU M 556 9.94 26.54 3.76
CA LEU M 556 8.88 26.56 2.76
C LEU M 556 9.16 25.45 1.73
N VAL M 557 8.18 24.59 1.51
CA VAL M 557 8.30 23.46 0.59
C VAL M 557 7.00 23.28 -0.17
N THR M 558 7.10 22.67 -1.34
CA THR M 558 5.92 22.21 -2.06
C THR M 558 5.58 20.79 -1.62
N HIS M 559 4.48 20.26 -2.17
CA HIS M 559 4.00 18.93 -1.80
C HIS M 559 4.99 17.87 -2.25
N GLN M 560 5.24 16.90 -1.34
CA GLN M 560 6.38 15.98 -1.30
C GLN M 560 7.69 16.63 -1.75
N GLY M 561 7.93 17.86 -1.29
CA GLY M 561 9.09 18.61 -1.67
C GLY M 561 10.09 18.66 -0.53
N ALA M 562 11.35 18.40 -0.86
CA ALA M 562 12.38 18.22 0.15
C ALA M 562 13.23 19.48 0.25
N GLU M 563 13.06 20.21 1.37
CA GLU M 563 13.82 21.39 1.81
C GLU M 563 14.08 22.39 0.68
N GLU M 564 12.99 22.95 0.16
CA GLU M 564 13.08 23.87 -0.96
C GLU M 564 13.80 25.16 -0.58
N ALA M 565 13.52 25.68 0.61
CA ALA M 565 14.19 26.90 1.06
C ALA M 565 14.17 26.97 2.57
N ILE M 566 15.26 27.45 3.14
CA ILE M 566 15.34 27.83 4.54
C ILE M 566 15.60 29.32 4.57
N VAL M 567 14.69 30.09 5.16
CA VAL M 567 14.70 31.53 5.00
C VAL M 567 14.21 32.18 6.28
N TYR M 568 14.52 33.47 6.43
CA TYR M 568 14.18 34.24 7.62
C TYR M 568 12.68 34.36 7.79
N SER M 569 12.21 34.14 9.01
CA SER M 569 10.81 34.36 9.36
C SER M 569 10.72 35.53 10.32
N ASN M 570 9.52 35.73 10.87
CA ASN M 570 9.20 36.94 11.63
C ASN M 570 10.06 37.09 12.87
N TYR M 571 10.34 35.99 13.56
CA TYR M 571 11.13 36.09 14.78
C TYR M 571 12.60 36.35 14.48
N THR M 572 13.09 35.86 13.34
CA THR M 572 14.52 35.95 13.05
C THR M 572 14.95 37.37 12.80
N VAL M 573 14.16 38.12 12.03
CA VAL M 573 14.50 39.51 11.77
C VAL M 573 14.40 40.33 13.04
N GLU M 574 13.41 40.04 13.89
CA GLU M 574 13.29 40.68 15.20
C GLU M 574 14.49 40.34 16.09
N ARG M 575 15.08 39.17 15.92
CA ARG M 575 16.15 38.83 16.84
C ARG M 575 17.52 39.32 16.37
N VAL M 576 17.78 39.38 15.06
CA VAL M 576 19.10 39.73 14.60
C VAL M 576 19.15 41.05 13.84
N THR M 577 18.15 41.37 13.00
CA THR M 577 18.32 42.55 12.17
C THR M 577 17.93 43.81 12.91
N LEU M 578 16.78 43.79 13.57
CA LEU M 578 16.35 44.95 14.35
C LEU M 578 17.27 45.32 15.51
N PRO M 579 17.89 44.40 16.26
CA PRO M 579 18.89 44.87 17.24
C PRO M 579 20.15 45.37 16.58
N TYR M 580 20.49 44.85 15.40
CA TYR M 580 21.61 45.37 14.65
C TYR M 580 21.38 46.82 14.27
N LEU M 581 20.22 47.12 13.71
CA LEU M 581 19.91 48.50 13.39
C LEU M 581 19.59 49.32 14.62
N CYS M 582 19.32 48.66 15.76
CA CYS M 582 19.20 49.39 17.01
C CYS M 582 20.55 49.92 17.47
N HIS M 583 21.61 49.13 17.33
CA HIS M 583 22.92 49.63 17.72
C HIS M 583 23.63 50.40 16.60
N ILE M 584 23.15 50.31 15.35
CA ILE M 584 23.55 51.27 14.33
C ILE M 584 22.73 52.55 14.46
N LEU M 585 21.62 52.48 15.21
CA LEU M 585 20.72 53.60 15.52
C LEU M 585 20.09 54.18 14.25
N ALA M 586 19.93 53.36 13.23
CA ALA M 586 19.07 53.74 12.12
C ALA M 586 17.61 53.42 12.41
N LEU M 587 17.33 52.74 13.53
CA LEU M 587 16.01 52.21 13.83
C LEU M 587 14.97 53.28 14.13
N GLY M 588 15.39 54.52 14.41
CA GLY M 588 14.46 55.58 14.68
C GLY M 588 13.60 56.00 13.50
N THR M 589 13.97 55.58 12.28
CA THR M 589 13.20 55.86 11.09
C THR M 589 12.67 54.62 10.40
N LEU M 590 13.06 53.42 10.80
CA LEU M 590 12.85 52.21 10.01
C LEU M 590 11.85 51.27 10.71
N ASP M 591 11.68 50.10 10.10
CA ASP M 591 10.67 49.14 10.52
C ASP M 591 11.05 47.76 9.97
N PRO M 592 10.54 46.69 10.57
CA PRO M 592 10.81 45.36 10.01
C PRO M 592 10.08 45.14 8.70
N VAL M 593 10.75 44.49 7.76
CA VAL M 593 10.08 43.98 6.58
C VAL M 593 9.34 42.72 7.04
N PRO M 594 8.11 42.49 6.61
CA PRO M 594 7.50 41.19 6.84
C PRO M 594 8.24 40.13 6.05
N GLU M 595 8.24 38.92 6.61
CA GLU M 595 9.16 37.89 6.16
C GLU M 595 8.78 37.34 4.79
N ALA M 596 7.50 37.44 4.43
CA ALA M 596 7.07 37.00 3.11
C ALA M 596 7.63 37.89 2.01
N TYR M 597 7.92 39.15 2.31
CA TYR M 597 8.44 40.05 1.29
C TYR M 597 9.92 39.82 1.05
N LEU M 598 10.63 39.29 2.04
CA LEU M 598 12.09 39.24 1.95
C LEU M 598 12.54 38.23 0.91
N GLN M 599 11.70 37.24 0.61
CA GLN M 599 12.05 36.30 -0.44
C GLN M 599 11.92 36.92 -1.84
N LEU M 600 11.24 38.04 -1.97
CA LEU M 600 11.08 38.66 -3.27
C LEU M 600 12.37 39.36 -3.70
N SER M 601 12.30 40.05 -4.84
CA SER M 601 13.51 40.55 -5.49
C SER M 601 14.09 41.77 -4.79
N PHE M 602 15.24 42.19 -5.28
CA PHE M 602 15.83 43.45 -4.85
C PHE M 602 15.07 44.63 -5.44
N GLY M 603 14.48 44.43 -6.61
CA GLY M 603 13.83 45.52 -7.30
C GLY M 603 12.32 45.41 -7.32
N GLU M 604 11.79 44.19 -7.23
CA GLU M 604 10.35 44.00 -7.24
C GLU M 604 9.74 44.27 -5.88
N ILE M 605 10.56 44.28 -4.83
CA ILE M 605 10.09 44.44 -3.46
C ILE M 605 9.40 45.79 -3.25
N VAL M 606 9.83 46.84 -3.95
CA VAL M 606 9.24 48.14 -3.71
C VAL M 606 7.87 48.24 -4.35
N ALA M 607 7.61 47.43 -5.39
CA ALA M 607 6.32 47.42 -6.05
C ALA M 607 5.23 46.88 -5.13
N ALA M 608 5.61 46.02 -4.19
CA ALA M 608 4.69 45.65 -3.14
C ALA M 608 4.83 46.52 -1.92
N ALA M 609 5.97 47.19 -1.76
CA ALA M 609 6.22 47.95 -0.54
C ALA M 609 5.39 49.23 -0.51
N TYR M 610 5.45 50.03 -1.57
CA TYR M 610 4.53 51.16 -1.54
C TYR M 610 3.11 50.77 -1.89
N ASP M 611 2.89 49.55 -2.38
CA ASP M 611 1.52 49.06 -2.46
C ASP M 611 0.97 48.78 -1.08
N ASP M 612 1.84 48.41 -0.13
CA ASP M 612 1.40 48.24 1.25
C ASP M 612 1.01 49.58 1.87
N SER M 613 1.60 50.67 1.40
CA SER M 613 1.21 51.99 1.86
C SER M 613 -0.07 52.42 1.15
N LYS M 614 -0.48 53.65 1.43
CA LYS M 614 -1.67 54.24 0.83
C LYS M 614 -1.38 54.97 -0.46
N PHE M 615 -0.19 54.78 -1.03
CA PHE M 615 0.11 55.43 -2.29
C PHE M 615 -0.72 54.84 -3.42
N CYS M 616 -0.81 53.51 -3.47
CA CYS M 616 -1.70 52.87 -4.41
C CYS M 616 -3.13 52.76 -3.89
N ARG M 617 -3.34 52.91 -2.58
CA ARG M 617 -4.70 52.92 -2.07
C ARG M 617 -5.40 54.23 -2.32
N TYR M 618 -4.66 55.32 -2.47
CA TYR M 618 -5.31 56.59 -2.78
C TYR M 618 -5.68 56.67 -4.25
N VAL M 619 -5.08 55.83 -5.09
CA VAL M 619 -5.45 55.76 -6.49
C VAL M 619 -6.88 55.25 -6.65
N GLU M 620 -7.33 54.38 -5.74
CA GLU M 620 -8.72 53.91 -5.81
C GLU M 620 -9.70 55.02 -5.46
N LEU M 621 -9.31 55.90 -4.53
CA LEU M 621 -10.21 56.99 -4.16
C LEU M 621 -10.21 58.08 -5.23
N ILE M 622 -9.06 58.38 -5.82
CA ILE M 622 -9.09 59.32 -6.94
C ILE M 622 -9.69 58.68 -8.19
N CYS M 623 -9.67 57.34 -8.28
CA CYS M 623 -10.41 56.61 -9.29
C CYS M 623 -11.90 56.82 -9.15
N SER M 624 -12.43 56.65 -7.94
CA SER M 624 -13.85 56.91 -7.70
C SER M 624 -14.19 58.39 -7.88
N ARG M 625 -13.24 59.27 -7.55
CA ARG M 625 -13.49 60.69 -7.70
C ARG M 625 -13.51 61.10 -9.18
N GLU M 626 -12.63 60.52 -9.99
CA GLU M 626 -12.66 60.80 -11.42
C GLU M 626 -13.86 60.16 -12.09
N LYS M 627 -14.25 58.95 -11.63
CA LYS M 627 -15.42 58.30 -12.20
C LYS M 627 -16.70 59.03 -11.82
N ALA M 628 -16.73 59.69 -10.66
CA ALA M 628 -17.86 60.55 -10.34
C ALA M 628 -17.79 61.86 -11.12
N ARG M 629 -16.57 62.40 -11.29
CA ARG M 629 -16.37 63.69 -11.93
C ARG M 629 -16.77 63.65 -13.40
N ARG M 630 -16.56 62.52 -14.07
CA ARG M 630 -17.04 62.39 -15.44
C ARG M 630 -18.34 61.59 -15.55
N ARG M 631 -18.79 60.93 -14.48
CA ARG M 631 -20.07 60.24 -14.52
C ARG M 631 -21.20 61.23 -14.36
N GLN M 632 -21.01 62.27 -13.55
CA GLN M 632 -21.96 63.37 -13.50
C GLN M 632 -21.88 64.24 -14.74
N MET M 633 -20.81 64.12 -15.52
CA MET M 633 -20.74 64.75 -16.84
C MET M 633 -21.53 63.95 -17.87
N SER M 634 -21.40 62.62 -17.84
CA SER M 634 -22.11 61.78 -18.80
C SER M 634 -23.55 61.52 -18.38
N ARG M 635 -23.77 61.26 -17.09
CA ARG M 635 -25.09 60.89 -16.60
C ARG M 635 -25.56 61.86 -15.51
N UNK N 1 -2.16 64.27 -26.90
CA UNK N 1 -2.06 62.82 -26.94
C UNK N 1 -0.70 62.35 -26.43
N UNK N 2 -0.55 62.26 -25.11
CA UNK N 2 0.72 61.90 -24.50
C UNK N 2 0.47 61.07 -23.25
N UNK N 3 1.56 60.62 -22.62
CA UNK N 3 1.47 59.74 -21.47
C UNK N 3 0.96 60.49 -20.23
N UNK N 4 0.69 59.72 -19.18
CA UNK N 4 0.21 60.32 -17.94
C UNK N 4 1.33 60.55 -16.93
N UNK N 5 2.43 59.83 -17.05
CA UNK N 5 3.61 60.05 -16.25
C UNK N 5 4.87 60.20 -17.09
N UNK N 6 4.98 59.45 -18.18
CA UNK N 6 6.17 59.52 -19.00
C UNK N 6 6.18 60.72 -19.93
N UNK N 7 5.07 61.44 -20.04
CA UNK N 7 5.07 62.66 -20.86
C UNK N 7 5.88 63.76 -20.20
N UNK N 8 5.78 63.88 -18.87
CA UNK N 8 6.68 64.77 -18.16
C UNK N 8 8.11 64.22 -18.12
N UNK N 9 8.27 62.90 -18.30
CA UNK N 9 9.61 62.34 -18.38
C UNK N 9 10.23 62.57 -19.75
N UNK N 10 9.42 62.82 -20.76
CA UNK N 10 9.91 63.14 -22.09
C UNK N 10 9.92 64.65 -22.34
N UNK N 11 8.78 65.29 -22.14
CA UNK N 11 8.65 66.75 -22.23
C UNK N 11 8.43 67.26 -20.81
N UNK N 12 9.51 67.78 -20.21
CA UNK N 12 9.49 68.16 -18.80
C UNK N 12 8.56 69.33 -18.55
N UNK N 13 7.55 69.10 -17.72
CA UNK N 13 6.48 70.08 -17.48
C UNK N 13 7.03 71.18 -16.57
N UNK N 14 7.78 72.10 -17.18
CA UNK N 14 8.27 73.27 -16.46
C UNK N 14 7.43 74.49 -16.75
N UNK N 15 6.94 74.62 -17.99
CA UNK N 15 6.12 75.76 -18.39
C UNK N 15 4.72 75.66 -17.82
N ASP O 52 56.29 1.10 -53.05
CA ASP O 52 55.37 0.64 -52.03
C ASP O 52 55.12 1.72 -51.00
N GLU O 53 53.87 2.15 -50.86
CA GLU O 53 53.52 3.22 -49.95
C GLU O 53 53.07 2.61 -48.62
N ALA O 54 53.61 3.14 -47.52
CA ALA O 54 53.20 2.73 -46.19
C ALA O 54 51.82 3.32 -45.90
N VAL O 55 50.81 2.47 -45.79
CA VAL O 55 49.43 2.89 -45.69
C VAL O 55 48.82 2.22 -44.47
N ILE O 56 48.26 3.00 -43.54
CA ILE O 56 47.62 2.40 -42.39
C ILE O 56 46.29 1.80 -42.81
N ASP O 57 46.09 0.55 -42.45
CA ASP O 57 44.98 -0.29 -42.88
C ASP O 57 44.00 -0.46 -41.73
N ILE O 58 42.72 -0.57 -42.04
CA ILE O 58 41.74 -0.61 -40.97
C ILE O 58 40.80 -1.81 -41.01
N PHE O 59 40.49 -2.34 -42.20
CA PHE O 59 39.37 -3.28 -42.20
C PHE O 59 39.70 -4.69 -41.69
N PRO O 60 40.55 -5.53 -42.35
CA PRO O 60 40.61 -6.94 -41.95
C PRO O 60 41.66 -7.21 -40.89
N THR O 61 41.71 -6.35 -39.87
CA THR O 61 42.57 -6.57 -38.72
C THR O 61 41.86 -7.42 -37.70
N GLY O 62 42.44 -7.54 -36.52
CA GLY O 62 41.70 -8.11 -35.42
C GLY O 62 40.56 -7.22 -34.98
N GLN O 63 40.83 -5.91 -34.87
CA GLN O 63 39.94 -4.99 -34.20
C GLN O 63 38.62 -4.78 -34.92
N THR O 64 38.57 -4.98 -36.23
CA THR O 64 37.30 -4.78 -36.91
C THR O 64 36.74 -6.02 -37.56
N MET O 65 37.55 -7.02 -37.86
CA MET O 65 36.95 -8.31 -38.22
C MET O 65 36.33 -8.97 -37.02
N SER O 66 36.87 -8.71 -35.82
CA SER O 66 36.23 -9.18 -34.61
C SER O 66 34.91 -8.47 -34.35
N PHE O 67 34.75 -7.25 -34.87
CA PHE O 67 33.51 -6.50 -34.66
C PHE O 67 32.32 -7.17 -35.33
N LEU O 68 32.51 -7.69 -36.54
CA LEU O 68 31.40 -8.36 -37.20
C LEU O 68 31.06 -9.69 -36.55
N ARG O 69 32.05 -10.33 -35.94
CA ARG O 69 31.78 -11.60 -35.27
C ARG O 69 31.04 -11.37 -33.96
N LEU O 70 31.41 -10.32 -33.22
CA LEU O 70 30.67 -10.02 -32.01
C LEU O 70 29.30 -9.45 -32.31
N LEU O 71 29.16 -8.78 -33.45
CA LEU O 71 27.89 -8.11 -33.73
C LEU O 71 26.81 -9.12 -34.10
N HIS O 72 27.14 -10.14 -34.87
CA HIS O 72 26.21 -11.24 -35.07
C HIS O 72 26.49 -12.39 -34.11
N GLY O 73 27.24 -12.14 -33.05
CA GLY O 73 27.24 -13.02 -31.90
C GLY O 73 28.05 -14.28 -31.99
N PHE O 74 29.15 -14.26 -32.74
CA PHE O 74 30.05 -15.41 -32.69
C PHE O 74 30.74 -15.49 -31.34
N LEU O 75 31.07 -14.34 -30.75
CA LEU O 75 31.82 -14.30 -29.50
C LEU O 75 30.98 -13.72 -28.37
N GLY O 76 30.50 -12.50 -28.52
CA GLY O 76 29.76 -11.87 -27.46
C GLY O 76 28.29 -12.25 -27.50
N THR O 77 27.65 -12.15 -26.33
CA THR O 77 26.21 -12.37 -26.22
C THR O 77 25.70 -11.56 -25.05
N CYS O 78 24.44 -11.15 -25.14
CA CYS O 78 23.78 -10.30 -24.15
C CYS O 78 22.30 -10.30 -24.49
N ARG O 79 21.50 -9.74 -23.60
CA ARG O 79 20.11 -9.47 -23.96
C ARG O 79 19.99 -8.22 -24.83
N GLY O 80 21.06 -7.44 -24.98
CA GLY O 80 21.01 -6.30 -25.86
C GLY O 80 21.34 -6.60 -27.31
N GLN O 81 21.86 -7.79 -27.59
CA GLN O 81 22.24 -8.19 -28.94
C GLN O 81 21.08 -8.13 -29.91
N SER O 82 19.86 -8.33 -29.40
CA SER O 82 18.65 -8.17 -30.20
C SER O 82 18.41 -6.73 -30.63
N MET O 83 18.98 -5.75 -29.93
CA MET O 83 18.69 -4.35 -30.27
C MET O 83 19.49 -3.89 -31.46
N HIS O 84 20.45 -4.69 -31.92
CA HIS O 84 20.99 -4.47 -33.25
C HIS O 84 20.12 -5.12 -34.31
N GLN O 85 19.56 -6.28 -34.01
CA GLN O 85 18.82 -7.00 -35.03
C GLN O 85 17.47 -6.37 -35.28
N VAL O 86 16.97 -5.57 -34.33
CA VAL O 86 15.79 -4.76 -34.62
C VAL O 86 16.13 -3.62 -35.57
N LEU O 87 17.40 -3.22 -35.63
CA LEU O 87 17.81 -2.10 -36.46
C LEU O 87 18.04 -2.49 -37.91
N ARG O 88 18.02 -3.77 -38.24
CA ARG O 88 18.25 -4.19 -39.60
C ARG O 88 17.08 -5.00 -40.11
N ASP O 89 15.88 -4.52 -39.88
CA ASP O 89 14.72 -5.10 -40.52
C ASP O 89 14.72 -4.68 -41.97
N PRO O 90 14.97 -5.58 -42.93
CA PRO O 90 15.06 -5.16 -44.33
C PRO O 90 13.71 -4.83 -44.95
N CYS O 91 12.61 -5.14 -44.26
CA CYS O 91 11.30 -4.79 -44.77
C CYS O 91 11.00 -3.30 -44.61
N VAL O 92 11.63 -2.62 -43.65
CA VAL O 92 11.30 -1.22 -43.44
C VAL O 92 11.90 -0.35 -44.55
N LEU O 93 12.96 -0.83 -45.21
CA LEU O 93 13.50 -0.10 -46.33
C LEU O 93 12.56 -0.13 -47.51
N ARG O 94 12.00 -1.30 -47.80
CA ARG O 94 11.04 -1.38 -48.89
C ARG O 94 9.74 -0.68 -48.52
N LYS O 95 9.43 -0.59 -47.22
CA LYS O 95 8.30 0.20 -46.77
C LYS O 95 8.49 1.67 -47.10
N GLN O 96 9.64 2.24 -46.71
CA GLN O 96 9.90 3.65 -46.98
C GLN O 96 10.04 3.90 -48.47
N LEU O 97 10.59 2.92 -49.20
CA LEU O 97 10.75 3.07 -50.63
C LEU O 97 9.40 3.12 -51.34
N LEU O 98 8.47 2.24 -50.97
CA LEU O 98 7.17 2.27 -51.60
C LEU O 98 6.39 3.51 -51.17
N TYR O 99 6.60 3.97 -49.92
CA TYR O 99 5.96 5.20 -49.49
C TYR O 99 6.45 6.38 -50.31
N GLY O 100 7.74 6.42 -50.59
CA GLY O 100 8.28 7.52 -51.36
C GLY O 100 7.79 7.51 -52.79
N VAL O 101 7.75 6.33 -53.41
CA VAL O 101 7.32 6.31 -54.80
C VAL O 101 5.81 6.50 -54.92
N CYS O 102 5.03 6.08 -53.92
CA CYS O 102 3.60 6.32 -53.99
C CYS O 102 3.26 7.77 -53.68
N LYS O 103 4.01 8.41 -52.79
CA LYS O 103 3.81 9.84 -52.54
C LYS O 103 4.21 10.66 -53.75
N THR O 104 5.27 10.25 -54.45
CA THR O 104 5.64 10.98 -55.66
C THR O 104 4.66 10.74 -56.78
N LEU O 105 4.04 9.55 -56.84
CA LEU O 105 3.00 9.29 -57.83
C LEU O 105 1.74 10.07 -57.54
N PHE O 106 1.24 10.01 -56.31
CA PHE O 106 -0.15 10.30 -56.07
C PHE O 106 -0.46 11.78 -55.98
N ASP O 107 0.54 12.64 -55.86
CA ASP O 107 0.25 14.06 -55.79
C ASP O 107 0.25 14.73 -57.17
N THR O 108 0.39 13.97 -58.25
CA THR O 108 0.67 14.61 -59.53
C THR O 108 -0.59 15.15 -60.21
N ILE O 109 -1.60 14.33 -60.44
CA ILE O 109 -2.69 14.72 -61.32
C ILE O 109 -4.00 14.67 -60.54
N THR O 110 -3.93 15.06 -59.26
CA THR O 110 -5.09 15.03 -58.38
C THR O 110 -6.18 16.01 -58.79
N VAL O 111 -5.86 17.01 -59.62
CA VAL O 111 -6.80 18.09 -59.86
C VAL O 111 -7.65 17.83 -61.12
N ARG O 112 -7.04 17.31 -62.17
CA ARG O 112 -7.75 17.29 -63.45
C ARG O 112 -8.57 16.03 -63.65
N ARG O 113 -7.92 14.86 -63.54
CA ARG O 113 -8.56 13.61 -63.94
C ARG O 113 -9.66 13.18 -62.98
N VAL O 114 -9.67 13.71 -61.75
CA VAL O 114 -10.78 13.40 -60.85
C VAL O 114 -12.06 14.03 -61.37
N ALA O 115 -11.97 15.14 -62.08
CA ALA O 115 -13.13 15.71 -62.75
C ALA O 115 -13.43 14.99 -64.05
N GLU O 116 -12.41 14.60 -64.80
CA GLU O 116 -12.61 14.06 -66.15
C GLU O 116 -13.18 12.65 -66.10
N GLU O 117 -12.63 11.80 -65.25
CA GLU O 117 -13.15 10.45 -65.12
C GLU O 117 -14.50 10.41 -64.40
N TRP O 118 -14.77 11.38 -63.52
CA TRP O 118 -16.13 11.49 -62.98
C TRP O 118 -17.11 11.95 -64.04
N LYS O 119 -16.67 12.85 -64.95
CA LYS O 119 -17.49 13.20 -66.10
C LYS O 119 -17.78 11.97 -66.96
N LEU O 120 -16.77 11.10 -67.13
CA LEU O 120 -16.95 9.88 -67.91
C LEU O 120 -17.95 8.94 -67.25
N HIS O 121 -17.77 8.66 -65.96
CA HIS O 121 -18.69 7.77 -65.25
C HIS O 121 -20.05 8.40 -65.03
N ALA O 122 -20.15 9.72 -65.10
CA ALA O 122 -21.45 10.38 -64.95
C ALA O 122 -22.20 10.36 -66.27
N ALA O 123 -21.53 10.66 -67.38
CA ALA O 123 -22.20 10.62 -68.69
C ALA O 123 -22.49 9.19 -69.11
N LEU O 124 -21.72 8.22 -68.60
CA LEU O 124 -22.06 6.84 -68.86
C LEU O 124 -23.30 6.40 -68.10
N PHE O 125 -23.47 6.88 -66.87
CA PHE O 125 -24.58 6.45 -66.00
C PHE O 125 -25.01 7.63 -65.14
N PRO O 126 -25.87 8.50 -65.66
CA PRO O 126 -26.35 9.65 -64.88
C PRO O 126 -27.59 9.36 -64.05
N TYR O 127 -27.86 8.09 -63.79
CA TYR O 127 -29.11 7.68 -63.15
C TYR O 127 -29.23 8.24 -61.73
N ARG O 128 -30.40 8.78 -61.42
CA ARG O 128 -30.61 9.53 -60.19
C ARG O 128 -32.08 9.55 -59.87
N ALA O 129 -32.44 9.05 -58.68
CA ALA O 129 -33.84 9.08 -58.25
C ALA O 129 -34.14 10.33 -57.45
N LEU O 130 -33.41 10.55 -56.35
CA LEU O 130 -33.66 11.69 -55.48
C LEU O 130 -32.34 12.25 -55.00
N ASP O 131 -32.35 13.54 -54.67
CA ASP O 131 -31.15 14.25 -54.25
C ASP O 131 -31.16 14.58 -52.76
N GLU O 132 -31.82 13.78 -51.93
CA GLU O 132 -31.93 14.11 -50.51
C GLU O 132 -31.02 13.25 -49.65
N GLU O 133 -31.16 11.92 -49.76
CA GLU O 133 -30.35 11.00 -49.00
C GLU O 133 -29.33 10.24 -49.86
N ASP O 134 -29.76 9.76 -51.02
CA ASP O 134 -28.94 8.82 -51.80
C ASP O 134 -27.75 9.49 -52.46
N LEU O 135 -27.75 10.82 -52.58
CA LEU O 135 -26.67 11.49 -53.29
C LEU O 135 -25.36 11.40 -52.52
N GLU O 136 -25.43 11.56 -51.19
CA GLU O 136 -24.23 11.43 -50.38
C GLU O 136 -23.80 9.98 -50.28
N GLN O 137 -24.74 9.04 -50.36
CA GLN O 137 -24.38 7.63 -50.28
C GLN O 137 -23.67 7.17 -51.54
N TYR O 138 -24.20 7.57 -52.71
CA TYR O 138 -23.51 7.34 -53.97
C TYR O 138 -22.16 8.05 -54.00
N LEU O 139 -22.09 9.24 -53.40
CA LEU O 139 -20.85 10.00 -53.30
C LEU O 139 -19.80 9.26 -52.50
N LEU O 140 -20.19 8.73 -51.34
CA LEU O 140 -19.20 8.09 -50.48
C LEU O 140 -18.77 6.74 -51.02
N VAL O 141 -19.70 5.97 -51.60
CA VAL O 141 -19.29 4.71 -52.19
C VAL O 141 -18.49 4.96 -53.47
N TRP O 142 -18.73 6.10 -54.13
CA TRP O 142 -17.93 6.51 -55.27
C TRP O 142 -16.49 6.78 -54.85
N SER O 143 -16.31 7.59 -53.81
CA SER O 143 -14.97 7.91 -53.32
C SER O 143 -14.23 6.67 -52.84
N ALA O 144 -14.94 5.78 -52.14
CA ALA O 144 -14.32 4.56 -51.65
C ALA O 144 -13.94 3.63 -52.78
N SER O 145 -14.77 3.55 -53.82
CA SER O 145 -14.46 2.67 -54.95
C SER O 145 -13.27 3.20 -55.75
N LEU O 146 -13.20 4.51 -55.97
CA LEU O 146 -12.03 5.09 -56.63
C LEU O 146 -10.76 4.84 -55.85
N ARG O 147 -10.79 5.11 -54.54
CA ARG O 147 -9.56 4.99 -53.76
C ARG O 147 -9.12 3.53 -53.62
N GLN O 148 -10.06 2.59 -53.50
CA GLN O 148 -9.63 1.21 -53.42
C GLN O 148 -9.19 0.66 -54.77
N SER O 149 -9.74 1.18 -55.87
CA SER O 149 -9.34 0.68 -57.18
C SER O 149 -7.92 1.12 -57.51
N VAL O 150 -7.62 2.42 -57.32
CA VAL O 150 -6.25 2.85 -57.56
C VAL O 150 -5.32 2.29 -56.49
N GLN O 151 -5.85 2.02 -55.30
CA GLN O 151 -5.09 1.42 -54.22
C GLN O 151 -4.59 0.04 -54.60
N THR O 152 -5.52 -0.84 -54.99
CA THR O 152 -5.09 -2.19 -55.35
C THR O 152 -4.37 -2.23 -56.68
N GLY O 153 -4.58 -1.25 -57.57
CA GLY O 153 -3.81 -1.19 -58.79
C GLY O 153 -2.34 -0.91 -58.55
N VAL O 154 -2.06 0.21 -57.87
CA VAL O 154 -0.67 0.51 -57.57
C VAL O 154 -0.12 -0.43 -56.52
N LEU O 155 -0.96 -1.08 -55.72
CA LEU O 155 -0.46 -2.04 -54.75
C LEU O 155 0.03 -3.30 -55.44
N GLY O 156 -0.73 -3.77 -56.44
CA GLY O 156 -0.25 -4.88 -57.25
C GLY O 156 0.98 -4.52 -58.05
N ALA O 157 1.03 -3.29 -58.55
CA ALA O 157 2.19 -2.84 -59.33
C ALA O 157 3.45 -2.79 -58.48
N LEU O 158 3.39 -2.10 -57.34
CA LEU O 158 4.53 -1.98 -56.45
C LEU O 158 4.86 -3.32 -55.82
N ARG O 159 3.86 -4.15 -55.55
CA ARG O 159 4.10 -5.47 -54.98
C ARG O 159 4.88 -6.35 -55.94
N ASP O 160 4.52 -6.33 -57.23
CA ASP O 160 5.24 -7.14 -58.20
C ASP O 160 6.65 -6.62 -58.43
N ILE O 161 6.79 -5.31 -58.68
CA ILE O 161 8.12 -4.77 -58.97
C ILE O 161 9.01 -4.70 -57.74
N LEU O 162 8.45 -4.84 -56.54
CA LEU O 162 9.26 -4.92 -55.34
C LEU O 162 9.65 -6.36 -55.04
N TYR O 163 8.67 -7.27 -55.02
CA TYR O 163 8.96 -8.66 -54.69
C TYR O 163 9.79 -9.36 -55.74
N GLN O 164 9.86 -8.82 -56.96
CA GLN O 164 10.77 -9.44 -57.92
C GLN O 164 12.22 -9.09 -57.61
N TYR O 165 12.55 -7.82 -57.44
CA TYR O 165 13.96 -7.45 -57.46
C TYR O 165 14.32 -6.41 -56.41
N ALA O 166 13.67 -6.41 -55.25
CA ALA O 166 14.15 -5.59 -54.17
C ALA O 166 14.80 -6.39 -53.05
N ASP O 167 14.85 -7.71 -53.17
CA ASP O 167 15.49 -8.53 -52.14
C ASP O 167 16.99 -8.70 -52.41
N ASN O 168 17.67 -7.58 -52.57
CA ASN O 168 19.12 -7.57 -52.44
C ASN O 168 19.54 -7.63 -50.98
N ASP O 169 18.63 -7.26 -50.06
CA ASP O 169 18.75 -7.30 -48.59
C ASP O 169 20.08 -6.74 -48.07
N ASP O 170 20.61 -5.75 -48.76
CA ASP O 170 21.88 -5.14 -48.39
C ASP O 170 21.75 -4.17 -47.24
N TYR O 171 20.53 -3.83 -46.85
CA TYR O 171 20.30 -2.95 -45.71
C TYR O 171 20.83 -3.57 -44.43
N GLY O 172 20.67 -4.89 -44.31
CA GLY O 172 21.09 -5.60 -43.12
C GLY O 172 22.58 -5.69 -42.94
N LEU O 173 23.34 -5.38 -43.98
CA LEU O 173 24.79 -5.25 -43.88
C LEU O 173 25.21 -3.79 -43.86
N TYR O 174 24.43 -2.94 -44.51
CA TYR O 174 24.70 -1.51 -44.49
C TYR O 174 24.62 -0.97 -43.09
N VAL O 175 23.70 -1.49 -42.29
CA VAL O 175 23.62 -0.99 -40.93
C VAL O 175 24.81 -1.47 -40.12
N ASP O 176 25.45 -2.59 -40.51
CA ASP O 176 26.64 -3.00 -39.77
C ASP O 176 27.81 -2.08 -40.10
N TRP O 177 28.06 -1.84 -41.38
CA TRP O 177 29.16 -0.92 -41.67
C TRP O 177 28.84 0.53 -41.33
N CYS O 178 27.59 0.87 -41.07
CA CYS O 178 27.30 2.20 -40.57
C CYS O 178 27.35 2.25 -39.05
N VAL O 179 27.27 1.11 -38.37
CA VAL O 179 27.32 1.12 -36.92
C VAL O 179 28.70 0.75 -36.38
N THR O 180 29.56 0.10 -37.17
CA THR O 180 30.79 -0.39 -36.59
C THR O 180 32.04 0.28 -37.14
N VAL O 181 32.00 0.88 -38.31
CA VAL O 181 33.16 1.56 -38.87
C VAL O 181 32.73 2.92 -39.41
N GLY O 182 31.43 3.10 -39.56
CA GLY O 182 30.91 4.37 -40.01
C GLY O 182 31.07 4.65 -41.48
N LEU O 183 31.39 3.63 -42.28
CA LEU O 183 31.58 3.82 -43.71
C LEU O 183 31.38 2.49 -44.42
N VAL O 184 30.77 2.56 -45.60
CA VAL O 184 30.31 1.37 -46.30
C VAL O 184 31.16 1.14 -47.54
N PRO O 185 31.82 -0.01 -47.66
CA PRO O 185 32.34 -0.42 -48.96
C PRO O 185 31.20 -0.97 -49.80
N LEU O 186 31.28 -0.71 -51.10
CA LEU O 186 30.21 -1.12 -52.00
C LEU O 186 30.75 -1.13 -53.41
N LEU O 187 30.38 -2.15 -54.18
CA LEU O 187 30.87 -2.34 -55.54
C LEU O 187 29.73 -2.10 -56.51
N ASP O 188 29.89 -1.12 -57.38
CA ASP O 188 28.84 -0.71 -58.31
C ASP O 188 28.76 -1.76 -59.40
N VAL O 189 27.86 -2.73 -59.21
CA VAL O 189 27.71 -3.80 -60.17
C VAL O 189 26.93 -3.31 -61.38
N LYS O 190 27.54 -3.43 -62.55
CA LYS O 190 26.91 -3.05 -63.81
C LYS O 190 26.93 -4.24 -64.76
N THR O 191 26.01 -4.22 -65.72
CA THR O 191 25.84 -5.31 -66.66
C THR O 191 25.77 -4.74 -68.07
N LYS O 192 25.38 -5.59 -69.01
CA LYS O 192 25.17 -5.15 -70.38
C LYS O 192 23.93 -4.25 -70.43
N PRO O 193 23.85 -3.33 -71.41
CA PRO O 193 22.68 -2.45 -71.48
C PRO O 193 21.40 -3.12 -71.93
N SER O 194 21.44 -4.40 -72.33
CA SER O 194 20.23 -5.13 -72.68
C SER O 194 19.35 -5.34 -71.47
N GLU O 195 19.95 -5.57 -70.31
CA GLU O 195 19.21 -5.89 -69.09
C GLU O 195 18.36 -4.71 -68.62
N ALA O 196 18.72 -3.49 -69.00
CA ALA O 196 17.83 -2.35 -68.84
C ALA O 196 16.56 -2.53 -69.66
N ALA O 197 16.67 -3.07 -70.87
CA ALA O 197 15.47 -3.33 -71.65
C ALA O 197 14.69 -4.52 -71.10
N GLU O 198 15.36 -5.47 -70.44
CA GLU O 198 14.62 -6.49 -69.71
C GLU O 198 13.86 -5.90 -68.52
N ARG O 199 14.45 -4.94 -67.80
CA ARG O 199 13.71 -4.31 -66.71
C ARG O 199 12.58 -3.45 -67.24
N ALA O 200 12.78 -2.84 -68.41
CA ALA O 200 11.68 -2.14 -69.08
C ALA O 200 10.57 -3.11 -69.46
N GLN O 201 10.94 -4.30 -69.93
CA GLN O 201 9.99 -5.36 -70.24
C GLN O 201 9.20 -5.77 -69.01
N PHE O 202 9.88 -5.91 -67.87
CA PHE O 202 9.22 -6.34 -66.65
C PHE O 202 8.26 -5.29 -66.13
N VAL O 203 8.66 -4.02 -66.14
CA VAL O 203 7.76 -2.99 -65.65
C VAL O 203 6.65 -2.73 -66.66
N ARG O 204 6.88 -3.03 -67.94
CA ARG O 204 5.79 -2.95 -68.89
C ARG O 204 4.79 -4.08 -68.69
N ALA O 205 5.26 -5.25 -68.26
CA ALA O 205 4.32 -6.31 -67.90
C ALA O 205 3.53 -5.95 -66.65
N ALA O 206 4.20 -5.32 -65.68
CA ALA O 206 3.51 -4.87 -64.47
C ALA O 206 2.47 -3.79 -64.79
N VAL O 207 2.77 -2.89 -65.72
CA VAL O 207 1.77 -1.89 -66.06
C VAL O 207 0.72 -2.49 -67.01
N GLN O 208 0.98 -3.65 -67.61
CA GLN O 208 -0.11 -4.36 -68.28
C GLN O 208 -1.06 -4.96 -67.25
N ARG O 209 -0.52 -5.44 -66.12
CA ARG O 209 -1.39 -5.83 -65.02
C ARG O 209 -2.18 -4.65 -64.48
N ALA O 210 -1.54 -3.48 -64.43
CA ALA O 210 -2.26 -2.26 -64.06
C ALA O 210 -3.30 -1.87 -65.11
N THR O 211 -3.04 -2.16 -66.38
CA THR O 211 -3.99 -1.89 -67.46
C THR O 211 -5.24 -2.73 -67.30
N GLU O 212 -5.07 -4.02 -67.02
CA GLU O 212 -6.25 -4.83 -66.76
C GLU O 212 -6.82 -4.59 -65.37
N THR O 213 -6.13 -3.84 -64.51
CA THR O 213 -6.71 -3.47 -63.23
C THR O 213 -7.65 -2.27 -63.35
N HIS O 214 -7.10 -1.12 -63.75
CA HIS O 214 -7.85 0.13 -63.68
C HIS O 214 -7.22 1.18 -64.58
N PRO O 215 -8.01 2.03 -65.25
CA PRO O 215 -7.43 3.00 -66.18
C PRO O 215 -6.72 4.17 -65.54
N LEU O 216 -7.20 4.68 -64.40
CA LEU O 216 -6.56 5.85 -63.80
C LEU O 216 -5.21 5.48 -63.19
N ALA O 217 -5.11 4.28 -62.64
CA ALA O 217 -3.85 3.83 -62.07
C ALA O 217 -2.81 3.62 -63.15
N GLN O 218 -3.20 3.03 -64.29
CA GLN O 218 -2.24 2.88 -65.38
C GLN O 218 -1.95 4.21 -66.05
N ASP O 219 -2.85 5.19 -65.93
CA ASP O 219 -2.49 6.54 -66.34
C ASP O 219 -1.40 7.11 -65.45
N LEU O 220 -1.49 6.89 -64.13
CA LEU O 220 -0.44 7.31 -63.22
C LEU O 220 0.90 6.63 -63.51
N LEU O 221 0.86 5.33 -63.78
CA LEU O 221 2.11 4.63 -64.06
C LEU O 221 2.65 4.95 -65.44
N GLN O 222 1.78 5.23 -66.42
CA GLN O 222 2.27 5.67 -67.70
C GLN O 222 2.74 7.12 -67.65
N ALA O 223 2.39 7.85 -66.59
CA ALA O 223 2.98 9.16 -66.37
C ALA O 223 4.37 9.04 -65.76
N ASN O 224 4.55 8.17 -64.76
CA ASN O 224 5.78 8.18 -63.99
C ASN O 224 6.62 6.90 -64.14
N LEU O 225 6.44 6.16 -65.24
CA LEU O 225 7.25 4.97 -65.46
C LEU O 225 8.72 5.31 -65.70
N ALA O 226 9.01 6.53 -66.13
CA ALA O 226 10.40 6.93 -66.36
C ALA O 226 11.19 6.93 -65.07
N LEU O 227 10.68 7.65 -64.06
CA LEU O 227 11.36 7.64 -62.77
C LEU O 227 11.18 6.31 -62.05
N LEU O 228 10.14 5.54 -62.40
CA LEU O 228 10.07 4.18 -61.88
C LEU O 228 11.19 3.30 -62.42
N LEU O 229 11.51 3.44 -63.71
CA LEU O 229 12.68 2.76 -64.25
C LEU O 229 13.97 3.27 -63.63
N GLN O 230 14.00 4.56 -63.29
CA GLN O 230 15.19 5.12 -62.64
C GLN O 230 15.43 4.49 -61.27
N VAL O 231 14.38 4.40 -60.46
CA VAL O 231 14.54 3.82 -59.13
C VAL O 231 14.69 2.30 -59.20
N ALA O 232 14.12 1.65 -60.22
CA ALA O 232 14.32 0.22 -60.39
C ALA O 232 15.75 -0.09 -60.80
N GLU O 233 16.35 0.77 -61.62
CA GLU O 233 17.73 0.58 -61.98
C GLU O 233 18.66 0.89 -60.80
N ARG O 234 18.39 1.98 -60.08
CA ARG O 234 19.26 2.34 -58.96
C ARG O 234 19.12 1.36 -57.80
N LEU O 235 18.03 0.61 -57.74
CA LEU O 235 17.88 -0.37 -56.69
C LEU O 235 18.75 -1.59 -56.95
N GLY O 236 18.81 -2.04 -58.20
CA GLY O 236 19.74 -3.11 -58.53
C GLY O 236 21.11 -2.63 -58.94
N ALA O 237 21.48 -1.41 -58.57
CA ALA O 237 22.70 -0.81 -59.10
C ALA O 237 23.93 -1.27 -58.35
N VAL O 238 23.80 -1.60 -57.07
CA VAL O 238 24.97 -1.82 -56.23
C VAL O 238 24.68 -2.94 -55.25
N ARG O 239 25.74 -3.51 -54.72
CA ARG O 239 25.67 -4.39 -53.56
C ARG O 239 26.33 -3.68 -52.39
N VAL O 240 26.50 -4.41 -51.30
CA VAL O 240 27.04 -3.88 -50.06
C VAL O 240 28.49 -4.31 -49.85
N ALA O 241 29.13 -4.81 -50.90
CA ALA O 241 30.47 -5.42 -50.89
C ALA O 241 30.54 -6.58 -49.89
N ASN O 242 29.57 -7.48 -49.99
CA ASN O 242 29.61 -8.71 -49.19
C ASN O 242 30.37 -9.77 -49.97
N ALA O 243 31.69 -9.68 -49.91
CA ALA O 243 32.57 -10.58 -50.63
C ALA O 243 33.86 -10.74 -49.85
N PRO O 244 34.49 -11.90 -49.92
CA PRO O 244 35.79 -12.08 -49.28
C PRO O 244 36.88 -11.30 -50.00
N GLU O 245 38.00 -11.12 -49.30
CA GLU O 245 39.18 -10.41 -49.78
C GLU O 245 38.87 -8.97 -50.18
N VAL O 246 38.09 -8.29 -49.34
CA VAL O 246 37.84 -6.87 -49.51
C VAL O 246 38.62 -6.16 -48.41
N ARG O 247 39.01 -4.92 -48.67
CA ARG O 247 39.89 -4.21 -47.76
C ARG O 247 39.74 -2.72 -47.95
N VAL O 248 39.80 -1.98 -46.85
CA VAL O 248 39.80 -0.53 -46.88
C VAL O 248 40.95 -0.04 -46.00
N PHE O 249 41.56 1.06 -46.41
CA PHE O 249 42.72 1.62 -45.77
C PHE O 249 42.72 3.13 -45.93
N LYS O 250 43.54 3.79 -45.13
CA LYS O 250 43.69 5.23 -45.15
C LYS O 250 45.13 5.56 -45.52
N LYS O 251 45.31 6.22 -46.66
CA LYS O 251 46.65 6.61 -47.08
C LYS O 251 47.15 7.77 -46.23
N VAL O 252 48.33 7.58 -45.61
CA VAL O 252 48.81 8.56 -44.65
C VAL O 252 49.29 9.84 -45.33
N ARG O 253 49.65 9.78 -46.62
CA ARG O 253 50.18 10.96 -47.29
C ARG O 253 49.07 11.94 -47.64
N SER O 254 47.92 11.43 -48.07
CA SER O 254 46.73 12.22 -48.27
C SER O 254 45.55 11.43 -47.75
N GLU O 255 44.86 11.97 -46.75
CA GLU O 255 43.77 11.26 -46.08
C GLU O 255 42.56 11.22 -47.01
N ARG O 256 42.64 10.34 -47.99
CA ARG O 256 41.62 10.13 -49.00
C ARG O 256 41.30 8.65 -49.07
N LEU O 257 41.01 8.09 -47.90
CA LEU O 257 40.82 6.67 -47.64
C LEU O 257 39.83 6.04 -48.61
N GLU O 258 40.25 4.92 -49.20
CA GLU O 258 39.50 4.29 -50.27
C GLU O 258 39.67 2.78 -50.17
N ALA O 259 38.68 2.05 -50.67
CA ALA O 259 38.67 0.59 -50.56
C ALA O 259 39.06 -0.04 -51.89
N GLN O 260 39.66 -1.22 -51.81
CA GLN O 260 39.86 -2.04 -52.99
C GLN O 260 39.28 -3.42 -52.74
N LEU O 261 38.75 -4.02 -53.81
CA LEU O 261 38.26 -5.39 -53.78
C LEU O 261 39.22 -6.21 -54.64
N ARG O 262 40.11 -6.95 -53.96
CA ARG O 262 41.02 -7.92 -54.58
C ARG O 262 41.92 -7.26 -55.63
N GLY O 263 42.34 -6.03 -55.34
CA GLY O 263 43.16 -5.29 -56.26
C GLY O 263 42.42 -4.32 -57.16
N LYS O 264 41.09 -4.38 -57.21
CA LYS O 264 40.29 -3.48 -58.01
C LYS O 264 39.76 -2.37 -57.13
N HIS O 265 40.02 -1.12 -57.50
CA HIS O 265 39.55 0.02 -56.72
C HIS O 265 38.03 0.13 -56.79
N ILE O 266 37.41 0.35 -55.64
CA ILE O 266 35.98 0.55 -55.55
C ILE O 266 35.73 1.82 -54.75
N ARG O 267 34.64 2.49 -55.09
CA ARG O 267 34.24 3.68 -54.35
C ARG O 267 33.59 3.27 -53.04
N LEU O 268 33.48 4.24 -52.13
CA LEU O 268 32.87 3.97 -50.84
C LEU O 268 32.28 5.26 -50.28
N TYR O 269 31.24 5.10 -49.47
CA TYR O 269 30.59 6.23 -48.84
C TYR O 269 31.04 6.29 -47.39
N VAL O 270 31.75 7.35 -47.03
CA VAL O 270 32.16 7.58 -45.67
C VAL O 270 31.12 8.45 -44.97
N ALA O 271 30.64 8.00 -43.83
CA ALA O 271 29.74 8.82 -43.04
C ALA O 271 30.41 9.42 -41.82
N ALA O 272 31.49 8.79 -41.35
CA ALA O 272 32.19 9.28 -40.17
C ALA O 272 33.67 9.01 -40.34
N GLU O 273 34.44 10.06 -40.63
CA GLU O 273 35.89 9.93 -40.68
C GLU O 273 36.43 9.66 -39.28
N PRO O 274 37.12 8.57 -39.06
CA PRO O 274 37.68 8.30 -37.73
C PRO O 274 38.81 9.26 -37.43
N LEU O 275 39.08 9.42 -36.15
CA LEU O 275 40.14 10.30 -35.72
C LEU O 275 41.48 9.61 -35.90
N ALA O 276 42.43 10.33 -36.50
CA ALA O 276 43.73 9.77 -36.86
C ALA O 276 44.83 10.68 -36.35
N TYR O 277 45.81 10.11 -35.65
CA TYR O 277 46.84 10.90 -34.98
C TYR O 277 48.18 10.18 -35.16
N GLU O 278 49.18 10.60 -34.35
CA GLU O 278 50.48 9.93 -34.37
C GLU O 278 50.37 8.52 -33.80
N ARG O 279 49.33 8.26 -33.02
CA ARG O 279 48.85 6.89 -32.84
C ARG O 279 48.54 6.34 -34.22
N ASP O 280 49.36 5.38 -34.68
CA ASP O 280 49.21 4.84 -36.01
C ASP O 280 47.89 4.10 -36.16
N LYS O 281 47.52 3.31 -35.16
CA LYS O 281 46.16 2.83 -35.09
C LYS O 281 45.24 4.01 -34.80
N LEU O 282 44.06 3.98 -35.38
CA LEU O 282 43.13 5.10 -35.29
C LEU O 282 41.87 4.66 -34.59
N LEU O 283 41.29 5.58 -33.83
CA LEU O 283 40.09 5.30 -33.05
C LEU O 283 38.87 5.75 -33.84
N PHE O 284 37.82 4.94 -33.81
CA PHE O 284 36.56 5.27 -34.46
C PHE O 284 35.63 5.96 -33.48
N THR O 285 34.70 6.72 -34.02
CA THR O 285 33.69 7.39 -33.22
C THR O 285 32.36 6.67 -33.24
N THR O 286 32.35 5.43 -33.68
CA THR O 286 31.12 4.73 -33.92
C THR O 286 30.56 4.14 -32.63
N PRO O 287 29.27 3.80 -32.59
CA PRO O 287 28.72 3.22 -31.36
C PRO O 287 29.29 1.88 -30.93
N VAL O 288 29.56 0.95 -31.86
CA VAL O 288 30.00 -0.37 -31.42
C VAL O 288 31.41 -0.32 -30.87
N ALA O 289 32.26 0.55 -31.40
CA ALA O 289 33.59 0.69 -30.84
C ALA O 289 33.59 1.39 -29.50
N HIS O 290 32.47 2.02 -29.11
CA HIS O 290 32.42 2.64 -27.80
C HIS O 290 32.28 1.60 -26.69
N LEU O 291 31.82 0.40 -27.02
CA LEU O 291 31.62 -0.61 -25.98
C LEU O 291 32.35 -1.92 -26.29
N HIS O 292 33.40 -1.87 -27.10
CA HIS O 292 34.08 -3.11 -27.48
C HIS O 292 34.84 -3.72 -26.31
N GLU O 293 35.54 -2.88 -25.54
CA GLU O 293 36.34 -3.36 -24.42
C GLU O 293 35.47 -4.04 -23.37
N GLU O 294 34.29 -3.50 -23.12
CA GLU O 294 33.46 -4.02 -22.05
C GLU O 294 32.89 -5.39 -22.40
N ILE O 295 32.49 -5.59 -23.64
CA ILE O 295 32.01 -6.91 -24.00
C ILE O 295 33.15 -7.90 -24.18
N LEU O 296 34.37 -7.41 -24.45
CA LEU O 296 35.52 -8.31 -24.39
C LEU O 296 35.79 -8.76 -22.97
N ARG O 297 35.60 -7.85 -22.01
CA ARG O 297 35.66 -8.21 -20.60
C ARG O 297 34.59 -9.23 -20.25
N TYR O 298 33.40 -9.09 -20.84
CA TYR O 298 32.35 -10.06 -20.61
C TYR O 298 32.73 -11.43 -21.13
N ASP O 299 33.28 -11.52 -22.33
CA ASP O 299 33.64 -12.83 -22.86
C ASP O 299 34.81 -13.44 -22.10
N GLY O 300 35.74 -12.59 -21.64
CA GLY O 300 36.80 -13.07 -20.78
C GLY O 300 36.27 -13.63 -19.48
N LEU O 301 35.23 -13.00 -18.94
CA LEU O 301 34.60 -13.53 -17.75
C LEU O 301 33.85 -14.82 -18.03
N CYS O 302 33.30 -14.96 -19.23
CA CYS O 302 32.63 -16.20 -19.59
C CYS O 302 33.62 -17.36 -19.66
N ARG O 303 34.78 -17.13 -20.27
CA ARG O 303 35.81 -18.15 -20.31
C ARG O 303 36.36 -18.45 -18.92
N HIS O 304 36.53 -17.41 -18.10
CA HIS O 304 37.05 -17.59 -16.76
C HIS O 304 36.09 -18.38 -15.89
N GLN O 305 34.80 -18.10 -16.02
CA GLN O 305 33.80 -18.84 -15.28
C GLN O 305 33.69 -20.27 -15.77
N LYS O 306 33.87 -20.49 -17.07
CA LYS O 306 33.83 -21.86 -17.58
C LYS O 306 35.01 -22.67 -17.05
N ILE O 307 36.17 -22.05 -16.96
CA ILE O 307 37.31 -22.79 -16.41
C ILE O 307 37.16 -23.03 -14.93
N CYS O 308 36.84 -21.99 -14.15
CA CYS O 308 36.71 -22.16 -12.71
C CYS O 308 35.47 -22.95 -12.30
N GLN O 309 34.58 -23.24 -13.25
CA GLN O 309 33.60 -24.29 -13.01
C GLN O 309 34.19 -25.65 -13.37
N LEU O 310 34.89 -25.73 -14.50
CA LEU O 310 35.46 -26.99 -15.00
C LEU O 310 36.66 -27.48 -14.21
N LEU O 311 37.14 -26.73 -13.23
CA LEU O 311 38.31 -27.14 -12.48
C LEU O 311 37.97 -27.46 -11.03
N ASN O 312 36.73 -27.25 -10.61
CA ASN O 312 36.27 -27.56 -9.27
C ASN O 312 35.29 -28.73 -9.26
N THR O 313 35.33 -29.60 -10.27
CA THR O 313 34.28 -30.59 -10.44
C THR O 313 34.42 -31.73 -9.43
N PHE O 314 35.62 -32.10 -9.09
CA PHE O 314 35.79 -33.17 -8.13
C PHE O 314 35.49 -32.66 -6.71
N PRO O 315 35.01 -33.54 -5.82
CA PRO O 315 34.72 -33.10 -4.45
C PRO O 315 35.97 -32.77 -3.65
N VAL O 316 36.96 -33.64 -3.67
CA VAL O 316 38.15 -33.44 -2.84
C VAL O 316 39.31 -33.06 -3.73
N LYS O 317 40.30 -32.43 -3.12
CA LYS O 317 41.57 -32.13 -3.76
C LYS O 317 42.68 -32.54 -2.81
N VAL O 318 43.71 -33.17 -3.35
CA VAL O 318 44.84 -33.61 -2.54
C VAL O 318 46.09 -32.95 -3.07
N VAL O 319 47.14 -32.94 -2.26
CA VAL O 319 48.46 -32.49 -2.68
C VAL O 319 49.43 -33.64 -2.45
N THR O 320 50.49 -33.70 -3.26
CA THR O 320 51.55 -34.65 -3.03
C THR O 320 52.85 -34.22 -3.70
N ASP O 488 25.95 -35.72 -25.52
CA ASP O 488 26.30 -36.71 -24.51
C ASP O 488 25.23 -36.78 -23.43
N ALA O 489 24.08 -37.36 -23.76
CA ALA O 489 22.98 -37.51 -22.84
C ALA O 489 22.95 -38.89 -22.19
N GLU O 490 24.11 -39.54 -22.08
CA GLU O 490 24.16 -40.93 -21.67
C GLU O 490 23.96 -41.09 -20.17
N LEU O 491 23.99 -39.99 -19.42
CA LEU O 491 23.75 -40.07 -17.98
C LEU O 491 22.27 -40.22 -17.67
N TYR O 492 21.40 -39.66 -18.50
CA TYR O 492 19.99 -39.54 -18.17
C TYR O 492 19.27 -40.88 -18.24
N HIS O 493 19.38 -41.56 -19.39
CA HIS O 493 18.62 -42.78 -19.62
C HIS O 493 19.08 -43.91 -18.70
N LEU O 494 20.35 -43.90 -18.35
CA LEU O 494 20.93 -45.00 -17.61
C LEU O 494 20.48 -44.96 -16.16
N PRO O 495 20.02 -46.08 -15.59
CA PRO O 495 19.70 -46.11 -14.15
C PRO O 495 20.93 -45.91 -13.29
N VAL O 496 20.69 -45.60 -12.01
CA VAL O 496 21.71 -44.98 -11.17
C VAL O 496 22.81 -45.95 -10.77
N LEU O 497 22.56 -47.27 -10.84
CA LEU O 497 23.54 -48.25 -10.42
C LEU O 497 24.77 -48.27 -11.30
N GLU O 498 24.60 -48.17 -12.62
CA GLU O 498 25.74 -48.05 -13.52
C GLU O 498 26.09 -46.58 -13.78
N ALA O 499 25.16 -45.68 -13.51
CA ALA O 499 25.45 -44.25 -13.64
C ALA O 499 26.49 -43.79 -12.64
N VAL O 500 26.39 -44.25 -11.38
CA VAL O 500 27.41 -43.87 -10.41
C VAL O 500 28.73 -44.57 -10.71
N ARG O 501 28.69 -45.67 -11.44
CA ARG O 501 29.91 -46.34 -11.86
C ARG O 501 30.61 -45.57 -12.96
N LYS O 502 29.85 -45.12 -13.95
CA LYS O 502 30.43 -44.32 -15.02
C LYS O 502 30.81 -42.93 -14.56
N ALA O 503 30.19 -42.44 -13.49
CA ALA O 503 30.53 -41.12 -12.98
C ALA O 503 31.93 -41.07 -12.39
N ARG O 504 32.36 -42.14 -11.72
CA ARG O 504 33.68 -42.12 -11.07
C ARG O 504 34.80 -42.17 -12.08
N ASP O 505 34.68 -42.99 -13.12
CA ASP O 505 35.65 -42.99 -14.19
C ASP O 505 35.48 -41.82 -15.14
N ALA O 506 34.32 -41.15 -15.11
CA ALA O 506 34.12 -39.99 -15.94
C ALA O 506 34.90 -38.78 -15.44
N ALA O 507 35.25 -38.77 -14.16
CA ALA O 507 36.08 -37.73 -13.56
C ALA O 507 37.12 -38.43 -12.70
N PRO O 508 38.28 -38.75 -13.26
CA PRO O 508 39.28 -39.48 -12.49
C PRO O 508 39.93 -38.60 -11.43
N PHE O 509 40.13 -39.21 -10.27
CA PHE O 509 40.80 -38.56 -9.16
C PHE O 509 42.27 -38.41 -9.53
N ARG O 510 42.75 -37.18 -9.58
CA ARG O 510 44.15 -36.96 -9.93
C ARG O 510 44.84 -36.16 -8.84
N PRO O 511 45.96 -36.62 -8.34
CA PRO O 511 46.75 -35.81 -7.40
C PRO O 511 47.63 -34.80 -8.10
N LEU O 512 48.49 -34.11 -7.35
CA LEU O 512 49.36 -33.10 -7.92
C LEU O 512 50.63 -32.98 -7.09
N ALA O 513 51.78 -32.91 -7.75
CA ALA O 513 53.03 -33.19 -7.08
C ALA O 513 54.18 -32.38 -7.68
N VAL O 514 55.05 -31.90 -6.80
CA VAL O 514 56.33 -31.28 -7.16
C VAL O 514 57.34 -31.67 -6.09
N GLU O 515 58.55 -32.09 -6.50
CA GLU O 515 59.59 -32.49 -5.56
C GLU O 515 60.04 -31.30 -4.72
N ASP O 516 60.28 -31.55 -3.43
CA ASP O 516 60.95 -30.62 -2.53
C ASP O 516 61.62 -31.41 -1.42
N ASN O 517 62.74 -30.88 -0.93
CA ASN O 517 63.54 -31.54 0.09
C ASN O 517 63.34 -30.86 1.44
N ARG O 518 63.03 -31.66 2.47
CA ARG O 518 62.90 -31.28 3.86
C ARG O 518 61.85 -30.20 4.12
N LEU O 519 60.91 -29.98 3.19
CA LEU O 519 60.03 -28.83 3.24
C LEU O 519 58.80 -29.12 2.38
N VAL O 520 57.63 -29.08 3.01
CA VAL O 520 56.36 -29.45 2.39
C VAL O 520 55.46 -28.23 2.58
N ALA O 521 54.19 -28.35 2.20
CA ALA O 521 53.33 -27.19 2.10
C ALA O 521 52.60 -26.88 3.39
N ASN O 522 52.26 -25.61 3.55
CA ASN O 522 51.22 -25.16 4.48
C ASN O 522 50.14 -24.47 3.65
N SER O 523 49.19 -25.25 3.17
CA SER O 523 48.42 -24.87 1.99
C SER O 523 47.13 -24.15 2.36
N PHE O 524 46.48 -23.61 1.34
CA PHE O 524 45.21 -22.92 1.49
C PHE O 524 44.33 -23.25 0.30
N PHE O 525 43.03 -23.09 0.49
CA PHE O 525 42.05 -23.51 -0.50
C PHE O 525 41.10 -22.36 -0.80
N SER O 526 40.75 -22.23 -2.08
CA SER O 526 39.86 -21.18 -2.56
C SER O 526 38.75 -21.84 -3.36
N GLN O 527 37.53 -21.35 -3.20
CA GLN O 527 36.37 -21.88 -3.91
C GLN O 527 35.49 -20.69 -4.28
N PHE O 528 35.51 -20.33 -5.56
CA PHE O 528 34.58 -19.34 -6.06
C PHE O 528 34.42 -19.52 -7.56
N VAL O 529 33.35 -18.92 -8.08
CA VAL O 529 33.20 -18.70 -9.51
C VAL O 529 32.82 -17.23 -9.64
N PRO O 530 33.13 -16.56 -10.74
CA PRO O 530 32.75 -15.15 -10.85
C PRO O 530 31.27 -14.98 -11.15
N GLY O 531 30.71 -13.91 -10.59
CA GLY O 531 29.31 -13.62 -10.81
C GLY O 531 29.06 -13.00 -12.17
N THR O 532 28.25 -13.66 -13.01
CA THR O 532 28.04 -13.15 -14.35
C THR O 532 26.87 -12.19 -14.41
N GLU O 533 25.94 -12.28 -13.46
CA GLU O 533 24.69 -11.54 -13.59
C GLU O 533 24.89 -10.06 -13.33
N SER O 534 25.92 -9.69 -12.58
CA SER O 534 26.15 -8.28 -12.27
C SER O 534 26.54 -7.50 -13.50
N LEU O 535 27.66 -7.88 -14.13
CA LEU O 535 28.01 -7.22 -15.36
C LEU O 535 27.13 -7.63 -16.52
N GLU O 536 26.35 -8.70 -16.39
CA GLU O 536 25.36 -9.02 -17.42
C GLU O 536 24.25 -7.98 -17.44
N ARG O 537 23.72 -7.65 -16.26
CA ARG O 537 22.77 -6.56 -16.15
C ARG O 537 23.40 -5.24 -16.56
N PHE O 538 24.66 -5.04 -16.18
CA PHE O 538 25.34 -3.79 -16.53
C PHE O 538 25.57 -3.68 -18.03
N LEU O 539 25.95 -4.76 -18.69
CA LEU O 539 26.19 -4.72 -20.12
C LEU O 539 24.90 -4.60 -20.91
N THR O 540 23.83 -5.25 -20.46
CA THR O 540 22.56 -5.08 -21.16
C THR O 540 22.03 -3.68 -20.99
N GLN O 541 22.21 -3.09 -19.80
CA GLN O 541 21.80 -1.70 -19.60
C GLN O 541 22.63 -0.76 -20.46
N LEU O 542 23.94 -1.04 -20.56
CA LEU O 542 24.83 -0.25 -21.39
C LEU O 542 24.46 -0.33 -22.86
N TRP O 543 24.22 -1.55 -23.34
CA TRP O 543 23.83 -1.76 -24.72
C TRP O 543 22.49 -1.09 -25.01
N GLU O 544 21.56 -1.18 -24.05
CA GLU O 544 20.21 -0.66 -24.21
C GLU O 544 20.22 0.85 -24.29
N ASN O 545 20.79 1.53 -23.29
CA ASN O 545 20.77 2.97 -23.36
C ASN O 545 21.72 3.50 -24.44
N GLU O 546 22.71 2.71 -24.87
CA GLU O 546 23.54 3.15 -25.98
C GLU O 546 22.73 3.20 -27.26
N TYR O 547 22.04 2.11 -27.60
CA TYR O 547 21.22 2.13 -28.81
C TYR O 547 19.97 2.97 -28.65
N PHE O 548 19.64 3.42 -27.45
CA PHE O 548 18.54 4.36 -27.35
C PHE O 548 19.01 5.79 -27.54
N ARG O 549 20.23 6.11 -27.09
CA ARG O 549 20.69 7.47 -27.36
C ARG O 549 21.12 7.66 -28.81
N THR O 550 21.97 6.77 -29.34
CA THR O 550 22.54 7.12 -30.65
C THR O 550 21.56 6.92 -31.80
N PHE O 551 20.47 6.19 -31.57
CA PHE O 551 19.31 6.25 -32.45
C PHE O 551 18.10 6.28 -31.53
N ARG O 552 17.23 7.25 -31.70
CA ARG O 552 16.16 7.44 -30.73
C ARG O 552 15.05 6.43 -30.97
N LEU O 553 15.34 5.17 -30.65
CA LEU O 553 14.40 4.08 -30.83
C LEU O 553 13.25 4.24 -29.83
N ARG O 554 12.03 4.32 -30.33
CA ARG O 554 10.91 4.49 -29.42
C ARG O 554 10.56 3.18 -28.73
N ARG O 555 9.90 3.30 -27.59
CA ARG O 555 9.38 2.15 -26.84
C ARG O 555 7.88 2.38 -26.63
N LEU O 556 7.09 2.03 -27.63
CA LEU O 556 5.65 2.17 -27.49
C LEU O 556 5.12 1.05 -26.60
N VAL O 557 4.39 1.42 -25.55
CA VAL O 557 3.85 0.45 -24.60
C VAL O 557 2.45 0.88 -24.18
N THR O 558 1.67 -0.09 -23.73
CA THR O 558 0.40 0.20 -23.08
C THR O 558 0.63 0.36 -21.58
N HIS O 559 -0.44 0.69 -20.86
CA HIS O 559 -0.36 0.94 -19.42
C HIS O 559 0.01 -0.35 -18.68
N GLN O 560 0.94 -0.22 -17.73
CA GLN O 560 1.74 -1.27 -17.09
C GLN O 560 2.19 -2.36 -18.07
N GLY O 561 2.55 -1.94 -19.29
CA GLY O 561 2.94 -2.86 -20.33
C GLY O 561 4.45 -2.83 -20.52
N ALA O 562 5.05 -4.01 -20.60
CA ALA O 562 6.50 -4.14 -20.57
C ALA O 562 7.02 -4.38 -21.99
N GLU O 563 7.70 -3.36 -22.54
CA GLU O 563 8.42 -3.34 -23.83
C GLU O 563 7.63 -4.01 -24.95
N GLU O 564 6.49 -3.39 -25.29
CA GLU O 564 5.62 -3.93 -26.32
C GLU O 564 6.29 -3.90 -27.69
N ALA O 565 6.99 -2.82 -28.01
CA ALA O 565 7.65 -2.72 -29.29
C ALA O 565 8.78 -1.72 -29.21
N ILE O 566 9.88 -2.05 -29.89
CA ILE O 566 10.98 -1.12 -30.13
C ILE O 566 11.04 -0.91 -31.63
N VAL O 567 10.89 0.33 -32.07
CA VAL O 567 10.66 0.59 -33.49
C VAL O 567 11.31 1.92 -33.86
N TYR O 568 11.51 2.12 -35.17
CA TYR O 568 12.15 3.30 -35.71
C TYR O 568 11.31 4.54 -35.42
N SER O 569 11.98 5.60 -34.96
CA SER O 569 11.35 6.90 -34.79
C SER O 569 11.95 7.88 -35.78
N ASN O 570 11.60 9.16 -35.60
CA ASN O 570 11.89 10.19 -36.60
C ASN O 570 13.38 10.39 -36.83
N TYR O 571 14.17 10.32 -35.76
CA TYR O 571 15.60 10.54 -35.94
C TYR O 571 16.28 9.33 -36.58
N THR O 572 15.74 8.14 -36.35
CA THR O 572 16.40 6.93 -36.83
C THR O 572 16.37 6.83 -38.34
N VAL O 573 15.22 7.12 -38.94
CA VAL O 573 15.12 7.09 -40.39
C VAL O 573 15.98 8.17 -41.01
N GLU O 574 16.03 9.35 -40.39
CA GLU O 574 16.92 10.42 -40.83
C GLU O 574 18.39 10.02 -40.72
N ARG O 575 18.73 9.16 -39.77
CA ARG O 575 20.14 8.87 -39.60
C ARG O 575 20.59 7.70 -40.48
N VAL O 576 19.74 6.71 -40.75
CA VAL O 576 20.19 5.51 -41.46
C VAL O 576 19.52 5.37 -42.82
N THR O 577 18.23 5.67 -42.96
CA THR O 577 17.58 5.32 -44.21
C THR O 577 17.82 6.39 -45.26
N LEU O 578 17.58 7.65 -44.91
CA LEU O 578 17.84 8.74 -45.83
C LEU O 578 19.29 8.88 -46.28
N PRO O 579 20.33 8.67 -45.47
CA PRO O 579 21.68 8.68 -46.07
C PRO O 579 21.95 7.47 -46.93
N TYR O 580 21.29 6.35 -46.64
CA TYR O 580 21.39 5.17 -47.50
C TYR O 580 20.86 5.49 -48.89
N LEU O 581 19.67 6.06 -48.96
CA LEU O 581 19.13 6.44 -50.25
C LEU O 581 19.82 7.68 -50.82
N CYS O 582 20.56 8.41 -49.99
CA CYS O 582 21.38 9.49 -50.51
C CYS O 582 22.54 8.96 -51.32
N HIS O 583 23.17 7.87 -50.86
CA HIS O 583 24.25 7.33 -51.68
C HIS O 583 23.77 6.30 -52.70
N ILE O 584 22.52 5.83 -52.59
CA ILE O 584 21.89 5.12 -53.70
C ILE O 584 21.32 6.12 -54.70
N LEU O 585 21.21 7.39 -54.29
CA LEU O 585 20.79 8.52 -55.12
C LEU O 585 19.37 8.36 -55.64
N ALA O 586 18.55 7.61 -54.92
CA ALA O 586 17.11 7.66 -55.18
C ALA O 586 16.46 8.84 -54.49
N LEU O 587 17.21 9.57 -53.65
CA LEU O 587 16.66 10.59 -52.77
C LEU O 587 16.16 11.82 -53.50
N GLY O 588 16.53 12.01 -54.77
CA GLY O 588 16.07 13.15 -55.53
C GLY O 588 14.60 13.13 -55.85
N THR O 589 13.92 12.00 -55.66
CA THR O 589 12.49 11.89 -55.86
C THR O 589 11.71 11.52 -54.61
N LEU O 590 12.37 11.18 -53.51
CA LEU O 590 11.71 10.54 -52.37
C LEU O 590 11.70 11.45 -51.15
N ASP O 591 11.22 10.90 -50.04
CA ASP O 591 10.97 11.64 -48.82
C ASP O 591 10.91 10.66 -47.66
N PRO O 592 11.13 11.12 -46.43
CA PRO O 592 10.98 10.21 -45.28
C PRO O 592 9.52 9.89 -45.01
N VAL O 593 9.27 8.64 -44.68
CA VAL O 593 7.98 8.26 -44.14
C VAL O 593 7.97 8.76 -42.70
N PRO O 594 6.87 9.34 -42.22
CA PRO O 594 6.77 9.60 -40.79
C PRO O 594 6.72 8.29 -40.03
N GLU O 595 7.25 8.33 -38.81
CA GLU O 595 7.57 7.10 -38.12
C GLU O 595 6.33 6.38 -37.62
N ALA O 596 5.23 7.11 -37.43
CA ALA O 596 3.98 6.49 -37.03
C ALA O 596 3.42 5.60 -38.14
N TYR O 597 3.73 5.91 -39.40
CA TYR O 597 3.19 5.13 -40.49
C TYR O 597 3.94 3.82 -40.67
N LEU O 598 5.20 3.78 -40.24
CA LEU O 598 6.05 2.64 -40.57
C LEU O 598 5.61 1.39 -39.81
N GLN O 599 4.93 1.56 -38.69
CA GLN O 599 4.41 0.41 -37.98
C GLN O 599 3.20 -0.20 -38.67
N LEU O 600 2.58 0.51 -39.61
CA LEU O 600 1.42 -0.03 -40.29
C LEU O 600 1.84 -1.05 -41.34
N SER O 601 0.86 -1.53 -42.11
CA SER O 601 1.06 -2.69 -42.96
C SER O 601 1.88 -2.36 -44.20
N PHE O 602 2.20 -3.41 -44.95
CA PHE O 602 2.79 -3.25 -46.26
C PHE O 602 1.75 -2.76 -47.26
N GLY O 603 0.50 -3.12 -47.04
CA GLY O 603 -0.54 -2.78 -47.99
C GLY O 603 -1.48 -1.71 -47.51
N GLU O 604 -1.64 -1.57 -46.20
CA GLU O 604 -2.54 -0.56 -45.67
C GLU O 604 -1.88 0.81 -45.63
N ILE O 605 -0.55 0.87 -45.75
CA ILE O 605 0.20 2.11 -45.66
C ILE O 605 -0.18 3.10 -46.76
N VAL O 606 -0.54 2.61 -47.94
CA VAL O 606 -0.84 3.52 -49.03
C VAL O 606 -2.20 4.16 -48.83
N ALA O 607 -3.09 3.48 -48.10
CA ALA O 607 -4.42 4.02 -47.83
C ALA O 607 -4.36 5.25 -46.94
N ALA O 608 -3.33 5.33 -46.10
CA ALA O 608 -3.07 6.57 -45.40
C ALA O 608 -2.11 7.46 -46.16
N ALA O 609 -1.31 6.90 -47.07
CA ALA O 609 -0.29 7.68 -47.73
C ALA O 609 -0.87 8.64 -48.75
N TYR O 610 -1.72 8.15 -49.64
CA TYR O 610 -2.37 9.14 -50.50
C TYR O 610 -3.51 9.86 -49.80
N ASP O 611 -3.92 9.40 -48.62
CA ASP O 611 -4.79 10.23 -47.81
C ASP O 611 -4.06 11.44 -47.25
N ASP O 612 -2.75 11.29 -47.02
CA ASP O 612 -1.93 12.43 -46.61
C ASP O 612 -1.81 13.44 -47.74
N SER O 613 -1.89 13.00 -48.99
CA SER O 613 -1.90 13.92 -50.10
C SER O 613 -3.28 14.52 -50.29
N LYS O 614 -3.43 15.33 -51.32
CA LYS O 614 -4.69 15.97 -51.66
C LYS O 614 -5.56 15.14 -52.56
N PHE O 615 -5.24 13.86 -52.75
CA PHE O 615 -6.06 13.01 -53.58
C PHE O 615 -7.40 12.73 -52.93
N CYS O 616 -7.39 12.49 -51.62
CA CYS O 616 -8.64 12.38 -50.88
C CYS O 616 -9.13 13.73 -50.36
N ARG O 617 -8.26 14.74 -50.31
CA ARG O 617 -8.71 16.07 -49.91
C ARG O 617 -9.46 16.77 -51.03
N TYR O 618 -9.19 16.42 -52.28
CA TYR O 618 -9.94 17.02 -53.38
C TYR O 618 -11.32 16.41 -53.50
N VAL O 619 -11.51 15.22 -52.93
CA VAL O 619 -12.83 14.59 -52.92
C VAL O 619 -13.82 15.41 -52.09
N GLU O 620 -13.34 16.08 -51.04
CA GLU O 620 -14.24 16.92 -50.25
C GLU O 620 -14.65 18.16 -51.02
N LEU O 621 -13.76 18.69 -51.86
CA LEU O 621 -14.13 19.86 -52.64
C LEU O 621 -15.05 19.50 -53.80
N ILE O 622 -14.80 18.37 -54.45
CA ILE O 622 -15.77 17.94 -55.46
C ILE O 622 -17.05 17.41 -54.83
N CYS O 623 -17.00 16.98 -53.58
CA CYS O 623 -18.19 16.70 -52.78
C CYS O 623 -19.04 17.94 -52.60
N SER O 624 -18.42 19.04 -52.16
CA SER O 624 -19.16 20.29 -52.03
C SER O 624 -19.62 20.82 -53.39
N ARG O 625 -18.84 20.57 -54.44
CA ARG O 625 -19.22 21.04 -55.77
C ARG O 625 -20.41 20.25 -56.30
N GLU O 626 -20.45 18.94 -56.06
CA GLU O 626 -21.59 18.14 -56.48
C GLU O 626 -22.82 18.44 -55.62
N LYS O 627 -22.60 18.69 -54.32
CA LYS O 627 -23.72 19.03 -53.45
C LYS O 627 -24.30 20.39 -53.80
N ALA O 628 -23.47 21.31 -54.30
CA ALA O 628 -23.98 22.57 -54.82
C ALA O 628 -24.66 22.37 -56.18
N ARG O 629 -24.07 21.51 -57.02
CA ARG O 629 -24.56 21.29 -58.38
C ARG O 629 -25.94 20.66 -58.39
N ARG O 630 -26.23 19.80 -57.42
CA ARG O 630 -27.57 19.27 -57.31
C ARG O 630 -28.41 19.93 -56.23
N ARG O 631 -27.81 20.76 -55.36
CA ARG O 631 -28.59 21.50 -54.39
C ARG O 631 -29.26 22.70 -55.04
N GLN O 632 -28.60 23.32 -56.01
CA GLN O 632 -29.26 24.34 -56.83
C GLN O 632 -30.23 23.72 -57.82
N MET O 633 -30.15 22.40 -58.03
CA MET O 633 -31.18 21.70 -58.79
C MET O 633 -32.40 21.43 -57.93
N SER O 634 -32.20 21.02 -56.68
CA SER O 634 -33.33 20.73 -55.80
C SER O 634 -33.87 21.99 -55.15
N ARG O 635 -32.99 22.90 -54.75
CA ARG O 635 -33.41 24.09 -54.02
C ARG O 635 -32.93 25.37 -54.70
N UNK P 1 -27.21 1.58 -64.15
CA UNK P 1 -27.06 1.08 -62.79
C UNK P 1 -25.77 0.28 -62.64
N UNK P 2 -24.66 0.97 -62.45
CA UNK P 2 -23.35 0.33 -62.36
C UNK P 2 -22.48 1.06 -61.36
N UNK P 3 -21.27 0.56 -61.15
CA UNK P 3 -20.37 1.09 -60.14
C UNK P 3 -19.79 2.43 -60.57
N UNK P 4 -19.07 3.06 -59.64
CA UNK P 4 -18.48 4.36 -59.92
C UNK P 4 -17.01 4.27 -60.33
N UNK P 5 -16.35 3.20 -59.94
CA UNK P 5 -14.99 2.91 -60.39
C UNK P 5 -14.85 1.50 -60.94
N UNK P 6 -15.55 0.53 -60.37
CA UNK P 6 -15.44 -0.85 -60.81
C UNK P 6 -16.25 -1.12 -62.07
N UNK P 7 -17.11 -0.19 -62.49
CA UNK P 7 -17.85 -0.38 -63.73
C UNK P 7 -16.92 -0.27 -64.93
N UNK P 8 -15.99 0.66 -64.90
CA UNK P 8 -14.95 0.70 -65.91
C UNK P 8 -13.97 -0.46 -65.75
N UNK P 9 -13.87 -1.03 -64.54
CA UNK P 9 -13.02 -2.20 -64.36
C UNK P 9 -13.69 -3.47 -64.87
N UNK P 10 -15.01 -3.46 -64.98
CA UNK P 10 -15.75 -4.59 -65.54
C UNK P 10 -16.06 -4.38 -67.01
N UNK P 11 -16.70 -3.25 -67.33
CA UNK P 11 -16.98 -2.85 -68.70
C UNK P 11 -16.08 -1.67 -69.02
N UNK P 12 -14.98 -1.94 -69.75
CA UNK P 12 -13.93 -0.96 -69.96
C UNK P 12 -14.43 0.21 -70.80
N UNK P 13 -14.38 1.41 -70.24
CA UNK P 13 -14.94 2.60 -70.87
C UNK P 13 -14.00 3.05 -71.98
N UNK P 14 -14.11 2.37 -73.12
CA UNK P 14 -13.35 2.75 -74.30
C UNK P 14 -14.23 3.49 -75.31
N UNK P 15 -15.48 3.08 -75.44
CA UNK P 15 -16.41 3.71 -76.37
C UNK P 15 -16.88 5.06 -75.86
N ASP Q 52 -22.80 -56.61 47.45
CA ASP Q 52 -21.95 -55.59 46.84
C ASP Q 52 -21.90 -55.79 45.34
N GLU Q 53 -22.45 -54.83 44.60
CA GLU Q 53 -22.48 -54.88 43.14
C GLU Q 53 -21.28 -54.12 42.60
N ALA Q 54 -20.57 -54.73 41.66
CA ALA Q 54 -19.47 -54.06 40.96
C ALA Q 54 -20.04 -52.99 40.05
N VAL Q 55 -19.78 -51.73 40.38
CA VAL Q 55 -20.40 -50.59 39.71
C VAL Q 55 -19.29 -49.65 39.25
N ILE Q 56 -19.27 -49.32 37.96
CA ILE Q 56 -18.25 -48.41 37.47
C ILE Q 56 -18.62 -46.99 37.89
N ASP Q 57 -17.61 -46.25 38.32
CA ASP Q 57 -17.74 -44.95 38.95
C ASP Q 57 -17.11 -43.87 38.09
N ILE Q 58 -17.73 -42.69 38.09
CA ILE Q 58 -17.23 -41.65 37.19
C ILE Q 58 -16.81 -40.37 37.90
N PHE Q 59 -17.47 -40.01 39.01
CA PHE Q 59 -17.24 -38.62 39.44
C PHE Q 59 -15.91 -38.39 40.16
N PRO Q 60 -15.63 -38.93 41.38
CA PRO Q 60 -14.45 -38.44 42.12
C PRO Q 60 -13.19 -39.25 41.82
N THR Q 61 -12.96 -39.54 40.56
CA THR Q 61 -11.69 -40.08 40.11
C THR Q 61 -10.75 -38.93 39.83
N GLY Q 62 -9.53 -39.26 39.43
CA GLY Q 62 -8.62 -38.22 38.99
C GLY Q 62 -9.08 -37.55 37.72
N GLN Q 63 -9.68 -38.32 36.81
CA GLN Q 63 -10.05 -37.84 35.48
C GLN Q 63 -11.10 -36.75 35.50
N THR Q 64 -11.91 -36.67 36.55
CA THR Q 64 -12.90 -35.62 36.63
C THR Q 64 -12.73 -34.70 37.81
N MET Q 65 -12.03 -35.10 38.86
CA MET Q 65 -11.72 -34.12 39.91
C MET Q 65 -10.64 -33.17 39.42
N SER Q 66 -9.75 -33.65 38.54
CA SER Q 66 -8.81 -32.75 37.88
C SER Q 66 -9.51 -31.79 36.93
N PHE Q 67 -10.68 -32.17 36.41
CA PHE Q 67 -11.39 -31.32 35.46
C PHE Q 67 -11.84 -30.02 36.10
N LEU Q 68 -12.37 -30.09 37.31
CA LEU Q 68 -12.83 -28.87 37.96
C LEU Q 68 -11.66 -28.00 38.42
N ARG Q 69 -10.51 -28.61 38.70
CA ARG Q 69 -9.36 -27.83 39.10
C ARG Q 69 -8.77 -27.09 37.90
N LEU Q 70 -8.71 -27.77 36.75
CA LEU Q 70 -8.21 -27.07 35.58
C LEU Q 70 -9.22 -26.06 35.05
N LEU Q 71 -10.51 -26.34 35.23
CA LEU Q 71 -11.52 -25.51 34.58
C LEU Q 71 -11.68 -24.19 35.32
N HIS Q 72 -11.48 -24.20 36.64
CA HIS Q 72 -11.30 -22.95 37.36
C HIS Q 72 -9.83 -22.68 37.69
N GLY Q 73 -8.92 -23.32 36.96
CA GLY Q 73 -7.57 -22.83 36.86
C GLY Q 73 -6.64 -23.11 38.01
N PHE Q 74 -6.80 -24.22 38.71
CA PHE Q 74 -5.77 -24.59 39.67
C PHE Q 74 -4.51 -25.04 38.96
N LEU Q 75 -4.65 -25.76 37.84
CA LEU Q 75 -3.52 -26.33 37.14
C LEU Q 75 -3.32 -25.70 35.77
N GLY Q 76 -4.30 -25.77 34.91
CA GLY Q 76 -4.14 -25.24 33.57
C GLY Q 76 -4.45 -23.76 33.51
N THR Q 77 -3.75 -23.07 32.63
CA THR Q 77 -4.05 -21.66 32.36
C THR Q 77 -3.68 -21.35 30.92
N CYS Q 78 -4.40 -20.39 30.34
CA CYS Q 78 -4.28 -19.95 28.96
C CYS Q 78 -5.18 -18.74 28.82
N ARG Q 79 -5.15 -18.13 27.64
CA ARG Q 79 -6.15 -17.10 27.36
C ARG Q 79 -7.52 -17.69 27.04
N GLY Q 80 -7.62 -19.00 26.85
CA GLY Q 80 -8.90 -19.62 26.62
C GLY Q 80 -9.74 -19.81 27.86
N GLN Q 81 -9.12 -19.72 29.04
CA GLN Q 81 -9.84 -19.92 30.30
C GLN Q 81 -10.93 -18.88 30.50
N SER Q 82 -10.77 -17.70 29.90
CA SER Q 82 -11.79 -16.68 30.00
C SER Q 82 -13.06 -17.03 29.25
N MET Q 83 -12.96 -17.87 28.22
CA MET Q 83 -14.12 -18.15 27.39
C MET Q 83 -15.04 -19.18 28.04
N HIS Q 84 -14.59 -19.77 29.14
CA HIS Q 84 -15.54 -20.48 29.99
C HIS Q 84 -16.20 -19.52 30.98
N GLN Q 85 -15.46 -18.54 31.46
CA GLN Q 85 -15.99 -17.69 32.49
C GLN Q 85 -16.98 -16.68 31.91
N VAL Q 86 -16.92 -16.46 30.59
CA VAL Q 86 -18.00 -15.72 29.95
C VAL Q 86 -19.29 -16.53 29.92
N LEU Q 87 -19.20 -17.85 29.97
CA LEU Q 87 -20.38 -18.71 29.86
C LEU Q 87 -21.11 -18.86 31.18
N ARG Q 88 -20.59 -18.33 32.27
CA ARG Q 88 -21.25 -18.45 33.55
C ARG Q 88 -21.47 -17.10 34.18
N ASP Q 89 -22.03 -16.17 33.44
CA ASP Q 89 -22.51 -14.97 34.07
C ASP Q 89 -23.84 -15.29 34.73
N PRO Q 90 -23.94 -15.32 36.06
CA PRO Q 90 -25.21 -15.68 36.69
C PRO Q 90 -26.26 -14.59 36.61
N CYS Q 91 -25.92 -13.42 36.06
CA CYS Q 91 -26.92 -12.41 35.82
C CYS Q 91 -27.76 -12.71 34.58
N VAL Q 92 -27.23 -13.47 33.62
CA VAL Q 92 -28.00 -13.69 32.40
C VAL Q 92 -29.14 -14.66 32.64
N LEU Q 93 -29.01 -15.52 33.66
CA LEU Q 93 -30.12 -16.39 34.00
C LEU Q 93 -31.26 -15.59 34.61
N ARG Q 94 -30.93 -14.64 35.48
CA ARG Q 94 -31.98 -13.81 36.06
C ARG Q 94 -32.55 -12.86 35.03
N LYS Q 95 -31.76 -12.48 34.01
CA LYS Q 95 -32.31 -11.68 32.92
C LYS Q 95 -33.34 -12.47 32.12
N GLN Q 96 -33.00 -13.70 31.73
CA GLN Q 96 -33.94 -14.52 30.97
C GLN Q 96 -35.16 -14.88 31.80
N LEU Q 97 -34.95 -15.10 33.10
CA LEU Q 97 -36.04 -15.40 34.01
C LEU Q 97 -37.02 -14.24 34.11
N LEU Q 98 -36.50 -13.01 34.27
CA LEU Q 98 -37.39 -11.88 34.39
C LEU Q 98 -38.04 -11.56 33.06
N TYR Q 99 -37.34 -11.81 31.94
CA TYR Q 99 -37.94 -11.62 30.63
C TYR Q 99 -39.09 -12.57 30.42
N GLY Q 100 -38.92 -13.82 30.84
CA GLY Q 100 -39.99 -14.79 30.66
C GLY Q 100 -41.19 -14.48 31.53
N VAL Q 101 -40.95 -14.10 32.80
CA VAL Q 101 -42.08 -13.87 33.68
C VAL Q 101 -42.78 -12.56 33.32
N CYS Q 102 -42.05 -11.57 32.79
CA CYS Q 102 -42.72 -10.36 32.36
C CYS Q 102 -43.44 -10.55 31.03
N LYS Q 103 -42.92 -11.38 30.13
CA LYS Q 103 -43.62 -11.65 28.89
C LYS Q 103 -44.90 -12.43 29.14
N THR Q 104 -44.86 -13.39 30.06
CA THR Q 104 -46.10 -14.07 30.44
C THR Q 104 -47.01 -13.14 31.23
N LEU Q 105 -46.44 -12.17 31.94
CA LEU Q 105 -47.22 -11.22 32.72
C LEU Q 105 -48.00 -10.27 31.83
N PHE Q 106 -47.36 -9.74 30.80
CA PHE Q 106 -47.88 -8.53 30.19
C PHE Q 106 -48.95 -8.79 29.16
N ASP Q 107 -48.87 -9.90 28.44
CA ASP Q 107 -49.78 -10.15 27.33
C ASP Q 107 -51.16 -10.65 27.77
N THR Q 108 -51.51 -10.54 29.04
CA THR Q 108 -52.76 -11.13 29.50
C THR Q 108 -53.96 -10.23 29.24
N ILE Q 109 -53.93 -9.00 29.74
CA ILE Q 109 -55.15 -8.20 29.77
C ILE Q 109 -54.93 -6.90 29.00
N THR Q 110 -54.16 -7.01 27.90
CA THR Q 110 -53.82 -5.86 27.07
C THR Q 110 -55.05 -5.23 26.40
N VAL Q 111 -56.16 -5.97 26.27
CA VAL Q 111 -57.25 -5.50 25.44
C VAL Q 111 -58.30 -4.74 26.26
N ARG Q 112 -58.65 -5.25 27.44
CA ARG Q 112 -59.80 -4.69 28.14
C ARG Q 112 -59.42 -3.47 28.97
N ARG Q 113 -58.39 -3.59 29.81
CA ARG Q 113 -58.09 -2.54 30.78
C ARG Q 113 -57.51 -1.29 30.15
N VAL Q 114 -56.97 -1.40 28.92
CA VAL Q 114 -56.48 -0.21 28.23
C VAL Q 114 -57.64 0.70 27.86
N ALA Q 115 -58.84 0.14 27.70
CA ALA Q 115 -60.03 0.96 27.56
C ALA Q 115 -60.58 1.40 28.89
N GLU Q 116 -60.52 0.53 29.90
CA GLU Q 116 -61.24 0.77 31.14
C GLU Q 116 -60.56 1.83 32.01
N GLU Q 117 -59.24 1.73 32.19
CA GLU Q 117 -58.55 2.77 32.93
C GLU Q 117 -58.40 4.06 32.15
N TRP Q 118 -58.38 4.01 30.81
CA TRP Q 118 -58.47 5.26 30.05
C TRP Q 118 -59.84 5.91 30.21
N LYS Q 119 -60.90 5.10 30.27
CA LYS Q 119 -62.22 5.63 30.58
C LYS Q 119 -62.24 6.26 31.97
N LEU Q 120 -61.55 5.64 32.93
CA LEU Q 120 -61.48 6.18 34.28
C LEU Q 120 -60.76 7.53 34.31
N HIS Q 121 -59.58 7.59 33.70
CA HIS Q 121 -58.82 8.85 33.65
C HIS Q 121 -59.45 9.88 32.73
N ALA Q 122 -60.32 9.45 31.81
CA ALA Q 122 -60.98 10.39 30.93
C ALA Q 122 -62.21 10.99 31.60
N ALA Q 123 -63.01 10.16 32.26
CA ALA Q 123 -64.17 10.69 32.98
C ALA Q 123 -63.74 11.45 34.22
N LEU Q 124 -62.57 11.12 34.77
CA LEU Q 124 -62.04 11.89 35.88
C LEU Q 124 -61.57 13.27 35.43
N PHE Q 125 -61.04 13.37 34.22
CA PHE Q 125 -60.46 14.61 33.71
C PHE Q 125 -60.68 14.69 32.20
N PRO Q 126 -61.84 15.14 31.76
CA PRO Q 126 -62.11 15.25 30.32
C PRO Q 126 -61.69 16.57 29.70
N TYR Q 127 -60.80 17.30 30.37
CA TYR Q 127 -60.44 18.66 29.99
C TYR Q 127 -59.78 18.69 28.61
N ARG Q 128 -60.22 19.65 27.79
CA ARG Q 128 -59.82 19.69 26.39
C ARG Q 128 -60.02 21.10 25.86
N ALA Q 129 -58.97 21.66 25.26
CA ALA Q 129 -59.06 22.98 24.65
C ALA Q 129 -59.32 22.89 23.15
N LEU Q 130 -58.42 22.22 22.43
CA LEU Q 130 -58.56 22.10 20.98
C LEU Q 130 -58.16 20.69 20.57
N ASP Q 131 -58.70 20.24 19.44
CA ASP Q 131 -58.46 18.90 18.93
C ASP Q 131 -57.54 18.88 17.73
N GLU Q 132 -56.66 19.89 17.58
CA GLU Q 132 -55.85 19.99 16.38
C GLU Q 132 -54.41 19.55 16.61
N GLU Q 133 -53.74 20.16 17.59
CA GLU Q 133 -52.37 19.83 17.91
C GLU Q 133 -52.21 19.10 19.24
N ASP Q 134 -52.97 19.52 20.27
CA ASP Q 134 -52.74 19.03 21.62
C ASP Q 134 -53.20 17.61 21.84
N LEU Q 135 -54.06 17.08 20.96
CA LEU Q 135 -54.65 15.76 21.18
C LEU Q 135 -53.59 14.68 21.04
N GLU Q 136 -52.72 14.79 20.04
CA GLU Q 136 -51.66 13.80 19.88
C GLU Q 136 -50.59 13.96 20.96
N GLN Q 137 -50.40 15.18 21.46
CA GLN Q 137 -49.42 15.40 22.51
C GLN Q 137 -49.88 14.78 23.82
N TYR Q 138 -51.15 15.00 24.18
CA TYR Q 138 -51.75 14.33 25.32
C TYR Q 138 -51.76 12.82 25.15
N LEU Q 139 -51.98 12.36 23.91
CA LEU Q 139 -51.94 10.94 23.58
C LEU Q 139 -50.56 10.33 23.84
N LEU Q 140 -49.51 10.99 23.37
CA LEU Q 140 -48.18 10.43 23.49
C LEU Q 140 -47.66 10.50 24.92
N VAL Q 141 -47.96 11.59 25.64
CA VAL Q 141 -47.53 11.64 27.03
C VAL Q 141 -48.38 10.70 27.87
N TRP Q 142 -49.60 10.40 27.43
CA TRP Q 142 -50.45 9.42 28.08
C TRP Q 142 -49.85 8.03 27.94
N SER Q 143 -49.48 7.65 26.72
CA SER Q 143 -48.88 6.33 26.48
C SER Q 143 -47.56 6.18 27.22
N ALA Q 144 -46.73 7.24 27.22
CA ALA Q 144 -45.45 7.18 27.90
C ALA Q 144 -45.64 7.08 29.41
N SER Q 145 -46.62 7.78 29.96
CA SER Q 145 -46.84 7.74 31.40
C SER Q 145 -47.36 6.38 31.85
N LEU Q 146 -48.29 5.80 31.08
CA LEU Q 146 -48.76 4.44 31.41
C LEU Q 146 -47.62 3.43 31.35
N ARG Q 147 -46.83 3.47 30.26
CA ARG Q 147 -45.80 2.44 30.11
C ARG Q 147 -44.69 2.61 31.13
N GLN Q 148 -44.34 3.86 31.51
CA GLN Q 148 -43.31 4.01 32.53
C GLN Q 148 -43.84 3.65 33.91
N SER Q 149 -45.14 3.87 34.17
CA SER Q 149 -45.68 3.57 35.49
C SER Q 149 -45.75 2.07 35.73
N VAL Q 150 -46.30 1.33 34.76
CA VAL Q 150 -46.34 -0.12 34.92
C VAL Q 150 -44.92 -0.68 34.80
N GLN Q 151 -44.04 0.02 34.07
CA GLN Q 151 -42.66 -0.39 33.92
C GLN Q 151 -41.94 -0.38 35.25
N THR Q 152 -41.94 0.77 35.92
CA THR Q 152 -41.25 0.85 37.19
C THR Q 152 -41.97 0.08 38.29
N GLY Q 153 -43.28 -0.14 38.16
CA GLY Q 153 -43.99 -0.95 39.12
C GLY Q 153 -43.55 -2.41 39.09
N VAL Q 154 -43.70 -3.04 37.93
CA VAL Q 154 -43.27 -4.44 37.85
C VAL Q 154 -41.76 -4.56 37.87
N LEU Q 155 -41.03 -3.49 37.56
CA LEU Q 155 -39.58 -3.54 37.66
C LEU Q 155 -39.16 -3.59 39.11
N GLY Q 156 -39.78 -2.77 39.96
CA GLY Q 156 -39.52 -2.87 41.39
C GLY Q 156 -39.97 -4.18 41.98
N ALA Q 157 -41.10 -4.71 41.48
CA ALA Q 157 -41.61 -5.99 41.98
C ALA Q 157 -40.65 -7.14 41.64
N LEU Q 158 -40.30 -7.27 40.37
CA LEU Q 158 -39.38 -8.32 39.93
C LEU Q 158 -38.00 -8.13 40.51
N ARG Q 159 -37.55 -6.88 40.64
CA ARG Q 159 -36.24 -6.60 41.20
C ARG Q 159 -36.18 -7.01 42.67
N ASP Q 160 -37.22 -6.73 43.44
CA ASP Q 160 -37.22 -7.10 44.85
C ASP Q 160 -37.29 -8.61 45.02
N ILE Q 161 -38.22 -9.26 44.30
CA ILE Q 161 -38.37 -10.70 44.49
C ILE Q 161 -37.22 -11.50 43.88
N LEU Q 162 -36.43 -10.90 42.98
CA LEU Q 162 -35.26 -11.59 42.50
C LEU Q 162 -34.05 -11.31 43.37
N TYR Q 163 -33.80 -10.04 43.70
CA TYR Q 163 -32.68 -9.68 44.54
C TYR Q 163 -32.78 -10.24 45.95
N GLN Q 164 -33.97 -10.64 46.38
CA GLN Q 164 -34.03 -11.38 47.63
C GLN Q 164 -33.54 -12.82 47.45
N TYR Q 165 -34.09 -13.56 46.48
CA TYR Q 165 -33.84 -14.98 46.51
C TYR Q 165 -33.59 -15.59 45.14
N ALA Q 166 -33.07 -14.84 44.18
CA ALA Q 166 -32.59 -15.46 42.96
C ALA Q 166 -31.10 -15.70 42.99
N ASP Q 167 -30.42 -15.28 44.07
CA ASP Q 167 -28.97 -15.43 44.14
C ASP Q 167 -28.56 -16.73 44.80
N ASN Q 168 -29.12 -17.83 44.30
CA ASN Q 168 -28.56 -19.14 44.58
C ASN Q 168 -27.29 -19.38 43.76
N ASP Q 169 -27.13 -18.64 42.65
CA ASP Q 169 -25.96 -18.61 41.75
C ASP Q 169 -25.45 -20.00 41.36
N ASP Q 170 -26.35 -20.97 41.30
CA ASP Q 170 -26.01 -22.33 40.92
C ASP Q 170 -25.79 -22.49 39.43
N TYR Q 171 -26.13 -21.46 38.64
CA TYR Q 171 -25.88 -21.47 37.21
C TYR Q 171 -24.40 -21.62 36.92
N GLY Q 172 -23.58 -20.96 37.73
CA GLY Q 172 -22.15 -20.94 37.53
C GLY Q 172 -21.46 -22.23 37.87
N LEU Q 173 -22.19 -23.20 38.41
CA LEU Q 173 -21.73 -24.56 38.57
C LEU Q 173 -22.46 -25.51 37.63
N TYR Q 174 -23.68 -25.15 37.27
CA TYR Q 174 -24.45 -25.93 36.32
C TYR Q 174 -23.74 -25.96 34.98
N VAL Q 175 -23.13 -24.84 34.61
CA VAL Q 175 -22.40 -24.81 33.35
C VAL Q 175 -21.18 -25.74 33.41
N ASP Q 176 -20.55 -25.88 34.59
CA ASP Q 176 -19.42 -26.80 34.69
C ASP Q 176 -19.90 -28.23 34.57
N TRP Q 177 -20.95 -28.60 35.27
CA TRP Q 177 -21.38 -29.99 35.16
C TRP Q 177 -22.07 -30.28 33.84
N CYS Q 178 -22.48 -29.26 33.08
CA CYS Q 178 -22.99 -29.50 31.74
C CYS Q 178 -21.90 -29.42 30.70
N VAL Q 179 -20.71 -28.94 31.08
CA VAL Q 179 -19.61 -28.87 30.13
C VAL Q 179 -18.55 -29.93 30.39
N THR Q 180 -18.49 -30.53 31.58
CA THR Q 180 -17.38 -31.40 31.88
C THR Q 180 -17.77 -32.86 32.07
N VAL Q 181 -19.04 -33.15 32.35
CA VAL Q 181 -19.50 -34.53 32.47
C VAL Q 181 -20.82 -34.67 31.72
N GLY Q 182 -21.45 -33.55 31.40
CA GLY Q 182 -22.68 -33.59 30.64
C GLY Q 182 -23.91 -33.98 31.44
N LEU Q 183 -23.81 -33.99 32.77
CA LEU Q 183 -24.94 -34.37 33.60
C LEU Q 183 -24.75 -33.77 34.99
N VAL Q 184 -25.83 -33.29 35.57
CA VAL Q 184 -25.77 -32.44 36.76
C VAL Q 184 -26.24 -33.24 37.97
N PRO Q 185 -25.47 -33.27 39.04
CA PRO Q 185 -26.02 -33.73 40.32
C PRO Q 185 -26.71 -32.57 41.03
N LEU Q 186 -27.80 -32.88 41.71
CA LEU Q 186 -28.59 -31.84 42.35
C LEU Q 186 -29.43 -32.47 43.44
N LEU Q 187 -29.54 -31.78 44.57
CA LEU Q 187 -30.28 -32.27 45.72
C LEU Q 187 -31.49 -31.38 45.93
N ASP Q 188 -32.69 -31.99 45.88
CA ASP Q 188 -33.93 -31.25 46.00
C ASP Q 188 -34.13 -30.88 47.45
N VAL Q 189 -33.72 -29.66 47.81
CA VAL Q 189 -33.86 -29.21 49.19
C VAL Q 189 -35.31 -28.80 49.44
N LYS Q 190 -35.90 -29.38 50.47
CA LYS Q 190 -37.26 -29.07 50.87
C LYS Q 190 -37.28 -28.72 52.35
N THR Q 191 -38.26 -27.92 52.72
CA THR Q 191 -38.40 -27.42 54.09
C THR Q 191 -39.81 -27.70 54.58
N LYS Q 192 -40.14 -27.12 55.73
CA LYS Q 192 -41.47 -27.22 56.28
C LYS Q 192 -42.43 -26.37 55.43
N PRO Q 193 -43.71 -26.74 55.36
CA PRO Q 193 -44.65 -25.96 54.52
C PRO Q 193 -45.00 -24.60 55.07
N SER Q 194 -44.55 -24.24 56.28
CA SER Q 194 -44.74 -22.88 56.79
C SER Q 194 -43.92 -21.89 55.98
N GLU Q 195 -42.79 -22.33 55.45
CA GLU Q 195 -41.92 -21.44 54.70
C GLU Q 195 -42.50 -21.07 53.34
N ALA Q 196 -43.40 -21.91 52.80
CA ALA Q 196 -44.18 -21.50 51.63
C ALA Q 196 -45.10 -20.34 51.98
N ALA Q 197 -45.68 -20.36 53.17
CA ALA Q 197 -46.46 -19.22 53.63
C ALA Q 197 -45.57 -18.01 53.91
N GLU Q 198 -44.32 -18.23 54.29
CA GLU Q 198 -43.38 -17.13 54.46
C GLU Q 198 -43.07 -16.45 53.13
N ARG Q 199 -42.85 -17.25 52.08
CA ARG Q 199 -42.64 -16.71 50.75
C ARG Q 199 -43.90 -16.03 50.22
N ALA Q 200 -45.07 -16.60 50.56
CA ALA Q 200 -46.32 -15.96 50.20
C ALA Q 200 -46.46 -14.60 50.86
N GLN Q 201 -46.06 -14.51 52.12
CA GLN Q 201 -45.97 -13.24 52.84
C GLN Q 201 -45.04 -12.26 52.15
N PHE Q 202 -43.88 -12.75 51.70
CA PHE Q 202 -42.90 -11.85 51.08
C PHE Q 202 -43.39 -11.31 49.74
N VAL Q 203 -43.97 -12.18 48.91
CA VAL Q 203 -44.46 -11.71 47.63
C VAL Q 203 -45.72 -10.87 47.81
N ARG Q 204 -46.46 -11.09 48.91
CA ARG Q 204 -47.57 -10.19 49.22
C ARG Q 204 -47.07 -8.82 49.64
N ALA Q 205 -45.93 -8.75 50.34
CA ALA Q 205 -45.35 -7.46 50.66
C ALA Q 205 -44.84 -6.75 49.42
N ALA Q 206 -44.26 -7.53 48.49
CA ALA Q 206 -43.83 -6.96 47.22
C ALA Q 206 -44.99 -6.43 46.40
N VAL Q 207 -46.13 -7.13 46.41
CA VAL Q 207 -47.26 -6.58 45.67
C VAL Q 207 -47.97 -5.51 46.47
N GLN Q 208 -47.68 -5.37 47.77
CA GLN Q 208 -48.12 -4.16 48.47
C GLN Q 208 -47.30 -2.95 48.04
N ARG Q 209 -45.99 -3.17 47.79
CA ARG Q 209 -45.19 -2.13 47.15
C ARG Q 209 -45.73 -1.78 45.77
N ALA Q 210 -46.16 -2.79 45.02
CA ALA Q 210 -46.82 -2.54 43.75
C ALA Q 210 -48.16 -1.84 43.92
N THR Q 211 -48.87 -2.12 45.01
CA THR Q 211 -50.15 -1.47 45.31
C THR Q 211 -49.96 0.02 45.53
N GLU Q 212 -48.95 0.39 46.32
CA GLU Q 212 -48.68 1.81 46.46
C GLU Q 212 -47.96 2.40 45.23
N THR Q 213 -47.51 1.55 44.30
CA THR Q 213 -46.93 2.07 43.06
C THR Q 213 -48.02 2.50 42.07
N HIS Q 214 -48.83 1.53 41.61
CA HIS Q 214 -49.75 1.79 40.50
C HIS Q 214 -50.84 0.75 40.48
N PRO Q 215 -52.09 1.12 40.14
CA PRO Q 215 -53.18 0.14 40.20
C PRO Q 215 -53.18 -0.92 39.09
N LEU Q 216 -52.78 -0.57 37.86
CA LEU Q 216 -52.81 -1.57 36.81
C LEU Q 216 -51.72 -2.62 36.99
N ALA Q 217 -50.57 -2.20 37.51
CA ALA Q 217 -49.48 -3.13 37.78
C ALA Q 217 -49.88 -4.13 38.86
N GLN Q 218 -50.48 -3.65 39.95
CA GLN Q 218 -50.94 -4.58 40.98
C GLN Q 218 -52.14 -5.38 40.52
N ASP Q 219 -52.89 -4.89 39.53
CA ASP Q 219 -53.91 -5.74 38.92
C ASP Q 219 -53.28 -6.90 38.17
N LEU Q 220 -52.19 -6.65 37.44
CA LEU Q 220 -51.49 -7.74 36.75
C LEU Q 220 -50.87 -8.72 37.74
N LEU Q 221 -50.32 -8.20 38.83
CA LEU Q 221 -49.73 -9.09 39.83
C LEU Q 221 -50.79 -9.84 40.62
N GLN Q 222 -51.94 -9.23 40.88
CA GLN Q 222 -53.02 -9.95 41.51
C GLN Q 222 -53.69 -10.93 40.55
N ALA Q 223 -53.44 -10.77 39.25
CA ALA Q 223 -53.86 -11.78 38.29
C ALA Q 223 -52.92 -12.99 38.31
N ASN Q 224 -51.61 -12.75 38.29
CA ASN Q 224 -50.67 -13.84 38.05
C ASN Q 224 -49.76 -14.15 39.23
N LEU Q 225 -50.15 -13.77 40.45
CA LEU Q 225 -49.32 -14.06 41.62
C LEU Q 225 -49.22 -15.55 41.91
N ALA Q 226 -50.18 -16.34 41.44
CA ALA Q 226 -50.12 -17.79 41.63
C ALA Q 226 -48.91 -18.39 40.93
N LEU Q 227 -48.75 -18.10 39.64
CA LEU Q 227 -47.57 -18.59 38.94
C LEU Q 227 -46.31 -17.84 39.39
N LEU Q 228 -46.46 -16.62 39.89
CA LEU Q 228 -45.30 -15.91 40.46
C LEU Q 228 -44.76 -16.62 41.69
N LEU Q 229 -45.63 -17.00 42.62
CA LEU Q 229 -45.15 -17.72 43.78
C LEU Q 229 -44.73 -19.14 43.42
N GLN Q 230 -45.31 -19.69 42.34
CA GLN Q 230 -44.87 -21.01 41.88
C GLN Q 230 -43.44 -20.97 41.39
N VAL Q 231 -43.09 -20.00 40.55
CA VAL Q 231 -41.72 -19.91 40.05
C VAL Q 231 -40.78 -19.41 41.15
N ALA Q 232 -41.31 -18.69 42.15
CA ALA Q 232 -40.50 -18.32 43.29
C ALA Q 232 -40.11 -19.54 44.12
N GLU Q 233 -41.05 -20.47 44.33
CA GLU Q 233 -40.71 -21.66 45.09
C GLU Q 233 -39.88 -22.63 44.28
N ARG Q 234 -40.07 -22.65 42.96
CA ARG Q 234 -39.20 -23.47 42.13
C ARG Q 234 -37.80 -22.89 42.05
N LEU Q 235 -37.66 -21.59 42.30
CA LEU Q 235 -36.33 -20.98 42.27
C LEU Q 235 -35.52 -21.33 43.50
N GLY Q 236 -36.17 -21.41 44.66
CA GLY Q 236 -35.48 -21.91 45.83
C GLY Q 236 -35.62 -23.39 46.03
N ALA Q 237 -35.94 -24.14 45.00
CA ALA Q 237 -36.30 -25.54 45.18
C ALA Q 237 -35.07 -26.43 45.27
N VAL Q 238 -33.99 -26.10 44.59
CA VAL Q 238 -32.89 -27.03 44.42
C VAL Q 238 -31.57 -26.28 44.47
N ARG Q 239 -30.52 -27.02 44.76
CA ARG Q 239 -29.15 -26.55 44.61
C ARG Q 239 -28.49 -27.33 43.49
N VAL Q 240 -27.19 -27.12 43.33
CA VAL Q 240 -26.42 -27.74 42.26
C VAL Q 240 -25.56 -28.88 42.80
N ALA Q 241 -25.86 -29.36 44.02
CA ALA Q 241 -25.10 -30.38 44.76
C ALA Q 241 -23.65 -29.95 44.96
N ASN Q 242 -23.47 -28.70 45.40
CA ASN Q 242 -22.14 -28.21 45.74
C ASN Q 242 -21.85 -28.58 47.18
N ALA Q 243 -21.47 -29.83 47.37
CA ALA Q 243 -21.20 -30.37 48.70
C ALA Q 243 -20.14 -31.45 48.58
N PRO Q 244 -19.27 -31.58 49.58
CA PRO Q 244 -18.28 -32.65 49.55
C PRO Q 244 -18.93 -34.01 49.76
N GLU Q 245 -18.15 -35.05 49.45
CA GLU Q 245 -18.56 -36.46 49.55
C GLU Q 245 -19.81 -36.75 48.72
N VAL Q 246 -19.86 -36.17 47.53
CA VAL Q 246 -20.90 -36.51 46.58
C VAL Q 246 -20.27 -37.41 45.53
N ARG Q 247 -21.09 -38.24 44.89
CA ARG Q 247 -20.58 -39.25 43.99
C ARG Q 247 -21.66 -39.66 43.03
N VAL Q 248 -21.28 -39.91 41.78
CA VAL Q 248 -22.17 -40.49 40.80
C VAL Q 248 -21.45 -41.65 40.11
N PHE Q 249 -22.22 -42.66 39.75
CA PHE Q 249 -21.70 -43.90 39.20
C PHE Q 249 -22.70 -44.49 38.24
N LYS Q 250 -22.24 -45.45 37.45
CA LYS Q 250 -23.05 -46.14 36.47
C LYS Q 250 -23.08 -47.62 36.81
N LYS Q 251 -24.25 -48.14 37.16
CA LYS Q 251 -24.37 -49.56 37.47
C LYS Q 251 -24.30 -50.37 36.18
N VAL Q 252 -23.39 -51.34 36.14
CA VAL Q 252 -23.11 -52.04 34.89
C VAL Q 252 -24.23 -53.01 34.53
N ARG Q 253 -25.03 -53.45 35.50
CA ARG Q 253 -26.09 -54.41 35.20
C ARG Q 253 -27.27 -53.75 34.53
N SER Q 254 -27.63 -52.54 34.96
CA SER Q 254 -28.64 -51.75 34.30
C SER Q 254 -28.15 -50.33 34.23
N GLU Q 255 -27.99 -49.80 33.01
CA GLU Q 255 -27.37 -48.50 32.82
C GLU Q 255 -28.38 -47.40 33.15
N ARG Q 256 -28.62 -47.25 34.44
CA ARG Q 256 -29.52 -46.26 35.00
C ARG Q 256 -28.77 -45.44 36.03
N LEU Q 257 -27.63 -44.91 35.57
CA LEU Q 257 -26.64 -44.19 36.38
C LEU Q 257 -27.27 -43.09 37.22
N GLU Q 258 -26.97 -43.12 38.52
CA GLU Q 258 -27.64 -42.27 39.49
C GLU Q 258 -26.65 -41.90 40.59
N ALA Q 259 -26.86 -40.74 41.19
CA ALA Q 259 -25.92 -40.21 42.17
C ALA Q 259 -26.42 -40.47 43.58
N GLN Q 260 -25.50 -40.62 44.51
CA GLN Q 260 -25.81 -40.55 45.92
C GLN Q 260 -24.99 -39.46 46.57
N LEU Q 261 -25.58 -38.80 47.55
CA LEU Q 261 -24.88 -37.82 48.37
C LEU Q 261 -24.74 -38.43 49.75
N ARG Q 262 -23.55 -38.94 50.05
CA ARG Q 262 -23.17 -39.44 51.38
C ARG Q 262 -24.09 -40.57 51.85
N GLY Q 263 -24.46 -41.44 50.91
CA GLY Q 263 -25.35 -42.55 51.20
C GLY Q 263 -26.81 -42.32 50.87
N LYS Q 264 -27.24 -41.07 50.75
CA LYS Q 264 -28.61 -40.76 50.39
C LYS Q 264 -28.70 -40.61 48.88
N HIS Q 265 -29.62 -41.34 48.26
CA HIS Q 265 -29.80 -41.25 46.82
C HIS Q 265 -30.38 -39.90 46.43
N ILE Q 266 -29.83 -39.31 45.38
CA ILE Q 266 -30.31 -38.05 44.84
C ILE Q 266 -30.53 -38.22 43.34
N ARG Q 267 -31.48 -37.45 42.81
CA ARG Q 267 -31.74 -37.52 41.39
C ARG Q 267 -30.72 -36.68 40.63
N LEU Q 268 -30.73 -36.84 39.31
CA LEU Q 268 -29.78 -36.14 38.46
C LEU Q 268 -30.36 -36.01 37.07
N TYR Q 269 -30.02 -34.92 36.40
CA TYR Q 269 -30.44 -34.67 35.03
C TYR Q 269 -29.28 -34.98 34.10
N VAL Q 270 -29.45 -35.98 33.26
CA VAL Q 270 -28.43 -36.35 32.29
C VAL Q 270 -28.74 -35.67 30.96
N ALA Q 271 -27.78 -34.90 30.46
CA ALA Q 271 -27.94 -34.30 29.15
C ALA Q 271 -27.18 -35.06 28.09
N ALA Q 272 -26.02 -35.60 28.43
CA ALA Q 272 -25.21 -36.36 27.49
C ALA Q 272 -24.59 -37.53 28.23
N GLU Q 273 -25.20 -38.71 28.13
CA GLU Q 273 -24.65 -39.87 28.77
C GLU Q 273 -23.41 -40.33 28.00
N PRO Q 274 -22.33 -40.68 28.68
CA PRO Q 274 -21.11 -41.06 27.97
C PRO Q 274 -21.26 -42.41 27.30
N LEU Q 275 -20.39 -42.64 26.33
CA LEU Q 275 -20.35 -43.91 25.64
C LEU Q 275 -19.67 -44.94 26.54
N ALA Q 276 -20.21 -46.16 26.57
CA ALA Q 276 -19.76 -47.18 27.48
C ALA Q 276 -19.53 -48.48 26.73
N TYR Q 277 -18.35 -49.08 26.91
CA TYR Q 277 -17.95 -50.29 26.20
C TYR Q 277 -17.25 -51.22 27.18
N GLU Q 278 -16.57 -52.24 26.63
CA GLU Q 278 -15.80 -53.17 27.46
C GLU Q 278 -14.59 -52.49 28.08
N ARG Q 279 -14.15 -51.38 27.49
CA ARG Q 279 -13.36 -50.40 28.23
C ARG Q 279 -14.16 -50.00 29.46
N ASP Q 280 -13.66 -50.42 30.63
CA ASP Q 280 -14.38 -50.17 31.88
C ASP Q 280 -14.42 -48.68 32.19
N LYS Q 281 -13.28 -48.02 32.07
CA LYS Q 281 -13.30 -46.58 31.98
C LYS Q 281 -13.97 -46.18 30.68
N LEU Q 282 -14.68 -45.07 30.69
CA LEU Q 282 -15.54 -44.74 29.56
C LEU Q 282 -15.37 -43.29 29.19
N LEU Q 283 -15.47 -43.03 27.89
CA LEU Q 283 -15.14 -41.74 27.31
C LEU Q 283 -16.39 -40.87 27.30
N PHE Q 284 -16.23 -39.61 27.68
CA PHE Q 284 -17.31 -38.66 27.69
C PHE Q 284 -17.36 -37.94 26.35
N THR Q 285 -18.56 -37.57 25.93
CA THR Q 285 -18.73 -36.77 24.74
C THR Q 285 -18.79 -35.28 25.05
N THR Q 286 -18.30 -34.90 26.22
CA THR Q 286 -18.45 -33.55 26.66
C THR Q 286 -17.34 -32.68 26.05
N PRO Q 287 -17.56 -31.38 25.94
CA PRO Q 287 -16.55 -30.54 25.28
C PRO Q 287 -15.23 -30.38 26.02
N VAL Q 288 -15.21 -30.42 27.34
CA VAL Q 288 -13.92 -30.25 28.02
C VAL Q 288 -13.07 -31.50 27.86
N ALA Q 289 -13.69 -32.67 27.82
CA ALA Q 289 -12.93 -33.89 27.64
C ALA Q 289 -12.39 -34.04 26.22
N HIS Q 290 -12.78 -33.17 25.31
CA HIS Q 290 -12.14 -33.14 23.99
C HIS Q 290 -10.70 -32.70 24.10
N LEU Q 291 -10.37 -31.83 25.05
CA LEU Q 291 -9.07 -31.19 25.07
C LEU Q 291 -8.29 -31.44 26.34
N HIS Q 292 -8.60 -32.51 27.08
CA HIS Q 292 -7.93 -32.73 28.36
C HIS Q 292 -6.48 -33.14 28.18
N GLU Q 293 -6.20 -33.95 27.15
CA GLU Q 293 -4.83 -34.38 26.89
C GLU Q 293 -3.94 -33.18 26.54
N GLU Q 294 -4.47 -32.22 25.80
CA GLU Q 294 -3.64 -31.13 25.32
C GLU Q 294 -3.28 -30.17 26.43
N ILE Q 295 -4.23 -29.86 27.32
CA ILE Q 295 -3.90 -29.00 28.43
C ILE Q 295 -3.05 -29.71 29.48
N LEU Q 296 -3.15 -31.04 29.56
CA LEU Q 296 -2.19 -31.75 30.40
C LEU Q 296 -0.79 -31.68 29.81
N ARG Q 297 -0.70 -31.76 28.47
CA ARG Q 297 0.57 -31.56 27.79
C ARG Q 297 1.11 -30.16 28.05
N TYR Q 298 0.24 -29.17 28.09
CA TYR Q 298 0.67 -27.81 28.35
C TYR Q 298 1.21 -27.65 29.76
N ASP Q 299 0.53 -28.21 30.75
CA ASP Q 299 1.01 -28.05 32.11
C ASP Q 299 2.29 -28.85 32.34
N GLY Q 300 2.40 -30.01 31.69
CA GLY Q 300 3.66 -30.74 31.72
C GLY Q 300 4.79 -29.96 31.09
N LEU Q 301 4.49 -29.21 30.03
CA LEU Q 301 5.51 -28.39 29.42
C LEU Q 301 5.86 -27.20 30.30
N CYS Q 302 4.89 -26.68 31.05
CA CYS Q 302 5.21 -25.58 31.96
C CYS Q 302 6.12 -26.05 33.09
N ARG Q 303 5.84 -27.24 33.64
CA ARG Q 303 6.73 -27.82 34.65
C ARG Q 303 8.09 -28.12 34.07
N HIS Q 304 8.13 -28.62 32.84
CA HIS Q 304 9.39 -28.95 32.18
C HIS Q 304 10.22 -27.71 31.91
N GLN Q 305 9.56 -26.61 31.52
CA GLN Q 305 10.26 -25.37 31.29
C GLN Q 305 10.78 -24.77 32.59
N LYS Q 306 10.01 -24.91 33.67
CA LYS Q 306 10.49 -24.41 34.95
C LYS Q 306 11.69 -25.20 35.43
N ILE Q 307 11.67 -26.53 35.27
CA ILE Q 307 12.78 -27.30 35.81
C ILE Q 307 14.00 -27.19 34.91
N CYS Q 308 13.83 -26.99 33.60
CA CYS Q 308 14.98 -26.74 32.76
C CYS Q 308 15.44 -25.29 32.79
N GLN Q 309 14.67 -24.42 33.43
CA GLN Q 309 15.21 -23.11 33.75
C GLN Q 309 15.98 -23.14 35.06
N LEU Q 310 15.44 -23.83 36.07
CA LEU Q 310 16.05 -23.90 37.38
C LEU Q 310 17.30 -24.75 37.44
N LEU Q 311 17.63 -25.47 36.37
CA LEU Q 311 18.80 -26.31 36.35
C LEU Q 311 19.91 -25.72 35.48
N ASN Q 312 19.74 -24.48 35.04
CA ASN Q 312 20.73 -23.79 34.24
C ASN Q 312 21.11 -22.43 34.84
N THR Q 313 20.95 -22.25 36.14
CA THR Q 313 21.11 -20.94 36.74
C THR Q 313 22.58 -20.53 36.82
N PHE Q 314 23.44 -21.46 37.09
CA PHE Q 314 24.84 -21.15 37.22
C PHE Q 314 25.47 -20.94 35.84
N PRO Q 315 26.51 -20.10 35.74
CA PRO Q 315 27.18 -19.91 34.45
C PRO Q 315 27.94 -21.13 33.96
N VAL Q 316 28.78 -21.70 34.81
CA VAL Q 316 29.63 -22.81 34.39
C VAL Q 316 29.10 -24.10 34.99
N LYS Q 317 29.47 -25.20 34.35
CA LYS Q 317 29.20 -26.53 34.86
C LYS Q 317 30.48 -27.34 34.78
N VAL Q 318 30.78 -28.08 35.83
CA VAL Q 318 31.99 -28.87 35.90
C VAL Q 318 31.60 -30.33 36.06
N VAL Q 319 32.55 -31.23 35.85
CA VAL Q 319 32.43 -32.64 36.22
C VAL Q 319 33.60 -32.96 37.13
N THR Q 320 33.46 -34.00 37.93
CA THR Q 320 34.55 -34.47 38.77
C THR Q 320 34.33 -35.91 39.21
N ASP Q 488 10.22 -12.31 48.38
CA ASP Q 488 11.67 -12.20 48.51
C ASP Q 488 12.22 -11.14 47.59
N ALA Q 489 12.16 -9.88 48.04
CA ALA Q 489 12.68 -8.75 47.28
C ALA Q 489 14.03 -8.29 47.82
N GLU Q 490 14.86 -9.23 48.26
CA GLU Q 490 16.12 -8.88 48.91
C GLU Q 490 17.13 -8.30 47.93
N LEU Q 491 17.00 -8.62 46.65
CA LEU Q 491 18.00 -8.20 45.69
C LEU Q 491 17.77 -6.75 45.25
N TYR Q 492 16.55 -6.26 45.35
CA TYR Q 492 16.24 -4.97 44.77
C TYR Q 492 16.75 -3.81 45.62
N HIS Q 493 16.32 -3.74 46.88
CA HIS Q 493 16.63 -2.60 47.74
C HIS Q 493 18.12 -2.52 48.05
N LEU Q 494 18.74 -3.65 48.34
CA LEU Q 494 20.11 -3.67 48.80
C LEU Q 494 21.06 -3.42 47.63
N PRO Q 495 22.10 -2.60 47.81
CA PRO Q 495 22.92 -2.17 46.67
C PRO Q 495 23.85 -3.27 46.19
N VAL Q 496 24.56 -2.98 45.09
CA VAL Q 496 25.21 -4.01 44.29
C VAL Q 496 26.45 -4.59 44.94
N LEU Q 497 27.15 -3.81 45.77
CA LEU Q 497 28.38 -4.28 46.40
C LEU Q 497 28.12 -5.43 47.36
N GLU Q 498 26.97 -5.44 48.02
CA GLU Q 498 26.56 -6.59 48.82
C GLU Q 498 25.64 -7.53 48.04
N ALA Q 499 25.05 -7.07 46.94
CA ALA Q 499 24.19 -7.94 46.15
C ALA Q 499 25.01 -9.00 45.45
N VAL Q 500 26.21 -8.64 44.99
CA VAL Q 500 27.09 -9.64 44.38
C VAL Q 500 27.61 -10.60 45.44
N ARG Q 501 27.61 -10.19 46.72
CA ARG Q 501 27.96 -11.09 47.80
C ARG Q 501 26.83 -12.07 48.08
N LYS Q 502 25.61 -11.57 48.18
CA LYS Q 502 24.47 -12.43 48.48
C LYS Q 502 24.12 -13.34 47.32
N ALA Q 503 24.37 -12.91 46.08
CA ALA Q 503 24.10 -13.76 44.94
C ALA Q 503 25.07 -14.93 44.86
N ARG Q 504 26.32 -14.74 45.28
CA ARG Q 504 27.31 -15.79 45.13
C ARG Q 504 27.07 -16.94 46.10
N ASP Q 505 26.60 -16.65 47.31
CA ASP Q 505 26.15 -17.70 48.20
C ASP Q 505 24.71 -18.10 47.94
N ALA Q 506 23.97 -17.31 47.17
CA ALA Q 506 22.60 -17.66 46.85
C ALA Q 506 22.52 -18.80 45.84
N ALA Q 507 23.56 -18.99 45.04
CA ALA Q 507 23.66 -20.11 44.11
C ALA Q 507 25.01 -20.77 44.35
N PRO Q 508 25.09 -21.70 45.29
CA PRO Q 508 26.36 -22.35 45.58
C PRO Q 508 26.79 -23.26 44.43
N PHE Q 509 28.06 -23.12 44.06
CA PHE Q 509 28.66 -23.91 43.00
C PHE Q 509 28.78 -25.34 43.50
N ARG Q 510 28.08 -26.25 42.83
CA ARG Q 510 28.12 -27.65 43.23
C ARG Q 510 28.65 -28.48 42.08
N PRO Q 511 29.72 -29.24 42.28
CA PRO Q 511 30.18 -30.16 41.24
C PRO Q 511 29.40 -31.46 41.20
N LEU Q 512 29.84 -32.41 40.38
CA LEU Q 512 29.13 -33.67 40.23
C LEU Q 512 30.10 -34.78 39.86
N ALA Q 513 29.92 -35.96 40.47
CA ALA Q 513 30.99 -36.96 40.47
C ALA Q 513 30.43 -38.35 40.60
N VAL Q 514 30.99 -39.28 39.82
CA VAL Q 514 30.78 -40.72 39.95
C VAL Q 514 32.13 -41.39 39.72
N GLU Q 515 32.47 -42.37 40.56
CA GLU Q 515 33.73 -43.10 40.44
C GLU Q 515 33.77 -43.91 39.14
N ASP Q 516 34.94 -43.94 38.51
CA ASP Q 516 35.26 -44.82 37.40
C ASP Q 516 36.75 -45.09 37.39
N ASN Q 517 37.12 -46.29 36.94
CA ASN Q 517 38.51 -46.73 36.94
C ASN Q 517 39.09 -46.62 35.53
N ARG Q 518 40.25 -45.95 35.42
CA ARG Q 518 41.06 -45.84 34.21
C ARG Q 518 40.35 -45.22 33.03
N LEU Q 519 39.25 -44.49 33.24
CA LEU Q 519 38.35 -44.11 32.17
C LEU Q 519 37.46 -42.96 32.64
N VAL Q 520 37.49 -41.85 31.88
CA VAL Q 520 36.74 -40.65 32.23
C VAL Q 520 35.88 -40.31 31.02
N ALA Q 521 35.23 -39.16 31.05
CA ALA Q 521 34.22 -38.83 30.06
C ALA Q 521 34.79 -38.11 28.85
N ASN Q 522 34.11 -38.27 27.72
CA ASN Q 522 34.19 -37.36 26.59
C ASN Q 522 32.85 -36.69 26.42
N SER Q 523 32.66 -35.54 27.07
CA SER Q 523 31.34 -35.06 27.40
C SER Q 523 30.81 -34.08 26.36
N PHE Q 524 29.51 -33.80 26.46
CA PHE Q 524 28.83 -32.84 25.62
C PHE Q 524 27.86 -32.04 26.47
N PHE Q 525 27.52 -30.86 25.99
CA PHE Q 525 26.69 -29.92 26.73
C PHE Q 525 25.48 -29.51 25.90
N SER Q 526 24.34 -29.39 26.55
CA SER Q 526 23.09 -29.04 25.89
C SER Q 526 22.42 -27.91 26.67
N GLN Q 527 22.08 -26.83 25.97
CA GLN Q 527 21.38 -25.70 26.56
C GLN Q 527 20.15 -25.45 25.70
N PHE Q 528 18.98 -25.72 26.26
CA PHE Q 528 17.75 -25.32 25.59
C PHE Q 528 16.68 -25.07 26.63
N VAL Q 529 15.71 -24.25 26.22
CA VAL Q 529 14.49 -24.01 26.98
C VAL Q 529 13.35 -24.36 26.03
N PRO Q 530 12.34 -25.11 26.45
CA PRO Q 530 11.21 -25.37 25.55
C PRO Q 530 10.35 -24.13 25.33
N GLY Q 531 10.03 -23.88 24.07
CA GLY Q 531 9.26 -22.71 23.72
C GLY Q 531 7.79 -22.87 24.05
N THR Q 532 7.24 -21.95 24.84
CA THR Q 532 5.85 -22.09 25.26
C THR Q 532 4.90 -21.38 24.31
N GLU Q 533 5.41 -20.43 23.53
CA GLU Q 533 4.50 -19.56 22.78
C GLU Q 533 3.85 -20.27 21.62
N SER Q 534 4.49 -21.32 21.09
CA SER Q 534 3.94 -22.02 19.94
C SER Q 534 2.68 -22.79 20.31
N LEU Q 535 2.80 -23.74 21.24
CA LEU Q 535 1.61 -24.44 21.69
C LEU Q 535 0.72 -23.58 22.55
N GLU Q 536 1.21 -22.45 23.06
CA GLU Q 536 0.34 -21.52 23.77
C GLU Q 536 -0.63 -20.86 22.82
N ARG Q 537 -0.12 -20.35 21.69
CA ARG Q 537 -1.00 -19.81 20.66
C ARG Q 537 -1.88 -20.90 20.08
N PHE Q 538 -1.35 -22.12 19.94
CA PHE Q 538 -2.14 -23.23 19.43
C PHE Q 538 -3.26 -23.61 20.39
N LEU Q 539 -2.99 -23.63 21.69
CA LEU Q 539 -4.00 -23.98 22.66
C LEU Q 539 -5.05 -22.90 22.83
N THR Q 540 -4.65 -21.64 22.77
CA THR Q 540 -5.64 -20.58 22.86
C THR Q 540 -6.51 -20.53 21.63
N GLN Q 541 -5.93 -20.79 20.46
CA GLN Q 541 -6.74 -20.91 19.24
C GLN Q 541 -7.66 -22.11 19.32
N LEU Q 542 -7.19 -23.20 19.93
CA LEU Q 542 -8.00 -24.40 20.06
C LEU Q 542 -9.18 -24.15 20.98
N TRP Q 543 -8.92 -23.54 22.12
CA TRP Q 543 -9.96 -23.21 23.08
C TRP Q 543 -10.96 -22.23 22.49
N GLU Q 544 -10.46 -21.26 21.72
CA GLU Q 544 -11.30 -20.23 21.12
C GLU Q 544 -12.24 -20.82 20.08
N ASN Q 545 -11.69 -21.54 19.09
CA ASN Q 545 -12.57 -22.06 18.08
C ASN Q 545 -13.42 -23.20 18.61
N GLU Q 546 -12.99 -23.87 19.69
CA GLU Q 546 -13.81 -24.90 20.28
C GLU Q 546 -15.05 -24.30 20.95
N TYR Q 547 -14.85 -23.28 21.78
CA TYR Q 547 -15.99 -22.64 22.43
C TYR Q 547 -16.78 -21.76 21.49
N PHE Q 548 -16.31 -21.58 20.25
CA PHE Q 548 -17.20 -20.95 19.28
C PHE Q 548 -17.98 -21.97 18.48
N ARG Q 549 -17.43 -23.18 18.30
CA ARG Q 549 -18.25 -24.18 17.63
C ARG Q 549 -19.33 -24.73 18.56
N THR Q 550 -18.94 -25.27 19.73
CA THR Q 550 -19.93 -26.03 20.48
C THR Q 550 -20.97 -25.16 21.16
N PHE Q 551 -20.71 -23.87 21.33
CA PHE Q 551 -21.75 -22.91 21.61
C PHE Q 551 -21.45 -21.73 20.70
N ARG Q 552 -22.45 -21.26 19.96
CA ARG Q 552 -22.18 -20.24 18.96
C ARG Q 552 -22.17 -18.87 19.63
N LEU Q 553 -21.10 -18.60 20.35
CA LEU Q 553 -20.91 -17.28 20.94
C LEU Q 553 -20.62 -16.29 19.82
N ARG Q 554 -21.20 -15.11 19.90
CA ARG Q 554 -20.93 -14.14 18.86
C ARG Q 554 -19.69 -13.31 19.20
N ARG Q 555 -19.17 -12.64 18.18
CA ARG Q 555 -18.07 -11.69 18.34
C ARG Q 555 -18.51 -10.37 17.72
N LEU Q 556 -19.24 -9.58 18.48
CA LEU Q 556 -19.70 -8.30 17.98
C LEU Q 556 -18.56 -7.29 18.09
N VAL Q 557 -18.22 -6.63 16.98
CA VAL Q 557 -17.19 -5.59 16.96
C VAL Q 557 -17.63 -4.43 16.09
N THR Q 558 -16.97 -3.29 16.27
CA THR Q 558 -17.09 -2.18 15.35
C THR Q 558 -16.05 -2.32 14.24
N HIS Q 559 -16.02 -1.33 13.34
CA HIS Q 559 -15.10 -1.37 12.21
C HIS Q 559 -13.66 -1.26 12.70
N GLN Q 560 -12.80 -2.13 12.14
CA GLN Q 560 -11.48 -2.54 12.63
C GLN Q 560 -11.44 -2.68 14.15
N GLY Q 561 -12.48 -3.29 14.72
CA GLY Q 561 -12.60 -3.43 16.15
C GLY Q 561 -12.19 -4.81 16.58
N ALA Q 562 -11.47 -4.89 17.70
CA ALA Q 562 -10.87 -6.12 18.15
C ALA Q 562 -11.58 -6.61 19.41
N GLU Q 563 -12.41 -7.65 19.26
CA GLU Q 563 -13.17 -8.37 20.29
C GLU Q 563 -13.83 -7.43 21.31
N GLU Q 564 -14.80 -6.66 20.84
CA GLU Q 564 -15.53 -5.76 21.72
C GLU Q 564 -16.33 -6.54 22.75
N ALA Q 565 -16.96 -7.63 22.36
CA ALA Q 565 -17.75 -8.43 23.28
C ALA Q 565 -17.90 -9.83 22.74
N ILE Q 566 -17.87 -10.81 23.63
CA ILE Q 566 -18.26 -12.18 23.33
C ILE Q 566 -19.48 -12.47 24.18
N VAL Q 567 -20.59 -12.85 23.54
CA VAL Q 567 -21.88 -12.85 24.21
C VAL Q 567 -22.73 -13.99 23.70
N TYR Q 568 -23.76 -14.33 24.47
CA TYR Q 568 -24.65 -15.44 24.16
C TYR Q 568 -25.46 -15.16 22.90
N SER Q 569 -25.59 -16.17 22.05
CA SER Q 569 -26.46 -16.09 20.89
C SER Q 569 -27.53 -17.17 20.97
N ASN Q 570 -28.27 -17.31 19.88
CA ASN Q 570 -29.52 -18.06 19.89
C ASN Q 570 -29.33 -19.52 20.22
N TYR Q 571 -28.25 -20.12 19.72
CA TYR Q 571 -28.02 -21.51 20.03
C TYR Q 571 -27.51 -21.69 21.46
N THR Q 572 -26.81 -20.69 22.01
CA THR Q 572 -26.22 -20.82 23.33
C THR Q 572 -27.29 -20.86 24.41
N VAL Q 573 -28.26 -19.94 24.34
CA VAL Q 573 -29.34 -19.92 25.31
C VAL Q 573 -30.19 -21.17 25.17
N GLU Q 574 -30.42 -21.62 23.93
CA GLU Q 574 -31.14 -22.86 23.67
C GLU Q 574 -30.40 -24.08 24.22
N ARG Q 575 -29.07 -24.01 24.28
CA ARG Q 575 -28.37 -25.21 24.70
C ARG Q 575 -28.18 -25.27 26.21
N VAL Q 576 -28.02 -24.13 26.89
CA VAL Q 576 -27.73 -24.16 28.32
C VAL Q 576 -28.84 -23.57 29.17
N THR Q 577 -29.49 -22.49 28.77
CA THR Q 577 -30.42 -21.87 29.70
C THR Q 577 -31.77 -22.55 29.67
N LEU Q 578 -32.29 -22.81 28.48
CA LEU Q 578 -33.57 -23.50 28.37
C LEU Q 578 -33.58 -24.93 28.92
N PRO Q 579 -32.56 -25.79 28.76
CA PRO Q 579 -32.64 -27.09 29.43
C PRO Q 579 -32.45 -26.98 30.94
N TYR Q 580 -31.76 -25.94 31.40
CA TYR Q 580 -31.70 -25.66 32.82
C TYR Q 580 -33.09 -25.42 33.37
N LEU Q 581 -33.85 -24.53 32.74
CA LEU Q 581 -35.22 -24.28 33.18
C LEU Q 581 -36.15 -25.43 32.81
N CYS Q 582 -35.72 -26.34 31.95
CA CYS Q 582 -36.46 -27.58 31.78
C CYS Q 582 -36.38 -28.45 33.02
N HIS Q 583 -35.18 -28.62 33.57
CA HIS Q 583 -35.11 -29.47 34.75
C HIS Q 583 -35.37 -28.71 36.05
N ILE Q 584 -35.50 -27.38 36.01
CA ILE Q 584 -36.12 -26.66 37.12
C ILE Q 584 -37.63 -26.60 36.90
N LEU Q 585 -38.09 -26.95 35.70
CA LEU Q 585 -39.50 -27.03 35.31
C LEU Q 585 -40.21 -25.69 35.45
N ALA Q 586 -39.48 -24.60 35.31
CA ALA Q 586 -40.15 -23.31 35.16
C ALA Q 586 -40.55 -23.04 33.72
N LEU Q 587 -40.11 -23.90 32.79
CA LEU Q 587 -40.27 -23.67 31.35
C LEU Q 587 -41.71 -23.81 30.88
N GLY Q 588 -42.60 -24.38 31.69
CA GLY Q 588 -44.00 -24.47 31.33
C GLY Q 588 -44.71 -23.15 31.24
N THR Q 589 -44.10 -22.08 31.73
CA THR Q 589 -44.62 -20.73 31.57
C THR Q 589 -43.72 -19.80 30.79
N LEU Q 590 -42.45 -20.16 30.55
CA LEU Q 590 -41.43 -19.22 30.09
C LEU Q 590 -41.13 -19.42 28.61
N ASP Q 591 -40.13 -18.67 28.15
CA ASP Q 591 -39.76 -18.58 26.74
C ASP Q 591 -38.36 -18.00 26.64
N PRO Q 592 -37.64 -18.27 25.55
CA PRO Q 592 -36.30 -17.69 25.42
C PRO Q 592 -36.34 -16.20 25.17
N VAL Q 593 -35.31 -15.51 25.66
CA VAL Q 593 -35.09 -14.12 25.29
C VAL Q 593 -34.32 -14.13 23.98
N PRO Q 594 -34.62 -13.23 23.05
CA PRO Q 594 -33.74 -13.08 21.88
C PRO Q 594 -32.41 -12.51 22.33
N GLU Q 595 -31.36 -12.94 21.62
CA GLU Q 595 -30.01 -12.70 22.06
C GLU Q 595 -29.62 -11.24 21.92
N ALA Q 596 -30.27 -10.52 21.01
CA ALA Q 596 -30.05 -9.09 20.89
C ALA Q 596 -30.51 -8.34 22.14
N TYR Q 597 -31.48 -8.89 22.86
CA TYR Q 597 -31.98 -8.24 24.06
C TYR Q 597 -31.06 -8.48 25.24
N LEU Q 598 -30.28 -9.56 25.20
CA LEU Q 598 -29.56 -10.00 26.38
C LEU Q 598 -28.41 -9.06 26.72
N GLN Q 599 -27.91 -8.33 25.73
CA GLN Q 599 -26.88 -7.34 25.99
C GLN Q 599 -27.41 -6.11 26.72
N LEU Q 600 -28.73 -5.95 26.80
CA LEU Q 600 -29.31 -4.74 27.37
C LEU Q 600 -29.30 -4.80 28.90
N SER Q 601 -29.96 -3.83 29.50
CA SER Q 601 -29.88 -3.62 30.94
C SER Q 601 -30.81 -4.56 31.69
N PHE Q 602 -30.65 -4.54 33.02
CA PHE Q 602 -31.56 -5.27 33.89
C PHE Q 602 -32.92 -4.59 33.94
N GLY Q 603 -32.93 -3.27 33.78
CA GLY Q 603 -34.16 -2.52 33.93
C GLY Q 603 -34.72 -1.99 32.63
N GLU Q 604 -33.89 -1.91 31.60
CA GLU Q 604 -34.34 -1.41 30.31
C GLU Q 604 -34.93 -2.51 29.46
N ILE Q 605 -34.64 -3.76 29.79
CA ILE Q 605 -35.09 -4.92 29.02
C ILE Q 605 -36.61 -5.02 28.97
N VAL Q 606 -37.30 -4.59 30.04
CA VAL Q 606 -38.75 -4.72 30.06
C VAL Q 606 -39.39 -3.71 29.12
N ALA Q 607 -38.73 -2.57 28.90
CA ALA Q 607 -39.27 -1.52 28.04
C ALA Q 607 -39.38 -1.97 26.60
N ALA Q 608 -38.48 -2.84 26.18
CA ALA Q 608 -38.64 -3.46 24.89
C ALA Q 608 -39.37 -4.79 24.97
N ALA Q 609 -39.44 -5.39 26.16
CA ALA Q 609 -40.07 -6.69 26.30
C ALA Q 609 -41.58 -6.58 26.13
N TYR Q 610 -42.23 -5.69 26.87
CA TYR Q 610 -43.65 -5.54 26.59
C TYR Q 610 -43.90 -4.68 25.35
N ASP Q 611 -42.87 -4.05 24.79
CA ASP Q 611 -43.03 -3.50 23.46
C ASP Q 611 -43.14 -4.62 22.44
N ASP Q 612 -42.45 -5.74 22.68
CA ASP Q 612 -42.55 -6.89 21.80
C ASP Q 612 -43.93 -7.53 21.86
N SER Q 613 -44.63 -7.37 22.98
CA SER Q 613 -46.01 -7.80 23.06
C SER Q 613 -46.91 -6.75 22.41
N LYS Q 614 -48.21 -7.01 22.46
CA LYS Q 614 -49.20 -6.10 21.88
C LYS Q 614 -49.69 -5.06 22.86
N PHE Q 615 -49.00 -4.88 23.98
CA PHE Q 615 -49.39 -3.86 24.92
C PHE Q 615 -49.19 -2.47 24.33
N CYS Q 616 -48.00 -2.22 23.79
CA CYS Q 616 -47.77 -0.96 23.08
C CYS Q 616 -48.32 -0.99 21.66
N ARG Q 617 -48.64 -2.16 21.11
CA ARG Q 617 -49.28 -2.21 19.81
C ARG Q 617 -50.76 -1.91 19.89
N TYR Q 618 -51.38 -2.08 21.05
CA TYR Q 618 -52.79 -1.72 21.19
C TYR Q 618 -52.95 -0.23 21.40
N VAL Q 619 -51.89 0.45 21.82
CA VAL Q 619 -51.94 1.90 21.98
C VAL Q 619 -52.09 2.59 20.64
N GLU Q 620 -51.53 2.03 19.57
CA GLU Q 620 -51.71 2.62 18.25
C GLU Q 620 -53.15 2.47 17.78
N LEU Q 621 -53.81 1.36 18.12
CA LEU Q 621 -55.19 1.18 17.72
C LEU Q 621 -56.13 2.05 18.54
N ILE Q 622 -55.89 2.19 19.84
CA ILE Q 622 -56.70 3.13 20.59
C ILE Q 622 -56.34 4.57 20.26
N CYS Q 623 -55.13 4.82 19.77
CA CYS Q 623 -54.77 6.12 19.21
C CYS Q 623 -55.59 6.46 17.99
N SER Q 624 -55.71 5.51 17.06
CA SER Q 624 -56.56 5.73 15.90
C SER Q 624 -58.03 5.83 16.28
N ARG Q 625 -58.44 5.09 17.32
CA ARG Q 625 -59.82 5.16 17.76
C ARG Q 625 -60.13 6.50 18.41
N GLU Q 626 -59.20 7.04 19.19
CA GLU Q 626 -59.41 8.35 19.79
C GLU Q 626 -59.31 9.46 18.75
N LYS Q 627 -58.41 9.31 17.77
CA LYS Q 627 -58.29 10.30 16.71
C LYS Q 627 -59.52 10.28 15.81
N ALA Q 628 -60.17 9.12 15.65
CA ALA Q 628 -61.43 9.08 14.93
C ALA Q 628 -62.56 9.63 15.80
N ARG Q 629 -62.51 9.35 17.11
CA ARG Q 629 -63.58 9.74 18.04
C ARG Q 629 -63.66 11.25 18.17
N ARG Q 630 -62.54 11.94 18.15
CA ARG Q 630 -62.57 13.40 18.14
C ARG Q 630 -62.40 14.02 16.76
N ARG Q 631 -62.04 13.23 15.74
CA ARG Q 631 -62.00 13.75 14.39
C ARG Q 631 -63.40 13.86 13.81
N GLN Q 632 -64.28 12.92 14.17
CA GLN Q 632 -65.70 13.07 13.84
C GLN Q 632 -66.36 14.15 14.69
N MET Q 633 -65.74 14.54 15.81
CA MET Q 633 -66.20 15.70 16.56
C MET Q 633 -65.77 17.00 15.88
N SER Q 634 -64.53 17.06 15.39
CA SER Q 634 -64.05 18.28 14.76
C SER Q 634 -64.47 18.35 13.30
N ARG Q 635 -64.45 17.23 12.59
CA ARG Q 635 -64.74 17.22 11.17
C ARG Q 635 -65.88 16.25 10.82
N UNK R 1 -56.75 19.54 35.43
CA UNK R 1 -55.58 19.21 34.65
C UNK R 1 -54.62 18.31 35.45
N UNK R 2 -54.57 17.03 35.09
CA UNK R 2 -53.78 16.05 35.82
C UNK R 2 -53.19 15.04 34.85
N UNK R 3 -52.36 14.14 35.39
CA UNK R 3 -51.63 13.20 34.56
C UNK R 3 -52.55 12.09 34.06
N UNK R 4 -52.02 11.27 33.15
CA UNK R 4 -52.82 10.19 32.60
C UNK R 4 -52.59 8.87 33.32
N UNK R 5 -51.46 8.72 33.97
CA UNK R 5 -51.18 7.57 34.81
C UNK R 5 -50.71 7.96 36.21
N UNK R 6 -49.93 9.04 36.31
CA UNK R 6 -49.40 9.44 37.60
C UNK R 6 -50.41 10.20 38.45
N UNK R 7 -51.55 10.59 37.89
CA UNK R 7 -52.57 11.28 38.68
C UNK R 7 -53.23 10.31 39.64
N UNK R 8 -53.53 9.09 39.19
CA UNK R 8 -54.00 8.06 40.10
C UNK R 8 -52.87 7.57 41.00
N UNK R 9 -51.61 7.78 40.60
CA UNK R 9 -50.49 7.44 41.48
C UNK R 9 -50.29 8.49 42.56
N UNK R 10 -50.78 9.70 42.35
CA UNK R 10 -50.71 10.75 43.35
C UNK R 10 -51.99 10.82 44.18
N UNK R 11 -53.12 11.03 43.53
CA UNK R 11 -54.43 10.99 44.16
C UNK R 11 -55.12 9.73 43.66
N UNK R 12 -55.22 8.73 44.53
CA UNK R 12 -55.65 7.39 44.14
C UNK R 12 -57.12 7.39 43.72
N UNK R 13 -57.39 6.85 42.53
CA UNK R 13 -58.72 6.85 41.94
C UNK R 13 -59.55 5.75 42.61
N UNK R 14 -60.02 6.06 43.83
CA UNK R 14 -60.92 5.15 44.52
C UNK R 14 -62.36 5.63 44.39
N UNK R 15 -62.60 6.93 44.52
CA UNK R 15 -63.93 7.50 44.43
C UNK R 15 -64.43 7.48 42.99
N ASP S 52 26.77 31.58 65.31
CA ASP S 52 26.75 30.85 64.04
C ASP S 52 25.62 29.83 64.04
N GLU S 53 24.65 30.02 63.17
CA GLU S 53 23.50 29.13 63.06
C GLU S 53 23.78 28.10 61.98
N ALA S 54 23.54 26.84 62.29
CA ALA S 54 23.64 25.77 61.30
C ALA S 54 22.49 25.89 60.31
N VAL S 55 22.80 26.23 59.06
CA VAL S 55 21.81 26.57 58.06
C VAL S 55 22.07 25.72 56.84
N ILE S 56 21.06 24.98 56.37
CA ILE S 56 21.25 24.17 55.18
C ILE S 56 21.22 25.06 53.95
N ASP S 57 22.14 24.79 53.03
CA ASP S 57 22.44 25.63 51.89
C ASP S 57 22.09 24.90 50.60
N ILE S 58 21.60 25.67 49.61
CA ILE S 58 21.14 25.01 48.40
C ILE S 58 21.85 25.48 47.14
N PHE S 59 22.27 26.75 47.07
CA PHE S 59 22.64 27.21 45.73
C PHE S 59 24.02 26.75 45.25
N PRO S 60 25.17 27.17 45.82
CA PRO S 60 26.45 26.90 45.14
C PRO S 60 27.08 25.58 45.56
N THR S 61 26.26 24.54 45.65
CA THR S 61 26.77 23.19 45.80
C THR S 61 27.06 22.62 44.43
N GLY S 62 27.54 21.38 44.40
CA GLY S 62 27.70 20.70 43.13
C GLY S 62 26.36 20.43 42.46
N GLN S 63 25.34 20.10 43.25
CA GLN S 63 24.05 19.67 42.73
C GLN S 63 23.32 20.74 41.96
N THR S 64 23.61 22.00 42.19
CA THR S 64 22.96 23.06 41.45
C THR S 64 23.91 23.93 40.64
N MET S 65 25.20 23.97 40.97
CA MET S 65 26.13 24.65 40.06
C MET S 65 26.35 23.79 38.83
N SER S 66 26.27 22.47 38.97
CA SER S 66 26.30 21.61 37.80
C SER S 66 25.04 21.76 36.95
N PHE S 67 23.93 22.20 37.56
CA PHE S 67 22.68 22.34 36.83
C PHE S 67 22.77 23.41 35.76
N LEU S 68 23.39 24.54 36.07
CA LEU S 68 23.49 25.60 35.08
C LEU S 68 24.51 25.26 34.00
N ARG S 69 25.50 24.42 34.33
CA ARG S 69 26.47 24.02 33.33
C ARG S 69 25.86 23.03 32.35
N LEU S 70 25.07 22.08 32.86
CA LEU S 70 24.39 21.16 31.95
C LEU S 70 23.29 21.85 31.18
N LEU S 71 22.63 22.83 31.79
CA LEU S 71 21.44 23.38 31.17
C LEU S 71 21.81 24.33 30.03
N HIS S 72 22.96 25.00 30.15
CA HIS S 72 23.56 25.65 29.01
C HIS S 72 24.71 24.84 28.43
N GLY S 73 24.74 23.55 28.70
CA GLY S 73 25.48 22.62 27.86
C GLY S 73 26.98 22.60 28.00
N PHE S 74 27.51 22.89 29.18
CA PHE S 74 28.93 22.64 29.38
C PHE S 74 29.21 21.15 29.43
N LEU S 75 28.31 20.38 30.02
CA LEU S 75 28.53 18.96 30.25
C LEU S 75 27.58 18.10 29.43
N GLY S 76 26.28 18.23 29.65
CA GLY S 76 25.33 17.42 28.94
C GLY S 76 24.98 18.00 27.58
N THR S 77 24.68 17.11 26.64
CA THR S 77 24.18 17.54 25.34
C THR S 77 23.28 16.46 24.77
N CYS S 78 22.30 16.89 24.00
CA CYS S 78 21.26 16.04 23.39
C CYS S 78 20.46 16.94 22.48
N ARG S 79 19.52 16.35 21.75
CA ARG S 79 18.62 17.18 20.97
C ARG S 79 17.53 17.84 21.81
N GLY S 80 17.41 17.48 23.08
CA GLY S 80 16.43 18.12 23.94
C GLY S 80 16.87 19.47 24.46
N GLN S 81 18.16 19.78 24.38
CA GLN S 81 18.71 21.04 24.88
C GLN S 81 18.10 22.24 24.17
N SER S 82 17.66 22.06 22.93
CA SER S 82 17.03 23.14 22.19
C SER S 82 15.68 23.52 22.77
N MET S 83 15.00 22.59 23.44
CA MET S 83 13.69 22.88 23.97
C MET S 83 13.75 23.74 25.23
N HIS S 84 14.95 23.93 25.77
CA HIS S 84 15.12 24.96 26.77
C HIS S 84 15.37 26.31 26.12
N GLN S 85 16.06 26.33 24.98
CA GLN S 85 16.32 27.60 24.33
C GLN S 85 15.07 28.19 23.73
N VAL S 86 14.09 27.35 23.37
CA VAL S 86 12.84 27.90 22.89
C VAL S 86 12.07 28.55 24.02
N LEU S 87 12.32 28.14 25.27
CA LEU S 87 11.64 28.70 26.43
C LEU S 87 12.20 30.04 26.87
N ARG S 88 13.32 30.47 26.31
CA ARG S 88 13.92 31.74 26.71
C ARG S 88 14.16 32.63 25.52
N ASP S 89 13.15 32.81 24.69
CA ASP S 89 13.26 33.89 23.73
C ASP S 89 12.97 35.18 24.45
N PRO S 90 13.94 36.08 24.63
CA PRO S 90 13.67 37.31 25.37
C PRO S 90 12.88 38.33 24.58
N CYS S 91 12.55 38.05 23.32
CA CYS S 91 11.66 38.91 22.57
C CYS S 91 10.20 38.69 22.94
N VAL S 92 9.84 37.50 23.43
CA VAL S 92 8.43 37.26 23.70
C VAL S 92 7.98 37.99 24.94
N LEU S 93 8.90 38.30 25.85
CA LEU S 93 8.55 39.11 27.00
C LEU S 93 8.25 40.53 26.58
N ARG S 94 9.05 41.08 25.68
CA ARG S 94 8.78 42.43 25.21
C ARG S 94 7.54 42.46 24.32
N LYS S 95 7.22 41.35 23.65
CA LYS S 95 5.97 41.27 22.90
C LYS S 95 4.77 41.34 23.84
N GLN S 96 4.79 40.51 24.90
CA GLN S 96 3.66 40.52 25.84
C GLN S 96 3.58 41.84 26.58
N LEU S 97 4.73 42.44 26.86
CA LEU S 97 4.77 43.73 27.53
C LEU S 97 4.14 44.82 26.66
N LEU S 98 4.50 44.85 25.38
CA LEU S 98 3.93 45.88 24.53
C LEU S 98 2.46 45.61 24.25
N TYR S 99 2.07 44.33 24.19
CA TYR S 99 0.66 43.99 24.02
C TYR S 99 -0.15 44.46 25.20
N GLY S 100 0.38 44.28 26.41
CA GLY S 100 -0.35 44.71 27.59
C GLY S 100 -0.45 46.21 27.69
N VAL S 101 0.64 46.91 27.39
CA VAL S 101 0.58 48.36 27.56
C VAL S 101 -0.24 48.99 26.43
N CYS S 102 -0.26 48.38 25.24
CA CYS S 102 -1.12 48.92 24.19
C CYS S 102 -2.57 48.56 24.42
N LYS S 103 -2.86 47.40 24.99
CA LYS S 103 -4.25 47.06 25.29
C LYS S 103 -4.81 47.95 26.39
N THR S 104 -3.99 48.26 27.41
CA THR S 104 -4.43 49.22 28.41
C THR S 104 -4.48 50.63 27.84
N LEU S 105 -3.65 50.92 26.84
CA LEU S 105 -3.64 52.22 26.21
C LEU S 105 -4.88 52.47 25.37
N PHE S 106 -5.29 51.47 24.60
CA PHE S 106 -6.19 51.75 23.49
C PHE S 106 -7.64 51.75 23.90
N ASP S 107 -8.01 51.04 24.96
CA ASP S 107 -9.41 50.95 25.33
C ASP S 107 -9.90 52.12 26.18
N THR S 108 -9.18 53.24 26.20
CA THR S 108 -9.52 54.29 27.15
C THR S 108 -10.58 55.25 26.59
N ILE S 109 -10.29 55.91 25.48
CA ILE S 109 -11.12 57.03 25.05
C ILE S 109 -11.68 56.73 23.65
N THR S 110 -12.02 55.45 23.44
CA THR S 110 -12.50 54.98 22.14
C THR S 110 -13.84 55.59 21.75
N VAL S 111 -14.58 56.15 22.70
CA VAL S 111 -15.95 56.56 22.40
C VAL S 111 -16.03 58.04 22.03
N ARG S 112 -15.31 58.90 22.75
CA ARG S 112 -15.55 60.33 22.59
C ARG S 112 -14.76 60.92 21.43
N ARG S 113 -13.44 60.69 21.42
CA ARG S 113 -12.57 61.39 20.47
C ARG S 113 -12.74 60.89 19.05
N VAL S 114 -13.30 59.70 18.86
CA VAL S 114 -13.57 59.24 17.50
C VAL S 114 -14.67 60.09 16.89
N ALA S 115 -15.58 60.62 17.70
CA ALA S 115 -16.57 61.57 17.22
C ALA S 115 -15.99 62.97 17.06
N GLU S 116 -15.14 63.39 18.01
CA GLU S 116 -14.67 64.77 18.03
C GLU S 116 -13.66 65.03 16.93
N GLU S 117 -12.73 64.11 16.74
CA GLU S 117 -11.74 64.28 15.67
C GLU S 117 -12.34 64.07 14.29
N TRP S 118 -13.36 63.22 14.15
CA TRP S 118 -14.08 63.15 12.89
C TRP S 118 -14.89 64.42 12.64
N LYS S 119 -15.43 65.03 13.69
CA LYS S 119 -16.06 66.34 13.56
C LYS S 119 -15.04 67.38 13.09
N LEU S 120 -13.82 67.30 13.61
CA LEU S 120 -12.76 68.23 13.21
C LEU S 120 -12.40 68.05 11.74
N HIS S 121 -12.13 66.82 11.32
CA HIS S 121 -11.79 66.56 9.92
C HIS S 121 -12.98 66.70 8.99
N ALA S 122 -14.19 66.69 9.51
CA ALA S 122 -15.36 66.88 8.67
C ALA S 122 -15.66 68.36 8.47
N ALA S 123 -15.60 69.15 9.56
CA ALA S 123 -15.81 70.59 9.41
C ALA S 123 -14.65 71.25 8.71
N LEU S 124 -13.46 70.64 8.79
CA LEU S 124 -12.32 71.15 8.04
C LEU S 124 -12.48 70.88 6.55
N PHE S 125 -13.08 69.76 6.18
CA PHE S 125 -13.21 69.33 4.79
C PHE S 125 -14.51 68.57 4.61
N PRO S 126 -15.63 69.27 4.41
CA PRO S 126 -16.91 68.59 4.23
C PRO S 126 -17.23 68.25 2.79
N TYR S 127 -16.20 68.20 1.93
CA TYR S 127 -16.38 68.04 0.49
C TYR S 127 -17.03 66.71 0.15
N ARG S 128 -18.03 66.76 -0.74
CA ARG S 128 -18.87 65.61 -1.03
C ARG S 128 -19.50 65.79 -2.41
N ALA S 129 -19.34 64.79 -3.27
CA ALA S 129 -19.98 64.84 -4.58
C ALA S 129 -21.28 64.06 -4.59
N LEU S 130 -21.23 62.78 -4.24
CA LEU S 130 -22.42 61.95 -4.24
C LEU S 130 -22.38 61.02 -3.04
N ASP S 131 -23.57 60.59 -2.61
CA ASP S 131 -23.70 59.75 -1.44
C ASP S 131 -24.05 58.31 -1.78
N GLU S 132 -23.69 57.84 -2.98
CA GLU S 132 -24.12 56.51 -3.41
C GLU S 132 -22.99 55.48 -3.32
N GLU S 133 -21.87 55.77 -3.98
CA GLU S 133 -20.72 54.86 -3.96
C GLU S 133 -19.54 55.40 -3.16
N ASP S 134 -19.26 56.70 -3.26
CA ASP S 134 -18.03 57.26 -2.72
C ASP S 134 -18.05 57.36 -1.20
N LEU S 135 -19.23 57.30 -0.57
CA LEU S 135 -19.32 57.53 0.86
C LEU S 135 -18.68 56.38 1.64
N GLU S 136 -18.91 55.14 1.20
CA GLU S 136 -18.28 54.01 1.87
C GLU S 136 -16.79 53.94 1.55
N GLN S 137 -16.38 54.44 0.39
CA GLN S 137 -14.97 54.44 0.04
C GLN S 137 -14.20 55.43 0.90
N TYR S 138 -14.73 56.65 1.05
CA TYR S 138 -14.17 57.63 1.97
C TYR S 138 -14.20 57.13 3.40
N LEU S 139 -15.26 56.39 3.76
CA LEU S 139 -15.37 55.78 5.08
C LEU S 139 -14.26 54.77 5.35
N LEU S 140 -14.02 53.87 4.40
CA LEU S 140 -13.04 52.83 4.64
C LEU S 140 -11.61 53.36 4.58
N VAL S 141 -11.34 54.31 3.68
CA VAL S 141 -9.99 54.89 3.67
C VAL S 141 -9.81 55.79 4.89
N TRP S 142 -10.90 56.33 5.43
CA TRP S 142 -10.84 57.10 6.66
C TRP S 142 -10.47 56.23 7.84
N SER S 143 -11.15 55.09 7.98
CA SER S 143 -10.85 54.16 9.07
C SER S 143 -9.43 53.61 8.97
N ALA S 144 -9.01 53.27 7.74
CA ALA S 144 -7.67 52.73 7.55
C ALA S 144 -6.60 53.78 7.84
N SER S 145 -6.85 55.03 7.47
CA SER S 145 -5.87 56.09 7.71
C SER S 145 -5.74 56.39 9.20
N LEU S 146 -6.87 56.45 9.92
CA LEU S 146 -6.80 56.66 11.36
C LEU S 146 -6.07 55.52 12.06
N ARG S 147 -6.41 54.27 11.71
CA ARG S 147 -5.82 53.15 12.41
C ARG S 147 -4.34 53.01 12.09
N GLN S 148 -3.91 53.30 10.85
CA GLN S 148 -2.50 53.22 10.56
C GLN S 148 -1.72 54.39 11.18
N SER S 149 -2.35 55.56 11.32
CA SER S 149 -1.64 56.70 11.88
C SER S 149 -1.39 56.52 13.36
N VAL S 150 -2.43 56.13 14.12
CA VAL S 150 -2.22 55.87 15.53
C VAL S 150 -1.38 54.60 15.72
N GLN S 151 -1.46 53.69 14.74
CA GLN S 151 -0.67 52.46 14.76
C GLN S 151 0.82 52.77 14.72
N THR S 152 1.25 53.47 13.68
CA THR S 152 2.66 53.78 13.57
C THR S 152 3.12 54.80 14.60
N GLY S 153 2.21 55.63 15.13
CA GLY S 153 2.58 56.54 16.19
C GLY S 153 2.94 55.83 17.48
N VAL S 154 2.01 55.03 18.01
CA VAL S 154 2.31 54.32 19.23
C VAL S 154 3.28 53.18 18.97
N LEU S 155 3.42 52.72 17.73
CA LEU S 155 4.42 51.71 17.41
C LEU S 155 5.81 52.28 17.52
N GLY S 156 6.01 53.49 16.97
CA GLY S 156 7.28 54.17 17.15
C GLY S 156 7.56 54.53 18.59
N ALA S 157 6.51 54.91 19.33
CA ALA S 157 6.68 55.26 20.75
C ALA S 157 7.11 54.06 21.57
N LEU S 158 6.35 52.96 21.48
CA LEU S 158 6.68 51.74 22.21
C LEU S 158 7.99 51.13 21.74
N ARG S 159 8.26 51.20 20.45
CA ARG S 159 9.50 50.67 19.90
C ARG S 159 10.71 51.43 20.43
N ASP S 160 10.62 52.76 20.51
CA ASP S 160 11.74 53.53 21.01
C ASP S 160 11.95 53.31 22.50
N ILE S 161 10.87 53.38 23.29
CA ILE S 161 11.03 53.23 24.73
C ILE S 161 11.35 51.80 25.14
N LEU S 162 11.09 50.81 24.27
CA LEU S 162 11.52 49.46 24.60
C LEU S 162 12.94 49.20 24.12
N TYR S 163 13.25 49.55 22.87
CA TYR S 163 14.58 49.34 22.32
C TYR S 163 15.64 50.15 23.03
N GLN S 164 15.27 51.20 23.77
CA GLN S 164 16.25 51.82 24.63
C GLN S 164 16.53 50.97 25.87
N TYR S 165 15.49 50.57 26.60
CA TYR S 165 15.78 50.02 27.91
C TYR S 165 14.91 48.81 28.28
N ALA S 166 14.44 48.05 27.31
CA ALA S 166 13.85 46.76 27.65
C ALA S 166 14.85 45.62 27.54
N ASP S 167 16.07 45.90 27.08
CA ASP S 167 17.05 44.85 26.86
C ASP S 167 17.92 44.62 28.09
N ASN S 168 17.26 44.42 29.23
CA ASN S 168 17.94 43.85 30.38
C ASN S 168 18.13 42.35 30.22
N ASP S 169 17.32 41.72 29.34
CA ASP S 169 17.38 40.29 28.93
C ASP S 169 17.49 39.31 30.09
N ASP S 170 16.95 39.69 31.24
CA ASP S 170 16.97 38.86 32.43
C ASP S 170 15.97 37.73 32.37
N TYR S 171 15.06 37.76 31.39
CA TYR S 171 14.11 36.67 31.18
C TYR S 171 14.83 35.37 30.90
N GLY S 172 15.92 35.44 30.15
CA GLY S 172 16.66 34.26 29.76
C GLY S 172 17.47 33.63 30.86
N LEU S 173 17.48 34.25 32.04
CA LEU S 173 18.00 33.65 33.26
C LEU S 173 16.90 33.36 34.25
N TYR S 174 15.81 34.13 34.16
CA TYR S 174 14.66 33.89 34.99
C TYR S 174 14.07 32.53 34.70
N VAL S 175 14.09 32.13 33.43
CA VAL S 175 13.58 30.81 33.09
C VAL S 175 14.48 29.72 33.68
N ASP S 176 15.79 29.96 33.79
CA ASP S 176 16.65 28.95 34.40
C ASP S 176 16.37 28.84 35.89
N TRP S 177 16.28 29.96 36.58
CA TRP S 177 16.03 29.84 38.01
C TRP S 177 14.60 29.44 38.32
N CYS S 178 13.69 29.55 37.36
CA CYS S 178 12.34 29.02 37.57
C CYS S 178 12.23 27.58 37.12
N VAL S 179 13.23 27.07 36.40
CA VAL S 179 13.19 25.68 35.95
C VAL S 179 14.16 24.78 36.71
N THR S 180 15.15 25.35 37.41
CA THR S 180 16.15 24.48 38.00
C THR S 180 16.14 24.50 39.52
N VAL S 181 15.59 25.53 40.15
CA VAL S 181 15.50 25.58 41.61
C VAL S 181 14.10 26.04 41.99
N GLY S 182 13.37 26.60 41.04
CA GLY S 182 12.01 27.03 41.31
C GLY S 182 11.88 28.32 42.07
N LEU S 183 12.98 29.09 42.20
CA LEU S 183 12.94 30.34 42.95
C LEU S 183 14.08 31.22 42.47
N VAL S 184 13.80 32.50 42.33
CA VAL S 184 14.70 33.42 41.63
C VAL S 184 15.40 34.32 42.65
N PRO S 185 16.72 34.42 42.61
CA PRO S 185 17.40 35.50 43.32
C PRO S 185 17.42 36.74 42.46
N LEU S 186 17.28 37.89 43.10
CA LEU S 186 17.19 39.14 42.37
C LEU S 186 17.55 40.28 43.31
N LEU S 187 18.30 41.25 42.80
CA LEU S 187 18.76 42.39 43.57
C LEU S 187 18.07 43.64 43.05
N ASP S 188 17.32 44.31 43.92
CA ASP S 188 16.55 45.48 43.54
C ASP S 188 17.53 46.64 43.39
N VAL S 189 17.98 46.87 42.16
CA VAL S 189 18.92 47.95 41.91
C VAL S 189 18.19 49.29 41.92
N LYS S 190 18.65 50.21 42.75
CA LYS S 190 18.09 51.54 42.84
C LYS S 190 19.20 52.56 42.67
N THR S 191 18.82 53.73 42.18
CA THR S 191 19.75 54.81 41.88
C THR S 191 19.24 56.10 42.51
N LYS S 192 19.92 57.21 42.17
CA LYS S 192 19.49 58.52 42.63
C LYS S 192 18.19 58.91 41.95
N PRO S 193 17.34 59.70 42.62
CA PRO S 193 16.05 60.06 42.01
C PRO S 193 16.15 61.03 40.84
N SER S 194 17.34 61.56 40.53
CA SER S 194 17.51 62.35 39.32
C SER S 194 17.32 61.51 38.07
N GLU S 195 17.66 60.23 38.14
CA GLU S 195 17.55 59.35 36.99
C GLU S 195 16.11 59.01 36.66
N ALA S 196 15.20 59.10 37.64
CA ALA S 196 13.78 59.03 37.32
C ALA S 196 13.34 60.23 36.50
N ALA S 197 13.89 61.40 36.80
CA ALA S 197 13.65 62.56 35.95
C ALA S 197 14.31 62.40 34.58
N GLU S 198 15.42 61.66 34.53
CA GLU S 198 16.04 61.37 33.24
C GLU S 198 15.15 60.48 32.38
N ARG S 199 14.54 59.46 33.00
CA ARG S 199 13.60 58.61 32.28
C ARG S 199 12.35 59.37 31.89
N ALA S 200 11.92 60.31 32.74
CA ALA S 200 10.80 61.18 32.40
C ALA S 200 11.15 62.04 31.20
N GLN S 201 12.38 62.56 31.15
CA GLN S 201 12.88 63.30 30.00
C GLN S 201 12.85 62.45 28.74
N PHE S 202 13.28 61.19 28.85
CA PHE S 202 13.34 60.34 27.67
C PHE S 202 11.96 60.00 27.14
N VAL S 203 11.02 59.68 28.03
CA VAL S 203 9.67 59.38 27.56
C VAL S 203 8.97 60.65 27.09
N ARG S 204 9.36 61.82 27.60
CA ARG S 204 8.84 63.05 27.07
C ARG S 204 9.38 63.32 25.67
N ALA S 205 10.63 62.93 25.39
CA ALA S 205 11.15 63.06 24.03
C ALA S 205 10.45 62.09 23.09
N ALA S 206 10.14 60.89 23.59
CA ALA S 206 9.39 59.92 22.79
C ALA S 206 7.99 60.40 22.49
N VAL S 207 7.34 61.06 23.45
CA VAL S 207 6.01 61.57 23.13
C VAL S 207 6.09 62.88 22.35
N GLN S 208 7.27 63.52 22.29
CA GLN S 208 7.45 64.59 21.32
C GLN S 208 7.54 64.04 19.90
N ARG S 209 8.18 62.87 19.75
CA ARG S 209 8.12 62.15 18.48
C ARG S 209 6.68 61.77 18.14
N ALA S 210 5.91 61.36 19.14
CA ALA S 210 4.49 61.11 18.92
C ALA S 210 3.72 62.38 18.61
N THR S 211 4.15 63.52 19.17
CA THR S 211 3.51 64.82 18.90
C THR S 211 3.69 65.21 17.44
N GLU S 212 4.91 65.07 16.92
CA GLU S 212 5.08 65.33 15.50
C GLU S 212 4.54 64.18 14.64
N THR S 213 4.17 63.04 15.22
CA THR S 213 3.54 61.98 14.44
C THR S 213 2.07 62.27 14.20
N HIS S 214 1.27 62.33 15.27
CA HIS S 214 -0.19 62.37 15.14
C HIS S 214 -0.82 62.88 16.42
N PRO S 215 -1.89 63.68 16.35
CA PRO S 215 -2.46 64.25 17.59
C PRO S 215 -3.21 63.28 18.48
N LEU S 216 -3.94 62.31 17.91
CA LEU S 216 -4.70 61.40 18.76
C LEU S 216 -3.79 60.45 19.52
N ALA S 217 -2.69 60.03 18.88
CA ALA S 217 -1.73 59.16 19.54
C ALA S 217 -1.05 59.87 20.71
N GLN S 218 -0.64 61.12 20.52
CA GLN S 218 -0.05 61.85 21.63
C GLN S 218 -1.10 62.25 22.65
N ASP S 219 -2.38 62.29 22.27
CA ASP S 219 -3.42 62.44 23.29
C ASP S 219 -3.51 61.21 24.17
N LEU S 220 -3.43 60.01 23.57
CA LEU S 220 -3.44 58.79 24.36
C LEU S 220 -2.19 58.68 25.25
N LEU S 221 -1.04 59.11 24.73
CA LEU S 221 0.16 59.07 25.55
C LEU S 221 0.16 60.15 26.62
N GLN S 222 -0.42 61.32 26.34
CA GLN S 222 -0.55 62.32 27.40
C GLN S 222 -1.63 61.94 28.39
N ALA S 223 -2.49 60.99 28.04
CA ALA S 223 -3.42 60.43 29.01
C ALA S 223 -2.71 59.44 29.94
N ASN S 224 -1.91 58.53 29.38
CA ASN S 224 -1.42 57.40 30.17
C ASN S 224 0.10 57.39 30.36
N LEU S 225 0.76 58.55 30.22
CA LEU S 225 2.21 58.59 30.42
C LEU S 225 2.60 58.30 31.86
N ALA S 226 1.69 58.50 32.82
CA ALA S 226 1.98 58.18 34.21
C ALA S 226 2.26 56.70 34.40
N LEU S 227 1.35 55.85 33.93
CA LEU S 227 1.59 54.42 34.03
C LEU S 227 2.66 53.97 33.04
N LEU S 228 2.87 54.72 31.96
CA LEU S 228 3.99 54.43 31.07
C LEU S 228 5.34 54.61 31.76
N LEU S 229 5.53 55.73 32.47
CA LEU S 229 6.78 55.91 33.18
C LEU S 229 6.85 55.00 34.40
N GLN S 230 5.70 54.59 34.94
CA GLN S 230 5.68 53.62 36.03
C GLN S 230 6.24 52.28 35.57
N VAL S 231 5.74 51.76 34.44
CA VAL S 231 6.23 50.48 33.95
C VAL S 231 7.63 50.62 33.35
N ALA S 232 8.00 51.83 32.90
CA ALA S 232 9.36 52.06 32.43
C ALA S 232 10.35 52.01 33.59
N GLU S 233 9.97 52.57 34.74
CA GLU S 233 10.81 52.46 35.91
C GLU S 233 10.85 51.04 36.43
N ARG S 234 9.73 50.32 36.38
CA ARG S 234 9.73 48.95 36.87
C ARG S 234 10.50 48.03 35.95
N LEU S 235 10.68 48.43 34.68
CA LEU S 235 11.44 47.60 33.75
C LEU S 235 12.93 47.69 34.04
N GLY S 236 13.42 48.86 34.42
CA GLY S 236 14.78 48.96 34.87
C GLY S 236 14.95 48.82 36.36
N ALA S 237 14.00 48.20 37.05
CA ALA S 237 14.01 48.22 38.50
C ALA S 237 14.93 47.16 39.08
N VAL S 238 15.06 46.02 38.41
CA VAL S 238 15.70 44.87 39.02
C VAL S 238 16.53 44.13 37.98
N ARG S 239 17.47 43.35 38.47
CA ARG S 239 18.18 42.37 37.66
C ARG S 239 17.79 40.98 38.14
N VAL S 240 18.48 39.98 37.60
CA VAL S 240 18.18 38.58 37.88
C VAL S 240 19.23 37.99 38.83
N ALA S 241 20.01 38.84 39.50
CA ALA S 241 21.14 38.49 40.35
C ALA S 241 22.18 37.66 39.60
N ASN S 242 22.53 38.13 38.41
CA ASN S 242 23.60 37.51 37.63
C ASN S 242 24.93 38.11 38.07
N ALA S 243 25.42 37.60 39.20
CA ALA S 243 26.64 38.08 39.79
C ALA S 243 27.31 36.95 40.55
N PRO S 244 28.64 36.90 40.56
CA PRO S 244 29.33 35.87 41.33
C PRO S 244 29.19 36.13 42.83
N GLU S 245 29.51 35.09 43.60
CA GLU S 245 29.44 35.08 45.07
C GLU S 245 28.04 35.42 45.57
N VAL S 246 27.03 34.86 44.91
CA VAL S 246 25.68 34.94 45.40
C VAL S 246 25.34 33.58 45.98
N ARG S 247 24.38 33.56 46.90
CA ARG S 247 24.10 32.35 47.66
C ARG S 247 22.70 32.44 48.22
N VAL S 248 22.01 31.31 48.24
CA VAL S 248 20.72 31.20 48.90
C VAL S 248 20.74 29.94 49.77
N PHE S 249 20.05 30.01 50.90
CA PHE S 249 20.07 28.97 51.90
C PHE S 249 18.72 28.94 52.62
N LYS S 250 18.49 27.86 53.35
CA LYS S 250 17.26 27.66 54.11
C LYS S 250 17.63 27.50 55.57
N LYS S 251 17.19 28.45 56.41
CA LYS S 251 17.46 28.35 57.83
C LYS S 251 16.56 27.30 58.45
N VAL S 252 17.17 26.34 59.14
CA VAL S 252 16.43 25.18 59.61
C VAL S 252 15.55 25.51 60.83
N ARG S 253 15.85 26.59 61.55
CA ARG S 253 15.05 26.93 62.72
C ARG S 253 13.73 27.57 62.32
N SER S 254 13.74 28.39 61.28
CA SER S 254 12.51 28.92 60.71
C SER S 254 12.66 28.91 59.20
N GLU S 255 11.80 28.16 58.52
CA GLU S 255 11.93 27.93 57.08
C GLU S 255 11.46 29.17 56.32
N ARG S 256 12.30 30.19 56.37
CA ARG S 256 12.09 31.46 55.70
C ARG S 256 13.28 31.76 54.82
N LEU S 257 13.61 30.78 53.98
CA LEU S 257 14.79 30.75 53.12
C LEU S 257 14.95 32.03 52.31
N GLU S 258 16.14 32.61 52.41
CA GLU S 258 16.41 33.93 51.86
C GLU S 258 17.84 33.99 51.38
N ALA S 259 18.09 34.83 50.38
CA ALA S 259 19.39 34.90 49.74
C ALA S 259 20.19 36.08 50.27
N GLN S 260 21.50 35.94 50.29
CA GLN S 260 22.39 37.07 50.45
C GLN S 260 23.32 37.16 49.25
N LEU S 261 23.66 38.38 48.87
CA LEU S 261 24.65 38.63 47.84
C LEU S 261 25.86 39.24 48.54
N ARG S 262 26.88 38.41 48.77
CA ARG S 262 28.18 38.83 49.30
C ARG S 262 28.05 39.50 50.67
N GLY S 263 27.17 38.96 51.49
CA GLY S 263 26.92 39.52 52.81
C GLY S 263 25.73 40.44 52.91
N LYS S 264 25.25 40.99 51.81
CA LYS S 264 24.09 41.87 51.81
C LYS S 264 22.86 41.02 51.52
N HIS S 265 21.86 41.11 52.40
CA HIS S 265 20.63 40.37 52.21
C HIS S 265 19.86 40.91 51.01
N ILE S 266 19.35 40.00 50.20
CA ILE S 266 18.52 40.35 49.05
C ILE S 266 17.24 39.53 49.10
N ARG S 267 16.18 40.09 48.54
CA ARG S 267 14.92 39.37 48.51
C ARG S 267 14.91 38.36 47.38
N LEU S 268 13.90 37.52 47.38
CA LEU S 268 13.79 36.46 46.39
C LEU S 268 12.33 36.06 46.26
N TYR S 269 11.94 35.67 45.04
CA TYR S 269 10.60 35.19 44.78
C TYR S 269 10.63 33.67 44.67
N VAL S 270 9.95 33.01 45.59
CA VAL S 270 9.88 31.56 45.59
C VAL S 270 8.61 31.13 44.88
N ALA S 271 8.77 30.31 43.84
CA ALA S 271 7.61 29.76 43.15
C ALA S 271 7.33 28.34 43.59
N ALA S 272 8.38 27.56 43.86
CA ALA S 272 8.21 26.17 44.29
C ALA S 272 9.27 25.87 45.32
N GLU S 273 8.89 25.95 46.60
CA GLU S 273 9.83 25.63 47.66
C GLU S 273 10.06 24.13 47.69
N PRO S 274 11.29 23.68 47.84
CA PRO S 274 11.55 22.24 47.83
C PRO S 274 11.04 21.58 49.09
N LEU S 275 10.85 20.27 48.99
CA LEU S 275 10.45 19.47 50.13
C LEU S 275 11.65 19.27 51.03
N ALA S 276 11.43 19.36 52.34
CA ALA S 276 12.51 19.33 53.33
C ALA S 276 12.17 18.35 54.44
N TYR S 277 13.10 17.45 54.74
CA TYR S 277 12.89 16.40 55.72
C TYR S 277 14.16 16.23 56.55
N GLU S 278 14.25 15.12 57.30
CA GLU S 278 15.44 14.82 58.08
C GLU S 278 16.63 14.51 57.18
N ARG S 279 16.36 14.12 55.93
CA ARG S 279 17.35 14.27 54.87
C ARG S 279 17.77 15.73 54.82
N ASP S 280 19.01 15.99 55.23
CA ASP S 280 19.50 17.36 55.30
C ASP S 280 19.60 17.97 53.91
N LYS S 281 20.17 17.24 52.97
CA LYS S 281 19.98 17.58 51.58
C LYS S 281 18.52 17.36 51.23
N LEU S 282 18.00 18.19 50.34
CA LEU S 282 16.57 18.22 50.12
C LEU S 282 16.26 18.24 48.64
N LEU S 283 15.17 17.59 48.29
CA LEU S 283 14.82 17.32 46.91
C LEU S 283 13.94 18.44 46.36
N PHE S 284 14.23 18.87 45.14
CA PHE S 284 13.46 19.91 44.48
C PHE S 284 12.39 19.28 43.62
N THR S 285 11.27 19.96 43.49
CA THR S 285 10.19 19.51 42.64
C THR S 285 10.27 20.11 41.25
N THR S 286 11.41 20.66 40.89
CA THR S 286 11.54 21.37 39.64
C THR S 286 11.78 20.37 38.50
N PRO S 287 11.45 20.74 37.26
CA PRO S 287 11.56 19.74 36.17
C PRO S 287 12.97 19.32 35.82
N VAL S 288 13.96 20.20 35.91
CA VAL S 288 15.31 19.79 35.52
C VAL S 288 15.88 18.80 36.51
N ALA S 289 15.54 18.94 37.79
CA ALA S 289 15.98 17.98 38.78
C ALA S 289 15.30 16.63 38.63
N HIS S 290 14.22 16.54 37.84
CA HIS S 290 13.59 15.26 37.60
C HIS S 290 14.44 14.38 36.70
N LEU S 291 15.32 14.97 35.89
CA LEU S 291 16.09 14.17 34.94
C LEU S 291 17.60 14.32 35.13
N HIS S 292 18.05 14.74 36.31
CA HIS S 292 19.48 15.00 36.49
C HIS S 292 20.29 13.72 36.51
N GLU S 293 19.75 12.66 37.12
CA GLU S 293 20.43 11.38 37.15
C GLU S 293 20.63 10.81 35.75
N GLU S 294 19.63 10.99 34.88
CA GLU S 294 19.70 10.36 33.57
C GLU S 294 20.70 11.04 32.67
N ILE S 295 20.78 12.37 32.72
CA ILE S 295 21.78 13.04 31.91
C ILE S 295 23.18 12.89 32.49
N LEU S 296 23.29 12.67 33.81
CA LEU S 296 24.59 12.30 34.35
C LEU S 296 25.01 10.92 33.87
N ARG S 297 24.05 10.00 33.78
CA ARG S 297 24.30 8.69 33.19
C ARG S 297 24.73 8.80 31.75
N TYR S 298 24.13 9.74 31.01
CA TYR S 298 24.50 9.93 29.62
C TYR S 298 25.92 10.45 29.49
N ASP S 299 26.31 11.43 30.31
CA ASP S 299 27.66 11.96 30.17
C ASP S 299 28.69 10.97 30.66
N GLY S 300 28.34 10.17 31.68
CA GLY S 300 29.21 9.08 32.07
C GLY S 300 29.38 8.06 30.96
N LEU S 301 28.31 7.82 30.20
CA LEU S 301 28.42 6.91 29.07
C LEU S 301 29.24 7.51 27.94
N CYS S 302 29.18 8.83 27.78
CA CYS S 302 29.99 9.46 26.74
C CYS S 302 31.48 9.38 27.08
N ARG S 303 31.81 9.60 28.36
CA ARG S 303 33.19 9.43 28.80
C ARG S 303 33.63 7.98 28.68
N HIS S 304 32.74 7.06 29.01
CA HIS S 304 33.05 5.64 28.94
C HIS S 304 33.27 5.19 27.51
N GLN S 305 32.46 5.71 26.58
CA GLN S 305 32.63 5.38 25.18
C GLN S 305 33.91 5.97 24.62
N LYS S 306 34.27 7.18 25.06
CA LYS S 306 35.51 7.76 24.59
C LYS S 306 36.72 6.97 25.10
N ILE S 307 36.68 6.54 26.37
CA ILE S 307 37.86 5.86 26.89
C ILE S 307 37.92 4.43 26.37
N CYS S 308 36.79 3.79 26.08
CA CYS S 308 36.84 2.48 25.46
C CYS S 308 37.04 2.55 23.96
N GLN S 309 36.99 3.74 23.39
CA GLN S 309 37.47 3.88 22.02
C GLN S 309 38.97 4.12 22.01
N LEU S 310 39.46 4.97 22.91
CA LEU S 310 40.87 5.34 22.98
C LEU S 310 41.77 4.22 23.49
N LEU S 311 41.20 3.13 23.98
CA LEU S 311 41.99 2.03 24.49
C LEU S 311 41.98 0.84 23.54
N ASN S 312 41.44 1.01 22.34
CA ASN S 312 41.39 -0.05 21.34
C ASN S 312 41.96 0.40 20.00
N THR S 313 42.84 1.41 20.00
CA THR S 313 43.28 2.00 18.74
C THR S 313 44.27 1.10 18.02
N PHE S 314 45.09 0.41 18.74
CA PHE S 314 46.06 -0.48 18.11
C PHE S 314 45.38 -1.75 17.61
N PRO S 315 45.88 -2.35 16.53
CA PRO S 315 45.28 -3.60 16.04
C PRO S 315 45.48 -4.79 16.95
N VAL S 316 46.71 -5.02 17.39
CA VAL S 316 47.02 -6.20 18.18
C VAL S 316 47.26 -5.78 19.62
N LYS S 317 47.07 -6.73 20.52
CA LYS S 317 47.41 -6.56 21.93
C LYS S 317 48.21 -7.78 22.37
N VAL S 318 49.28 -7.54 23.11
CA VAL S 318 50.17 -8.59 23.57
C VAL S 318 50.18 -8.58 25.09
N VAL S 319 50.66 -9.66 25.68
CA VAL S 319 50.99 -9.73 27.10
C VAL S 319 52.45 -10.12 27.22
N THR S 320 53.06 -9.82 28.35
CA THR S 320 54.44 -10.22 28.62
C THR S 320 54.76 -10.17 30.09
N ASP S 488 44.78 19.55 14.45
CA ASP S 488 45.78 18.59 14.01
C ASP S 488 45.33 17.88 12.74
N ALA S 489 45.54 18.54 11.60
CA ALA S 489 45.20 17.99 10.29
C ALA S 489 46.42 17.44 9.57
N GLU S 490 47.37 16.87 10.31
CA GLU S 490 48.64 16.44 9.73
C GLU S 490 48.47 15.24 8.82
N LEU S 491 47.42 14.44 9.03
CA LEU S 491 47.28 13.21 8.26
C LEU S 491 46.69 13.48 6.89
N TYR S 492 45.96 14.58 6.73
CA TYR S 492 45.20 14.79 5.51
C TYR S 492 46.09 15.24 4.36
N HIS S 493 46.79 16.37 4.53
CA HIS S 493 47.55 16.97 3.44
C HIS S 493 48.72 16.09 3.01
N LEU S 494 49.42 15.53 3.98
CA LEU S 494 50.65 14.81 3.70
C LEU S 494 50.34 13.44 3.10
N PRO S 495 51.06 13.01 2.07
CA PRO S 495 50.67 11.80 1.33
C PRO S 495 50.97 10.53 2.10
N VAL S 496 50.54 9.40 1.53
CA VAL S 496 50.41 8.16 2.27
C VAL S 496 51.75 7.50 2.58
N LEU S 497 52.77 7.70 1.74
CA LEU S 497 54.07 7.07 1.96
C LEU S 497 54.73 7.57 3.24
N GLU S 498 54.52 8.82 3.61
CA GLU S 498 54.96 9.33 4.89
C GLU S 498 53.85 9.27 5.95
N ALA S 499 52.60 9.14 5.53
CA ALA S 499 51.51 9.04 6.50
C ALA S 499 51.57 7.71 7.24
N VAL S 500 51.94 6.64 6.54
CA VAL S 500 52.12 5.36 7.21
C VAL S 500 53.34 5.39 8.12
N ARG S 501 54.28 6.30 7.86
CA ARG S 501 55.41 6.48 8.76
C ARG S 501 55.00 7.22 10.01
N LYS S 502 54.25 8.31 9.85
CA LYS S 502 53.84 9.10 11.01
C LYS S 502 52.79 8.37 11.84
N ALA S 503 51.98 7.52 11.22
CA ALA S 503 50.99 6.77 11.99
C ALA S 503 51.64 5.71 12.87
N ARG S 504 52.75 5.12 12.43
CA ARG S 504 53.34 4.02 13.17
C ARG S 504 54.02 4.52 14.45
N ASP S 505 54.62 5.69 14.41
CA ASP S 505 55.11 6.32 15.63
C ASP S 505 54.02 7.11 16.35
N ALA S 506 52.90 7.36 15.68
CA ALA S 506 51.80 8.06 16.32
C ALA S 506 51.07 7.20 17.32
N ALA S 507 51.13 5.88 17.16
CA ALA S 507 50.58 4.94 18.12
C ALA S 507 51.67 3.93 18.44
N PRO S 508 52.51 4.22 19.44
CA PRO S 508 53.59 3.29 19.79
C PRO S 508 53.03 2.02 20.41
N PHE S 509 53.53 0.90 19.90
CA PHE S 509 53.16 -0.42 20.40
C PHE S 509 53.73 -0.57 21.80
N ARG S 510 52.86 -0.70 22.79
CA ARG S 510 53.30 -0.86 24.16
C ARG S 510 52.81 -2.18 24.71
N PRO S 511 53.69 -3.05 25.17
CA PRO S 511 53.25 -4.28 25.82
C PRO S 511 52.82 -4.08 27.26
N LEU S 512 52.54 -5.16 27.98
CA LEU S 512 52.07 -5.06 29.36
C LEU S 512 52.49 -6.30 30.13
N ALA S 513 52.95 -6.11 31.37
CA ALA S 513 53.68 -7.16 32.07
C ALA S 513 53.54 -7.01 33.57
N VAL S 514 53.36 -8.16 34.23
CA VAL S 514 53.43 -8.29 35.68
C VAL S 514 54.17 -9.60 35.98
N GLU S 515 55.10 -9.57 36.93
CA GLU S 515 55.87 -10.77 37.30
C GLU S 515 54.95 -11.82 37.93
N ASP S 516 55.21 -13.09 37.59
CA ASP S 516 54.63 -14.24 38.26
C ASP S 516 55.59 -15.41 38.14
N ASN S 517 55.56 -16.29 39.15
CA ASN S 517 56.47 -17.42 39.22
C ASN S 517 55.74 -18.70 38.81
N ARG S 518 56.33 -19.44 37.87
CA ARG S 518 55.90 -20.76 37.41
C ARG S 518 54.48 -20.81 36.87
N LEU S 519 53.89 -19.68 36.49
CA LEU S 519 52.46 -19.61 36.22
C LEU S 519 52.18 -18.36 35.38
N VAL S 520 51.53 -18.55 34.24
CA VAL S 520 51.23 -17.48 33.31
C VAL S 520 49.73 -17.52 33.06
N ALA S 521 49.26 -16.72 32.11
CA ALA S 521 47.83 -16.50 31.95
C ALA S 521 47.18 -17.50 31.01
N ASN S 522 45.88 -17.70 31.21
CA ASN S 522 44.99 -18.27 30.21
C ASN S 522 43.96 -17.21 29.86
N SER S 523 44.26 -16.40 28.86
CA SER S 523 43.66 -15.08 28.74
C SER S 523 42.44 -15.09 27.84
N PHE S 524 41.69 -13.98 27.90
CA PHE S 524 40.52 -13.77 27.08
C PHE S 524 40.51 -12.31 26.64
N PHE S 525 39.79 -12.05 25.55
CA PHE S 525 39.79 -10.74 24.92
C PHE S 525 38.35 -10.26 24.75
N SER S 526 38.13 -8.97 24.99
CA SER S 526 36.80 -8.38 24.90
C SER S 526 36.88 -7.09 24.09
N GLN S 527 36.10 -7.01 23.03
CA GLN S 527 36.01 -5.82 22.19
C GLN S 527 34.56 -5.39 22.17
N PHE S 528 34.27 -4.25 22.78
CA PHE S 528 32.95 -3.66 22.64
C PHE S 528 33.05 -2.16 22.77
N VAL S 529 32.06 -1.49 22.19
CA VAL S 529 31.86 -0.05 22.34
C VAL S 529 30.43 0.09 22.85
N PRO S 530 30.17 0.90 23.88
CA PRO S 530 28.79 1.11 24.31
C PRO S 530 27.99 1.93 23.32
N GLY S 531 26.78 1.44 23.03
CA GLY S 531 25.94 2.10 22.05
C GLY S 531 25.28 3.34 22.62
N THR S 532 25.46 4.48 21.95
CA THR S 532 24.92 5.73 22.48
C THR S 532 23.53 6.01 21.94
N GLU S 533 23.17 5.40 20.81
CA GLU S 533 21.96 5.82 20.11
C GLU S 533 20.70 5.39 20.85
N SER S 534 20.78 4.32 21.64
CA SER S 534 19.60 3.81 22.33
C SER S 534 19.16 4.77 23.42
N LEU S 535 20.03 5.01 24.41
CA LEU S 535 19.68 5.99 25.44
C LEU S 535 19.72 7.41 24.92
N GLU S 536 20.33 7.66 23.75
CA GLU S 536 20.26 8.98 23.16
C GLU S 536 18.86 9.29 22.66
N ARG S 537 18.27 8.33 21.93
CA ARG S 537 16.88 8.48 21.53
C ARG S 537 15.96 8.49 22.74
N PHE S 538 16.28 7.68 23.75
CA PHE S 538 15.46 7.66 24.96
C PHE S 538 15.55 8.98 25.71
N LEU S 539 16.73 9.58 25.80
CA LEU S 539 16.89 10.84 26.51
C LEU S 539 16.28 12.00 25.75
N THR S 540 16.37 12.00 24.42
CA THR S 540 15.73 13.07 23.68
C THR S 540 14.22 12.96 23.74
N GLN S 541 13.69 11.74 23.74
CA GLN S 541 12.27 11.55 23.95
C GLN S 541 11.86 11.98 25.36
N LEU S 542 12.74 11.74 26.33
CA LEU S 542 12.44 12.12 27.71
C LEU S 542 12.43 13.63 27.87
N TRP S 543 13.40 14.30 27.28
CA TRP S 543 13.44 15.75 27.30
C TRP S 543 12.25 16.34 26.57
N GLU S 544 11.86 15.69 25.46
CA GLU S 544 10.75 16.16 24.64
C GLU S 544 9.43 16.10 25.39
N ASN S 545 9.07 14.92 25.88
CA ASN S 545 7.79 14.86 26.57
C ASN S 545 7.85 15.52 27.93
N GLU S 546 9.05 15.72 28.50
CA GLU S 546 9.15 16.50 29.72
C GLU S 546 8.75 17.95 29.47
N TYR S 547 9.38 18.61 28.50
CA TYR S 547 9.04 19.99 28.23
C TYR S 547 7.74 20.12 27.45
N PHE S 548 7.08 19.02 27.12
CA PHE S 548 5.72 19.16 26.61
C PHE S 548 4.68 18.96 27.70
N ARG S 549 4.99 18.16 28.72
CA ARG S 549 4.02 18.10 29.81
C ARG S 549 4.12 19.34 30.71
N THR S 550 5.30 19.65 31.23
CA THR S 550 5.34 20.69 32.26
C THR S 550 5.19 22.09 31.69
N PHE S 551 5.32 22.26 30.39
CA PHE S 551 4.84 23.46 29.72
C PHE S 551 4.20 22.97 28.45
N ARG S 552 2.99 23.41 28.16
CA ARG S 552 2.28 22.86 27.00
C ARG S 552 2.68 23.62 25.75
N LEU S 553 3.91 23.37 25.30
CA LEU S 553 4.36 23.94 24.05
C LEU S 553 3.59 23.29 22.90
N ARG S 554 3.11 24.08 21.97
CA ARG S 554 2.41 23.49 20.85
C ARG S 554 3.40 23.02 19.80
N ARG S 555 2.92 22.15 18.91
CA ARG S 555 3.67 21.68 17.76
C ARG S 555 2.83 21.96 16.53
N LEU S 556 2.89 23.19 16.03
CA LEU S 556 2.12 23.53 14.85
C LEU S 556 2.84 23.05 13.61
N VAL S 557 2.15 22.27 12.77
CA VAL S 557 2.71 21.77 11.51
C VAL S 557 1.66 21.85 10.42
N THR S 558 2.13 21.80 9.18
CA THR S 558 1.27 21.60 8.03
C THR S 558 1.07 20.10 7.79
N HIS S 559 0.31 19.77 6.74
CA HIS S 559 0.02 18.37 6.43
C HIS S 559 1.30 17.65 6.01
N GLN S 560 1.48 16.43 6.58
CA GLN S 560 2.72 15.66 6.70
C GLN S 560 3.93 16.55 6.97
N GLY S 561 3.77 17.51 7.89
CA GLY S 561 4.80 18.46 8.20
C GLY S 561 5.51 18.06 9.47
N ALA S 562 6.83 18.21 9.48
CA ALA S 562 7.66 17.73 10.58
C ALA S 562 8.22 18.91 11.36
N GLU S 563 7.65 19.16 12.55
CA GLU S 563 8.04 20.18 13.54
C GLU S 563 8.33 21.55 12.92
N GLU S 564 7.29 22.15 12.35
CA GLU S 564 7.43 23.47 11.76
C GLU S 564 7.79 24.52 12.81
N ALA S 565 7.15 24.44 13.98
CA ALA S 565 7.44 25.39 15.04
C ALA S 565 7.02 24.79 16.37
N ILE S 566 7.81 25.08 17.40
CA ILE S 566 7.45 24.81 18.78
C ILE S 566 7.36 26.17 19.45
N VAL S 567 6.21 26.47 20.05
CA VAL S 567 5.92 27.84 20.45
C VAL S 567 5.06 27.85 21.71
N TYR S 568 5.05 29.00 22.38
CA TYR S 568 4.33 29.16 23.64
C TYR S 568 2.83 29.04 23.44
N SER S 569 2.17 28.37 24.37
CA SER S 569 0.72 28.30 24.38
C SER S 569 0.20 28.85 25.70
N ASN S 570 -1.11 28.69 25.91
CA ASN S 570 -1.83 29.43 26.94
C ASN S 570 -1.33 29.10 28.34
N TYR S 571 -0.98 27.84 28.57
CA TYR S 571 -0.48 27.48 29.89
C TYR S 571 0.96 27.94 30.09
N THR S 572 1.74 28.02 29.01
CA THR S 572 3.15 28.39 29.14
C THR S 572 3.31 29.84 29.57
N VAL S 573 2.58 30.74 28.92
CA VAL S 573 2.64 32.14 29.28
C VAL S 573 2.09 32.36 30.67
N GLU S 574 1.02 31.63 31.03
CA GLU S 574 0.48 31.67 32.37
C GLU S 574 1.46 31.17 33.41
N ARG S 575 2.34 30.26 33.03
CA ARG S 575 3.21 29.70 34.05
C ARG S 575 4.52 30.48 34.20
N VAL S 576 5.04 31.10 33.14
CA VAL S 576 6.32 31.79 33.25
C VAL S 576 6.20 33.30 33.09
N THR S 577 5.39 33.81 32.16
CA THR S 577 5.47 35.25 31.90
C THR S 577 4.65 36.04 32.90
N LEU S 578 3.41 35.61 33.12
CA LEU S 578 2.57 36.28 34.12
C LEU S 578 3.10 36.22 35.55
N PRO S 579 3.72 35.15 36.05
CA PRO S 579 4.32 35.27 37.39
C PRO S 579 5.57 36.12 37.40
N TYR S 580 6.27 36.19 36.27
CA TYR S 580 7.38 37.12 36.15
C TYR S 580 6.90 38.55 36.34
N LEU S 581 5.88 38.94 35.60
CA LEU S 581 5.32 40.27 35.75
C LEU S 581 4.55 40.43 37.06
N CYS S 582 4.22 39.32 37.73
CA CYS S 582 3.73 39.44 39.10
C CYS S 582 4.83 39.92 40.03
N HIS S 583 6.00 39.32 39.97
CA HIS S 583 7.03 39.78 40.90
C HIS S 583 7.80 40.99 40.40
N ILE S 584 7.56 41.43 39.16
CA ILE S 584 7.98 42.79 38.76
C ILE S 584 6.89 43.79 39.09
N LEU S 585 5.70 43.30 39.48
CA LEU S 585 4.52 44.10 39.85
C LEU S 585 4.05 45.01 38.72
N ALA S 586 4.33 44.63 37.48
CA ALA S 586 3.72 45.35 36.38
C ALA S 586 2.34 44.82 36.04
N LEU S 587 1.94 43.69 36.66
CA LEU S 587 0.72 42.98 36.29
C LEU S 587 -0.54 43.70 36.73
N GLY S 588 -0.44 44.72 37.58
CA GLY S 588 -1.59 45.49 37.99
C GLY S 588 -2.23 46.30 36.89
N THR S 589 -1.55 46.45 35.74
CA THR S 589 -2.10 47.09 34.57
C THR S 589 -2.22 46.17 33.36
N LEU S 590 -1.57 45.01 33.37
CA LEU S 590 -1.36 44.22 32.16
C LEU S 590 -2.29 43.02 32.11
N ASP S 591 -2.09 42.19 31.09
CA ASP S 591 -2.95 41.06 30.76
C ASP S 591 -2.19 40.13 29.84
N PRO S 592 -2.56 38.84 29.79
CA PRO S 592 -1.87 37.93 28.88
C PRO S 592 -2.19 38.20 27.43
N VAL S 593 -1.22 37.92 26.56
CA VAL S 593 -1.47 37.90 25.13
C VAL S 593 -2.00 36.51 24.81
N PRO S 594 -2.98 36.38 23.91
CA PRO S 594 -3.33 35.05 23.43
C PRO S 594 -2.20 34.50 22.59
N GLU S 595 -2.06 33.18 22.66
CA GLU S 595 -0.87 32.52 22.14
C GLU S 595 -0.86 32.52 20.61
N ALA S 596 -2.02 32.63 20.00
CA ALA S 596 -2.08 32.77 18.54
C ALA S 596 -1.48 34.08 18.08
N TYR S 597 -1.48 35.11 18.93
CA TYR S 597 -0.91 36.39 18.56
C TYR S 597 0.60 36.39 18.69
N LEU S 598 1.14 35.50 19.54
CA LEU S 598 2.54 35.60 19.90
C LEU S 598 3.44 35.22 18.74
N GLN S 599 2.94 34.42 17.81
CA GLN S 599 3.72 34.09 16.62
C GLN S 599 3.83 35.26 15.64
N LEU S 600 3.06 36.32 15.83
CA LEU S 600 3.04 37.42 14.89
C LEU S 600 4.23 38.35 15.11
N SER S 601 4.20 39.48 14.40
CA SER S 601 5.35 40.37 14.34
C SER S 601 5.42 41.28 15.56
N PHE S 602 6.54 41.99 15.64
CA PHE S 602 6.71 43.02 16.66
C PHE S 602 5.84 44.22 16.35
N GLY S 603 5.59 44.47 15.08
CA GLY S 603 4.88 45.67 14.67
C GLY S 603 3.49 45.41 14.16
N GLU S 604 3.20 44.17 13.77
CA GLU S 604 1.89 43.83 13.25
C GLU S 604 0.94 43.44 14.38
N ILE S 605 1.49 43.11 15.55
CA ILE S 605 0.69 42.65 16.68
C ILE S 605 -0.30 43.71 17.16
N VAL S 606 0.06 44.99 17.02
CA VAL S 606 -0.84 46.04 17.53
C VAL S 606 -2.04 46.19 16.62
N ALA S 607 -1.88 45.86 15.33
CA ALA S 607 -2.97 46.01 14.36
C ALA S 607 -4.11 45.06 14.67
N ALA S 608 -3.80 43.90 15.23
CA ALA S 608 -4.85 43.04 15.73
C ALA S 608 -5.13 43.28 17.20
N ALA S 609 -4.22 43.94 17.92
CA ALA S 609 -4.41 44.14 19.35
C ALA S 609 -5.50 45.16 19.61
N TYR S 610 -5.40 46.35 19.00
CA TYR S 610 -6.53 47.24 19.17
C TYR S 610 -7.71 46.89 18.28
N ASP S 611 -7.55 45.95 17.36
CA ASP S 611 -8.73 45.36 16.72
C ASP S 611 -9.49 44.51 17.72
N ASP S 612 -8.77 43.86 18.64
CA ASP S 612 -9.44 43.09 19.68
C ASP S 612 -10.21 43.97 20.64
N SER S 613 -9.79 45.23 20.79
CA SER S 613 -10.57 46.18 21.56
C SER S 613 -11.72 46.71 20.71
N LYS S 614 -12.49 47.62 21.30
CA LYS S 614 -13.62 48.23 20.62
C LYS S 614 -13.26 49.48 19.84
N PHE S 615 -11.96 49.71 19.63
CA PHE S 615 -11.56 50.86 18.83
C PHE S 615 -12.00 50.71 17.38
N CYS S 616 -11.70 49.56 16.79
CA CYS S 616 -12.20 49.27 15.44
C CYS S 616 -13.64 48.78 15.45
N ARG S 617 -14.17 48.37 16.61
CA ARG S 617 -15.58 48.01 16.68
C ARG S 617 -16.48 49.22 16.76
N TYR S 618 -15.96 50.36 17.22
CA TYR S 618 -16.78 51.57 17.23
C TYR S 618 -16.83 52.22 15.86
N VAL S 619 -15.89 51.87 14.98
CA VAL S 619 -15.90 52.40 13.63
C VAL S 619 -17.09 51.85 12.85
N GLU S 620 -17.51 50.63 13.13
CA GLU S 620 -18.70 50.10 12.47
C GLU S 620 -19.96 50.82 12.92
N LEU S 621 -20.02 51.23 14.19
CA LEU S 621 -21.19 51.94 14.67
C LEU S 621 -21.21 53.38 14.15
N ILE S 622 -20.06 54.04 14.10
CA ILE S 622 -20.06 55.37 13.49
C ILE S 622 -20.19 55.28 11.98
N CYS S 623 -19.84 54.14 11.38
CA CYS S 623 -20.14 53.86 9.98
C CYS S 623 -21.63 53.80 9.73
N SER S 624 -22.36 53.06 10.58
CA SER S 624 -23.81 52.99 10.44
C SER S 624 -24.44 54.34 10.76
N ARG S 625 -23.84 55.10 11.68
CA ARG S 625 -24.39 56.41 12.02
C ARG S 625 -24.18 57.40 10.88
N GLU S 626 -23.04 57.34 10.20
CA GLU S 626 -22.80 58.21 9.05
C GLU S 626 -23.65 57.77 7.85
N LYS S 627 -23.82 56.46 7.68
CA LYS S 627 -24.65 55.97 6.58
C LYS S 627 -26.11 56.30 6.80
N ALA S 628 -26.55 56.37 8.06
CA ALA S 628 -27.90 56.85 8.35
C ALA S 628 -27.98 58.37 8.19
N ARG S 629 -26.92 59.07 8.60
CA ARG S 629 -26.90 60.53 8.59
C ARG S 629 -26.97 61.09 7.17
N ARG S 630 -26.33 60.42 6.22
CA ARG S 630 -26.47 60.82 4.83
C ARG S 630 -27.48 60.00 4.04
N ARG S 631 -27.97 58.89 4.60
CA ARG S 631 -29.04 58.15 3.94
C ARG S 631 -30.37 58.84 4.12
N GLN S 632 -30.58 59.48 5.28
CA GLN S 632 -31.74 60.35 5.46
C GLN S 632 -31.59 61.64 4.67
N MET S 633 -30.36 61.99 4.27
CA MET S 633 -30.16 63.11 3.34
C MET S 633 -30.52 62.70 1.92
N SER S 634 -30.11 61.51 1.49
CA SER S 634 -30.40 61.07 0.13
C SER S 634 -31.80 60.49 0.01
N ARG S 635 -32.24 59.74 1.01
CA ARG S 635 -33.52 59.05 0.95
C ARG S 635 -34.42 59.42 2.12
N UNK T 1 -9.93 68.95 -0.75
CA UNK T 1 -9.77 67.50 -0.74
C UNK T 1 -8.48 67.08 -0.02
N UNK T 2 -8.63 66.50 1.16
CA UNK T 2 -7.48 66.14 1.98
C UNK T 2 -7.76 64.82 2.70
N UNK T 3 -6.74 64.31 3.40
CA UNK T 3 -6.84 63.00 4.03
C UNK T 3 -7.72 63.08 5.29
N UNK T 4 -7.98 61.90 5.86
CA UNK T 4 -8.81 61.84 7.06
C UNK T 4 -7.98 61.80 8.32
N UNK T 5 -6.75 61.34 8.25
CA UNK T 5 -5.83 61.36 9.38
C UNK T 5 -4.50 62.00 9.01
N UNK T 6 -4.01 61.78 7.79
CA UNK T 6 -2.72 62.32 7.38
C UNK T 6 -2.79 63.79 7.00
N UNK T 7 -4.00 64.34 6.85
CA UNK T 7 -4.11 65.77 6.55
C UNK T 7 -3.71 66.62 7.75
N UNK T 8 -4.13 66.21 8.95
CA UNK T 8 -3.64 66.86 10.15
C UNK T 8 -2.20 66.49 10.43
N UNK T 9 -1.70 65.39 9.86
CA UNK T 9 -0.29 65.06 9.98
C UNK T 9 0.57 65.88 9.03
N UNK T 10 -0.03 66.41 7.97
CA UNK T 10 0.67 67.26 7.03
C UNK T 10 0.46 68.74 7.35
N UNK T 11 -0.79 69.18 7.40
CA UNK T 11 -1.17 70.52 7.82
C UNK T 11 -1.86 70.38 9.18
N UNK T 12 -1.14 70.73 10.24
CA UNK T 12 -1.59 70.45 11.60
C UNK T 12 -2.82 71.27 11.96
N UNK T 13 -3.87 70.56 12.41
CA UNK T 13 -5.16 71.18 12.71
C UNK T 13 -5.07 71.91 14.04
N UNK T 14 -4.45 73.09 14.00
CA UNK T 14 -4.40 73.96 15.17
C UNK T 14 -5.46 75.05 15.10
N UNK T 15 -5.66 75.63 13.92
CA UNK T 15 -6.63 76.69 13.72
C UNK T 15 -8.05 76.14 13.74
N ASP U 52 64.80 29.52 -30.10
CA ASP U 52 63.88 28.54 -29.52
C ASP U 52 63.26 29.10 -28.25
N GLU U 53 61.96 29.35 -28.28
CA GLU U 53 61.24 29.88 -27.13
C GLU U 53 60.63 28.72 -26.34
N ALA U 54 60.83 28.74 -25.03
CA ALA U 54 60.21 27.77 -24.14
C ALA U 54 58.72 28.03 -24.08
N VAL U 55 57.93 27.10 -24.61
CA VAL U 55 56.50 27.29 -24.79
C VAL U 55 55.79 26.10 -24.17
N ILE U 56 54.85 26.36 -23.26
CA ILE U 56 54.12 25.26 -22.65
C ILE U 56 53.08 24.75 -23.64
N ASP U 57 52.96 23.43 -23.71
CA ASP U 57 52.21 22.72 -24.72
C ASP U 57 51.05 21.98 -24.07
N ILE U 58 49.92 21.93 -24.79
CA ILE U 58 48.75 21.33 -24.19
C ILE U 58 48.18 20.13 -24.94
N PHE U 59 48.29 20.12 -26.28
CA PHE U 59 47.45 19.13 -26.96
C PHE U 59 47.98 17.70 -26.91
N PRO U 60 49.13 17.30 -27.55
CA PRO U 60 49.42 15.88 -27.68
C PRO U 60 50.25 15.34 -26.52
N THR U 61 49.89 15.72 -25.30
CA THR U 61 50.43 15.09 -24.12
C THR U 61 49.59 13.87 -23.79
N GLY U 62 49.98 13.17 -22.72
CA GLY U 62 49.14 12.08 -22.26
C GLY U 62 47.80 12.56 -21.74
N GLN U 63 47.80 13.72 -21.07
CA GLN U 63 46.63 14.23 -20.38
C GLN U 63 45.48 14.56 -21.31
N THR U 64 45.74 14.84 -22.57
CA THR U 64 44.67 15.12 -23.51
C THR U 64 44.58 14.14 -24.67
N MET U 65 45.64 13.42 -24.99
CA MET U 65 45.47 12.35 -25.98
C MET U 65 44.73 11.18 -25.35
N SER U 66 44.89 10.98 -24.05
CA SER U 66 44.06 10.01 -23.35
C SER U 66 42.60 10.43 -23.27
N PHE U 67 42.33 11.74 -23.35
CA PHE U 67 40.97 12.25 -23.25
C PHE U 67 40.12 11.78 -24.43
N LEU U 68 40.67 11.83 -25.63
CA LEU U 68 39.89 11.41 -26.78
C LEU U 68 39.73 9.89 -26.82
N ARG U 69 40.67 9.16 -26.25
CA ARG U 69 40.54 7.71 -26.21
C ARG U 69 39.48 7.28 -25.21
N LEU U 70 39.44 7.94 -24.05
CA LEU U 70 38.39 7.61 -23.10
C LEU U 70 37.04 8.12 -23.55
N LEU U 71 37.02 9.25 -24.26
CA LEU U 71 35.75 9.88 -24.56
C LEU U 71 35.03 9.15 -25.67
N HIS U 72 35.77 8.54 -26.59
CA HIS U 72 35.20 7.56 -27.50
C HIS U 72 35.54 6.14 -27.07
N GLY U 73 35.90 5.95 -25.81
CA GLY U 73 35.79 4.65 -25.18
C GLY U 73 36.85 3.63 -25.51
N PHE U 74 38.07 4.05 -25.82
CA PHE U 74 39.14 3.07 -25.91
C PHE U 74 39.48 2.51 -24.54
N LEU U 75 39.43 3.35 -23.51
CA LEU U 75 39.85 2.96 -22.17
C LEU U 75 38.69 2.93 -21.19
N GLY U 76 38.03 4.06 -20.99
CA GLY U 76 36.95 4.09 -20.02
C GLY U 76 35.63 3.66 -20.64
N THR U 77 34.79 3.06 -19.80
CA THR U 77 33.43 2.73 -20.21
C THR U 77 32.52 2.77 -19.00
N CYS U 78 31.26 3.07 -19.26
CA CYS U 78 30.21 3.23 -18.25
C CYS U 78 28.91 3.42 -19.02
N ARG U 79 27.81 3.51 -18.28
CA ARG U 79 26.56 3.92 -18.92
C ARG U 79 26.52 5.41 -19.19
N GLY U 80 27.45 6.19 -18.65
CA GLY U 80 27.48 7.61 -18.93
C GLY U 80 28.03 7.98 -20.28
N GLN U 81 28.77 7.06 -20.91
CA GLN U 81 29.39 7.32 -22.21
C GLN U 81 28.37 7.62 -23.29
N SER U 82 27.14 7.15 -23.13
CA SER U 82 26.08 7.44 -24.09
C SER U 82 25.67 8.91 -24.06
N MET U 83 25.86 9.59 -22.94
CA MET U 83 25.38 10.97 -22.84
C MET U 83 26.32 11.93 -23.53
N HIS U 84 27.49 11.47 -23.96
CA HIS U 84 28.26 12.25 -24.90
C HIS U 84 27.81 11.99 -26.32
N GLN U 85 27.39 10.76 -26.61
CA GLN U 85 27.00 10.44 -27.97
C GLN U 85 25.64 11.01 -28.30
N VAL U 86 24.84 11.35 -27.29
CA VAL U 86 23.63 12.10 -27.59
C VAL U 86 23.98 13.55 -27.96
N LEU U 87 25.12 14.05 -27.51
CA LEU U 87 25.51 15.43 -27.75
C LEU U 87 26.10 15.66 -29.12
N ARG U 88 26.37 14.62 -29.89
CA ARG U 88 26.95 14.78 -31.21
C ARG U 88 26.11 14.11 -32.26
N ASP U 89 24.83 14.37 -32.28
CA ASP U 89 24.06 13.99 -33.43
C ASP U 89 24.34 15.01 -34.52
N PRO U 90 25.00 14.64 -35.62
CA PRO U 90 25.30 15.63 -36.66
C PRO U 90 24.09 15.99 -37.51
N CYS U 91 22.93 15.37 -37.27
CA CYS U 91 21.73 15.77 -37.95
C CYS U 91 21.10 17.01 -37.31
N VAL U 92 21.35 17.27 -36.03
CA VAL U 92 20.69 18.40 -35.40
C VAL U 92 21.31 19.72 -35.87
N LEU U 93 22.57 19.68 -36.29
CA LEU U 93 23.17 20.88 -36.86
C LEU U 93 22.54 21.21 -38.20
N ARG U 94 22.31 20.19 -39.03
CA ARG U 94 21.67 20.46 -40.31
C ARG U 94 20.21 20.81 -40.12
N LYS U 95 19.57 20.35 -39.03
CA LYS U 95 18.21 20.78 -38.74
C LYS U 95 18.17 22.25 -38.39
N GLN U 96 19.06 22.69 -37.49
CA GLN U 96 19.07 24.10 -37.10
C GLN U 96 19.50 24.98 -38.27
N LEU U 97 20.40 24.48 -39.11
CA LEU U 97 20.84 25.21 -40.28
C LEU U 97 19.69 25.41 -41.26
N LEU U 98 18.92 24.34 -41.53
CA LEU U 98 17.82 24.49 -42.47
C LEU U 98 16.70 25.33 -41.87
N TYR U 99 16.51 25.25 -40.56
CA TYR U 99 15.51 26.08 -39.89
C TYR U 99 15.88 27.55 -40.01
N GLY U 100 17.15 27.86 -39.84
CA GLY U 100 17.58 29.25 -39.93
C GLY U 100 17.48 29.78 -41.34
N VAL U 101 17.87 28.98 -42.34
CA VAL U 101 17.85 29.50 -43.69
C VAL U 101 16.42 29.56 -44.21
N CYS U 102 15.54 28.67 -43.75
CA CYS U 102 14.15 28.78 -44.17
C CYS U 102 13.42 29.90 -43.44
N LYS U 103 13.77 30.17 -42.18
CA LYS U 103 13.15 31.29 -41.48
C LYS U 103 13.59 32.62 -42.07
N THR U 104 14.86 32.74 -42.46
CA THR U 104 15.29 33.93 -43.17
C THR U 104 14.70 33.99 -44.58
N LEU U 105 14.43 32.83 -45.17
CA LEU U 105 13.86 32.78 -46.50
C LEU U 105 12.41 33.22 -46.50
N PHE U 106 11.63 32.78 -45.53
CA PHE U 106 10.18 32.82 -45.69
C PHE U 106 9.57 34.14 -45.28
N ASP U 107 10.22 34.88 -44.39
CA ASP U 107 9.64 36.12 -43.90
C ASP U 107 9.88 37.32 -44.81
N THR U 108 10.27 37.10 -46.07
CA THR U 108 10.69 38.23 -46.89
C THR U 108 9.53 38.91 -47.61
N ILE U 109 8.80 38.17 -48.44
CA ILE U 109 7.86 38.81 -49.36
C ILE U 109 6.45 38.25 -49.08
N THR U 110 6.17 38.04 -47.79
CA THR U 110 4.91 37.45 -47.35
C THR U 110 3.71 38.36 -47.64
N VAL U 111 3.93 39.65 -47.89
CA VAL U 111 2.80 40.57 -47.97
C VAL U 111 2.35 40.79 -49.42
N ARG U 112 3.30 40.95 -50.35
CA ARG U 112 2.90 41.39 -51.68
C ARG U 112 2.47 40.23 -52.57
N ARG U 113 3.30 39.20 -52.68
CA ARG U 113 3.06 38.15 -53.67
C ARG U 113 1.90 37.25 -53.30
N VAL U 114 1.48 37.23 -52.04
CA VAL U 114 0.31 36.46 -51.69
C VAL U 114 -0.93 37.10 -52.28
N ALA U 115 -0.91 38.42 -52.47
CA ALA U 115 -1.98 39.10 -53.18
C ALA U 115 -1.84 38.94 -54.69
N GLU U 116 -0.61 39.02 -55.20
CA GLU U 116 -0.40 39.06 -56.65
C GLU U 116 -0.64 37.70 -57.28
N GLU U 117 -0.13 36.64 -56.66
CA GLU U 117 -0.34 35.30 -57.17
C GLU U 117 -1.78 34.82 -56.97
N TRP U 118 -2.45 35.27 -55.92
CA TRP U 118 -3.88 34.98 -55.81
C TRP U 118 -4.68 35.75 -56.85
N LYS U 119 -4.26 36.97 -57.18
CA LYS U 119 -4.86 37.69 -58.30
C LYS U 119 -4.67 36.93 -59.61
N LEU U 120 -3.49 36.33 -59.78
CA LEU U 120 -3.21 35.55 -60.99
C LEU U 120 -4.10 34.31 -61.07
N HIS U 121 -4.15 33.53 -59.99
CA HIS U 121 -4.99 32.34 -59.98
C HIS U 121 -6.47 32.66 -59.93
N ALA U 122 -6.84 33.88 -59.54
CA ALA U 122 -8.24 34.26 -59.51
C ALA U 122 -8.70 34.75 -60.88
N ALA U 123 -7.89 35.59 -61.54
CA ALA U 123 -8.24 36.03 -62.88
C ALA U 123 -8.09 34.91 -63.90
N LEU U 124 -7.24 33.92 -63.60
CA LEU U 124 -7.15 32.76 -64.46
C LEU U 124 -8.37 31.86 -64.33
N PHE U 125 -8.95 31.78 -63.13
CA PHE U 125 -10.08 30.90 -62.85
C PHE U 125 -10.98 31.54 -61.80
N PRO U 126 -11.89 32.41 -62.21
CA PRO U 126 -12.79 33.07 -61.25
C PRO U 126 -14.08 32.30 -61.00
N TYR U 127 -14.07 31.01 -61.31
CA TYR U 127 -15.29 30.19 -61.26
C TYR U 127 -15.87 30.11 -59.85
N ARG U 128 -17.18 30.29 -59.75
CA ARG U 128 -17.85 30.43 -58.47
C ARG U 128 -19.32 30.08 -58.63
N ALA U 129 -19.81 29.16 -57.80
CA ALA U 129 -21.23 28.82 -57.82
C ALA U 129 -21.99 29.58 -56.74
N LEU U 130 -21.61 29.40 -55.48
CA LEU U 130 -22.29 30.06 -54.39
C LEU U 130 -21.26 30.55 -53.38
N ASP U 131 -21.63 31.57 -52.62
CA ASP U 131 -20.74 32.19 -51.64
C ASP U 131 -21.11 31.84 -50.22
N GLU U 132 -21.77 30.71 -49.98
CA GLU U 132 -22.27 30.41 -48.64
C GLU U 132 -21.41 29.37 -47.94
N GLU U 133 -21.23 28.21 -48.56
CA GLU U 133 -20.42 27.13 -47.99
C GLU U 133 -19.11 26.91 -48.71
N ASP U 134 -19.11 26.98 -50.04
CA ASP U 134 -17.95 26.57 -50.82
C ASP U 134 -16.80 27.55 -50.75
N LEU U 135 -17.06 28.80 -50.33
CA LEU U 135 -16.03 29.82 -50.37
C LEU U 135 -14.94 29.53 -49.35
N GLU U 136 -15.32 29.10 -48.14
CA GLU U 136 -14.33 28.76 -47.15
C GLU U 136 -13.62 27.46 -47.48
N GLN U 137 -14.30 26.55 -48.19
CA GLN U 137 -13.67 25.30 -48.57
C GLN U 137 -12.61 25.52 -49.65
N TYR U 138 -12.93 26.34 -50.65
CA TYR U 138 -11.94 26.75 -51.64
C TYR U 138 -10.81 27.55 -50.99
N LEU U 139 -11.14 28.35 -49.99
CA LEU U 139 -10.15 29.11 -49.22
C LEU U 139 -9.16 28.18 -48.51
N LEU U 140 -9.67 27.18 -47.81
CA LEU U 140 -8.80 26.33 -47.02
C LEU U 140 -7.99 25.39 -47.91
N VAL U 141 -8.57 24.87 -48.99
CA VAL U 141 -7.78 24.04 -49.87
C VAL U 141 -6.79 24.89 -50.66
N TRP U 142 -7.10 26.18 -50.85
CA TRP U 142 -6.17 27.11 -51.48
C TRP U 142 -4.97 27.34 -50.59
N SER U 143 -5.20 27.63 -49.31
CA SER U 143 -4.10 27.84 -48.38
C SER U 143 -3.24 26.60 -48.22
N ALA U 144 -3.89 25.43 -48.13
CA ALA U 144 -3.15 24.18 -47.98
C ALA U 144 -2.33 23.86 -49.22
N SER U 145 -2.88 24.15 -50.41
CA SER U 145 -2.15 23.85 -51.64
C SER U 145 -0.95 24.76 -51.81
N LEU U 146 -1.11 26.06 -51.50
CA LEU U 146 0.04 26.97 -51.56
C LEU U 146 1.12 26.56 -50.57
N ARG U 147 0.74 26.27 -49.33
CA ARG U 147 1.74 25.98 -48.32
C ARG U 147 2.43 24.65 -48.59
N GLN U 148 1.72 23.64 -49.11
CA GLN U 148 2.40 22.40 -49.43
C GLN U 148 3.27 22.52 -50.67
N SER U 149 2.88 23.38 -51.63
CA SER U 149 3.68 23.50 -52.84
C SER U 149 5.00 24.20 -52.57
N VAL U 150 4.96 25.34 -51.85
CA VAL U 150 6.21 26.00 -51.51
C VAL U 150 6.96 25.17 -50.47
N GLN U 151 6.25 24.37 -49.69
CA GLN U 151 6.86 23.50 -48.70
C GLN U 151 7.73 22.46 -49.37
N THR U 152 7.14 21.67 -50.27
CA THR U 152 7.92 20.64 -50.93
C THR U 152 8.92 21.22 -51.92
N GLY U 153 8.69 22.44 -52.43
CA GLY U 153 9.68 23.07 -53.28
C GLY U 153 10.95 23.43 -52.55
N VAL U 154 10.84 24.23 -51.50
CA VAL U 154 12.03 24.58 -50.74
C VAL U 154 12.54 23.41 -49.94
N LEU U 155 11.70 22.40 -49.67
CA LEU U 155 12.16 21.21 -48.97
C LEU U 155 13.07 20.39 -49.88
N GLY U 156 12.68 20.21 -51.14
CA GLY U 156 13.56 19.56 -52.10
C GLY U 156 14.82 20.36 -52.37
N ALA U 157 14.70 21.69 -52.40
CA ALA U 157 15.86 22.55 -52.63
C ALA U 157 16.87 22.44 -51.49
N LEU U 158 16.41 22.64 -50.26
CA LEU U 158 17.29 22.55 -49.10
C LEU U 158 17.80 21.14 -48.88
N ARG U 159 16.96 20.14 -49.14
CA ARG U 159 17.37 18.76 -49.00
C ARG U 159 18.48 18.40 -49.97
N ASP U 160 18.38 18.88 -51.22
CA ASP U 160 19.41 18.57 -52.19
C ASP U 160 20.72 19.30 -51.87
N ILE U 161 20.64 20.59 -51.55
CA ILE U 161 21.88 21.33 -51.31
C ILE U 161 22.52 20.96 -49.99
N LEU U 162 21.76 20.37 -49.06
CA LEU U 162 22.37 19.90 -47.83
C LEU U 162 22.92 18.49 -47.98
N TYR U 163 22.11 17.57 -48.53
CA TYR U 163 22.54 16.20 -48.73
C TYR U 163 23.69 16.08 -49.70
N GLN U 164 23.94 17.10 -50.53
CA GLN U 164 25.18 17.08 -51.29
C GLN U 164 26.38 17.42 -50.41
N TYR U 165 26.34 18.54 -49.69
CA TYR U 165 27.58 19.00 -49.10
C TYR U 165 27.42 19.55 -47.68
N ALA U 166 26.43 19.11 -46.92
CA ALA U 166 26.43 19.42 -45.51
C ALA U 166 27.05 18.31 -44.67
N ASP U 167 27.44 17.20 -45.30
CA ASP U 167 27.97 16.07 -44.55
C ASP U 167 29.49 16.14 -44.42
N ASN U 168 29.97 17.28 -43.94
CA ASN U 168 31.32 17.36 -43.43
C ASN U 168 31.43 16.71 -42.06
N ASP U 169 30.30 16.59 -41.35
CA ASP U 169 30.11 15.93 -40.04
C ASP U 169 31.15 16.31 -38.99
N ASP U 170 31.69 17.52 -39.09
CA ASP U 170 32.69 18.02 -38.16
C ASP U 170 32.09 18.42 -36.83
N TYR U 171 30.76 18.47 -36.73
CA TYR U 171 30.09 18.76 -35.47
C TYR U 171 30.43 17.72 -34.43
N GLY U 172 30.53 16.46 -34.86
CA GLY U 172 30.78 15.36 -33.96
C GLY U 172 32.20 15.30 -33.44
N LEU U 173 33.07 16.18 -33.91
CA LEU U 173 34.38 16.40 -33.33
C LEU U 173 34.48 17.76 -32.66
N TYR U 174 33.66 18.70 -33.14
CA TYR U 174 33.59 20.01 -32.52
C TYR U 174 33.11 19.90 -31.09
N VAL U 175 32.17 18.99 -30.85
CA VAL U 175 31.70 18.80 -29.49
C VAL U 175 32.79 18.23 -28.61
N ASP U 176 33.69 17.40 -29.16
CA ASP U 176 34.79 16.88 -28.35
C ASP U 176 35.77 17.99 -28.01
N TRP U 177 36.16 18.79 -29.00
CA TRP U 177 37.12 19.83 -28.66
C TRP U 177 36.49 20.98 -27.89
N CYS U 178 35.16 21.07 -27.85
CA CYS U 178 34.52 22.05 -26.98
C CYS U 178 34.21 21.47 -25.62
N VAL U 179 34.32 20.15 -25.46
CA VAL U 179 34.05 19.54 -24.16
C VAL U 179 35.33 19.08 -23.46
N THR U 180 36.45 18.94 -24.18
CA THR U 180 37.61 18.35 -23.52
C THR U 180 38.77 19.31 -23.37
N VAL U 181 38.83 20.39 -24.16
CA VAL U 181 39.90 21.37 -24.03
C VAL U 181 39.28 22.76 -24.09
N GLY U 182 38.03 22.84 -24.54
CA GLY U 182 37.35 24.12 -24.58
C GLY U 182 37.76 25.03 -25.71
N LEU U 183 38.49 24.51 -26.71
CA LEU U 183 38.94 25.33 -27.82
C LEU U 183 39.22 24.42 -29.01
N VAL U 184 38.85 24.89 -30.19
CA VAL U 184 38.79 24.03 -31.37
C VAL U 184 39.95 24.39 -32.31
N PRO U 185 40.74 23.42 -32.73
CA PRO U 185 41.64 23.65 -33.87
C PRO U 185 40.88 23.42 -35.16
N LEU U 186 41.20 24.22 -36.17
CA LEU U 186 40.49 24.16 -37.44
C LEU U 186 41.35 24.77 -38.52
N LEU U 187 41.34 24.15 -39.69
CA LEU U 187 42.15 24.60 -40.81
C LEU U 187 41.22 25.10 -41.91
N ASP U 188 41.38 26.36 -42.27
CA ASP U 188 40.49 27.00 -43.25
C ASP U 188 40.91 26.51 -44.63
N VAL U 189 40.22 25.48 -45.11
CA VAL U 189 40.54 24.91 -46.41
C VAL U 189 39.97 25.81 -47.50
N LYS U 190 40.82 26.23 -48.42
CA LYS U 190 40.40 27.04 -49.55
C LYS U 190 40.89 26.39 -50.84
N THR U 191 40.18 26.68 -51.93
CA THR U 191 40.46 26.10 -53.22
C THR U 191 40.58 27.21 -54.26
N LYS U 192 40.63 26.81 -55.53
CA LYS U 192 40.63 27.76 -56.62
C LYS U 192 39.25 28.41 -56.74
N PRO U 193 39.19 29.65 -57.22
CA PRO U 193 37.88 30.33 -57.32
C PRO U 193 36.96 29.78 -58.38
N SER U 194 37.42 28.84 -59.23
CA SER U 194 36.53 28.18 -60.17
C SER U 194 35.51 27.32 -59.44
N GLU U 195 35.89 26.77 -58.28
CA GLU U 195 34.99 25.90 -57.55
C GLU U 195 33.84 26.66 -56.90
N ALA U 196 34.00 27.96 -56.66
CA ALA U 196 32.87 28.79 -56.29
C ALA U 196 31.87 28.88 -57.43
N ALA U 197 32.35 28.96 -58.66
CA ALA U 197 31.45 28.90 -59.81
C ALA U 197 30.84 27.52 -59.98
N GLU U 198 31.56 26.47 -59.54
CA GLU U 198 30.98 25.12 -59.57
C GLU U 198 29.84 25.00 -58.58
N ARG U 199 30.00 25.55 -57.38
CA ARG U 199 28.91 25.57 -56.41
C ARG U 199 27.76 26.46 -56.88
N ALA U 200 28.08 27.55 -57.57
CA ALA U 200 27.05 28.39 -58.15
C ALA U 200 26.26 27.63 -59.19
N GLN U 201 26.96 26.83 -60.00
CA GLN U 201 26.30 25.93 -60.95
C GLN U 201 25.39 24.93 -60.25
N PHE U 202 25.86 24.37 -59.13
CA PHE U 202 25.06 23.35 -58.45
C PHE U 202 23.81 23.94 -57.83
N VAL U 203 23.93 25.10 -57.19
CA VAL U 203 22.74 25.71 -56.59
C VAL U 203 21.83 26.28 -57.68
N ARG U 204 22.38 26.63 -58.85
CA ARG U 204 21.53 26.98 -59.97
C ARG U 204 20.77 25.78 -60.50
N ALA U 205 21.38 24.59 -60.47
CA ALA U 205 20.64 23.40 -60.87
C ALA U 205 19.56 23.06 -59.86
N ALA U 206 19.85 23.28 -58.57
CA ALA U 206 18.84 23.08 -57.53
C ALA U 206 17.67 24.06 -57.68
N VAL U 207 17.95 25.32 -58.04
CA VAL U 207 16.83 26.21 -58.23
C VAL U 207 16.19 26.01 -59.61
N GLN U 208 16.83 25.27 -60.51
CA GLN U 208 16.10 24.82 -61.70
C GLN U 208 15.11 23.72 -61.34
N ARG U 209 15.49 22.85 -60.40
CA ARG U 209 14.52 21.91 -59.83
C ARG U 209 13.38 22.65 -59.14
N ALA U 210 13.70 23.73 -58.44
CA ALA U 210 12.66 24.58 -57.87
C ALA U 210 11.83 25.28 -58.94
N THR U 211 12.44 25.63 -60.07
CA THR U 211 11.75 26.25 -61.19
C THR U 211 10.69 25.32 -61.78
N GLU U 212 11.06 24.06 -61.99
CA GLU U 212 10.05 23.11 -62.43
C GLU U 212 9.13 22.67 -61.30
N THR U 213 9.44 23.00 -60.05
CA THR U 213 8.52 22.70 -58.95
C THR U 213 7.38 23.71 -58.89
N HIS U 214 7.70 24.98 -58.62
CA HIS U 214 6.68 25.97 -58.33
C HIS U 214 7.23 27.37 -58.51
N PRO U 215 6.43 28.32 -59.02
CA PRO U 215 6.98 29.66 -59.31
C PRO U 215 7.27 30.52 -58.07
N LEU U 216 6.45 30.44 -57.01
CA LEU U 216 6.70 31.29 -55.86
C LEU U 216 7.93 30.85 -55.09
N ALA U 217 8.16 29.54 -55.04
CA ALA U 217 9.35 29.01 -54.37
C ALA U 217 10.62 29.44 -55.10
N GLN U 218 10.64 29.34 -56.42
CA GLN U 218 11.80 29.80 -57.16
C GLN U 218 11.91 31.31 -57.17
N ASP U 219 10.81 32.03 -56.93
CA ASP U 219 10.92 33.47 -56.70
C ASP U 219 11.65 33.75 -55.39
N LEU U 220 11.33 33.01 -54.34
CA LEU U 220 12.03 33.19 -53.06
C LEU U 220 13.50 32.80 -53.18
N LEU U 221 13.80 31.74 -53.93
CA LEU U 221 15.20 31.37 -54.10
C LEU U 221 15.94 32.31 -55.03
N GLN U 222 15.28 32.87 -56.05
CA GLN U 222 15.92 33.88 -56.86
C GLN U 222 16.04 35.21 -56.13
N ALA U 223 15.29 35.37 -55.02
CA ALA U 223 15.51 36.52 -54.15
C ALA U 223 16.73 36.32 -53.27
N ASN U 224 16.87 35.15 -52.64
CA ASN U 224 17.87 34.99 -51.60
C ASN U 224 18.98 33.99 -51.94
N LEU U 225 19.21 33.72 -53.23
CA LEU U 225 20.27 32.80 -53.61
C LEU U 225 21.65 33.34 -53.28
N ALA U 226 21.80 34.65 -53.13
CA ALA U 226 23.08 35.23 -52.75
C ALA U 226 23.50 34.77 -51.37
N LEU U 227 22.62 34.91 -50.38
CA LEU U 227 22.96 34.42 -49.05
C LEU U 227 22.92 32.91 -48.99
N LEU U 228 22.15 32.26 -49.89
CA LEU U 228 22.20 30.81 -49.98
C LEU U 228 23.57 30.31 -50.40
N LEU U 229 24.16 30.90 -51.44
CA LEU U 229 25.49 30.48 -51.83
C LEU U 229 26.52 30.95 -50.83
N GLN U 230 26.23 32.03 -50.09
CA GLN U 230 27.12 32.48 -49.03
C GLN U 230 27.23 31.43 -47.93
N VAL U 231 26.09 30.94 -47.43
CA VAL U 231 26.14 29.92 -46.39
C VAL U 231 26.57 28.57 -46.96
N ALA U 232 26.38 28.35 -48.26
CA ALA U 232 26.88 27.13 -48.88
C ALA U 232 28.40 27.12 -48.92
N GLU U 233 29.02 28.26 -49.26
CA GLU U 233 30.47 28.28 -49.29
C GLU U 233 31.06 28.35 -47.89
N ARG U 234 30.33 28.92 -46.93
CA ARG U 234 30.79 28.83 -45.55
C ARG U 234 30.65 27.43 -45.00
N LEU U 235 29.76 26.62 -45.58
CA LEU U 235 29.58 25.26 -45.09
C LEU U 235 30.73 24.36 -45.52
N GLY U 236 31.25 24.55 -46.72
CA GLY U 236 32.45 23.85 -47.11
C GLY U 236 33.73 24.61 -46.83
N ALA U 237 33.69 25.58 -45.92
CA ALA U 237 34.83 26.48 -45.76
C ALA U 237 35.92 25.86 -44.91
N VAL U 238 35.56 25.06 -43.91
CA VAL U 238 36.52 24.66 -42.89
C VAL U 238 36.28 23.22 -42.51
N ARG U 239 37.31 22.61 -41.95
CA ARG U 239 37.21 21.33 -41.28
C ARG U 239 37.45 21.54 -39.80
N VAL U 240 37.54 20.44 -39.06
CA VAL U 240 37.68 20.47 -37.61
C VAL U 240 39.12 20.14 -37.20
N ALA U 241 40.06 20.20 -38.14
CA ALA U 241 41.47 19.82 -37.99
C ALA U 241 41.61 18.37 -37.54
N ASN U 242 40.86 17.48 -38.21
CA ASN U 242 40.98 16.05 -37.96
C ASN U 242 42.11 15.51 -38.82
N ALA U 243 43.34 15.72 -38.34
CA ALA U 243 44.53 15.32 -39.06
C ALA U 243 45.62 15.01 -38.06
N PRO U 244 46.47 14.03 -38.34
CA PRO U 244 47.60 13.75 -37.46
C PRO U 244 48.63 14.85 -37.50
N GLU U 245 49.52 14.82 -36.50
CA GLU U 245 50.62 15.79 -36.32
C GLU U 245 50.09 17.22 -36.22
N VAL U 246 48.98 17.39 -35.51
CA VAL U 246 48.49 18.71 -35.19
C VAL U 246 48.84 18.97 -33.73
N ARG U 247 48.96 20.24 -33.38
CA ARG U 247 49.46 20.61 -32.06
C ARG U 247 49.01 22.02 -31.73
N VAL U 248 48.67 22.24 -30.47
CA VAL U 248 48.38 23.58 -29.97
C VAL U 248 49.15 23.76 -28.68
N PHE U 249 49.59 25.00 -28.45
CA PHE U 249 50.46 25.35 -27.33
C PHE U 249 50.17 26.77 -26.90
N LYS U 250 50.66 27.11 -25.71
CA LYS U 250 50.50 28.43 -25.13
C LYS U 250 51.88 29.03 -24.92
N LYS U 251 52.18 30.12 -25.62
CA LYS U 251 53.46 30.78 -25.44
C LYS U 251 53.47 31.55 -24.13
N VAL U 252 54.47 31.28 -23.30
CA VAL U 252 54.45 31.81 -21.94
C VAL U 252 54.78 33.30 -21.91
N ARG U 253 55.42 33.83 -22.95
CA ARG U 253 55.78 35.24 -22.94
C ARG U 253 54.59 36.12 -23.24
N SER U 254 53.73 35.71 -24.17
CA SER U 254 52.47 36.38 -24.43
C SER U 254 51.41 35.32 -24.61
N GLU U 255 50.39 35.36 -23.76
CA GLU U 255 49.38 34.30 -23.73
C GLU U 255 48.40 34.48 -24.89
N ARG U 256 48.90 34.16 -26.08
CA ARG U 256 48.15 34.23 -27.32
C ARG U 256 48.21 32.88 -28.00
N LEU U 257 47.84 31.86 -27.23
CA LEU U 257 47.94 30.45 -27.59
C LEU U 257 47.31 30.15 -28.95
N GLU U 258 48.09 29.50 -29.80
CA GLU U 258 47.73 29.31 -31.19
C GLU U 258 48.26 27.97 -31.66
N ALA U 259 47.58 27.38 -32.64
CA ALA U 259 47.90 26.04 -33.10
C ALA U 259 48.72 26.10 -34.38
N GLN U 260 49.57 25.11 -34.57
CA GLN U 260 50.17 24.85 -35.87
C GLN U 260 49.82 23.44 -36.32
N LEU U 261 49.64 23.28 -37.61
CA LEU U 261 49.45 21.97 -38.22
C LEU U 261 50.71 21.68 -39.03
N ARG U 262 51.59 20.85 -38.46
CA ARG U 262 52.79 20.33 -39.15
C ARG U 262 53.71 21.46 -39.62
N GLY U 263 53.84 22.49 -38.78
CA GLY U 263 54.66 23.64 -39.11
C GLY U 263 53.91 24.82 -39.68
N LYS U 264 52.72 24.63 -40.22
CA LYS U 264 51.91 25.71 -40.77
C LYS U 264 50.98 26.21 -39.67
N HIS U 265 51.02 27.52 -39.42
CA HIS U 265 50.16 28.11 -38.41
C HIS U 265 48.71 28.07 -38.86
N ILE U 266 47.82 27.70 -37.95
CA ILE U 266 46.39 27.68 -38.20
C ILE U 266 45.69 28.44 -37.08
N ARG U 267 44.54 29.01 -37.41
CA ARG U 267 43.79 29.73 -36.41
C ARG U 267 42.97 28.76 -35.56
N LEU U 268 42.41 29.28 -34.49
CA LEU U 268 41.65 28.46 -33.55
C LEU U 268 40.66 29.35 -32.82
N TYR U 269 39.51 28.77 -32.47
CA TYR U 269 38.50 29.47 -31.71
C TYR U 269 38.56 28.98 -30.26
N VAL U 270 38.89 29.88 -29.36
CA VAL U 270 38.96 29.55 -27.94
C VAL U 270 37.64 29.93 -27.29
N ALA U 271 37.00 28.95 -26.65
CA ALA U 271 35.79 29.23 -25.91
C ALA U 271 36.05 29.33 -24.43
N ALA U 272 36.98 28.53 -23.91
CA ALA U 272 37.32 28.56 -22.49
C ALA U 272 38.81 28.35 -22.36
N GLU U 273 39.54 29.44 -22.20
CA GLU U 273 40.99 29.34 -22.02
C GLU U 273 41.27 28.79 -20.63
N PRO U 274 42.19 27.85 -20.48
CA PRO U 274 42.47 27.28 -19.17
C PRO U 274 43.17 28.27 -18.26
N LEU U 275 43.07 28.00 -16.97
CA LEU U 275 43.75 28.80 -15.98
C LEU U 275 45.24 28.44 -15.98
N ALA U 276 46.10 29.45 -15.88
CA ALA U 276 47.53 29.27 -16.02
C ALA U 276 48.25 29.95 -14.87
N TYR U 277 49.14 29.21 -14.20
CA TYR U 277 49.85 29.71 -13.03
C TYR U 277 51.30 29.24 -13.11
N GLU U 278 52.02 29.36 -11.98
CA GLU U 278 53.40 28.90 -11.92
C GLU U 278 53.49 27.38 -12.00
N ARG U 279 52.39 26.69 -11.69
CA ARG U 279 52.19 25.35 -12.18
C ARG U 279 52.31 25.38 -13.70
N ASP U 280 53.38 24.80 -14.22
CA ASP U 280 53.64 24.84 -15.66
C ASP U 280 52.58 24.06 -16.42
N LYS U 281 52.27 22.86 -15.96
CA LYS U 281 51.05 22.21 -16.40
C LYS U 281 49.87 23.02 -15.85
N LEU U 282 48.80 23.07 -16.62
CA LEU U 282 47.72 23.98 -16.30
C LEU U 282 46.38 23.29 -16.40
N LEU U 283 45.47 23.70 -15.54
CA LEU U 283 44.20 23.02 -15.34
C LEU U 283 43.15 23.62 -16.26
N PHE U 284 42.36 22.75 -16.88
CA PHE U 284 41.28 23.16 -17.76
C PHE U 284 39.98 23.26 -16.97
N THR U 285 39.14 24.19 -17.38
CA THR U 285 37.83 24.33 -16.77
C THR U 285 36.76 23.56 -17.51
N THR U 286 37.14 22.61 -18.33
CA THR U 286 36.22 21.92 -19.19
C THR U 286 35.56 20.78 -18.42
N PRO U 287 34.37 20.34 -18.84
CA PRO U 287 33.66 19.30 -18.06
C PRO U 287 34.33 17.95 -18.03
N VAL U 288 34.98 17.51 -19.11
CA VAL U 288 35.56 16.17 -19.07
C VAL U 288 36.76 16.13 -18.13
N ALA U 289 37.51 17.23 -18.04
CA ALA U 289 38.62 17.28 -17.11
C ALA U 289 38.15 17.35 -15.66
N HIS U 290 36.87 17.60 -15.41
CA HIS U 290 36.39 17.56 -14.04
C HIS U 290 36.36 16.14 -13.51
N LEU U 291 36.23 15.14 -14.38
CA LEU U 291 36.05 13.77 -13.91
C LEU U 291 37.13 12.82 -14.41
N HIS U 292 38.29 13.34 -14.82
CA HIS U 292 39.30 12.46 -15.40
C HIS U 292 39.93 11.54 -14.37
N GLU U 293 40.13 12.06 -13.15
CA GLU U 293 40.69 11.24 -12.08
C GLU U 293 39.77 10.06 -11.74
N GLU U 294 38.46 10.29 -11.76
CA GLU U 294 37.54 9.26 -11.31
C GLU U 294 37.42 8.14 -12.33
N ILE U 295 37.40 8.46 -13.62
CA ILE U 295 37.36 7.39 -14.61
C ILE U 295 38.71 6.70 -14.74
N LEU U 296 39.81 7.38 -14.41
CA LEU U 296 41.08 6.66 -14.31
C LEU U 296 41.07 5.69 -13.15
N ARG U 297 40.45 6.10 -12.03
CA ARG U 297 40.26 5.20 -10.90
C ARG U 297 39.41 4.01 -11.29
N TYR U 298 38.39 4.24 -12.12
CA TYR U 298 37.53 3.15 -12.55
C TYR U 298 38.28 2.16 -13.42
N ASP U 299 39.09 2.65 -14.36
CA ASP U 299 39.80 1.71 -15.23
C ASP U 299 40.91 0.99 -14.48
N GLY U 300 41.53 1.68 -13.52
CA GLY U 300 42.47 1.00 -12.64
C GLY U 300 41.79 -0.09 -11.82
N LEU U 301 40.55 0.16 -11.40
CA LEU U 301 39.82 -0.87 -10.67
C LEU U 301 39.42 -2.02 -11.58
N CYS U 302 39.14 -1.74 -12.85
CA CYS U 302 38.80 -2.82 -13.78
C CYS U 302 40.01 -3.70 -14.04
N ARG U 303 41.19 -3.10 -14.20
CA ARG U 303 42.41 -3.88 -14.34
C ARG U 303 42.71 -4.66 -13.07
N HIS U 304 42.48 -4.04 -11.92
CA HIS U 304 42.74 -4.68 -10.65
C HIS U 304 41.80 -5.86 -10.42
N GLN U 305 40.55 -5.71 -10.83
CA GLN U 305 39.59 -6.80 -10.70
C GLN U 305 39.91 -7.93 -11.65
N LYS U 306 40.39 -7.61 -12.85
CA LYS U 306 40.78 -8.67 -13.78
C LYS U 306 41.99 -9.43 -13.26
N ILE U 307 42.98 -8.72 -12.70
CA ILE U 307 44.18 -9.44 -12.28
C ILE U 307 43.93 -10.18 -10.98
N CYS U 308 43.04 -9.69 -10.12
CA CYS U 308 42.68 -10.46 -8.94
C CYS U 308 41.66 -11.53 -9.21
N GLN U 309 41.08 -11.55 -10.41
CA GLN U 309 40.33 -12.73 -10.81
C GLN U 309 41.24 -13.77 -11.42
N LEU U 310 42.18 -13.34 -12.27
CA LEU U 310 43.09 -14.25 -12.96
C LEU U 310 44.15 -14.87 -12.06
N LEU U 311 44.25 -14.43 -10.82
CA LEU U 311 45.23 -14.98 -9.90
C LEU U 311 44.58 -15.87 -8.85
N ASN U 312 43.30 -16.18 -9.00
CA ASN U 312 42.58 -17.05 -8.08
C ASN U 312 41.87 -18.20 -8.79
N THR U 313 42.34 -18.57 -9.99
CA THR U 313 41.60 -19.53 -10.79
C THR U 313 41.73 -20.94 -10.25
N PHE U 314 42.87 -21.28 -9.71
CA PHE U 314 43.06 -22.61 -9.19
C PHE U 314 42.34 -22.76 -7.85
N PRO U 315 41.87 -23.98 -7.50
CA PRO U 315 41.21 -24.16 -6.21
C PRO U 315 42.14 -24.06 -5.01
N VAL U 316 43.28 -24.74 -5.06
CA VAL U 316 44.18 -24.78 -3.92
C VAL U 316 45.40 -23.94 -4.23
N LYS U 317 46.05 -23.50 -3.16
CA LYS U 317 47.33 -22.82 -3.26
C LYS U 317 48.27 -23.44 -2.25
N VAL U 318 49.50 -23.70 -2.67
CA VAL U 318 50.50 -24.34 -1.83
C VAL U 318 51.68 -23.39 -1.68
N VAL U 319 52.52 -23.67 -0.70
CA VAL U 319 53.83 -23.03 -0.56
C VAL U 319 54.88 -24.13 -0.54
N THR U 320 56.12 -23.79 -0.87
CA THR U 320 57.22 -24.75 -0.78
C THR U 320 58.55 -24.04 -0.78
N ASP U 488 37.84 -18.71 -28.53
CA ASP U 488 38.20 -19.98 -27.90
C ASP U 488 37.00 -20.63 -27.25
N ALA U 489 36.20 -21.32 -28.05
CA ALA U 489 35.02 -22.04 -27.57
C ALA U 489 35.27 -23.53 -27.43
N GLU U 490 36.49 -23.92 -27.05
CA GLU U 490 36.88 -25.32 -27.01
C GLU U 490 36.16 -26.09 -25.91
N LEU U 491 35.73 -25.39 -24.86
CA LEU U 491 35.14 -26.09 -23.73
C LEU U 491 33.69 -26.44 -23.98
N TYR U 492 33.02 -25.71 -24.87
CA TYR U 492 31.59 -25.87 -25.02
C TYR U 492 31.21 -27.13 -25.79
N HIS U 493 31.70 -27.24 -27.04
CA HIS U 493 31.29 -28.32 -27.93
C HIS U 493 31.77 -29.68 -27.42
N LEU U 494 33.00 -29.74 -26.96
CA LEU U 494 33.61 -31.01 -26.60
C LEU U 494 33.06 -31.50 -25.27
N PRO U 495 32.75 -32.80 -25.15
CA PRO U 495 32.04 -33.30 -23.97
C PRO U 495 32.92 -33.37 -22.74
N VAL U 496 32.30 -33.72 -21.61
CA VAL U 496 32.89 -33.48 -20.30
C VAL U 496 34.03 -34.43 -19.96
N LEU U 497 34.02 -35.65 -20.51
CA LEU U 497 35.06 -36.63 -20.19
C LEU U 497 36.42 -36.19 -20.70
N GLU U 498 36.47 -35.47 -21.82
CA GLU U 498 37.70 -34.85 -22.28
C GLU U 498 37.81 -33.40 -21.84
N ALA U 499 36.71 -32.77 -21.43
CA ALA U 499 36.78 -31.39 -20.96
C ALA U 499 37.49 -31.32 -19.63
N VAL U 500 37.27 -32.31 -18.77
CA VAL U 500 38.01 -32.35 -17.51
C VAL U 500 39.48 -32.66 -17.75
N ARG U 501 39.79 -33.30 -18.88
CA ARG U 501 41.18 -33.52 -19.24
C ARG U 501 41.83 -32.23 -19.72
N LYS U 502 41.16 -31.49 -20.60
CA LYS U 502 41.72 -30.27 -21.12
C LYS U 502 41.77 -29.16 -20.09
N ALA U 503 40.85 -29.17 -19.12
CA ALA U 503 40.87 -28.16 -18.08
C ALA U 503 42.03 -28.36 -17.12
N ARG U 504 42.43 -29.61 -16.87
CA ARG U 504 43.48 -29.86 -15.89
C ARG U 504 44.84 -29.43 -16.39
N ASP U 505 45.11 -29.60 -17.69
CA ASP U 505 46.31 -29.03 -18.27
C ASP U 505 46.11 -27.58 -18.68
N ALA U 506 44.88 -27.10 -18.72
CA ALA U 506 44.63 -25.71 -19.07
C ALA U 506 45.01 -24.78 -17.94
N ALA U 507 45.02 -25.26 -16.70
CA ALA U 507 45.48 -24.49 -15.56
C ALA U 507 46.48 -25.36 -14.82
N PRO U 508 47.76 -25.31 -15.21
CA PRO U 508 48.77 -26.13 -14.54
C PRO U 508 49.01 -25.65 -13.12
N PHE U 509 49.03 -26.62 -12.21
CA PHE U 509 49.29 -26.37 -10.79
C PHE U 509 50.74 -25.95 -10.66
N ARG U 510 50.97 -24.74 -10.18
CA ARG U 510 52.32 -24.25 -10.00
C ARG U 510 52.54 -23.88 -8.54
N PRO U 511 53.52 -24.47 -7.88
CA PRO U 511 53.85 -24.06 -6.51
C PRO U 511 54.67 -22.79 -6.44
N LEU U 512 55.12 -22.42 -5.25
CA LEU U 512 55.88 -21.19 -5.08
C LEU U 512 56.85 -21.34 -3.91
N ALA U 513 58.08 -20.86 -4.09
CA ALA U 513 59.15 -21.23 -3.19
C ALA U 513 60.22 -20.16 -3.12
N VAL U 514 60.71 -19.91 -1.90
CA VAL U 514 61.90 -19.09 -1.64
C VAL U 514 62.68 -19.79 -0.54
N GLU U 515 64.01 -19.88 -0.70
CA GLU U 515 64.87 -20.51 0.30
C GLU U 515 64.86 -19.72 1.61
N ASP U 516 64.86 -20.45 2.73
CA ASP U 516 65.10 -19.90 4.05
C ASP U 516 65.69 -20.99 4.93
N ASN U 517 66.52 -20.58 5.88
CA ASN U 517 67.25 -21.50 6.75
C ASN U 517 66.59 -21.55 8.12
N ARG U 518 66.28 -22.76 8.58
CA ARG U 518 65.77 -23.09 9.92
C ARG U 518 64.46 -22.39 10.27
N LEU U 519 63.70 -21.92 9.28
CA LEU U 519 62.59 -21.01 9.53
C LEU U 519 61.67 -20.99 8.32
N VAL U 520 60.39 -21.28 8.54
CA VAL U 520 59.39 -21.37 7.48
C VAL U 520 58.26 -20.42 7.87
N ALA U 521 57.17 -20.46 7.12
CA ALA U 521 56.13 -19.45 7.25
C ALA U 521 55.07 -19.86 8.27
N ASN U 522 54.43 -18.83 8.85
CA ASN U 522 53.13 -18.97 9.48
C ASN U 522 52.15 -18.13 8.67
N SER U 523 51.50 -18.75 7.70
CA SER U 523 50.93 -18.01 6.58
C SER U 523 49.45 -17.71 6.78
N PHE U 524 48.95 -16.82 5.94
CA PHE U 524 47.54 -16.43 5.92
C PHE U 524 47.08 -16.32 4.48
N PHE U 525 45.77 -16.41 4.29
CA PHE U 525 45.18 -16.44 2.95
C PHE U 525 44.11 -15.39 2.84
N SER U 526 44.04 -14.72 1.68
CA SER U 526 43.08 -13.66 1.44
C SER U 526 42.41 -13.89 0.10
N GLN U 527 41.09 -13.97 0.10
CA GLN U 527 40.29 -14.11 -1.12
C GLN U 527 39.34 -12.94 -1.15
N PHE U 528 39.53 -12.04 -2.11
CA PHE U 528 38.54 -11.01 -2.34
C PHE U 528 38.58 -10.59 -3.81
N VAL U 529 37.46 -10.06 -4.26
CA VAL U 529 37.34 -9.43 -5.57
C VAL U 529 36.82 -8.03 -5.30
N PRO U 530 37.39 -6.99 -5.90
CA PRO U 530 36.84 -5.64 -5.70
C PRO U 530 35.50 -5.45 -6.40
N GLY U 531 34.55 -4.88 -5.65
CA GLY U 531 33.22 -4.70 -6.18
C GLY U 531 33.14 -3.53 -7.15
N THR U 532 32.65 -3.79 -8.35
CA THR U 532 32.62 -2.73 -9.36
C THR U 532 31.30 -1.97 -9.35
N GLU U 533 30.25 -2.57 -8.79
CA GLU U 533 28.92 -2.00 -8.97
C GLU U 533 28.73 -0.73 -8.16
N SER U 534 29.46 -0.58 -7.06
CA SER U 534 29.29 0.59 -6.21
C SER U 534 29.78 1.85 -6.92
N LEU U 535 31.07 1.90 -7.25
CA LEU U 535 31.57 3.04 -7.98
C LEU U 535 31.08 3.07 -9.42
N GLU U 536 30.55 1.95 -9.94
CA GLU U 536 29.95 1.98 -11.26
C GLU U 536 28.66 2.78 -11.25
N ARG U 537 27.79 2.51 -10.27
CA ARG U 537 26.59 3.32 -10.10
C ARG U 537 26.94 4.75 -9.76
N PHE U 538 27.99 4.94 -8.95
CA PHE U 538 28.42 6.29 -8.59
C PHE U 538 28.96 7.05 -9.80
N LEU U 539 29.72 6.39 -10.66
CA LEU U 539 30.27 7.05 -11.84
C LEU U 539 29.20 7.32 -12.88
N THR U 540 28.23 6.43 -13.04
CA THR U 540 27.17 6.71 -14.00
C THR U 540 26.28 7.83 -13.51
N GLN U 541 26.03 7.90 -12.19
CA GLN U 541 25.32 9.03 -11.63
C GLN U 541 26.11 10.32 -11.80
N LEU U 542 27.44 10.23 -11.67
CA LEU U 542 28.29 11.41 -11.81
C LEU U 542 28.30 11.91 -13.24
N TRP U 543 28.39 10.99 -14.20
CA TRP U 543 28.33 11.36 -15.61
C TRP U 543 26.96 11.92 -15.96
N GLU U 544 25.91 11.37 -15.35
CA GLU U 544 24.54 11.79 -15.61
C GLU U 544 24.31 13.22 -15.16
N ASN U 545 24.56 13.51 -13.88
CA ASN U 545 24.31 14.87 -13.46
C ASN U 545 25.37 15.82 -13.97
N GLU U 546 26.53 15.33 -14.41
CA GLU U 546 27.49 16.21 -15.05
C GLU U 546 26.97 16.73 -16.39
N TYR U 547 26.51 15.82 -17.25
CA TYR U 547 25.96 16.30 -18.52
C TYR U 547 24.52 16.78 -18.38
N PHE U 548 23.97 16.81 -17.17
CA PHE U 548 22.69 17.51 -17.03
C PHE U 548 22.88 18.92 -16.49
N ARG U 549 23.84 19.13 -15.58
CA ARG U 549 24.06 20.50 -15.14
C ARG U 549 24.79 21.30 -16.22
N THR U 550 25.83 20.71 -16.82
CA THR U 550 26.65 21.45 -17.77
C THR U 550 25.90 21.80 -19.04
N PHE U 551 25.07 20.88 -19.53
CA PHE U 551 24.18 21.19 -20.64
C PHE U 551 22.82 20.71 -20.18
N ARG U 552 21.80 21.56 -20.26
CA ARG U 552 20.53 21.21 -19.66
C ARG U 552 19.73 20.34 -20.62
N LEU U 553 20.16 19.09 -20.74
CA LEU U 553 19.43 18.13 -21.55
C LEU U 553 18.13 17.79 -20.85
N ARG U 554 17.03 17.80 -21.59
CA ARG U 554 15.77 17.46 -20.97
C ARG U 554 15.62 15.94 -20.88
N ARG U 555 14.72 15.51 -20.01
CA ARG U 555 14.34 14.11 -19.88
C ARG U 555 12.83 14.04 -20.06
N LEU U 556 12.38 13.99 -21.31
CA LEU U 556 10.96 13.92 -21.57
C LEU U 556 10.49 12.47 -21.42
N VAL U 557 9.46 12.25 -20.59
CA VAL U 557 8.89 10.93 -20.39
C VAL U 557 7.38 11.03 -20.32
N THR U 558 6.72 9.90 -20.52
CA THR U 558 5.30 9.76 -20.23
C THR U 558 5.12 9.36 -18.76
N HIS U 559 3.85 9.17 -18.38
CA HIS U 559 3.54 8.82 -16.99
C HIS U 559 4.09 7.43 -16.66
N GLN U 560 4.72 7.34 -15.48
CA GLN U 560 5.66 6.30 -15.03
C GLN U 560 6.56 5.82 -16.16
N GLY U 561 7.10 6.76 -16.94
CA GLY U 561 7.92 6.44 -18.09
C GLY U 561 9.37 6.62 -17.74
N ALA U 562 10.20 5.69 -18.22
CA ALA U 562 11.61 5.63 -17.85
C ALA U 562 12.47 6.02 -19.05
N GLU U 563 13.00 7.25 -19.00
CA GLU U 563 13.94 7.87 -19.97
C GLU U 563 13.54 7.61 -21.43
N GLU U 564 12.40 8.19 -21.81
CA GLU U 564 11.94 8.06 -23.18
C GLU U 564 12.89 8.73 -24.16
N ALA U 565 13.40 9.90 -23.81
CA ALA U 565 14.32 10.62 -24.68
C ALA U 565 15.14 11.59 -23.86
N ILE U 566 16.40 11.72 -24.22
CA ILE U 566 17.27 12.79 -23.72
C ILE U 566 17.63 13.63 -24.93
N VAL U 567 17.33 14.93 -24.87
CA VAL U 567 17.34 15.75 -26.08
C VAL U 567 17.78 17.17 -25.72
N TYR U 568 18.20 17.89 -26.76
CA TYR U 568 18.70 19.26 -26.61
C TYR U 568 17.61 20.20 -26.14
N SER U 569 17.97 21.09 -25.22
CA SER U 569 17.07 22.15 -24.78
C SER U 569 17.71 23.50 -25.04
N ASN U 570 17.06 24.55 -24.53
CA ASN U 570 17.35 25.92 -24.95
C ASN U 570 18.77 26.34 -24.59
N TYR U 571 19.26 25.90 -23.45
CA TYR U 571 20.62 26.26 -23.09
C TYR U 571 21.64 25.45 -23.88
N THR U 572 21.30 24.22 -24.26
CA THR U 572 22.25 23.37 -24.96
C THR U 572 22.57 23.90 -26.35
N VAL U 573 21.53 24.28 -27.10
CA VAL U 573 21.75 24.82 -28.43
C VAL U 573 22.47 26.15 -28.35
N GLU U 574 22.12 26.96 -27.34
CA GLU U 574 22.80 28.22 -27.10
C GLU U 574 24.27 28.02 -26.75
N ARG U 575 24.61 26.89 -26.14
CA ARG U 575 25.99 26.74 -25.71
C ARG U 575 26.86 26.09 -26.77
N VAL U 576 26.32 25.20 -27.61
CA VAL U 576 27.16 24.49 -28.58
C VAL U 576 26.84 24.88 -30.02
N THR U 577 25.57 25.03 -30.40
CA THR U 577 25.33 25.19 -31.83
C THR U 577 25.52 26.63 -32.28
N LEU U 578 24.93 27.56 -31.55
CA LEU U 578 25.11 28.97 -31.88
C LEU U 578 26.56 29.47 -31.79
N PRO U 579 27.42 29.05 -30.86
CA PRO U 579 28.82 29.48 -30.98
C PRO U 579 29.56 28.80 -32.11
N TYR U 580 29.12 27.60 -32.48
CA TYR U 580 29.66 26.95 -33.67
C TYR U 580 29.39 27.79 -34.90
N LEU U 581 28.13 28.17 -35.10
CA LEU U 581 27.81 29.03 -36.23
C LEU U 581 28.30 30.45 -36.04
N CYS U 582 28.71 30.83 -34.83
CA CYS U 582 29.44 32.07 -34.66
C CYS U 582 30.81 31.98 -35.30
N HIS U 583 31.56 30.92 -35.03
CA HIS U 583 32.89 30.87 -35.63
C HIS U 583 32.90 30.31 -37.05
N ILE U 584 31.76 29.82 -37.54
CA ILE U 584 31.61 29.63 -38.99
C ILE U 584 31.09 30.90 -39.65
N LEU U 585 30.69 31.88 -38.84
CA LEU U 585 30.17 33.19 -39.28
C LEU U 585 28.93 33.06 -40.16
N ALA U 586 28.16 31.98 -39.99
CA ALA U 586 26.87 31.92 -40.64
C ALA U 586 25.79 32.59 -39.81
N LEU U 587 26.10 32.98 -38.57
CA LEU U 587 25.11 33.46 -37.62
C LEU U 587 24.59 34.85 -37.95
N GLY U 588 25.24 35.57 -38.86
CA GLY U 588 24.77 36.88 -39.27
C GLY U 588 23.45 36.86 -40.01
N THR U 589 22.99 35.68 -40.44
CA THR U 589 21.68 35.53 -41.05
C THR U 589 20.74 34.62 -40.26
N LEU U 590 21.25 33.85 -39.30
CA LEU U 590 20.51 32.72 -38.73
C LEU U 590 19.97 33.07 -37.34
N ASP U 591 19.38 32.06 -36.71
CA ASP U 591 18.67 32.19 -35.44
C ASP U 591 18.51 30.81 -34.84
N PRO U 592 18.35 30.71 -33.51
CA PRO U 592 18.15 29.39 -32.90
C PRO U 592 16.81 28.79 -33.24
N VAL U 593 16.77 27.47 -33.31
CA VAL U 593 15.50 26.74 -33.38
C VAL U 593 15.02 26.58 -31.95
N PRO U 594 13.73 26.70 -31.68
CA PRO U 594 13.23 26.29 -30.36
C PRO U 594 13.35 24.80 -30.20
N GLU U 595 13.60 24.40 -28.96
CA GLU U 595 14.00 23.02 -28.68
C GLU U 595 12.83 22.06 -28.85
N ALA U 596 11.60 22.56 -28.73
CA ALA U 596 10.44 21.73 -29.01
C ALA U 596 10.36 21.34 -30.47
N TYR U 597 10.93 22.14 -31.36
CA TYR U 597 10.90 21.83 -32.77
C TYR U 597 11.95 20.81 -33.14
N LEU U 598 13.02 20.70 -32.34
CA LEU U 598 14.18 19.92 -32.74
C LEU U 598 13.89 18.43 -32.72
N GLN U 599 12.90 18.01 -31.93
CA GLN U 599 12.51 16.61 -31.94
C GLN U 599 11.74 16.22 -33.19
N LEU U 600 11.31 17.18 -34.00
CA LEU U 600 10.48 16.90 -35.16
C LEU U 600 11.32 16.40 -36.33
N SER U 601 10.67 16.27 -37.48
CA SER U 601 11.27 15.63 -38.63
C SER U 601 12.19 16.57 -39.40
N PHE U 602 12.91 15.99 -40.35
CA PHE U 602 13.71 16.78 -41.27
C PHE U 602 12.83 17.54 -42.25
N GLY U 603 11.67 16.99 -42.56
CA GLY U 603 10.82 17.57 -43.57
C GLY U 603 9.56 18.21 -43.03
N GLU U 604 9.18 17.85 -41.81
CA GLU U 604 7.98 18.41 -41.21
C GLU U 604 8.28 19.70 -40.46
N ILE U 605 9.56 19.94 -40.16
CA ILE U 605 9.97 21.12 -39.40
C ILE U 605 9.63 22.42 -40.13
N VAL U 606 9.65 22.41 -41.46
CA VAL U 606 9.39 23.66 -42.19
C VAL U 606 7.92 24.01 -42.12
N ALA U 607 7.05 23.01 -41.99
CA ALA U 607 5.61 23.23 -41.96
C ALA U 607 5.19 24.02 -40.73
N ALA U 608 5.91 23.83 -39.64
CA ALA U 608 5.69 24.70 -38.50
C ALA U 608 6.63 25.89 -38.49
N ALA U 609 7.72 25.84 -39.26
CA ALA U 609 8.69 26.92 -39.25
C ALA U 609 8.14 28.15 -39.95
N TYR U 610 7.63 28.01 -41.17
CA TYR U 610 7.00 29.19 -41.73
C TYR U 610 5.60 29.42 -41.20
N ASP U 611 5.05 28.47 -40.44
CA ASP U 611 3.86 28.78 -39.67
C ASP U 611 4.20 29.73 -38.53
N ASP U 612 5.41 29.61 -37.98
CA ASP U 612 5.85 30.54 -36.95
C ASP U 612 6.05 31.94 -37.50
N SER U 613 6.33 32.07 -38.80
CA SER U 613 6.35 33.37 -39.42
C SER U 613 4.93 33.82 -39.75
N LYS U 614 4.83 34.99 -40.37
CA LYS U 614 3.54 35.55 -40.74
C LYS U 614 3.08 35.13 -42.12
N PHE U 615 3.71 34.11 -42.70
CA PHE U 615 3.26 33.61 -43.99
C PHE U 615 1.88 33.00 -43.88
N CYS U 616 1.69 32.10 -42.92
CA CYS U 616 0.36 31.55 -42.67
C CYS U 616 -0.51 32.48 -41.83
N ARG U 617 0.09 33.49 -41.19
CA ARG U 617 -0.72 34.46 -40.47
C ARG U 617 -1.32 35.51 -41.40
N TYR U 618 -0.72 35.72 -42.57
CA TYR U 618 -1.31 36.64 -43.52
C TYR U 618 -2.45 35.99 -44.29
N VAL U 619 -2.51 34.67 -44.28
CA VAL U 619 -3.60 33.95 -44.92
C VAL U 619 -4.91 34.19 -44.20
N GLU U 620 -4.87 34.37 -42.87
CA GLU U 620 -6.09 34.67 -42.14
C GLU U 620 -6.60 36.07 -42.47
N LEU U 621 -5.67 37.01 -42.71
CA LEU U 621 -6.10 38.37 -43.06
C LEU U 621 -6.63 38.44 -44.48
N ILE U 622 -5.99 37.74 -45.42
CA ILE U 622 -6.57 37.70 -46.76
C ILE U 622 -7.83 36.82 -46.79
N CYS U 623 -7.97 35.89 -45.86
CA CYS U 623 -9.21 35.17 -45.66
C CYS U 623 -10.34 36.08 -45.24
N SER U 624 -10.09 36.95 -44.26
CA SER U 624 -11.11 37.91 -43.86
C SER U 624 -11.37 38.93 -44.96
N ARG U 625 -10.33 39.28 -45.73
CA ARG U 625 -10.53 40.23 -46.83
C ARG U 625 -11.35 39.62 -47.95
N GLU U 626 -11.15 38.34 -48.25
CA GLU U 626 -11.96 37.68 -49.26
C GLU U 626 -13.37 37.44 -48.77
N LYS U 627 -13.53 37.10 -47.47
CA LYS U 627 -14.85 36.90 -46.92
C LYS U 627 -15.63 38.21 -46.84
N ALA U 628 -14.93 39.34 -46.66
CA ALA U 628 -15.60 40.63 -46.76
C ALA U 628 -15.89 40.98 -48.21
N ARG U 629 -14.97 40.64 -49.12
CA ARG U 629 -15.08 41.00 -50.52
C ARG U 629 -16.27 40.31 -51.19
N ARG U 630 -16.54 39.07 -50.81
CA ARG U 630 -17.73 38.41 -51.32
C ARG U 630 -18.91 38.44 -50.36
N ARG U 631 -18.71 38.87 -49.11
CA ARG U 631 -19.83 39.04 -48.20
C ARG U 631 -20.59 40.33 -48.51
N GLN U 632 -19.87 41.37 -48.93
CA GLN U 632 -20.53 42.56 -49.47
C GLN U 632 -21.13 42.31 -50.84
N MET U 633 -20.72 41.23 -51.52
CA MET U 633 -21.38 40.80 -52.74
C MET U 633 -22.68 40.07 -52.42
N SER U 634 -22.65 39.19 -51.41
CA SER U 634 -23.85 38.43 -51.06
C SER U 634 -24.77 39.23 -50.15
N ARG U 635 -24.23 40.00 -49.23
CA ARG U 635 -25.04 40.71 -48.24
C ARG U 635 -24.74 42.20 -48.24
N UNK V 1 -12.23 24.93 -63.90
CA UNK V 1 -12.04 24.42 -62.55
C UNK V 1 -10.64 23.81 -62.39
N UNK V 2 -9.77 24.50 -61.66
CA UNK V 2 -8.39 24.08 -61.51
C UNK V 2 -7.92 24.39 -60.10
N UNK V 3 -6.69 23.95 -59.79
CA UNK V 3 -6.16 24.08 -58.44
C UNK V 3 -5.75 25.52 -58.15
N UNK V 4 -5.39 25.77 -56.90
CA UNK V 4 -4.98 27.10 -56.50
C UNK V 4 -3.48 27.29 -56.53
N UNK V 5 -2.72 26.22 -56.40
CA UNK V 5 -1.27 26.24 -56.55
C UNK V 5 -0.77 25.21 -57.53
N UNK V 6 -1.38 24.04 -57.57
CA UNK V 6 -0.93 22.98 -58.45
C UNK V 6 -1.38 23.17 -59.89
N UNK V 7 -2.29 24.11 -60.14
CA UNK V 7 -2.70 24.38 -61.52
C UNK V 7 -1.59 25.05 -62.30
N UNK V 8 -0.91 26.01 -61.68
CA UNK V 8 0.29 26.57 -62.29
C UNK V 8 1.44 25.57 -62.27
N UNK V 9 1.40 24.58 -61.38
CA UNK V 9 2.41 23.53 -61.40
C UNK V 9 2.15 22.51 -62.51
N UNK V 10 0.91 22.44 -62.99
CA UNK V 10 0.57 21.55 -64.10
C UNK V 10 0.58 22.29 -65.42
N UNK V 11 -0.22 23.36 -65.53
CA UNK V 11 -0.22 24.25 -66.68
C UNK V 11 0.39 25.57 -66.23
N UNK V 12 1.64 25.80 -66.64
CA UNK V 12 2.43 26.91 -66.11
C UNK V 12 1.86 28.25 -66.55
N UNK V 13 1.61 29.12 -65.56
CA UNK V 13 0.98 30.41 -65.79
C UNK V 13 2.00 31.37 -66.38
N UNK V 14 2.26 31.21 -67.68
CA UNK V 14 3.13 32.12 -68.39
C UNK V 14 2.31 33.14 -69.18
N UNK V 15 1.25 32.69 -69.84
CA UNK V 15 0.40 33.56 -70.63
C UNK V 15 -0.45 34.47 -69.73
N ASP W 52 15.26 -58.69 -47.94
CA ASP W 52 15.20 -57.90 -46.72
C ASP W 52 15.75 -56.52 -46.96
N GLU W 53 14.89 -55.51 -46.87
CA GLU W 53 15.28 -54.12 -47.07
C GLU W 53 15.61 -53.50 -45.73
N ALA W 54 16.75 -52.80 -45.67
CA ALA W 54 17.11 -52.05 -44.47
C ALA W 54 16.20 -50.85 -44.34
N VAL W 55 15.36 -50.85 -43.30
CA VAL W 55 14.30 -49.86 -43.15
C VAL W 55 14.43 -49.26 -41.76
N ILE W 56 14.52 -47.93 -41.68
CA ILE W 56 14.61 -47.30 -40.37
C ILE W 56 13.24 -47.30 -39.72
N ASP W 57 13.21 -47.59 -38.43
CA ASP W 57 12.02 -47.87 -37.66
C ASP W 57 11.84 -46.79 -36.58
N ILE W 58 10.59 -46.44 -36.32
CA ILE W 58 10.37 -45.34 -35.38
C ILE W 58 9.51 -45.72 -34.18
N PHE W 59 8.56 -46.64 -34.34
CA PHE W 59 7.58 -46.71 -33.25
C PHE W 59 8.06 -47.44 -32.00
N PRO W 60 8.32 -48.78 -31.98
CA PRO W 60 8.52 -49.46 -30.69
C PRO W 60 9.97 -49.48 -30.25
N THR W 61 10.66 -48.36 -30.39
CA THR W 61 11.96 -48.18 -29.80
C THR W 61 11.78 -47.67 -28.39
N GLY W 62 12.90 -47.48 -27.69
CA GLY W 62 12.83 -46.85 -26.39
C GLY W 62 12.35 -45.42 -26.46
N GLN W 63 12.77 -44.69 -27.50
CA GLN W 63 12.53 -43.27 -27.62
C GLN W 63 11.06 -42.92 -27.76
N THR W 64 10.23 -43.84 -28.22
CA THR W 64 8.81 -43.56 -28.32
C THR W 64 7.93 -44.48 -27.49
N MET W 65 8.41 -45.66 -27.09
CA MET W 65 7.63 -46.42 -26.13
C MET W 65 7.73 -45.78 -24.75
N SER W 66 8.86 -45.14 -24.46
CA SER W 66 8.96 -44.35 -23.24
C SER W 66 8.06 -43.12 -23.28
N PHE W 67 7.74 -42.63 -24.48
CA PHE W 67 6.91 -41.43 -24.61
C PHE W 67 5.51 -41.67 -24.08
N LEU W 68 4.92 -42.80 -24.38
CA LEU W 68 3.57 -43.06 -23.90
C LEU W 68 3.56 -43.36 -22.41
N ARG W 69 4.65 -43.88 -21.88
CA ARG W 69 4.71 -44.14 -20.44
C ARG W 69 4.86 -42.85 -19.67
N LEU W 70 5.68 -41.92 -20.16
CA LEU W 70 5.78 -40.63 -19.49
C LEU W 70 4.54 -39.79 -19.69
N LEU W 71 3.89 -39.93 -20.84
CA LEU W 71 2.80 -39.02 -21.15
C LEU W 71 1.55 -39.40 -20.38
N HIS W 72 1.36 -40.68 -20.12
CA HIS W 72 0.38 -41.11 -19.13
C HIS W 72 1.04 -41.46 -17.80
N GLY W 73 2.24 -40.95 -17.56
CA GLY W 73 2.75 -40.83 -16.20
C GLY W 73 3.23 -42.09 -15.53
N PHE W 74 3.75 -43.06 -16.27
CA PHE W 74 4.42 -44.16 -15.60
C PHE W 74 5.74 -43.69 -14.99
N LEU W 75 6.44 -42.79 -15.67
CA LEU W 75 7.77 -42.37 -15.26
C LEU W 75 7.79 -40.91 -14.83
N GLY W 76 7.45 -40.00 -15.73
CA GLY W 76 7.50 -38.59 -15.40
C GLY W 76 6.23 -38.13 -14.73
N THR W 77 6.38 -37.15 -13.84
CA THR W 77 5.24 -36.50 -13.23
C THR W 77 5.59 -35.05 -12.90
N CYS W 78 4.57 -34.20 -12.92
CA CYS W 78 4.67 -32.77 -12.69
C CYS W 78 3.26 -32.24 -12.63
N ARG W 79 3.13 -30.95 -12.36
CA ARG W 79 1.81 -30.33 -12.50
C ARG W 79 1.44 -30.07 -13.94
N GLY W 80 2.36 -30.23 -14.88
CA GLY W 80 2.05 -30.05 -16.29
C GLY W 80 1.33 -31.21 -16.92
N GLN W 81 1.36 -32.39 -16.27
CA GLN W 81 0.74 -33.59 -16.83
C GLN W 81 -0.77 -33.43 -16.99
N SER W 82 -1.39 -32.57 -16.19
CA SER W 82 -2.81 -32.33 -16.30
C SER W 82 -3.18 -31.61 -17.58
N MET W 83 -2.26 -30.82 -18.13
CA MET W 83 -2.57 -30.04 -19.32
C MET W 83 -2.56 -30.89 -20.56
N HIS W 84 -2.14 -32.14 -20.45
CA HIS W 84 -2.42 -33.10 -21.51
C HIS W 84 -3.78 -33.73 -21.34
N GLN W 85 -4.20 -33.96 -20.09
CA GLN W 85 -5.50 -34.58 -19.87
C GLN W 85 -6.62 -33.63 -20.24
N VAL W 86 -6.38 -32.33 -20.17
CA VAL W 86 -7.40 -31.39 -20.62
C VAL W 86 -7.57 -31.44 -22.13
N LEU W 87 -6.54 -31.90 -22.84
CA LEU W 87 -6.58 -31.99 -24.30
C LEU W 87 -7.28 -33.24 -24.80
N ARG W 88 -7.63 -34.17 -23.93
CA ARG W 88 -8.29 -35.39 -24.36
C ARG W 88 -9.57 -35.61 -23.60
N ASP W 89 -10.41 -34.60 -23.52
CA ASP W 89 -11.76 -34.87 -23.08
C ASP W 89 -12.51 -35.48 -24.24
N PRO W 90 -12.90 -36.77 -24.19
CA PRO W 90 -13.57 -37.38 -25.34
C PRO W 90 -15.02 -36.94 -25.48
N CYS W 91 -15.53 -36.14 -24.55
CA CYS W 91 -16.86 -35.57 -24.71
C CYS W 91 -16.86 -34.40 -25.68
N VAL W 92 -15.73 -33.70 -25.85
CA VAL W 92 -15.76 -32.53 -26.71
C VAL W 92 -15.82 -32.94 -28.17
N LEU W 93 -15.36 -34.14 -28.51
CA LEU W 93 -15.52 -34.62 -29.87
C LEU W 93 -16.96 -34.91 -30.17
N ARG W 94 -17.67 -35.53 -29.23
CA ARG W 94 -19.09 -35.79 -29.46
C ARG W 94 -19.89 -34.49 -29.42
N LYS W 95 -19.41 -33.48 -28.69
CA LYS W 95 -20.07 -32.18 -28.72
C LYS W 95 -19.95 -31.54 -30.10
N GLN W 96 -18.73 -31.52 -30.66
CA GLN W 96 -18.53 -30.92 -31.98
C GLN W 96 -19.25 -31.74 -33.05
N LEU W 97 -19.29 -33.05 -32.86
CA LEU W 97 -19.99 -33.94 -33.79
C LEU W 97 -21.48 -33.64 -33.81
N LEU W 98 -22.10 -33.51 -32.63
CA LEU W 98 -23.52 -33.24 -32.60
C LEU W 98 -23.82 -31.83 -33.06
N TYR W 99 -22.92 -30.88 -32.79
CA TYR W 99 -23.10 -29.52 -33.28
C TYR W 99 -23.06 -29.48 -34.79
N GLY W 100 -22.15 -30.23 -35.40
CA GLY W 100 -22.06 -30.24 -36.84
C GLY W 100 -23.27 -30.89 -37.48
N VAL W 101 -23.71 -32.03 -36.92
CA VAL W 101 -24.82 -32.72 -37.57
C VAL W 101 -26.13 -31.96 -37.32
N CYS W 102 -26.26 -31.25 -36.20
CA CYS W 102 -27.46 -30.46 -36.01
C CYS W 102 -27.43 -29.17 -36.82
N LYS W 103 -26.25 -28.58 -37.04
CA LYS W 103 -26.17 -27.40 -37.89
C LYS W 103 -26.48 -27.75 -39.33
N THR W 104 -26.01 -28.90 -39.80
CA THR W 104 -26.38 -29.35 -41.13
C THR W 104 -27.85 -29.78 -41.18
N LEU W 105 -28.37 -30.24 -40.04
CA LEU W 105 -29.76 -30.67 -39.98
C LEU W 105 -30.72 -29.50 -40.07
N PHE W 106 -30.44 -28.43 -39.35
CA PHE W 106 -31.50 -27.47 -39.04
C PHE W 106 -31.71 -26.44 -40.14
N ASP W 107 -30.66 -26.08 -40.87
CA ASP W 107 -30.77 -25.01 -41.85
C ASP W 107 -31.40 -25.44 -43.16
N THR W 108 -32.02 -26.62 -43.23
CA THR W 108 -32.49 -27.12 -44.52
C THR W 108 -33.84 -26.54 -44.91
N ILE W 109 -34.86 -26.70 -44.08
CA ILE W 109 -36.21 -26.43 -44.51
C ILE W 109 -36.83 -25.35 -43.62
N THR W 110 -35.99 -24.39 -43.23
CA THR W 110 -36.40 -23.30 -42.34
C THR W 110 -37.48 -22.40 -42.96
N VAL W 111 -37.61 -22.40 -44.29
CA VAL W 111 -38.45 -21.38 -44.93
C VAL W 111 -39.87 -21.91 -45.17
N ARG W 112 -40.01 -23.15 -45.63
CA ARG W 112 -41.32 -23.59 -46.10
C ARG W 112 -42.19 -24.09 -44.94
N ARG W 113 -41.67 -25.01 -44.13
CA ARG W 113 -42.49 -25.69 -43.13
C ARG W 113 -42.88 -24.79 -41.98
N VAL W 114 -42.16 -23.69 -41.76
CA VAL W 114 -42.54 -22.76 -40.71
C VAL W 114 -43.84 -22.06 -41.08
N ALA W 115 -44.15 -21.95 -42.37
CA ALA W 115 -45.45 -21.50 -42.81
C ALA W 115 -46.47 -22.63 -42.82
N GLU W 116 -46.04 -23.84 -43.23
CA GLU W 116 -46.99 -24.91 -43.50
C GLU W 116 -47.56 -25.51 -42.22
N GLU W 117 -46.70 -25.82 -41.25
CA GLU W 117 -47.23 -26.31 -39.98
C GLU W 117 -47.88 -25.23 -39.13
N TRP W 118 -47.49 -23.96 -39.30
CA TRP W 118 -48.28 -22.91 -38.65
C TRP W 118 -49.65 -22.77 -39.30
N LYS W 119 -49.74 -22.94 -40.62
CA LYS W 119 -51.04 -23.00 -41.28
C LYS W 119 -51.87 -24.17 -40.76
N LEU W 120 -51.21 -25.31 -40.52
CA LEU W 120 -51.91 -26.48 -39.98
C LEU W 120 -52.45 -26.21 -38.58
N HIS W 121 -51.61 -25.69 -37.69
CA HIS W 121 -52.04 -25.38 -36.33
C HIS W 121 -52.98 -24.19 -36.28
N ALA W 122 -52.98 -23.33 -37.29
CA ALA W 122 -53.87 -22.19 -37.32
C ALA W 122 -55.25 -22.59 -37.83
N ALA W 123 -55.31 -23.37 -38.91
CA ALA W 123 -56.59 -23.85 -39.39
C ALA W 123 -57.18 -24.89 -38.46
N LEU W 124 -56.34 -25.58 -37.70
CA LEU W 124 -56.86 -26.50 -36.69
C LEU W 124 -57.45 -25.75 -35.51
N PHE W 125 -56.90 -24.60 -35.17
CA PHE W 125 -57.34 -23.83 -33.99
C PHE W 125 -57.15 -22.35 -34.27
N PRO W 126 -58.13 -21.71 -34.92
CA PRO W 126 -58.01 -20.27 -35.22
C PRO W 126 -58.56 -19.38 -34.13
N TYR W 127 -58.67 -19.90 -32.91
CA TYR W 127 -59.31 -19.20 -31.80
C TYR W 127 -58.58 -17.91 -31.46
N ARG W 128 -59.35 -16.84 -31.25
CA ARG W 128 -58.80 -15.50 -31.08
C ARG W 128 -59.83 -14.63 -30.39
N ALA W 129 -59.41 -13.98 -29.29
CA ALA W 129 -60.30 -13.05 -28.60
C ALA W 129 -60.01 -11.62 -29.02
N LEU W 130 -58.78 -11.16 -28.82
CA LEU W 130 -58.42 -9.79 -29.16
C LEU W 130 -57.03 -9.79 -29.77
N ASP W 131 -56.77 -8.78 -30.59
CA ASP W 131 -55.50 -8.64 -31.29
C ASP W 131 -54.60 -7.57 -30.71
N GLU W 132 -54.75 -7.24 -29.43
CA GLU W 132 -54.01 -6.11 -28.86
C GLU W 132 -52.84 -6.58 -28.00
N GLU W 133 -53.11 -7.40 -27.00
CA GLU W 133 -52.07 -7.91 -26.10
C GLU W 133 -51.78 -9.38 -26.30
N ASP W 134 -52.80 -10.20 -26.51
CA ASP W 134 -52.66 -11.65 -26.48
C ASP W 134 -51.95 -12.19 -27.72
N LEU W 135 -51.89 -11.42 -28.80
CA LEU W 135 -51.34 -11.94 -30.06
C LEU W 135 -49.84 -12.17 -29.94
N GLU W 136 -49.13 -11.25 -29.30
CA GLU W 136 -47.70 -11.43 -29.12
C GLU W 136 -47.41 -12.51 -28.08
N GLN W 137 -48.32 -12.70 -27.12
CA GLN W 137 -48.12 -13.73 -26.12
C GLN W 137 -48.29 -15.11 -26.72
N TYR W 138 -49.34 -15.29 -27.55
CA TYR W 138 -49.51 -16.52 -28.29
C TYR W 138 -48.35 -16.74 -29.27
N LEU W 139 -47.83 -15.66 -29.84
CA LEU W 139 -46.69 -15.72 -30.74
C LEU W 139 -45.44 -16.23 -30.02
N LEU W 140 -45.16 -15.69 -28.84
CA LEU W 140 -43.93 -16.07 -28.15
C LEU W 140 -44.02 -17.47 -27.56
N VAL W 141 -45.20 -17.85 -27.05
CA VAL W 141 -45.32 -19.21 -26.55
C VAL W 141 -45.36 -20.20 -27.72
N TRP W 142 -45.80 -19.74 -28.89
CA TRP W 142 -45.75 -20.53 -30.10
C TRP W 142 -44.31 -20.82 -30.50
N SER W 143 -43.48 -19.77 -30.56
CA SER W 143 -42.07 -19.94 -30.94
C SER W 143 -41.33 -20.81 -29.93
N ALA W 144 -41.60 -20.59 -28.64
CA ALA W 144 -40.93 -21.37 -27.59
C ALA W 144 -41.35 -22.83 -27.64
N SER W 145 -42.63 -23.10 -27.92
CA SER W 145 -43.11 -24.47 -27.96
C SER W 145 -42.54 -25.22 -29.16
N LEU W 146 -42.49 -24.56 -30.34
CA LEU W 146 -41.86 -25.18 -31.50
C LEU W 146 -40.39 -25.48 -31.25
N ARG W 147 -39.65 -24.50 -30.73
CA ARG W 147 -38.22 -24.70 -30.59
C ARG W 147 -37.90 -25.73 -29.52
N GLN W 148 -38.69 -25.80 -28.43
CA GLN W 148 -38.43 -26.83 -27.44
C GLN W 148 -38.84 -28.20 -27.93
N SER W 149 -39.89 -28.30 -28.77
CA SER W 149 -40.34 -29.60 -29.23
C SER W 149 -39.35 -30.21 -30.21
N VAL W 150 -38.91 -29.44 -31.19
CA VAL W 150 -37.89 -29.97 -32.10
C VAL W 150 -36.56 -30.11 -31.39
N GLN W 151 -36.34 -29.29 -30.34
CA GLN W 151 -35.13 -29.37 -29.54
C GLN W 151 -35.03 -30.70 -28.84
N THR W 152 -36.04 -31.04 -28.04
CA THR W 152 -35.99 -32.30 -27.32
C THR W 152 -36.16 -33.49 -28.25
N GLY W 153 -36.79 -33.31 -29.42
CA GLY W 153 -36.87 -34.41 -30.37
C GLY W 153 -35.53 -34.80 -30.94
N VAL W 154 -34.85 -33.84 -31.58
CA VAL W 154 -33.54 -34.16 -32.13
C VAL W 154 -32.51 -34.33 -31.03
N LEU W 155 -32.76 -33.82 -29.83
CA LEU W 155 -31.84 -34.04 -28.73
C LEU W 155 -31.89 -35.48 -28.27
N GLY W 156 -33.11 -36.03 -28.14
CA GLY W 156 -33.24 -37.44 -27.84
C GLY W 156 -32.72 -38.32 -28.95
N ALA W 157 -32.92 -37.90 -30.21
CA ALA W 157 -32.43 -38.67 -31.35
C ALA W 157 -30.90 -38.74 -31.37
N LEU W 158 -30.25 -37.57 -31.31
CA LEU W 158 -28.80 -37.50 -31.32
C LEU W 158 -28.19 -38.12 -30.08
N ARG W 159 -28.85 -37.94 -28.93
CA ARG W 159 -28.37 -38.51 -27.69
C ARG W 159 -28.40 -40.03 -27.73
N ASP W 160 -29.46 -40.61 -28.29
CA ASP W 160 -29.53 -42.06 -28.37
C ASP W 160 -28.52 -42.62 -29.35
N ILE W 161 -28.42 -42.03 -30.55
CA ILE W 161 -27.52 -42.59 -31.55
C ILE W 161 -26.06 -42.32 -31.21
N LEU W 162 -25.78 -41.34 -30.35
CA LEU W 162 -24.40 -41.15 -29.92
C LEU W 162 -24.08 -42.00 -28.72
N TYR W 163 -24.94 -42.00 -27.70
CA TYR W 163 -24.70 -42.81 -26.51
C TYR W 163 -24.72 -44.30 -26.79
N GLN W 164 -25.28 -44.72 -27.92
CA GLN W 164 -25.08 -46.12 -28.29
C GLN W 164 -23.67 -46.35 -28.83
N TYR W 165 -23.23 -45.58 -29.82
CA TYR W 165 -22.03 -46.00 -30.51
C TYR W 165 -21.08 -44.86 -30.86
N ALA W 166 -21.09 -43.77 -30.09
CA ALA W 166 -20.01 -42.80 -30.23
C ALA W 166 -18.89 -43.03 -29.23
N ASP W 167 -19.05 -44.00 -28.33
CA ASP W 167 -18.05 -44.22 -27.29
C ASP W 167 -17.00 -45.24 -27.72
N ASN W 168 -16.41 -45.00 -28.89
CA ASN W 168 -15.16 -45.65 -29.25
C ASN W 168 -13.99 -45.04 -28.51
N ASP W 169 -14.14 -43.79 -28.05
CA ASP W 169 -13.20 -43.00 -27.21
C ASP W 169 -11.77 -43.02 -27.73
N ASP W 170 -11.60 -43.15 -29.05
CA ASP W 170 -10.30 -43.16 -29.67
C ASP W 170 -9.67 -41.79 -29.76
N TYR W 171 -10.43 -40.74 -29.47
CA TYR W 171 -9.91 -39.38 -29.43
C TYR W 171 -8.80 -39.27 -28.41
N GLY W 172 -8.97 -39.94 -27.27
CA GLY W 172 -8.03 -39.85 -26.18
C GLY W 172 -6.72 -40.58 -26.42
N LEU W 173 -6.61 -41.28 -27.54
CA LEU W 173 -5.36 -41.83 -28.02
C LEU W 173 -4.88 -41.13 -29.28
N TYR W 174 -5.84 -40.59 -30.04
CA TYR W 174 -5.50 -39.81 -31.21
C TYR W 174 -4.70 -38.58 -30.82
N VAL W 175 -5.05 -37.98 -29.69
CA VAL W 175 -4.29 -36.83 -29.23
C VAL W 175 -2.87 -37.22 -28.87
N ASP W 176 -2.64 -38.44 -28.36
CA ASP W 176 -1.29 -38.86 -28.05
C ASP W 176 -0.50 -39.09 -29.33
N TRP W 177 -1.08 -39.79 -30.30
CA TRP W 177 -0.31 -40.01 -31.51
C TRP W 177 -0.20 -38.75 -32.38
N CYS W 178 -1.01 -37.73 -32.12
CA CYS W 178 -0.81 -36.46 -32.81
C CYS W 178 0.08 -35.53 -32.02
N VAL W 179 0.38 -35.85 -30.76
CA VAL W 179 1.26 -35.00 -29.96
C VAL W 179 2.64 -35.61 -29.78
N THR W 180 2.81 -36.91 -29.97
CA THR W 180 4.09 -37.51 -29.63
C THR W 180 4.86 -38.04 -30.83
N VAL W 181 4.21 -38.30 -31.96
CA VAL W 181 4.89 -38.74 -33.17
C VAL W 181 4.35 -37.97 -34.37
N GLY W 182 3.21 -37.31 -34.18
CA GLY W 182 2.65 -36.51 -35.23
C GLY W 182 1.97 -37.28 -36.34
N LEU W 183 1.70 -38.56 -36.13
CA LEU W 183 1.06 -39.38 -37.15
C LEU W 183 0.40 -40.57 -36.48
N VAL W 184 -0.79 -40.91 -36.96
CA VAL W 184 -1.67 -41.84 -36.26
C VAL W 184 -1.70 -43.17 -36.99
N PRO W 185 -1.45 -44.28 -36.31
CA PRO W 185 -1.78 -45.58 -36.87
C PRO W 185 -3.24 -45.91 -36.60
N LEU W 186 -3.87 -46.56 -37.57
CA LEU W 186 -5.30 -46.84 -37.45
C LEU W 186 -5.64 -47.98 -38.39
N LEU W 187 -6.50 -48.88 -37.92
CA LEU W 187 -6.89 -50.06 -38.68
C LEU W 187 -8.36 -49.93 -39.03
N ASP W 188 -8.66 -49.95 -40.33
CA ASP W 188 -10.01 -49.77 -40.82
C ASP W 188 -10.78 -51.06 -40.59
N VAL W 189 -11.50 -51.11 -39.47
CA VAL W 189 -12.27 -52.30 -39.14
C VAL W 189 -13.55 -52.32 -39.98
N LYS W 190 -13.75 -53.43 -40.69
CA LYS W 190 -14.94 -53.62 -41.50
C LYS W 190 -15.59 -54.96 -41.14
N THR W 191 -16.89 -55.03 -41.35
CA THR W 191 -17.68 -56.20 -41.01
C THR W 191 -18.49 -56.63 -42.22
N LYS W 192 -19.41 -57.56 -41.98
CA LYS W 192 -20.33 -58.00 -43.02
C LYS W 192 -21.34 -56.90 -43.30
N PRO W 193 -21.84 -56.82 -44.55
CA PRO W 193 -22.80 -55.74 -44.88
C PRO W 193 -24.16 -55.88 -44.23
N SER W 194 -24.44 -56.99 -43.54
CA SER W 194 -25.69 -57.10 -42.78
C SER W 194 -25.70 -56.13 -41.60
N GLU W 195 -24.53 -55.82 -41.06
CA GLU W 195 -24.44 -54.94 -39.92
C GLU W 195 -24.74 -53.49 -40.28
N ALA W 196 -24.55 -53.12 -41.55
CA ALA W 196 -25.06 -51.83 -42.02
C ALA W 196 -26.57 -51.78 -41.98
N ALA W 197 -27.23 -52.90 -42.31
CA ALA W 197 -28.67 -52.97 -42.15
C ALA W 197 -29.07 -52.99 -40.67
N GLU W 198 -28.21 -53.51 -39.80
CA GLU W 198 -28.47 -53.46 -38.37
C GLU W 198 -28.43 -52.02 -37.85
N ARG W 199 -27.44 -51.25 -38.31
CA ARG W 199 -27.39 -49.84 -37.95
C ARG W 199 -28.53 -49.06 -38.55
N ALA W 200 -28.96 -49.44 -39.77
CA ALA W 200 -30.13 -48.83 -40.37
C ALA W 200 -31.37 -49.11 -39.54
N GLN W 201 -31.49 -50.33 -39.03
CA GLN W 201 -32.56 -50.69 -38.10
C GLN W 201 -32.52 -49.84 -36.83
N PHE W 202 -31.32 -49.63 -36.29
CA PHE W 202 -31.20 -48.87 -35.05
C PHE W 202 -31.56 -47.40 -35.24
N VAL W 203 -31.08 -46.79 -36.33
CA VAL W 203 -31.41 -45.39 -36.55
C VAL W 203 -32.87 -45.25 -36.98
N ARG W 204 -33.46 -46.30 -37.56
CA ARG W 204 -34.89 -46.26 -37.83
C ARG W 204 -35.68 -46.35 -36.53
N ALA W 205 -35.18 -47.09 -35.55
CA ALA W 205 -35.86 -47.11 -34.25
C ALA W 205 -35.73 -45.76 -33.54
N ALA W 206 -34.57 -45.12 -33.69
CA ALA W 206 -34.39 -43.79 -33.14
C ALA W 206 -35.31 -42.77 -33.79
N VAL W 207 -35.52 -42.87 -35.10
CA VAL W 207 -36.45 -41.93 -35.70
C VAL W 207 -37.89 -42.36 -35.51
N GLN W 208 -38.14 -43.60 -35.05
CA GLN W 208 -39.47 -43.92 -34.55
C GLN W 208 -39.73 -43.26 -33.21
N ARG W 209 -38.70 -43.17 -32.38
CA ARG W 209 -38.80 -42.35 -31.16
C ARG W 209 -39.03 -40.88 -31.51
N ALA W 210 -38.37 -40.40 -32.56
CA ALA W 210 -38.65 -39.06 -33.04
C ALA W 210 -40.06 -38.93 -33.63
N THR W 211 -40.58 -40.01 -34.24
CA THR W 211 -41.93 -40.02 -34.79
C THR W 211 -42.97 -39.86 -33.68
N GLU W 212 -42.80 -40.59 -32.58
CA GLU W 212 -43.71 -40.37 -31.46
C GLU W 212 -43.37 -39.11 -30.69
N THR W 213 -42.23 -38.46 -30.97
CA THR W 213 -41.95 -37.18 -30.33
C THR W 213 -42.69 -36.03 -31.01
N HIS W 214 -42.38 -35.77 -32.28
CA HIS W 214 -42.86 -34.57 -32.95
C HIS W 214 -42.78 -34.72 -34.46
N PRO W 215 -43.75 -34.22 -35.22
CA PRO W 215 -43.75 -34.44 -36.68
C PRO W 215 -42.68 -33.66 -37.45
N LEU W 216 -42.38 -32.41 -37.06
CA LEU W 216 -41.39 -31.66 -37.83
C LEU W 216 -39.98 -32.19 -37.62
N ALA W 217 -39.70 -32.67 -36.41
CA ALA W 217 -38.40 -33.27 -36.12
C ALA W 217 -38.18 -34.53 -36.93
N GLN W 218 -39.19 -35.41 -36.99
CA GLN W 218 -39.06 -36.60 -37.80
C GLN W 218 -39.11 -36.29 -39.29
N ASP W 219 -39.68 -35.14 -39.67
CA ASP W 219 -39.55 -34.69 -41.05
C ASP W 219 -38.10 -34.34 -41.37
N LEU W 220 -37.43 -33.65 -40.45
CA LEU W 220 -36.02 -33.33 -40.67
C LEU W 220 -35.16 -34.58 -40.68
N LEU W 221 -35.46 -35.54 -39.81
CA LEU W 221 -34.69 -36.77 -39.81
C LEU W 221 -35.01 -37.65 -41.02
N GLN W 222 -36.25 -37.65 -41.49
CA GLN W 222 -36.55 -38.37 -42.71
C GLN W 222 -36.02 -37.65 -43.95
N ALA W 223 -35.65 -36.37 -43.80
CA ALA W 223 -34.93 -35.69 -44.86
C ALA W 223 -33.46 -36.10 -44.89
N ASN W 224 -32.80 -36.12 -43.73
CA ASN W 224 -31.35 -36.25 -43.71
C ASN W 224 -30.84 -37.54 -43.07
N LEU W 225 -31.68 -38.58 -43.00
CA LEU W 225 -31.23 -39.84 -42.42
C LEU W 225 -30.16 -40.52 -43.24
N ALA W 226 -30.05 -40.19 -44.54
CA ALA W 226 -29.00 -40.76 -45.38
C ALA W 226 -27.63 -40.35 -44.89
N LEU W 227 -27.41 -39.04 -44.72
CA LEU W 227 -26.13 -38.59 -44.19
C LEU W 227 -25.99 -38.92 -42.71
N LEU W 228 -27.12 -39.07 -41.99
CA LEU W 228 -27.05 -39.52 -40.61
C LEU W 228 -26.50 -40.94 -40.49
N LEU W 229 -27.00 -41.87 -41.31
CA LEU W 229 -26.46 -43.21 -41.26
C LEU W 229 -25.07 -43.27 -41.86
N GLN W 230 -24.76 -42.33 -42.77
CA GLN W 230 -23.39 -42.26 -43.31
C GLN W 230 -22.39 -41.89 -42.23
N VAL W 231 -22.69 -40.85 -41.44
CA VAL W 231 -21.75 -40.46 -40.38
C VAL W 231 -21.80 -41.46 -39.23
N ALA W 232 -22.92 -42.19 -39.07
CA ALA W 232 -22.97 -43.26 -38.09
C ALA W 232 -22.04 -44.40 -38.47
N GLU W 233 -22.00 -44.77 -39.75
CA GLU W 233 -21.11 -45.85 -40.15
C GLU W 233 -19.66 -45.38 -40.20
N ARG W 234 -19.43 -44.11 -40.50
CA ARG W 234 -18.07 -43.60 -40.44
C ARG W 234 -17.60 -43.47 -39.00
N LEU W 235 -18.53 -43.38 -38.05
CA LEU W 235 -18.14 -43.30 -36.65
C LEU W 235 -17.67 -44.64 -36.11
N GLY W 236 -18.32 -45.71 -36.53
CA GLY W 236 -17.81 -47.03 -36.19
C GLY W 236 -16.86 -47.61 -37.20
N ALA W 237 -16.24 -46.78 -38.03
CA ALA W 237 -15.49 -47.29 -39.16
C ALA W 237 -14.09 -47.72 -38.77
N VAL W 238 -13.48 -47.06 -37.80
CA VAL W 238 -12.06 -47.23 -37.55
C VAL W 238 -11.79 -47.18 -36.05
N ARG W 239 -10.66 -47.74 -35.67
CA ARG W 239 -10.11 -47.59 -34.34
C ARG W 239 -8.83 -46.77 -34.44
N VAL W 240 -8.12 -46.66 -33.32
CA VAL W 240 -6.92 -45.86 -33.23
C VAL W 240 -5.67 -46.75 -33.22
N ALA W 241 -5.81 -48.01 -33.62
CA ALA W 241 -4.77 -49.05 -33.58
C ALA W 241 -4.22 -49.25 -32.18
N ASN W 242 -5.13 -49.36 -31.21
CA ASN W 242 -4.74 -49.67 -29.83
C ASN W 242 -4.65 -51.18 -29.69
N ALA W 243 -3.53 -51.72 -30.14
CA ALA W 243 -3.29 -53.15 -30.13
C ALA W 243 -1.80 -53.41 -30.01
N PRO W 244 -1.39 -54.45 -29.32
CA PRO W 244 0.03 -54.79 -29.25
C PRO W 244 0.54 -55.30 -30.59
N GLU W 245 1.88 -55.36 -30.68
CA GLU W 245 2.61 -55.79 -31.88
C GLU W 245 2.24 -54.96 -33.11
N VAL W 246 2.09 -53.66 -32.90
CA VAL W 246 1.92 -52.75 -34.01
C VAL W 246 3.23 -52.02 -34.18
N ARG W 247 3.48 -51.54 -35.40
CA ARG W 247 4.78 -50.98 -35.73
C ARG W 247 4.65 -50.08 -36.93
N VAL W 248 5.39 -48.98 -36.92
CA VAL W 248 5.49 -48.11 -38.08
C VAL W 248 6.97 -47.81 -38.32
N PHE W 249 7.32 -47.67 -39.60
CA PHE W 249 8.70 -47.52 -40.02
C PHE W 249 8.74 -46.66 -41.27
N LYS W 250 9.94 -46.19 -41.61
CA LYS W 250 10.18 -45.36 -42.77
C LYS W 250 11.17 -46.08 -43.67
N LYS W 251 10.72 -46.46 -44.87
CA LYS W 251 11.61 -47.12 -45.82
C LYS W 251 12.57 -46.10 -46.41
N VAL W 252 13.87 -46.39 -46.32
CA VAL W 252 14.86 -45.39 -46.67
C VAL W 252 14.97 -45.21 -48.18
N ARG W 253 14.54 -46.20 -48.98
CA ARG W 253 14.66 -46.08 -50.42
C ARG W 253 13.60 -45.16 -51.00
N SER W 254 12.38 -45.23 -50.47
CA SER W 254 11.32 -44.31 -50.84
C SER W 254 10.60 -43.91 -49.56
N GLU W 255 10.63 -42.62 -49.24
CA GLU W 255 10.11 -42.13 -47.97
C GLU W 255 8.58 -42.09 -48.02
N ARG W 256 7.99 -43.27 -47.97
CA ARG W 256 6.56 -43.47 -47.99
C ARG W 256 6.17 -44.31 -46.79
N LEU W 257 6.62 -43.83 -45.62
CA LEU W 257 6.50 -44.49 -44.33
C LEU W 257 5.09 -44.96 -44.04
N GLU W 258 4.97 -46.24 -43.68
CA GLU W 258 3.68 -46.89 -43.57
C GLU W 258 3.76 -47.92 -42.44
N ALA W 259 2.63 -48.19 -41.82
CA ALA W 259 2.57 -49.07 -40.66
C ALA W 259 2.10 -50.45 -41.06
N GLN W 260 2.56 -51.46 -40.34
CA GLN W 260 1.96 -52.78 -40.38
C GLN W 260 1.50 -53.17 -38.98
N LEU W 261 0.41 -53.90 -38.93
CA LEU W 261 -0.08 -54.48 -37.69
C LEU W 261 0.10 -55.99 -37.82
N ARG W 262 1.16 -56.50 -37.18
CA ARG W 262 1.42 -57.94 -37.06
C ARG W 262 1.55 -58.61 -38.43
N GLY W 263 2.20 -57.91 -39.36
CA GLY W 263 2.38 -58.42 -40.70
C GLY W 263 1.38 -57.91 -41.72
N LYS W 264 0.22 -57.43 -41.29
CA LYS W 264 -0.79 -56.90 -42.20
C LYS W 264 -0.57 -55.41 -42.33
N HIS W 265 -0.46 -54.93 -43.57
CA HIS W 265 -0.28 -53.51 -43.80
C HIS W 265 -1.54 -52.74 -43.45
N ILE W 266 -1.35 -51.61 -42.76
CA ILE W 266 -2.44 -50.72 -42.41
C ILE W 266 -2.08 -49.31 -42.84
N ARG W 267 -3.11 -48.53 -43.14
CA ARG W 267 -2.87 -47.15 -43.54
C ARG W 267 -2.64 -46.28 -42.31
N LEU W 268 -2.21 -45.04 -42.56
CA LEU W 268 -1.91 -44.12 -41.48
C LEU W 268 -2.03 -42.71 -42.00
N TYR W 269 -2.43 -41.80 -41.12
CA TYR W 269 -2.54 -40.40 -41.45
C TYR W 269 -1.35 -39.67 -40.84
N VAL W 270 -0.50 -39.11 -41.69
CA VAL W 270 0.65 -38.36 -41.23
C VAL W 270 0.29 -36.88 -41.19
N ALA W 271 0.45 -36.27 -40.02
CA ALA W 271 0.24 -34.84 -39.90
C ALA W 271 1.55 -34.08 -39.92
N ALA W 272 2.60 -34.65 -39.33
CA ALA W 272 3.90 -33.99 -39.29
C ALA W 272 4.97 -35.06 -39.46
N GLU W 273 5.46 -35.22 -40.66
CA GLU W 273 6.52 -36.20 -40.91
C GLU W 273 7.81 -35.68 -40.30
N PRO W 274 8.58 -36.52 -39.62
CA PRO W 274 9.81 -36.04 -39.00
C PRO W 274 10.88 -35.73 -40.03
N LEU W 275 11.83 -34.91 -39.61
CA LEU W 275 12.97 -34.59 -40.45
C LEU W 275 13.92 -35.78 -40.46
N ALA W 276 14.48 -36.08 -41.64
CA ALA W 276 15.29 -37.27 -41.84
C ALA W 276 16.58 -36.91 -42.55
N TYR W 277 17.71 -37.33 -41.99
CA TYR W 277 19.02 -36.99 -42.53
C TYR W 277 19.91 -38.22 -42.46
N GLU W 278 21.23 -38.01 -42.63
CA GLU W 278 22.19 -39.12 -42.53
C GLU W 278 22.30 -39.62 -41.10
N ARG W 279 21.90 -38.81 -40.12
CA ARG W 279 21.50 -39.32 -38.83
C ARG W 279 20.39 -40.34 -39.06
N ASP W 280 20.72 -41.62 -38.82
CA ASP W 280 19.77 -42.69 -39.09
C ASP W 280 18.58 -42.60 -38.16
N LYS W 281 18.83 -42.40 -36.87
CA LYS W 281 17.77 -41.93 -35.99
C LYS W 281 17.38 -40.53 -36.40
N LEU W 282 16.11 -40.20 -36.27
CA LEU W 282 15.60 -38.97 -36.85
C LEU W 282 14.74 -38.25 -35.85
N LEU W 283 14.80 -36.91 -35.93
CA LEU W 283 14.21 -36.04 -34.93
C LEU W 283 12.78 -35.69 -35.33
N PHE W 284 11.88 -35.73 -34.37
CA PHE W 284 10.48 -35.38 -34.59
C PHE W 284 10.27 -33.91 -34.26
N THR W 285 9.37 -33.29 -35.00
CA THR W 285 9.00 -31.91 -34.73
C THR W 285 7.81 -31.79 -33.80
N THR W 286 7.50 -32.85 -33.09
CA THR W 286 6.30 -32.89 -32.28
C THR W 286 6.56 -32.20 -30.94
N PRO W 287 5.51 -31.73 -30.27
CA PRO W 287 5.74 -30.99 -29.01
C PRO W 287 6.29 -31.81 -27.86
N VAL W 288 5.91 -33.09 -27.72
CA VAL W 288 6.41 -33.83 -26.57
C VAL W 288 7.89 -34.13 -26.72
N ALA W 289 8.36 -34.34 -27.95
CA ALA W 289 9.77 -34.57 -28.16
C ALA W 289 10.59 -33.30 -27.97
N HIS W 290 9.96 -32.13 -27.87
CA HIS W 290 10.70 -30.92 -27.56
C HIS W 290 11.19 -30.93 -26.12
N LEU W 291 10.52 -31.64 -25.23
CA LEU W 291 10.86 -31.57 -23.81
C LEU W 291 11.23 -32.93 -23.23
N HIS W 292 11.63 -33.90 -24.06
CA HIS W 292 11.88 -35.24 -23.54
C HIS W 292 13.14 -35.29 -22.70
N GLU W 293 14.17 -34.55 -23.10
CA GLU W 293 15.42 -34.51 -22.34
C GLU W 293 15.20 -33.92 -20.95
N GLU W 294 14.34 -32.91 -20.85
CA GLU W 294 14.19 -32.22 -19.58
C GLU W 294 13.42 -33.06 -18.57
N ILE W 295 12.39 -33.76 -19.02
CA ILE W 295 11.68 -34.64 -18.08
C ILE W 295 12.48 -35.89 -17.77
N LEU W 296 13.37 -36.32 -18.67
CA LEU W 296 14.29 -37.38 -18.29
C LEU W 296 15.27 -36.91 -17.23
N ARG W 297 15.72 -35.66 -17.34
CA ARG W 297 16.54 -35.04 -16.31
C ARG W 297 15.80 -34.97 -14.98
N TYR W 298 14.51 -34.67 -15.04
CA TYR W 298 13.71 -34.59 -13.83
C TYR W 298 13.59 -35.96 -13.16
N ASP W 299 13.33 -37.01 -13.93
CA ASP W 299 13.17 -38.31 -13.30
C ASP W 299 14.52 -38.85 -12.81
N GLY W 300 15.60 -38.53 -13.52
CA GLY W 300 16.92 -38.84 -13.01
C GLY W 300 17.22 -38.12 -11.71
N LEU W 301 16.74 -36.88 -11.59
CA LEU W 301 16.92 -36.16 -10.34
C LEU W 301 16.05 -36.73 -9.23
N CYS W 302 14.87 -37.26 -9.57
CA CYS W 302 14.03 -37.87 -8.55
C CYS W 302 14.66 -39.15 -8.02
N ARG W 303 15.23 -39.96 -8.91
CA ARG W 303 15.95 -41.14 -8.48
C ARG W 303 17.19 -40.78 -7.69
N HIS W 304 17.89 -39.72 -8.09
CA HIS W 304 19.08 -39.29 -7.41
C HIS W 304 18.76 -38.77 -6.01
N GLN W 305 17.64 -38.06 -5.88
CA GLN W 305 17.23 -37.56 -4.58
C GLN W 305 16.79 -38.69 -3.67
N LYS W 306 16.13 -39.70 -4.24
CA LYS W 306 15.74 -40.85 -3.42
C LYS W 306 16.96 -41.62 -2.93
N ILE W 307 17.96 -41.80 -3.80
CA ILE W 307 19.10 -42.61 -3.37
C ILE W 307 20.00 -41.81 -2.45
N CYS W 308 20.07 -40.49 -2.61
CA CYS W 308 20.83 -39.69 -1.65
C CYS W 308 20.05 -39.39 -0.39
N GLN W 309 18.76 -39.72 -0.35
CA GLN W 309 18.06 -39.72 0.92
C GLN W 309 18.25 -41.05 1.63
N LEU W 310 18.16 -42.16 0.89
CA LEU W 310 18.26 -43.50 1.45
C LEU W 310 19.66 -43.87 1.90
N LEU W 311 20.66 -43.06 1.58
CA LEU W 311 22.03 -43.35 1.96
C LEU W 311 22.50 -42.45 3.09
N ASN W 312 21.60 -41.68 3.69
CA ASN W 312 21.92 -40.80 4.81
C ASN W 312 21.01 -41.05 6.01
N THR W 313 20.46 -42.25 6.13
CA THR W 313 19.44 -42.49 7.15
C THR W 313 20.04 -42.57 8.54
N PHE W 314 21.20 -43.15 8.66
CA PHE W 314 21.83 -43.30 9.96
C PHE W 314 22.42 -41.97 10.43
N PRO W 315 22.47 -41.73 11.74
CA PRO W 315 23.08 -40.49 12.24
C PRO W 315 24.57 -40.41 12.01
N VAL W 316 25.32 -41.43 12.40
CA VAL W 316 26.77 -41.39 12.31
C VAL W 316 27.23 -42.26 11.16
N LYS W 317 28.43 -41.96 10.68
CA LYS W 317 29.11 -42.79 9.70
C LYS W 317 30.53 -43.01 10.17
N VAL W 318 31.00 -44.24 10.06
CA VAL W 318 32.33 -44.62 10.50
C VAL W 318 33.11 -45.12 9.30
N VAL W 319 34.43 -45.23 9.45
CA VAL W 319 35.28 -45.95 8.52
C VAL W 319 36.04 -46.99 9.32
N THR W 320 36.50 -48.03 8.64
CA THR W 320 37.32 -49.05 9.27
C THR W 320 38.12 -49.84 8.25
N ASP W 488 3.29 -50.56 5.40
CA ASP W 488 4.10 -50.76 6.59
C ASP W 488 3.89 -49.64 7.60
N ALA W 489 2.82 -49.74 8.38
CA ALA W 489 2.51 -48.76 9.41
C ALA W 489 2.89 -49.25 10.80
N GLU W 490 3.99 -50.00 10.91
CA GLU W 490 4.37 -50.64 12.16
C GLU W 490 4.83 -49.62 13.20
N LEU W 491 5.31 -48.47 12.75
CA LEU W 491 5.87 -47.51 13.69
C LEU W 491 4.78 -46.69 14.37
N TYR W 492 3.63 -46.56 13.74
CA TYR W 492 2.62 -45.64 14.24
C TYR W 492 1.88 -46.19 15.46
N HIS W 493 1.24 -47.35 15.30
CA HIS W 493 0.38 -47.89 16.36
C HIS W 493 1.17 -48.29 17.59
N LEU W 494 2.31 -48.92 17.39
CA LEU W 494 3.08 -49.47 18.49
C LEU W 494 3.79 -48.36 19.25
N PRO W 495 3.80 -48.40 20.58
CA PRO W 495 4.29 -47.27 21.37
C PRO W 495 5.81 -47.15 21.35
N VAL W 496 6.31 -46.08 21.96
CA VAL W 496 7.68 -45.63 21.72
C VAL W 496 8.73 -46.51 22.40
N LEU W 497 8.39 -47.16 23.51
CA LEU W 497 9.35 -47.98 24.24
C LEU W 497 9.78 -49.19 23.42
N GLU W 498 8.90 -49.74 22.60
CA GLU W 498 9.28 -50.76 21.64
C GLU W 498 9.58 -50.20 20.27
N ALA W 499 9.15 -48.98 19.98
CA ALA W 499 9.45 -48.37 18.69
C ALA W 499 10.93 -48.04 18.57
N VAL W 500 11.53 -47.60 19.68
CA VAL W 500 12.98 -47.35 19.66
C VAL W 500 13.74 -48.67 19.57
N ARG W 501 13.12 -49.77 19.97
CA ARG W 501 13.73 -51.08 19.79
C ARG W 501 13.67 -51.52 18.34
N LYS W 502 12.49 -51.38 17.72
CA LYS W 502 12.34 -51.81 16.34
C LYS W 502 13.09 -50.91 15.37
N ALA W 503 13.23 -49.62 15.69
CA ALA W 503 13.97 -48.73 14.82
C ALA W 503 15.46 -49.03 14.84
N ARG W 504 16.00 -49.49 15.97
CA ARG W 504 17.44 -49.71 16.07
C ARG W 504 17.89 -50.91 15.27
N ASP W 505 17.07 -51.95 15.21
CA ASP W 505 17.34 -53.06 14.30
C ASP W 505 16.80 -52.80 12.92
N ALA W 506 15.94 -51.79 12.75
CA ALA W 506 15.42 -51.47 11.44
C ALA W 506 16.46 -50.79 10.56
N ALA W 507 17.45 -50.15 11.16
CA ALA W 507 18.57 -49.56 10.43
C ALA W 507 19.84 -50.08 11.09
N PRO W 508 20.34 -51.23 10.66
CA PRO W 508 21.55 -51.77 11.27
C PRO W 508 22.77 -50.94 10.90
N PHE W 509 23.56 -50.65 11.93
CA PHE W 509 24.79 -49.89 11.80
C PHE W 509 25.79 -50.75 11.04
N ARG W 510 26.19 -50.30 9.86
CA ARG W 510 27.15 -51.05 9.05
C ARG W 510 28.38 -50.19 8.82
N PRO W 511 29.56 -50.67 9.20
CA PRO W 511 30.79 -49.94 8.86
C PRO W 511 31.26 -50.17 7.44
N LEU W 512 32.44 -49.69 7.10
CA LEU W 512 32.95 -49.80 5.75
C LEU W 512 34.48 -49.83 5.77
N ALA W 513 35.08 -50.70 4.96
CA ALA W 513 36.48 -51.04 5.15
C ALA W 513 37.13 -51.48 3.85
N VAL W 514 38.36 -51.02 3.64
CA VAL W 514 39.25 -51.50 2.58
C VAL W 514 40.65 -51.57 3.19
N GLU W 515 41.36 -52.67 2.92
CA GLU W 515 42.72 -52.84 3.42
C GLU W 515 43.67 -51.81 2.81
N ASP W 516 44.59 -51.30 3.63
CA ASP W 516 45.72 -50.49 3.19
C ASP W 516 46.86 -50.67 4.18
N ASN W 517 48.08 -50.58 3.67
CA ASN W 517 49.29 -50.80 4.47
C ASN W 517 49.92 -49.47 4.83
N ARG W 518 50.19 -49.27 6.13
CA ARG W 518 50.93 -48.15 6.72
C ARG W 518 50.31 -46.79 6.42
N LEU W 519 49.04 -46.72 6.04
CA LEU W 519 48.46 -45.51 5.47
C LEU W 519 46.94 -45.59 5.55
N VAL W 520 46.33 -44.59 6.18
CA VAL W 520 44.89 -44.54 6.39
C VAL W 520 44.41 -43.22 5.81
N ALA W 521 43.13 -42.90 6.03
CA ALA W 521 42.51 -41.78 5.35
C ALA W 521 42.65 -40.47 6.11
N ASN W 522 42.62 -39.38 5.36
CA ASN W 522 42.29 -38.06 5.88
C ASN W 522 40.98 -37.62 5.25
N SER W 523 39.87 -37.91 5.89
CA SER W 523 38.59 -38.01 5.21
C SER W 523 37.80 -36.71 5.31
N PHE W 524 36.76 -36.64 4.49
CA PHE W 524 35.83 -35.52 4.47
C PHE W 524 34.42 -36.06 4.32
N PHE W 525 33.44 -35.24 4.73
CA PHE W 525 32.05 -35.65 4.77
C PHE W 525 31.20 -34.66 4.00
N SER W 526 30.23 -35.15 3.26
CA SER W 526 29.35 -34.33 2.44
C SER W 526 27.90 -34.73 2.70
N GLN W 527 27.08 -33.78 3.09
CA GLN W 527 25.65 -33.98 3.30
C GLN W 527 24.92 -32.99 2.42
N PHE W 528 24.23 -33.50 1.40
CA PHE W 528 23.34 -32.66 0.63
C PHE W 528 22.21 -33.49 0.07
N VAL W 529 21.11 -32.82 -0.21
CA VAL W 529 19.97 -33.39 -0.93
C VAL W 529 19.76 -32.47 -2.12
N PRO W 530 19.57 -32.99 -3.33
CA PRO W 530 19.27 -32.12 -4.47
C PRO W 530 17.87 -31.51 -4.38
N GLY W 531 17.80 -30.20 -4.61
CA GLY W 531 16.54 -29.51 -4.50
C GLY W 531 15.65 -29.75 -5.71
N THR W 532 14.43 -30.22 -5.47
CA THR W 532 13.56 -30.55 -6.59
C THR W 532 12.67 -29.38 -6.98
N GLU W 533 12.48 -28.41 -6.08
CA GLU W 533 11.46 -27.40 -6.31
C GLU W 533 11.87 -26.42 -7.39
N SER W 534 13.18 -26.23 -7.61
CA SER W 534 13.64 -25.26 -8.60
C SER W 534 13.31 -25.73 -10.00
N LEU W 535 13.85 -26.88 -10.41
CA LEU W 535 13.50 -27.40 -11.72
C LEU W 535 12.09 -27.93 -11.78
N GLU W 536 11.44 -28.16 -10.63
CA GLU W 536 10.04 -28.54 -10.65
C GLU W 536 9.17 -27.35 -11.09
N ARG W 537 9.41 -26.19 -10.50
CA ARG W 537 8.72 -24.99 -10.96
C ARG W 537 9.11 -24.64 -12.38
N PHE W 538 10.38 -24.87 -12.74
CA PHE W 538 10.81 -24.60 -14.10
C PHE W 538 10.16 -25.54 -15.10
N LEU W 539 10.02 -26.82 -14.76
CA LEU W 539 9.40 -27.77 -15.66
C LEU W 539 7.90 -27.56 -15.77
N THR W 540 7.23 -27.20 -14.68
CA THR W 540 5.81 -26.95 -14.77
C THR W 540 5.53 -25.68 -15.55
N GLN W 541 6.37 -24.66 -15.39
CA GLN W 541 6.25 -23.47 -16.23
C GLN W 541 6.53 -23.80 -17.68
N LEU W 542 7.48 -24.70 -17.93
CA LEU W 542 7.81 -25.08 -19.30
C LEU W 542 6.67 -25.82 -19.94
N TRP W 543 6.09 -26.78 -19.23
CA TRP W 543 4.96 -27.55 -19.71
C TRP W 543 3.75 -26.65 -19.94
N GLU W 544 3.53 -25.69 -19.04
CA GLU W 544 2.40 -24.78 -19.12
C GLU W 544 2.51 -23.88 -20.34
N ASN W 545 3.63 -23.18 -20.48
CA ASN W 545 3.74 -22.28 -21.61
C ASN W 545 3.89 -23.04 -22.90
N GLU W 546 4.36 -24.29 -22.87
CA GLU W 546 4.42 -25.09 -24.08
C GLU W 546 3.02 -25.43 -24.58
N TYR W 547 2.17 -25.99 -23.71
CA TYR W 547 0.81 -26.30 -24.14
C TYR W 547 -0.06 -25.08 -24.26
N PHE W 548 0.44 -23.89 -23.93
CA PHE W 548 -0.32 -22.71 -24.33
C PHE W 548 0.16 -22.15 -25.65
N ARG W 549 1.43 -22.35 -26.00
CA ARG W 549 1.82 -21.89 -27.33
C ARG W 549 1.32 -22.83 -28.41
N THR W 550 1.66 -24.12 -28.34
CA THR W 550 1.41 -24.97 -29.50
C THR W 550 -0.06 -25.31 -29.69
N PHE W 551 -0.88 -25.15 -28.65
CA PHE W 551 -2.32 -25.08 -28.83
C PHE W 551 -2.77 -23.92 -27.95
N ARG W 552 -3.54 -23.01 -28.52
CA ARG W 552 -3.88 -21.79 -27.78
C ARG W 552 -5.05 -22.08 -26.85
N LEU W 553 -4.76 -22.78 -25.77
CA LEU W 553 -5.76 -23.02 -24.74
C LEU W 553 -6.03 -21.70 -24.03
N ARG W 554 -7.28 -21.44 -23.68
CA ARG W 554 -7.55 -20.21 -22.97
C ARG W 554 -7.46 -20.41 -21.47
N ARG W 555 -7.37 -19.30 -20.75
CA ARG W 555 -7.41 -19.28 -19.29
C ARG W 555 -8.50 -18.31 -18.87
N LEU W 556 -9.74 -18.78 -18.87
CA LEU W 556 -10.84 -17.91 -18.47
C LEU W 556 -10.90 -17.85 -16.95
N VAL W 557 -10.90 -16.63 -16.38
CA VAL W 557 -11.01 -16.43 -14.95
C VAL W 557 -11.92 -15.25 -14.67
N THR W 558 -12.39 -15.18 -13.42
CA THR W 558 -13.05 -14.00 -12.90
C THR W 558 -12.01 -13.05 -12.31
N HIS W 559 -12.48 -11.93 -11.77
CA HIS W 559 -11.59 -10.92 -11.20
C HIS W 559 -10.89 -11.47 -9.97
N GLN W 560 -9.56 -11.23 -9.91
CA GLN W 560 -8.55 -11.91 -9.10
C GLN W 560 -8.82 -13.41 -8.99
N GLY W 561 -9.16 -14.04 -10.12
CA GLY W 561 -9.50 -15.44 -10.14
C GLY W 561 -8.32 -16.25 -10.64
N ALA W 562 -8.10 -17.40 -10.01
CA ALA W 562 -6.92 -18.21 -10.28
C ALA W 562 -7.33 -19.49 -10.99
N GLU W 563 -7.05 -19.55 -12.30
CA GLU W 563 -7.27 -20.69 -13.22
C GLU W 563 -8.62 -21.36 -13.04
N GLU W 564 -9.68 -20.62 -13.35
CA GLU W 564 -11.02 -21.18 -13.26
C GLU W 564 -11.23 -22.31 -14.25
N ALA W 565 -10.71 -22.15 -15.47
CA ALA W 565 -10.85 -23.19 -16.47
C ALA W 565 -9.78 -23.02 -17.52
N ILE W 566 -9.28 -24.14 -18.02
CA ILE W 566 -8.46 -24.20 -19.21
C ILE W 566 -9.23 -24.97 -20.25
N VAL W 567 -9.48 -24.38 -21.42
CA VAL W 567 -10.45 -24.92 -22.33
C VAL W 567 -10.02 -24.67 -23.76
N TYR W 568 -10.61 -25.42 -24.69
CA TYR W 568 -10.29 -25.34 -26.11
C TYR W 568 -10.68 -23.99 -26.68
N SER W 569 -9.81 -23.43 -27.51
CA SER W 569 -10.12 -22.22 -28.26
C SER W 569 -10.02 -22.50 -29.75
N ASN W 570 -10.11 -21.44 -30.54
CA ASN W 570 -10.36 -21.54 -31.97
C ASN W 570 -9.24 -22.25 -32.70
N TYR W 571 -8.01 -22.03 -32.28
CA TYR W 571 -6.91 -22.71 -32.94
C TYR W 571 -6.81 -24.17 -32.51
N THR W 572 -7.25 -24.49 -31.28
CA THR W 572 -7.11 -25.85 -30.78
C THR W 572 -8.03 -26.80 -31.51
N VAL W 573 -9.29 -26.42 -31.69
CA VAL W 573 -10.23 -27.26 -32.41
C VAL W 573 -9.82 -27.39 -33.86
N GLU W 574 -9.32 -26.30 -34.46
CA GLU W 574 -8.80 -26.32 -35.82
C GLU W 574 -7.57 -27.22 -35.94
N ARG W 575 -6.80 -27.36 -34.88
CA ARG W 575 -5.59 -28.14 -35.03
C ARG W 575 -5.81 -29.62 -34.77
N VAL W 576 -6.71 -29.99 -33.86
CA VAL W 576 -6.86 -31.40 -33.49
C VAL W 576 -8.21 -31.98 -33.89
N THR W 577 -9.31 -31.25 -33.77
CA THR W 577 -10.59 -31.91 -33.99
C THR W 577 -10.93 -31.96 -35.46
N LEU W 578 -10.76 -30.83 -36.16
CA LEU W 578 -11.04 -30.82 -37.59
C LEU W 578 -10.14 -31.72 -38.43
N PRO W 579 -8.82 -31.86 -38.20
CA PRO W 579 -8.09 -32.85 -39.00
C PRO W 579 -8.43 -34.28 -38.63
N TYR W 580 -8.87 -34.51 -37.39
CA TYR W 580 -9.40 -35.80 -37.01
C TYR W 580 -10.59 -36.16 -37.88
N LEU W 581 -11.56 -35.26 -37.98
CA LEU W 581 -12.71 -35.51 -38.83
C LEU W 581 -12.37 -35.39 -40.31
N CYS W 582 -11.21 -34.83 -40.64
CA CYS W 582 -10.73 -34.94 -42.01
C CYS W 582 -10.35 -36.36 -42.36
N HIS W 583 -9.60 -37.03 -41.47
CA HIS W 583 -9.23 -38.40 -41.82
C HIS W 583 -10.28 -39.43 -41.41
N ILE W 584 -11.33 -39.02 -40.69
CA ILE W 584 -12.53 -39.86 -40.60
C ILE W 584 -13.47 -39.51 -41.75
N LEU W 585 -13.19 -38.41 -42.45
CA LEU W 585 -13.94 -37.94 -43.63
C LEU W 585 -15.40 -37.68 -43.33
N ALA W 586 -15.71 -37.31 -42.10
CA ALA W 586 -17.03 -36.78 -41.83
C ALA W 586 -17.11 -35.29 -42.11
N LEU W 587 -15.98 -34.65 -42.42
CA LEU W 587 -15.89 -33.20 -42.55
C LEU W 587 -16.56 -32.66 -43.79
N GLY W 588 -16.92 -33.52 -44.75
CA GLY W 588 -17.64 -33.08 -45.94
C GLY W 588 -19.04 -32.60 -45.68
N THR W 589 -19.57 -32.83 -44.47
CA THR W 589 -20.85 -32.30 -44.04
C THR W 589 -20.76 -31.37 -42.85
N LEU W 590 -19.64 -31.33 -42.13
CA LEU W 590 -19.58 -30.72 -40.80
C LEU W 590 -18.86 -29.38 -40.85
N ASP W 591 -18.68 -28.81 -39.66
CA ASP W 591 -18.17 -27.47 -39.47
C ASP W 591 -17.69 -27.32 -38.03
N PRO W 592 -16.77 -26.40 -37.76
CA PRO W 592 -16.29 -26.23 -36.38
C PRO W 592 -17.34 -25.60 -35.49
N VAL W 593 -17.32 -25.96 -34.22
CA VAL W 593 -18.10 -25.27 -33.22
C VAL W 593 -17.29 -24.06 -32.77
N PRO W 594 -17.90 -22.91 -32.54
CA PRO W 594 -17.17 -21.83 -31.89
C PRO W 594 -16.86 -22.20 -30.46
N GLU W 595 -15.71 -21.72 -30.00
CA GLU W 595 -15.14 -22.20 -28.75
C GLU W 595 -15.93 -21.70 -27.55
N ALA W 596 -16.65 -20.58 -27.71
CA ALA W 596 -17.54 -20.13 -26.65
C ALA W 596 -18.68 -21.08 -26.41
N TYR W 597 -19.07 -21.86 -27.42
CA TYR W 597 -20.16 -22.80 -27.27
C TYR W 597 -19.70 -24.06 -26.58
N LEU W 598 -18.40 -24.37 -26.66
CA LEU W 598 -17.92 -25.67 -26.25
C LEU W 598 -17.98 -25.85 -24.75
N GLN W 599 -17.95 -24.74 -24.01
CA GLN W 599 -18.09 -24.82 -22.56
C GLN W 599 -19.53 -25.14 -22.13
N LEU W 600 -20.50 -25.08 -23.04
CA LEU W 600 -21.87 -25.26 -22.67
C LEU W 600 -22.21 -26.75 -22.53
N SER W 601 -23.51 -27.02 -22.37
CA SER W 601 -23.96 -28.36 -22.02
C SER W 601 -24.05 -29.26 -23.24
N PHE W 602 -24.30 -30.54 -22.97
CA PHE W 602 -24.55 -31.50 -24.03
C PHE W 602 -25.92 -31.26 -24.64
N GLY W 603 -26.85 -30.75 -23.85
CA GLY W 603 -28.22 -30.61 -24.31
C GLY W 603 -28.64 -29.18 -24.55
N GLU W 604 -27.91 -28.23 -23.97
CA GLU W 604 -28.25 -26.83 -24.14
C GLU W 604 -27.58 -26.24 -25.38
N ILE W 605 -26.57 -26.91 -25.90
CA ILE W 605 -25.81 -26.44 -27.06
C ILE W 605 -26.68 -26.30 -28.30
N VAL W 606 -27.70 -27.15 -28.45
CA VAL W 606 -28.52 -27.09 -29.65
C VAL W 606 -29.43 -25.88 -29.61
N ALA W 607 -29.80 -25.43 -28.42
CA ALA W 607 -30.70 -24.29 -28.26
C ALA W 607 -30.09 -23.01 -28.78
N ALA W 608 -28.77 -22.88 -28.67
CA ALA W 608 -28.09 -21.78 -29.32
C ALA W 608 -27.58 -22.17 -30.70
N ALA W 609 -27.49 -23.46 -31.00
CA ALA W 609 -26.95 -23.88 -32.29
C ALA W 609 -27.93 -23.59 -33.41
N TYR W 610 -29.18 -24.02 -33.29
CA TYR W 610 -30.11 -23.60 -34.33
C TYR W 610 -30.59 -22.17 -34.13
N ASP W 611 -30.29 -21.54 -33.00
CA ASP W 611 -30.47 -20.11 -32.92
C ASP W 611 -29.45 -19.39 -33.79
N ASP W 612 -28.25 -19.97 -33.92
CA ASP W 612 -27.25 -19.40 -34.80
C ASP W 612 -27.66 -19.51 -36.27
N SER W 613 -28.49 -20.50 -36.60
CA SER W 613 -29.05 -20.57 -37.93
C SER W 613 -30.25 -19.62 -38.04
N LYS W 614 -30.89 -19.63 -39.20
CA LYS W 614 -32.03 -18.77 -39.46
C LYS W 614 -33.35 -19.42 -39.08
N PHE W 615 -33.32 -20.50 -38.32
CA PHE W 615 -34.56 -21.12 -37.88
C PHE W 615 -35.31 -20.20 -36.92
N CYS W 616 -34.60 -19.69 -35.91
CA CYS W 616 -35.20 -18.70 -35.02
C CYS W 616 -35.17 -17.29 -35.60
N ARG W 617 -34.39 -17.06 -36.65
CA ARG W 617 -34.42 -15.76 -37.32
C ARG W 617 -35.60 -15.63 -38.26
N TYR W 618 -36.16 -16.75 -38.72
CA TYR W 618 -37.33 -16.68 -39.57
C TYR W 618 -38.59 -16.48 -38.75
N VAL W 619 -38.53 -16.79 -37.45
CA VAL W 619 -39.67 -16.56 -36.57
C VAL W 619 -39.93 -15.08 -36.39
N GLU W 620 -38.89 -14.24 -36.43
CA GLU W 620 -39.11 -12.80 -36.35
C GLU W 620 -39.79 -12.27 -37.60
N LEU W 621 -39.46 -12.85 -38.76
CA LEU W 621 -40.10 -12.40 -39.99
C LEU W 621 -41.55 -12.87 -40.08
N ILE W 622 -41.82 -14.11 -39.67
CA ILE W 622 -43.21 -14.53 -39.63
C ILE W 622 -43.96 -13.86 -38.48
N CYS W 623 -43.26 -13.41 -37.44
CA CYS W 623 -43.84 -12.56 -36.41
C CYS W 623 -44.30 -11.23 -36.96
N SER W 624 -43.45 -10.58 -37.77
CA SER W 624 -43.85 -9.33 -38.39
C SER W 624 -44.94 -9.56 -39.42
N ARG W 625 -44.92 -10.72 -40.09
CA ARG W 625 -45.96 -11.02 -41.07
C ARG W 625 -47.31 -11.27 -40.40
N GLU W 626 -47.31 -11.95 -39.26
CA GLU W 626 -48.55 -12.16 -38.53
C GLU W 626 -49.04 -10.88 -37.89
N LYS W 627 -48.11 -10.04 -37.38
CA LYS W 627 -48.51 -8.77 -36.80
C LYS W 627 -49.04 -7.82 -37.85
N ALA W 628 -48.55 -7.91 -39.10
CA ALA W 628 -49.15 -7.15 -40.17
C ALA W 628 -50.48 -7.75 -40.61
N ARG W 629 -50.57 -9.09 -40.60
CA ARG W 629 -51.75 -9.79 -41.07
C ARG W 629 -52.95 -9.52 -40.18
N ARG W 630 -52.75 -9.40 -38.88
CA ARG W 630 -53.84 -9.02 -38.00
C ARG W 630 -53.83 -7.54 -37.62
N ARG W 631 -52.78 -6.80 -37.95
CA ARG W 631 -52.80 -5.35 -37.75
C ARG W 631 -53.61 -4.66 -38.82
N GLN W 632 -53.57 -5.19 -40.05
CA GLN W 632 -54.49 -4.72 -41.08
C GLN W 632 -55.91 -5.20 -40.83
N MET W 633 -56.09 -6.22 -39.98
CA MET W 633 -57.42 -6.61 -39.53
C MET W 633 -57.93 -5.63 -38.47
N SER W 634 -57.07 -5.25 -37.52
CA SER W 634 -57.50 -4.34 -36.46
C SER W 634 -57.44 -2.89 -36.90
N ARG W 635 -56.43 -2.51 -37.67
CA ARG W 635 -56.24 -1.11 -38.04
C ARG W 635 -56.15 -0.95 -39.56
N UNK X 1 -58.92 -24.29 -28.23
CA UNK X 1 -57.86 -23.76 -27.38
C UNK X 1 -56.82 -24.82 -27.08
N UNK X 2 -55.72 -24.82 -27.83
CA UNK X 2 -54.69 -25.84 -27.71
C UNK X 2 -53.32 -25.22 -27.99
N UNK X 3 -52.28 -26.05 -27.85
CA UNK X 3 -50.91 -25.57 -27.98
C UNK X 3 -50.57 -25.31 -29.45
N UNK X 4 -49.41 -24.71 -29.68
CA UNK X 4 -48.97 -24.44 -31.04
C UNK X 4 -48.04 -25.50 -31.58
N UNK X 5 -47.40 -26.25 -30.71
CA UNK X 5 -46.57 -27.39 -31.10
C UNK X 5 -46.93 -28.66 -30.35
N UNK X 6 -47.28 -28.56 -29.07
CA UNK X 6 -47.59 -29.74 -28.28
C UNK X 6 -49.01 -30.24 -28.52
N UNK X 7 -49.84 -29.48 -29.23
CA UNK X 7 -51.18 -29.96 -29.55
C UNK X 7 -51.12 -31.08 -30.58
N UNK X 8 -50.24 -30.96 -31.57
CA UNK X 8 -49.99 -32.07 -32.47
C UNK X 8 -49.24 -33.19 -31.77
N UNK X 9 -48.54 -32.89 -30.68
CA UNK X 9 -47.89 -33.94 -29.89
C UNK X 9 -48.89 -34.68 -29.02
N UNK X 10 -50.02 -34.05 -28.72
CA UNK X 10 -51.08 -34.69 -27.94
C UNK X 10 -52.17 -35.25 -28.84
N UNK X 11 -52.74 -34.40 -29.70
CA UNK X 11 -53.72 -34.81 -30.70
C UNK X 11 -53.01 -34.75 -32.06
N UNK X 12 -52.57 -35.91 -32.54
CA UNK X 12 -51.72 -35.97 -33.73
C UNK X 12 -52.49 -35.53 -34.96
N UNK X 13 -51.96 -34.52 -35.65
CA UNK X 13 -52.62 -33.90 -36.79
C UNK X 13 -52.48 -34.80 -38.01
N UNK X 14 -53.32 -35.83 -38.04
CA UNK X 14 -53.42 -36.68 -39.22
C UNK X 14 -54.58 -36.25 -40.12
N UNK X 15 -55.72 -35.93 -39.51
CA UNK X 15 -56.89 -35.49 -40.26
C UNK X 15 -56.70 -34.09 -40.81
#